data_6X89
#
_entry.id   6X89
#
_cell.length_a   1.00
_cell.length_b   1.00
_cell.length_c   1.00
_cell.angle_alpha   90.00
_cell.angle_beta   90.00
_cell.angle_gamma   90.00
#
_symmetry.space_group_name_H-M   'P 1'
#
loop_
_entity.id
_entity.type
_entity.pdbx_description
1 polymer 'Unknown Peptide'
2 polymer 'NADH dehydrogenase [ubiquinone] 1 alpha subcomplex subunit 2'
3 polymer 'NADH dehydrogenase [ubiquinone] 1 alpha subcomplex subunit 5, mitochondrial'
4 polymer 'NADH dehydrogenase [ubiquinone] 1 alpha subcomplex subunit 6'
5 polymer NDUA7
6 polymer 'NADH dehydrogenase [ubiquinone] 1 alpha subcomplex subunit 9, mitochondrial isoform X1'
7 polymer 'NADH dehydrogenase [ubiquinone] 1 alpha subcomplex subunit 12'
8 polymer 'NADH dehydrogenase [ubiquinone] iron-sulfur protein 1, mitochondrial'
9 polymer NDUS2
10 polymer NDUS3
11 polymer 'NADH dehydrogenase [ubiquinone] iron-sulfur protein 4, mitochondrial'
12 polymer 'NADH dehydrogenase [ubiquinone] iron-sulfur protein 6, mitochondrial'
13 polymer 'NADH dehydrogenase [ubiquinone] iron-sulfur protein 7, mitochondrial'
14 polymer 'NADH dehydrogenase [ubiquinone] iron-sulfur protein 8, mitochondrial'
15 polymer 'NADH dehydrogenase [ubiquinone] flavoprotein 1, mitochondrial'
16 polymer 'NADH dehydrogenase [ubiquinone] flavoprotein 2, mitochondrial'
17 polymer NU1M
18 polymer NU2M
19 polymer NU3M
20 polymer NU4L
21 polymer NU6M
22 polymer 'NADH dehydrogenase [ubiquinone] 1 alpha subcomplex subunit 1'
23 polymer 'uncharacterized protein LOC106754061'
24 polymer 'NADH dehydrogenase [ubiquinone] 1 alpha subcomplex subunit 8-B'
25 polymer 'NADH dehydrogenase [ubiquinone] 1 alpha subcomplex subunit 13-A'
26 polymer 'Unknown Peptide'
27 polymer 'Unknown Peptide'
28 polymer NDUC2
29 polymer 'Protein At2g27730, mitochondrial'
30 polymer 'serine/arginine-rich-splicing factor SR34 isoform X2'
31 polymer NDUX1
32 polymer 'gamma carbonic anhydrase 1, mitochondrial'
33 polymer 'gamma carbonic anhydrase 1, mitochondrial-like'
34 polymer 'gamma carbonic anhydrase-like 2, mitochondrial'
35 non-polymer 'NADP NICOTINAMIDE-ADENINE-DINUCLEOTIDE PHOSPHATE'
36 non-polymer 1,2-DIACYL-SN-GLYCERO-3-PHOSPHOCHOLINE
37 non-polymer 'IRON/SULFUR CLUSTER'
38 non-polymer 'FE2/S2 (INORGANIC) CLUSTER'
39 non-polymer 'ZINC ION'
40 non-polymer 'FLAVIN MONONUCLEOTIDE'
#
loop_
_entity_poly.entity_id
_entity_poly.type
_entity_poly.pdbx_seq_one_letter_code
_entity_poly.pdbx_strand_id
1 'polypeptide(L)'
;(UNK)(UNK)(UNK)(UNK)(UNK)(UNK)(UNK)(UNK)(UNK)(UNK)(UNK)(UNK)(UNK)(UNK)(UNK)(UNK)
(UNK)(UNK)
;
A
2 'polypeptide(L)'
;MAWRGQLSKNIKELRFLMCQSSSASASARAFVEKNYKELKTLNPKLPILIRECSGVEPQLWARYDLGVEKAIKLEGLSEA
QISKALEDLAKAGQSSKA
;
A2
3 'polypeptide(L)'
;MFLRAVARPLMAKVKASTGIVGLEVVPNAREVLIGLYSKTLKEIQKVPEDEGYRKAVESFTKHRLSVCKEEEDWEAIEKR
LGCGQVEELIEEAQDELKLISYMIEWDPWGVPDDYECEVIENDAPVPKHVPLHRPPPLPTEFHKTLEALSSQSGKDIPGA
SSTESPSKT
;
A5
4 'polypeptide(L)'
;MASALRNVKVLPNSASVEEARQRVFDFFRATCRSLPSVMEIYNLYDVTSVAQLRSTVASEIRKNIGVSDPKVIDMLLFKG
MEELMNVVNHSKQRHHIIGQYVVGQQGQVQDSASKDPAISPFLKNFYSSNYF
;
A6
5 'polypeptide(L)'
;MAKSASNSLVQTLKRYIKKPWEITGPCADPEYRSAVPLATEYRLQCPATTKEKPCIPNSLPETVYDIKYFSRDQRRNRPP
IRRTVLKKADVEKLAKEQTFAVSDFPPVYLNSAVEEDINAIGGGYQG
;
A7
6 'polypeptide(L)'
;MQTIARRLGHQSLKSSTSIRAIYPISDHHYVADHQRYVSTIATKGVGHLVRKGTGGRSSVSGIIATVFGATGFLGRYVVQ
QLAKMGSQVLVPFRGSEDCPRHLKLMGDLGQIVPMKYNPRDESSVKAVMAKANVVINLIGRDYETRNYSFEEVHYHMAEN
LAKISREHGGILRFIQVSCLGASPSSPSRMLRAKAAAEEVVLRELPEATILKPAVMIGTEDRILNPWAHFAKKYGFIPLF
GNGSTKIQPVYVVDVAAALTTVLKDDGTSMGKTYELGGPEIFTVHDLAELMYETIREWPRYVKVPFPIAKALATPREILL
NKVPFPLPTPEILNLDKIQALTTDTIVSENALTFNDLGIIPHKLKGYPVEFLISYRKGGPQFGSTISERVTPDAWP
;
A9
7 'polypeptide(L)'
;MASVVKNVLKSIREKGFGTFLRELKDEGYLRCLPDGNLLQTKIHNIGATLVGVDKFGNKYYEKLGDTQYGRHRWVEYAEK
SRYNASQVPPEWHGWLHFITDHTGDELLLLKPKRYGVEHKENLSGEGEQYIYHSKGHALNPGQRDWTRYQPWESKA
;
AL
8 'polypeptide(L)'
;MGFGLLASKALRPTSRLLLSSQNPTIFLRTIVSKPQLCNPEASAAQPAQPPPVDLPPRSPLAGARVHFANPDDAIEVFVD
GYPVKIPKGMTVLQACEVAGVDIPRFCYHSRLSIAGNCRMCLVEVEKSPKPVASCAMPALPGMKIKTDTPVAKKAREGVM
EFLLMNHPLDCPICDQGGECDLQDQSMAFGSDRGRFTEVKRSVVDKNLGPLVKTVMTRCIQCTRCVRFATEVAGVQDLGM
LGRGSGEEIGTYVEKLLTSELSGNVIDICPVGALTSKPFAFKARNWELKGTETIDVTDAVGSNIRIDSRGPEVMRIVPRL
NEDINEEWISDKTRFCYDGLKRQRLNDPMIRGPDGRFKAVNWRDALSVIADIAHQVKPEEIVGVAGKLSDAESMIALKDF
LNRMGSNDVWGEGIGVNTNADFRSGYIMNTSIAGLEKADVFLLVGTQPRVEAAMVNARIRKTVRSNQAKVGYIGPATDFN
YDHKHLGTDPQTLVEIAEGRHPFFKTLSDAKNPVIIVGAGVFERKDQDAIFAAVETIAQKANVVRPDWNGLNVLLLHAAQ
AAALDLGLVPQSEKSLESAKFVYLMGADDVNLDKIPDDAFVVYQGHHGDKSVYRANVILPTAAFSEKEGTYQNTEGCTQQ
TLPAVPTVGDSRDDWKIIRALSEVAGVRLPYDTIGAVRARIRNVAPNLVNVDEREPATLPSSLRPSFTQKVDTTPFGTVI
ENFYMTDAITRASKIMAQCSATLLKK
;
S1
9 'polypeptide(L)'
;MTTRNGQIKNFTSNFGPQHPAAHGVLRSVLEMNGEVVERAEPHIGLLHRGTEKLIEYKTYLQALPYFDRLDYVSTMAQEH
AYSLAVERLLNCEVPLRAQYIRVLFCEITRILNHLLALTTHAMDVGASTPSLWAFEEREKLLEFYERVSGARMHASFIRP
GGVAQDLPLGLCRDIDSFTQQFASRIDELEEMLTGNRIWKQRLVDIGTVTAQQAKDWGFSGVMLRGPGVCWDLRRAAPYD
VYDQLDFDVPVGTRGDCYDRYCIRIEEMRQSMRIIWQCPNKIPSGMIKADDRKLCPPSRCRMKLSMESSIHHFELYTEGF
SVPAPSTYTAVEAPKGEFGVFLVSNGSNRPYRCKIRAPGFAHLQGLDFMSKHHMLADVVTIIGTQDIVSGEVDR
;
S2
10 'polypeptide(L)'
;MDNQSIFKYSWETLPKKWVKKMERSEHGNRFDTKTDYLFQLLCFLKLHTYTRVQVLIDICGVDYPSRKRRFEVVYNLLST
RYNSRIRVQTSADEVTRISSVVSLFPSAGWWEREVWDMFGVSSINHPDLRRILTDYGFEGHPLRKDFPLSGYVEVRYDDP
EKRVVSEPIEMTQEFRYFDFASPWEQRSDG
;
S3
11 'polypeptide(L)'
;MANTLQRALRATMARRFSTQALVETKPGEIGMVSGIPQEHLRRRVVIYSPARTASQQGSGKVGRWKINFLSTQKWENPLM
GWTSTGDPYAHVGDSALTFDSAEAAKAFAEKHGWEYSVKKRHTPLLKVKSYADNFKWKGFPKPAEE
;
S4
12 'polypeptide(L)'
;MASSVLRNLMRFSSPRNTSTRSFSLVTSQISNHTAKWMQDTSKKSPMELINEVPPIKVEGRIVACEGDTNPALGHPIEFI
CLDLPEPAVCKYCGLRYVQDHHH
;
S6
13 'polypeptide(L)'
;MALLSRASSRIYQVHSYQRALSLHTTLPALNASTSTHTPTPYAPPPPPSASSPVGVSKAAEFVISKVDDLMNWARRGSIW
PMTFGLACCAVEMMHTGAARYDLDRFGIIFRPSPRQSDCMIVAGTLTNKMAPALRKVYDQMPEPRWVISMGSCANGGGYY
HYSYSVVRGCDRIVPVDIYVPGCPPTAEALLYGLLQLQKKINRRKDFLHWWTK
;
S7
14 'polypeptide(L)'
;MAAILARKSLLALRARQLAVSGQGLHSSQSYGLRLSAHSFSTKLEDEQREQLAKEISKDWSSVFERSINTLFLTEMVRGL
MLTLKYFFETKVTINYPFEKGPLSPRFRGEHALRRYPTGEERCIACKLCEAICPAQAITIEAEEREDGSRRTTRYDIDMT
KCIYCGFCQEACPVDAIVEGPNFEFATETHEELLYDKEKLLENGDRWETEIAENLRSESLYR
;
S8
15 'polypeptide(L)'
;MRGILSLRSALVQHRSEKLGLGLRQFSTQGASTPTSPQPPPPPASPQPPPPPPPPEKTHFGGLKDEDRIFTNLYGLHDPF
LKGAMKRGDWYRTKDLVIKGTDWIVNEMKKSGLRGRGGAGFPSGLKWSFMPKVSDGRPSYLVVNADESEPGTCKDREIMR
HDPHKLLEGCLIAGVGMRATAAYIYIRGEYVNERKNLEKARQEAYAAGLLGKNACGSGYDFDVHIHFGAGAYICGEETAL
LESLEGKQGKPRLKPPFPANAGLYGCPTTVTNVETVAVSPTILRRGPEWFAGFGRKNNAGTKLFCVSGHVNKPCTVEEEM
SIPLKELIERHCGGVRGGWDNLLAVIPGGSSVPLLPKSICDDVLMDYDALKAVQSGLGTAAVIVMDKSTDVVDAIARLSY
FYKHESCGQCTPCREGTGWLWTIMERMKVGNAKLEEIDMLQELTKQIEGHTICALGDAAAWPVQGLIRHFRPELERRIRE
NAERELLQATG
;
V1
16 'polypeptide(L)'
;MLARLAANRFNEIRHIFRQPSRAFSTALNYHLDSPDNNPNLPWEFTEPNKAKVTEILSHYPSNYKQSAVIPLLDLAQQQH
GGWLPVSAMNAVANIIEVPPIRVYEVATFYSMFNRAKVGKYHLLVCGTTPCMIRGSRGIEEALLKHLGVKRNEVTPDGLF
SVGEMECMGCCVNAPMITVADYSNGSEGYTYNYYEDVTPEKVVEIVEKLRKGEKPPHGTQNPLRIRSGPEGGNTTLLGEP
KPPPCRDLDAC
;
V2
17 'polypeptide(L)'
;MYIAVPAEILGIILPLLLGVAFLVLAERKVMAFVQRRKGPDVVGSFGLLQPLADGLKLILKEPISPSSANFSLFRMAPVA
TFMLSLVAWAVVPFDYGMVLSDSNIGLLYLFAISSLGVYGIITAGWSSNSKYAFLGALRSAAQMVSYEVSIGLILITVLI
CVGSCNLSEIVMAQKQIWFGIPLFPVLVMFFISCLAETNRAPFDLPEAEAESVAGYNVEYSSMGSALFFLGEYANMILMS
GLCTSLSLGGWLPILDLPIFKRIPGSIWFSIKVILFLFLYIWVRAAFPRYRYDQLMGLGWKVFLPLSLAWVVAVSGVSVT
FPWLP
;
1M
18 'polypeptide(L)'
;MFNLFLAVYPEIFIINATFILLIHGVVFSTSKKYDYPPLVSNVGWLGLLSVLITLLLLAAGAPLLTIAHLFRNNLFRRDN
FTYFCQILLLLSTAGTISMCFDFFEQERFDAFEFIVLILLSTCSMLFMISAYDSIAMYLAIELQSLCFYVMAASKRKSEF
STEAGLKYLILGAFSSGILLFGCSMIYGSTGATHFDQLAKILTGYEITGARSSGIFMGILFIAVGSLFKITAVPFHMWAP
DIYEGSPTPVTAFLSIAPKISIFANISRVSIYGSYGATLQQIFCFCSIASMILGALAAMAQTKVKRLLAYSSIGHVGYIC
TGFSCGTIEGIQSLLIGIFIYALMTIDAFAIVLALRQTRVKYIADLGALAKTNPILAITFSITMFSYVGIPPLAGFCSKF
YLFFAALGCGAYFLAPVGVVTSVIGCFYYIRLAKRMFFDTPRTWILYEPMDRDKSLLLAMTSSFITLFFPYPSPLFSVTH
QMALSLYL
;
2M
19 'polypeptide(L)'
;MSEFAPICIYLVISLLVSLILLGLPFLFASNSSTYPEKLSAYECGFDPFGDARSRFDIRFYLVSILFIIFDPEVTFSFPW
AVSLNKIDPFGSWSMMAFLLILTIGSLYEWKRGALDWE
;
3M
20 'polypeptide(L)'
;MDPIKYFTFSMIIFILGIRGILLNRRNILIMLMSIELMLLAVNSNFLVFSVSLDDMMGQSFALLVLTVAAAESAIGLAIF
VITFRVRGTIAVEFINSIQG
;
4L
21 'polypeptide(L)'
;MILSVLSSLALVSGLMVVRAKNPVHSVLFFILVFCDTSGLLLLLGLDFSAMIFLVVYIGAIAVLFLFVVMMFHIQIAEIH
EEVLRYLPVSGIIGLILWWEMFFILDNETIPLLPTQINTTSLIYTVYAGKVRSWTNLETLGNLLYTYYFVWFLVPSLILL
VAMIGAIVLTMHRTTKVKRQDVFRRNAIDFRRTIMRRTTDPLTID
;
6M
22 'polypeptide(L)' MNLRWMEAVLPLGIIAGMLCVMGNAQYYIHKAAHGRPKHIGNDLWDVAMERRDKKLHEQAASSSN A1
23 'polypeptide(L)' MAVMEKLKMFVVQEPVVAASCLIAGFGLFLPAVVRPILDSYQATKQPPQPALSDVVAGMTGKK A3
24 'polypeptide(L)'
;MASAVDASGNPIPSSSVLMASSKHIGIRCHSENLDFLKCKKKDPNPEKCLDKGRDVTRCVLGLLKDLHQKCTKEMDDYVG
CMYYHTNEFDLCRKEQQAFEKKCSLE
;
A8
25 'polypeptide(L)'
;MTEAYIRNKPGMVSVKDMPVLQDGPPPGGFAPVRFARRIPNKGPSAVAIFLAAFGTFSWGMYQVGQGNKIRRALKEEKYA
ARRSILPVLQAEEDERFVREWHKYLAYEAEVMKDVPGWKVGESVYNSGRWVPPASGELRPDIW
;
AM
26 'polypeptide(L)'
;(UNK)(UNK)(UNK)(UNK)(UNK)(UNK)(UNK)(UNK)(UNK)(UNK)(UNK)(UNK)(UNK)(UNK)(UNK)(UNK)
(UNK)(UNK)(UNK)(UNK)(UNK)(UNK)(UNK)(UNK)(UNK)
;
B
27 'polypeptide(L)'
;(UNK)(UNK)(UNK)(UNK)(UNK)(UNK)(UNK)(UNK)(UNK)(UNK)(UNK)(UNK)(UNK)(UNK)(UNK)(UNK)
(UNK)(UNK)(UNK)(UNK)(UNK)(UNK)(UNK)(UNK)(UNK)(UNK)(UNK)(UNK)(UNK)(UNK)(UNK)(UNK)
(UNK)(UNK)(UNK)(UNK)(UNK)(UNK)(UNK)(UNK)(UNK)(UNK)(UNK)
;
C
28 'polypeptide(L)'
;MVLSATTIGALLGLGTQMYSNALRKLPYMRHPWEHVVGMGLGAVFVNQLLKWEAQVEQDLDKMLEKAKAANERRYIDGDD
D
;
C2
29 'polypeptide(L)'
;MAARVAARYGSRRLFSSGSGKILSEEEKAAENAYFKKAEQDKLEKLARKGPQPEASSGGSVIDAKPSGSGHTGASAERVS
TDKHRNYAVVAGTITILGALGWYLKGTAKKPEVQD
;
P2
30 'polypeptide(L)'
;MASGWGITGNKGRCYDFWMDFSECMSRCREPKDCGLLREDYLECLHHSKEFQRRNRIYKEEQRKIRAAAKKAKDDGVVKE
HHYLHGNTTDSNPHLSKVKKMSRRSSRTVYVGNLPGDIREREVEDLFLKYGHITHIDLKVPPRPPGYAFVEFEDAQDAED
AIRGRDGYDFDGHRLRVEPAHGGRGHSSSRDRHSSHSNGRAGRGVSRRSEYRVLVTGLPSSASWQDLKDHMRKAGDVCFS
QVFHDGRGTTGIVDYTNYDDMKYAIKKLDDSEFRNAFSKGYVRVREYDSRRDSSRSPSRGPSHSRGRSYSRSRSRSRSYS
RDRSQSKSPKGKSSQRSPPAKSPSRSPAARSRSRSRSRSLSGSRSRSRSPLPPRNKSPKRGSASRSPSRSRSRSKSLSR
;
S5
31 'polypeptide(L)'
;MNTDITASTKPEYPVVDRNPPFTKVVGNFSTLDYLRFVTITGVSVTVGYLSGIKPGIRGPSMVTGGLIGVMGGFMYAYQN
SAGRLMGFFPNDDEVARHNKK
;
X1
32 'polypeptide(L)'
;MGTLGRAFYAVGFWIRETGQAIDRLGSRLQGNYLFQEQLSRHRPLMNLFDKYPSVHKDAFVAPSASLLGDVHVGPASSIW
YGCVLRGDVNGIVIGSGTNIQDNSLVHVAKSNLTGKVLPTIIGDNVTVGHSAVLQGCTVEDEAFIGMGATLLDGVYVEKH
AMVAAGALVRQNTRIPYGEVWGGNPAKFLRKLTEDEMAFFSQSALNYSNLAQAHAAENAKELEETEFVKVLHKKFAPRGE
EYDSILDGGQETPAKLNLQDNVLLDKAPKA
;
G1
33 'polypeptide(L)'
;MGTLGRAIYSVGFWIRETGQAIDRLGSRLQGGYFFQEQLSRHRTLMNIFDKAPVVDKDVFVAPSASVIGDVQVGRGSSIW
YGCVLRGDVNSIRVGSGTNIQDNSLVHVAKSNLSGKVLPTVIGDNVTVGHSAVLHGCTVEDEAFVGMGAVLLDGVVVEKN
AMVAAGALVRQNTRIPSGEVWAGNPAKFLRKLSNEEITFISQSAINYTNLAQVHAAENSKSYDEIEFEKVLRKKYARKDE
EYDSMLGVVREIPPELILPDNVLPDKAEKALQK
;
G2
34 'polypeptide(L)'
;MANLARFSKRALRSAHSLVRHAQSQVQPQLFAEERAFSTEAAKSITPSPDRVKWDYRGQRKIIPLGQWLPKVAVDAYVAP
NVVLAGQVTVWDGASVWPGCVLRGDLNKISIGFCSNVQERSVLHAAWTSPTGLPADTSIERYVTIGAYSLLRSCTIEPEC
IIGQHSILMEGSLVETQSILEAGSVVPPGRRIPSGELWAGNPARFVRTLTHEEILEIPKLAVAINDLSRDHYSEFLPYST
VYLEVEKFKKSLGISV
;
L2
#
# COMPACT_ATOMS: atom_id res chain seq x y z
N UNK A 1 22.56 -7.96 -10.65
CA UNK A 1 22.17 -6.57 -10.49
C UNK A 1 22.16 -6.16 -9.02
N UNK A 2 22.99 -6.83 -8.22
CA UNK A 2 23.15 -6.49 -6.80
C UNK A 2 24.60 -6.78 -6.45
N UNK A 3 25.44 -5.75 -6.48
CA UNK A 3 26.88 -5.97 -6.32
C UNK A 3 27.20 -6.48 -4.92
N UNK A 4 26.46 -6.02 -3.91
CA UNK A 4 26.62 -6.44 -2.52
C UNK A 4 28.01 -6.19 -1.96
N UNK A 5 28.86 -5.46 -2.69
CA UNK A 5 30.17 -5.03 -2.20
C UNK A 5 30.26 -3.54 -2.48
N UNK A 6 29.73 -2.74 -1.57
CA UNK A 6 29.66 -1.30 -1.74
C UNK A 6 30.36 -0.61 -0.58
N UNK A 7 30.46 0.72 -0.66
CA UNK A 7 31.12 1.48 0.40
C UNK A 7 30.31 1.49 1.69
N UNK A 8 29.03 1.12 1.62
CA UNK A 8 28.18 1.08 2.81
C UNK A 8 28.27 -0.24 3.56
N UNK A 9 28.96 -1.23 3.02
CA UNK A 9 29.10 -2.53 3.67
C UNK A 9 30.54 -2.89 4.00
N UNK A 10 31.47 -2.68 3.07
CA UNK A 10 32.86 -3.02 3.34
C UNK A 10 33.41 -2.19 4.50
N UNK A 11 33.04 -0.91 4.57
CA UNK A 11 33.48 -0.06 5.66
C UNK A 11 32.48 1.10 5.78
N UNK A 12 31.63 1.06 6.80
CA UNK A 12 30.65 2.11 7.02
C UNK A 12 31.22 3.16 7.96
N UNK A 13 30.96 4.42 7.63
CA UNK A 13 31.42 5.55 8.45
C UNK A 13 30.23 6.45 8.73
N UNK A 14 29.93 6.65 10.01
CA UNK A 14 28.75 7.40 10.40
C UNK A 14 28.84 8.83 9.89
N UNK A 15 27.80 9.26 9.19
CA UNK A 15 27.72 10.61 8.65
C UNK A 15 26.58 11.35 9.32
N UNK A 16 26.90 12.44 10.01
CA UNK A 16 25.90 13.25 10.69
C UNK A 16 25.96 14.67 10.15
N UNK A 17 24.80 15.28 9.99
CA UNK A 17 24.74 16.64 9.43
C UNK A 17 25.23 17.65 10.45
N UNK A 18 25.91 18.68 9.97
CA UNK A 18 26.40 19.76 10.82
C UNK A 18 26.63 21.04 10.02
N ALA B 2 -86.77 37.94 -16.88
CA ALA B 2 -87.18 37.54 -15.54
C ALA B 2 -86.31 36.40 -15.04
N TRP B 3 -85.29 36.06 -15.81
CA TRP B 3 -84.42 34.94 -15.49
C TRP B 3 -83.56 35.19 -14.26
N ARG B 4 -83.60 36.40 -13.70
CA ARG B 4 -82.83 36.70 -12.49
C ARG B 4 -83.46 36.11 -11.24
N GLY B 5 -84.61 35.45 -11.35
CA GLY B 5 -85.26 34.85 -10.20
C GLY B 5 -85.40 33.35 -10.33
N GLN B 6 -85.40 32.87 -11.57
CA GLN B 6 -85.46 31.45 -11.86
C GLN B 6 -84.12 30.92 -12.33
N LEU B 7 -83.03 31.66 -12.10
CA LEU B 7 -81.73 31.09 -12.39
C LEU B 7 -81.32 30.07 -11.35
N SER B 8 -81.93 30.10 -10.17
CA SER B 8 -81.54 29.23 -9.08
C SER B 8 -82.02 27.80 -9.25
N LYS B 9 -82.50 27.42 -10.43
CA LYS B 9 -82.94 26.05 -10.65
C LYS B 9 -81.77 25.09 -10.46
N ASN B 10 -80.79 25.15 -11.37
CA ASN B 10 -79.54 24.42 -11.22
C ASN B 10 -78.41 25.41 -11.49
N ILE B 11 -78.08 26.20 -10.48
CA ILE B 11 -76.95 27.11 -10.56
C ILE B 11 -76.17 27.03 -9.26
N LYS B 12 -76.27 25.89 -8.59
CA LYS B 12 -76.11 25.75 -7.15
C LYS B 12 -75.09 26.69 -6.53
N GLU B 13 -73.98 26.97 -7.22
CA GLU B 13 -73.04 27.96 -6.71
C GLU B 13 -72.54 28.80 -7.88
N LEU B 14 -72.16 30.05 -7.62
CA LEU B 14 -71.42 30.75 -8.67
C LEU B 14 -70.53 31.81 -8.05
N ARG B 15 -69.33 31.95 -8.59
CA ARG B 15 -68.32 32.81 -8.00
C ARG B 15 -67.62 33.64 -9.06
N PHE B 16 -67.35 34.89 -8.71
CA PHE B 16 -66.67 35.84 -9.59
C PHE B 16 -65.23 35.99 -9.13
N LEU B 17 -64.28 35.65 -10.01
CA LEU B 17 -62.87 35.84 -9.73
C LEU B 17 -62.42 37.15 -10.34
N MET B 18 -61.93 38.05 -9.49
CA MET B 18 -61.67 39.43 -9.88
C MET B 18 -60.29 39.84 -9.40
N CYS B 19 -59.82 40.98 -9.92
CA CYS B 19 -58.52 41.53 -9.54
C CYS B 19 -58.70 42.94 -9.01
N GLN B 20 -57.72 43.38 -8.22
CA GLN B 20 -57.73 44.72 -7.66
C GLN B 20 -56.95 45.71 -8.52
N SER B 21 -57.24 45.73 -9.81
CA SER B 21 -56.52 46.57 -10.77
C SER B 21 -57.39 46.75 -12.00
N SER B 22 -56.78 47.22 -13.09
CA SER B 22 -57.51 47.44 -14.32
C SER B 22 -57.79 46.11 -15.02
N SER B 23 -58.36 46.20 -16.21
CA SER B 23 -58.77 45.09 -17.07
C SER B 23 -59.92 44.29 -16.49
N ALA B 24 -60.36 44.60 -15.29
CA ALA B 24 -61.55 44.02 -14.69
C ALA B 24 -62.49 45.08 -14.17
N SER B 25 -61.96 46.18 -13.61
CA SER B 25 -62.79 47.22 -13.03
C SER B 25 -63.71 47.85 -14.06
N ALA B 26 -63.43 47.67 -15.34
CA ALA B 26 -64.29 48.24 -16.38
C ALA B 26 -65.69 47.61 -16.34
N SER B 27 -65.76 46.30 -16.13
CA SER B 27 -67.04 45.63 -16.19
C SER B 27 -67.32 44.82 -14.93
N ALA B 28 -66.28 44.20 -14.38
CA ALA B 28 -66.49 43.26 -13.28
C ALA B 28 -67.05 43.96 -12.05
N ARG B 29 -66.45 45.07 -11.64
CA ARG B 29 -66.82 45.66 -10.36
C ARG B 29 -68.21 46.27 -10.41
N ALA B 30 -68.53 47.03 -11.46
CA ALA B 30 -69.84 47.68 -11.53
C ALA B 30 -70.96 46.64 -11.62
N PHE B 31 -70.79 45.65 -12.50
CA PHE B 31 -71.76 44.57 -12.58
C PHE B 31 -71.91 43.88 -11.24
N VAL B 32 -70.80 43.50 -10.62
CA VAL B 32 -70.83 42.88 -9.31
C VAL B 32 -71.69 43.69 -8.36
N GLU B 33 -71.39 44.98 -8.19
CA GLU B 33 -72.13 45.80 -7.25
C GLU B 33 -73.63 45.77 -7.55
N LYS B 34 -74.02 46.29 -8.72
CA LYS B 34 -75.43 46.49 -8.99
C LYS B 34 -76.18 45.16 -9.05
N ASN B 35 -75.76 44.30 -9.98
CA ASN B 35 -76.46 43.05 -10.15
C ASN B 35 -76.37 42.15 -8.92
N TYR B 36 -75.36 42.32 -8.05
CA TYR B 36 -75.32 41.51 -6.86
C TYR B 36 -76.37 41.95 -5.87
N LYS B 37 -76.48 43.26 -5.63
CA LYS B 37 -77.56 43.73 -4.78
C LYS B 37 -78.89 43.16 -5.27
N GLU B 38 -79.18 43.37 -6.55
CA GLU B 38 -80.51 42.96 -7.03
C GLU B 38 -80.68 41.44 -7.04
N LEU B 39 -79.61 40.68 -7.30
CA LEU B 39 -79.74 39.23 -7.38
C LEU B 39 -79.90 38.63 -5.99
N LYS B 40 -79.01 38.98 -5.06
CA LYS B 40 -79.14 38.49 -3.70
C LYS B 40 -80.47 38.91 -3.10
N THR B 41 -81.03 40.05 -3.54
CA THR B 41 -82.41 40.35 -3.17
C THR B 41 -83.36 39.31 -3.75
N LEU B 42 -83.25 39.06 -5.06
CA LEU B 42 -84.16 38.14 -5.71
C LEU B 42 -83.78 36.67 -5.49
N ASN B 43 -82.55 36.41 -5.05
CA ASN B 43 -82.10 35.06 -4.72
C ASN B 43 -81.61 35.03 -3.29
N PRO B 44 -82.43 34.56 -2.33
CA PRO B 44 -82.01 34.60 -0.93
C PRO B 44 -81.12 33.44 -0.51
N LYS B 45 -80.96 32.42 -1.35
CA LYS B 45 -80.28 31.20 -0.94
C LYS B 45 -79.11 30.80 -1.83
N LEU B 46 -78.94 31.42 -2.98
CA LEU B 46 -77.89 31.02 -3.90
C LEU B 46 -76.55 31.59 -3.45
N PRO B 47 -75.55 30.75 -3.20
CA PRO B 47 -74.23 31.29 -2.86
C PRO B 47 -73.54 31.94 -4.05
N ILE B 48 -73.51 33.27 -4.01
CA ILE B 48 -72.83 34.09 -5.00
C ILE B 48 -71.55 34.59 -4.35
N LEU B 49 -70.45 33.95 -4.66
CA LEU B 49 -69.17 34.30 -4.08
C LEU B 49 -68.46 35.33 -4.92
N ILE B 50 -67.65 36.15 -4.27
CA ILE B 50 -66.84 37.17 -4.92
C ILE B 50 -65.44 37.06 -4.34
N ARG B 51 -64.52 36.49 -5.10
CA ARG B 51 -63.15 36.30 -4.65
C ARG B 51 -62.21 37.14 -5.49
N GLU B 52 -61.29 37.81 -4.82
CA GLU B 52 -60.41 38.77 -5.48
C GLU B 52 -59.00 38.63 -4.92
N CYS B 53 -58.04 38.41 -5.80
CA CYS B 53 -56.63 38.35 -5.45
C CYS B 53 -55.83 39.19 -6.44
N SER B 54 -54.56 39.38 -6.13
CA SER B 54 -53.71 40.22 -6.96
C SER B 54 -53.40 39.51 -8.27
N GLY B 55 -53.75 40.14 -9.39
CA GLY B 55 -53.33 39.65 -10.69
C GLY B 55 -53.97 38.35 -11.14
N VAL B 56 -55.28 38.40 -11.43
CA VAL B 56 -55.97 37.29 -12.07
C VAL B 56 -56.90 37.85 -13.12
N GLU B 57 -57.16 37.06 -14.15
CA GLU B 57 -58.07 37.52 -15.18
C GLU B 57 -59.51 37.47 -14.68
N PRO B 58 -60.30 38.51 -14.95
CA PRO B 58 -61.69 38.51 -14.47
C PRO B 58 -62.48 37.41 -15.15
N GLN B 59 -63.11 36.56 -14.34
CA GLN B 59 -63.85 35.45 -14.91
C GLN B 59 -65.04 35.11 -14.03
N LEU B 60 -66.00 34.42 -14.63
CA LEU B 60 -67.15 33.91 -13.92
C LEU B 60 -67.06 32.39 -13.87
N TRP B 61 -67.49 31.80 -12.75
CA TRP B 61 -67.51 30.36 -12.61
C TRP B 61 -68.86 29.94 -12.06
N ALA B 62 -69.39 28.83 -12.56
CA ALA B 62 -70.66 28.31 -12.09
C ALA B 62 -70.49 26.85 -11.73
N ARG B 63 -71.01 26.47 -10.57
CA ARG B 63 -71.02 25.09 -10.11
C ARG B 63 -72.44 24.56 -10.19
N TYR B 64 -72.67 23.67 -11.15
CA TYR B 64 -73.94 22.98 -11.34
C TYR B 64 -73.97 21.69 -10.54
N ASP B 65 -75.18 21.17 -10.37
CA ASP B 65 -75.45 19.96 -9.62
C ASP B 65 -74.57 18.80 -10.07
N LEU B 66 -74.36 17.82 -9.19
CA LEU B 66 -73.41 16.73 -9.38
C LEU B 66 -71.99 17.22 -9.55
N GLY B 67 -71.70 18.42 -9.05
CA GLY B 67 -70.35 18.95 -9.09
C GLY B 67 -69.80 19.10 -10.49
N VAL B 68 -70.36 20.03 -11.27
CA VAL B 68 -69.84 20.33 -12.61
C VAL B 68 -69.45 21.80 -12.64
N GLU B 69 -68.28 22.09 -13.20
CA GLU B 69 -67.78 23.45 -13.26
C GLU B 69 -67.86 23.98 -14.69
N LYS B 70 -68.49 25.14 -14.87
CA LYS B 70 -68.56 25.82 -16.15
C LYS B 70 -67.96 27.20 -15.98
N ALA B 71 -66.93 27.50 -16.76
CA ALA B 71 -66.17 28.73 -16.61
C ALA B 71 -66.36 29.63 -17.83
N ILE B 72 -66.26 30.94 -17.60
CA ILE B 72 -66.35 31.92 -18.68
C ILE B 72 -65.31 33.00 -18.42
N LYS B 73 -64.47 33.25 -19.43
CA LYS B 73 -63.49 34.31 -19.35
C LYS B 73 -64.13 35.64 -19.74
N LEU B 74 -63.73 36.70 -19.05
CA LEU B 74 -64.34 38.02 -19.19
C LEU B 74 -63.27 39.09 -19.34
N GLU B 75 -62.29 38.85 -20.22
CA GLU B 75 -61.18 39.78 -20.36
C GLU B 75 -61.65 41.13 -20.86
N GLY B 76 -62.21 41.19 -22.06
CA GLY B 76 -62.55 42.46 -22.67
C GLY B 76 -64.02 42.65 -22.96
N LEU B 77 -64.89 42.22 -22.05
CA LEU B 77 -66.32 42.35 -22.23
C LEU B 77 -66.86 43.60 -21.55
N SER B 78 -68.07 43.97 -21.93
CA SER B 78 -68.80 45.09 -21.34
C SER B 78 -69.93 44.55 -20.47
N GLU B 79 -70.70 45.46 -19.87
CA GLU B 79 -71.74 45.05 -18.94
C GLU B 79 -72.84 44.27 -19.65
N ALA B 80 -73.28 44.73 -20.81
CA ALA B 80 -74.30 43.99 -21.55
C ALA B 80 -73.78 42.60 -21.93
N GLN B 81 -72.52 42.53 -22.34
CA GLN B 81 -71.95 41.24 -22.70
C GLN B 81 -71.90 40.30 -21.51
N ILE B 82 -71.54 40.82 -20.32
CA ILE B 82 -71.47 39.94 -19.16
C ILE B 82 -72.87 39.56 -18.69
N SER B 83 -73.86 40.44 -18.88
CA SER B 83 -75.23 40.07 -18.55
C SER B 83 -75.72 38.94 -19.45
N LYS B 84 -75.40 39.02 -20.75
CA LYS B 84 -75.76 37.93 -21.64
C LYS B 84 -75.02 36.66 -21.28
N ALA B 85 -73.76 36.78 -20.84
CA ALA B 85 -73.02 35.61 -20.40
C ALA B 85 -73.71 34.95 -19.21
N LEU B 86 -74.19 35.76 -18.27
CA LEU B 86 -74.88 35.20 -17.11
C LEU B 86 -76.18 34.52 -17.52
N GLU B 87 -76.97 35.18 -18.36
CA GLU B 87 -78.21 34.57 -18.82
C GLU B 87 -77.95 33.28 -19.58
N ASP B 88 -76.80 33.18 -20.23
CA ASP B 88 -76.47 31.96 -20.96
C ASP B 88 -75.96 30.88 -20.02
N LEU B 89 -75.29 31.27 -18.93
CA LEU B 89 -74.86 30.31 -17.93
C LEU B 89 -76.05 29.69 -17.19
N ALA B 90 -77.01 30.52 -16.81
CA ALA B 90 -78.18 30.01 -16.08
C ALA B 90 -79.01 29.06 -16.94
N LYS B 91 -79.10 29.33 -18.23
CA LYS B 91 -79.83 28.47 -19.15
C LYS B 91 -78.91 27.33 -19.57
N ALA B 92 -79.14 26.13 -19.02
CA ALA B 92 -78.38 24.94 -19.38
C ALA B 92 -79.25 23.89 -20.05
N GLY B 93 -80.36 23.49 -19.42
CA GLY B 93 -81.24 22.50 -19.99
C GLY B 93 -80.65 21.12 -20.07
N ALA C 12 45.04 20.40 -6.85
CA ALA C 12 45.07 19.38 -5.82
C ALA C 12 43.69 19.21 -5.19
N LYS C 13 43.50 18.09 -4.49
CA LYS C 13 42.24 17.77 -3.83
C LYS C 13 41.09 17.84 -4.84
N VAL C 14 41.12 16.90 -5.79
CA VAL C 14 40.16 16.90 -6.89
C VAL C 14 38.74 16.80 -6.36
N LYS C 15 38.39 15.67 -5.74
CA LYS C 15 37.21 15.49 -4.91
C LYS C 15 37.16 14.03 -4.48
N ALA C 16 36.39 13.78 -3.42
CA ALA C 16 36.16 12.42 -2.96
C ALA C 16 34.75 11.95 -3.32
N SER C 17 33.73 12.68 -2.91
CA SER C 17 32.35 12.42 -3.27
C SER C 17 31.53 13.63 -2.88
N THR C 18 30.56 13.98 -3.71
CA THR C 18 29.78 15.19 -3.45
C THR C 18 28.89 15.05 -2.24
N GLY C 19 28.68 13.84 -1.75
CA GLY C 19 27.86 13.59 -0.58
C GLY C 19 26.43 13.18 -0.91
N ILE C 20 25.93 13.56 -2.07
CA ILE C 20 24.59 13.20 -2.49
C ILE C 20 24.69 12.04 -3.47
N VAL C 21 23.60 11.29 -3.61
CA VAL C 21 23.64 10.06 -4.40
C VAL C 21 23.48 10.35 -5.89
N GLY C 22 22.65 11.32 -6.25
CA GLY C 22 22.39 11.61 -7.64
C GLY C 22 23.50 12.37 -8.31
N LEU C 23 24.05 13.37 -7.62
CA LEU C 23 25.13 14.15 -8.19
C LEU C 23 26.40 13.32 -8.27
N GLU C 24 27.14 13.50 -9.36
CA GLU C 24 28.43 12.86 -9.55
C GLU C 24 29.48 13.93 -9.78
N VAL C 25 30.61 13.80 -9.09
CA VAL C 25 31.65 14.81 -9.17
C VAL C 25 32.13 14.96 -10.61
N VAL C 26 32.65 16.14 -10.93
CA VAL C 26 33.18 16.41 -12.27
C VAL C 26 34.37 17.35 -12.15
N PRO C 27 35.55 16.97 -12.64
CA PRO C 27 36.72 17.85 -12.54
C PRO C 27 36.67 19.05 -13.48
N ASN C 28 35.69 19.12 -14.39
CA ASN C 28 35.56 20.23 -15.31
C ASN C 28 34.61 21.30 -14.81
N ALA C 29 34.52 21.50 -13.49
CA ALA C 29 33.50 22.37 -12.94
C ALA C 29 33.61 23.79 -13.50
N ARG C 30 34.82 24.35 -13.49
CA ARG C 30 35.00 25.71 -13.96
C ARG C 30 34.64 25.84 -15.44
N GLU C 31 35.12 24.91 -16.27
CA GLU C 31 34.89 25.02 -17.70
C GLU C 31 33.40 24.88 -18.03
N VAL C 32 32.74 23.89 -17.43
CA VAL C 32 31.32 23.71 -17.70
C VAL C 32 30.52 24.91 -17.21
N LEU C 33 30.90 25.47 -16.06
CA LEU C 33 30.18 26.65 -15.59
C LEU C 33 30.39 27.83 -16.53
N ILE C 34 31.62 28.01 -17.02
CA ILE C 34 31.89 29.11 -17.94
C ILE C 34 31.02 28.96 -19.19
N GLY C 35 31.01 27.77 -19.77
CA GLY C 35 30.21 27.56 -20.96
C GLY C 35 28.73 27.79 -20.73
N LEU C 36 28.19 27.20 -19.67
CA LEU C 36 26.77 27.36 -19.38
C LEU C 36 26.41 28.81 -19.15
N TYR C 37 27.23 29.52 -18.37
CA TYR C 37 26.90 30.90 -18.06
C TYR C 37 26.99 31.80 -19.29
N SER C 38 28.01 31.59 -20.12
CA SER C 38 28.08 32.34 -21.37
C SER C 38 26.85 32.09 -22.22
N LYS C 39 26.43 30.84 -22.33
CA LYS C 39 25.26 30.53 -23.16
C LYS C 39 24.00 31.20 -22.62
N THR C 40 23.79 31.13 -21.31
CA THR C 40 22.59 31.76 -20.74
C THR C 40 22.64 33.27 -20.91
N LEU C 41 23.82 33.88 -20.71
CA LEU C 41 23.93 35.31 -20.94
C LEU C 41 23.57 35.66 -22.37
N LYS C 42 24.06 34.88 -23.34
CA LYS C 42 23.73 35.15 -24.73
C LYS C 42 22.23 35.02 -24.99
N GLU C 43 21.63 33.95 -24.47
CA GLU C 43 20.21 33.69 -24.72
C GLU C 43 19.34 34.81 -24.16
N ILE C 44 19.53 35.14 -22.88
CA ILE C 44 18.70 36.19 -22.31
C ILE C 44 19.09 37.55 -22.87
N GLN C 45 20.32 37.69 -23.37
CA GLN C 45 20.73 38.98 -23.92
C GLN C 45 20.01 39.26 -25.23
N LYS C 46 19.90 38.27 -26.10
CA LYS C 46 19.27 38.56 -27.38
C LYS C 46 17.77 38.27 -27.40
N VAL C 47 17.33 37.14 -26.84
CA VAL C 47 15.97 36.66 -27.12
C VAL C 47 14.87 37.45 -26.43
N PRO C 48 14.77 37.46 -25.11
CA PRO C 48 13.54 37.93 -24.46
C PRO C 48 13.49 39.43 -24.26
N GLU C 49 12.28 39.91 -23.96
CA GLU C 49 12.08 41.33 -23.73
C GLU C 49 12.84 41.78 -22.48
N ASP C 50 13.17 43.07 -22.44
CA ASP C 50 14.02 43.62 -21.39
C ASP C 50 13.15 44.02 -20.20
N GLU C 51 12.74 43.02 -19.42
CA GLU C 51 11.94 43.24 -18.22
C GLU C 51 12.33 42.24 -17.15
N GLY C 52 11.84 42.50 -15.93
CA GLY C 52 11.61 41.48 -14.92
C GLY C 52 12.62 40.36 -14.80
N TYR C 53 12.12 39.17 -15.14
CA TYR C 53 12.93 37.95 -15.14
C TYR C 53 14.25 38.16 -15.87
N ARG C 54 14.21 38.79 -17.05
CA ARG C 54 15.43 39.00 -17.80
C ARG C 54 16.42 39.85 -17.02
N LYS C 55 15.94 40.95 -16.45
CA LYS C 55 16.82 41.77 -15.63
C LYS C 55 17.49 40.94 -14.54
N ALA C 56 16.68 40.17 -13.81
CA ALA C 56 17.21 39.41 -12.68
C ALA C 56 18.26 38.41 -13.14
N VAL C 57 17.94 37.64 -14.19
CA VAL C 57 18.83 36.57 -14.61
C VAL C 57 20.11 37.13 -15.20
N GLU C 58 20.01 38.19 -16.01
CA GLU C 58 21.21 38.86 -16.49
C GLU C 58 22.11 39.24 -15.34
N SER C 59 21.54 39.96 -14.35
CA SER C 59 22.35 40.42 -13.23
C SER C 59 23.08 39.27 -12.55
N PHE C 60 22.32 38.32 -11.98
CA PHE C 60 23.00 37.35 -11.12
C PHE C 60 23.82 36.36 -11.93
N THR C 61 23.41 36.05 -13.16
CA THR C 61 24.18 35.10 -13.95
C THR C 61 25.51 35.70 -14.37
N LYS C 62 25.51 36.96 -14.81
CA LYS C 62 26.80 37.57 -15.12
C LYS C 62 27.65 37.70 -13.88
N HIS C 63 27.04 37.91 -12.72
CA HIS C 63 27.80 37.91 -11.48
C HIS C 63 28.53 36.59 -11.28
N ARG C 64 27.77 35.48 -11.35
CA ARG C 64 28.38 34.18 -11.08
C ARG C 64 29.42 33.83 -12.12
N LEU C 65 29.18 34.23 -13.38
CA LEU C 65 30.20 34.07 -14.41
C LEU C 65 31.49 34.77 -14.02
N SER C 66 31.38 36.05 -13.65
CA SER C 66 32.57 36.81 -13.31
C SER C 66 33.32 36.17 -12.15
N VAL C 67 32.58 35.74 -11.11
CA VAL C 67 33.27 35.27 -9.91
C VAL C 67 33.94 33.93 -10.16
N CYS C 68 33.29 33.03 -10.90
CA CYS C 68 33.95 31.76 -11.21
C CYS C 68 35.18 32.00 -12.06
N LYS C 69 35.04 32.82 -13.10
CA LYS C 69 36.17 33.10 -13.98
C LYS C 69 37.35 33.69 -13.21
N GLU C 70 37.06 34.52 -12.21
CA GLU C 70 38.15 35.15 -11.47
C GLU C 70 38.76 34.25 -10.42
N GLU C 71 37.96 33.37 -9.80
CA GLU C 71 38.50 32.54 -8.72
C GLU C 71 39.26 31.33 -9.25
N GLU C 72 38.66 30.60 -10.20
CA GLU C 72 39.41 29.65 -11.03
C GLU C 72 39.86 28.40 -10.27
N ASP C 73 39.70 28.37 -8.95
CA ASP C 73 40.01 27.19 -8.14
C ASP C 73 38.72 26.73 -7.48
N TRP C 74 38.22 25.55 -7.86
CA TRP C 74 36.83 25.21 -7.55
C TRP C 74 36.55 25.30 -6.05
N GLU C 75 37.52 24.93 -5.21
CA GLU C 75 37.34 25.15 -3.78
C GLU C 75 37.05 26.61 -3.49
N ALA C 76 37.86 27.51 -4.07
CA ALA C 76 37.68 28.93 -3.81
C ALA C 76 36.39 29.45 -4.40
N ILE C 77 35.97 28.93 -5.55
CA ILE C 77 34.73 29.41 -6.14
C ILE C 77 33.56 29.02 -5.26
N GLU C 78 33.59 27.82 -4.68
CA GLU C 78 32.57 27.47 -3.70
C GLU C 78 32.61 28.43 -2.51
N LYS C 79 33.79 28.55 -1.90
CA LYS C 79 33.90 29.31 -0.66
C LYS C 79 33.50 30.76 -0.83
N ARG C 80 33.73 31.34 -2.00
CA ARG C 80 33.37 32.74 -2.17
C ARG C 80 31.96 32.93 -2.70
N LEU C 81 31.60 32.22 -3.77
CA LEU C 81 30.26 32.37 -4.33
C LEU C 81 29.19 32.03 -3.30
N GLY C 82 29.48 31.11 -2.38
CA GLY C 82 28.54 30.85 -1.31
C GLY C 82 27.32 30.07 -1.73
N CYS C 83 27.54 28.90 -2.31
CA CYS C 83 26.48 27.97 -2.60
C CYS C 83 27.02 26.56 -2.43
N GLY C 84 26.10 25.60 -2.31
CA GLY C 84 26.44 24.27 -1.86
C GLY C 84 27.62 23.62 -2.55
N GLN C 85 27.46 23.25 -3.82
CA GLN C 85 28.50 22.51 -4.54
C GLN C 85 28.53 22.98 -5.98
N VAL C 86 29.71 22.85 -6.60
CA VAL C 86 29.81 23.21 -8.01
C VAL C 86 28.88 22.34 -8.84
N GLU C 87 28.72 21.07 -8.46
CA GLU C 87 27.78 20.21 -9.18
C GLU C 87 26.36 20.74 -9.06
N GLU C 88 25.96 21.14 -7.85
CA GLU C 88 24.62 21.66 -7.66
C GLU C 88 24.41 22.95 -8.44
N LEU C 89 25.45 23.78 -8.55
CA LEU C 89 25.35 24.98 -9.37
C LEU C 89 25.21 24.63 -10.84
N ILE C 90 25.92 23.59 -11.29
CA ILE C 90 25.76 23.13 -12.67
C ILE C 90 24.32 22.72 -12.92
N GLU C 91 23.75 21.96 -11.99
CA GLU C 91 22.36 21.55 -12.12
C GLU C 91 21.43 22.75 -12.19
N GLU C 92 21.64 23.72 -11.30
CA GLU C 92 20.77 24.89 -11.28
C GLU C 92 20.88 25.68 -12.58
N ALA C 93 22.08 25.80 -13.13
CA ALA C 93 22.24 26.55 -14.37
C ALA C 93 21.56 25.84 -15.54
N GLN C 94 21.77 24.52 -15.65
CA GLN C 94 21.10 23.78 -16.71
C GLN C 94 19.59 23.92 -16.61
N ASP C 95 19.05 23.79 -15.40
CA ASP C 95 17.61 23.92 -15.22
C ASP C 95 17.12 25.32 -15.56
N GLU C 96 17.91 26.33 -15.22
CA GLU C 96 17.50 27.70 -15.54
C GLU C 96 17.46 27.91 -17.04
N LEU C 97 18.42 27.36 -17.78
CA LEU C 97 18.41 27.52 -19.22
C LEU C 97 17.23 26.78 -19.84
N LYS C 98 16.94 25.58 -19.35
CA LYS C 98 15.75 24.86 -19.76
C LYS C 98 14.49 25.70 -19.53
N LEU C 99 14.41 26.32 -18.36
CA LEU C 99 13.27 27.18 -18.05
C LEU C 99 13.17 28.33 -19.03
N ILE C 100 14.30 28.93 -19.39
CA ILE C 100 14.30 30.04 -20.35
C ILE C 100 13.74 29.57 -21.68
N SER C 101 14.14 28.38 -22.11
CA SER C 101 13.61 27.83 -23.36
C SER C 101 12.10 27.72 -23.30
N TYR C 102 11.58 27.13 -22.22
CA TYR C 102 10.12 27.01 -22.07
C TYR C 102 9.46 28.38 -22.09
N MET C 103 10.04 29.33 -21.35
CA MET C 103 9.45 30.65 -21.22
C MET C 103 9.32 31.32 -22.57
N ILE C 104 10.39 31.28 -23.38
CA ILE C 104 10.27 31.91 -24.69
C ILE C 104 9.37 31.12 -25.61
N GLU C 105 9.21 29.81 -25.37
CA GLU C 105 8.22 29.08 -26.17
C GLU C 105 6.81 29.59 -25.91
N TRP C 106 6.50 29.95 -24.66
CA TRP C 106 5.16 30.48 -24.41
C TRP C 106 5.18 31.91 -23.88
N ASP C 107 5.92 32.80 -24.54
CA ASP C 107 6.23 34.14 -24.05
C ASP C 107 5.01 34.85 -23.46
N PRO C 108 4.99 35.03 -22.14
CA PRO C 108 3.83 35.65 -21.48
C PRO C 108 3.98 37.12 -21.12
N TRP C 109 5.04 37.79 -21.53
CA TRP C 109 5.38 39.08 -20.96
C TRP C 109 4.32 40.13 -21.29
N GLY C 110 4.20 41.11 -20.39
CA GLY C 110 3.30 42.22 -20.59
C GLY C 110 1.91 41.96 -20.09
N VAL C 111 1.40 42.84 -19.24
CA VAL C 111 0.03 42.78 -18.76
C VAL C 111 -0.85 43.54 -19.75
N PRO C 112 -1.85 42.92 -20.36
CA PRO C 112 -2.62 43.60 -21.41
C PRO C 112 -3.34 44.84 -20.91
N ASP C 113 -4.29 44.62 -20.01
CA ASP C 113 -5.02 45.67 -19.30
C ASP C 113 -6.06 44.99 -18.43
N ASP C 114 -6.80 45.76 -17.62
CA ASP C 114 -7.86 45.22 -16.78
C ASP C 114 -7.29 44.11 -15.89
N TYR C 115 -6.40 44.52 -15.01
CA TYR C 115 -5.57 43.62 -14.23
C TYR C 115 -5.62 44.00 -12.77
N GLU C 116 -6.03 43.07 -11.92
CA GLU C 116 -6.04 43.26 -10.49
C GLU C 116 -5.22 42.15 -9.84
N CYS C 117 -4.27 42.54 -8.99
CA CYS C 117 -3.48 41.60 -8.21
C CYS C 117 -3.66 42.04 -6.75
N GLU C 118 -4.71 41.52 -6.12
CA GLU C 118 -5.01 41.92 -4.75
C GLU C 118 -3.87 41.51 -3.82
N VAL C 119 -3.16 42.49 -3.28
CA VAL C 119 -2.17 42.24 -2.25
C VAL C 119 -2.88 42.21 -0.91
N ILE C 120 -2.82 41.08 -0.23
CA ILE C 120 -3.46 40.89 1.06
C ILE C 120 -2.36 40.78 2.09
N GLU C 121 -2.63 41.27 3.30
CA GLU C 121 -1.66 41.08 4.38
C GLU C 121 -2.35 41.24 5.71
N ASN C 122 -2.12 40.30 6.62
CA ASN C 122 -2.61 40.39 7.98
C ASN C 122 -1.49 39.98 8.92
N ASP C 123 -1.25 40.81 9.93
CA ASP C 123 -0.18 40.57 10.89
C ASP C 123 -0.67 39.84 12.13
N ALA C 124 -1.33 38.71 11.93
CA ALA C 124 -1.81 37.94 13.06
C ALA C 124 -0.62 37.33 13.79
N PRO C 125 -0.42 37.63 15.07
CA PRO C 125 0.74 37.09 15.77
C PRO C 125 0.55 35.62 16.11
N VAL C 126 1.61 34.85 15.95
CA VAL C 126 1.61 33.43 16.27
C VAL C 126 2.66 33.18 17.35
N PRO C 127 2.46 32.20 18.23
CA PRO C 127 3.40 32.01 19.33
C PRO C 127 4.73 31.48 18.83
N LYS C 128 5.73 31.55 19.70
CA LYS C 128 7.08 31.16 19.31
C LYS C 128 7.28 29.65 19.28
N HIS C 129 6.36 28.88 19.85
CA HIS C 129 6.49 27.43 19.93
C HIS C 129 5.77 26.71 18.80
N VAL C 130 5.71 27.31 17.62
CA VAL C 130 5.00 26.77 16.48
C VAL C 130 6.00 26.57 15.34
N PRO C 131 5.89 25.50 14.54
CA PRO C 131 6.88 25.28 13.48
C PRO C 131 6.88 26.39 12.45
N LEU C 132 7.95 27.17 12.43
CA LEU C 132 8.12 28.24 11.46
C LEU C 132 9.54 28.14 10.90
N HIS C 133 9.67 28.23 9.60
CA HIS C 133 10.97 28.03 8.97
C HIS C 133 11.87 29.22 9.23
N ARG C 134 12.55 29.22 10.37
CA ARG C 134 13.35 30.37 10.77
C ARG C 134 14.40 30.68 9.71
N PRO C 135 14.69 31.95 9.45
CA PRO C 135 15.53 32.32 8.31
C PRO C 135 16.95 31.81 8.48
N PRO C 136 17.59 31.42 7.38
CA PRO C 136 18.98 30.99 7.45
C PRO C 136 19.90 32.19 7.61
N PRO C 137 20.86 32.13 8.54
CA PRO C 137 21.77 33.24 8.77
C PRO C 137 22.84 33.36 7.69
N ALA D 118 -56.31 -2.58 -11.73
CA ALA D 118 -56.01 -1.17 -11.95
C ALA D 118 -56.63 -0.32 -10.84
N ILE D 119 -55.78 0.24 -9.98
CA ILE D 119 -56.27 1.01 -8.84
C ILE D 119 -55.62 2.38 -8.76
N SER D 120 -55.26 2.96 -9.92
CA SER D 120 -54.81 4.36 -9.96
C SER D 120 -53.65 4.58 -9.01
N PRO D 121 -52.42 4.24 -9.40
CA PRO D 121 -51.36 3.89 -8.44
C PRO D 121 -51.24 4.76 -7.20
N PHE D 122 -51.81 5.97 -7.23
CA PHE D 122 -51.93 6.75 -6.01
C PHE D 122 -52.47 5.90 -4.87
N LEU D 123 -53.62 5.25 -5.10
CA LEU D 123 -54.20 4.41 -4.06
C LEU D 123 -53.28 3.27 -3.68
N LYS D 124 -52.58 2.70 -4.66
CA LYS D 124 -51.65 1.62 -4.37
C LYS D 124 -50.60 2.08 -3.38
N ASN D 125 -50.12 3.31 -3.51
CA ASN D 125 -49.19 3.85 -2.53
C ASN D 125 -49.90 4.13 -1.21
N PHE D 126 -51.11 4.68 -1.27
CA PHE D 126 -51.81 5.08 -0.06
C PHE D 126 -52.06 3.89 0.85
N TYR D 127 -52.30 2.71 0.28
CA TYR D 127 -52.49 1.54 1.13
C TYR D 127 -51.22 1.19 1.87
N SER D 128 -50.06 1.46 1.28
CA SER D 128 -48.79 1.31 1.97
C SER D 128 -48.57 2.56 2.84
N SER D 129 -47.34 2.76 3.30
CA SER D 129 -47.03 3.86 4.20
C SER D 129 -47.43 5.21 3.59
N ASN D 130 -47.50 6.21 4.45
CA ASN D 130 -47.92 7.56 4.07
C ASN D 130 -46.73 8.48 3.82
N TYR D 131 -45.64 7.96 3.30
CA TYR D 131 -44.50 8.78 2.91
C TYR D 131 -44.14 8.38 1.49
N PHE D 132 -44.84 8.96 0.52
CA PHE D 132 -44.51 8.74 -0.87
C PHE D 132 -44.32 10.09 -1.57
N LYS E 19 31.33 -17.55 32.34
CA LYS E 19 30.35 -18.14 31.45
C LYS E 19 30.91 -18.27 30.04
N PRO E 20 30.48 -19.31 29.32
CA PRO E 20 31.17 -19.66 28.07
C PRO E 20 31.02 -18.67 26.93
N TRP E 21 30.04 -17.77 26.93
CA TRP E 21 30.02 -16.87 25.78
C TRP E 21 30.98 -15.71 25.99
N GLU E 22 30.62 -14.73 26.83
CA GLU E 22 31.53 -13.88 27.61
C GLU E 22 32.94 -13.70 27.06
N ILE E 23 33.09 -13.61 25.75
CA ILE E 23 34.43 -13.51 25.18
C ILE E 23 34.47 -12.43 24.11
N THR E 24 33.29 -12.04 23.64
CA THR E 24 33.17 -11.05 22.58
C THR E 24 31.69 -10.70 22.45
N GLY E 25 31.41 -9.43 22.18
CA GLY E 25 30.05 -8.96 22.12
C GLY E 25 29.72 -8.14 23.33
N PRO E 26 28.52 -7.57 23.38
CA PRO E 26 28.15 -6.73 24.51
C PRO E 26 28.17 -7.45 25.84
N CYS E 27 28.15 -8.78 25.83
CA CYS E 27 28.13 -9.55 27.06
C CYS E 27 29.48 -9.56 27.77
N ALA E 28 30.54 -9.04 27.13
CA ALA E 28 31.86 -9.03 27.73
C ALA E 28 32.38 -7.61 27.85
N ASP E 29 31.52 -6.72 28.35
CA ASP E 29 31.83 -5.31 28.40
C ASP E 29 31.39 -4.78 29.76
N PRO E 30 32.28 -4.12 30.51
CA PRO E 30 31.88 -3.62 31.84
C PRO E 30 30.76 -2.59 31.80
N GLU E 31 30.51 -1.95 30.66
CA GLU E 31 29.44 -0.96 30.53
C GLU E 31 28.15 -1.57 29.99
N TYR E 32 27.87 -2.81 30.34
CA TYR E 32 26.73 -3.55 29.81
C TYR E 32 25.74 -3.85 30.92
N ARG E 33 24.45 -3.67 30.64
CA ARG E 33 23.40 -3.90 31.61
C ARG E 33 22.37 -4.87 31.05
N SER E 34 21.78 -5.67 31.94
CA SER E 34 20.76 -6.64 31.55
C SER E 34 19.38 -6.00 31.60
N ALA E 35 18.35 -6.78 31.29
CA ALA E 35 16.98 -6.27 31.17
C ALA E 35 16.02 -7.08 32.03
N VAL E 36 16.41 -7.34 33.29
CA VAL E 36 15.50 -7.98 34.24
C VAL E 36 15.47 -7.14 35.52
N PRO E 37 14.88 -5.95 35.49
CA PRO E 37 14.90 -5.08 36.68
C PRO E 37 14.05 -5.67 37.78
N LEU E 38 14.68 -5.93 38.93
CA LEU E 38 13.96 -6.51 40.05
C LEU E 38 12.87 -5.55 40.54
N ALA E 39 11.94 -6.09 41.30
CA ALA E 39 10.82 -5.29 41.81
C ALA E 39 11.32 -4.11 42.60
N THR E 40 12.10 -4.38 43.65
CA THR E 40 12.55 -3.33 44.55
C THR E 40 13.30 -2.24 43.80
N GLU E 41 14.07 -2.61 42.79
CA GLU E 41 14.89 -1.62 42.09
C GLU E 41 14.15 -0.88 40.99
N TYR E 42 13.10 -1.46 40.42
CA TYR E 42 12.37 -0.77 39.37
C TYR E 42 11.23 0.08 39.93
N ARG E 43 10.29 -0.55 40.62
CA ARG E 43 9.10 0.16 41.08
C ARG E 43 8.88 -0.21 42.55
N LEU E 44 9.52 0.55 43.44
CA LEU E 44 9.38 0.33 44.87
C LEU E 44 8.27 1.19 45.49
N GLN E 45 7.68 2.09 44.72
CA GLN E 45 6.56 2.90 45.18
C GLN E 45 5.45 2.82 44.13
N CYS E 46 4.35 2.17 44.49
CA CYS E 46 3.23 2.02 43.57
C CYS E 46 2.67 3.40 43.21
N PRO E 47 2.01 3.51 42.05
CA PRO E 47 1.57 4.84 41.59
C PRO E 47 0.46 5.44 42.42
N ALA E 48 -0.32 4.65 43.16
CA ALA E 48 -1.48 5.20 43.83
C ALA E 48 -1.13 5.89 45.13
N THR E 49 -0.61 5.14 46.10
CA THR E 49 -0.34 5.68 47.43
C THR E 49 1.15 5.99 47.58
N THR E 50 1.53 7.14 47.04
CA THR E 50 2.89 7.61 47.21
C THR E 50 3.05 8.21 48.60
N LYS E 51 4.30 8.38 49.02
CA LYS E 51 4.60 8.92 50.34
C LYS E 51 4.63 10.44 50.37
N GLU E 52 4.11 11.10 49.33
CA GLU E 52 4.13 12.55 49.23
C GLU E 52 2.70 13.08 49.01
N LYS E 53 2.60 14.40 48.83
CA LYS E 53 1.32 15.05 48.57
C LYS E 53 1.56 16.17 47.57
N PRO E 54 1.46 15.87 46.28
CA PRO E 54 1.76 16.88 45.25
C PRO E 54 0.65 17.89 45.07
N CYS E 55 1.04 19.15 44.98
CA CYS E 55 0.13 20.27 44.72
C CYS E 55 0.57 20.92 43.42
N ILE E 56 -0.02 20.49 42.31
CA ILE E 56 0.40 21.00 41.00
C ILE E 56 0.05 22.48 40.90
N PRO E 57 0.91 23.31 40.33
CA PRO E 57 0.53 24.69 40.08
C PRO E 57 -0.48 24.77 38.96
N ASN E 58 -1.29 25.83 38.99
CA ASN E 58 -2.25 26.05 37.92
C ASN E 58 -2.42 27.51 37.54
N SER E 59 -1.63 28.42 38.12
CA SER E 59 -1.79 29.83 37.83
C SER E 59 -0.58 30.59 38.36
N LEU E 60 -0.41 31.78 37.88
CA LEU E 60 0.61 32.66 38.39
C LEU E 60 0.00 33.68 39.35
N PRO E 61 0.73 34.07 40.38
CA PRO E 61 0.16 34.98 41.39
C PRO E 61 -0.39 36.28 40.82
N GLU E 62 0.36 36.88 39.90
CA GLU E 62 -0.10 38.10 39.24
C GLU E 62 -1.50 37.92 38.69
N THR E 63 -1.73 36.84 37.95
CA THR E 63 -3.06 36.60 37.39
C THR E 63 -4.08 36.34 38.49
N VAL E 64 -3.74 35.44 39.43
CA VAL E 64 -4.73 34.97 40.39
C VAL E 64 -5.25 36.08 41.28
N TYR E 65 -4.50 37.17 41.44
CA TYR E 65 -5.04 38.29 42.18
C TYR E 65 -5.18 39.57 41.37
N ASP E 66 -4.92 39.54 40.06
CA ASP E 66 -5.15 40.69 39.20
C ASP E 66 -5.74 40.25 37.87
N ILE E 67 -6.75 39.37 37.92
CA ILE E 67 -7.43 38.94 36.71
C ILE E 67 -7.80 40.14 35.84
N LYS E 68 -7.42 40.08 34.57
CA LYS E 68 -7.77 41.13 33.61
C LYS E 68 -7.73 40.49 32.22
N TYR E 69 -8.90 40.16 31.70
CA TYR E 69 -8.91 39.17 30.64
C TYR E 69 -8.54 39.70 29.27
N PHE E 70 -8.70 40.99 28.97
CA PHE E 70 -8.27 41.43 27.65
C PHE E 70 -6.75 41.47 27.54
N SER E 71 -6.11 42.12 28.52
CA SER E 71 -4.65 42.15 28.56
C SER E 71 -4.06 40.76 28.64
N ARG E 72 -4.74 39.82 29.30
CA ARG E 72 -4.28 38.44 29.21
C ARG E 72 -4.58 37.84 27.85
N ASP E 73 -5.75 38.14 27.31
CA ASP E 73 -6.26 37.61 26.05
C ASP E 73 -6.00 38.60 24.92
N GLN E 74 -4.71 38.87 24.75
CA GLN E 74 -4.22 39.36 23.48
C GLN E 74 -4.73 38.54 22.28
N ARG E 75 -5.18 37.30 22.48
CA ARG E 75 -5.99 36.65 21.45
C ARG E 75 -7.26 37.47 21.22
N ARG E 76 -7.72 37.49 19.98
CA ARG E 76 -8.75 38.43 19.51
C ARG E 76 -8.28 39.87 19.58
N ASN E 77 -7.01 40.10 19.85
CA ASN E 77 -6.44 41.44 19.83
C ASN E 77 -5.45 41.52 18.69
N ARG E 78 -5.83 41.02 17.56
CA ARG E 78 -4.98 41.03 16.39
C ARG E 78 -5.39 42.16 15.45
N PRO E 79 -4.45 42.66 14.64
CA PRO E 79 -4.78 43.74 13.73
C PRO E 79 -5.74 43.27 12.65
N PRO E 80 -6.43 44.18 11.98
CA PRO E 80 -7.35 43.78 10.92
C PRO E 80 -6.61 43.42 9.64
N ILE E 81 -7.30 42.70 8.78
CA ILE E 81 -6.72 42.28 7.50
C ILE E 81 -6.73 43.46 6.55
N ARG E 82 -5.56 43.77 6.00
CA ARG E 82 -5.39 44.93 5.12
C ARG E 82 -5.24 44.47 3.68
N ARG E 83 -6.04 45.07 2.80
CA ARG E 83 -6.08 44.68 1.39
C ARG E 83 -5.73 45.88 0.52
N THR E 84 -5.22 45.59 -0.67
CA THR E 84 -4.96 46.63 -1.65
C THR E 84 -5.10 46.03 -3.04
N VAL E 85 -5.59 46.82 -3.99
CA VAL E 85 -5.66 46.41 -5.38
C VAL E 85 -4.60 47.15 -6.17
N LEU E 86 -4.19 46.57 -7.28
CA LEU E 86 -3.15 47.14 -8.13
C LEU E 86 -3.62 47.17 -9.58
N LYS E 87 -3.23 48.20 -10.31
CA LYS E 87 -3.55 48.33 -11.72
C LYS E 87 -2.25 48.42 -12.52
N LYS E 88 -2.40 48.60 -13.83
CA LYS E 88 -1.24 48.66 -14.71
C LYS E 88 -0.31 49.80 -14.32
N ALA E 89 -0.87 50.92 -13.85
CA ALA E 89 -0.04 52.04 -13.46
C ALA E 89 0.89 51.66 -12.30
N ASP E 90 0.33 51.07 -11.25
CA ASP E 90 1.15 50.69 -10.11
C ASP E 90 2.11 49.57 -10.47
N VAL E 91 1.67 48.65 -11.33
CA VAL E 91 2.56 47.57 -11.76
C VAL E 91 3.78 48.14 -12.47
N GLU E 92 3.55 49.05 -13.42
CA GLU E 92 4.66 49.68 -14.13
C GLU E 92 5.56 50.45 -13.18
N LYS E 93 4.97 51.19 -12.24
CA LYS E 93 5.78 51.96 -11.30
C LYS E 93 6.68 51.06 -10.47
N LEU E 94 6.12 49.98 -9.93
CA LEU E 94 6.93 49.05 -9.14
C LEU E 94 7.99 48.39 -9.99
N ALA E 95 7.65 48.01 -11.22
CA ALA E 95 8.63 47.39 -12.10
C ALA E 95 9.80 48.31 -12.37
N LYS E 96 9.53 49.62 -12.48
CA LYS E 96 10.61 50.55 -12.76
C LYS E 96 11.45 50.82 -11.51
N GLU E 97 10.81 51.14 -10.40
CA GLU E 97 11.56 51.43 -9.17
C GLU E 97 12.33 50.22 -8.66
N GLN E 98 11.88 49.01 -8.96
CA GLN E 98 12.53 47.82 -8.46
C GLN E 98 13.86 47.60 -9.15
N THR E 99 14.85 47.13 -8.39
CA THR E 99 16.18 46.86 -8.93
C THR E 99 16.89 45.89 -8.00
N PHE E 100 17.43 44.81 -8.57
CA PHE E 100 18.07 43.79 -7.76
C PHE E 100 19.47 44.23 -7.34
N ALA E 101 20.17 43.33 -6.67
CA ALA E 101 21.53 43.58 -6.20
C ALA E 101 22.29 42.27 -6.21
N VAL E 102 23.62 42.39 -6.24
CA VAL E 102 24.48 41.20 -6.30
C VAL E 102 24.28 40.34 -5.06
N SER E 103 23.89 40.95 -3.96
CA SER E 103 23.70 40.21 -2.72
C SER E 103 22.21 40.05 -2.45
N ASP E 104 21.92 39.60 -1.22
CA ASP E 104 20.58 39.47 -0.64
C ASP E 104 19.51 39.11 -1.68
N PHE E 105 19.82 38.13 -2.52
CA PHE E 105 18.77 37.73 -3.43
C PHE E 105 17.69 36.97 -2.66
N PRO E 106 17.79 35.67 -2.45
CA PRO E 106 17.54 35.12 -1.12
C PRO E 106 18.84 34.69 -0.47
N PRO E 107 18.82 34.26 0.78
CA PRO E 107 19.93 33.49 1.32
C PRO E 107 19.74 32.01 1.00
N VAL E 108 20.80 31.24 1.18
CA VAL E 108 20.78 29.81 0.93
C VAL E 108 20.93 29.08 2.26
N TYR E 109 20.24 27.95 2.39
CA TYR E 109 20.26 27.13 3.60
C TYR E 109 21.10 25.91 3.30
N LEU E 110 22.41 26.04 3.47
CA LEU E 110 23.35 25.00 3.10
C LEU E 110 23.79 24.21 4.33
N ASN E 111 23.93 22.90 4.14
CA ASN E 111 24.36 21.99 5.19
C ASN E 111 24.86 20.71 4.53
N SER E 112 25.93 20.15 5.09
CA SER E 112 26.60 19.02 4.47
C SER E 112 26.94 17.97 5.51
N ALA E 113 27.31 16.79 5.04
CA ALA E 113 27.76 15.72 5.90
C ALA E 113 29.14 16.02 6.46
N VAL E 114 29.47 15.36 7.57
CA VAL E 114 30.76 15.59 8.21
C VAL E 114 31.54 14.31 8.47
N GLU E 115 30.89 13.14 8.53
CA GLU E 115 31.56 11.87 8.84
C GLU E 115 32.20 11.92 10.23
N GLU E 116 31.35 12.14 11.23
CA GLU E 116 31.76 12.19 12.61
C GLU E 116 31.79 10.79 13.21
N ASP E 117 32.48 10.67 14.34
CA ASP E 117 32.60 9.39 15.03
C ASP E 117 31.34 9.13 15.85
N ILE E 118 31.40 8.13 16.72
CA ILE E 118 30.30 7.82 17.63
C ILE E 118 30.68 8.09 19.08
N ASN E 119 31.90 7.76 19.47
CA ASN E 119 32.32 7.91 20.85
C ASN E 119 32.73 9.33 21.23
N ALA E 120 32.58 10.30 20.34
CA ALA E 120 33.02 11.64 20.66
C ALA E 120 32.25 12.27 21.81
N ILE E 121 30.98 12.59 21.59
CA ILE E 121 30.28 13.57 22.42
C ILE E 121 30.28 13.14 23.88
N GLY E 122 30.88 13.96 24.73
CA GLY E 122 30.97 13.70 26.15
C GLY E 122 31.63 12.36 26.43
N GLY E 123 32.79 12.13 25.82
CA GLY E 123 33.36 10.80 25.87
C GLY E 123 32.43 9.75 25.31
N GLY E 124 31.48 10.16 24.49
CA GLY E 124 30.44 9.26 24.02
C GLY E 124 29.35 8.95 25.02
N TYR E 125 29.18 9.80 26.04
CA TYR E 125 28.22 9.50 27.11
C TYR E 125 27.07 10.49 27.21
N GLN E 126 27.35 11.77 27.45
CA GLN E 126 26.40 12.64 28.13
C GLN E 126 25.08 12.79 27.39
N GLY E 127 25.13 13.35 26.19
CA GLY E 127 23.92 13.66 25.46
C GLY E 127 23.25 14.89 26.02
N GLY F 47 -55.91 -7.75 17.89
CA GLY F 47 -54.55 -7.29 18.11
C GLY F 47 -53.72 -7.27 16.85
N HIS F 48 -54.19 -6.55 15.83
CA HIS F 48 -53.50 -6.50 14.55
C HIS F 48 -52.20 -5.71 14.69
N LEU F 49 -51.13 -6.28 14.18
CA LEU F 49 -49.81 -5.65 14.23
C LEU F 49 -49.78 -4.42 13.31
N VAL F 50 -48.66 -3.70 13.35
CA VAL F 50 -48.51 -2.45 12.61
C VAL F 50 -47.12 -2.37 12.02
N ARG F 51 -47.03 -2.01 10.75
CA ARG F 51 -45.75 -1.75 10.11
C ARG F 51 -45.21 -0.42 10.59
N LYS F 52 -44.01 -0.44 11.19
CA LYS F 52 -43.43 0.74 11.80
C LYS F 52 -42.04 1.01 11.24
N GLY F 53 -41.92 0.97 9.92
CA GLY F 53 -40.64 1.21 9.27
C GLY F 53 -40.75 1.43 7.79
N THR F 54 -39.68 1.14 7.04
CA THR F 54 -39.65 1.25 5.59
C THR F 54 -39.02 0.03 4.96
N GLY F 55 -39.31 -1.15 5.49
CA GLY F 55 -38.63 -2.33 5.01
C GLY F 55 -37.17 -2.30 5.43
N GLY F 56 -36.41 -3.26 4.91
CA GLY F 56 -35.00 -3.34 5.21
C GLY F 56 -34.73 -3.66 6.67
N ARG F 57 -33.47 -3.93 7.00
CA ARG F 57 -33.13 -4.27 8.37
C ARG F 57 -33.39 -3.10 9.30
N SER F 58 -33.60 -3.41 10.58
CA SER F 58 -33.88 -2.45 11.64
C SER F 58 -35.22 -1.76 11.48
N SER F 59 -36.15 -2.38 10.76
CA SER F 59 -37.54 -1.91 10.67
C SER F 59 -38.43 -2.97 11.30
N VAL F 60 -39.37 -2.54 12.13
CA VAL F 60 -40.08 -3.46 13.01
C VAL F 60 -41.07 -4.33 12.25
N SER F 61 -42.10 -3.70 11.67
CA SER F 61 -43.16 -4.39 10.94
C SER F 61 -43.84 -5.49 11.76
N GLY F 62 -43.71 -5.43 13.08
CA GLY F 62 -44.57 -6.23 13.97
C GLY F 62 -44.39 -7.71 14.21
N ILE F 63 -44.23 -8.51 13.15
CA ILE F 63 -44.27 -9.97 13.28
C ILE F 63 -43.21 -10.45 14.27
N ILE F 64 -43.62 -11.37 15.15
CA ILE F 64 -42.70 -12.18 15.92
C ILE F 64 -43.08 -13.64 15.71
N ALA F 65 -42.12 -14.43 15.24
CA ALA F 65 -42.37 -15.76 14.73
C ALA F 65 -41.49 -16.77 15.45
N THR F 66 -42.06 -17.86 15.88
CA THR F 66 -41.29 -18.98 16.40
C THR F 66 -41.19 -20.05 15.30
N VAL F 67 -39.97 -20.38 14.92
CA VAL F 67 -39.79 -21.27 13.77
C VAL F 67 -39.23 -22.61 14.21
N PHE F 68 -40.11 -23.57 14.49
CA PHE F 68 -39.65 -24.88 14.91
C PHE F 68 -39.08 -25.63 13.72
N GLY F 69 -37.85 -26.09 13.86
CA GLY F 69 -37.13 -26.69 12.75
C GLY F 69 -36.22 -25.74 12.02
N ALA F 70 -36.14 -24.48 12.45
CA ALA F 70 -35.31 -23.51 11.75
C ALA F 70 -33.84 -23.77 12.01
N THR F 71 -33.35 -24.92 11.56
CA THR F 71 -31.94 -25.22 11.67
C THR F 71 -31.37 -25.82 10.39
N GLY F 72 -32.21 -26.24 9.46
CA GLY F 72 -31.73 -26.80 8.21
C GLY F 72 -32.06 -25.96 7.00
N PHE F 73 -32.57 -26.62 5.96
CA PHE F 73 -32.60 -26.05 4.62
C PHE F 73 -33.74 -25.04 4.46
N LEU F 74 -34.97 -25.52 4.50
CA LEU F 74 -36.09 -24.60 4.40
C LEU F 74 -36.14 -23.65 5.58
N GLY F 75 -35.74 -24.13 6.77
CA GLY F 75 -35.68 -23.24 7.91
C GLY F 75 -34.76 -22.06 7.69
N ARG F 76 -33.56 -22.34 7.20
CA ARG F 76 -32.62 -21.27 6.87
C ARG F 76 -33.26 -20.28 5.90
N TYR F 77 -33.84 -20.78 4.81
CA TYR F 77 -34.36 -19.86 3.80
C TYR F 77 -35.52 -19.02 4.35
N VAL F 78 -36.42 -19.65 5.11
CA VAL F 78 -37.62 -18.94 5.55
C VAL F 78 -37.27 -17.92 6.64
N VAL F 79 -36.34 -18.26 7.54
CA VAL F 79 -35.98 -17.28 8.55
C VAL F 79 -35.22 -16.13 7.90
N GLN F 80 -34.43 -16.42 6.85
CA GLN F 80 -33.80 -15.35 6.10
C GLN F 80 -34.84 -14.40 5.53
N GLN F 81 -35.86 -14.95 4.88
CA GLN F 81 -36.91 -14.10 4.31
C GLN F 81 -37.58 -13.26 5.39
N LEU F 82 -37.95 -13.89 6.50
CA LEU F 82 -38.69 -13.18 7.55
C LEU F 82 -37.86 -12.05 8.14
N ALA F 83 -36.62 -12.34 8.52
CA ALA F 83 -35.83 -11.31 9.18
C ALA F 83 -35.36 -10.23 8.21
N LYS F 84 -35.20 -10.56 6.92
CA LYS F 84 -34.94 -9.51 5.94
C LYS F 84 -36.15 -8.59 5.81
N MET F 85 -37.34 -9.16 5.76
CA MET F 85 -38.55 -8.34 5.74
C MET F 85 -38.65 -7.48 6.99
N GLY F 86 -38.14 -7.97 8.10
CA GLY F 86 -38.15 -7.23 9.34
C GLY F 86 -39.18 -7.77 10.31
N SER F 87 -38.74 -8.60 11.24
CA SER F 87 -39.60 -9.28 12.20
C SER F 87 -38.72 -10.03 13.17
N GLN F 88 -39.16 -10.12 14.42
CA GLN F 88 -38.42 -10.88 15.42
C GLN F 88 -38.66 -12.37 15.20
N VAL F 89 -37.63 -13.17 15.42
CA VAL F 89 -37.69 -14.60 15.19
C VAL F 89 -37.07 -15.30 16.39
N LEU F 90 -37.74 -16.33 16.88
CA LEU F 90 -37.24 -17.20 17.93
C LEU F 90 -37.03 -18.59 17.34
N VAL F 91 -35.80 -19.06 17.35
CA VAL F 91 -35.46 -20.37 16.82
C VAL F 91 -35.06 -21.27 17.99
N PRO F 92 -35.66 -22.44 18.11
CA PRO F 92 -35.15 -23.44 19.06
C PRO F 92 -34.22 -24.43 18.39
N PHE F 93 -33.24 -24.93 19.12
CA PHE F 93 -32.33 -25.94 18.61
C PHE F 93 -32.33 -27.12 19.56
N ARG F 94 -32.43 -28.33 19.02
CA ARG F 94 -32.53 -29.51 19.87
C ARG F 94 -31.30 -29.63 20.74
N GLY F 95 -30.16 -29.92 20.13
CA GLY F 95 -28.91 -29.85 20.87
C GLY F 95 -27.74 -29.43 20.01
N SER F 96 -27.12 -28.33 20.38
CA SER F 96 -25.91 -27.80 19.76
C SER F 96 -25.59 -26.49 20.45
N GLU F 97 -24.46 -25.91 20.07
CA GLU F 97 -24.18 -24.52 20.39
C GLU F 97 -23.95 -23.68 19.14
N ASP F 98 -23.81 -24.31 17.98
CA ASP F 98 -23.44 -23.59 16.77
C ASP F 98 -24.27 -23.96 15.55
N CYS F 99 -25.20 -24.90 15.65
CA CYS F 99 -26.01 -25.23 14.48
C CYS F 99 -26.86 -24.05 14.01
N PRO F 100 -27.59 -23.33 14.87
CA PRO F 100 -28.30 -22.14 14.39
C PRO F 100 -27.42 -20.92 14.25
N ARG F 101 -26.14 -21.03 14.59
CA ARG F 101 -25.27 -19.86 14.68
C ARG F 101 -25.32 -19.01 13.42
N HIS F 102 -25.37 -19.65 12.25
CA HIS F 102 -25.38 -18.89 11.01
C HIS F 102 -26.59 -17.95 10.97
N LEU F 103 -27.77 -18.48 11.22
CA LEU F 103 -28.90 -17.55 11.10
C LEU F 103 -28.96 -16.57 12.24
N LYS F 104 -27.93 -16.57 13.08
CA LYS F 104 -27.79 -15.52 14.07
C LYS F 104 -27.43 -14.18 13.44
N LEU F 105 -26.84 -14.18 12.25
CA LEU F 105 -26.38 -12.94 11.65
C LEU F 105 -27.37 -12.33 10.68
N MET F 106 -28.41 -13.06 10.26
CA MET F 106 -29.32 -12.56 9.25
C MET F 106 -30.43 -11.69 9.85
N GLY F 107 -30.04 -10.69 10.63
CA GLY F 107 -31.00 -9.78 11.22
C GLY F 107 -30.36 -8.82 12.20
N ASP F 108 -31.04 -7.73 12.51
CA ASP F 108 -30.48 -6.73 13.41
C ASP F 108 -30.33 -7.33 14.81
N LEU F 109 -29.79 -6.53 15.72
CA LEU F 109 -29.56 -7.00 17.07
C LEU F 109 -30.86 -7.45 17.72
N GLY F 110 -30.79 -8.57 18.44
CA GLY F 110 -31.94 -9.08 19.15
C GLY F 110 -33.14 -9.40 18.29
N GLN F 111 -32.96 -9.53 16.98
CA GLN F 111 -34.06 -9.96 16.13
C GLN F 111 -34.17 -11.48 16.13
N ILE F 112 -33.10 -12.16 15.76
CA ILE F 112 -33.04 -13.62 15.84
C ILE F 112 -32.57 -14.00 17.23
N VAL F 113 -33.26 -14.95 17.86
CA VAL F 113 -32.94 -15.39 19.21
C VAL F 113 -32.96 -16.92 19.23
N PRO F 114 -31.84 -17.58 19.46
CA PRO F 114 -31.88 -19.04 19.67
C PRO F 114 -32.12 -19.32 21.15
N MET F 115 -33.04 -20.23 21.45
CA MET F 115 -33.62 -20.26 22.78
C MET F 115 -33.21 -21.45 23.63
N LYS F 116 -33.51 -22.69 23.23
CA LYS F 116 -33.41 -23.78 24.21
C LYS F 116 -33.68 -25.16 23.62
N TYR F 117 -33.54 -26.19 24.44
CA TYR F 117 -33.84 -27.57 24.04
C TYR F 117 -35.33 -27.71 23.75
N ASN F 118 -35.65 -28.07 22.52
CA ASN F 118 -37.00 -28.00 21.99
C ASN F 118 -37.94 -29.11 22.44
N PRO F 119 -37.68 -30.39 22.12
CA PRO F 119 -38.75 -31.38 22.15
C PRO F 119 -38.93 -32.11 23.48
N ARG F 120 -39.93 -32.98 23.52
CA ARG F 120 -40.13 -33.93 24.63
C ARG F 120 -40.30 -33.22 25.97
N ASP F 121 -40.92 -32.05 25.97
CA ASP F 121 -41.26 -31.36 27.21
C ASP F 121 -42.25 -30.25 26.88
N GLU F 122 -43.40 -30.26 27.57
CA GLU F 122 -44.40 -29.24 27.32
C GLU F 122 -43.95 -27.88 27.83
N SER F 123 -43.27 -27.85 28.97
CA SER F 123 -42.83 -26.57 29.54
C SER F 123 -41.84 -25.88 28.62
N SER F 124 -40.93 -26.65 28.02
CA SER F 124 -39.94 -26.06 27.13
C SER F 124 -40.59 -25.46 25.90
N VAL F 125 -41.46 -26.21 25.24
CA VAL F 125 -42.15 -25.70 24.06
C VAL F 125 -42.98 -24.47 24.42
N LYS F 126 -43.63 -24.49 25.57
CA LYS F 126 -44.43 -23.34 25.99
C LYS F 126 -43.55 -22.11 26.17
N ALA F 127 -42.46 -22.25 26.93
CA ALA F 127 -41.58 -21.10 27.17
C ALA F 127 -40.93 -20.63 25.89
N VAL F 128 -40.80 -21.51 24.90
CA VAL F 128 -40.27 -21.08 23.60
C VAL F 128 -41.32 -20.29 22.83
N MET F 129 -42.58 -20.70 22.91
CA MET F 129 -43.69 -19.96 22.32
C MET F 129 -44.26 -18.90 23.25
N ALA F 130 -43.48 -18.48 24.26
CA ALA F 130 -44.00 -17.60 25.29
C ALA F 130 -44.66 -16.34 24.73
N LYS F 131 -44.11 -15.78 23.66
CA LYS F 131 -44.59 -14.48 23.21
C LYS F 131 -44.68 -14.38 21.69
N ALA F 132 -44.98 -15.48 21.02
CA ALA F 132 -44.98 -15.48 19.56
C ALA F 132 -46.23 -14.78 19.02
N ASN F 133 -46.12 -14.33 17.77
CA ASN F 133 -47.27 -13.92 16.99
C ASN F 133 -47.65 -14.96 15.95
N VAL F 134 -46.68 -15.61 15.32
CA VAL F 134 -46.97 -16.70 14.40
C VAL F 134 -46.00 -17.85 14.68
N VAL F 135 -46.42 -19.05 14.30
CA VAL F 135 -45.61 -20.25 14.51
C VAL F 135 -45.49 -21.00 13.20
N ILE F 136 -44.25 -21.30 12.80
CA ILE F 136 -43.98 -21.99 11.56
C ILE F 136 -43.31 -23.31 11.90
N ASN F 137 -43.94 -24.41 11.51
CA ASN F 137 -43.45 -25.75 11.80
C ASN F 137 -42.85 -26.37 10.54
N LEU F 138 -41.61 -26.84 10.65
CA LEU F 138 -40.91 -27.49 9.56
C LEU F 138 -40.23 -28.79 9.99
N ILE F 139 -40.38 -29.21 11.25
CA ILE F 139 -39.65 -30.36 11.76
C ILE F 139 -39.90 -31.59 10.91
N GLY F 140 -38.93 -32.49 10.88
CA GLY F 140 -39.07 -33.75 10.19
C GLY F 140 -37.85 -34.20 9.44
N ARG F 141 -37.41 -35.42 9.70
CA ARG F 141 -36.27 -36.00 9.02
C ARG F 141 -36.75 -36.76 7.78
N ASP F 142 -35.86 -37.52 7.16
CA ASP F 142 -36.20 -38.41 6.07
C ASP F 142 -35.84 -39.85 6.39
N TYR F 143 -35.51 -40.14 7.64
CA TYR F 143 -35.02 -41.46 8.01
C TYR F 143 -35.19 -41.65 9.51
N GLU F 144 -35.54 -42.85 9.91
CA GLU F 144 -35.78 -43.16 11.31
C GLU F 144 -34.47 -43.45 12.03
N THR F 145 -34.39 -43.04 13.29
CA THR F 145 -33.29 -43.38 14.17
C THR F 145 -33.88 -43.98 15.44
N ARG F 146 -33.23 -45.04 15.94
CA ARG F 146 -33.81 -45.93 16.94
C ARG F 146 -34.66 -45.22 17.97
N ASN F 147 -34.13 -44.17 18.59
CA ASN F 147 -34.85 -43.45 19.63
C ASN F 147 -35.93 -42.52 19.07
N TYR F 148 -36.11 -42.48 17.76
CA TYR F 148 -37.20 -41.74 17.12
C TYR F 148 -37.86 -42.64 16.09
N SER F 149 -38.87 -42.10 15.42
CA SER F 149 -39.59 -42.84 14.39
C SER F 149 -40.51 -41.86 13.66
N PHE F 150 -40.64 -42.04 12.34
CA PHE F 150 -41.46 -41.17 11.51
C PHE F 150 -42.76 -40.80 12.21
N GLU F 151 -43.50 -41.82 12.65
CA GLU F 151 -44.73 -41.59 13.40
C GLU F 151 -44.49 -40.62 14.54
N GLU F 152 -43.61 -41.01 15.48
CA GLU F 152 -43.33 -40.20 16.66
C GLU F 152 -43.04 -38.76 16.26
N VAL F 153 -41.95 -38.54 15.53
CA VAL F 153 -41.52 -37.18 15.22
C VAL F 153 -42.64 -36.42 14.53
N HIS F 154 -42.99 -36.81 13.29
CA HIS F 154 -43.92 -35.99 12.53
C HIS F 154 -45.26 -35.87 13.24
N TYR F 155 -45.96 -37.00 13.40
CA TYR F 155 -47.32 -36.98 13.91
C TYR F 155 -47.36 -36.39 15.32
N HIS F 156 -46.66 -37.02 16.26
CA HIS F 156 -46.83 -36.62 17.66
C HIS F 156 -46.29 -35.22 17.91
N MET F 157 -45.24 -34.78 17.20
CA MET F 157 -44.76 -33.43 17.43
C MET F 157 -45.70 -32.40 16.82
N ALA F 158 -46.32 -32.71 15.68
CA ALA F 158 -47.34 -31.80 15.17
C ALA F 158 -48.50 -31.70 16.16
N GLU F 159 -48.90 -32.82 16.75
CA GLU F 159 -49.98 -32.79 17.73
C GLU F 159 -49.59 -31.99 18.96
N ASN F 160 -48.35 -32.17 19.44
CA ASN F 160 -47.87 -31.40 20.58
C ASN F 160 -47.88 -29.91 20.28
N LEU F 161 -47.37 -29.52 19.10
CA LEU F 161 -47.36 -28.10 18.73
C LEU F 161 -48.75 -27.53 18.66
N ALA F 162 -49.70 -28.28 18.08
CA ALA F 162 -51.07 -27.82 18.01
C ALA F 162 -51.66 -27.62 19.40
N LYS F 163 -51.43 -28.57 20.30
CA LYS F 163 -52.01 -28.48 21.64
C LYS F 163 -51.39 -27.34 22.44
N ILE F 164 -50.07 -27.14 22.32
CA ILE F 164 -49.45 -26.05 23.05
C ILE F 164 -49.81 -24.69 22.46
N SER F 165 -50.12 -24.65 21.15
CA SER F 165 -50.65 -23.41 20.59
C SER F 165 -52.05 -23.13 21.11
N ARG F 166 -52.89 -24.16 21.20
CA ARG F 166 -54.18 -24.03 21.86
C ARG F 166 -54.01 -23.45 23.26
N GLU F 167 -53.04 -23.99 24.03
CA GLU F 167 -52.74 -23.45 25.35
C GLU F 167 -52.40 -21.96 25.25
N HIS F 168 -51.32 -21.64 24.56
CA HIS F 168 -50.97 -20.25 24.26
C HIS F 168 -51.79 -19.74 23.08
N GLY F 169 -53.10 -19.79 23.25
CA GLY F 169 -54.01 -19.28 22.24
C GLY F 169 -53.95 -17.78 22.09
N GLY F 170 -52.76 -17.26 21.81
CA GLY F 170 -52.59 -15.87 21.46
C GLY F 170 -51.92 -15.76 20.10
N ILE F 171 -51.94 -16.86 19.37
CA ILE F 171 -51.27 -16.95 18.09
C ILE F 171 -52.20 -16.40 17.00
N LEU F 172 -51.61 -16.09 15.84
CA LEU F 172 -52.37 -15.58 14.71
C LEU F 172 -52.34 -16.52 13.51
N ARG F 173 -51.16 -17.00 13.14
CA ARG F 173 -50.99 -17.86 11.97
C ARG F 173 -50.12 -19.05 12.34
N PHE F 174 -50.68 -20.25 12.19
CA PHE F 174 -49.93 -21.48 12.31
C PHE F 174 -49.70 -22.03 10.91
N ILE F 175 -48.47 -21.93 10.44
CA ILE F 175 -48.09 -22.38 9.11
C ILE F 175 -47.28 -23.66 9.27
N GLN F 176 -47.87 -24.77 8.89
CA GLN F 176 -47.22 -26.08 8.96
C GLN F 176 -46.87 -26.51 7.54
N VAL F 177 -45.60 -26.83 7.31
CA VAL F 177 -45.17 -27.32 6.00
C VAL F 177 -44.89 -28.80 6.11
N SER F 178 -45.53 -29.62 5.28
CA SER F 178 -45.41 -31.06 5.43
C SER F 178 -44.69 -31.74 4.26
N CYS F 179 -45.34 -31.84 3.10
CA CYS F 179 -44.72 -32.46 1.92
C CYS F 179 -45.72 -32.56 0.78
N LEU F 180 -45.26 -32.99 -0.39
CA LEU F 180 -46.17 -33.35 -1.46
C LEU F 180 -46.70 -34.76 -1.24
N GLY F 181 -47.26 -35.01 -0.06
CA GLY F 181 -47.68 -36.35 0.32
C GLY F 181 -49.15 -36.44 0.70
N ALA F 182 -49.82 -37.46 0.17
CA ALA F 182 -51.26 -37.59 0.31
C ALA F 182 -51.60 -38.40 1.56
N SER F 183 -52.86 -38.83 1.66
CA SER F 183 -53.42 -39.64 2.73
C SER F 183 -52.72 -40.99 2.74
N PRO F 184 -53.02 -41.88 3.71
CA PRO F 184 -52.36 -43.19 3.69
C PRO F 184 -52.75 -44.02 2.48
N SER F 185 -52.56 -43.43 1.29
CA SER F 185 -52.77 -44.06 0.01
C SER F 185 -51.46 -44.22 -0.75
N SER F 186 -50.36 -44.30 -0.02
CA SER F 186 -49.04 -44.40 -0.63
C SER F 186 -48.11 -45.08 0.36
N PRO F 187 -47.04 -45.71 -0.12
CA PRO F 187 -46.05 -46.29 0.78
C PRO F 187 -45.24 -45.23 1.49
N SER F 188 -44.15 -45.62 2.16
CA SER F 188 -43.31 -44.70 2.93
C SER F 188 -44.08 -44.09 4.10
N ARG F 189 -44.28 -44.93 5.12
CA ARG F 189 -45.09 -44.64 6.30
C ARG F 189 -44.94 -43.22 6.81
N MET F 190 -43.79 -42.60 6.56
CA MET F 190 -43.67 -41.16 6.80
C MET F 190 -44.83 -40.40 6.17
N LEU F 191 -45.24 -40.79 4.96
CA LEU F 191 -46.32 -40.09 4.28
C LEU F 191 -47.65 -40.33 4.98
N ARG F 192 -47.92 -41.56 5.39
CA ARG F 192 -49.16 -41.85 6.11
C ARG F 192 -49.23 -41.03 7.40
N ALA F 193 -48.16 -41.08 8.20
CA ALA F 193 -48.14 -40.33 9.45
C ALA F 193 -48.21 -38.83 9.21
N LYS F 194 -47.61 -38.36 8.11
CA LYS F 194 -47.62 -36.94 7.83
C LYS F 194 -49.00 -36.47 7.39
N ALA F 195 -49.75 -37.33 6.69
CA ALA F 195 -51.12 -36.99 6.36
C ALA F 195 -52.01 -37.00 7.59
N ALA F 196 -51.82 -37.98 8.48
CA ALA F 196 -52.54 -37.94 9.75
C ALA F 196 -52.22 -36.69 10.54
N ALA F 197 -50.96 -36.25 10.48
CA ALA F 197 -50.54 -35.02 11.15
C ALA F 197 -51.21 -33.80 10.52
N GLU F 198 -51.27 -33.76 9.19
CA GLU F 198 -51.99 -32.72 8.49
C GLU F 198 -53.42 -32.64 8.98
N GLU F 199 -54.10 -33.78 9.05
CA GLU F 199 -55.49 -33.79 9.49
C GLU F 199 -55.62 -33.32 10.93
N VAL F 200 -54.75 -33.80 11.81
CA VAL F 200 -54.92 -33.47 13.22
C VAL F 200 -54.56 -32.01 13.48
N VAL F 201 -53.65 -31.43 12.70
CA VAL F 201 -53.34 -30.02 12.91
C VAL F 201 -54.45 -29.14 12.35
N LEU F 202 -55.04 -29.52 11.20
CA LEU F 202 -56.24 -28.83 10.77
C LEU F 202 -57.36 -28.93 11.79
N ARG F 203 -57.46 -30.08 12.46
CA ARG F 203 -58.56 -30.29 13.41
C ARG F 203 -58.36 -29.50 14.69
N GLU F 204 -57.16 -29.54 15.26
CA GLU F 204 -56.84 -28.78 16.45
C GLU F 204 -56.65 -27.30 16.17
N LEU F 205 -56.58 -26.90 14.89
CA LEU F 205 -56.49 -25.49 14.52
C LEU F 205 -57.19 -25.30 13.19
N PRO F 206 -58.52 -25.11 13.22
CA PRO F 206 -59.25 -24.89 11.96
C PRO F 206 -58.76 -23.67 11.21
N GLU F 207 -58.18 -22.69 11.90
CA GLU F 207 -57.56 -21.54 11.26
C GLU F 207 -56.05 -21.80 11.20
N ALA F 208 -55.65 -22.58 10.21
CA ALA F 208 -54.24 -22.89 9.99
C ALA F 208 -53.97 -22.90 8.50
N THR F 209 -52.68 -22.99 8.16
CA THR F 209 -52.29 -23.08 6.75
C THR F 209 -51.23 -24.15 6.62
N ILE F 210 -51.50 -25.15 5.79
CA ILE F 210 -50.61 -26.27 5.62
C ILE F 210 -50.12 -26.32 4.17
N LEU F 211 -48.84 -26.06 4.00
CA LEU F 211 -48.21 -26.08 2.70
C LEU F 211 -47.70 -27.48 2.39
N LYS F 212 -47.82 -27.86 1.12
CA LYS F 212 -47.42 -29.17 0.64
C LYS F 212 -46.50 -28.93 -0.55
N PRO F 213 -45.26 -28.55 -0.31
CA PRO F 213 -44.34 -28.29 -1.41
C PRO F 213 -43.82 -29.59 -2.01
N ALA F 214 -43.42 -29.50 -3.27
CA ALA F 214 -42.80 -30.64 -3.93
C ALA F 214 -41.37 -30.77 -3.45
N VAL F 215 -40.61 -31.70 -4.04
CA VAL F 215 -39.22 -31.85 -3.67
C VAL F 215 -38.45 -30.58 -4.01
N MET F 216 -37.55 -30.19 -3.12
CA MET F 216 -36.83 -28.93 -3.24
C MET F 216 -35.43 -29.17 -3.77
N ILE F 217 -34.96 -28.30 -4.64
CA ILE F 217 -33.58 -28.27 -5.08
C ILE F 217 -33.01 -26.89 -4.79
N GLY F 218 -31.85 -26.85 -4.15
CA GLY F 218 -31.24 -25.60 -3.78
C GLY F 218 -29.78 -25.80 -3.44
N THR F 219 -29.16 -24.72 -2.95
CA THR F 219 -27.72 -24.73 -2.70
C THR F 219 -27.30 -25.85 -1.76
N GLU F 220 -28.22 -26.36 -0.92
CA GLU F 220 -27.94 -27.56 -0.13
C GLU F 220 -29.23 -28.41 -0.09
N ASP F 221 -29.35 -29.32 -1.05
CA ASP F 221 -30.46 -30.25 -1.09
C ASP F 221 -29.94 -31.66 -0.82
N ARG F 222 -30.84 -32.65 -0.95
CA ARG F 222 -30.50 -34.02 -0.61
C ARG F 222 -30.68 -34.97 -1.79
N ILE F 223 -30.72 -34.44 -3.02
CA ILE F 223 -30.76 -35.32 -4.19
C ILE F 223 -29.62 -34.96 -5.13
N LEU F 224 -29.48 -33.66 -5.46
CA LEU F 224 -28.46 -33.27 -6.42
C LEU F 224 -27.06 -33.42 -5.83
N ASN F 225 -26.88 -33.01 -4.59
CA ASN F 225 -25.58 -33.14 -3.95
C ASN F 225 -25.23 -34.62 -3.75
N PRO F 226 -26.15 -35.47 -3.28
CA PRO F 226 -25.82 -36.90 -3.24
C PRO F 226 -25.45 -37.47 -4.59
N TRP F 227 -26.17 -37.09 -5.65
CA TRP F 227 -25.85 -37.63 -6.97
C TRP F 227 -24.49 -37.16 -7.44
N ALA F 228 -24.18 -35.88 -7.24
CA ALA F 228 -22.87 -35.37 -7.64
C ALA F 228 -21.76 -36.05 -6.85
N HIS F 229 -21.97 -36.22 -5.55
CA HIS F 229 -20.99 -36.93 -4.70
C HIS F 229 -20.76 -38.34 -5.21
N PHE F 230 -21.86 -39.05 -5.50
CA PHE F 230 -21.78 -40.44 -5.95
C PHE F 230 -21.03 -40.53 -7.27
N ALA F 231 -21.39 -39.67 -8.23
CA ALA F 231 -20.72 -39.67 -9.52
C ALA F 231 -19.24 -39.36 -9.39
N LYS F 232 -18.90 -38.26 -8.70
CA LYS F 232 -17.50 -37.91 -8.52
C LYS F 232 -16.73 -38.99 -7.79
N LYS F 233 -17.40 -39.77 -6.94
CA LYS F 233 -16.70 -40.80 -6.18
C LYS F 233 -16.42 -42.03 -7.04
N TYR F 234 -17.47 -42.71 -7.49
CA TYR F 234 -17.24 -43.96 -8.22
C TYR F 234 -18.37 -44.16 -9.21
N GLY F 235 -18.53 -45.40 -9.68
CA GLY F 235 -19.50 -45.79 -10.70
C GLY F 235 -20.82 -45.05 -10.60
N PHE F 236 -21.33 -44.57 -11.72
CA PHE F 236 -22.24 -43.43 -11.71
C PHE F 236 -23.64 -43.86 -11.29
N ILE F 237 -24.61 -42.96 -11.48
CA ILE F 237 -25.78 -42.90 -10.60
C ILE F 237 -26.76 -44.02 -10.88
N PRO F 238 -27.59 -44.40 -9.90
CA PRO F 238 -28.66 -45.37 -10.16
C PRO F 238 -29.98 -44.69 -10.46
N LEU F 239 -30.85 -45.42 -11.15
CA LEU F 239 -32.21 -44.97 -11.42
C LEU F 239 -33.18 -45.95 -10.77
N PHE F 240 -33.87 -45.49 -9.73
CA PHE F 240 -34.72 -46.36 -8.94
C PHE F 240 -36.12 -46.45 -9.53
N GLY F 241 -36.76 -47.60 -9.31
CA GLY F 241 -38.11 -47.87 -9.76
C GLY F 241 -38.21 -48.29 -11.21
N ASN F 242 -38.11 -47.33 -12.12
CA ASN F 242 -38.10 -47.56 -13.57
C ASN F 242 -37.01 -46.79 -14.28
N GLY F 243 -36.73 -45.56 -13.84
CA GLY F 243 -35.83 -44.67 -14.52
C GLY F 243 -36.50 -43.47 -15.15
N SER F 244 -37.82 -43.45 -15.20
CA SER F 244 -38.58 -42.37 -15.84
C SER F 244 -39.78 -41.99 -14.98
N THR F 245 -39.54 -41.81 -13.68
CA THR F 245 -40.60 -41.45 -12.76
C THR F 245 -40.71 -39.94 -12.65
N LYS F 246 -41.94 -39.44 -12.54
CA LYS F 246 -42.23 -38.02 -12.75
C LYS F 246 -42.36 -37.28 -11.41
N ILE F 247 -41.75 -36.09 -11.37
CA ILE F 247 -41.75 -35.22 -10.18
C ILE F 247 -41.74 -33.78 -10.65
N GLN F 248 -42.01 -32.85 -9.73
CA GLN F 248 -42.04 -31.42 -10.00
C GLN F 248 -41.08 -30.70 -9.06
N PRO F 249 -39.77 -30.80 -9.30
CA PRO F 249 -38.81 -30.10 -8.43
C PRO F 249 -39.08 -28.60 -8.44
N VAL F 250 -38.73 -27.95 -7.33
CA VAL F 250 -39.12 -26.56 -7.11
C VAL F 250 -37.97 -25.79 -6.49
N TYR F 251 -37.87 -24.50 -6.84
CA TYR F 251 -36.85 -23.63 -6.30
C TYR F 251 -37.18 -23.23 -4.87
N VAL F 252 -36.21 -23.39 -3.98
CA VAL F 252 -36.49 -23.24 -2.56
C VAL F 252 -36.72 -21.78 -2.19
N VAL F 253 -35.99 -20.87 -2.84
CA VAL F 253 -36.21 -19.44 -2.58
C VAL F 253 -37.64 -19.08 -2.93
N ASP F 254 -38.18 -19.67 -3.99
CA ASP F 254 -39.55 -19.38 -4.38
C ASP F 254 -40.56 -20.03 -3.44
N VAL F 255 -40.23 -21.22 -2.90
CA VAL F 255 -41.09 -21.78 -1.85
C VAL F 255 -41.10 -20.87 -0.63
N ALA F 256 -39.95 -20.28 -0.30
CA ALA F 256 -39.89 -19.38 0.84
C ALA F 256 -40.65 -18.10 0.57
N ALA F 257 -40.58 -17.60 -0.66
CA ALA F 257 -41.36 -16.41 -1.02
C ALA F 257 -42.85 -16.71 -0.94
N ALA F 258 -43.26 -17.92 -1.32
CA ALA F 258 -44.65 -18.33 -1.15
C ALA F 258 -45.02 -18.38 0.32
N LEU F 259 -44.09 -18.83 1.17
CA LEU F 259 -44.40 -18.89 2.59
C LEU F 259 -44.56 -17.50 3.17
N THR F 260 -43.69 -16.56 2.79
CA THR F 260 -43.86 -15.18 3.23
C THR F 260 -45.16 -14.57 2.70
N THR F 261 -45.51 -14.89 1.45
CA THR F 261 -46.74 -14.37 0.87
C THR F 261 -47.96 -14.88 1.64
N VAL F 262 -48.01 -16.18 1.92
CA VAL F 262 -49.15 -16.71 2.64
C VAL F 262 -49.14 -16.25 4.08
N LEU F 263 -47.95 -15.95 4.61
CA LEU F 263 -47.87 -15.39 5.95
C LEU F 263 -48.55 -14.02 6.00
N LYS F 264 -48.25 -13.16 5.04
CA LYS F 264 -48.86 -11.83 5.06
C LYS F 264 -50.33 -11.90 4.64
N ASP F 265 -50.59 -12.20 3.36
CA ASP F 265 -51.90 -12.57 2.83
C ASP F 265 -53.07 -11.89 3.52
N ASP F 266 -53.14 -10.55 3.44
CA ASP F 266 -54.09 -9.80 4.25
C ASP F 266 -55.52 -10.27 4.05
N GLY F 267 -56.07 -10.92 5.06
CA GLY F 267 -57.43 -11.45 5.04
C GLY F 267 -57.87 -12.11 3.76
N THR F 268 -57.15 -13.15 3.31
CA THR F 268 -57.55 -13.82 2.08
C THR F 268 -57.60 -15.34 2.21
N SER F 269 -56.78 -15.92 3.09
CA SER F 269 -56.76 -17.38 3.23
C SER F 269 -56.21 -17.69 4.61
N MET F 270 -57.09 -18.03 5.55
CA MET F 270 -56.70 -18.24 6.93
C MET F 270 -56.88 -19.67 7.42
N GLY F 271 -57.36 -20.58 6.58
CA GLY F 271 -57.51 -21.95 6.99
C GLY F 271 -57.17 -22.97 5.91
N LYS F 272 -56.23 -22.62 5.03
CA LYS F 272 -56.09 -23.32 3.77
C LYS F 272 -54.99 -24.38 3.82
N THR F 273 -55.16 -25.41 3.00
CA THR F 273 -54.23 -26.53 2.92
C THR F 273 -54.00 -26.83 1.45
N TYR F 274 -52.81 -26.52 0.95
CA TYR F 274 -52.61 -26.69 -0.48
C TYR F 274 -51.14 -26.92 -0.80
N GLU F 275 -50.89 -27.22 -2.07
CA GLU F 275 -49.60 -27.71 -2.53
C GLU F 275 -48.89 -26.68 -3.38
N LEU F 276 -47.57 -26.83 -3.44
CA LEU F 276 -46.67 -25.92 -4.16
C LEU F 276 -45.84 -26.76 -5.11
N GLY F 277 -46.26 -26.82 -6.37
CA GLY F 277 -45.52 -27.55 -7.39
C GLY F 277 -44.35 -26.74 -7.91
N GLY F 278 -43.78 -27.22 -9.01
CA GLY F 278 -42.67 -26.56 -9.63
C GLY F 278 -43.08 -25.88 -10.92
N PRO F 279 -42.09 -25.40 -11.68
CA PRO F 279 -42.41 -24.73 -12.95
C PRO F 279 -42.61 -25.67 -14.12
N GLU F 280 -42.17 -26.92 -14.03
CA GLU F 280 -42.28 -27.84 -15.16
C GLU F 280 -42.17 -29.27 -14.67
N ILE F 281 -42.73 -30.18 -15.44
CA ILE F 281 -42.69 -31.61 -15.12
C ILE F 281 -41.33 -32.17 -15.50
N PHE F 282 -40.68 -32.83 -14.55
CA PHE F 282 -39.37 -33.44 -14.78
C PHE F 282 -39.44 -34.92 -14.48
N THR F 283 -39.07 -35.75 -15.44
CA THR F 283 -38.76 -37.13 -15.13
C THR F 283 -37.40 -37.21 -14.46
N VAL F 284 -37.19 -38.28 -13.70
CA VAL F 284 -35.95 -38.40 -12.94
C VAL F 284 -34.76 -38.56 -13.88
N HIS F 285 -34.95 -39.29 -14.99
CA HIS F 285 -33.88 -39.39 -15.98
C HIS F 285 -33.50 -38.02 -16.52
N ASP F 286 -34.49 -37.20 -16.86
CA ASP F 286 -34.20 -35.88 -17.39
C ASP F 286 -33.58 -34.97 -16.32
N LEU F 287 -33.98 -35.13 -15.07
CA LEU F 287 -33.36 -34.36 -14.00
C LEU F 287 -31.89 -34.74 -13.85
N ALA F 288 -31.58 -36.04 -13.93
CA ALA F 288 -30.20 -36.47 -13.87
C ALA F 288 -29.40 -35.94 -15.06
N GLU F 289 -30.03 -35.92 -16.24
CA GLU F 289 -29.35 -35.37 -17.40
C GLU F 289 -29.11 -33.87 -17.24
N LEU F 290 -30.04 -33.17 -16.59
CA LEU F 290 -29.83 -31.75 -16.29
C LEU F 290 -28.64 -31.57 -15.36
N MET F 291 -28.59 -32.36 -14.30
CA MET F 291 -27.45 -32.30 -13.38
C MET F 291 -26.15 -32.57 -14.13
N TYR F 292 -26.17 -33.54 -15.05
CA TYR F 292 -24.95 -33.90 -15.76
C TYR F 292 -24.52 -32.81 -16.73
N GLU F 293 -25.47 -32.22 -17.45
CA GLU F 293 -25.12 -31.12 -18.34
C GLU F 293 -24.59 -29.93 -17.56
N THR F 294 -25.07 -29.73 -16.32
CA THR F 294 -24.61 -28.58 -15.55
C THR F 294 -23.27 -28.86 -14.87
N ILE F 295 -22.97 -30.13 -14.57
CA ILE F 295 -21.69 -30.47 -13.95
C ILE F 295 -20.61 -30.75 -14.99
N ARG F 296 -20.98 -30.87 -16.27
CA ARG F 296 -20.04 -31.09 -17.36
C ARG F 296 -19.29 -32.40 -17.18
N GLU F 297 -20.05 -33.50 -17.17
CA GLU F 297 -19.51 -34.84 -17.06
C GLU F 297 -20.35 -35.78 -17.90
N TRP F 298 -19.96 -37.06 -17.93
CA TRP F 298 -20.66 -38.05 -18.75
C TRP F 298 -21.65 -38.83 -17.90
N PRO F 299 -22.90 -38.95 -18.33
CA PRO F 299 -23.89 -39.67 -17.54
C PRO F 299 -23.75 -41.18 -17.67
N ARG F 300 -23.95 -41.88 -16.57
CA ARG F 300 -24.06 -43.33 -16.57
C ARG F 300 -25.08 -43.73 -15.52
N TYR F 301 -25.95 -44.66 -15.89
CA TYR F 301 -27.11 -45.03 -15.08
C TYR F 301 -27.07 -46.51 -14.75
N VAL F 302 -27.53 -46.84 -13.55
CA VAL F 302 -27.64 -48.22 -13.09
C VAL F 302 -29.12 -48.56 -13.00
N LYS F 303 -29.42 -49.85 -13.12
CA LYS F 303 -30.74 -50.34 -13.52
C LYS F 303 -31.10 -51.54 -12.64
N VAL F 304 -32.06 -52.35 -13.12
CA VAL F 304 -32.80 -53.39 -12.41
C VAL F 304 -33.16 -52.89 -11.02
N PRO F 305 -33.98 -51.84 -10.93
CA PRO F 305 -34.04 -51.05 -9.70
C PRO F 305 -34.79 -51.68 -8.53
N PHE F 306 -35.95 -52.28 -8.76
CA PHE F 306 -36.77 -52.62 -7.60
C PHE F 306 -36.17 -53.71 -6.70
N PRO F 307 -35.59 -54.80 -7.22
CA PRO F 307 -35.12 -55.83 -6.29
C PRO F 307 -33.91 -55.38 -5.50
N ILE F 308 -32.93 -54.77 -6.16
CA ILE F 308 -31.78 -54.24 -5.45
C ILE F 308 -32.21 -53.19 -4.45
N ALA F 309 -33.14 -52.30 -4.86
CA ALA F 309 -33.63 -51.27 -3.97
C ALA F 309 -34.19 -51.87 -2.69
N LYS F 310 -35.14 -52.79 -2.83
CA LYS F 310 -35.79 -53.34 -1.64
C LYS F 310 -34.81 -54.16 -0.81
N ALA F 311 -34.12 -55.12 -1.44
CA ALA F 311 -33.26 -56.03 -0.68
C ALA F 311 -32.01 -55.36 -0.14
N LEU F 312 -31.67 -54.16 -0.61
CA LEU F 312 -30.51 -53.44 -0.09
C LEU F 312 -30.88 -52.27 0.79
N ALA F 313 -32.15 -51.88 0.82
CA ALA F 313 -32.59 -50.86 1.76
C ALA F 313 -33.35 -51.44 2.96
N THR F 314 -33.79 -52.70 2.89
CA THR F 314 -34.49 -53.24 4.04
C THR F 314 -33.60 -53.53 5.26
N PRO F 315 -32.33 -53.94 5.13
CA PRO F 315 -31.57 -54.29 6.34
C PRO F 315 -31.33 -53.12 7.27
N ARG F 316 -31.34 -51.89 6.75
CA ARG F 316 -31.05 -50.73 7.58
C ARG F 316 -32.03 -50.62 8.74
N GLU F 317 -33.33 -50.71 8.44
CA GLU F 317 -34.33 -50.55 9.51
C GLU F 317 -34.23 -51.66 10.53
N ILE F 318 -34.07 -52.90 10.06
CA ILE F 318 -33.97 -54.04 10.98
C ILE F 318 -32.80 -53.86 11.93
N LEU F 319 -31.60 -53.73 11.37
CA LEU F 319 -30.43 -53.56 12.21
C LEU F 319 -30.52 -52.31 13.06
N LEU F 320 -31.23 -51.28 12.58
CA LEU F 320 -31.41 -50.06 13.36
C LEU F 320 -32.16 -50.35 14.64
N ASN F 321 -33.39 -50.85 14.52
CA ASN F 321 -34.15 -51.11 15.74
C ASN F 321 -33.52 -52.22 16.56
N LYS F 322 -32.64 -53.02 15.99
CA LYS F 322 -31.90 -53.99 16.77
C LYS F 322 -30.99 -53.27 17.75
N PRO F 324 -28.35 -51.18 19.17
CA PRO F 324 -28.20 -50.58 20.49
C PRO F 324 -27.29 -49.36 20.46
N PHE F 325 -26.99 -48.91 19.24
CA PHE F 325 -26.11 -47.76 19.03
C PHE F 325 -26.40 -47.22 17.63
N PRO F 326 -26.22 -45.92 17.41
CA PRO F 326 -26.61 -45.34 16.12
C PRO F 326 -25.90 -46.00 14.95
N LEU F 327 -26.55 -45.94 13.80
CA LEU F 327 -26.11 -46.54 12.56
C LEU F 327 -26.03 -45.48 11.46
N PRO F 328 -25.32 -45.75 10.37
CA PRO F 328 -25.08 -44.72 9.35
C PRO F 328 -26.38 -44.17 8.77
N THR F 329 -26.23 -43.07 8.04
CA THR F 329 -27.29 -42.33 7.38
C THR F 329 -27.55 -42.87 5.99
N PRO F 330 -28.80 -42.90 5.56
CA PRO F 330 -29.14 -43.45 4.25
C PRO F 330 -28.77 -42.52 3.11
N GLU F 331 -27.54 -42.63 2.61
CA GLU F 331 -27.06 -41.72 1.58
C GLU F 331 -28.05 -41.62 0.42
N ILE F 332 -28.27 -42.72 -0.30
CA ILE F 332 -29.15 -42.73 -1.45
C ILE F 332 -30.11 -43.92 -1.46
N LEU F 333 -30.00 -44.83 -0.50
CA LEU F 333 -30.87 -46.00 -0.42
C LEU F 333 -32.02 -45.79 0.55
N ASN F 334 -32.54 -44.57 0.63
CA ASN F 334 -33.60 -44.27 1.59
C ASN F 334 -34.91 -44.92 1.15
N LEU F 335 -35.57 -45.58 2.10
CA LEU F 335 -36.80 -46.29 1.79
C LEU F 335 -37.86 -45.34 1.23
N ASP F 336 -37.96 -44.14 1.81
CA ASP F 336 -38.95 -43.20 1.33
C ASP F 336 -38.61 -42.72 -0.07
N LYS F 337 -37.33 -42.58 -0.38
CA LYS F 337 -36.93 -42.32 -1.75
C LYS F 337 -37.44 -43.42 -2.67
N ILE F 338 -37.24 -44.68 -2.27
CA ILE F 338 -37.69 -45.81 -3.09
C ILE F 338 -39.20 -45.72 -3.32
N GLN F 339 -39.96 -45.42 -2.27
CA GLN F 339 -41.41 -45.43 -2.39
C GLN F 339 -41.90 -44.27 -3.26
N ALA F 340 -41.52 -43.05 -2.90
CA ALA F 340 -41.95 -41.89 -3.66
C ALA F 340 -41.39 -41.87 -5.07
N LEU F 341 -40.42 -42.73 -5.39
CA LEU F 341 -39.99 -42.88 -6.77
C LEU F 341 -40.68 -44.03 -7.49
N THR F 342 -41.15 -45.04 -6.77
CA THR F 342 -41.93 -46.09 -7.42
C THR F 342 -43.36 -45.64 -7.68
N THR F 343 -43.84 -44.61 -6.99
CA THR F 343 -45.12 -44.00 -7.29
C THR F 343 -44.89 -42.57 -7.78
N ASP F 344 -45.58 -42.20 -8.85
CA ASP F 344 -45.48 -40.84 -9.37
C ASP F 344 -46.31 -39.89 -8.53
N THR F 345 -45.68 -38.80 -8.09
CA THR F 345 -46.36 -37.73 -7.38
C THR F 345 -45.91 -36.42 -8.00
N ILE F 346 -46.81 -35.73 -8.70
CA ILE F 346 -46.42 -34.47 -9.33
C ILE F 346 -47.27 -33.30 -8.85
N VAL F 347 -48.55 -33.29 -9.21
CA VAL F 347 -49.47 -32.21 -8.88
C VAL F 347 -50.88 -32.79 -8.90
N SER F 348 -51.70 -32.37 -7.95
CA SER F 348 -53.09 -32.80 -7.96
C SER F 348 -53.97 -31.97 -8.89
N GLU F 349 -53.50 -30.77 -9.27
CA GLU F 349 -54.23 -29.88 -10.18
C GLU F 349 -55.64 -29.57 -9.66
N ASN F 350 -55.83 -29.65 -8.35
CA ASN F 350 -57.20 -29.66 -7.87
C ASN F 350 -57.50 -28.58 -6.84
N ALA F 351 -56.59 -28.31 -5.90
CA ALA F 351 -56.92 -27.45 -4.77
C ALA F 351 -56.44 -26.01 -4.94
N LEU F 352 -55.13 -25.81 -4.99
CA LEU F 352 -54.55 -24.48 -5.10
C LEU F 352 -53.12 -24.66 -5.60
N THR F 353 -52.46 -23.54 -5.93
CA THR F 353 -51.11 -23.63 -6.47
C THR F 353 -50.41 -22.28 -6.30
N PHE F 354 -49.11 -22.28 -6.64
CA PHE F 354 -48.37 -21.05 -6.86
C PHE F 354 -49.21 -20.04 -7.63
N ASN F 355 -49.78 -20.47 -8.75
CA ASN F 355 -50.57 -19.59 -9.59
C ASN F 355 -51.64 -18.87 -8.78
N ASP F 356 -52.19 -19.55 -7.77
CA ASP F 356 -53.11 -18.89 -6.86
C ASP F 356 -52.39 -18.01 -5.85
N LEU F 357 -51.16 -18.35 -5.49
CA LEU F 357 -50.43 -17.52 -4.54
C LEU F 357 -49.53 -16.49 -5.24
N GLY F 358 -48.58 -16.97 -6.04
CA GLY F 358 -47.64 -16.10 -6.70
C GLY F 358 -46.90 -16.86 -7.78
N ILE F 359 -46.29 -16.10 -8.69
CA ILE F 359 -45.75 -16.66 -9.92
C ILE F 359 -44.84 -17.84 -9.63
N ILE F 360 -44.83 -18.81 -10.53
CA ILE F 360 -44.10 -20.06 -10.36
C ILE F 360 -42.61 -19.77 -10.37
N PRO F 361 -41.76 -20.67 -9.86
CA PRO F 361 -40.32 -20.44 -9.87
C PRO F 361 -39.76 -20.02 -11.21
N HIS F 362 -38.58 -19.40 -11.20
CA HIS F 362 -38.01 -18.83 -12.40
C HIS F 362 -37.86 -19.89 -13.49
N LYS F 363 -36.96 -20.84 -13.27
CA LYS F 363 -36.81 -22.03 -14.08
C LYS F 363 -35.71 -22.87 -13.46
N LEU F 364 -35.79 -24.19 -13.54
CA LEU F 364 -34.71 -24.99 -12.95
C LEU F 364 -33.62 -25.28 -13.96
N LYS F 365 -33.17 -24.25 -14.69
CA LYS F 365 -32.02 -24.40 -15.55
C LYS F 365 -30.93 -23.38 -15.29
N GLY F 366 -31.25 -22.10 -15.27
CA GLY F 366 -30.20 -21.11 -15.14
C GLY F 366 -29.61 -20.92 -13.77
N TYR F 367 -30.34 -20.24 -12.89
CA TYR F 367 -29.83 -19.90 -11.56
C TYR F 367 -30.06 -20.98 -10.51
N PRO F 368 -31.27 -21.54 -10.38
CA PRO F 368 -31.53 -22.49 -9.28
C PRO F 368 -30.70 -23.76 -9.33
N VAL F 369 -29.98 -24.03 -10.41
CA VAL F 369 -29.01 -25.12 -10.43
C VAL F 369 -27.58 -24.61 -10.51
N GLU F 370 -27.40 -23.29 -10.56
CA GLU F 370 -26.07 -22.71 -10.72
C GLU F 370 -25.12 -23.07 -9.58
N PHE F 371 -25.63 -23.61 -8.48
CA PHE F 371 -24.75 -23.98 -7.38
C PHE F 371 -23.92 -25.21 -7.68
N LEU F 372 -24.20 -25.92 -8.77
CA LEU F 372 -23.42 -27.11 -9.10
C LEU F 372 -22.00 -26.80 -9.53
N ILE F 373 -21.74 -25.58 -10.00
CA ILE F 373 -20.44 -25.25 -10.58
C ILE F 373 -19.29 -25.55 -9.62
N SER F 374 -19.58 -25.75 -8.34
CA SER F 374 -18.56 -26.17 -7.39
C SER F 374 -17.89 -27.48 -7.79
N TYR F 375 -18.41 -28.18 -8.79
CA TYR F 375 -17.77 -29.39 -9.29
C TYR F 375 -17.20 -29.16 -10.69
N LEU G 21 -2.13 -36.85 53.20
CA LEU G 21 -1.42 -36.81 51.93
C LEU G 21 -2.39 -36.75 50.75
N ARG G 22 -3.01 -37.90 50.46
CA ARG G 22 -3.90 -38.00 49.31
C ARG G 22 -5.03 -36.99 49.37
N GLU G 23 -5.43 -36.59 50.58
CA GLU G 23 -6.50 -35.60 50.72
C GLU G 23 -6.16 -34.31 49.98
N LEU G 24 -5.09 -33.63 50.38
CA LEU G 24 -4.71 -32.40 49.71
C LEU G 24 -4.18 -32.68 48.31
N LYS G 25 -3.57 -33.84 48.11
CA LYS G 25 -3.09 -34.20 46.77
C LYS G 25 -4.23 -34.20 45.76
N ASP G 26 -5.41 -34.64 46.17
CA ASP G 26 -6.58 -34.57 45.32
C ASP G 26 -7.23 -33.20 45.38
N GLU G 27 -7.12 -32.51 46.52
CA GLU G 27 -7.73 -31.20 46.66
C GLU G 27 -7.15 -30.21 45.67
N GLY G 28 -5.85 -29.92 45.78
CA GLY G 28 -5.26 -28.90 44.92
C GLY G 28 -3.87 -29.19 44.41
N TYR G 29 -3.48 -30.46 44.30
CA TYR G 29 -2.12 -30.81 43.94
C TYR G 29 -2.03 -31.64 42.68
N LEU G 30 -2.83 -32.70 42.55
CA LEU G 30 -2.69 -33.62 41.43
C LEU G 30 -3.28 -33.07 40.13
N ARG G 31 -4.15 -32.07 40.22
CA ARG G 31 -4.69 -31.42 39.01
C ARG G 31 -3.59 -30.79 38.17
N CYS G 32 -2.45 -30.46 38.78
CA CYS G 32 -1.38 -29.81 38.04
C CYS G 32 -0.87 -30.69 36.90
N LEU G 33 -0.91 -32.01 37.10
CA LEU G 33 -0.33 -32.91 36.10
C LEU G 33 -0.98 -32.76 34.73
N PRO G 34 -2.31 -32.70 34.59
CA PRO G 34 -2.90 -32.30 33.30
C PRO G 34 -3.29 -30.82 33.19
N ASP G 35 -2.97 -29.97 34.16
CA ASP G 35 -3.34 -28.57 34.05
C ASP G 35 -2.18 -27.64 33.68
N GLY G 36 -0.95 -28.00 34.00
CA GLY G 36 0.18 -27.20 33.57
C GLY G 36 0.43 -25.96 34.40
N ASN G 37 -0.45 -24.95 34.27
CA ASN G 37 -0.27 -23.71 35.00
C ASN G 37 -0.10 -23.96 36.49
N LEU G 38 -0.95 -24.82 37.06
CA LEU G 38 -0.87 -25.09 38.49
C LEU G 38 0.51 -25.57 38.90
N LEU G 39 1.24 -26.21 37.99
CA LEU G 39 2.60 -26.63 38.33
C LEU G 39 3.52 -25.42 38.48
N GLN G 40 3.43 -24.47 37.55
CA GLN G 40 4.22 -23.25 37.66
C GLN G 40 3.86 -22.49 38.93
N THR G 41 2.58 -22.43 39.26
CA THR G 41 2.18 -21.72 40.47
C THR G 41 2.63 -22.48 41.73
N LYS G 42 2.67 -23.80 41.68
CA LYS G 42 3.18 -24.55 42.83
C LYS G 42 4.67 -24.29 43.02
N ILE G 43 5.41 -24.13 41.92
CA ILE G 43 6.82 -23.78 42.05
C ILE G 43 6.98 -22.37 42.63
N HIS G 44 6.22 -21.43 42.08
CA HIS G 44 6.27 -20.08 42.63
C HIS G 44 5.87 -20.08 44.10
N ASN G 45 5.03 -21.05 44.50
CA ASN G 45 4.63 -21.18 45.89
C ASN G 45 5.77 -21.69 46.76
N ILE G 46 6.45 -22.75 46.32
CA ILE G 46 7.57 -23.26 47.10
C ILE G 46 8.60 -22.15 47.27
N GLY G 47 8.62 -21.19 46.36
CA GLY G 47 9.40 -20.00 46.64
C GLY G 47 8.69 -18.93 47.45
N ALA G 48 7.37 -19.03 47.62
CA ALA G 48 6.54 -17.90 48.00
C ALA G 48 6.49 -17.64 49.50
N THR G 49 5.68 -16.65 49.85
CA THR G 49 5.17 -16.41 51.20
C THR G 49 3.65 -16.28 51.09
N LEU G 50 2.99 -15.87 52.17
CA LEU G 50 1.55 -15.66 52.15
C LEU G 50 1.24 -14.23 52.54
N VAL G 51 0.26 -13.62 51.86
CA VAL G 51 -0.18 -12.28 52.24
C VAL G 51 -1.68 -12.16 52.38
N GLY G 52 -2.51 -13.03 51.81
CA GLY G 52 -3.93 -12.87 52.02
C GLY G 52 -4.74 -14.10 51.65
N VAL G 53 -5.96 -14.13 52.16
CA VAL G 53 -6.94 -15.16 51.83
C VAL G 53 -8.31 -14.51 51.77
N ASP G 54 -9.03 -14.74 50.67
CA ASP G 54 -10.28 -14.04 50.40
C ASP G 54 -11.46 -15.01 50.41
N LYS G 55 -12.60 -14.44 50.85
CA LYS G 55 -13.82 -15.19 51.17
C LYS G 55 -14.19 -16.22 50.11
N PHE G 56 -13.89 -15.95 48.85
CA PHE G 56 -14.03 -17.00 47.86
C PHE G 56 -13.04 -18.12 48.09
N GLY G 57 -12.25 -18.03 49.17
CA GLY G 57 -11.33 -19.06 49.56
C GLY G 57 -9.95 -18.93 48.96
N ASN G 58 -9.71 -17.94 48.11
CA ASN G 58 -8.49 -17.99 47.31
C ASN G 58 -7.34 -17.27 48.01
N LYS G 59 -6.13 -17.73 47.72
CA LYS G 59 -4.94 -17.33 48.47
C LYS G 59 -4.05 -16.45 47.61
N TYR G 60 -3.73 -15.26 48.10
CA TYR G 60 -2.86 -14.32 47.41
C TYR G 60 -1.49 -14.35 48.05
N TYR G 61 -0.46 -14.61 47.24
CA TYR G 61 0.92 -14.72 47.68
C TYR G 61 1.75 -13.61 47.07
N GLU G 62 2.88 -13.34 47.72
CA GLU G 62 3.84 -12.35 47.27
C GLU G 62 5.25 -12.87 47.55
N LYS G 63 5.96 -13.27 46.49
CA LYS G 63 7.34 -13.72 46.62
C LYS G 63 8.27 -12.56 46.28
N LEU G 64 8.24 -11.55 47.15
CA LEU G 64 9.06 -10.36 46.92
C LEU G 64 10.53 -10.70 47.14
N GLY G 65 11.39 -10.09 46.32
CA GLY G 65 12.81 -10.28 46.47
C GLY G 65 13.59 -10.03 45.20
N ASP G 66 14.55 -10.90 44.92
CA ASP G 66 15.39 -10.79 43.74
C ASP G 66 14.74 -11.40 42.49
N THR G 67 13.45 -11.74 42.56
CA THR G 67 12.81 -12.46 41.46
C THR G 67 12.75 -11.63 40.19
N GLN G 68 11.94 -10.58 40.21
CA GLN G 68 11.64 -9.82 39.00
C GLN G 68 10.75 -8.66 39.37
N TYR G 69 10.31 -7.87 38.39
CA TYR G 69 9.30 -6.85 38.67
C TYR G 69 7.89 -7.29 38.28
N GLY G 70 7.74 -8.06 37.21
CA GLY G 70 6.40 -8.40 36.74
C GLY G 70 5.75 -9.51 37.52
N ARG G 71 6.53 -10.43 38.09
CA ARG G 71 5.99 -11.63 38.72
C ARG G 71 6.53 -11.75 40.15
N HIS G 72 5.88 -11.04 41.07
CA HIS G 72 6.12 -11.26 42.48
C HIS G 72 4.85 -11.13 43.32
N ARG G 73 3.69 -10.89 42.72
CA ARG G 73 2.41 -10.95 43.40
C ARG G 73 1.46 -11.76 42.55
N TRP G 74 0.89 -12.81 43.12
CA TRP G 74 -0.02 -13.63 42.33
C TRP G 74 -1.04 -14.29 43.26
N VAL G 75 -1.89 -15.12 42.66
CA VAL G 75 -3.07 -15.63 43.34
C VAL G 75 -3.33 -17.06 42.90
N GLU G 76 -3.61 -17.92 43.88
CA GLU G 76 -4.11 -19.27 43.62
C GLU G 76 -5.61 -19.25 43.89
N TYR G 77 -6.40 -19.64 42.90
CA TYR G 77 -7.82 -19.31 42.87
C TYR G 77 -8.67 -20.13 43.82
N ALA G 78 -8.16 -21.22 44.37
CA ALA G 78 -8.94 -22.09 45.27
C ALA G 78 -10.20 -22.62 44.60
N GLU G 79 -10.17 -22.72 43.27
CA GLU G 79 -11.14 -23.51 42.51
C GLU G 79 -10.30 -24.23 41.46
N LYS G 80 -9.84 -25.43 41.81
CA LYS G 80 -8.74 -26.03 41.07
C LYS G 80 -9.13 -26.43 39.66
N SER G 81 -10.37 -26.87 39.44
CA SER G 81 -10.74 -27.30 38.10
C SER G 81 -11.12 -26.12 37.22
N ARG G 82 -12.20 -25.44 37.56
CA ARG G 82 -12.69 -24.32 36.75
C ARG G 82 -12.28 -23.00 37.40
N TYR G 83 -11.00 -22.69 37.27
CA TYR G 83 -10.47 -21.42 37.74
C TYR G 83 -10.51 -20.41 36.60
N ASN G 84 -11.09 -19.25 36.86
CA ASN G 84 -11.24 -18.24 35.84
C ASN G 84 -10.95 -16.88 36.44
N ALA G 85 -10.34 -16.01 35.64
CA ALA G 85 -10.13 -14.64 36.07
C ALA G 85 -11.48 -13.97 36.30
N SER G 86 -11.42 -12.77 36.88
CA SER G 86 -12.56 -12.01 37.38
C SER G 86 -13.20 -12.68 38.59
N GLN G 87 -12.72 -13.85 39.01
CA GLN G 87 -13.13 -14.39 40.30
C GLN G 87 -12.56 -13.58 41.44
N VAL G 88 -11.54 -12.78 41.19
CA VAL G 88 -10.93 -11.97 42.26
C VAL G 88 -11.89 -10.85 42.63
N PRO G 89 -12.10 -10.58 43.92
CA PRO G 89 -12.91 -9.43 44.31
C PRO G 89 -12.22 -8.14 43.94
N PRO G 90 -12.90 -7.00 44.04
CA PRO G 90 -12.26 -5.74 43.59
C PRO G 90 -11.02 -5.35 44.39
N GLU G 91 -11.05 -5.48 45.70
CA GLU G 91 -9.90 -5.06 46.50
C GLU G 91 -8.66 -5.84 46.12
N TRP G 92 -8.76 -7.16 46.08
CA TRP G 92 -7.63 -7.96 45.67
C TRP G 92 -7.31 -7.78 44.21
N HIS G 93 -8.28 -7.40 43.38
CA HIS G 93 -7.98 -7.07 42.00
C HIS G 93 -7.01 -5.91 41.92
N GLY G 94 -7.27 -4.87 42.71
CA GLY G 94 -6.34 -3.76 42.78
C GLY G 94 -4.97 -4.19 43.25
N TRP G 95 -4.92 -4.83 44.41
CA TRP G 95 -3.63 -5.23 44.97
C TRP G 95 -2.88 -6.15 44.02
N LEU G 96 -3.60 -6.91 43.19
CA LEU G 96 -2.97 -7.85 42.30
C LEU G 96 -2.47 -7.20 41.03
N HIS G 97 -3.19 -6.20 40.53
CA HIS G 97 -2.75 -5.49 39.35
C HIS G 97 -1.78 -4.37 39.67
N PHE G 98 -1.37 -4.22 40.92
CA PHE G 98 -0.28 -3.33 41.34
C PHE G 98 -0.73 -1.88 41.39
N ILE G 99 -1.99 -1.58 41.04
CA ILE G 99 -2.45 -0.20 41.07
C ILE G 99 -2.17 0.42 42.43
N THR G 100 -2.53 -0.27 43.49
CA THR G 100 -2.32 0.23 44.84
C THR G 100 -1.90 -0.93 45.74
N ASP G 101 -0.80 -0.76 46.47
CA ASP G 101 -0.36 -1.81 47.37
C ASP G 101 -1.05 -1.71 48.72
N HIS G 102 -2.37 -1.58 48.67
CA HIS G 102 -3.22 -1.70 49.83
C HIS G 102 -3.84 -3.09 49.82
N THR G 103 -3.76 -3.78 50.94
CA THR G 103 -4.18 -5.17 50.97
C THR G 103 -5.70 -5.28 50.95
N GLY G 104 -6.17 -6.43 50.44
CA GLY G 104 -7.60 -6.64 50.34
C GLY G 104 -8.32 -6.46 51.66
N ASP G 105 -7.69 -6.87 52.76
CA ASP G 105 -8.34 -6.72 54.06
C ASP G 105 -8.51 -5.24 54.42
N GLU G 106 -7.57 -4.38 54.02
CA GLU G 106 -7.73 -2.95 54.30
C GLU G 106 -8.84 -2.35 53.43
N LEU G 107 -8.81 -2.64 52.13
CA LEU G 107 -9.88 -2.10 51.30
C LEU G 107 -11.23 -2.62 51.72
N LEU G 108 -11.28 -3.82 52.30
CA LEU G 108 -12.53 -4.37 52.82
C LEU G 108 -12.89 -3.79 54.17
N LEU G 109 -11.90 -3.29 54.92
CA LEU G 109 -12.24 -2.43 56.04
C LEU G 109 -12.94 -1.17 55.56
N LEU G 110 -12.59 -0.72 54.35
CA LEU G 110 -13.29 0.45 53.80
C LEU G 110 -14.70 0.10 53.33
N LYS G 111 -14.82 -0.72 52.27
CA LYS G 111 -16.05 -1.46 51.93
C LYS G 111 -17.34 -0.68 52.11
N PRO G 112 -17.72 0.17 51.16
CA PRO G 112 -18.88 1.06 51.36
C PRO G 112 -20.10 0.33 51.90
N LYS G 113 -20.69 0.90 52.95
CA LYS G 113 -21.87 0.33 53.58
C LYS G 113 -23.12 1.00 53.02
N ARG G 114 -24.28 0.63 53.58
CA ARG G 114 -25.58 1.19 53.23
C ARG G 114 -26.05 0.69 51.86
N TYR G 115 -25.18 0.01 51.14
CA TYR G 115 -25.50 -0.62 49.86
C TYR G 115 -24.35 -1.54 49.51
N GLY G 116 -24.38 -2.05 48.28
CA GLY G 116 -23.31 -2.90 47.80
C GLY G 116 -23.84 -4.21 47.25
N VAL G 117 -23.10 -4.79 46.31
CA VAL G 117 -23.43 -6.07 45.72
C VAL G 117 -22.22 -6.97 45.81
N GLU G 118 -22.40 -8.18 46.33
CA GLU G 118 -21.30 -9.13 46.40
C GLU G 118 -20.76 -9.41 45.00
N HIS G 119 -19.53 -9.88 44.94
CA HIS G 119 -18.90 -10.13 43.66
C HIS G 119 -19.60 -11.28 42.94
N LYS G 120 -19.44 -11.30 41.61
CA LYS G 120 -19.91 -12.41 40.81
C LYS G 120 -19.13 -12.40 39.50
N GLU G 121 -18.41 -13.48 39.22
CA GLU G 121 -17.56 -13.51 38.05
C GLU G 121 -18.39 -13.35 36.78
N ASN G 122 -17.70 -13.05 35.69
CA ASN G 122 -18.36 -12.81 34.41
C ASN G 122 -18.84 -14.13 33.84
N LEU G 123 -20.06 -14.53 34.18
CA LEU G 123 -20.59 -15.81 33.72
C LEU G 123 -20.73 -15.80 32.20
N SER G 124 -21.66 -15.02 31.67
CA SER G 124 -21.78 -14.70 30.25
C SER G 124 -21.94 -15.94 29.37
N GLY G 125 -21.95 -17.13 29.96
CA GLY G 125 -22.10 -18.32 29.15
C GLY G 125 -22.96 -19.39 29.76
N GLU G 126 -23.37 -19.21 31.01
CA GLU G 126 -24.14 -20.24 31.72
C GLU G 126 -25.62 -19.93 31.71
N GLY G 127 -26.21 -19.94 30.52
CA GLY G 127 -27.63 -19.72 30.38
C GLY G 127 -28.02 -18.26 30.52
N GLU G 128 -29.00 -17.82 29.75
CA GLU G 128 -29.29 -16.39 29.64
C GLU G 128 -29.73 -15.78 30.97
N GLN G 129 -30.34 -16.60 31.84
CA GLN G 129 -30.88 -16.10 33.11
C GLN G 129 -29.78 -15.83 34.11
N TYR G 130 -28.71 -16.63 34.11
CA TYR G 130 -27.51 -16.22 34.84
C TYR G 130 -26.85 -15.05 34.13
N ILE G 131 -26.85 -15.11 32.80
CA ILE G 131 -26.65 -13.95 31.93
C ILE G 131 -27.88 -13.08 32.09
N TYR G 132 -27.90 -11.95 31.41
CA TYR G 132 -28.84 -10.87 31.63
C TYR G 132 -29.18 -10.25 30.27
N HIS G 133 -30.15 -9.33 30.28
CA HIS G 133 -30.63 -8.73 29.05
C HIS G 133 -31.10 -7.32 29.32
N SER G 134 -31.35 -6.58 28.24
CA SER G 134 -31.84 -5.22 28.33
C SER G 134 -33.34 -5.26 28.63
N LYS G 135 -34.00 -4.11 28.53
CA LYS G 135 -35.42 -4.04 28.82
C LYS G 135 -36.29 -4.27 27.59
N GLY G 136 -35.69 -4.53 26.44
CA GLY G 136 -36.47 -4.79 25.25
C GLY G 136 -36.19 -6.14 24.63
N HIS G 137 -35.18 -6.84 25.14
CA HIS G 137 -34.80 -8.13 24.59
C HIS G 137 -35.78 -9.20 25.05
N ALA G 138 -36.20 -10.06 24.12
CA ALA G 138 -37.30 -10.98 24.39
C ALA G 138 -36.99 -11.93 25.53
N LEU G 139 -35.72 -12.27 25.73
CA LEU G 139 -35.37 -13.21 26.79
C LEU G 139 -35.45 -12.57 28.17
N ASN G 140 -35.54 -11.25 28.24
CA ASN G 140 -35.67 -10.58 29.53
C ASN G 140 -37.10 -10.68 30.03
N PRO G 141 -37.33 -11.12 31.26
CA PRO G 141 -38.71 -11.19 31.78
C PRO G 141 -39.40 -9.83 31.84
N GLY G 142 -38.68 -8.73 31.66
CA GLY G 142 -39.30 -7.43 31.65
C GLY G 142 -39.98 -7.13 30.34
N GLN G 143 -39.20 -7.02 29.27
CA GLN G 143 -39.71 -6.77 27.92
C GLN G 143 -40.58 -5.51 27.90
N ARG G 144 -39.91 -4.38 28.10
CA ARG G 144 -40.59 -3.10 28.03
C ARG G 144 -41.12 -2.85 26.62
N ASP G 145 -41.85 -1.75 26.47
CA ASP G 145 -42.35 -1.31 25.18
C ASP G 145 -42.06 0.17 25.00
N TRP G 146 -41.57 0.54 23.83
CA TRP G 146 -41.10 1.90 23.55
C TRP G 146 -42.03 2.53 22.51
N THR G 147 -42.93 3.40 22.96
CA THR G 147 -43.87 4.01 22.05
C THR G 147 -43.90 5.52 22.14
N ARG G 148 -43.73 6.09 23.33
CA ARG G 148 -43.73 7.55 23.53
C ARG G 148 -45.08 8.18 23.18
N TYR G 149 -46.15 7.41 23.30
CA TYR G 149 -47.52 7.93 23.24
C TYR G 149 -48.43 6.87 23.85
N GLN G 150 -49.74 7.04 23.67
CA GLN G 150 -50.70 6.05 24.13
C GLN G 150 -51.77 5.89 23.07
N PRO G 151 -52.42 4.74 23.01
CA PRO G 151 -53.58 4.58 22.14
C PRO G 151 -54.83 5.16 22.80
N TRP G 152 -55.90 5.23 22.01
CA TRP G 152 -57.17 5.70 22.55
C TRP G 152 -57.75 4.68 23.53
N GLU G 153 -57.76 3.41 23.13
CA GLU G 153 -58.08 2.28 24.01
C GLU G 153 -59.45 2.47 24.69
N SER G 154 -60.48 2.46 23.85
CA SER G 154 -61.84 2.44 24.36
C SER G 154 -62.09 1.15 25.11
N LYS G 155 -63.02 1.21 26.07
CA LYS G 155 -63.40 0.05 26.87
C LYS G 155 -63.80 -1.13 25.99
N PRO H 57 -22.16 51.26 4.00
CA PRO H 57 -22.46 49.88 3.66
C PRO H 57 -22.30 48.97 4.88
N ARG H 58 -23.34 48.94 5.72
CA ARG H 58 -23.31 48.11 6.92
C ARG H 58 -24.75 47.82 7.33
N SER H 59 -25.17 46.58 7.14
CA SER H 59 -26.55 46.22 7.41
C SER H 59 -26.79 46.13 8.91
N PRO H 60 -27.95 46.58 9.39
CA PRO H 60 -28.24 46.48 10.82
C PRO H 60 -28.31 45.04 11.28
N LEU H 61 -28.29 44.86 12.60
CA LEU H 61 -28.39 43.52 13.16
C LEU H 61 -29.70 42.87 12.79
N ALA H 62 -29.63 41.66 12.24
CA ALA H 62 -30.76 40.83 11.84
C ALA H 62 -31.55 41.44 10.70
N GLY H 63 -31.18 42.62 10.22
CA GLY H 63 -32.06 43.38 9.37
C GLY H 63 -33.08 44.03 10.26
N ALA H 64 -33.25 45.34 10.16
CA ALA H 64 -34.16 46.03 11.07
C ALA H 64 -34.65 47.27 10.34
N ARG H 65 -35.87 47.19 9.83
CA ARG H 65 -36.43 48.28 9.02
C ARG H 65 -36.67 49.48 9.92
N VAL H 66 -35.74 50.44 9.90
CA VAL H 66 -35.94 51.65 10.66
C VAL H 66 -37.14 52.40 10.10
N HIS H 67 -37.70 53.28 10.93
CA HIS H 67 -38.97 53.92 10.57
C HIS H 67 -38.76 55.19 9.75
N PHE H 68 -37.99 56.14 10.28
CA PHE H 68 -37.88 57.48 9.69
C PHE H 68 -39.24 58.14 9.59
N ALA H 69 -39.84 58.42 10.75
CA ALA H 69 -41.14 59.08 10.80
C ALA H 69 -41.13 60.38 10.02
N ASN H 70 -40.09 61.19 10.21
CA ASN H 70 -39.91 62.41 9.44
C ASN H 70 -38.69 62.26 8.53
N PRO H 71 -38.83 61.57 7.40
CA PRO H 71 -37.66 61.23 6.58
C PRO H 71 -36.95 62.42 5.99
N ASP H 72 -37.43 63.65 6.21
CA ASP H 72 -36.71 64.82 5.75
C ASP H 72 -35.50 65.12 6.62
N ASP H 73 -35.55 64.77 7.91
CA ASP H 73 -34.47 65.05 8.83
C ASP H 73 -34.22 63.83 9.71
N ALA H 74 -32.94 63.57 9.99
CA ALA H 74 -32.54 62.45 10.83
C ALA H 74 -31.08 62.66 11.22
N ILE H 75 -30.78 62.50 12.50
CA ILE H 75 -29.43 62.79 13.00
C ILE H 75 -28.47 61.74 12.48
N GLU H 76 -27.18 61.98 12.66
CA GLU H 76 -26.16 60.98 12.33
C GLU H 76 -25.13 60.94 13.43
N VAL H 77 -24.73 59.73 13.83
CA VAL H 77 -23.78 59.55 14.90
C VAL H 77 -22.65 58.67 14.44
N PHE H 78 -21.48 58.84 15.06
CA PHE H 78 -20.30 58.05 14.76
C PHE H 78 -20.25 56.88 15.74
N VAL H 79 -20.47 55.67 15.24
CA VAL H 79 -20.38 54.47 16.05
C VAL H 79 -19.07 53.78 15.72
N ASP H 80 -18.14 53.80 16.67
CA ASP H 80 -16.88 53.09 16.53
C ASP H 80 -16.17 53.50 15.26
N GLY H 81 -16.20 54.80 14.95
CA GLY H 81 -15.67 55.26 13.68
C GLY H 81 -16.73 55.66 12.68
N TYR H 82 -17.01 54.79 11.72
CA TYR H 82 -17.84 55.13 10.57
C TYR H 82 -19.23 55.61 11.01
N PRO H 83 -19.86 56.48 10.22
CA PRO H 83 -21.11 57.10 10.65
C PRO H 83 -22.35 56.28 10.30
N VAL H 84 -23.45 56.61 10.98
CA VAL H 84 -24.74 55.97 10.75
C VAL H 84 -25.84 57.00 10.93
N LYS H 85 -26.93 56.83 10.19
CA LYS H 85 -28.09 57.70 10.28
C LYS H 85 -29.12 57.11 11.24
N ILE H 86 -29.83 57.99 11.92
CA ILE H 86 -30.69 57.61 13.04
C ILE H 86 -31.89 58.54 13.10
N PRO H 87 -33.08 58.05 13.44
CA PRO H 87 -34.23 58.93 13.64
C PRO H 87 -34.06 59.86 14.82
N LYS H 88 -35.08 60.67 15.12
CA LYS H 88 -34.91 61.79 16.03
C LYS H 88 -34.44 61.35 17.42
N GLY H 89 -35.27 60.56 18.10
CA GLY H 89 -34.99 60.28 19.50
C GLY H 89 -34.62 58.85 19.81
N MET H 90 -33.85 58.22 18.92
CA MET H 90 -33.49 56.84 19.13
C MET H 90 -32.36 56.73 20.13
N THR H 91 -32.33 55.62 20.87
CA THR H 91 -31.38 55.43 21.94
C THR H 91 -30.01 55.03 21.39
N VAL H 92 -28.99 55.18 22.24
CA VAL H 92 -27.63 54.80 21.86
C VAL H 92 -27.56 53.32 21.52
N LEU H 93 -28.31 52.50 22.24
CA LEU H 93 -28.27 51.06 21.98
C LEU H 93 -28.82 50.75 20.60
N GLN H 94 -29.92 51.38 20.21
CA GLN H 94 -30.45 51.12 18.88
C GLN H 94 -29.58 51.77 17.81
N ALA H 95 -28.87 52.85 18.13
CA ALA H 95 -27.92 53.42 17.18
C ALA H 95 -26.77 52.45 16.93
N CYS H 96 -26.22 51.88 17.99
CA CYS H 96 -25.19 50.86 17.83
C CYS H 96 -25.72 49.66 17.06
N GLU H 97 -26.98 49.28 17.32
CA GLU H 97 -27.57 48.18 16.59
C GLU H 97 -27.62 48.48 15.09
N VAL H 98 -28.15 49.64 14.73
CA VAL H 98 -28.19 50.05 13.33
C VAL H 98 -26.79 50.01 12.72
N ALA H 99 -25.80 50.49 13.48
CA ALA H 99 -24.43 50.45 12.97
C ALA H 99 -23.94 49.02 12.81
N GLY H 100 -24.51 48.08 13.55
CA GLY H 100 -24.19 46.68 13.34
C GLY H 100 -23.22 46.11 14.35
N VAL H 101 -23.42 46.44 15.63
CA VAL H 101 -22.63 45.87 16.71
C VAL H 101 -23.56 45.60 17.87
N ASP H 102 -23.61 44.35 18.33
CA ASP H 102 -24.45 44.00 19.46
C ASP H 102 -23.77 44.37 20.77
N ILE H 103 -24.56 44.84 21.72
CA ILE H 103 -24.07 45.27 23.02
C ILE H 103 -24.68 44.36 24.07
N PRO H 104 -23.91 43.84 25.01
CA PRO H 104 -24.46 42.89 26.00
C PRO H 104 -25.52 43.52 26.87
N ARG H 105 -26.65 42.83 27.01
CA ARG H 105 -27.77 43.34 27.78
C ARG H 105 -28.36 42.25 28.65
N PHE H 106 -28.89 42.65 29.79
CA PHE H 106 -29.76 41.78 30.59
C PHE H 106 -31.14 42.37 30.79
N CYS H 107 -31.23 43.64 31.18
CA CYS H 107 -32.50 44.22 31.61
C CYS H 107 -33.14 45.10 30.56
N TYR H 108 -32.90 44.83 29.28
CA TYR H 108 -33.48 45.62 28.20
C TYR H 108 -34.11 44.69 27.18
N HIS H 109 -35.41 44.82 26.99
CA HIS H 109 -36.13 44.05 25.99
C HIS H 109 -36.86 45.01 25.06
N SER H 110 -36.81 44.72 23.76
CA SER H 110 -37.32 45.66 22.77
C SER H 110 -38.81 45.90 22.90
N ARG H 111 -39.53 45.11 23.68
CA ARG H 111 -40.96 45.25 23.83
C ARG H 111 -41.40 45.79 25.18
N LEU H 112 -40.51 45.83 26.16
CA LEU H 112 -40.81 46.38 27.48
C LEU H 112 -40.11 47.73 27.64
N SER H 113 -40.47 48.43 28.71
CA SER H 113 -39.86 49.72 28.95
C SER H 113 -38.39 49.56 29.32
N ILE H 114 -37.68 50.66 29.28
CA ILE H 114 -36.25 50.68 29.54
C ILE H 114 -36.03 50.87 31.03
N ALA H 115 -34.92 50.33 31.53
CA ALA H 115 -34.51 50.58 32.91
C ALA H 115 -33.04 50.26 33.00
N GLY H 116 -32.22 51.27 33.33
CA GLY H 116 -30.80 51.06 33.40
C GLY H 116 -30.45 50.26 34.63
N ASN H 117 -30.83 48.99 34.63
CA ASN H 117 -30.84 48.19 35.84
C ASN H 117 -29.75 47.13 35.91
N CYS H 118 -29.44 46.45 34.79
CA CYS H 118 -28.43 45.40 34.88
C CYS H 118 -27.04 45.99 34.91
N ARG H 119 -26.84 47.11 34.22
CA ARG H 119 -25.57 47.83 34.21
C ARG H 119 -24.48 47.00 33.54
N MET H 120 -24.81 46.43 32.39
CA MET H 120 -23.87 45.63 31.59
C MET H 120 -23.66 46.17 30.19
N CYS H 121 -24.55 47.02 29.69
CA CYS H 121 -24.46 47.53 28.32
C CYS H 121 -23.57 48.75 28.21
N LEU H 122 -22.62 48.91 29.13
CA LEU H 122 -21.86 50.15 29.20
C LEU H 122 -20.96 50.31 27.98
N VAL H 123 -20.96 51.53 27.42
CA VAL H 123 -20.05 51.95 26.37
C VAL H 123 -19.54 53.33 26.75
N GLU H 124 -18.49 53.79 26.07
CA GLU H 124 -17.98 55.13 26.34
C GLU H 124 -18.35 56.02 25.16
N VAL H 125 -19.01 57.12 25.46
CA VAL H 125 -19.34 58.08 24.42
C VAL H 125 -18.39 59.26 24.59
N GLU H 126 -17.38 59.31 23.73
CA GLU H 126 -16.47 60.44 23.72
C GLU H 126 -17.23 61.73 23.48
N LYS H 127 -16.73 62.79 24.14
CA LYS H 127 -17.47 63.98 24.57
C LYS H 127 -18.43 63.65 25.71
N SER H 128 -17.89 63.03 26.78
CA SER H 128 -18.65 62.76 28.00
C SER H 128 -17.74 62.20 29.09
N PRO H 129 -18.22 62.11 30.35
CA PRO H 129 -17.44 61.43 31.40
C PRO H 129 -17.31 59.94 31.16
N LYS H 130 -16.73 59.22 32.11
CA LYS H 130 -16.18 57.89 31.88
C LYS H 130 -17.23 56.86 31.46
N PRO H 131 -18.18 56.46 32.33
CA PRO H 131 -19.10 55.39 31.93
C PRO H 131 -20.41 55.91 31.36
N VAL H 132 -21.06 55.15 30.47
CA VAL H 132 -22.39 55.51 29.98
C VAL H 132 -23.20 54.24 29.76
N ALA H 133 -24.42 54.22 30.28
CA ALA H 133 -25.35 53.14 30.01
C ALA H 133 -25.91 53.31 28.61
N SER H 134 -25.70 52.31 27.76
CA SER H 134 -26.08 52.45 26.36
C SER H 134 -27.57 52.68 26.23
N CYS H 135 -28.37 51.74 26.71
CA CYS H 135 -29.81 51.95 26.73
C CYS H 135 -30.14 53.15 27.60
N ALA H 136 -31.33 53.69 27.40
CA ALA H 136 -31.81 54.89 28.10
C ALA H 136 -30.94 56.12 27.85
N MET H 137 -30.00 56.05 26.92
CA MET H 137 -29.16 57.20 26.57
C MET H 137 -29.61 57.73 25.22
N PRO H 138 -30.36 58.82 25.17
CA PRO H 138 -30.86 59.31 23.87
C PRO H 138 -29.71 59.84 23.02
N ALA H 139 -29.61 59.34 21.80
CA ALA H 139 -28.51 59.71 20.93
C ALA H 139 -28.52 61.21 20.65
N LEU H 140 -27.33 61.77 20.48
CA LEU H 140 -27.16 63.17 20.16
C LEU H 140 -26.39 63.32 18.84
N PRO H 141 -26.64 64.38 18.10
CA PRO H 141 -26.00 64.50 16.78
C PRO H 141 -24.51 64.73 16.87
N GLY H 142 -23.72 63.71 16.56
CA GLY H 142 -22.28 63.81 16.51
C GLY H 142 -21.53 63.20 17.67
N MET H 143 -22.21 62.63 18.66
CA MET H 143 -21.52 62.04 19.80
C MET H 143 -20.63 60.90 19.33
N LYS H 144 -19.47 60.73 19.99
CA LYS H 144 -18.48 59.79 19.48
C LYS H 144 -18.57 58.47 20.24
N ILE H 145 -19.51 57.62 19.84
CA ILE H 145 -19.71 56.35 20.53
C ILE H 145 -18.48 55.48 20.36
N LYS H 146 -18.21 54.64 21.36
CA LYS H 146 -17.11 53.70 21.31
C LYS H 146 -17.46 52.51 22.20
N THR H 147 -17.31 51.31 21.65
CA THR H 147 -17.75 50.08 22.30
C THR H 147 -16.62 49.15 22.69
N ASP H 148 -15.48 49.20 22.01
CA ASP H 148 -14.41 48.24 22.22
C ASP H 148 -13.15 48.93 22.72
N THR H 149 -13.30 49.81 23.66
CA THR H 149 -12.20 50.51 24.31
C THR H 149 -11.93 49.89 25.67
N PRO H 150 -10.67 49.89 26.13
CA PRO H 150 -10.36 49.33 27.46
C PRO H 150 -11.32 49.73 28.56
N VAL H 151 -11.82 50.97 28.52
CA VAL H 151 -12.81 51.40 29.51
C VAL H 151 -14.04 50.50 29.47
N ALA H 152 -14.64 50.33 28.30
CA ALA H 152 -15.84 49.50 28.20
C ALA H 152 -15.53 48.06 28.52
N LYS H 153 -14.39 47.55 28.05
CA LYS H 153 -14.05 46.16 28.32
C LYS H 153 -13.94 45.92 29.82
N LYS H 154 -13.26 46.81 30.54
CA LYS H 154 -13.11 46.61 31.98
C LYS H 154 -14.43 46.79 32.70
N ALA H 155 -15.28 47.71 32.23
CA ALA H 155 -16.60 47.86 32.83
C ALA H 155 -17.37 46.55 32.75
N ARG H 156 -17.43 45.95 31.56
CA ARG H 156 -18.13 44.69 31.40
C ARG H 156 -17.51 43.60 32.27
N GLU H 157 -16.18 43.53 32.29
CA GLU H 157 -15.52 42.49 33.09
C GLU H 157 -15.91 42.60 34.55
N GLY H 158 -15.90 43.82 35.10
CA GLY H 158 -16.23 43.99 36.50
C GLY H 158 -17.69 43.64 36.80
N VAL H 159 -18.61 44.09 35.95
CA VAL H 159 -20.01 43.82 36.22
C VAL H 159 -20.28 42.32 36.19
N MET H 160 -19.75 41.63 35.17
CA MET H 160 -19.90 40.19 35.13
C MET H 160 -19.26 39.53 36.35
N GLU H 161 -18.15 40.10 36.82
CA GLU H 161 -17.52 39.58 38.02
C GLU H 161 -18.48 39.64 39.20
N PHE H 162 -19.20 40.74 39.34
CA PHE H 162 -20.11 40.88 40.50
C PHE H 162 -21.28 39.91 40.40
N LEU H 163 -21.88 39.82 39.22
CA LEU H 163 -22.99 38.89 39.01
C LEU H 163 -22.56 37.47 39.37
N LEU H 164 -21.54 36.97 38.69
CA LEU H 164 -21.08 35.62 38.96
C LEU H 164 -20.52 35.46 40.36
N MET H 165 -20.14 36.55 41.02
CA MET H 165 -19.78 36.45 42.43
C MET H 165 -20.98 35.99 43.23
N ASN H 166 -22.03 36.82 43.28
CA ASN H 166 -23.17 36.38 44.08
C ASN H 166 -24.24 35.68 43.25
N HIS H 167 -23.82 34.76 42.39
CA HIS H 167 -24.73 33.82 41.74
C HIS H 167 -24.62 32.45 42.38
N PRO H 168 -25.64 31.60 42.24
CA PRO H 168 -25.48 30.20 42.65
C PRO H 168 -24.56 29.47 41.70
N LEU H 169 -24.30 28.18 41.96
CA LEU H 169 -23.27 27.45 41.24
C LEU H 169 -23.85 26.16 40.70
N ASP H 170 -25.11 26.17 40.29
CA ASP H 170 -25.80 24.95 39.95
C ASP H 170 -26.18 24.91 38.48
N CYS H 171 -25.26 25.31 37.60
CA CYS H 171 -25.53 25.18 36.17
C CYS H 171 -25.85 23.74 35.75
N PRO H 172 -25.08 22.73 36.10
CA PRO H 172 -25.35 21.40 35.57
C PRO H 172 -26.67 20.78 36.00
N ILE H 173 -27.51 21.48 36.77
CA ILE H 173 -28.87 21.00 37.01
C ILE H 173 -29.86 22.05 36.58
N CYS H 174 -29.41 23.29 36.53
CA CYS H 174 -30.28 24.41 36.17
C CYS H 174 -30.47 24.40 34.67
N ASP H 175 -31.62 23.95 34.20
CA ASP H 175 -31.92 24.06 32.79
C ASP H 175 -31.88 25.52 32.38
N GLN H 176 -31.90 25.75 31.08
CA GLN H 176 -31.39 26.96 30.44
C GLN H 176 -29.87 27.00 30.53
N GLY H 177 -29.23 25.90 30.91
CA GLY H 177 -27.79 25.83 30.84
C GLY H 177 -27.35 25.37 29.48
N GLY H 178 -26.96 26.30 28.63
CA GLY H 178 -26.72 26.01 27.23
C GLY H 178 -27.50 27.00 26.40
N GLU H 179 -28.44 27.67 27.06
CA GLU H 179 -29.20 28.76 26.49
C GLU H 179 -29.01 30.07 27.23
N CYS H 180 -28.38 30.05 28.40
CA CYS H 180 -28.42 31.20 29.30
C CYS H 180 -27.68 32.40 28.72
N ASP H 181 -28.36 33.55 28.71
CA ASP H 181 -27.65 34.79 28.43
C ASP H 181 -26.46 34.93 29.36
N LEU H 182 -26.71 35.07 30.68
CA LEU H 182 -25.63 35.27 31.64
C LEU H 182 -24.44 34.36 31.35
N GLN H 183 -24.72 33.11 31.03
CA GLN H 183 -23.64 32.18 30.68
C GLN H 183 -22.88 32.64 29.45
N ASP H 184 -23.58 32.86 28.34
CA ASP H 184 -22.88 33.23 27.10
C ASP H 184 -22.21 34.59 27.23
N GLN H 185 -22.88 35.54 27.88
CA GLN H 185 -22.30 36.86 28.08
C GLN H 185 -21.02 36.78 28.90
N SER H 186 -21.00 35.93 29.93
CA SER H 186 -19.77 35.76 30.69
C SER H 186 -18.68 35.12 29.85
N MET H 187 -19.04 34.07 29.10
CA MET H 187 -18.02 33.35 28.35
C MET H 187 -17.42 34.23 27.26
N ALA H 188 -18.21 35.14 26.70
CA ALA H 188 -17.74 35.94 25.57
C ALA H 188 -17.16 37.29 25.97
N PHE H 189 -17.65 37.89 27.05
CA PHE H 189 -17.24 39.24 27.43
C PHE H 189 -16.58 39.34 28.80
N GLY H 190 -16.83 38.39 29.70
CA GLY H 190 -16.31 38.48 31.05
C GLY H 190 -14.95 37.83 31.18
N SER H 191 -14.46 37.81 32.42
CA SER H 191 -13.13 37.31 32.72
C SER H 191 -13.12 35.79 32.70
N ASP H 192 -12.03 35.20 33.16
CA ASP H 192 -11.89 33.75 33.18
C ASP H 192 -11.64 33.18 34.56
N ARG H 193 -11.34 34.02 35.56
CA ARG H 193 -11.07 33.54 36.90
C ARG H 193 -11.89 34.34 37.89
N GLY H 194 -12.41 33.65 38.90
CA GLY H 194 -13.13 34.28 39.99
C GLY H 194 -12.25 34.32 41.23
N ARG H 195 -12.39 35.38 42.02
CA ARG H 195 -11.65 35.52 43.27
C ARG H 195 -12.68 35.76 44.37
N PHE H 196 -13.19 34.67 44.94
CA PHE H 196 -14.22 34.78 45.97
C PHE H 196 -14.32 33.46 46.70
N THR H 197 -14.41 33.51 48.02
CA THR H 197 -14.44 32.29 48.83
C THR H 197 -15.60 32.30 49.83
N GLU H 198 -15.99 33.47 50.32
CA GLU H 198 -16.93 33.54 51.43
C GLU H 198 -18.30 33.01 51.02
N VAL H 199 -19.18 32.89 52.01
CA VAL H 199 -20.49 32.28 51.79
C VAL H 199 -21.36 33.22 50.97
N LYS H 200 -22.12 32.66 50.04
CA LYS H 200 -23.02 33.42 49.19
C LYS H 200 -24.33 33.65 49.93
N ARG H 201 -25.34 34.14 49.22
CA ARG H 201 -26.68 34.27 49.76
C ARG H 201 -27.63 33.37 49.00
N SER H 202 -28.56 32.76 49.74
CA SER H 202 -29.51 31.85 49.14
C SER H 202 -30.89 32.15 49.69
N VAL H 203 -31.90 32.03 48.83
CA VAL H 203 -33.28 32.24 49.22
C VAL H 203 -34.07 30.98 48.90
N VAL H 204 -35.29 30.93 49.39
CA VAL H 204 -36.14 29.77 49.22
C VAL H 204 -36.85 29.87 47.88
N ASP H 205 -37.04 28.73 47.23
CA ASP H 205 -37.71 28.69 45.95
C ASP H 205 -39.19 29.03 46.11
N LYS H 206 -39.88 29.20 44.97
CA LYS H 206 -41.28 29.60 45.01
C LYS H 206 -42.09 28.90 43.93
N ASN H 207 -43.37 28.76 44.23
CA ASN H 207 -44.37 28.17 43.35
C ASN H 207 -45.29 29.26 42.82
N LEU H 208 -45.59 29.18 41.53
CA LEU H 208 -46.46 30.14 40.86
C LEU H 208 -47.44 29.41 39.98
N GLY H 209 -48.08 28.38 40.52
CA GLY H 209 -48.99 27.56 39.75
C GLY H 209 -48.25 26.52 38.97
N PRO H 210 -48.97 25.63 38.31
CA PRO H 210 -48.31 24.55 37.58
C PRO H 210 -47.86 24.97 36.19
N LEU H 211 -47.28 26.14 36.08
CA LEU H 211 -46.73 26.55 34.80
C LEU H 211 -45.32 27.11 34.91
N VAL H 212 -45.03 27.87 35.95
CA VAL H 212 -43.78 28.61 36.07
C VAL H 212 -43.23 28.32 37.46
N LYS H 213 -42.36 27.33 37.57
CA LYS H 213 -41.70 27.07 38.83
C LYS H 213 -40.46 27.92 38.94
N THR H 214 -40.12 28.39 40.15
CA THR H 214 -38.94 29.22 40.26
C THR H 214 -38.04 28.75 41.37
N VAL H 215 -36.75 28.61 41.04
CA VAL H 215 -35.70 28.46 42.03
C VAL H 215 -35.10 29.85 42.16
N MET H 216 -35.61 30.63 43.09
CA MET H 216 -35.20 32.02 43.15
C MET H 216 -33.83 32.19 43.67
N THR H 217 -33.02 31.16 43.85
CA THR H 217 -31.64 31.37 44.26
C THR H 217 -30.90 32.26 43.27
N ARG H 218 -31.37 32.35 42.02
CA ARG H 218 -30.64 33.02 40.96
C ARG H 218 -31.43 34.18 40.36
N CYS H 219 -32.21 34.88 41.19
CA CYS H 219 -32.97 36.04 40.73
C CYS H 219 -32.05 37.25 40.79
N ILE H 220 -31.47 37.63 39.65
CA ILE H 220 -30.37 38.59 39.64
C ILE H 220 -30.88 40.02 39.67
N GLN H 221 -32.18 40.19 39.96
CA GLN H 221 -32.79 41.51 40.13
C GLN H 221 -32.66 42.34 38.85
N CYS H 222 -33.34 41.84 37.82
CA CYS H 222 -33.45 42.53 36.54
C CYS H 222 -34.76 43.26 36.37
N THR H 223 -35.83 42.81 37.03
CA THR H 223 -37.17 43.36 36.92
C THR H 223 -37.75 43.23 35.51
N ARG H 224 -37.19 42.35 34.68
CA ARG H 224 -37.85 42.04 33.41
C ARG H 224 -39.24 41.47 33.65
N CYS H 225 -39.33 40.48 34.53
CA CYS H 225 -40.63 39.87 34.80
C CYS H 225 -41.60 40.87 35.38
N VAL H 226 -41.12 41.74 36.26
CA VAL H 226 -42.00 42.74 36.87
C VAL H 226 -42.53 43.69 35.81
N ARG H 227 -41.64 44.21 34.96
CA ARG H 227 -42.07 45.15 33.93
C ARG H 227 -43.02 44.48 32.94
N PHE H 228 -42.75 43.23 32.59
CA PHE H 228 -43.68 42.51 31.71
C PHE H 228 -45.04 42.37 32.37
N ALA H 229 -45.07 41.80 33.57
CA ALA H 229 -46.33 41.55 34.25
C ALA H 229 -47.12 42.81 34.50
N THR H 230 -46.47 43.98 34.57
CA THR H 230 -47.23 45.20 34.78
C THR H 230 -47.55 45.95 33.50
N GLU H 231 -46.89 45.66 32.39
CA GLU H 231 -47.17 46.37 31.14
C GLU H 231 -47.93 45.52 30.13
N VAL H 232 -47.44 44.34 29.80
CA VAL H 232 -48.05 43.57 28.73
C VAL H 232 -49.11 42.61 29.26
N ALA H 233 -48.82 41.91 30.36
CA ALA H 233 -49.76 40.94 30.89
C ALA H 233 -51.07 41.61 31.29
N GLY H 234 -51.00 42.57 32.20
CA GLY H 234 -52.16 43.32 32.65
C GLY H 234 -52.47 43.14 34.11
N VAL H 235 -52.12 41.99 34.67
CA VAL H 235 -52.38 41.70 36.08
C VAL H 235 -51.13 42.01 36.87
N GLN H 236 -51.28 42.79 37.95
CA GLN H 236 -50.15 43.23 38.76
C GLN H 236 -50.08 42.33 39.99
N ASP H 237 -49.32 41.25 39.88
CA ASP H 237 -49.08 40.37 41.01
C ASP H 237 -47.61 40.28 41.36
N LEU H 238 -46.74 40.06 40.38
CA LEU H 238 -45.31 39.99 40.66
C LEU H 238 -44.76 41.35 41.06
N GLY H 239 -43.80 41.35 41.97
CA GLY H 239 -43.22 42.59 42.45
C GLY H 239 -41.94 42.33 43.20
N MET H 240 -41.01 43.27 43.10
CA MET H 240 -39.69 43.13 43.71
C MET H 240 -39.71 43.72 45.11
N LEU H 241 -39.47 42.89 46.12
CA LEU H 241 -39.58 43.33 47.50
C LEU H 241 -38.36 42.88 48.28
N GLY H 242 -37.98 43.72 49.25
CA GLY H 242 -36.77 43.50 50.02
C GLY H 242 -35.83 44.68 49.94
N ARG H 243 -34.54 44.46 50.23
CA ARG H 243 -33.55 45.53 50.16
C ARG H 243 -32.17 44.91 50.03
N GLY H 244 -31.26 45.67 49.43
CA GLY H 244 -29.88 45.26 49.34
C GLY H 244 -29.72 43.90 48.71
N SER H 245 -28.72 43.16 49.20
CA SER H 245 -28.52 41.80 48.72
C SER H 245 -29.74 40.93 49.01
N GLY H 246 -30.49 41.25 50.06
CA GLY H 246 -31.66 40.49 50.41
C GLY H 246 -32.89 41.02 49.71
N GLU H 247 -32.98 40.76 48.41
CA GLU H 247 -34.05 41.33 47.59
C GLU H 247 -34.63 40.21 46.75
N GLU H 248 -35.88 39.85 47.01
CA GLU H 248 -36.50 38.76 46.29
C GLU H 248 -37.59 39.30 45.36
N ILE H 249 -38.00 38.46 44.43
CA ILE H 249 -39.14 38.73 43.56
C ILE H 249 -40.17 37.65 43.81
N GLY H 250 -41.31 38.04 44.36
CA GLY H 250 -42.35 37.08 44.61
C GLY H 250 -43.59 37.69 45.23
N THR H 251 -44.76 37.26 44.75
CA THR H 251 -46.01 37.67 45.35
C THR H 251 -45.97 37.41 46.85
N TYR H 252 -46.36 38.42 47.62
CA TYR H 252 -46.17 38.41 49.07
C TYR H 252 -47.16 37.53 49.80
N VAL H 253 -48.21 37.05 49.15
CA VAL H 253 -49.26 36.32 49.84
C VAL H 253 -49.39 34.95 49.18
N GLU H 254 -48.26 34.43 48.69
CA GLU H 254 -48.13 33.10 48.09
C GLU H 254 -49.28 32.75 47.15
N LYS H 255 -49.82 33.73 46.45
CA LYS H 255 -50.87 33.48 45.48
C LYS H 255 -50.27 32.91 44.19
N LEU H 256 -51.13 32.54 43.26
CA LEU H 256 -50.73 32.05 41.95
C LEU H 256 -50.87 33.19 40.95
N LEU H 257 -50.67 32.90 39.67
CA LEU H 257 -50.78 33.89 38.60
C LEU H 257 -51.85 33.47 37.60
N THR H 258 -53.07 33.95 37.81
CA THR H 258 -54.22 33.56 37.00
C THR H 258 -54.31 34.43 35.74
N SER H 259 -53.28 34.35 34.92
CA SER H 259 -53.30 35.06 33.65
C SER H 259 -52.56 34.25 32.61
N GLU H 260 -52.83 34.55 31.35
CA GLU H 260 -52.05 33.99 30.26
C GLU H 260 -50.78 34.82 30.10
N LEU H 261 -49.98 34.47 29.10
CA LEU H 261 -48.67 35.05 28.82
C LEU H 261 -47.63 34.74 29.90
N SER H 262 -47.93 33.85 30.83
CA SER H 262 -46.92 33.45 31.79
C SER H 262 -45.81 32.62 31.15
N GLY H 263 -46.16 31.84 30.13
CA GLY H 263 -45.10 31.27 29.30
C GLY H 263 -44.23 32.34 28.70
N ASN H 264 -44.83 33.47 28.33
CA ASN H 264 -44.02 34.58 27.88
C ASN H 264 -43.14 35.09 29.01
N VAL H 265 -43.59 34.99 30.25
CA VAL H 265 -42.71 35.34 31.37
C VAL H 265 -41.49 34.44 31.40
N ILE H 266 -41.71 33.13 31.21
CA ILE H 266 -40.58 32.21 31.31
C ILE H 266 -39.63 32.39 30.13
N ASP H 267 -40.12 32.90 29.01
CA ASP H 267 -39.23 33.22 27.90
C ASP H 267 -38.49 34.52 28.16
N ILE H 268 -39.16 35.49 28.78
CA ILE H 268 -38.54 36.79 29.07
C ILE H 268 -37.36 36.61 30.01
N CYS H 269 -37.61 35.99 31.17
CA CYS H 269 -36.62 35.86 32.23
C CYS H 269 -35.36 35.14 31.75
N PRO H 270 -34.24 35.88 31.53
CA PRO H 270 -33.08 35.26 30.89
C PRO H 270 -32.41 34.15 31.68
N VAL H 271 -31.99 34.42 32.91
CA VAL H 271 -31.34 33.36 33.67
C VAL H 271 -32.37 32.33 34.09
N GLY H 272 -31.94 31.09 34.21
CA GLY H 272 -32.87 30.00 34.38
C GLY H 272 -33.44 29.87 35.78
N ALA H 273 -34.29 30.81 36.17
CA ALA H 273 -34.99 30.70 37.44
C ALA H 273 -36.48 30.44 37.24
N LEU H 274 -37.17 31.29 36.48
CA LEU H 274 -38.56 31.02 36.13
C LEU H 274 -38.56 30.07 34.94
N THR H 275 -38.98 28.83 35.15
CA THR H 275 -38.94 27.84 34.10
C THR H 275 -40.23 27.04 34.05
N SER H 276 -40.59 26.58 32.85
CA SER H 276 -41.80 25.81 32.66
C SER H 276 -41.73 24.52 33.46
N LYS H 277 -42.75 24.31 34.30
CA LYS H 277 -42.80 23.07 35.07
C LYS H 277 -42.92 21.85 34.18
N PRO H 278 -43.89 21.75 33.25
CA PRO H 278 -44.03 20.52 32.46
C PRO H 278 -42.86 20.25 31.53
N PHE H 279 -41.86 21.11 31.50
CA PHE H 279 -40.63 20.86 30.76
C PHE H 279 -39.48 20.92 31.76
N ALA H 280 -39.65 20.24 32.89
CA ALA H 280 -38.75 20.42 34.02
C ALA H 280 -37.30 20.13 33.67
N PHE H 281 -36.98 18.87 33.36
CA PHE H 281 -35.61 18.51 33.09
C PHE H 281 -35.51 17.56 31.91
N LYS H 282 -36.38 17.71 30.93
CA LYS H 282 -36.50 16.71 29.89
C LYS H 282 -35.38 16.80 28.86
N ALA H 283 -34.82 17.98 28.63
CA ALA H 283 -33.77 18.11 27.62
C ALA H 283 -33.11 19.46 27.73
N ARG H 284 -31.85 19.52 27.29
CA ARG H 284 -31.18 20.79 27.06
C ARG H 284 -31.60 21.30 25.70
N ASN H 285 -31.06 22.44 25.27
CA ASN H 285 -31.44 22.98 23.98
C ASN H 285 -30.64 22.38 22.84
N TRP H 286 -29.36 22.07 23.07
CA TRP H 286 -28.51 21.60 21.98
C TRP H 286 -28.90 20.22 21.48
N GLU H 287 -29.95 19.61 22.03
CA GLU H 287 -30.28 18.22 21.73
C GLU H 287 -31.37 18.08 20.70
N LEU H 288 -32.23 19.06 20.55
CA LEU H 288 -33.48 18.92 19.81
C LEU H 288 -33.56 19.94 18.69
N LYS H 289 -34.28 19.58 17.62
CA LYS H 289 -34.37 20.39 16.43
C LYS H 289 -35.67 21.17 16.39
N GLY H 290 -35.63 22.36 15.78
CA GLY H 290 -36.76 23.26 15.74
C GLY H 290 -37.30 23.42 14.33
N THR H 291 -38.60 23.28 14.19
CA THR H 291 -39.29 23.51 12.93
C THR H 291 -40.24 24.69 13.10
N GLU H 292 -40.21 25.63 12.16
CA GLU H 292 -40.96 26.87 12.28
C GLU H 292 -42.34 26.68 11.67
N THR H 293 -43.36 26.66 12.52
CA THR H 293 -44.73 26.46 12.05
C THR H 293 -45.65 27.56 12.55
N ILE H 294 -46.95 27.37 12.34
CA ILE H 294 -47.95 28.31 12.81
C ILE H 294 -48.81 27.61 13.85
N ASP H 295 -49.80 28.32 14.37
CA ASP H 295 -50.68 27.82 15.40
C ASP H 295 -52.08 27.58 14.86
N VAL H 296 -52.75 26.59 15.43
CA VAL H 296 -54.11 26.26 15.05
C VAL H 296 -55.08 26.31 16.21
N THR H 297 -54.61 26.32 17.45
CA THR H 297 -55.51 26.42 18.58
C THR H 297 -56.23 27.76 18.58
N ASP H 298 -55.46 28.85 18.64
CA ASP H 298 -56.04 30.18 18.62
C ASP H 298 -56.57 30.47 17.22
N ALA H 299 -57.04 31.70 17.01
CA ALA H 299 -57.45 32.12 15.69
C ALA H 299 -56.47 33.07 15.02
N VAL H 300 -55.57 33.70 15.78
CA VAL H 300 -54.62 34.62 15.19
C VAL H 300 -53.61 33.91 14.30
N GLY H 301 -53.46 32.60 14.45
CA GLY H 301 -52.41 31.92 13.74
C GLY H 301 -51.06 32.46 14.15
N SER H 302 -50.68 32.24 15.41
CA SER H 302 -49.40 32.69 15.90
C SER H 302 -48.27 31.95 15.22
N ASN H 303 -47.15 32.62 15.05
CA ASN H 303 -45.95 32.01 14.49
C ASN H 303 -45.11 31.44 15.62
N ILE H 304 -44.87 30.13 15.60
CA ILE H 304 -44.16 29.47 16.68
C ILE H 304 -43.11 28.54 16.08
N ARG H 305 -42.31 27.94 16.96
CA ARG H 305 -41.25 27.03 16.59
C ARG H 305 -41.38 25.82 17.49
N ILE H 306 -41.59 24.66 16.89
CA ILE H 306 -41.77 23.41 17.61
C ILE H 306 -40.39 22.80 17.79
N ASP H 307 -39.94 22.71 19.04
CA ASP H 307 -38.69 22.06 19.40
C ASP H 307 -39.00 20.61 19.73
N SER H 308 -38.50 19.69 18.91
CA SER H 308 -38.80 18.28 19.01
C SER H 308 -37.53 17.45 18.96
N ARG H 309 -37.60 16.28 19.59
CA ARG H 309 -36.51 15.30 19.59
C ARG H 309 -37.07 13.95 19.19
N GLY H 310 -36.51 13.36 18.14
CA GLY H 310 -37.02 12.10 17.64
C GLY H 310 -38.46 12.22 17.21
N PRO H 311 -39.27 11.25 17.56
CA PRO H 311 -40.69 11.32 17.23
C PRO H 311 -41.52 11.99 18.32
N GLU H 312 -40.88 12.70 19.23
CA GLU H 312 -41.55 13.32 20.36
C GLU H 312 -41.31 14.83 20.32
N VAL H 313 -42.38 15.61 20.51
CA VAL H 313 -42.27 17.06 20.61
C VAL H 313 -41.99 17.42 22.06
N MET H 314 -40.94 18.21 22.28
CA MET H 314 -40.59 18.54 23.65
C MET H 314 -41.22 19.86 24.10
N ARG H 315 -41.17 20.90 23.27
CA ARG H 315 -41.75 22.17 23.66
C ARG H 315 -42.03 23.00 22.42
N ILE H 316 -42.67 24.15 22.62
CA ILE H 316 -42.87 25.12 21.55
C ILE H 316 -42.53 26.49 22.10
N VAL H 317 -41.95 27.35 21.25
CA VAL H 317 -41.55 28.69 21.68
C VAL H 317 -41.87 29.68 20.59
N PRO H 318 -42.16 30.92 20.97
CA PRO H 318 -42.51 31.92 19.96
C PRO H 318 -41.34 32.23 19.06
N ARG H 319 -41.66 32.77 17.89
CA ARG H 319 -40.65 33.28 16.98
C ARG H 319 -41.12 34.62 16.45
N LEU H 320 -40.17 35.53 16.26
CA LEU H 320 -40.51 36.90 15.95
C LEU H 320 -41.35 37.01 14.70
N ASN H 321 -42.43 37.77 14.79
CA ASN H 321 -43.24 38.12 13.62
C ASN H 321 -43.93 39.44 13.94
N GLU H 322 -43.39 40.54 13.43
CA GLU H 322 -43.91 41.84 13.81
C GLU H 322 -45.13 42.21 12.99
N ASP H 323 -46.06 41.25 12.83
CA ASP H 323 -47.33 41.53 12.20
C ASP H 323 -48.52 40.84 12.84
N ILE H 324 -48.32 39.75 13.58
CA ILE H 324 -49.43 38.97 14.12
C ILE H 324 -49.31 38.89 15.63
N ASN H 325 -48.26 38.24 16.11
CA ASN H 325 -47.90 38.26 17.51
C ASN H 325 -46.46 38.72 17.60
N GLU H 326 -46.21 39.78 18.36
CA GLU H 326 -44.91 40.44 18.31
C GLU H 326 -43.79 39.46 18.61
N GLU H 327 -43.69 39.04 19.86
CA GLU H 327 -42.79 37.94 20.18
C GLU H 327 -43.41 37.04 21.25
N TRP H 328 -44.71 37.11 21.46
CA TRP H 328 -45.38 36.48 22.58
C TRP H 328 -46.14 35.24 22.12
N ILE H 329 -46.73 34.57 23.09
CA ILE H 329 -47.55 33.38 22.90
C ILE H 329 -48.58 33.28 24.01
N SER H 330 -49.83 33.05 23.65
CA SER H 330 -50.87 32.87 24.64
C SER H 330 -50.65 31.58 25.41
N ASP H 331 -51.01 31.62 26.69
CA ASP H 331 -50.70 30.51 27.59
C ASP H 331 -51.30 29.19 27.14
N LYS H 332 -52.38 29.24 26.37
CA LYS H 332 -53.01 28.00 25.92
C LYS H 332 -52.08 27.20 25.02
N THR H 333 -51.37 27.89 24.13
CA THR H 333 -50.70 27.17 23.06
C THR H 333 -49.38 26.58 23.52
N ARG H 334 -48.61 27.34 24.30
CA ARG H 334 -47.30 26.86 24.76
C ARG H 334 -47.41 25.51 25.45
N PHE H 335 -48.51 25.24 26.14
CA PHE H 335 -48.74 23.94 26.76
C PHE H 335 -49.97 23.33 26.09
N CYS H 336 -49.76 22.78 24.90
CA CYS H 336 -50.82 22.08 24.19
C CYS H 336 -50.28 20.84 23.49
N TYR H 337 -49.04 20.46 23.75
CA TYR H 337 -48.40 19.34 23.07
C TYR H 337 -48.47 18.05 23.88
N ASP H 338 -48.44 18.14 25.20
CA ASP H 338 -48.37 16.95 26.04
C ASP H 338 -49.46 15.97 25.68
N GLY H 339 -50.67 16.45 25.41
CA GLY H 339 -51.75 15.55 25.06
C GLY H 339 -51.72 15.11 23.63
N LEU H 340 -51.30 15.99 22.73
CA LEU H 340 -50.95 15.58 21.37
C LEU H 340 -50.10 14.34 21.38
N LYS H 341 -49.25 14.18 22.39
CA LYS H 341 -48.57 12.91 22.61
C LYS H 341 -49.45 11.93 23.38
N ARG H 342 -50.18 12.41 24.38
CA ARG H 342 -50.81 11.54 25.37
C ARG H 342 -51.93 10.69 24.80
N GLN H 343 -53.01 11.29 24.32
CA GLN H 343 -54.12 10.51 23.83
C GLN H 343 -54.10 10.52 22.31
N ARG H 344 -54.49 9.40 21.71
CA ARG H 344 -54.30 9.27 20.28
C ARG H 344 -55.00 8.02 19.79
N LEU H 345 -55.43 8.06 18.54
CA LEU H 345 -55.98 6.89 17.86
C LEU H 345 -55.19 6.67 16.59
N ASN H 346 -54.74 5.44 16.38
CA ASN H 346 -53.73 5.15 15.37
C ASN H 346 -54.06 3.87 14.62
N ASP H 347 -55.32 3.66 14.28
CA ASP H 347 -55.73 2.50 13.50
C ASP H 347 -57.16 2.70 13.00
N PRO H 348 -57.43 2.42 11.73
CA PRO H 348 -58.81 2.52 11.23
C PRO H 348 -59.70 1.49 11.92
N MET H 349 -60.80 1.94 12.49
CA MET H 349 -61.61 1.09 13.34
C MET H 349 -63.04 1.01 12.83
N ILE H 350 -63.65 -0.15 13.05
CA ILE H 350 -65.02 -0.41 12.62
C ILE H 350 -65.82 -0.86 13.82
N ARG H 351 -67.05 -0.37 13.94
CA ARG H 351 -67.91 -0.71 15.07
C ARG H 351 -68.55 -2.06 14.85
N GLY H 352 -68.14 -3.04 15.63
CA GLY H 352 -68.75 -4.34 15.66
C GLY H 352 -70.08 -4.31 16.38
N PRO H 353 -71.05 -5.06 15.86
CA PRO H 353 -72.46 -4.89 16.26
C PRO H 353 -72.71 -5.07 17.75
N ASP H 354 -71.77 -5.62 18.50
CA ASP H 354 -71.87 -5.58 19.95
C ASP H 354 -71.53 -4.22 20.51
N GLY H 355 -71.48 -3.20 19.67
CA GLY H 355 -71.11 -1.87 20.09
C GLY H 355 -69.64 -1.68 20.37
N ARG H 356 -68.80 -2.56 19.85
CA ARG H 356 -67.37 -2.50 20.17
C ARG H 356 -66.61 -1.98 18.94
N PHE H 357 -65.29 -1.93 19.06
CA PHE H 357 -64.45 -1.44 17.98
C PHE H 357 -63.40 -2.48 17.64
N LYS H 358 -63.20 -2.73 16.35
CA LYS H 358 -62.18 -3.66 15.88
C LYS H 358 -61.29 -2.95 14.88
N ALA H 359 -60.00 -3.30 14.90
CA ALA H 359 -59.03 -2.68 14.01
C ALA H 359 -59.02 -3.41 12.67
N VAL H 360 -59.29 -2.68 11.59
CA VAL H 360 -59.45 -3.28 10.28
C VAL H 360 -58.41 -2.67 9.35
N ASN H 361 -58.37 -3.10 8.10
CA ASN H 361 -57.45 -2.55 7.12
C ASN H 361 -58.12 -1.44 6.32
N TRP H 362 -57.27 -0.60 5.73
CA TRP H 362 -57.76 0.54 4.96
C TRP H 362 -58.64 0.11 3.81
N ARG H 363 -58.24 -0.97 3.12
CA ARG H 363 -59.07 -1.51 2.06
C ARG H 363 -60.49 -1.74 2.54
N ASP H 364 -60.64 -2.50 3.63
CA ASP H 364 -61.97 -2.85 4.10
C ASP H 364 -62.74 -1.63 4.58
N ALA H 365 -62.06 -0.73 5.31
CA ALA H 365 -62.75 0.45 5.83
C ALA H 365 -63.29 1.32 4.70
N LEU H 366 -62.43 1.67 3.75
CA LEU H 366 -62.88 2.49 2.64
C LEU H 366 -63.96 1.77 1.84
N SER H 367 -63.85 0.46 1.68
CA SER H 367 -64.84 -0.27 0.91
C SER H 367 -66.21 -0.18 1.58
N VAL H 368 -66.26 -0.42 2.89
CA VAL H 368 -67.57 -0.43 3.56
C VAL H 368 -68.18 0.97 3.56
N ILE H 369 -67.36 2.01 3.79
CA ILE H 369 -67.94 3.34 3.84
C ILE H 369 -68.44 3.76 2.46
N ALA H 370 -67.65 3.50 1.41
CA ALA H 370 -68.10 3.85 0.06
C ALA H 370 -69.35 3.05 -0.32
N ASP H 371 -69.39 1.77 0.06
CA ASP H 371 -70.55 0.95 -0.25
C ASP H 371 -71.80 1.53 0.36
N ILE H 372 -71.78 1.83 1.67
CA ILE H 372 -73.00 2.31 2.30
C ILE H 372 -73.39 3.67 1.75
N ALA H 373 -72.39 4.52 1.46
CA ALA H 373 -72.65 5.83 0.87
C ALA H 373 -73.44 5.69 -0.43
N HIS H 374 -72.89 4.94 -1.39
CA HIS H 374 -73.64 4.69 -2.61
C HIS H 374 -74.97 4.01 -2.32
N GLN H 375 -75.02 3.20 -1.27
CA GLN H 375 -76.18 2.35 -1.04
C GLN H 375 -77.43 3.16 -0.77
N VAL H 376 -77.42 3.97 0.29
CA VAL H 376 -78.71 4.44 0.77
C VAL H 376 -79.02 5.87 0.36
N LYS H 377 -78.18 6.80 0.76
CA LYS H 377 -78.56 8.20 0.91
C LYS H 377 -78.72 8.90 -0.44
N PRO H 378 -79.92 9.25 -0.87
CA PRO H 378 -80.08 9.94 -2.15
C PRO H 378 -79.71 11.42 -2.11
N GLU H 379 -80.19 12.12 -1.07
CA GLU H 379 -80.05 13.57 -0.98
C GLU H 379 -79.72 14.04 0.42
N GLU H 380 -79.34 13.15 1.33
CA GLU H 380 -79.21 13.48 2.73
C GLU H 380 -77.78 13.27 3.21
N ILE H 381 -76.81 13.76 2.45
CA ILE H 381 -75.40 13.54 2.76
C ILE H 381 -74.79 14.85 3.23
N VAL H 382 -74.27 14.85 4.46
CA VAL H 382 -73.75 16.05 5.10
C VAL H 382 -72.33 15.80 5.57
N GLY H 383 -71.55 16.86 5.57
CA GLY H 383 -70.16 16.80 5.97
C GLY H 383 -69.73 18.00 6.78
N VAL H 384 -69.24 17.75 7.98
CA VAL H 384 -68.84 18.80 8.90
C VAL H 384 -67.33 18.94 8.85
N ALA H 385 -66.86 20.13 8.48
CA ALA H 385 -65.44 20.39 8.38
C ALA H 385 -64.87 20.68 9.76
N GLY H 386 -63.69 20.14 10.03
CA GLY H 386 -63.15 20.18 11.36
C GLY H 386 -62.77 21.57 11.80
N LYS H 387 -62.68 21.74 13.12
CA LYS H 387 -62.26 23.00 13.70
C LYS H 387 -60.80 23.29 13.42
N LEU H 388 -59.96 22.26 13.37
CA LEU H 388 -58.54 22.40 13.08
C LEU H 388 -58.25 21.61 11.81
N SER H 389 -58.49 22.23 10.66
CA SER H 389 -58.29 21.56 9.39
C SER H 389 -57.81 22.59 8.36
N ASP H 390 -57.33 22.10 7.24
CA ASP H 390 -56.68 22.93 6.25
C ASP H 390 -57.53 23.05 4.98
N ALA H 391 -57.23 24.08 4.20
CA ALA H 391 -58.00 24.32 2.98
C ALA H 391 -57.89 23.15 2.02
N GLU H 392 -56.77 22.45 2.02
CA GLU H 392 -56.66 21.25 1.19
C GLU H 392 -57.76 20.25 1.53
N SER H 393 -57.84 19.87 2.81
CA SER H 393 -58.87 18.93 3.22
C SER H 393 -60.26 19.47 2.95
N MET H 394 -60.48 20.76 3.17
CA MET H 394 -61.82 21.30 2.98
C MET H 394 -62.24 21.22 1.52
N ILE H 395 -61.37 21.64 0.60
CA ILE H 395 -61.74 21.61 -0.80
C ILE H 395 -61.89 20.17 -1.28
N ALA H 396 -61.05 19.26 -0.77
CA ALA H 396 -61.18 17.87 -1.17
C ALA H 396 -62.50 17.29 -0.69
N LEU H 397 -62.90 17.58 0.54
CA LEU H 397 -64.16 17.09 1.06
C LEU H 397 -65.33 17.66 0.27
N LYS H 398 -65.31 18.95 -0.02
CA LYS H 398 -66.41 19.54 -0.76
C LYS H 398 -66.52 18.96 -2.15
N ASP H 399 -65.37 18.74 -2.82
CA ASP H 399 -65.40 18.16 -4.15
C ASP H 399 -65.92 16.73 -4.11
N PHE H 400 -65.49 15.94 -3.13
CA PHE H 400 -65.97 14.58 -3.01
C PHE H 400 -67.47 14.55 -2.80
N LEU H 401 -67.99 15.42 -1.94
CA LEU H 401 -69.43 15.44 -1.70
C LEU H 401 -70.21 15.88 -2.93
N ASN H 402 -69.74 16.94 -3.60
CA ASN H 402 -70.48 17.41 -4.76
C ASN H 402 -70.43 16.39 -5.90
N ARG H 403 -69.35 15.62 -6.00
CA ARG H 403 -69.34 14.54 -6.98
C ARG H 403 -70.27 13.41 -6.55
N MET H 404 -70.37 13.16 -5.24
CA MET H 404 -71.39 12.26 -4.74
C MET H 404 -72.78 12.77 -5.07
N GLY H 405 -72.91 14.07 -5.31
CA GLY H 405 -74.14 14.61 -5.84
C GLY H 405 -74.98 15.30 -4.80
N SER H 406 -74.98 14.75 -3.59
CA SER H 406 -75.76 15.29 -2.50
C SER H 406 -74.83 16.14 -1.65
N ASN H 407 -75.18 17.40 -1.47
CA ASN H 407 -74.26 18.37 -0.86
C ASN H 407 -74.94 19.09 0.29
N ASP H 408 -74.58 18.73 1.52
CA ASP H 408 -74.74 19.66 2.65
C ASP H 408 -73.44 19.62 3.45
N VAL H 409 -72.50 20.48 3.09
CA VAL H 409 -71.23 20.55 3.78
C VAL H 409 -71.12 21.91 4.45
N TRP H 410 -70.55 21.94 5.65
CA TRP H 410 -70.44 23.20 6.36
C TRP H 410 -69.30 23.12 7.36
N GLY H 411 -68.71 24.29 7.63
CA GLY H 411 -67.55 24.37 8.48
C GLY H 411 -67.85 24.05 9.93
N GLU H 412 -66.96 24.40 10.84
CA GLU H 412 -67.16 23.99 12.23
C GLU H 412 -68.14 24.91 12.95
N GLY H 413 -67.76 26.17 13.12
CA GLY H 413 -68.58 27.07 13.91
C GLY H 413 -69.28 28.14 13.09
N ILE H 414 -69.52 27.87 11.83
CA ILE H 414 -70.20 28.80 10.94
C ILE H 414 -71.70 28.57 11.03
N GLY H 415 -72.45 29.66 11.11
CA GLY H 415 -73.84 29.57 11.46
C GLY H 415 -74.69 28.91 10.38
N VAL H 416 -75.78 28.30 10.81
CA VAL H 416 -76.73 27.67 9.90
C VAL H 416 -77.56 28.67 9.13
N ASN H 417 -77.50 29.94 9.51
CA ASN H 417 -78.31 30.97 8.88
C ASN H 417 -77.66 31.34 7.54
N THR H 418 -78.08 32.48 6.98
CA THR H 418 -77.61 32.90 5.67
C THR H 418 -76.09 32.97 5.61
N ASN H 419 -75.48 33.83 6.43
CA ASN H 419 -74.03 34.02 6.47
C ASN H 419 -73.47 34.35 5.09
N ALA H 420 -73.86 35.52 4.60
CA ALA H 420 -73.40 35.96 3.29
C ALA H 420 -71.88 36.00 3.24
N ASP H 421 -71.33 36.05 2.03
CA ASP H 421 -69.89 35.91 1.82
C ASP H 421 -69.33 37.11 1.07
N PHE H 422 -68.82 38.07 1.85
CA PHE H 422 -68.01 39.17 1.36
C PHE H 422 -66.77 39.23 2.23
N ARG H 423 -65.60 39.11 1.60
CA ARG H 423 -64.36 38.98 2.34
C ARG H 423 -64.21 40.11 3.36
N SER H 424 -64.51 41.34 2.95
CA SER H 424 -64.52 42.44 3.90
C SER H 424 -65.55 42.24 4.98
N GLY H 425 -66.56 41.40 4.73
CA GLY H 425 -67.58 41.16 5.73
C GLY H 425 -67.17 40.17 6.79
N TYR H 426 -66.36 39.17 6.42
CA TYR H 426 -66.04 38.12 7.38
C TYR H 426 -64.53 37.97 7.65
N ILE H 427 -63.71 38.99 7.36
CA ILE H 427 -62.35 38.99 7.83
C ILE H 427 -62.06 40.29 8.57
N MET H 428 -61.04 40.26 9.42
CA MET H 428 -60.60 41.46 10.13
C MET H 428 -59.86 42.36 9.14
N ASN H 429 -60.48 43.49 8.80
CA ASN H 429 -59.96 44.32 7.71
C ASN H 429 -58.65 44.99 8.10
N THR H 430 -58.69 45.82 9.14
CA THR H 430 -57.46 46.43 9.61
C THR H 430 -56.53 45.36 10.15
N SER H 431 -55.34 45.26 9.57
CA SER H 431 -54.38 44.29 10.05
C SER H 431 -54.07 44.53 11.52
N ILE H 432 -53.74 43.46 12.24
CA ILE H 432 -53.44 43.56 13.66
C ILE H 432 -52.42 44.67 13.91
N ALA H 433 -51.40 44.77 13.05
CA ALA H 433 -50.43 45.85 13.18
C ALA H 433 -51.12 47.20 13.19
N GLY H 434 -51.90 47.49 12.15
CA GLY H 434 -52.63 48.74 12.10
C GLY H 434 -53.53 48.97 13.30
N LEU H 435 -53.86 47.90 14.03
CA LEU H 435 -54.68 48.05 15.22
C LEU H 435 -54.02 48.93 16.27
N GLU H 436 -52.69 49.11 16.18
CA GLU H 436 -51.99 50.01 17.09
C GLU H 436 -52.20 51.47 16.76
N LYS H 437 -53.13 51.79 15.85
CA LYS H 437 -53.33 53.16 15.41
C LYS H 437 -54.76 53.63 15.67
N ALA H 438 -55.55 52.85 16.41
CA ALA H 438 -56.93 53.19 16.67
C ALA H 438 -57.03 54.19 17.82
N ASP H 439 -58.24 54.71 18.02
CA ASP H 439 -58.47 55.64 19.12
C ASP H 439 -59.71 55.29 19.92
N VAL H 440 -60.70 54.66 19.29
CA VAL H 440 -61.96 54.33 19.96
C VAL H 440 -62.36 52.92 19.56
N PHE H 441 -62.47 52.03 20.53
CA PHE H 441 -62.81 50.64 20.30
C PHE H 441 -64.28 50.38 20.60
N LEU H 442 -64.90 49.51 19.80
CA LEU H 442 -66.32 49.17 19.89
C LEU H 442 -66.46 47.64 19.85
N LEU H 443 -65.90 46.99 20.87
CA LEU H 443 -66.01 45.54 20.96
C LEU H 443 -67.46 45.15 21.23
N VAL H 444 -68.05 44.36 20.36
CA VAL H 444 -69.43 43.89 20.53
C VAL H 444 -69.42 42.38 20.63
N GLY H 445 -70.17 41.87 21.60
CA GLY H 445 -70.33 40.43 21.77
C GLY H 445 -69.03 39.65 21.76
N THR H 446 -68.00 40.19 22.42
CA THR H 446 -66.68 39.59 22.31
C THR H 446 -65.91 39.78 23.62
N GLN H 447 -65.22 38.74 24.06
CA GLN H 447 -64.27 38.82 25.16
C GLN H 447 -62.91 38.42 24.59
N PRO H 448 -62.24 39.31 23.86
CA PRO H 448 -61.00 38.92 23.18
C PRO H 448 -59.90 38.47 24.11
N ARG H 449 -60.04 38.64 25.43
CA ARG H 449 -59.06 38.08 26.34
C ARG H 449 -59.08 36.56 26.31
N VAL H 450 -60.26 35.97 26.10
CA VAL H 450 -60.38 34.52 26.11
C VAL H 450 -60.23 33.92 24.72
N GLU H 451 -60.60 34.67 23.67
CA GLU H 451 -60.44 34.23 22.30
C GLU H 451 -59.59 35.25 21.56
N ALA H 452 -58.58 34.76 20.82
CA ALA H 452 -57.59 35.63 20.17
C ALA H 452 -56.84 36.46 21.21
N ALA H 453 -56.16 35.74 22.11
CA ALA H 453 -55.43 36.39 23.19
C ALA H 453 -54.38 37.35 22.65
N MET H 454 -53.86 37.09 21.45
CA MET H 454 -52.87 38.00 20.89
C MET H 454 -53.52 39.30 20.44
N VAL H 455 -54.73 39.24 19.89
CA VAL H 455 -55.44 40.47 19.57
C VAL H 455 -55.78 41.22 20.85
N ASN H 456 -56.10 40.50 21.93
CA ASN H 456 -56.32 41.19 23.20
C ASN H 456 -55.07 41.89 23.67
N ALA H 457 -53.92 41.21 23.59
CA ALA H 457 -52.68 41.86 23.98
C ALA H 457 -52.37 43.05 23.11
N ARG H 458 -52.74 43.01 21.83
CA ARG H 458 -52.52 44.15 20.95
C ARG H 458 -53.41 45.33 21.37
N ILE H 459 -54.67 45.06 21.70
CA ILE H 459 -55.54 46.13 22.16
C ILE H 459 -55.00 46.74 23.46
N ARG H 460 -54.51 45.88 24.35
CA ARG H 460 -53.91 46.38 25.58
C ARG H 460 -52.68 47.22 25.28
N LYS H 461 -51.90 46.80 24.30
CA LYS H 461 -50.74 47.59 23.89
C LYS H 461 -51.15 48.96 23.41
N THR H 462 -52.22 49.04 22.63
CA THR H 462 -52.70 50.33 22.16
C THR H 462 -53.15 51.20 23.33
N VAL H 463 -53.97 50.65 24.22
CA VAL H 463 -54.47 51.43 25.34
C VAL H 463 -53.33 51.88 26.24
N ARG H 464 -52.28 51.08 26.36
CA ARG H 464 -51.13 51.50 27.13
C ARG H 464 -50.36 52.61 26.43
N SER H 465 -50.12 52.46 25.13
CA SER H 465 -49.40 53.49 24.37
C SER H 465 -50.12 54.83 24.47
N ASN H 466 -51.33 54.90 23.95
CA ASN H 466 -52.12 56.12 24.04
C ASN H 466 -53.53 55.75 24.48
N GLN H 467 -54.00 56.40 25.54
CA GLN H 467 -55.31 56.08 26.08
C GLN H 467 -56.37 56.15 25.00
N ALA H 468 -56.99 55.00 24.73
CA ALA H 468 -58.00 54.85 23.69
C ALA H 468 -59.26 54.31 24.35
N LYS H 469 -60.29 55.13 24.41
CA LYS H 469 -61.54 54.72 25.03
C LYS H 469 -62.08 53.48 24.35
N VAL H 470 -62.49 52.50 25.16
CA VAL H 470 -62.96 51.22 24.66
C VAL H 470 -64.31 50.92 25.26
N GLY H 471 -65.31 50.68 24.42
CA GLY H 471 -66.64 50.30 24.85
C GLY H 471 -66.92 48.87 24.45
N TYR H 472 -67.41 48.09 25.40
CA TYR H 472 -67.62 46.66 25.22
C TYR H 472 -69.07 46.32 25.53
N ILE H 473 -69.66 45.51 24.67
CA ILE H 473 -71.04 45.06 24.80
C ILE H 473 -71.04 43.55 24.98
N GLY H 474 -71.85 43.07 25.91
CA GLY H 474 -71.98 41.64 26.11
C GLY H 474 -72.02 41.25 27.57
N PRO H 475 -71.75 39.98 27.85
CA PRO H 475 -71.84 39.50 29.22
C PRO H 475 -70.70 40.04 30.07
N ALA H 476 -70.90 40.00 31.38
CA ALA H 476 -69.89 40.49 32.30
C ALA H 476 -68.61 39.67 32.18
N THR H 477 -67.48 40.36 32.21
CA THR H 477 -66.18 39.71 32.11
C THR H 477 -65.14 40.66 32.68
N ASP H 478 -63.96 40.12 32.96
CA ASP H 478 -62.90 40.84 33.67
C ASP H 478 -61.85 41.30 32.66
N PHE H 479 -62.08 42.46 32.07
CA PHE H 479 -61.08 43.08 31.23
C PHE H 479 -59.93 43.62 32.07
N ASN H 480 -58.75 43.69 31.45
CA ASN H 480 -57.57 44.19 32.14
C ASN H 480 -57.13 45.56 31.64
N TYR H 481 -58.04 46.32 31.02
CA TYR H 481 -57.70 47.70 30.65
C TYR H 481 -58.98 48.54 30.70
N ASP H 482 -59.23 49.15 31.86
CA ASP H 482 -60.13 50.29 32.02
C ASP H 482 -61.29 50.34 31.03
N HIS H 483 -61.99 49.23 30.86
CA HIS H 483 -63.02 49.15 29.83
C HIS H 483 -64.31 49.81 30.28
N LYS H 484 -65.06 50.34 29.31
CA LYS H 484 -66.42 50.79 29.53
C LYS H 484 -67.37 49.66 29.17
N HIS H 485 -68.36 49.43 30.02
CA HIS H 485 -69.37 48.41 29.78
C HIS H 485 -70.66 49.08 29.34
N LEU H 486 -71.10 48.81 28.12
CA LEU H 486 -72.19 49.57 27.55
C LEU H 486 -73.54 48.84 27.60
N GLY H 487 -73.56 47.58 28.00
CA GLY H 487 -74.80 46.84 28.07
C GLY H 487 -74.65 45.46 27.46
N THR H 488 -75.77 44.74 27.44
CA THR H 488 -75.77 43.34 27.03
C THR H 488 -76.75 43.09 25.89
N ASP H 489 -77.24 44.12 25.22
CA ASP H 489 -78.35 43.94 24.30
C ASP H 489 -78.05 44.46 22.90
N PRO H 490 -78.27 43.63 21.88
CA PRO H 490 -78.38 44.17 20.52
C PRO H 490 -79.41 45.29 20.44
N GLN H 491 -80.33 45.39 21.40
CA GLN H 491 -81.15 46.59 21.48
C GLN H 491 -80.31 47.82 21.75
N THR H 492 -79.32 47.71 22.65
CA THR H 492 -78.38 48.81 22.84
C THR H 492 -77.60 49.06 21.56
N LEU H 493 -77.25 47.99 20.85
CA LEU H 493 -76.57 48.18 19.57
C LEU H 493 -77.44 48.97 18.60
N VAL H 494 -78.75 48.73 18.62
CA VAL H 494 -79.65 49.52 17.79
C VAL H 494 -79.67 50.97 18.24
N GLU H 495 -79.74 51.20 19.55
CA GLU H 495 -79.80 52.58 20.05
C GLU H 495 -78.57 53.38 19.63
N ILE H 496 -77.41 52.72 19.63
CA ILE H 496 -76.18 53.41 19.25
C ILE H 496 -76.02 53.50 17.75
N ALA H 497 -76.56 52.54 16.98
CA ALA H 497 -76.74 52.78 15.55
C ALA H 497 -77.71 53.92 15.31
N GLU H 498 -78.44 54.30 16.34
CA GLU H 498 -79.30 55.44 16.44
C GLU H 498 -78.66 56.33 17.51
N GLY H 499 -79.42 57.29 18.03
CA GLY H 499 -78.84 58.46 18.64
C GLY H 499 -78.63 58.40 20.14
N ARG H 500 -79.30 57.48 20.81
CA ARG H 500 -79.16 57.37 22.26
C ARG H 500 -77.79 56.78 22.58
N HIS H 501 -77.56 56.52 23.87
CA HIS H 501 -76.29 55.96 24.33
C HIS H 501 -75.15 56.88 23.92
N PRO H 502 -74.97 58.01 24.60
CA PRO H 502 -74.07 59.07 24.11
C PRO H 502 -72.68 58.61 23.72
N PHE H 503 -72.34 57.35 23.99
CA PHE H 503 -71.07 56.82 23.51
C PHE H 503 -70.92 56.98 22.01
N PHE H 504 -72.04 56.95 21.28
CA PHE H 504 -71.98 57.16 19.83
C PHE H 504 -71.30 58.49 19.50
N LYS H 505 -71.60 59.52 20.29
CA LYS H 505 -70.93 60.80 20.14
C LYS H 505 -69.42 60.62 20.07
N THR H 506 -68.87 59.83 21.01
CA THR H 506 -67.44 59.55 21.02
C THR H 506 -66.97 59.09 19.66
N LEU H 507 -67.68 58.13 19.05
CA LEU H 507 -67.35 57.68 17.71
C LEU H 507 -67.24 58.86 16.75
N SER H 508 -68.29 59.67 16.68
CA SER H 508 -68.26 60.83 15.79
C SER H 508 -67.12 61.78 16.14
N ASP H 509 -66.75 61.85 17.41
CA ASP H 509 -65.59 62.63 17.82
C ASP H 509 -64.36 61.74 17.94
N ALA H 510 -64.09 60.96 16.88
CA ALA H 510 -63.02 59.99 16.92
C ALA H 510 -62.19 60.06 15.65
N LYS H 511 -60.92 59.71 15.77
CA LYS H 511 -60.03 59.58 14.63
C LYS H 511 -59.54 58.14 14.59
N ASN H 512 -59.82 57.46 13.49
CA ASN H 512 -59.50 56.05 13.29
C ASN H 512 -60.21 55.17 14.33
N PRO H 513 -61.53 55.09 14.31
CA PRO H 513 -62.22 54.17 15.22
C PRO H 513 -62.08 52.74 14.74
N VAL H 514 -62.53 51.81 15.59
CA VAL H 514 -62.49 50.39 15.28
C VAL H 514 -63.73 49.75 15.90
N ILE H 515 -64.43 48.94 15.12
CA ILE H 515 -65.65 48.26 15.54
C ILE H 515 -65.41 46.77 15.39
N ILE H 516 -65.30 46.04 16.49
CA ILE H 516 -64.87 44.65 16.45
C ILE H 516 -66.05 43.77 16.80
N VAL H 517 -66.51 42.97 15.84
CA VAL H 517 -67.59 42.02 16.07
C VAL H 517 -67.00 40.62 16.19
N GLY H 518 -67.29 39.95 17.30
CA GLY H 518 -66.76 38.61 17.52
C GLY H 518 -67.51 37.57 16.72
N ALA H 519 -66.77 36.58 16.22
CA ALA H 519 -67.36 35.58 15.34
C ALA H 519 -68.40 34.71 16.03
N GLY H 520 -68.55 34.82 17.35
CA GLY H 520 -69.60 34.07 18.02
C GLY H 520 -70.99 34.44 17.54
N VAL H 521 -71.13 35.60 16.89
CA VAL H 521 -72.45 36.03 16.41
C VAL H 521 -72.87 35.29 15.15
N PHE H 522 -71.94 34.60 14.49
CA PHE H 522 -72.31 33.84 13.30
C PHE H 522 -73.33 32.76 13.61
N GLU H 523 -73.27 32.19 14.82
CA GLU H 523 -74.17 31.12 15.17
C GLU H 523 -75.53 31.62 15.63
N ARG H 524 -75.64 32.88 16.03
CA ARG H 524 -76.92 33.43 16.43
C ARG H 524 -77.86 33.54 15.24
N LYS H 525 -79.15 33.37 15.52
CA LYS H 525 -80.14 33.30 14.45
C LYS H 525 -80.21 34.61 13.68
N ASP H 526 -80.22 35.74 14.38
CA ASP H 526 -80.38 37.05 13.75
C ASP H 526 -79.00 37.70 13.64
N GLN H 527 -78.29 37.35 12.59
CA GLN H 527 -76.98 37.93 12.34
C GLN H 527 -77.01 39.07 11.33
N ASP H 528 -77.87 38.98 10.32
CA ASP H 528 -77.93 40.06 9.35
C ASP H 528 -78.39 41.36 10.00
N ALA H 529 -79.23 41.27 11.03
CA ALA H 529 -79.65 42.48 11.73
C ALA H 529 -78.48 43.12 12.47
N ILE H 530 -77.67 42.31 13.15
CA ILE H 530 -76.48 42.83 13.83
C ILE H 530 -75.56 43.50 12.82
N PHE H 531 -75.25 42.78 11.74
CA PHE H 531 -74.32 43.34 10.76
C PHE H 531 -74.90 44.58 10.10
N ALA H 532 -76.21 44.66 9.92
CA ALA H 532 -76.80 45.84 9.30
C ALA H 532 -76.77 47.03 10.26
N ALA H 533 -77.00 46.78 11.55
CA ALA H 533 -76.84 47.85 12.53
C ALA H 533 -75.40 48.36 12.53
N VAL H 534 -74.43 47.45 12.40
CA VAL H 534 -73.04 47.88 12.32
C VAL H 534 -72.81 48.67 11.04
N GLU H 535 -73.43 48.25 9.93
CA GLU H 535 -73.32 49.01 8.69
C GLU H 535 -73.82 50.43 8.87
N THR H 536 -74.95 50.59 9.57
CA THR H 536 -75.50 51.93 9.77
C THR H 536 -74.60 52.75 10.69
N ILE H 537 -74.06 52.12 11.74
CA ILE H 537 -73.07 52.82 12.57
C ILE H 537 -71.93 53.33 11.72
N ALA H 538 -71.42 52.47 10.83
CA ALA H 538 -70.28 52.84 10.00
C ALA H 538 -70.64 54.00 9.07
N GLN H 539 -71.77 53.89 8.38
CA GLN H 539 -72.16 54.93 7.44
C GLN H 539 -72.36 56.27 8.14
N LYS H 540 -72.93 56.25 9.34
CA LYS H 540 -73.22 57.52 10.02
C LYS H 540 -72.03 58.08 10.77
N ALA H 541 -71.06 57.25 11.13
CA ALA H 541 -69.92 57.72 11.90
C ALA H 541 -68.67 57.90 11.07
N ASN H 542 -68.71 57.54 9.79
CA ASN H 542 -67.57 57.71 8.89
C ASN H 542 -66.35 56.93 9.38
N VAL H 543 -66.50 55.60 9.41
CA VAL H 543 -65.46 54.71 9.89
C VAL H 543 -65.01 53.72 8.81
N VAL H 544 -65.41 53.94 7.56
CA VAL H 544 -65.10 53.04 6.46
C VAL H 544 -64.34 53.77 5.35
N ARG H 545 -63.81 54.95 5.65
CA ARG H 545 -63.18 55.80 4.65
C ARG H 545 -62.07 55.05 3.90
N PRO H 546 -61.78 55.44 2.67
CA PRO H 546 -60.76 54.71 1.90
C PRO H 546 -59.38 54.76 2.53
N ASP H 547 -59.06 55.84 3.26
CA ASP H 547 -57.79 55.93 3.96
C ASP H 547 -57.63 54.88 5.04
N TRP H 548 -58.73 54.36 5.58
CA TRP H 548 -58.68 53.54 6.78
C TRP H 548 -60.00 52.79 6.92
N ASN H 549 -59.95 51.46 6.87
CA ASN H 549 -61.16 50.65 6.90
C ASN H 549 -61.25 49.94 8.25
N GLY H 550 -61.75 50.66 9.24
CA GLY H 550 -61.82 50.13 10.59
C GLY H 550 -63.13 49.46 10.93
N LEU H 551 -63.38 48.29 10.35
CA LEU H 551 -64.60 47.52 10.64
C LEU H 551 -64.20 46.05 10.68
N ASN H 552 -63.85 45.58 11.87
CA ASN H 552 -63.17 44.30 12.02
C ASN H 552 -64.12 43.25 12.55
N VAL H 553 -63.96 42.02 12.06
CA VAL H 553 -64.67 40.87 12.62
C VAL H 553 -63.65 39.84 13.03
N LEU H 554 -63.67 39.47 14.31
CA LEU H 554 -62.76 38.49 14.85
C LEU H 554 -63.16 37.10 14.39
N LEU H 555 -62.37 36.10 14.78
CA LEU H 555 -62.71 34.70 14.56
C LEU H 555 -62.28 33.92 15.79
N LEU H 556 -62.82 32.72 15.92
CA LEU H 556 -62.55 31.91 17.10
C LEU H 556 -62.20 30.47 16.72
N HIS H 557 -61.66 30.28 15.52
CA HIS H 557 -61.11 29.00 15.12
C HIS H 557 -59.94 29.26 14.18
N ALA H 558 -59.27 28.20 13.77
CA ALA H 558 -58.23 28.32 12.77
C ALA H 558 -58.70 27.95 11.39
N ALA H 559 -59.74 27.12 11.29
CA ALA H 559 -60.28 26.69 10.01
C ALA H 559 -61.48 27.52 9.59
N GLN H 560 -61.94 28.44 10.43
CA GLN H 560 -63.14 29.18 10.11
C GLN H 560 -62.95 30.09 8.92
N ALA H 561 -61.79 30.76 8.84
CA ALA H 561 -61.55 31.68 7.73
C ALA H 561 -61.54 30.94 6.40
N ALA H 562 -60.75 29.87 6.31
CA ALA H 562 -60.68 29.13 5.06
C ALA H 562 -62.01 28.46 4.73
N ALA H 563 -62.77 28.03 5.75
CA ALA H 563 -64.08 27.45 5.48
C ALA H 563 -65.00 28.49 4.87
N LEU H 564 -65.17 29.63 5.53
CA LEU H 564 -66.00 30.69 4.98
C LEU H 564 -65.47 31.16 3.63
N ASP H 565 -64.18 30.98 3.37
CA ASP H 565 -63.62 31.40 2.10
C ASP H 565 -64.02 30.46 0.98
N LEU H 566 -63.81 29.16 1.17
CA LEU H 566 -64.22 28.19 0.17
C LEU H 566 -65.73 28.14 0.01
N GLY H 567 -66.48 28.60 1.00
CA GLY H 567 -67.92 28.67 0.88
C GLY H 567 -68.70 27.61 1.62
N LEU H 568 -68.11 27.01 2.66
CA LEU H 568 -68.79 25.96 3.42
C LEU H 568 -69.80 26.60 4.35
N VAL H 569 -71.01 26.82 3.85
CA VAL H 569 -72.12 27.24 4.69
C VAL H 569 -73.28 26.29 4.40
N PRO H 570 -74.04 25.90 5.42
CA PRO H 570 -75.06 24.85 5.21
C PRO H 570 -76.22 25.37 4.38
N GLN H 571 -76.54 24.64 3.31
CA GLN H 571 -77.65 25.03 2.45
C GLN H 571 -78.98 25.01 3.19
N SER H 572 -79.08 24.25 4.28
CA SER H 572 -80.32 24.19 5.05
C SER H 572 -80.02 24.28 6.54
N GLU H 573 -81.04 24.07 7.37
CA GLU H 573 -80.92 24.20 8.81
C GLU H 573 -81.00 22.87 9.54
N LYS H 574 -82.06 22.10 9.31
CA LYS H 574 -82.20 20.79 9.95
C LYS H 574 -81.44 19.70 9.19
N SER H 575 -80.18 20.00 8.88
CA SER H 575 -79.37 19.08 8.09
C SER H 575 -79.03 17.83 8.88
N LEU H 576 -78.46 18.00 10.07
CA LEU H 576 -78.11 16.86 10.89
C LEU H 576 -79.33 16.04 11.25
N GLU H 577 -80.46 16.70 11.51
CA GLU H 577 -81.68 15.97 11.83
C GLU H 577 -82.12 15.12 10.65
N SER H 578 -82.15 15.71 9.46
CA SER H 578 -82.68 14.97 8.32
C SER H 578 -81.66 14.02 7.68
N ALA H 579 -80.41 14.04 8.11
CA ALA H 579 -79.37 13.30 7.44
C ALA H 579 -79.48 11.80 7.71
N LYS H 580 -78.69 11.03 6.96
CA LYS H 580 -78.51 9.62 7.26
C LYS H 580 -77.07 9.15 7.07
N PHE H 581 -76.16 10.01 6.62
CA PHE H 581 -74.76 9.63 6.44
C PHE H 581 -73.92 10.88 6.66
N VAL H 582 -73.39 11.04 7.86
CA VAL H 582 -72.65 12.22 8.24
C VAL H 582 -71.17 11.91 8.23
N TYR H 583 -70.39 12.81 7.62
CA TYR H 583 -68.95 12.70 7.53
C TYR H 583 -68.35 13.80 8.38
N LEU H 584 -67.77 13.45 9.51
CA LEU H 584 -67.21 14.44 10.42
C LEU H 584 -65.69 14.51 10.29
N MET H 585 -65.16 15.72 10.38
CA MET H 585 -63.75 15.91 10.66
C MET H 585 -63.52 16.60 12.00
N GLY H 586 -64.56 17.17 12.59
CA GLY H 586 -64.46 17.78 13.90
C GLY H 586 -65.69 17.44 14.72
N ALA H 587 -65.58 17.69 16.01
CA ALA H 587 -66.54 17.21 16.98
C ALA H 587 -67.65 18.24 17.24
N ASP H 588 -68.39 18.02 18.32
CA ASP H 588 -69.32 18.88 19.03
C ASP H 588 -70.73 18.97 18.44
N ASP H 589 -70.98 18.54 17.20
CA ASP H 589 -72.25 18.79 16.52
C ASP H 589 -73.44 18.57 17.46
N VAL H 590 -74.31 19.57 17.54
CA VAL H 590 -74.72 20.12 18.84
C VAL H 590 -74.82 19.02 19.88
N ASN H 591 -74.02 19.16 20.93
CA ASN H 591 -73.70 18.12 21.90
C ASN H 591 -73.58 16.76 21.22
N LEU H 592 -72.98 16.73 20.02
CA LEU H 592 -72.89 15.52 19.20
C LEU H 592 -74.21 14.74 19.16
N ASP H 593 -75.32 15.44 19.27
CA ASP H 593 -76.61 14.81 19.57
C ASP H 593 -77.65 14.88 18.47
N LYS H 594 -77.71 15.96 17.70
CA LYS H 594 -78.80 16.12 16.74
C LYS H 594 -78.85 15.00 15.71
N ILE H 595 -77.77 14.24 15.57
CA ILE H 595 -77.73 13.12 14.62
C ILE H 595 -78.75 12.07 15.05
N PRO H 596 -79.55 11.52 14.15
CA PRO H 596 -80.63 10.61 14.56
C PRO H 596 -80.14 9.24 15.00
N ASP H 597 -81.09 8.36 15.29
CA ASP H 597 -80.75 7.00 15.72
C ASP H 597 -79.99 6.26 14.61
N ASP H 598 -80.63 6.09 13.46
CA ASP H 598 -79.99 5.41 12.33
C ASP H 598 -79.30 6.45 11.45
N ALA H 599 -77.97 6.46 11.50
CA ALA H 599 -77.20 7.39 10.68
C ALA H 599 -75.76 6.91 10.66
N PHE H 600 -75.22 6.71 9.47
CA PHE H 600 -73.85 6.24 9.31
C PHE H 600 -72.91 7.40 9.62
N VAL H 601 -72.20 7.33 10.74
CA VAL H 601 -71.33 8.40 11.19
C VAL H 601 -69.89 7.96 10.97
N VAL H 602 -69.14 8.71 10.18
CA VAL H 602 -67.74 8.38 9.95
C VAL H 602 -66.88 9.55 10.42
N TYR H 603 -66.04 9.28 11.42
CA TYR H 603 -65.20 10.30 12.03
C TYR H 603 -63.81 10.16 11.44
N GLN H 604 -63.48 11.01 10.48
CA GLN H 604 -62.17 11.01 9.85
C GLN H 604 -61.36 12.09 10.57
N GLY H 605 -60.74 11.70 11.67
CA GLY H 605 -60.13 12.68 12.54
C GLY H 605 -58.88 12.21 13.26
N HIS H 606 -58.45 12.98 14.25
CA HIS H 606 -57.26 12.64 15.01
C HIS H 606 -57.53 12.94 16.48
N HIS H 607 -56.79 12.23 17.34
CA HIS H 607 -56.80 12.50 18.77
C HIS H 607 -58.20 12.39 19.35
N GLY H 608 -58.84 11.25 19.05
CA GLY H 608 -60.26 11.11 19.30
C GLY H 608 -60.61 11.07 20.77
N ASP H 609 -61.42 12.02 21.22
CA ASP H 609 -61.90 12.08 22.60
C ASP H 609 -63.41 12.18 22.70
N LYS H 610 -64.05 12.92 21.82
CA LYS H 610 -65.47 13.24 21.92
C LYS H 610 -66.12 13.03 20.56
N SER H 611 -67.37 12.60 20.60
CA SER H 611 -68.17 12.24 19.41
C SER H 611 -67.68 10.92 18.83
N VAL H 612 -66.52 10.44 19.29
CA VAL H 612 -66.06 9.14 18.85
C VAL H 612 -66.98 8.05 19.38
N TYR H 613 -67.45 8.21 20.61
CA TYR H 613 -68.44 7.29 21.17
C TYR H 613 -69.76 7.33 20.43
N ARG H 614 -69.93 8.26 19.50
CA ARG H 614 -71.08 8.23 18.60
C ARG H 614 -70.74 7.74 17.21
N ALA H 615 -69.45 7.76 16.85
CA ALA H 615 -69.04 7.42 15.50
C ALA H 615 -69.37 5.96 15.18
N ASN H 616 -69.50 5.70 13.89
CA ASN H 616 -69.73 4.35 13.40
C ASN H 616 -68.53 3.76 12.67
N VAL H 617 -67.71 4.60 12.06
CA VAL H 617 -66.42 4.18 11.52
C VAL H 617 -65.40 5.25 11.89
N ILE H 618 -64.16 4.84 12.09
CA ILE H 618 -63.12 5.70 12.62
C ILE H 618 -61.92 5.68 11.69
N LEU H 619 -61.46 6.85 11.28
CA LEU H 619 -60.31 6.95 10.38
C LEU H 619 -59.26 7.87 10.99
N PRO H 620 -58.09 7.36 11.35
CA PRO H 620 -57.08 8.20 12.00
C PRO H 620 -56.35 9.07 10.98
N THR H 621 -55.99 10.27 11.43
CA THR H 621 -55.35 11.23 10.54
C THR H 621 -54.09 11.80 11.16
N ALA H 622 -53.53 12.83 10.51
CA ALA H 622 -52.31 13.47 10.97
C ALA H 622 -52.63 14.80 11.63
N ALA H 623 -52.02 15.05 12.78
CA ALA H 623 -52.31 16.24 13.58
C ALA H 623 -51.75 17.47 12.88
N PHE H 624 -51.83 18.61 13.56
CA PHE H 624 -51.34 19.86 12.97
C PHE H 624 -49.82 19.98 13.03
N SER H 625 -49.12 19.06 13.67
CA SER H 625 -47.67 19.10 13.76
C SER H 625 -47.01 17.99 12.96
N GLU H 626 -47.76 17.34 12.06
CA GLU H 626 -47.25 16.20 11.31
C GLU H 626 -47.58 16.30 9.83
N LYS H 627 -48.09 17.45 9.38
CA LYS H 627 -48.54 17.60 8.00
C LYS H 627 -48.21 19.01 7.53
N GLU H 628 -48.55 19.28 6.26
CA GLU H 628 -48.29 20.57 5.64
C GLU H 628 -49.58 21.06 5.01
N GLY H 629 -50.30 21.93 5.71
CA GLY H 629 -51.54 22.50 5.23
C GLY H 629 -51.49 24.02 5.25
N THR H 630 -52.57 24.62 4.79
CA THR H 630 -52.68 26.06 4.67
C THR H 630 -53.81 26.58 5.55
N TYR H 631 -53.47 27.40 6.55
CA TYR H 631 -54.44 27.97 7.46
C TYR H 631 -54.49 29.48 7.28
N GLN H 632 -55.69 30.04 7.29
CA GLN H 632 -55.89 31.47 7.11
C GLN H 632 -56.32 32.09 8.44
N ASN H 633 -55.74 33.24 8.76
CA ASN H 633 -56.03 33.90 10.02
C ASN H 633 -56.72 35.24 9.79
N THR H 634 -57.34 35.70 10.89
CA THR H 634 -58.45 36.63 10.84
C THR H 634 -58.19 37.85 9.98
N GLU H 635 -56.95 38.34 9.98
CA GLU H 635 -56.74 39.47 9.08
C GLU H 635 -56.62 39.06 7.65
N GLY H 636 -57.03 37.83 7.37
CA GLY H 636 -57.04 37.33 6.02
C GLY H 636 -55.69 36.89 5.52
N CYS H 637 -54.75 36.59 6.41
CA CYS H 637 -53.40 36.25 5.99
C CYS H 637 -53.24 34.73 6.05
N THR H 638 -52.73 34.16 4.95
CA THR H 638 -52.73 32.72 4.77
C THR H 638 -51.32 32.15 4.94
N GLN H 639 -51.11 31.43 6.03
CA GLN H 639 -49.83 30.82 6.34
C GLN H 639 -49.90 29.31 6.14
N GLN H 640 -48.75 28.66 6.27
CA GLN H 640 -48.68 27.22 6.12
C GLN H 640 -47.75 26.64 7.18
N THR H 641 -48.16 25.51 7.75
CA THR H 641 -47.38 24.79 8.74
C THR H 641 -46.42 23.83 8.05
N LEU H 642 -45.50 23.27 8.83
CA LEU H 642 -44.51 22.34 8.32
C LEU H 642 -44.44 21.11 9.21
N PRO H 643 -44.14 19.95 8.63
CA PRO H 643 -44.01 18.73 9.44
C PRO H 643 -42.89 18.84 10.44
N ALA H 644 -43.11 18.27 11.62
CA ALA H 644 -42.08 18.26 12.65
C ALA H 644 -41.78 16.87 13.18
N VAL H 645 -42.79 16.02 13.29
CA VAL H 645 -42.59 14.67 13.85
C VAL H 645 -43.39 13.67 13.02
N PRO H 646 -42.93 12.43 12.99
CA PRO H 646 -43.58 11.42 12.14
C PRO H 646 -45.01 11.15 12.58
N THR H 647 -45.83 10.78 11.60
CA THR H 647 -47.21 10.39 11.89
C THR H 647 -47.23 9.22 12.86
N VAL H 648 -48.30 9.15 13.63
CA VAL H 648 -48.45 8.13 14.66
C VAL H 648 -49.19 6.94 14.07
N GLY H 649 -48.71 5.74 14.37
CA GLY H 649 -49.37 4.53 13.92
C GLY H 649 -49.35 4.45 12.40
N ASP H 650 -50.53 4.41 11.80
CA ASP H 650 -50.65 4.34 10.35
C ASP H 650 -51.75 5.27 9.87
N SER H 651 -51.80 6.48 10.42
CA SER H 651 -52.75 7.46 9.97
C SER H 651 -52.25 8.14 8.70
N ARG H 652 -53.17 8.76 7.97
CA ARG H 652 -52.87 9.41 6.70
C ARG H 652 -53.45 10.81 6.67
N ASP H 653 -52.93 11.62 5.76
CA ASP H 653 -53.38 13.01 5.66
C ASP H 653 -54.81 13.09 5.15
N ASP H 654 -55.44 14.23 5.42
CA ASP H 654 -56.87 14.37 5.20
C ASP H 654 -57.23 14.37 3.72
N TRP H 655 -56.55 15.18 2.93
CA TRP H 655 -56.89 15.21 1.51
C TRP H 655 -56.58 13.88 0.85
N LYS H 656 -55.53 13.20 1.30
CA LYS H 656 -55.22 11.88 0.77
C LYS H 656 -56.33 10.90 1.07
N ILE H 657 -56.80 10.87 2.32
CA ILE H 657 -57.85 9.91 2.65
C ILE H 657 -59.12 10.25 1.90
N ILE H 658 -59.39 11.53 1.67
CA ILE H 658 -60.60 11.88 0.92
C ILE H 658 -60.49 11.43 -0.52
N ARG H 659 -59.34 11.64 -1.15
CA ARG H 659 -59.21 11.23 -2.55
C ARG H 659 -59.30 9.71 -2.69
N ALA H 660 -58.64 8.97 -1.79
CA ALA H 660 -58.73 7.52 -1.84
C ALA H 660 -60.16 7.07 -1.65
N LEU H 661 -60.88 7.68 -0.71
CA LEU H 661 -62.28 7.34 -0.51
C LEU H 661 -63.09 7.60 -1.77
N SER H 662 -62.81 8.70 -2.45
CA SER H 662 -63.55 9.00 -3.68
C SER H 662 -63.31 7.93 -4.72
N GLU H 663 -62.04 7.61 -4.98
CA GLU H 663 -61.72 6.61 -5.99
C GLU H 663 -62.41 5.29 -5.68
N VAL H 664 -62.28 4.80 -4.45
CA VAL H 664 -62.91 3.53 -4.14
C VAL H 664 -64.43 3.66 -4.19
N ALA H 665 -64.97 4.86 -4.02
CA ALA H 665 -66.39 5.09 -4.14
C ALA H 665 -66.85 5.34 -5.57
N GLY H 666 -65.95 5.25 -6.54
CA GLY H 666 -66.39 5.48 -7.90
C GLY H 666 -65.93 6.81 -8.45
N VAL H 667 -66.79 7.81 -8.41
CA VAL H 667 -66.42 9.16 -8.86
C VAL H 667 -65.14 9.58 -8.18
N ARG H 668 -64.10 9.82 -8.97
CA ARG H 668 -62.78 10.12 -8.45
C ARG H 668 -62.47 11.60 -8.64
N LEU H 669 -61.42 12.04 -7.95
CA LEU H 669 -61.06 13.44 -8.10
C LEU H 669 -59.99 13.59 -9.16
N PRO H 670 -60.11 14.59 -10.04
CA PRO H 670 -59.14 14.77 -11.13
C PRO H 670 -57.74 15.13 -10.66
N TYR H 671 -57.52 15.32 -9.36
CA TYR H 671 -56.22 15.69 -8.84
C TYR H 671 -55.74 14.64 -7.86
N ASP H 672 -54.43 14.39 -7.85
CA ASP H 672 -53.87 13.42 -6.91
C ASP H 672 -52.54 13.87 -6.34
N THR H 673 -52.22 15.16 -6.37
CA THR H 673 -50.98 15.65 -5.80
C THR H 673 -51.23 17.05 -5.26
N ILE H 674 -50.46 17.41 -4.22
CA ILE H 674 -50.66 18.68 -3.54
C ILE H 674 -50.61 19.85 -4.50
N GLY H 675 -49.82 19.73 -5.57
CA GLY H 675 -49.76 20.79 -6.55
C GLY H 675 -51.09 20.99 -7.26
N ALA H 676 -51.71 19.88 -7.69
CA ALA H 676 -53.00 20.00 -8.35
C ALA H 676 -54.09 20.39 -7.37
N VAL H 677 -53.98 19.97 -6.12
CA VAL H 677 -54.94 20.41 -5.10
C VAL H 677 -54.89 21.93 -4.96
N ARG H 678 -53.69 22.47 -4.86
CA ARG H 678 -53.58 23.92 -4.76
C ARG H 678 -53.90 24.61 -6.07
N ALA H 679 -53.84 23.92 -7.20
CA ALA H 679 -54.33 24.50 -8.44
C ALA H 679 -55.85 24.64 -8.41
N ARG H 680 -56.55 23.59 -7.99
CA ARG H 680 -57.98 23.71 -7.76
C ARG H 680 -58.27 24.84 -6.77
N ILE H 681 -57.42 24.96 -5.75
CA ILE H 681 -57.58 26.05 -4.79
C ILE H 681 -57.46 27.39 -5.49
N ARG H 682 -56.49 27.54 -6.40
CA ARG H 682 -56.38 28.78 -7.16
C ARG H 682 -57.63 29.01 -7.99
N ASN H 683 -58.29 27.93 -8.40
CA ASN H 683 -59.51 28.07 -9.18
C ASN H 683 -60.68 28.55 -8.33
N VAL H 684 -60.73 28.17 -7.06
CA VAL H 684 -61.88 28.48 -6.22
C VAL H 684 -61.68 29.75 -5.39
N ALA H 685 -60.49 29.95 -4.82
CA ALA H 685 -60.13 31.12 -4.03
C ALA H 685 -58.62 31.32 -4.06
N PRO H 686 -58.13 32.39 -4.67
CA PRO H 686 -56.71 32.44 -5.04
C PRO H 686 -55.70 32.75 -3.94
N ASN H 687 -56.04 33.56 -2.94
CA ASN H 687 -55.02 33.92 -1.96
C ASN H 687 -54.45 32.70 -1.25
N LEU H 688 -55.30 31.68 -1.04
CA LEU H 688 -54.88 30.45 -0.42
C LEU H 688 -53.71 29.79 -1.16
N VAL H 689 -53.54 30.07 -2.45
CA VAL H 689 -52.30 29.73 -3.13
C VAL H 689 -51.39 30.94 -3.25
N ASN H 690 -51.85 32.13 -2.86
CA ASN H 690 -50.98 33.29 -2.68
C ASN H 690 -50.48 33.40 -1.26
N VAL H 691 -50.25 32.26 -0.62
CA VAL H 691 -49.76 32.08 0.74
C VAL H 691 -48.70 33.09 1.18
N ASP H 692 -48.83 33.54 2.44
CA ASP H 692 -47.88 34.40 3.13
C ASP H 692 -47.90 35.84 2.62
N GLU H 693 -49.11 36.35 2.39
CA GLU H 693 -49.33 37.77 2.15
C GLU H 693 -50.83 38.07 2.22
N ARG H 694 -51.22 39.06 3.01
CA ARG H 694 -52.63 39.35 3.19
C ARG H 694 -53.16 40.13 2.00
N GLU H 695 -54.24 39.62 1.41
CA GLU H 695 -54.87 40.28 0.28
C GLU H 695 -56.14 40.97 0.74
N PRO H 696 -56.15 42.29 0.90
CA PRO H 696 -57.32 42.97 1.43
C PRO H 696 -58.53 42.80 0.53
N ALA H 697 -59.69 43.16 1.07
CA ALA H 697 -60.96 43.09 0.36
C ALA H 697 -61.42 44.50 0.06
N THR H 698 -61.25 44.92 -1.19
CA THR H 698 -61.62 46.28 -1.58
C THR H 698 -63.05 46.33 -2.13
N LEU H 699 -63.99 45.78 -1.37
CA LEU H 699 -65.40 45.86 -1.72
C LEU H 699 -66.18 46.08 -0.43
N PRO H 700 -67.17 46.95 -0.45
CA PRO H 700 -67.87 47.28 0.79
C PRO H 700 -68.78 46.16 1.26
N SER H 701 -69.55 46.40 2.31
CA SER H 701 -70.55 45.44 2.79
C SER H 701 -71.90 45.95 2.33
N SER H 702 -72.28 45.59 1.11
CA SER H 702 -73.58 45.92 0.53
C SER H 702 -74.51 44.73 0.54
N LEU H 703 -74.46 43.93 1.60
CA LEU H 703 -75.28 42.75 1.75
C LEU H 703 -76.77 43.12 1.68
N ARG H 704 -77.61 42.12 1.57
CA ARG H 704 -79.05 42.34 1.53
C ARG H 704 -79.72 41.72 2.76
N PRO H 705 -80.29 42.52 3.66
CA PRO H 705 -80.89 41.96 4.87
C PRO H 705 -82.14 41.16 4.56
N SER H 706 -82.51 40.30 5.52
CA SER H 706 -83.68 39.45 5.37
C SER H 706 -84.51 39.34 6.63
N PHE H 707 -84.18 40.07 7.70
CA PHE H 707 -84.96 40.05 8.93
C PHE H 707 -85.81 41.30 9.09
N THR H 708 -85.20 42.48 8.89
CA THR H 708 -85.86 43.78 8.67
C THR H 708 -86.89 44.09 9.75
N GLN H 709 -86.88 43.39 10.88
CA GLN H 709 -87.84 43.69 11.94
C GLN H 709 -87.15 44.19 13.21
N LYS H 710 -86.28 43.37 13.81
CA LYS H 710 -85.58 43.73 15.04
C LYS H 710 -84.42 42.77 15.22
N VAL H 711 -83.82 42.79 16.41
CA VAL H 711 -82.65 41.98 16.71
C VAL H 711 -83.02 40.93 17.76
N ASP H 712 -84.27 40.49 17.76
CA ASP H 712 -84.73 39.34 18.54
C ASP H 712 -84.61 39.53 20.05
N THR H 713 -84.17 40.71 20.49
CA THR H 713 -84.09 41.12 21.89
C THR H 713 -83.61 40.03 22.84
N THR H 714 -82.63 39.23 22.42
CA THR H 714 -82.08 38.24 23.33
C THR H 714 -80.62 38.57 23.64
N PRO H 715 -80.18 38.36 24.88
CA PRO H 715 -78.82 38.76 25.26
C PRO H 715 -77.75 37.99 24.51
N PHE H 716 -76.54 38.55 24.54
CA PHE H 716 -75.39 37.92 23.90
C PHE H 716 -74.88 36.76 24.75
N GLY H 717 -74.95 35.55 24.21
CA GLY H 717 -74.45 34.40 24.92
C GLY H 717 -72.94 34.32 24.87
N THR H 718 -72.38 33.62 25.86
CA THR H 718 -70.93 33.46 25.94
C THR H 718 -70.44 32.50 24.87
N VAL H 719 -69.37 32.89 24.18
CA VAL H 719 -68.96 32.17 22.98
C VAL H 719 -67.96 31.05 23.27
N ILE H 720 -67.11 31.22 24.27
CA ILE H 720 -66.08 30.22 24.57
C ILE H 720 -65.81 30.24 26.06
N GLU H 721 -65.75 29.06 26.66
CA GLU H 721 -65.67 28.92 28.11
C GLU H 721 -64.50 28.05 28.50
N ASN H 722 -63.88 28.41 29.62
CA ASN H 722 -62.84 27.67 30.31
C ASN H 722 -61.49 27.77 29.60
N PHE H 723 -61.48 28.28 28.37
CA PHE H 723 -60.26 28.72 27.70
C PHE H 723 -59.20 27.62 27.58
N TYR H 724 -59.46 26.46 28.13
CA TYR H 724 -58.50 25.37 28.04
C TYR H 724 -59.12 24.08 27.54
N MET H 725 -60.34 23.77 27.96
CA MET H 725 -60.99 22.53 27.53
C MET H 725 -61.63 22.64 26.15
N THR H 726 -61.67 23.83 25.56
CA THR H 726 -61.91 23.91 24.13
C THR H 726 -60.69 23.37 23.40
N ASP H 727 -60.79 23.30 22.07
CA ASP H 727 -59.66 22.79 21.29
C ASP H 727 -59.32 21.35 21.65
N ALA H 728 -60.08 20.42 21.07
CA ALA H 728 -59.99 18.99 21.35
C ALA H 728 -58.58 18.50 21.63
N ILE H 729 -57.58 19.03 20.92
CA ILE H 729 -56.19 18.70 21.23
C ILE H 729 -55.91 18.92 22.71
N THR H 730 -56.05 20.16 23.18
CA THR H 730 -55.79 20.46 24.58
C THR H 730 -56.71 19.67 25.50
N ARG H 731 -57.99 19.58 25.09
CA ARG H 731 -59.04 18.96 25.88
C ARG H 731 -58.69 17.53 26.25
N ALA H 732 -58.55 16.67 25.25
CA ALA H 732 -58.00 15.35 25.51
C ALA H 732 -56.57 15.46 26.01
N SER H 733 -55.96 16.62 25.86
CA SER H 733 -54.71 16.89 26.54
C SER H 733 -55.02 17.35 27.96
N LYS H 734 -53.98 17.79 28.61
CA LYS H 734 -53.90 17.54 30.06
C LYS H 734 -53.42 18.68 30.95
N ILE H 735 -52.25 19.25 30.65
CA ILE H 735 -51.76 20.35 31.45
C ILE H 735 -52.79 21.46 31.42
N MET H 736 -53.47 21.60 30.30
CA MET H 736 -54.64 22.47 30.24
C MET H 736 -55.73 22.00 31.19
N ALA H 737 -55.84 20.69 31.43
CA ALA H 737 -56.86 20.22 32.36
C ALA H 737 -56.53 20.65 33.79
N GLN H 738 -55.28 20.50 34.21
CA GLN H 738 -54.98 20.92 35.58
C GLN H 738 -54.91 22.44 35.70
N CYS H 739 -54.53 23.14 34.63
CA CYS H 739 -54.66 24.59 34.63
C CYS H 739 -56.11 25.02 34.77
N SER H 740 -57.03 24.30 34.10
CA SER H 740 -58.44 24.59 34.29
C SER H 740 -58.90 24.27 35.70
N ALA H 741 -58.30 23.26 36.31
CA ALA H 741 -58.69 22.89 37.68
C ALA H 741 -58.20 23.90 38.70
N THR H 742 -57.05 24.54 38.45
CA THR H 742 -56.44 25.41 39.46
C THR H 742 -56.52 26.90 39.10
N LEU H 743 -56.01 27.30 37.94
CA LEU H 743 -55.84 28.70 37.58
C LEU H 743 -57.14 29.27 37.01
N LEU H 744 -58.16 29.34 37.86
CA LEU H 744 -59.42 29.96 37.46
C LEU H 744 -60.12 30.59 38.66
N ASN I 10 4.83 -11.50 -19.69
CA ASN I 10 4.79 -10.91 -18.35
C ASN I 10 3.62 -11.46 -17.55
N PHE I 11 3.92 -12.20 -16.50
CA PHE I 11 2.87 -12.73 -15.63
C PHE I 11 2.13 -11.60 -14.95
N THR I 12 0.95 -11.89 -14.41
CA THR I 12 0.18 -10.93 -13.62
C THR I 12 -0.10 -11.58 -12.28
N SER I 13 0.82 -11.43 -11.33
CA SER I 13 0.67 -12.08 -10.04
C SER I 13 0.00 -11.15 -9.04
N ASN I 14 -0.60 -11.74 -8.02
CA ASN I 14 -1.25 -11.01 -6.95
C ASN I 14 -0.52 -11.23 -5.63
N PHE I 15 -0.77 -10.35 -4.68
CA PHE I 15 -0.04 -10.34 -3.42
C PHE I 15 -0.97 -9.76 -2.36
N GLY I 16 -1.58 -10.63 -1.57
CA GLY I 16 -2.58 -10.22 -0.60
C GLY I 16 -2.28 -10.64 0.83
N PRO I 17 -1.01 -10.50 1.29
CA PRO I 17 -0.62 -11.09 2.56
C PRO I 17 -1.31 -10.44 3.76
N ALA I 21 3.31 -12.51 10.44
CA ALA I 21 3.90 -11.24 10.01
C ALA I 21 2.96 -10.08 10.29
N ALA I 22 1.77 -10.13 9.67
CA ALA I 22 0.72 -9.13 9.86
C ALA I 22 1.22 -7.72 9.58
N HIS I 23 1.89 -7.56 8.44
CA HIS I 23 2.42 -6.25 8.04
C HIS I 23 1.38 -5.44 7.28
N GLY I 24 0.20 -5.31 7.87
CA GLY I 24 -0.85 -4.51 7.30
C GLY I 24 -1.64 -5.23 6.22
N VAL I 25 -2.71 -4.57 5.79
CA VAL I 25 -3.56 -5.05 4.71
C VAL I 25 -3.30 -4.21 3.48
N LEU I 26 -2.89 -4.86 2.39
CA LEU I 26 -2.51 -4.16 1.17
C LEU I 26 -2.59 -5.13 0.02
N ARG I 27 -2.96 -4.63 -1.16
CA ARG I 27 -3.12 -5.53 -2.30
C ARG I 27 -2.11 -5.18 -3.39
N SER I 28 -0.98 -5.85 -3.43
CA SER I 28 -0.04 -5.60 -4.52
C SER I 28 -0.40 -6.43 -5.73
N VAL I 29 -0.35 -5.82 -6.91
CA VAL I 29 -0.47 -6.52 -8.17
C VAL I 29 0.81 -6.28 -8.96
N LEU I 30 1.35 -7.34 -9.55
CA LEU I 30 2.70 -7.30 -10.08
C LEU I 30 2.72 -7.86 -11.50
N GLU I 31 2.98 -6.98 -12.46
CA GLU I 31 3.44 -7.41 -13.77
C GLU I 31 4.84 -7.97 -13.59
N MET I 32 5.00 -9.26 -13.83
CA MET I 32 6.22 -9.99 -13.55
C MET I 32 6.86 -10.50 -14.85
N ASN I 33 8.12 -10.89 -14.73
CA ASN I 33 8.85 -11.47 -15.85
C ASN I 33 9.95 -12.35 -15.25
N GLY I 34 9.73 -13.66 -15.29
CA GLY I 34 10.64 -14.57 -14.64
C GLY I 34 10.59 -14.37 -13.13
N GLU I 35 11.65 -13.80 -12.58
CA GLU I 35 11.70 -13.43 -11.18
C GLU I 35 11.94 -11.93 -11.01
N VAL I 36 11.53 -11.15 -12.00
CA VAL I 36 11.71 -9.71 -12.00
C VAL I 36 10.36 -9.03 -11.91
N VAL I 37 10.27 -8.00 -11.08
CA VAL I 37 9.02 -7.27 -10.87
C VAL I 37 9.03 -6.11 -11.87
N GLU I 38 8.52 -6.37 -13.08
CA GLU I 38 8.53 -5.33 -14.10
C GLU I 38 7.68 -4.13 -13.69
N ARG I 39 6.60 -4.36 -12.95
CA ARG I 39 5.76 -3.24 -12.54
C ARG I 39 4.89 -3.65 -11.36
N ALA I 40 5.12 -3.06 -10.20
CA ALA I 40 4.33 -3.31 -9.01
C ALA I 40 3.39 -2.15 -8.75
N GLU I 41 2.16 -2.45 -8.36
CA GLU I 41 1.17 -1.43 -8.15
C GLU I 41 0.29 -1.80 -6.95
N PRO I 42 0.16 -0.93 -5.97
CA PRO I 42 -0.67 -1.26 -4.80
C PRO I 42 -2.10 -0.75 -4.90
N HIS I 43 -3.01 -1.58 -4.44
CA HIS I 43 -4.39 -1.20 -4.17
C HIS I 43 -4.52 -0.98 -2.67
N ILE I 44 -5.04 0.18 -2.30
CA ILE I 44 -4.88 0.72 -0.97
C ILE I 44 -6.19 1.06 -0.27
N GLY I 45 -7.30 1.16 -0.99
CA GLY I 45 -8.55 1.53 -0.35
C GLY I 45 -9.06 0.53 0.66
N LEU I 46 -8.32 -0.56 0.85
CA LEU I 46 -8.79 -1.70 1.63
C LEU I 46 -8.99 -1.38 3.10
N LEU I 47 -8.65 -0.19 3.57
CA LEU I 47 -8.99 0.19 4.95
C LEU I 47 -9.23 1.70 4.96
N HIS I 48 -10.48 2.08 4.74
CA HIS I 48 -10.88 3.47 4.68
C HIS I 48 -11.96 3.74 5.71
N ARG I 49 -12.00 4.95 6.24
CA ARG I 49 -12.97 5.26 7.27
C ARG I 49 -13.69 6.59 7.09
N GLY I 50 -13.15 7.54 6.36
CA GLY I 50 -13.77 8.85 6.27
C GLY I 50 -13.38 9.76 7.41
N THR I 51 -12.10 9.75 7.80
CA THR I 51 -11.69 10.49 8.97
C THR I 51 -11.94 11.97 8.81
N GLU I 52 -11.76 12.50 7.60
CA GLU I 52 -11.95 13.93 7.39
C GLU I 52 -13.42 14.31 7.49
N LYS I 53 -14.30 13.53 6.85
CA LYS I 53 -15.73 13.75 6.97
C LYS I 53 -16.16 13.73 8.43
N LEU I 54 -15.65 12.76 9.19
CA LEU I 54 -16.02 12.67 10.59
C LEU I 54 -15.54 13.88 11.37
N ILE I 55 -14.27 14.27 11.19
CA ILE I 55 -13.73 15.42 11.92
C ILE I 55 -14.62 16.64 11.73
N GLU I 56 -15.00 16.89 10.45
CA GLU I 56 -15.90 17.99 10.13
C GLU I 56 -17.22 17.88 10.87
N TYR I 57 -17.88 16.73 10.78
CA TYR I 57 -19.13 16.55 11.52
C TYR I 57 -18.89 16.39 13.01
N LYS I 58 -17.67 16.70 13.42
CA LYS I 58 -17.16 16.67 14.77
C LYS I 58 -16.49 18.01 14.99
N THR I 59 -15.47 18.04 15.83
CA THR I 59 -15.12 19.24 16.60
C THR I 59 -13.60 19.27 16.76
N TYR I 60 -13.10 20.02 17.76
CA TYR I 60 -11.67 20.04 18.03
C TYR I 60 -11.28 19.04 19.12
N LEU I 61 -11.76 19.28 20.35
CA LEU I 61 -11.45 18.39 21.44
C LEU I 61 -12.07 17.02 21.23
N GLN I 62 -13.13 16.93 20.43
CA GLN I 62 -13.71 15.64 20.13
C GLN I 62 -12.97 14.94 19.00
N ALA I 63 -12.31 15.69 18.13
CA ALA I 63 -11.62 15.07 17.01
C ALA I 63 -10.17 14.74 17.28
N LEU I 64 -9.63 15.17 18.42
CA LEU I 64 -8.28 14.73 18.78
C LEU I 64 -8.08 13.21 18.71
N PRO I 65 -8.99 12.36 19.21
CA PRO I 65 -8.75 10.92 19.11
C PRO I 65 -8.60 10.42 17.69
N TYR I 66 -9.18 11.07 16.69
CA TYR I 66 -8.96 10.66 15.31
C TYR I 66 -7.49 10.72 14.97
N PHE I 67 -6.86 11.87 15.25
CA PHE I 67 -5.43 11.97 15.04
C PHE I 67 -4.68 10.94 15.86
N ASP I 68 -5.19 10.61 17.04
CA ASP I 68 -4.57 9.52 17.77
C ASP I 68 -4.67 8.20 17.00
N ARG I 69 -5.74 8.01 16.24
CA ARG I 69 -5.94 6.74 15.54
C ARG I 69 -5.14 6.65 14.24
N LEU I 70 -4.88 7.78 13.59
CA LEU I 70 -4.06 7.75 12.38
C LEU I 70 -2.62 7.38 12.72
N ASP I 71 -2.03 6.52 11.89
CA ASP I 71 -0.66 6.06 12.10
C ASP I 71 -0.51 5.46 13.50
N TYR I 72 -1.20 4.38 13.70
CA TYR I 72 -1.39 3.83 15.04
C TYR I 72 -0.16 3.22 15.62
N VAL I 73 1.04 3.32 15.06
CA VAL I 73 2.24 2.88 15.76
C VAL I 73 2.76 4.03 16.60
N SER I 74 3.07 5.14 15.94
CA SER I 74 3.51 6.36 16.61
C SER I 74 2.27 7.14 17.04
N THR I 75 1.82 6.88 18.26
CA THR I 75 0.49 7.28 18.69
C THR I 75 0.44 8.63 19.39
N MET I 76 1.53 9.40 19.40
CA MET I 76 1.45 10.69 20.08
C MET I 76 1.99 11.83 19.24
N ALA I 77 2.89 11.54 18.30
CA ALA I 77 3.37 12.60 17.41
C ALA I 77 2.21 13.18 16.61
N GLN I 78 1.19 12.39 16.32
CA GLN I 78 0.04 12.90 15.59
C GLN I 78 -0.71 13.94 16.41
N GLU I 79 -1.04 13.62 17.67
CA GLU I 79 -1.69 14.60 18.51
C GLU I 79 -0.82 15.83 18.68
N HIS I 80 0.50 15.63 18.74
CA HIS I 80 1.40 16.76 18.86
C HIS I 80 1.27 17.68 17.65
N ALA I 81 1.19 17.11 16.45
CA ALA I 81 1.03 17.91 15.24
C ALA I 81 -0.31 18.63 15.22
N TYR I 82 -1.38 17.94 15.59
CA TYR I 82 -2.69 18.58 15.59
C TYR I 82 -2.75 19.71 16.61
N SER I 83 -2.16 19.50 17.78
CA SER I 83 -2.13 20.55 18.79
C SER I 83 -1.32 21.75 18.29
N LEU I 84 -0.19 21.50 17.63
CA LEU I 84 0.58 22.61 17.07
C LEU I 84 -0.24 23.38 16.05
N ALA I 85 -0.99 22.67 15.22
CA ALA I 85 -1.82 23.35 14.22
C ALA I 85 -2.86 24.24 14.88
N VAL I 86 -3.59 23.70 15.86
CA VAL I 86 -4.63 24.49 16.53
C VAL I 86 -4.02 25.69 17.22
N GLU I 87 -2.88 25.50 17.91
CA GLU I 87 -2.26 26.62 18.61
C GLU I 87 -1.83 27.70 17.62
N ARG I 88 -1.12 27.32 16.56
CA ARG I 88 -0.72 28.28 15.55
C ARG I 88 -1.91 29.06 15.03
N LEU I 89 -3.01 28.37 14.74
CA LEU I 89 -4.18 29.05 14.25
C LEU I 89 -4.85 29.91 15.32
N LEU I 90 -4.55 29.64 16.58
CA LEU I 90 -5.29 30.21 17.70
C LEU I 90 -4.50 31.23 18.51
N ASN I 91 -3.17 31.23 18.40
CA ASN I 91 -2.31 32.10 19.20
C ASN I 91 -2.52 31.84 20.69
N CYS I 92 -2.18 30.63 21.11
CA CYS I 92 -2.31 30.20 22.50
C CYS I 92 -0.98 29.61 22.95
N GLU I 93 -0.17 30.42 23.64
CA GLU I 93 1.13 29.94 24.10
C GLU I 93 0.95 28.84 25.14
N VAL I 94 2.04 28.14 25.41
CA VAL I 94 2.00 26.94 26.25
C VAL I 94 3.19 26.98 27.20
N PRO I 95 3.02 26.60 28.47
CA PRO I 95 4.11 26.74 29.44
C PRO I 95 5.26 25.77 29.20
N LEU I 96 6.36 26.06 29.88
CA LEU I 96 7.61 25.37 29.60
C LEU I 96 7.57 23.91 30.04
N ARG I 97 7.00 23.63 31.21
CA ARG I 97 6.90 22.24 31.63
C ARG I 97 6.06 21.44 30.65
N ALA I 98 5.00 22.05 30.13
CA ALA I 98 4.18 21.36 29.13
C ALA I 98 5.00 21.06 27.89
N GLN I 99 5.74 22.05 27.38
CA GLN I 99 6.59 21.80 26.22
C GLN I 99 7.59 20.68 26.49
N TYR I 100 8.20 20.68 27.67
CA TYR I 100 9.26 19.71 27.95
C TYR I 100 8.71 18.30 28.03
N ILE I 101 7.63 18.10 28.79
CA ILE I 101 7.08 16.75 28.85
C ILE I 101 6.53 16.32 27.50
N ARG I 102 6.05 17.28 26.70
CA ARG I 102 5.52 16.92 25.40
C ARG I 102 6.62 16.43 24.48
N VAL I 103 7.77 17.10 24.50
CA VAL I 103 8.91 16.62 23.72
C VAL I 103 9.40 15.27 24.24
N LEU I 104 9.45 15.11 25.57
CA LEU I 104 9.85 13.84 26.15
C LEU I 104 9.01 12.69 25.58
N PHE I 105 7.70 12.86 25.58
CA PHE I 105 6.86 11.78 25.11
C PHE I 105 6.89 11.64 23.59
N CYS I 106 7.06 12.73 22.85
CA CYS I 106 7.24 12.59 21.40
C CYS I 106 8.46 11.72 21.10
N GLU I 107 9.54 11.89 21.86
CA GLU I 107 10.73 11.09 21.61
C GLU I 107 10.56 9.65 22.05
N ILE I 108 9.86 9.42 23.18
CA ILE I 108 9.53 8.05 23.54
C ILE I 108 8.72 7.39 22.42
N THR I 109 7.80 8.14 21.82
CA THR I 109 7.00 7.60 20.73
C THR I 109 7.87 7.27 19.51
N ARG I 110 8.83 8.14 19.21
CA ARG I 110 9.75 7.84 18.13
C ARG I 110 10.49 6.54 18.37
N ILE I 111 10.97 6.33 19.60
CA ILE I 111 11.64 5.08 19.91
C ILE I 111 10.70 3.89 19.72
N LEU I 112 9.46 4.03 20.20
CA LEU I 112 8.48 2.97 20.02
C LEU I 112 8.35 2.57 18.56
N ASN I 113 8.06 3.57 17.72
CA ASN I 113 7.86 3.31 16.30
C ASN I 113 9.10 2.70 15.67
N HIS I 114 10.29 3.16 16.06
CA HIS I 114 11.48 2.62 15.45
C HIS I 114 11.68 1.16 15.83
N LEU I 115 11.47 0.81 17.11
CA LEU I 115 11.53 -0.59 17.50
C LEU I 115 10.60 -1.43 16.65
N LEU I 116 9.33 -1.01 16.55
CA LEU I 116 8.35 -1.83 15.84
C LEU I 116 8.73 -1.99 14.38
N ALA I 117 8.97 -0.88 13.69
CA ALA I 117 9.26 -0.95 12.25
C ALA I 117 10.52 -1.75 11.99
N LEU I 118 11.58 -1.47 12.74
CA LEU I 118 12.85 -2.13 12.50
C LEU I 118 12.73 -3.64 12.69
N THR I 119 12.15 -4.07 13.81
CA THR I 119 12.14 -5.51 14.04
C THR I 119 11.05 -6.23 13.24
N THR I 120 9.97 -5.55 12.85
CA THR I 120 9.04 -6.18 11.92
C THR I 120 9.68 -6.35 10.55
N HIS I 121 10.52 -5.40 10.15
CA HIS I 121 11.36 -5.58 8.98
C HIS I 121 12.23 -6.82 9.13
N ALA I 122 12.85 -6.97 10.29
CA ALA I 122 13.67 -8.14 10.54
C ALA I 122 12.87 -9.44 10.46
N MET I 123 11.59 -9.39 10.86
CA MET I 123 10.77 -10.59 10.75
C MET I 123 10.42 -10.90 9.30
N ASP I 124 10.02 -9.88 8.54
CA ASP I 124 9.77 -10.07 7.12
C ASP I 124 10.96 -10.71 6.43
N VAL I 125 12.17 -10.27 6.80
CA VAL I 125 13.36 -10.85 6.19
C VAL I 125 13.62 -12.25 6.75
N GLY I 126 13.22 -12.52 7.99
CA GLY I 126 13.36 -13.86 8.50
C GLY I 126 13.73 -14.02 9.96
N ALA I 127 14.37 -13.03 10.56
CA ALA I 127 14.73 -13.14 11.97
C ALA I 127 13.48 -13.04 12.84
N SER I 128 13.56 -13.62 14.02
CA SER I 128 12.42 -13.53 14.93
C SER I 128 12.80 -13.04 16.33
N THR I 129 13.96 -13.46 16.83
CA THR I 129 14.36 -13.05 18.16
C THR I 129 14.47 -11.53 18.31
N PRO I 130 14.95 -10.77 17.32
CA PRO I 130 14.90 -9.32 17.48
C PRO I 130 13.49 -8.82 17.64
N SER I 131 12.53 -9.42 16.91
CA SER I 131 11.15 -9.02 17.08
C SER I 131 10.70 -9.19 18.52
N LEU I 132 11.01 -10.33 19.13
CA LEU I 132 10.51 -10.54 20.49
C LEU I 132 11.20 -9.65 21.52
N TRP I 133 12.51 -9.42 21.36
CA TRP I 133 13.17 -8.53 22.32
C TRP I 133 12.66 -7.09 22.19
N ALA I 134 12.53 -6.62 20.96
CA ALA I 134 11.96 -5.29 20.74
C ALA I 134 10.55 -5.19 21.29
N PHE I 135 9.77 -6.28 21.22
CA PHE I 135 8.41 -6.20 21.73
C PHE I 135 8.39 -6.15 23.26
N GLU I 136 9.36 -6.80 23.91
CA GLU I 136 9.49 -6.60 25.35
C GLU I 136 9.75 -5.12 25.68
N GLU I 137 10.69 -4.50 24.95
CA GLU I 137 10.95 -3.09 25.20
C GLU I 137 9.72 -2.23 24.93
N ARG I 138 8.98 -2.56 23.86
CA ARG I 138 7.75 -1.83 23.60
C ARG I 138 6.76 -2.00 24.74
N GLU I 139 6.74 -3.17 25.37
CA GLU I 139 5.89 -3.34 26.54
C GLU I 139 6.27 -2.36 27.64
N LYS I 140 7.57 -2.21 27.88
CA LYS I 140 8.00 -1.25 28.90
C LYS I 140 7.52 0.17 28.57
N LEU I 141 7.71 0.60 27.33
CA LEU I 141 7.35 1.97 27.00
C LEU I 141 5.83 2.17 27.03
N LEU I 142 5.07 1.18 26.56
CA LEU I 142 3.62 1.27 26.67
C LEU I 142 3.18 1.32 28.12
N GLU I 143 3.91 0.66 29.01
CA GLU I 143 3.61 0.80 30.43
C GLU I 143 3.82 2.23 30.88
N PHE I 144 4.87 2.88 30.38
CA PHE I 144 5.03 4.31 30.69
C PHE I 144 3.81 5.10 30.25
N TYR I 145 3.36 4.88 29.02
CA TYR I 145 2.13 5.54 28.54
C TYR I 145 1.00 5.34 29.53
N GLU I 146 0.60 4.09 29.72
CA GLU I 146 -0.59 3.81 30.49
C GLU I 146 -0.46 4.23 31.95
N ARG I 147 0.77 4.41 32.44
CA ARG I 147 0.90 5.00 33.77
C ARG I 147 0.63 6.49 33.73
N VAL I 148 1.15 7.17 32.70
CA VAL I 148 1.00 8.63 32.66
C VAL I 148 -0.45 9.01 32.43
N SER I 149 -1.07 8.45 31.40
CA SER I 149 -2.49 8.74 31.18
C SER I 149 -3.08 7.74 30.20
N GLY I 150 -4.17 7.11 30.61
CA GLY I 150 -4.96 6.33 29.69
C GLY I 150 -4.46 4.92 29.49
N ALA I 151 -4.83 4.37 28.34
CA ALA I 151 -4.52 2.99 28.01
C ALA I 151 -3.08 2.90 27.51
N ARG I 152 -2.68 1.70 27.08
CA ARG I 152 -1.31 1.50 26.61
C ARG I 152 -1.06 2.30 25.35
N MET I 153 -1.81 2.05 24.30
CA MET I 153 -1.78 2.86 23.10
C MET I 153 -2.96 3.81 23.11
N HIS I 154 -2.94 4.74 22.16
CA HIS I 154 -4.05 5.68 21.97
C HIS I 154 -4.33 6.48 23.24
N ALA I 155 -3.28 7.08 23.79
CA ALA I 155 -3.42 7.92 24.97
C ALA I 155 -3.70 9.35 24.51
N SER I 156 -4.96 9.77 24.60
CA SER I 156 -5.31 11.13 24.19
C SER I 156 -4.79 12.08 25.26
N PHE I 157 -3.50 12.38 25.16
CA PHE I 157 -2.77 13.06 26.23
C PHE I 157 -2.26 14.44 25.85
N ILE I 158 -2.23 14.78 24.57
CA ILE I 158 -1.73 16.08 24.14
C ILE I 158 -2.86 16.90 23.55
N ARG I 159 -3.51 17.71 24.37
CA ARG I 159 -4.62 18.54 23.93
C ARG I 159 -4.10 19.86 23.40
N PRO I 160 -4.94 20.64 22.72
CA PRO I 160 -4.53 22.00 22.34
C PRO I 160 -4.20 22.80 23.58
N GLY I 161 -3.00 23.37 23.60
CA GLY I 161 -2.52 24.02 24.80
C GLY I 161 -2.11 23.03 25.87
N GLY I 162 -1.00 22.32 25.66
CA GLY I 162 -0.41 21.55 26.72
C GLY I 162 -0.87 20.12 26.84
N VAL I 163 -0.85 19.58 28.05
CA VAL I 163 -1.22 18.20 28.29
C VAL I 163 -2.48 18.14 29.13
N ALA I 164 -2.98 16.94 29.39
CA ALA I 164 -4.25 16.79 30.09
C ALA I 164 -4.07 16.68 31.60
N GLN I 165 -3.13 15.86 32.04
CA GLN I 165 -2.85 15.69 33.46
C GLN I 165 -1.35 15.71 33.67
N ASP I 166 -0.92 16.18 34.83
CA ASP I 166 0.48 16.15 35.14
C ASP I 166 0.97 14.71 35.31
N LEU I 167 2.22 14.54 35.20
CA LEU I 167 2.72 13.18 35.30
C LEU I 167 2.97 12.79 36.76
N PRO I 168 2.88 11.51 37.09
CA PRO I 168 3.02 11.08 38.49
C PRO I 168 4.42 11.24 39.03
N LEU I 169 4.65 10.78 40.25
CA LEU I 169 5.96 10.82 40.87
C LEU I 169 6.66 9.49 40.68
N GLY I 170 7.98 9.55 40.51
CA GLY I 170 8.77 8.37 40.22
C GLY I 170 8.90 8.06 38.75
N LEU I 171 8.04 8.66 37.91
CA LEU I 171 8.13 8.41 36.47
C LEU I 171 9.50 8.76 35.92
N CYS I 172 10.15 9.79 36.45
CA CYS I 172 11.47 10.15 35.96
C CYS I 172 12.51 9.09 36.33
N ARG I 173 12.44 8.57 37.56
CA ARG I 173 13.36 7.51 37.93
C ARG I 173 13.20 6.30 37.03
N ASP I 174 11.95 5.92 36.75
CA ASP I 174 11.73 4.79 35.86
C ASP I 174 12.25 5.09 34.45
N ILE I 175 12.08 6.35 34.00
CA ILE I 175 12.61 6.76 32.70
C ILE I 175 14.10 6.52 32.65
N ASP I 176 14.81 6.87 33.72
CA ASP I 176 16.27 6.71 33.73
C ASP I 176 16.66 5.24 33.67
N SER I 177 16.01 4.40 34.49
CA SER I 177 16.30 2.98 34.46
C SER I 177 16.13 2.44 33.04
N PHE I 178 15.01 2.80 32.40
CA PHE I 178 14.77 2.35 31.05
C PHE I 178 15.85 2.87 30.09
N THR I 179 16.29 4.11 30.29
CA THR I 179 17.30 4.68 29.39
C THR I 179 18.56 3.84 29.39
N GLN I 180 19.05 3.49 30.58
CA GLN I 180 20.29 2.70 30.65
C GLN I 180 20.09 1.32 30.02
N GLN I 181 19.08 0.59 30.50
CA GLN I 181 18.91 -0.77 30.00
C GLN I 181 18.62 -0.77 28.50
N PHE I 182 18.06 0.33 27.98
CA PHE I 182 17.70 0.37 26.58
C PHE I 182 18.89 0.70 25.69
N ALA I 183 19.82 1.53 26.17
CA ALA I 183 21.09 1.63 25.45
C ALA I 183 21.70 0.25 25.28
N SER I 184 21.71 -0.53 26.37
CA SER I 184 22.27 -1.87 26.27
C SER I 184 21.50 -2.73 25.27
N ARG I 185 20.17 -2.62 25.25
CA ARG I 185 19.38 -3.47 24.36
C ARG I 185 19.59 -3.12 22.90
N ILE I 186 19.65 -1.83 22.56
CA ILE I 186 19.98 -1.46 21.19
C ILE I 186 21.33 -2.02 20.80
N ASP I 187 22.30 -1.95 21.72
CA ASP I 187 23.60 -2.50 21.39
C ASP I 187 23.52 -3.99 21.06
N GLU I 188 22.74 -4.74 21.86
CA GLU I 188 22.54 -6.16 21.57
C GLU I 188 21.93 -6.37 20.20
N LEU I 189 20.84 -5.66 19.90
CA LEU I 189 20.15 -5.86 18.63
C LEU I 189 21.07 -5.55 17.45
N GLU I 190 21.80 -4.44 17.53
CA GLU I 190 22.71 -4.08 16.44
C GLU I 190 23.81 -5.11 16.28
N GLU I 191 24.30 -5.67 17.38
CA GLU I 191 25.27 -6.75 17.26
C GLU I 191 24.66 -7.98 16.61
N MET I 192 23.35 -8.19 16.81
CA MET I 192 22.70 -9.38 16.27
C MET I 192 22.47 -9.25 14.76
N LEU I 193 22.14 -8.06 14.27
CA LEU I 193 21.82 -7.88 12.86
C LEU I 193 22.91 -7.21 12.04
N THR I 194 23.41 -6.05 12.48
CA THR I 194 24.42 -5.32 11.73
C THR I 194 25.71 -6.11 11.70
N GLY I 195 26.05 -6.66 10.53
CA GLY I 195 27.25 -7.45 10.36
C GLY I 195 27.00 -8.87 9.94
N ASN I 196 25.78 -9.37 10.14
CA ASN I 196 25.45 -10.74 9.73
C ASN I 196 25.36 -10.80 8.22
N ARG I 197 26.26 -11.59 7.60
CA ARG I 197 26.38 -11.60 6.15
C ARG I 197 25.05 -11.89 5.47
N ILE I 198 24.20 -12.72 6.06
CA ILE I 198 22.88 -12.96 5.50
C ILE I 198 22.12 -11.65 5.39
N TRP I 199 22.02 -10.93 6.51
CA TRP I 199 21.30 -9.68 6.53
C TRP I 199 21.91 -8.66 5.59
N LYS I 200 23.24 -8.57 5.59
CA LYS I 200 23.91 -7.62 4.71
C LYS I 200 23.60 -7.91 3.25
N GLN I 201 23.78 -9.16 2.83
CA GLN I 201 23.53 -9.54 1.45
C GLN I 201 22.06 -9.47 1.09
N ARG I 202 21.17 -9.52 2.07
CA ARG I 202 19.75 -9.41 1.82
C ARG I 202 19.26 -7.98 1.78
N LEU I 203 19.99 -7.05 2.40
CA LEU I 203 19.55 -5.68 2.53
C LEU I 203 20.28 -4.72 1.60
N VAL I 204 21.59 -4.84 1.47
CA VAL I 204 22.38 -3.81 0.81
C VAL I 204 22.02 -3.73 -0.67
N ASP I 205 22.04 -2.51 -1.21
CA ASP I 205 21.84 -2.27 -2.64
C ASP I 205 20.50 -2.80 -3.11
N ILE I 206 19.48 -2.68 -2.27
CA ILE I 206 18.13 -3.14 -2.59
C ILE I 206 17.21 -1.94 -2.46
N GLY I 207 16.89 -1.32 -3.59
CA GLY I 207 15.99 -0.19 -3.59
C GLY I 207 16.70 1.14 -3.52
N THR I 208 17.68 1.34 -4.39
CA THR I 208 18.40 2.60 -4.42
C THR I 208 17.47 3.73 -4.83
N VAL I 209 17.73 4.91 -4.29
CA VAL I 209 16.90 6.09 -4.57
C VAL I 209 17.81 7.31 -4.67
N THR I 210 17.97 7.85 -5.86
CA THR I 210 18.71 9.09 -6.01
C THR I 210 17.92 10.26 -5.46
N ALA I 211 18.64 11.23 -4.90
CA ALA I 211 17.98 12.34 -4.21
C ALA I 211 17.07 13.12 -5.14
N GLN I 212 17.40 13.16 -6.42
CA GLN I 212 16.55 13.85 -7.38
C GLN I 212 15.15 13.24 -7.37
N GLN I 213 15.05 11.94 -7.62
CA GLN I 213 13.73 11.32 -7.61
C GLN I 213 13.16 11.21 -6.21
N ALA I 214 14.00 11.25 -5.17
CA ALA I 214 13.48 11.32 -3.81
C ALA I 214 12.67 12.60 -3.62
N LYS I 215 13.28 13.74 -3.87
CA LYS I 215 12.57 15.01 -3.76
C LYS I 215 11.41 15.08 -4.74
N ASP I 216 11.55 14.47 -5.93
CA ASP I 216 10.43 14.46 -6.86
C ASP I 216 9.24 13.72 -6.27
N TRP I 217 9.40 12.43 -5.99
CA TRP I 217 8.31 11.66 -5.41
C TRP I 217 7.94 12.13 -4.01
N GLY I 218 8.61 13.16 -3.50
CA GLY I 218 8.12 13.82 -2.30
C GLY I 218 8.24 13.00 -1.05
N PHE I 219 9.33 12.25 -0.88
CA PHE I 219 9.56 11.52 0.34
C PHE I 219 9.76 12.49 1.51
N SER I 220 9.85 11.92 2.70
CA SER I 220 10.13 12.70 3.90
C SER I 220 10.71 11.77 4.94
N GLY I 221 11.08 12.36 6.09
CA GLY I 221 11.61 11.54 7.16
C GLY I 221 12.85 10.79 6.73
N VAL I 222 13.09 9.66 7.41
CA VAL I 222 14.29 8.86 7.16
C VAL I 222 14.48 8.61 5.67
N MET I 223 13.39 8.33 4.96
CA MET I 223 13.49 8.10 3.52
C MET I 223 14.22 9.24 2.84
N LEU I 224 13.71 10.46 2.97
CA LEU I 224 14.38 11.60 2.36
C LEU I 224 15.78 11.78 2.90
N ARG I 225 15.99 11.45 4.17
CA ARG I 225 17.32 11.57 4.77
C ARG I 225 18.21 10.39 4.48
N GLY I 226 17.68 9.34 3.85
CA GLY I 226 18.49 8.20 3.53
C GLY I 226 19.56 8.58 2.53
N PRO I 227 19.14 8.89 1.31
CA PRO I 227 20.09 9.27 0.27
C PRO I 227 20.55 10.71 0.31
N GLY I 228 21.55 11.03 1.11
CA GLY I 228 22.19 12.31 0.91
C GLY I 228 21.55 13.46 1.64
N VAL I 229 20.64 14.16 0.95
CA VAL I 229 20.09 15.44 1.40
C VAL I 229 19.76 15.41 2.88
N CYS I 230 20.27 16.38 3.62
CA CYS I 230 20.18 16.42 5.07
C CYS I 230 19.16 17.48 5.45
N TRP I 231 17.96 17.06 5.80
CA TRP I 231 16.88 18.00 6.06
C TRP I 231 15.83 17.31 6.91
N ASP I 232 15.74 17.70 8.18
CA ASP I 232 14.61 17.32 9.01
C ASP I 232 14.03 18.54 9.70
N LEU I 233 12.73 18.47 9.98
CA LEU I 233 12.01 19.64 10.44
C LEU I 233 12.46 20.08 11.82
N ARG I 234 12.99 19.16 12.63
CA ARG I 234 13.42 19.53 13.97
C ARG I 234 14.55 20.54 13.91
N ARG I 235 15.45 20.39 12.96
CA ARG I 235 16.52 21.37 12.78
C ARG I 235 16.11 22.53 11.89
N ALA I 236 15.31 22.28 10.85
CA ALA I 236 14.94 23.35 9.94
C ALA I 236 13.95 24.31 10.59
N ALA I 237 12.76 23.82 10.94
CA ALA I 237 11.73 24.62 11.60
C ALA I 237 11.52 24.06 13.00
N PRO I 238 12.32 24.46 13.97
CA PRO I 238 12.27 23.82 15.30
C PRO I 238 11.05 24.24 16.09
N TYR I 239 9.96 23.50 15.91
CA TYR I 239 8.67 23.94 16.44
C TYR I 239 8.70 24.14 17.95
N ASP I 240 9.38 23.28 18.67
CA ASP I 240 9.25 23.24 20.12
C ASP I 240 10.64 23.37 20.72
N VAL I 241 10.79 23.01 21.99
CA VAL I 241 11.97 23.29 22.80
C VAL I 241 13.26 22.82 22.13
N TYR I 242 13.14 22.08 21.03
CA TYR I 242 14.23 21.35 20.39
C TYR I 242 15.56 22.09 20.32
N ASP I 243 15.56 23.42 20.26
CA ASP I 243 16.83 24.13 20.26
C ASP I 243 17.67 23.70 21.46
N GLN I 244 17.18 24.06 22.65
CA GLN I 244 17.90 23.70 23.87
C GLN I 244 18.25 22.23 23.91
N LEU I 245 17.56 21.41 23.12
CA LEU I 245 17.87 20.01 23.00
C LEU I 245 18.64 19.76 21.70
N ASP I 246 19.90 20.17 21.71
CA ASP I 246 20.83 19.71 20.67
C ASP I 246 20.84 18.18 20.54
N PHE I 247 20.97 17.70 19.31
CA PHE I 247 21.10 16.28 18.99
C PHE I 247 21.95 16.15 17.73
N ASP I 248 21.86 15.01 17.04
CA ASP I 248 22.85 14.67 16.02
C ASP I 248 22.32 14.68 14.59
N VAL I 249 21.15 14.10 14.32
CA VAL I 249 20.59 14.03 12.96
C VAL I 249 21.51 13.27 12.00
N PRO I 250 21.55 11.94 12.06
CA PRO I 250 22.38 11.20 11.12
C PRO I 250 21.85 11.30 9.69
N VAL I 251 22.72 10.97 8.74
CA VAL I 251 22.43 11.06 7.31
C VAL I 251 23.16 9.94 6.59
N GLY I 252 22.46 9.29 5.66
CA GLY I 252 23.03 8.20 4.91
C GLY I 252 23.72 8.64 3.64
N THR I 253 24.71 7.85 3.22
CA THR I 253 25.57 8.21 2.11
C THR I 253 25.13 7.64 0.77
N ARG I 254 24.57 6.43 0.75
CA ARG I 254 24.08 5.82 -0.49
C ARG I 254 22.70 5.25 -0.19
N GLY I 255 21.66 5.95 -0.62
CA GLY I 255 20.30 5.61 -0.24
C GLY I 255 19.89 4.21 -0.62
N ASP I 256 19.77 3.34 0.37
CA ASP I 256 19.26 1.99 0.15
C ASP I 256 18.77 1.44 1.49
N CYS I 257 18.42 0.15 1.50
CA CYS I 257 17.81 -0.44 2.68
C CYS I 257 18.78 -0.43 3.86
N TYR I 258 20.03 -0.81 3.62
CA TYR I 258 20.99 -0.88 4.72
C TYR I 258 21.23 0.48 5.33
N ASP I 259 21.33 1.52 4.50
CA ASP I 259 21.60 2.85 5.04
C ASP I 259 20.38 3.40 5.76
N ARG I 260 19.18 3.12 5.26
CA ARG I 260 18.01 3.52 6.03
C ARG I 260 17.96 2.81 7.37
N TYR I 261 18.37 1.55 7.40
CA TYR I 261 18.40 0.80 8.66
C TYR I 261 19.37 1.45 9.66
N CYS I 262 20.60 1.70 9.22
CA CYS I 262 21.56 2.33 10.12
C CYS I 262 21.08 3.71 10.56
N ILE I 263 20.43 4.45 9.66
CA ILE I 263 19.83 5.71 10.05
C ILE I 263 18.84 5.50 11.18
N ARG I 264 18.03 4.44 11.08
CA ARG I 264 17.02 4.20 12.11
C ARG I 264 17.67 3.95 13.47
N ILE I 265 18.74 3.15 13.49
CA ILE I 265 19.38 2.88 14.77
C ILE I 265 20.02 4.15 15.35
N GLU I 266 20.67 4.94 14.50
CA GLU I 266 21.25 6.18 15.02
C GLU I 266 20.17 7.13 15.51
N GLU I 267 18.99 7.11 14.88
CA GLU I 267 17.90 7.95 15.36
C GLU I 267 17.41 7.46 16.72
N MET I 268 17.40 6.15 16.94
CA MET I 268 17.10 5.63 18.26
C MET I 268 18.05 6.20 19.30
N ARG I 269 19.36 6.17 19.00
CA ARG I 269 20.32 6.66 19.99
C ARG I 269 20.17 8.16 20.23
N GLN I 270 19.94 8.94 19.18
CA GLN I 270 19.73 10.38 19.39
C GLN I 270 18.48 10.64 20.20
N SER I 271 17.42 9.85 19.97
CA SER I 271 16.23 10.00 20.78
C SER I 271 16.51 9.69 22.25
N MET I 272 17.41 8.72 22.51
CA MET I 272 17.83 8.50 23.90
C MET I 272 18.53 9.73 24.46
N ARG I 273 19.41 10.35 23.67
CA ARG I 273 20.06 11.56 24.14
C ARG I 273 19.04 12.62 24.55
N ILE I 274 18.00 12.79 23.74
CA ILE I 274 16.97 13.78 24.07
C ILE I 274 16.18 13.37 25.30
N ILE I 275 15.80 12.10 25.38
CA ILE I 275 15.02 11.59 26.51
C ILE I 275 15.80 11.71 27.80
N TRP I 276 17.12 11.79 27.73
CA TRP I 276 17.83 12.10 28.96
C TRP I 276 17.97 13.59 29.19
N GLN I 277 18.12 14.37 28.11
CA GLN I 277 18.29 15.81 28.30
C GLN I 277 17.06 16.44 28.93
N CYS I 278 15.87 15.87 28.70
CA CYS I 278 14.66 16.48 29.28
C CYS I 278 14.61 16.35 30.81
N PRO I 279 14.63 15.15 31.39
CA PRO I 279 14.53 15.04 32.86
C PRO I 279 15.70 15.67 33.60
N ASN I 280 16.65 16.30 32.93
CA ASN I 280 17.65 17.09 33.61
C ASN I 280 17.35 18.58 33.57
N LYS I 281 16.46 19.02 32.67
CA LYS I 281 16.12 20.42 32.56
C LYS I 281 14.67 20.74 32.83
N ILE I 282 13.82 19.74 33.04
CA ILE I 282 12.37 19.94 33.09
C ILE I 282 12.00 20.96 34.17
N PRO I 283 11.50 22.12 33.76
CA PRO I 283 11.26 23.22 34.70
C PRO I 283 9.96 23.10 35.47
N SER I 284 9.98 22.44 36.62
CA SER I 284 8.78 22.25 37.43
C SER I 284 7.97 23.54 37.56
N GLY I 285 6.77 23.54 37.01
CA GLY I 285 5.90 24.71 37.03
C GLY I 285 4.46 24.31 36.75
N MET I 286 3.74 25.12 36.00
CA MET I 286 2.36 24.82 35.65
C MET I 286 2.31 24.02 34.37
N ILE I 287 1.09 23.68 33.92
CA ILE I 287 0.89 23.00 32.66
C ILE I 287 -0.31 23.57 31.93
N LYS I 288 -0.23 23.54 30.61
CA LYS I 288 -1.33 23.54 29.65
C LYS I 288 -2.04 24.85 29.38
N ALA I 289 -1.86 25.88 30.20
CA ALA I 289 -2.56 27.14 29.92
C ALA I 289 -2.35 28.22 30.94
N ASP I 290 -2.94 29.38 30.68
CA ASP I 290 -3.29 30.30 31.75
C ASP I 290 -4.65 30.96 31.50
N ASP I 291 -5.44 30.46 30.56
CA ASP I 291 -6.78 31.00 30.33
C ASP I 291 -7.80 29.88 30.35
N ARG I 292 -8.73 29.98 31.30
CA ARG I 292 -9.82 29.02 31.39
C ARG I 292 -10.88 29.43 30.38
N LYS I 293 -10.43 29.70 29.17
CA LYS I 293 -11.28 29.88 28.01
C LYS I 293 -10.79 29.07 26.83
N LEU I 294 -9.53 28.66 26.84
CA LEU I 294 -9.01 27.64 25.94
C LEU I 294 -8.61 26.36 26.65
N CYS I 295 -8.43 26.39 27.98
CA CYS I 295 -8.20 25.11 28.63
C CYS I 295 -9.04 25.00 29.91
N PRO I 296 -9.70 23.87 30.10
CA PRO I 296 -10.71 23.78 31.16
C PRO I 296 -10.07 23.82 32.53
N PRO I 297 -10.79 24.28 33.55
CA PRO I 297 -10.22 24.37 34.88
C PRO I 297 -10.21 23.03 35.58
N SER I 298 -9.26 22.88 36.50
CA SER I 298 -9.12 21.61 37.21
C SER I 298 -10.29 21.41 38.17
N ARG I 299 -10.28 20.26 38.84
CA ARG I 299 -11.47 19.81 39.57
C ARG I 299 -11.76 20.68 40.78
N CYS I 300 -10.73 20.98 41.58
CA CYS I 300 -10.97 21.76 42.80
C CYS I 300 -11.58 23.12 42.48
N ARG I 301 -10.98 23.84 41.53
CA ARG I 301 -11.54 25.12 41.14
C ARG I 301 -12.93 24.94 40.53
N MET I 302 -13.10 23.94 39.68
CA MET I 302 -14.39 23.74 39.03
C MET I 302 -15.51 23.51 40.03
N LYS I 303 -15.20 22.86 41.14
CA LYS I 303 -16.22 22.53 42.13
C LYS I 303 -16.26 23.51 43.28
N LEU I 304 -15.36 24.49 43.32
CA LEU I 304 -15.43 25.50 44.37
C LEU I 304 -15.79 26.89 43.84
N SER I 305 -15.09 27.40 42.85
CA SER I 305 -15.40 28.72 42.32
C SER I 305 -16.64 28.66 41.43
N MET I 306 -17.10 29.83 41.00
CA MET I 306 -18.29 29.91 40.19
C MET I 306 -18.00 30.04 38.70
N GLU I 307 -17.19 31.02 38.31
CA GLU I 307 -16.91 31.19 36.89
C GLU I 307 -16.12 30.03 36.32
N SER I 308 -15.39 29.30 37.17
CA SER I 308 -14.74 28.09 36.71
C SER I 308 -15.76 27.08 36.22
N SER I 309 -16.90 26.97 36.90
CA SER I 309 -17.93 26.05 36.44
C SER I 309 -18.55 26.51 35.14
N ILE I 310 -18.79 27.81 34.99
CA ILE I 310 -19.31 28.33 33.72
C ILE I 310 -18.38 27.97 32.58
N HIS I 311 -17.08 28.20 32.77
CA HIS I 311 -16.14 27.98 31.70
C HIS I 311 -15.98 26.49 31.41
N HIS I 312 -15.95 25.66 32.45
CA HIS I 312 -15.91 24.22 32.23
C HIS I 312 -17.11 23.75 31.43
N PHE I 313 -18.29 24.23 31.80
CA PHE I 313 -19.51 23.85 31.10
C PHE I 313 -19.46 24.25 29.63
N GLU I 314 -19.15 25.52 29.37
CA GLU I 314 -19.13 25.97 27.99
C GLU I 314 -18.04 25.26 27.19
N LEU I 315 -16.91 24.98 27.83
CA LEU I 315 -15.77 24.41 27.13
C LEU I 315 -15.96 22.92 26.84
N TYR I 316 -16.75 22.23 27.64
CA TYR I 316 -17.06 20.84 27.34
C TYR I 316 -18.38 20.66 26.61
N THR I 317 -19.15 21.73 26.42
CA THR I 317 -20.31 21.65 25.54
C THR I 317 -19.96 22.06 24.11
N GLU I 318 -19.51 23.30 23.92
CA GLU I 318 -19.29 23.81 22.58
C GLU I 318 -17.83 23.96 22.21
N GLY I 319 -16.91 23.76 23.14
CA GLY I 319 -15.49 23.92 22.85
C GLY I 319 -15.17 25.37 22.56
N PHE I 320 -13.91 25.61 22.26
CA PHE I 320 -13.45 26.95 21.95
C PHE I 320 -13.66 27.23 20.47
N SER I 321 -13.86 28.51 20.15
CA SER I 321 -13.99 28.95 18.77
C SER I 321 -12.66 29.52 18.32
N VAL I 322 -12.21 29.11 17.14
CA VAL I 322 -10.97 29.64 16.59
C VAL I 322 -11.30 30.53 15.39
N PRO I 323 -10.52 31.55 15.10
CA PRO I 323 -10.89 32.52 14.07
C PRO I 323 -10.80 31.99 12.64
N ALA I 324 -11.00 32.89 11.68
CA ALA I 324 -11.25 32.62 10.28
C ALA I 324 -10.14 31.98 9.45
N PRO I 325 -8.85 32.25 9.67
CA PRO I 325 -7.85 31.84 8.68
C PRO I 325 -7.63 30.34 8.56
N SER I 326 -6.74 29.95 7.65
CA SER I 326 -6.43 28.55 7.38
C SER I 326 -4.92 28.38 7.35
N THR I 327 -4.44 27.22 7.82
CA THR I 327 -3.01 27.03 8.02
C THR I 327 -2.58 25.62 7.66
N TYR I 328 -1.28 25.44 7.51
CA TYR I 328 -0.63 24.16 7.33
C TYR I 328 0.42 23.99 8.41
N THR I 329 0.48 22.81 9.00
CA THR I 329 1.42 22.55 10.09
C THR I 329 2.04 21.18 9.92
N ALA I 330 3.35 21.11 10.02
CA ALA I 330 4.09 19.89 9.75
C ALA I 330 4.89 19.49 10.98
N VAL I 331 5.02 18.18 11.19
CA VAL I 331 5.78 17.67 12.33
C VAL I 331 6.60 16.48 11.87
N GLU I 332 7.83 16.40 12.39
CA GLU I 332 8.73 15.29 12.10
C GLU I 332 8.27 14.07 12.91
N ALA I 333 7.25 13.42 12.38
CA ALA I 333 6.79 12.16 12.96
C ALA I 333 7.86 11.10 12.74
N PRO I 334 7.75 9.95 13.40
CA PRO I 334 8.73 8.88 13.14
C PRO I 334 8.82 8.48 11.68
N LYS I 335 7.73 8.55 10.93
CA LYS I 335 7.78 8.22 9.52
C LYS I 335 8.32 9.38 8.70
N GLY I 336 7.60 10.50 8.69
CA GLY I 336 8.03 11.64 7.92
C GLY I 336 7.26 12.91 8.23
N GLU I 337 7.14 13.80 7.27
CA GLU I 337 6.49 15.08 7.51
C GLU I 337 5.00 14.89 7.65
N PHE I 338 4.52 14.60 8.85
CA PHE I 338 3.09 14.49 9.06
C PHE I 338 2.47 15.87 8.99
N GLY I 339 1.57 16.08 8.04
CA GLY I 339 1.01 17.40 7.78
C GLY I 339 -0.46 17.50 8.11
N VAL I 340 -0.87 18.66 8.60
CA VAL I 340 -2.27 18.93 8.89
C VAL I 340 -2.63 20.27 8.28
N PHE I 341 -3.74 20.31 7.54
CA PHE I 341 -4.21 21.52 6.87
C PHE I 341 -5.58 21.86 7.43
N LEU I 342 -5.67 22.96 8.17
CA LEU I 342 -6.93 23.38 8.80
C LEU I 342 -7.50 24.57 8.05
N VAL I 343 -8.82 24.55 7.83
CA VAL I 343 -9.47 25.63 7.11
C VAL I 343 -10.59 26.18 7.99
N SER I 344 -10.35 26.19 9.30
CA SER I 344 -11.38 26.58 10.26
C SER I 344 -11.92 27.97 9.96
N ASN I 345 -13.22 28.15 10.21
CA ASN I 345 -13.87 29.44 10.05
C ASN I 345 -14.82 29.66 11.21
N GLY I 346 -14.57 30.69 12.00
CA GLY I 346 -15.54 31.06 13.00
C GLY I 346 -15.87 29.96 13.97
N SER I 347 -17.01 29.32 13.73
CA SER I 347 -17.58 28.30 14.62
C SER I 347 -16.59 27.23 15.01
N ASN I 348 -16.90 26.53 16.07
CA ASN I 348 -16.10 25.55 16.78
C ASN I 348 -15.93 24.27 16.06
N ARG I 349 -16.26 24.10 14.79
CA ARG I 349 -16.02 22.84 14.12
C ARG I 349 -14.99 23.02 13.03
N PRO I 350 -13.98 22.17 12.95
CA PRO I 350 -12.90 22.40 11.99
C PRO I 350 -13.34 22.15 10.56
N TYR I 351 -13.49 23.21 9.81
CA TYR I 351 -13.82 23.14 8.40
C TYR I 351 -12.66 22.49 7.64
N ARG I 352 -12.88 21.29 7.13
CA ARG I 352 -11.97 20.65 6.17
C ARG I 352 -10.55 20.50 6.74
N CYS I 353 -10.45 19.62 7.74
CA CYS I 353 -9.14 19.23 8.24
C CYS I 353 -8.57 18.13 7.36
N LYS I 354 -7.46 18.40 6.68
CA LYS I 354 -6.87 17.50 5.71
C LYS I 354 -5.56 16.94 6.25
N ILE I 355 -5.38 15.63 6.08
CA ILE I 355 -4.20 14.94 6.60
C ILE I 355 -3.20 14.76 5.46
N ARG I 356 -1.91 14.75 5.82
CA ARG I 356 -0.81 14.60 4.88
C ARG I 356 0.18 13.60 5.48
N ALA I 357 -0.29 12.38 5.70
CA ALA I 357 0.58 11.31 6.15
C ALA I 357 1.53 10.90 5.02
N PRO I 358 2.77 10.50 5.36
CA PRO I 358 3.76 10.21 4.32
C PRO I 358 3.54 8.89 3.58
N GLY I 359 2.43 8.22 3.89
CA GLY I 359 2.16 6.94 3.28
C GLY I 359 2.00 7.02 1.78
N PHE I 360 1.37 8.08 1.29
CA PHE I 360 1.20 8.24 -0.16
C PHE I 360 2.54 8.32 -0.87
N ALA I 361 3.41 9.21 -0.40
CA ALA I 361 4.73 9.32 -1.00
C ALA I 361 5.46 7.98 -0.95
N HIS I 362 5.39 7.30 0.19
CA HIS I 362 6.16 6.07 0.31
C HIS I 362 5.60 4.95 -0.57
N LEU I 363 4.30 4.92 -0.81
CA LEU I 363 3.77 3.89 -1.70
C LEU I 363 4.09 4.17 -3.16
N GLN I 364 3.98 5.43 -3.59
CA GLN I 364 4.42 5.70 -4.95
C GLN I 364 5.90 5.39 -5.11
N GLY I 365 6.68 5.63 -4.05
CA GLY I 365 8.03 5.14 -3.98
C GLY I 365 8.07 3.69 -4.34
N LEU I 366 7.45 2.84 -3.49
CA LEU I 366 7.37 1.41 -3.75
C LEU I 366 7.16 1.11 -5.23
N ASP I 367 6.17 1.77 -5.83
CA ASP I 367 5.91 1.58 -7.25
C ASP I 367 7.19 1.74 -8.07
N PHE I 368 7.83 2.90 -7.98
CA PHE I 368 8.91 3.13 -8.93
C PHE I 368 10.20 2.42 -8.53
N MET I 369 10.49 2.35 -7.23
CA MET I 369 11.73 1.80 -6.73
C MET I 369 11.69 0.29 -6.54
N SER I 370 10.58 -0.36 -6.85
CA SER I 370 10.49 -1.81 -6.77
C SER I 370 10.61 -2.48 -8.12
N LYS I 371 11.20 -1.80 -9.11
CA LYS I 371 11.38 -2.39 -10.43
C LYS I 371 12.70 -3.14 -10.50
N HIS I 372 12.72 -4.17 -11.33
CA HIS I 372 13.92 -4.96 -11.60
C HIS I 372 14.47 -5.60 -10.34
N HIS I 373 13.59 -6.08 -9.48
CA HIS I 373 13.94 -6.83 -8.28
C HIS I 373 13.12 -8.10 -8.22
N MET I 374 13.30 -8.86 -7.15
CA MET I 374 12.58 -10.10 -6.94
C MET I 374 11.60 -9.93 -5.79
N LEU I 375 10.75 -10.94 -5.59
CA LEU I 375 9.64 -10.78 -4.65
C LEU I 375 10.14 -10.66 -3.21
N ALA I 376 11.19 -11.40 -2.87
CA ALA I 376 11.82 -11.19 -1.57
C ALA I 376 12.25 -9.74 -1.42
N ASP I 377 12.74 -9.13 -2.49
CA ASP I 377 13.14 -7.73 -2.43
C ASP I 377 11.93 -6.81 -2.34
N VAL I 378 10.79 -7.21 -2.90
CA VAL I 378 9.57 -6.43 -2.70
C VAL I 378 9.19 -6.40 -1.23
N VAL I 379 9.22 -7.56 -0.58
CA VAL I 379 8.96 -7.63 0.85
C VAL I 379 9.95 -6.76 1.61
N THR I 380 11.23 -6.84 1.24
CA THR I 380 12.24 -6.01 1.87
C THR I 380 11.95 -4.53 1.71
N ILE I 381 11.46 -4.14 0.54
CA ILE I 381 11.17 -2.73 0.29
C ILE I 381 10.02 -2.26 1.16
N ILE I 382 8.97 -3.07 1.28
CA ILE I 382 7.88 -2.69 2.20
C ILE I 382 8.43 -2.54 3.61
N GLY I 383 9.27 -3.48 4.04
CA GLY I 383 9.86 -3.37 5.36
C GLY I 383 10.58 -2.06 5.56
N THR I 384 11.50 -1.74 4.66
CA THR I 384 12.29 -0.51 4.82
C THR I 384 11.44 0.73 4.67
N GLN I 385 10.29 0.65 4.01
CA GLN I 385 9.43 1.81 3.91
C GLN I 385 8.64 2.04 5.18
N ASP I 386 8.36 0.97 5.93
CA ASP I 386 7.63 1.10 7.19
C ASP I 386 6.28 1.77 6.96
N ILE I 387 5.45 1.06 6.27
CA ILE I 387 4.14 1.56 5.91
C ILE I 387 3.16 1.23 7.02
N VAL I 388 2.16 2.09 7.19
CA VAL I 388 1.00 1.83 8.04
C VAL I 388 -0.23 2.20 7.24
N SER I 389 -0.97 1.19 6.78
CA SER I 389 -2.10 1.46 5.91
C SER I 389 -3.12 2.35 6.61
N GLY I 390 -3.19 2.27 7.93
CA GLY I 390 -4.05 3.20 8.67
C GLY I 390 -3.83 4.64 8.26
N GLU I 391 -2.58 5.09 8.28
CA GLU I 391 -2.31 6.48 7.91
C GLU I 391 -2.26 6.67 6.40
N VAL I 392 -1.93 5.63 5.63
CA VAL I 392 -1.87 5.86 4.18
C VAL I 392 -3.26 6.03 3.61
N ASP I 393 -4.28 5.52 4.28
CA ASP I 393 -5.63 5.55 3.74
C ASP I 393 -6.57 6.47 4.53
N ARG I 394 -6.50 6.45 5.86
CA ARG I 394 -7.38 7.19 6.77
C ARG I 394 -8.77 7.44 6.23
N MET J 1 7.52 35.48 9.42
CA MET J 1 8.76 35.49 10.17
C MET J 1 9.64 34.33 9.71
N ASP J 2 9.20 33.66 8.65
CA ASP J 2 9.86 32.44 8.20
C ASP J 2 10.53 32.59 6.85
N ASN J 3 9.78 32.94 5.80
CA ASN J 3 10.30 32.85 4.45
C ASN J 3 9.92 34.06 3.62
N GLN J 4 10.06 35.26 4.20
CA GLN J 4 9.77 36.45 3.42
C GLN J 4 10.67 36.57 2.21
N SER J 5 11.89 36.04 2.29
CA SER J 5 12.86 36.22 1.23
C SER J 5 12.39 35.58 -0.08
N ILE J 6 12.15 34.27 -0.05
CA ILE J 6 11.75 33.55 -1.26
C ILE J 6 10.47 34.12 -1.83
N PHE J 7 9.49 34.39 -0.97
CA PHE J 7 8.21 34.90 -1.45
C PHE J 7 8.37 36.26 -2.12
N LYS J 8 9.09 37.16 -1.47
CA LYS J 8 9.29 38.50 -2.05
C LYS J 8 10.00 38.40 -3.38
N TYR J 9 11.07 37.60 -3.45
CA TYR J 9 11.81 37.49 -4.71
C TYR J 9 10.94 36.88 -5.79
N SER J 10 10.13 35.88 -5.43
CA SER J 10 9.29 35.24 -6.43
C SER J 10 8.25 36.20 -6.97
N TRP J 11 7.67 37.05 -6.12
CA TRP J 11 6.65 37.96 -6.62
C TRP J 11 7.27 39.09 -7.43
N GLU J 12 8.46 39.54 -7.06
CA GLU J 12 9.02 40.70 -7.74
C GLU J 12 9.67 40.35 -9.08
N THR J 13 9.84 39.07 -9.40
CA THR J 13 10.43 38.68 -10.67
C THR J 13 9.48 37.87 -11.54
N LEU J 14 8.28 37.59 -11.07
CA LEU J 14 7.35 36.76 -11.83
C LEU J 14 6.80 37.53 -13.02
N PRO J 15 6.41 36.83 -14.08
CA PRO J 15 5.59 37.47 -15.11
C PRO J 15 4.23 37.79 -14.54
N LYS J 16 3.96 39.07 -14.29
CA LYS J 16 2.80 39.40 -13.47
C LYS J 16 1.51 39.22 -14.19
N LYS J 17 1.55 38.56 -15.35
CA LYS J 17 0.33 38.33 -16.11
C LYS J 17 -0.59 37.33 -15.42
N TRP J 18 -0.04 36.35 -14.71
CA TRP J 18 -0.84 35.23 -14.21
C TRP J 18 -0.86 35.12 -12.69
N VAL J 19 -0.99 36.24 -11.99
CA VAL J 19 -1.17 36.22 -10.55
C VAL J 19 -2.42 37.03 -10.22
N LYS J 20 -3.39 36.39 -9.56
CA LYS J 20 -4.67 37.01 -9.27
C LYS J 20 -4.78 37.52 -7.84
N LYS J 21 -3.99 36.98 -6.91
CA LYS J 21 -4.04 37.42 -5.53
C LYS J 21 -2.80 36.94 -4.81
N MET J 22 -2.25 37.79 -3.94
CA MET J 22 -1.09 37.44 -3.13
C MET J 22 -1.38 37.78 -1.69
N GLU J 23 -1.10 36.86 -0.78
CA GLU J 23 -1.32 37.09 0.65
C GLU J 23 -0.06 36.68 1.41
N ARG J 24 0.63 37.66 1.98
CA ARG J 24 1.83 37.38 2.77
C ARG J 24 1.48 37.43 4.26
N SER J 25 0.76 36.40 4.69
CA SER J 25 0.36 36.27 6.09
C SER J 25 1.53 35.74 6.91
N GLU J 26 1.25 35.33 8.14
CA GLU J 26 2.19 34.56 8.92
C GLU J 26 1.74 33.12 9.09
N HIS J 27 0.54 32.78 8.65
CA HIS J 27 0.12 31.38 8.62
C HIS J 27 0.71 30.67 7.41
N GLY J 28 0.74 31.33 6.27
CA GLY J 28 1.28 30.75 5.05
C GLY J 28 1.08 31.66 3.86
N ASN J 29 2.09 31.76 3.01
CA ASN J 29 2.06 32.72 1.91
C ASN J 29 1.32 32.13 0.72
N ARG J 30 0.36 32.88 0.17
CA ARG J 30 -0.56 32.36 -0.82
C ARG J 30 -0.41 33.10 -2.14
N PHE J 31 -0.19 32.35 -3.22
CA PHE J 31 -0.30 32.83 -4.59
C PHE J 31 -1.58 32.25 -5.19
N ASP J 32 -2.68 32.97 -5.05
CA ASP J 32 -3.92 32.60 -5.72
C ASP J 32 -3.81 32.98 -7.20
N THR J 33 -3.83 31.99 -8.08
CA THR J 33 -3.66 32.22 -9.51
C THR J 33 -4.87 31.76 -10.28
N LYS J 34 -4.81 31.95 -11.59
CA LYS J 34 -5.87 31.52 -12.49
C LYS J 34 -5.62 30.09 -12.94
N THR J 35 -6.70 29.33 -13.11
CA THR J 35 -6.54 27.93 -13.48
C THR J 35 -5.96 27.73 -14.87
N ASP J 36 -5.82 28.79 -15.65
CA ASP J 36 -5.34 28.62 -17.02
C ASP J 36 -3.83 28.57 -17.09
N TYR J 37 -3.13 29.22 -16.16
CA TYR J 37 -1.68 29.31 -16.19
C TYR J 37 -1.00 28.48 -15.10
N LEU J 38 -1.76 27.66 -14.39
CA LEU J 38 -1.21 26.95 -13.23
C LEU J 38 0.03 26.17 -13.59
N PHE J 39 -0.02 25.38 -14.66
CA PHE J 39 1.15 24.61 -15.06
C PHE J 39 2.30 25.54 -15.40
N GLN J 40 2.02 26.66 -16.06
CA GLN J 40 3.08 27.61 -16.39
C GLN J 40 3.75 28.13 -15.13
N LEU J 41 2.95 28.55 -14.15
CA LEU J 41 3.51 29.08 -12.91
C LEU J 41 4.34 28.03 -12.19
N LEU J 42 3.78 26.82 -12.04
CA LEU J 42 4.53 25.80 -11.32
C LEU J 42 5.81 25.40 -12.05
N CYS J 43 5.80 25.42 -13.39
CA CYS J 43 7.02 25.12 -14.11
C CYS J 43 8.01 26.25 -14.06
N PHE J 44 7.56 27.49 -13.82
CA PHE J 44 8.50 28.55 -13.52
C PHE J 44 9.27 28.21 -12.25
N LEU J 45 8.55 27.99 -11.16
CA LEU J 45 9.17 27.40 -10.00
C LEU J 45 9.69 26.01 -10.34
N LYS J 46 10.48 25.45 -9.43
CA LYS J 46 11.12 24.15 -9.62
C LYS J 46 12.23 24.25 -10.66
N LEU J 47 12.33 25.38 -11.31
CA LEU J 47 13.36 25.53 -12.32
C LEU J 47 14.20 26.78 -12.14
N HIS J 48 13.60 27.88 -11.71
CA HIS J 48 14.37 29.09 -11.50
C HIS J 48 15.41 28.87 -10.40
N THR J 49 16.63 29.30 -10.66
CA THR J 49 17.76 28.92 -9.82
C THR J 49 17.82 29.69 -8.50
N TYR J 50 16.76 30.38 -8.11
CA TYR J 50 16.65 30.91 -6.76
C TYR J 50 15.44 30.35 -6.02
N THR J 51 14.25 30.45 -6.58
CA THR J 51 13.06 29.90 -5.95
C THR J 51 12.73 28.55 -6.54
N ARG J 52 13.64 27.60 -6.37
CA ARG J 52 13.40 26.25 -6.84
C ARG J 52 12.73 25.45 -5.73
N VAL J 53 11.52 24.99 -6.00
CA VAL J 53 10.73 24.30 -4.98
C VAL J 53 11.05 22.81 -4.96
N GLN J 54 10.96 22.14 -6.10
CA GLN J 54 11.48 20.80 -6.30
C GLN J 54 10.75 19.73 -5.48
N VAL J 55 9.77 20.08 -4.66
CA VAL J 55 9.03 19.07 -3.91
C VAL J 55 7.62 19.56 -3.64
N LEU J 56 6.63 18.74 -4.00
CA LEU J 56 5.22 19.06 -3.81
C LEU J 56 4.70 18.25 -2.65
N ILE J 57 4.22 18.93 -1.62
CA ILE J 57 3.88 18.27 -0.36
C ILE J 57 2.43 17.81 -0.34
N ASP J 58 1.52 18.58 -0.93
CA ASP J 58 0.11 18.24 -0.81
C ASP J 58 -0.69 18.90 -1.91
N ILE J 59 -1.75 18.23 -2.35
CA ILE J 59 -2.73 18.79 -3.27
C ILE J 59 -4.09 18.48 -2.66
N CYS J 60 -4.66 19.44 -1.94
CA CYS J 60 -5.91 19.21 -1.22
C CYS J 60 -7.03 20.04 -1.81
N GLY J 61 -8.24 19.49 -1.75
CA GLY J 61 -9.42 20.18 -2.20
C GLY J 61 -10.21 20.73 -1.03
N VAL J 62 -10.81 21.90 -1.23
CA VAL J 62 -11.68 22.54 -0.24
C VAL J 62 -12.99 22.85 -0.94
N ASP J 63 -14.10 22.64 -0.24
CA ASP J 63 -15.43 22.81 -0.81
C ASP J 63 -16.15 23.96 -0.13
N TYR J 64 -16.65 24.89 -0.93
CA TYR J 64 -17.42 26.04 -0.45
C TYR J 64 -18.75 26.04 -1.21
N PRO J 65 -19.81 25.49 -0.64
CA PRO J 65 -21.07 25.33 -1.36
C PRO J 65 -21.94 26.58 -1.34
N SER J 66 -21.30 27.74 -1.44
CA SER J 66 -22.03 28.99 -1.47
C SER J 66 -21.45 29.99 -2.45
N ARG J 67 -20.46 29.62 -3.24
CA ARG J 67 -19.82 30.52 -4.17
C ARG J 67 -19.96 29.95 -5.58
N LYS J 68 -19.95 30.84 -6.58
CA LYS J 68 -20.15 30.38 -7.95
C LYS J 68 -19.04 29.43 -8.37
N ARG J 69 -17.80 29.69 -7.96
CA ARG J 69 -16.69 28.76 -8.17
C ARG J 69 -16.64 27.85 -6.94
N ARG J 70 -17.29 26.70 -7.05
CA ARG J 70 -17.63 25.91 -5.87
C ARG J 70 -16.39 25.40 -5.15
N PHE J 71 -15.43 24.86 -5.89
CA PHE J 71 -14.29 24.16 -5.31
C PHE J 71 -13.10 25.08 -5.13
N GLU J 72 -12.04 24.54 -4.54
CA GLU J 72 -10.81 25.29 -4.31
C GLU J 72 -9.67 24.28 -4.23
N VAL J 73 -8.82 24.23 -5.23
CA VAL J 73 -7.68 23.32 -5.20
C VAL J 73 -6.51 24.05 -4.58
N VAL J 74 -5.69 23.35 -3.82
CA VAL J 74 -4.60 23.98 -3.08
C VAL J 74 -3.37 23.10 -3.16
N TYR J 75 -2.23 23.68 -3.55
CA TYR J 75 -0.96 23.00 -3.68
C TYR J 75 -0.01 23.54 -2.63
N ASN J 76 0.33 22.73 -1.62
CA ASN J 76 1.31 23.09 -0.62
C ASN J 76 2.64 22.49 -1.01
N LEU J 77 3.66 23.33 -1.18
CA LEU J 77 4.93 22.83 -1.68
C LEU J 77 6.07 23.66 -1.12
N LEU J 78 7.15 22.98 -0.75
CA LEU J 78 8.27 23.63 -0.06
C LEU J 78 9.52 23.61 -0.94
N SER J 79 10.55 24.28 -0.44
CA SER J 79 11.84 24.39 -1.13
C SER J 79 12.91 23.88 -0.16
N THR J 80 13.33 22.63 -0.34
CA THR J 80 14.27 22.04 0.60
C THR J 80 15.62 22.73 0.57
N ARG J 81 15.94 23.45 -0.50
CA ARG J 81 17.22 24.13 -0.59
C ARG J 81 17.18 25.51 0.05
N TYR J 82 16.07 26.23 -0.11
CA TYR J 82 15.95 27.58 0.41
C TYR J 82 15.12 27.66 1.68
N ASN J 83 14.79 26.52 2.28
CA ASN J 83 14.08 26.44 3.55
C ASN J 83 12.87 27.37 3.56
N SER J 84 11.91 27.07 2.70
CA SER J 84 10.72 27.89 2.56
C SER J 84 9.63 27.06 1.94
N ARG J 85 8.39 27.44 2.19
CA ARG J 85 7.26 26.76 1.58
C ARG J 85 6.19 27.77 1.20
N ILE J 86 5.55 27.53 0.07
CA ILE J 86 4.47 28.38 -0.41
C ILE J 86 3.28 27.52 -0.79
N ARG J 87 2.14 28.18 -0.88
CA ARG J 87 0.85 27.52 -1.07
C ARG J 87 0.16 28.18 -2.26
N VAL J 88 0.18 27.51 -3.41
CA VAL J 88 -0.46 28.03 -4.62
C VAL J 88 -1.88 27.50 -4.66
N GLN J 89 -2.85 28.39 -4.63
CA GLN J 89 -4.25 28.04 -4.41
C GLN J 89 -5.08 28.51 -5.59
N THR J 90 -5.63 27.58 -6.35
CA THR J 90 -6.41 27.91 -7.53
C THR J 90 -7.89 27.62 -7.30
N SER J 91 -8.72 28.27 -8.09
CA SER J 91 -10.14 28.03 -8.06
C SER J 91 -10.54 27.01 -9.11
N ALA J 92 -11.68 26.38 -8.90
CA ALA J 92 -12.15 25.36 -9.84
C ALA J 92 -13.62 25.07 -9.56
N ASP J 93 -14.40 25.01 -10.61
CA ASP J 93 -15.84 24.83 -10.54
C ASP J 93 -16.17 23.36 -10.75
N GLU J 94 -17.46 23.06 -10.86
CA GLU J 94 -17.86 21.81 -11.50
C GLU J 94 -17.42 21.87 -12.96
N VAL J 95 -17.68 20.80 -13.71
CA VAL J 95 -16.70 20.26 -14.64
C VAL J 95 -15.90 21.36 -15.33
N THR J 96 -14.58 21.31 -15.11
CA THR J 96 -13.64 22.27 -15.68
C THR J 96 -12.26 21.61 -15.64
N ARG J 97 -11.84 21.09 -16.78
CA ARG J 97 -10.66 20.24 -16.83
C ARG J 97 -9.41 21.01 -16.43
N ILE J 98 -8.89 20.73 -15.25
CA ILE J 98 -7.74 21.42 -14.70
C ILE J 98 -6.46 20.75 -15.21
N SER J 99 -5.43 21.56 -15.42
CA SER J 99 -4.18 21.04 -15.92
C SER J 99 -3.54 20.10 -14.91
N SER J 100 -2.62 19.28 -15.38
CA SER J 100 -1.92 18.33 -14.53
C SER J 100 -0.51 18.81 -14.21
N VAL J 101 0.09 18.19 -13.20
CA VAL J 101 1.47 18.49 -12.85
C VAL J 101 2.26 17.20 -12.71
N VAL J 102 1.69 16.08 -13.16
CA VAL J 102 2.41 14.82 -13.07
C VAL J 102 3.63 14.82 -13.96
N SER J 103 3.71 15.73 -14.92
CA SER J 103 4.92 15.84 -15.72
C SER J 103 6.04 16.46 -14.91
N LEU J 104 5.73 17.45 -14.09
CA LEU J 104 6.75 18.11 -13.28
C LEU J 104 7.06 17.32 -12.02
N PHE J 105 6.09 17.19 -11.13
CA PHE J 105 6.26 16.42 -9.91
C PHE J 105 5.55 15.09 -10.10
N PRO J 106 6.26 13.99 -10.32
CA PRO J 106 5.59 12.70 -10.43
C PRO J 106 4.85 12.28 -9.18
N SER J 107 4.98 13.03 -8.09
CA SER J 107 4.27 12.72 -6.85
C SER J 107 2.94 13.44 -6.76
N ALA J 108 2.15 13.36 -7.82
CA ALA J 108 0.83 13.96 -7.82
C ALA J 108 -0.24 13.05 -8.39
N GLY J 109 0.13 11.93 -8.99
CA GLY J 109 -0.89 11.02 -9.50
C GLY J 109 -1.81 10.53 -8.41
N TRP J 110 -1.26 10.19 -7.25
CA TRP J 110 -2.11 9.70 -6.17
C TRP J 110 -2.90 10.83 -5.53
N TRP J 111 -2.29 12.00 -5.37
CA TRP J 111 -3.04 13.11 -4.79
C TRP J 111 -4.06 13.67 -5.78
N GLU J 112 -3.82 13.53 -7.08
CA GLU J 112 -4.84 13.98 -8.02
C GLU J 112 -5.95 12.96 -8.18
N ARG J 113 -5.65 11.66 -8.08
CA ARG J 113 -6.72 10.68 -8.02
C ARG J 113 -7.57 10.88 -6.78
N GLU J 114 -6.93 11.18 -5.65
CA GLU J 114 -7.68 11.38 -4.42
C GLU J 114 -8.62 12.58 -4.56
N VAL J 115 -8.17 13.65 -5.21
CA VAL J 115 -9.06 14.79 -5.42
C VAL J 115 -10.03 14.54 -6.55
N TRP J 116 -9.89 13.43 -7.28
CA TRP J 116 -10.88 13.12 -8.30
C TRP J 116 -12.12 12.46 -7.72
N ASP J 117 -11.96 11.57 -6.75
CA ASP J 117 -13.12 10.87 -6.23
C ASP J 117 -13.68 11.49 -4.96
N MET J 118 -12.81 11.89 -4.02
CA MET J 118 -13.30 12.59 -2.83
C MET J 118 -14.14 13.80 -3.24
N PHE J 119 -13.56 14.69 -4.02
CA PHE J 119 -14.29 15.76 -4.65
C PHE J 119 -14.69 15.30 -6.06
N GLY J 120 -15.09 16.22 -6.92
CA GLY J 120 -15.44 15.87 -8.28
C GLY J 120 -14.64 16.60 -9.32
N VAL J 121 -13.63 17.36 -8.91
CA VAL J 121 -12.86 18.17 -9.85
C VAL J 121 -12.10 17.26 -10.80
N SER J 122 -12.11 17.61 -12.08
CA SER J 122 -11.54 16.75 -13.10
C SER J 122 -10.02 16.96 -13.17
N SER J 123 -9.38 16.41 -14.20
CA SER J 123 -7.97 16.69 -14.48
C SER J 123 -7.69 16.27 -15.91
N ILE J 124 -7.31 17.22 -16.76
CA ILE J 124 -7.34 16.98 -18.20
C ILE J 124 -6.32 15.91 -18.59
N ASN J 125 -5.07 16.09 -18.18
CA ASN J 125 -4.04 15.14 -18.59
C ASN J 125 -4.02 13.91 -17.70
N HIS J 126 -2.93 13.15 -17.76
CA HIS J 126 -2.89 11.76 -17.30
C HIS J 126 -3.49 11.48 -15.92
N PRO J 127 -3.18 12.22 -14.85
CA PRO J 127 -3.44 11.70 -13.49
C PRO J 127 -4.88 11.34 -13.21
N ASP J 128 -5.84 11.75 -14.04
CA ASP J 128 -7.24 11.43 -13.78
C ASP J 128 -7.55 9.98 -14.20
N LEU J 129 -6.87 9.06 -13.54
CA LEU J 129 -7.23 7.66 -13.68
C LEU J 129 -8.42 7.40 -12.77
N ARG J 130 -8.76 6.13 -12.57
CA ARG J 130 -9.93 5.79 -11.79
C ARG J 130 -9.74 6.18 -10.32
N ARG J 131 -10.79 6.01 -9.54
CA ARG J 131 -10.80 6.39 -8.13
C ARG J 131 -9.79 5.56 -7.34
N ILE J 132 -9.41 6.09 -6.17
CA ILE J 132 -8.41 5.43 -5.33
C ILE J 132 -8.98 5.10 -3.96
N LEU J 133 -9.40 6.12 -3.21
CA LEU J 133 -9.76 5.89 -1.81
C LEU J 133 -11.07 5.13 -1.70
N THR J 134 -12.16 5.72 -2.19
CA THR J 134 -13.44 5.05 -2.10
C THR J 134 -13.40 3.71 -2.83
N ASP J 135 -14.21 2.76 -2.35
CA ASP J 135 -14.01 1.36 -2.68
C ASP J 135 -14.15 1.05 -4.17
N TYR J 136 -15.35 1.18 -4.71
CA TYR J 136 -15.65 0.73 -6.06
C TYR J 136 -16.74 1.65 -6.61
N GLY J 137 -17.46 1.19 -7.62
CA GLY J 137 -18.49 2.00 -8.22
C GLY J 137 -19.32 2.69 -7.16
N PHE J 138 -19.17 4.00 -7.09
CA PHE J 138 -19.64 4.81 -5.99
C PHE J 138 -20.50 5.93 -6.55
N GLU J 139 -21.67 6.14 -5.93
CA GLU J 139 -22.63 7.07 -6.50
C GLU J 139 -22.05 8.47 -6.62
N GLY J 140 -21.76 9.11 -5.49
CA GLY J 140 -21.37 10.50 -5.47
C GLY J 140 -19.87 10.68 -5.31
N HIS J 141 -19.50 11.84 -4.79
CA HIS J 141 -18.10 12.16 -4.48
C HIS J 141 -18.05 12.53 -3.00
N PRO J 142 -17.63 11.62 -2.15
CA PRO J 142 -18.05 11.68 -0.75
C PRO J 142 -17.24 12.60 0.15
N LEU J 143 -16.94 13.81 -0.30
CA LEU J 143 -16.36 14.78 0.62
C LEU J 143 -16.86 16.20 0.38
N ARG J 144 -17.75 16.42 -0.57
CA ARG J 144 -18.40 17.72 -0.65
C ARG J 144 -19.46 17.81 0.44
N LYS J 145 -20.07 18.98 0.56
CA LYS J 145 -21.02 19.21 1.63
C LYS J 145 -22.40 18.63 1.36
N ASP J 146 -22.54 17.76 0.35
CA ASP J 146 -23.83 17.18 0.03
C ASP J 146 -23.90 15.70 0.36
N PHE J 147 -22.88 14.94 0.01
CA PHE J 147 -22.81 13.53 0.36
C PHE J 147 -22.93 13.39 1.88
N PRO J 148 -24.06 12.89 2.38
CA PRO J 148 -24.26 12.86 3.83
C PRO J 148 -23.25 11.96 4.51
N LEU J 149 -23.10 12.18 5.82
CA LEU J 149 -22.08 11.46 6.58
C LEU J 149 -22.26 9.96 6.50
N SER J 150 -23.49 9.49 6.37
CA SER J 150 -23.79 8.06 6.41
C SER J 150 -23.96 7.44 5.04
N GLY J 151 -23.83 8.20 3.97
CA GLY J 151 -23.85 7.65 2.64
C GLY J 151 -25.24 7.27 2.16
N TYR J 152 -25.40 7.24 0.85
CA TYR J 152 -26.69 6.93 0.26
C TYR J 152 -27.02 5.44 0.41
N VAL J 153 -26.20 4.58 -0.18
CA VAL J 153 -26.40 3.15 -0.12
C VAL J 153 -25.16 2.56 0.53
N GLU J 154 -25.30 2.14 1.78
CA GLU J 154 -24.13 1.67 2.50
C GLU J 154 -24.38 0.40 3.30
N VAL J 155 -25.62 -0.05 3.47
CA VAL J 155 -25.80 -1.33 4.13
C VAL J 155 -25.16 -2.39 3.25
N ARG J 156 -24.34 -3.24 3.86
CA ARG J 156 -23.62 -4.26 3.09
C ARG J 156 -23.52 -5.50 3.96
N TYR J 157 -24.29 -6.53 3.64
CA TYR J 157 -24.36 -7.68 4.53
C TYR J 157 -24.47 -8.98 3.75
N ASP J 158 -24.20 -10.08 4.44
CA ASP J 158 -24.21 -11.40 3.83
C ASP J 158 -25.65 -11.86 3.60
N ASP J 159 -25.83 -12.65 2.55
CA ASP J 159 -27.14 -13.22 2.22
C ASP J 159 -26.98 -14.70 1.89
N PRO J 160 -27.38 -15.60 2.80
CA PRO J 160 -27.45 -17.02 2.43
C PRO J 160 -28.43 -17.29 1.31
N GLU J 161 -29.28 -16.31 0.98
CA GLU J 161 -29.98 -16.36 -0.29
C GLU J 161 -28.99 -16.57 -1.42
N LYS J 162 -28.02 -15.66 -1.59
CA LYS J 162 -26.94 -15.99 -2.51
C LYS J 162 -25.53 -16.00 -1.91
N ARG J 163 -24.91 -14.82 -1.70
CA ARG J 163 -23.67 -14.74 -0.96
C ARG J 163 -23.57 -13.50 -0.06
N VAL J 164 -23.70 -12.32 -0.65
CA VAL J 164 -23.44 -11.03 0.01
C VAL J 164 -24.01 -9.95 -0.90
N VAL J 165 -24.42 -8.81 -0.34
CA VAL J 165 -25.13 -7.82 -1.13
C VAL J 165 -24.98 -6.46 -0.48
N SER J 166 -25.21 -5.40 -1.26
CA SER J 166 -25.22 -4.02 -0.79
C SER J 166 -26.61 -3.44 -1.03
N GLU J 167 -27.24 -2.96 0.03
CA GLU J 167 -28.61 -2.48 0.04
C GLU J 167 -28.68 -1.12 0.73
N PRO J 168 -29.73 -0.34 0.45
CA PRO J 168 -29.80 1.03 0.96
C PRO J 168 -29.84 1.09 2.49
N ILE J 169 -29.48 2.26 3.00
CA ILE J 169 -29.19 2.43 4.42
C ILE J 169 -30.48 2.49 5.22
N GLU J 170 -30.53 1.75 6.32
CA GLU J 170 -31.64 1.79 7.27
C GLU J 170 -31.09 1.74 8.69
N MET J 171 -30.06 2.52 8.95
CA MET J 171 -29.32 2.39 10.20
C MET J 171 -30.19 2.75 11.40
N THR J 172 -29.80 2.21 12.55
CA THR J 172 -30.47 2.44 13.81
C THR J 172 -29.68 3.43 14.66
N GLN J 173 -30.40 4.14 15.54
CA GLN J 173 -29.83 5.21 16.36
C GLN J 173 -29.22 6.29 15.45
N GLU J 174 -30.12 6.98 14.75
CA GLU J 174 -29.73 7.97 13.75
C GLU J 174 -28.70 8.93 14.29
N PHE J 175 -27.90 9.50 13.38
CA PHE J 175 -26.88 10.45 13.77
C PHE J 175 -27.50 11.67 14.41
N ARG J 176 -27.29 11.83 15.71
CA ARG J 176 -27.73 13.04 16.39
C ARG J 176 -26.78 14.18 16.07
N TYR J 177 -27.33 15.36 15.82
CA TYR J 177 -26.52 16.54 15.55
C TYR J 177 -26.86 17.58 16.61
N PHE J 178 -25.88 17.89 17.46
CA PHE J 178 -26.03 18.89 18.49
C PHE J 178 -25.65 20.26 17.94
N ASP J 179 -26.22 21.30 18.55
CA ASP J 179 -26.09 22.64 17.99
C ASP J 179 -24.91 23.40 18.58
N PHE J 180 -24.92 23.64 19.89
CA PHE J 180 -23.82 24.20 20.66
C PHE J 180 -23.49 25.64 20.27
N ALA J 181 -24.11 26.21 19.24
CA ALA J 181 -23.75 27.55 18.81
C ALA J 181 -24.06 28.55 19.92
N SER J 182 -23.56 29.78 19.76
CA SER J 182 -23.63 30.78 20.82
C SER J 182 -23.86 32.17 20.25
N PRO J 183 -25.08 32.65 20.27
CA PRO J 183 -25.30 34.07 19.97
C PRO J 183 -24.79 34.93 21.10
N TRP J 184 -23.73 35.68 20.84
CA TRP J 184 -23.07 36.47 21.86
C TRP J 184 -23.97 37.55 22.45
N ARG K 42 -36.10 12.67 -6.16
CA ARG K 42 -36.67 14.00 -6.04
C ARG K 42 -37.23 14.21 -4.64
N ARG K 43 -37.14 15.46 -4.15
CA ARG K 43 -37.64 15.77 -2.83
C ARG K 43 -37.93 17.25 -2.76
N ARG K 44 -39.05 17.61 -2.14
CA ARG K 44 -39.38 19.01 -1.91
C ARG K 44 -38.57 19.53 -0.73
N VAL K 45 -37.95 20.69 -0.89
CA VAL K 45 -37.12 21.27 0.14
C VAL K 45 -37.66 22.66 0.44
N VAL K 46 -37.29 23.17 1.61
CA VAL K 46 -37.75 24.49 2.04
C VAL K 46 -36.54 25.33 2.41
N ILE K 47 -36.42 26.50 1.79
CA ILE K 47 -35.31 27.41 2.02
C ILE K 47 -35.80 28.52 2.93
N TYR K 48 -35.24 28.61 4.13
CA TYR K 48 -35.66 29.65 5.07
C TYR K 48 -34.44 30.21 5.77
N SER K 49 -34.65 31.24 6.58
CA SER K 49 -33.62 31.73 7.48
C SER K 49 -34.07 31.46 8.90
N PRO K 50 -33.33 30.68 9.68
CA PRO K 50 -33.80 30.36 11.03
C PRO K 50 -33.90 31.61 11.88
N ALA K 51 -35.05 31.77 12.52
CA ALA K 51 -35.30 32.97 13.31
C ALA K 51 -34.54 32.90 14.62
N ARG K 52 -34.47 34.04 15.29
CA ARG K 52 -33.72 34.13 16.52
C ARG K 52 -34.34 33.24 17.59
N THR K 53 -33.48 32.58 18.37
CA THR K 53 -33.98 31.74 19.45
C THR K 53 -34.78 32.57 20.43
N ALA K 54 -35.87 31.99 20.94
CA ALA K 54 -36.76 32.70 21.84
C ALA K 54 -36.32 32.65 23.27
N SER K 55 -35.07 32.33 23.54
CA SER K 55 -34.57 32.26 24.92
C SER K 55 -33.45 33.23 25.20
N GLN K 56 -32.55 33.44 24.25
CA GLN K 56 -31.43 34.34 24.43
C GLN K 56 -31.78 35.71 23.85
N GLN K 57 -30.79 36.59 23.79
CA GLN K 57 -30.97 37.90 23.18
C GLN K 57 -29.80 38.25 22.28
N GLY K 58 -29.12 37.23 21.74
CA GLY K 58 -27.99 37.45 20.88
C GLY K 58 -28.40 37.65 19.43
N SER K 59 -27.40 37.79 18.57
CA SER K 59 -27.66 38.01 17.17
C SER K 59 -26.70 37.30 16.24
N GLY K 60 -25.78 36.50 16.74
CA GLY K 60 -24.86 35.82 15.87
C GLY K 60 -25.41 34.64 15.11
N LYS K 61 -26.73 34.48 15.08
CA LYS K 61 -27.30 33.33 14.39
C LYS K 61 -28.55 33.72 13.60
N VAL K 62 -28.67 34.97 13.20
CA VAL K 62 -29.83 35.42 12.43
C VAL K 62 -29.34 35.90 11.08
N GLY K 63 -30.19 35.76 10.07
CA GLY K 63 -29.81 36.14 8.73
C GLY K 63 -28.81 35.16 8.16
N ARG K 64 -29.21 33.90 8.06
CA ARG K 64 -28.30 32.84 7.63
C ARG K 64 -29.14 31.82 6.88
N TRP K 65 -29.21 31.99 5.57
CA TRP K 65 -30.13 31.19 4.77
C TRP K 65 -29.71 29.73 4.76
N LYS K 66 -30.70 28.86 4.91
CA LYS K 66 -30.47 27.46 5.20
C LYS K 66 -31.63 26.64 4.63
N ILE K 67 -31.29 25.52 4.01
CA ILE K 67 -32.25 24.66 3.33
C ILE K 67 -32.51 23.44 4.20
N ASN K 68 -33.79 23.10 4.39
CA ASN K 68 -34.11 21.87 5.11
C ASN K 68 -34.89 20.93 4.21
N PHE K 69 -34.53 19.66 4.30
CA PHE K 69 -35.27 18.58 3.68
C PHE K 69 -36.30 18.13 4.70
N LEU K 70 -37.57 18.43 4.45
CA LEU K 70 -38.57 18.14 5.46
C LEU K 70 -38.77 16.64 5.60
N SER K 71 -37.72 15.97 6.08
CA SER K 71 -37.70 14.53 6.21
C SER K 71 -38.05 14.16 7.64
N THR K 72 -39.16 13.43 7.81
CA THR K 72 -39.61 12.96 9.11
C THR K 72 -40.20 11.57 8.94
N GLN K 73 -39.36 10.55 9.10
CA GLN K 73 -39.79 9.17 8.98
C GLN K 73 -39.13 8.31 10.04
N LYS K 74 -39.11 8.78 11.28
CA LYS K 74 -38.41 8.09 12.35
C LYS K 74 -39.33 7.08 13.03
N TRP K 75 -38.71 6.12 13.72
CA TRP K 75 -39.44 5.12 14.48
C TRP K 75 -38.56 4.63 15.61
N GLU K 76 -39.16 3.88 16.52
CA GLU K 76 -38.51 3.47 17.76
C GLU K 76 -37.89 2.09 17.60
N ASN K 77 -36.58 2.02 17.73
CA ASN K 77 -35.86 0.74 17.65
C ASN K 77 -36.37 -0.18 18.75
N PRO K 78 -36.97 -1.32 18.42
CA PRO K 78 -37.67 -2.11 19.44
C PRO K 78 -36.76 -2.64 20.54
N LEU K 79 -35.47 -2.84 20.28
CA LEU K 79 -34.61 -3.41 21.30
C LEU K 79 -34.43 -2.44 22.46
N MET K 80 -33.78 -1.30 22.21
CA MET K 80 -33.49 -0.34 23.26
C MET K 80 -34.49 0.80 23.32
N GLY K 81 -34.70 1.50 22.21
CA GLY K 81 -35.60 2.63 22.22
C GLY K 81 -35.01 3.82 21.50
N TRP K 82 -33.85 3.61 20.89
CA TRP K 82 -33.23 4.65 20.09
C TRP K 82 -34.10 4.97 18.87
N THR K 83 -33.87 6.14 18.30
CA THR K 83 -34.67 6.61 17.18
C THR K 83 -33.98 6.24 15.88
N SER K 84 -34.51 5.24 15.20
CA SER K 84 -33.95 4.83 13.92
C SER K 84 -34.42 5.76 12.81
N THR K 85 -33.86 5.56 11.61
CA THR K 85 -34.29 6.31 10.45
C THR K 85 -33.78 5.59 9.20
N GLY K 86 -34.25 6.06 8.05
CA GLY K 86 -33.86 5.45 6.79
C GLY K 86 -33.61 6.45 5.69
N ASP K 87 -33.72 7.74 6.00
CA ASP K 87 -33.49 8.78 5.02
C ASP K 87 -32.02 9.16 5.01
N PRO K 88 -31.33 9.10 3.87
CA PRO K 88 -29.93 9.54 3.84
C PRO K 88 -29.75 11.00 4.16
N TYR K 89 -30.78 11.83 3.93
CA TYR K 89 -30.72 13.27 4.18
C TYR K 89 -31.33 13.63 5.51
N ALA K 90 -31.17 12.78 6.52
CA ALA K 90 -31.85 12.99 7.79
C ALA K 90 -31.40 14.29 8.46
N HIS K 91 -30.12 14.62 8.37
CA HIS K 91 -29.57 15.73 9.12
C HIS K 91 -28.64 16.65 8.34
N VAL K 92 -28.22 16.28 7.13
CA VAL K 92 -27.17 17.05 6.45
C VAL K 92 -27.64 18.47 6.19
N GLY K 93 -28.91 18.64 5.83
CA GLY K 93 -29.39 19.94 5.42
C GLY K 93 -29.18 21.02 6.46
N ASP K 94 -29.30 20.65 7.73
CA ASP K 94 -29.05 21.59 8.82
C ASP K 94 -27.87 21.17 9.69
N SER K 95 -26.99 20.31 9.16
CA SER K 95 -25.76 19.98 9.86
C SER K 95 -24.51 20.46 9.13
N ALA K 96 -24.53 20.55 7.80
CA ALA K 96 -23.36 21.06 7.11
C ALA K 96 -23.73 22.14 6.08
N LEU K 97 -24.89 22.02 5.47
CA LEU K 97 -25.29 22.92 4.40
C LEU K 97 -25.82 24.21 5.01
N THR K 98 -24.93 25.19 5.19
CA THR K 98 -25.30 26.53 5.62
C THR K 98 -24.91 27.50 4.52
N PHE K 99 -25.90 28.20 3.99
CA PHE K 99 -25.69 29.05 2.83
C PHE K 99 -25.62 30.51 3.23
N ASP K 100 -24.98 31.32 2.38
CA ASP K 100 -24.75 32.71 2.72
C ASP K 100 -25.94 33.60 2.40
N SER K 101 -26.71 33.26 1.38
CA SER K 101 -27.86 34.09 1.03
C SER K 101 -28.88 33.26 0.27
N ALA K 102 -30.13 33.75 0.31
CA ALA K 102 -31.22 33.05 -0.35
C ALA K 102 -30.93 32.84 -1.83
N GLU K 103 -30.25 33.79 -2.46
CA GLU K 103 -29.90 33.63 -3.87
C GLU K 103 -29.00 32.41 -4.06
N ALA K 104 -27.96 32.28 -3.24
CA ALA K 104 -27.04 31.17 -3.39
C ALA K 104 -27.72 29.84 -3.10
N ALA K 105 -28.52 29.78 -2.03
CA ALA K 105 -29.20 28.54 -1.72
C ALA K 105 -30.21 28.16 -2.80
N LYS K 106 -30.91 29.15 -3.36
CA LYS K 106 -31.85 28.87 -4.43
C LYS K 106 -31.13 28.33 -5.65
N ALA K 107 -30.04 28.98 -6.05
CA ALA K 107 -29.28 28.51 -7.21
C ALA K 107 -28.76 27.10 -6.97
N PHE K 108 -28.37 26.80 -5.74
CA PHE K 108 -27.81 25.48 -5.45
C PHE K 108 -28.87 24.39 -5.49
N ALA K 109 -30.02 24.65 -4.87
CA ALA K 109 -31.12 23.68 -4.95
C ALA K 109 -31.55 23.47 -6.39
N GLU K 110 -31.70 24.55 -7.15
CA GLU K 110 -32.05 24.43 -8.57
C GLU K 110 -31.00 23.62 -9.32
N LYS K 111 -29.72 23.76 -8.95
CA LYS K 111 -28.67 23.03 -9.63
C LYS K 111 -28.77 21.54 -9.37
N HIS K 112 -28.90 21.15 -8.12
CA HIS K 112 -29.05 19.72 -7.85
C HIS K 112 -30.38 19.17 -8.31
N GLY K 113 -31.36 20.04 -8.60
CA GLY K 113 -32.56 19.66 -9.32
C GLY K 113 -33.80 19.53 -8.47
N TRP K 114 -33.65 19.20 -7.19
CA TRP K 114 -34.83 18.97 -6.37
C TRP K 114 -35.61 20.27 -6.18
N GLU K 115 -36.92 20.17 -6.29
CA GLU K 115 -37.79 21.35 -6.33
C GLU K 115 -37.88 21.98 -4.95
N TYR K 116 -38.00 23.31 -4.94
CA TYR K 116 -37.91 24.08 -3.71
C TYR K 116 -39.12 24.98 -3.56
N SER K 117 -39.19 25.64 -2.40
CA SER K 117 -40.25 26.61 -2.12
C SER K 117 -39.72 27.56 -1.05
N VAL K 118 -39.29 28.75 -1.47
CA VAL K 118 -38.62 29.67 -0.56
C VAL K 118 -39.62 30.24 0.43
N LYS K 119 -39.17 30.46 1.66
CA LYS K 119 -39.99 31.04 2.71
C LYS K 119 -39.58 32.48 2.95
N LYS K 120 -40.37 33.16 3.79
CA LYS K 120 -40.15 34.57 4.09
C LYS K 120 -39.33 34.71 5.36
N ARG K 121 -38.68 35.86 5.50
CA ARG K 121 -37.85 36.16 6.66
C ARG K 121 -38.38 37.41 7.34
N HIS K 122 -38.87 37.25 8.56
CA HIS K 122 -39.37 38.37 9.34
C HIS K 122 -38.23 39.07 10.06
N THR K 123 -38.25 40.39 10.03
CA THR K 123 -37.22 41.20 10.65
C THR K 123 -37.85 42.15 11.68
N PRO K 124 -37.16 42.44 12.78
CA PRO K 124 -37.77 43.28 13.82
C PRO K 124 -37.88 44.72 13.38
N LEU K 125 -39.08 45.28 13.49
CA LEU K 125 -39.28 46.71 13.29
C LEU K 125 -38.58 47.47 14.40
N LEU K 126 -38.03 48.63 14.06
CA LEU K 126 -37.23 49.41 14.99
C LEU K 126 -37.97 50.70 15.32
N LYS K 127 -38.60 50.74 16.48
CA LYS K 127 -39.32 51.93 16.92
C LYS K 127 -38.33 52.87 17.60
N VAL K 128 -38.85 53.90 18.27
CA VAL K 128 -38.04 54.81 19.07
C VAL K 128 -38.55 54.77 20.50
N LYS K 129 -37.63 54.70 21.45
CA LYS K 129 -37.96 54.58 22.85
C LYS K 129 -37.43 55.78 23.62
N SER K 130 -37.90 55.94 24.85
CA SER K 130 -37.52 57.11 25.63
C SER K 130 -37.77 56.86 27.12
N TYR K 131 -36.74 57.08 27.92
CA TYR K 131 -36.89 57.02 29.36
C TYR K 131 -37.85 58.09 29.87
N ALA K 132 -37.94 59.22 29.16
CA ALA K 132 -38.95 60.20 29.51
C ALA K 132 -40.35 59.64 29.26
N ASP K 133 -40.54 58.98 28.12
CA ASP K 133 -41.82 58.31 27.88
C ASP K 133 -42.11 57.28 28.95
N ASN K 134 -41.06 56.68 29.52
CA ASN K 134 -41.27 55.85 30.71
C ASN K 134 -41.82 56.69 31.86
N PHE K 135 -41.20 57.84 32.14
CA PHE K 135 -41.67 58.72 33.20
C PHE K 135 -42.59 59.82 32.68
N LYS K 136 -43.59 59.44 31.88
CA LYS K 136 -44.60 60.38 31.40
C LYS K 136 -45.42 60.95 32.55
N TRP K 137 -46.33 61.87 32.26
CA TRP K 137 -47.12 62.58 33.28
C TRP K 137 -48.60 62.46 32.96
N LYS K 138 -49.35 61.85 33.86
CA LYS K 138 -50.79 61.78 33.69
C LYS K 138 -51.40 63.18 33.78
N GLY K 139 -52.57 63.33 33.19
CA GLY K 139 -53.21 64.63 33.14
C GLY K 139 -53.74 65.08 34.49
N PHE K 140 -54.42 66.22 34.46
CA PHE K 140 -55.06 66.75 35.64
C PHE K 140 -56.27 65.90 36.01
N PRO K 141 -56.78 66.03 37.23
CA PRO K 141 -57.97 65.26 37.62
C PRO K 141 -59.19 65.65 36.80
N LYS K 142 -59.97 64.64 36.44
CA LYS K 142 -61.19 64.85 35.66
C LYS K 142 -62.25 65.58 36.49
N SER L 31 -41.84 5.17 42.40
CA SER L 31 -43.06 4.46 42.04
C SER L 31 -43.23 4.43 40.53
N ASN L 32 -42.81 5.49 39.87
CA ASN L 32 -42.85 5.56 38.42
C ASN L 32 -41.49 5.80 37.80
N HIS L 33 -40.69 6.69 38.38
CA HIS L 33 -39.35 6.94 37.87
C HIS L 33 -38.45 5.72 38.09
N THR L 34 -38.38 5.25 39.32
CA THR L 34 -37.62 4.05 39.61
C THR L 34 -38.21 2.85 38.89
N ALA L 35 -39.49 2.87 38.58
CA ALA L 35 -40.07 1.80 37.77
C ALA L 35 -39.62 1.91 36.32
N LYS L 36 -39.37 3.12 35.84
CA LYS L 36 -38.89 3.28 34.47
C LYS L 36 -37.47 2.79 34.33
N TRP L 37 -36.60 3.10 35.30
CA TRP L 37 -35.20 2.71 35.11
C TRP L 37 -34.83 1.41 35.83
N MET L 38 -35.09 1.31 37.12
CA MET L 38 -34.76 0.11 37.87
C MET L 38 -35.69 -1.04 37.48
N GLN L 39 -35.22 -2.27 37.71
CA GLN L 39 -35.96 -3.44 37.27
C GLN L 39 -36.14 -4.45 38.39
N ASP L 40 -35.19 -4.50 39.31
CA ASP L 40 -35.15 -5.57 40.31
C ASP L 40 -36.30 -5.45 41.29
N THR L 41 -36.49 -4.27 41.86
CA THR L 41 -37.52 -4.00 42.88
C THR L 41 -37.45 -4.99 44.05
N SER L 42 -36.25 -5.45 44.37
CA SER L 42 -36.01 -6.21 45.60
C SER L 42 -35.26 -5.39 46.63
N LYS L 43 -34.11 -4.84 46.28
CA LYS L 43 -33.44 -3.88 47.13
C LYS L 43 -34.06 -2.50 46.93
N LYS L 44 -33.87 -1.64 47.92
CA LYS L 44 -34.54 -0.35 47.92
C LYS L 44 -33.94 0.58 46.88
N SER L 45 -34.80 1.40 46.29
CA SER L 45 -34.38 2.34 45.27
C SER L 45 -33.65 3.51 45.89
N PRO L 46 -32.87 4.26 45.11
CA PRO L 46 -32.17 5.43 45.66
C PRO L 46 -33.07 6.39 46.43
N MET L 47 -34.25 6.68 45.91
CA MET L 47 -35.16 7.57 46.61
C MET L 47 -35.50 7.03 48.00
N GLU L 48 -35.71 5.71 48.10
CA GLU L 48 -36.04 5.12 49.38
C GLU L 48 -34.89 5.29 50.38
N LEU L 49 -33.66 5.11 49.94
CA LEU L 49 -32.52 5.28 50.85
C LEU L 49 -32.38 6.73 51.28
N ILE L 50 -32.48 7.66 50.32
CA ILE L 50 -32.30 9.05 50.67
C ILE L 50 -33.46 9.58 51.50
N ASN L 51 -34.58 8.87 51.54
CA ASN L 51 -35.59 9.18 52.55
C ASN L 51 -35.33 8.47 53.86
N GLU L 52 -34.65 7.32 53.83
CA GLU L 52 -34.28 6.65 55.06
C GLU L 52 -33.28 7.46 55.86
N VAL L 53 -32.40 8.21 55.21
CA VAL L 53 -31.48 9.04 55.99
C VAL L 53 -32.26 10.19 56.63
N PRO L 54 -32.06 10.46 57.92
CA PRO L 54 -32.82 11.52 58.57
C PRO L 54 -32.24 12.89 58.26
N PRO L 55 -32.91 13.97 58.68
CA PRO L 55 -32.34 15.32 58.50
C PRO L 55 -31.10 15.54 59.33
N ILE L 56 -30.50 16.73 59.22
CA ILE L 56 -29.20 17.00 59.82
C ILE L 56 -29.32 17.83 61.10
N LYS L 57 -30.28 18.75 61.15
CA LYS L 57 -30.50 19.60 62.32
C LYS L 57 -29.26 20.46 62.62
N VAL L 58 -28.97 21.35 61.68
CA VAL L 58 -27.84 22.27 61.80
C VAL L 58 -28.25 23.45 62.69
N GLU L 59 -27.28 24.27 63.07
CA GLU L 59 -27.47 25.26 64.13
C GLU L 59 -27.77 26.67 63.62
N GLY L 60 -27.30 27.04 62.43
CA GLY L 60 -27.37 28.44 62.04
C GLY L 60 -28.51 28.80 61.12
N ARG L 61 -28.19 29.36 59.95
CA ARG L 61 -29.19 29.75 58.98
C ARG L 61 -28.84 29.39 57.55
N ILE L 62 -27.59 29.01 57.26
CA ILE L 62 -27.15 28.69 55.91
C ILE L 62 -26.09 27.60 56.01
N VAL L 63 -26.14 26.63 55.09
CA VAL L 63 -25.21 25.51 55.09
C VAL L 63 -24.66 25.32 53.68
N ALA L 64 -23.85 24.27 53.52
CA ALA L 64 -23.25 23.93 52.23
C ALA L 64 -23.02 22.43 52.18
N CYS L 65 -23.54 21.78 51.14
CA CYS L 65 -23.53 20.33 51.05
C CYS L 65 -22.47 19.85 50.07
N GLU L 66 -21.51 19.06 50.57
CA GLU L 66 -20.63 18.27 49.71
C GLU L 66 -20.41 16.84 50.21
N GLY L 67 -20.62 16.55 51.48
CA GLY L 67 -20.14 15.34 52.09
C GLY L 67 -19.00 15.66 53.04
N ASP L 68 -17.92 14.86 53.04
CA ASP L 68 -16.71 15.24 53.78
C ASP L 68 -15.51 15.06 52.85
N THR L 69 -15.32 16.03 51.96
CA THR L 69 -14.11 16.45 51.27
C THR L 69 -14.56 17.54 50.32
N ASN L 70 -13.66 18.40 49.92
CA ASN L 70 -14.12 19.37 48.93
C ASN L 70 -14.12 18.74 47.55
N PRO L 71 -12.98 18.21 47.05
CA PRO L 71 -13.03 17.46 45.79
C PRO L 71 -13.25 15.98 46.07
N ALA L 72 -13.15 15.14 45.04
CA ALA L 72 -13.20 13.69 45.19
C ALA L 72 -14.54 13.25 45.74
N LEU L 73 -15.42 14.21 45.96
CA LEU L 73 -16.78 13.94 46.39
C LEU L 73 -17.78 14.81 45.65
N GLY L 74 -17.32 15.69 44.78
CA GLY L 74 -18.20 16.44 43.91
C GLY L 74 -19.19 17.28 44.68
N HIS L 75 -20.36 17.45 44.07
CA HIS L 75 -21.47 18.14 44.72
C HIS L 75 -21.02 19.55 45.03
N PRO L 76 -20.84 20.40 44.00
CA PRO L 76 -20.33 21.76 44.21
C PRO L 76 -21.13 22.55 45.24
N ILE L 77 -20.57 23.66 45.70
CA ILE L 77 -21.17 24.38 46.82
C ILE L 77 -22.59 24.79 46.47
N GLU L 78 -23.52 24.47 47.36
CA GLU L 78 -24.96 24.61 47.13
C GLU L 78 -25.65 25.26 48.32
N PHE L 79 -25.15 26.41 48.75
CA PHE L 79 -25.74 27.20 49.84
C PHE L 79 -27.25 27.24 49.74
N ILE L 80 -27.93 26.80 50.80
CA ILE L 80 -29.37 26.64 50.80
C ILE L 80 -29.94 27.25 52.08
N CYS L 81 -31.03 28.01 51.94
CA CYS L 81 -31.61 28.71 53.08
C CYS L 81 -32.41 27.75 53.95
N LEU L 82 -32.68 28.18 55.19
CA LEU L 82 -33.34 27.32 56.17
C LEU L 82 -34.36 28.12 56.99
N ASP L 83 -35.17 28.92 56.31
CA ASP L 83 -36.17 29.76 56.98
C ASP L 83 -37.60 29.26 56.76
N LEU L 84 -37.79 27.95 56.79
CA LEU L 84 -39.12 27.37 56.69
C LEU L 84 -39.25 26.23 57.68
N PRO L 85 -40.43 26.04 58.27
CA PRO L 85 -40.61 24.97 59.26
C PRO L 85 -40.48 23.57 58.70
N GLU L 86 -40.17 23.39 57.42
CA GLU L 86 -39.96 22.08 56.83
C GLU L 86 -38.52 21.94 56.37
N PRO L 87 -38.03 20.70 56.24
CA PRO L 87 -36.64 20.51 55.79
C PRO L 87 -36.43 21.09 54.40
N ALA L 88 -35.17 21.37 54.09
CA ALA L 88 -34.78 21.94 52.81
C ALA L 88 -33.83 20.98 52.11
N VAL L 89 -34.20 20.55 50.91
CA VAL L 89 -33.40 19.61 50.13
C VAL L 89 -32.20 20.34 49.53
N CYS L 90 -31.26 19.58 48.96
CA CYS L 90 -29.97 20.11 48.56
C CYS L 90 -29.75 20.10 47.05
N LYS L 91 -30.61 19.43 46.28
CA LYS L 91 -30.60 19.44 44.81
C LYS L 91 -29.43 18.67 44.24
N TYR L 92 -28.49 18.27 45.09
CA TYR L 92 -27.61 17.14 44.84
C TYR L 92 -27.59 16.38 46.15
N CYS L 93 -27.73 15.06 46.10
CA CYS L 93 -27.69 14.22 47.29
C CYS L 93 -28.55 14.81 48.42
N GLY L 94 -29.86 14.87 48.17
CA GLY L 94 -30.77 15.55 49.07
C GLY L 94 -30.60 15.14 50.52
N LEU L 95 -30.08 16.05 51.35
CA LEU L 95 -29.79 15.72 52.73
C LEU L 95 -30.76 16.32 53.73
N ARG L 96 -31.57 17.30 53.33
CA ARG L 96 -32.65 17.83 54.15
C ARG L 96 -32.12 18.40 55.47
N TYR L 97 -31.37 19.50 55.33
CA TYR L 97 -30.93 20.24 56.50
C TYR L 97 -32.11 20.94 57.16
N VAL L 98 -32.00 21.15 58.47
CA VAL L 98 -33.07 21.77 59.26
C VAL L 98 -32.43 22.66 60.32
N GLN L 99 -32.98 23.86 60.51
CA GLN L 99 -32.50 24.73 61.57
C GLN L 99 -32.95 24.20 62.93
N ASP L 100 -32.07 24.32 63.92
CA ASP L 100 -32.32 23.67 65.19
C ASP L 100 -33.27 24.48 66.07
N HIS L 101 -32.85 25.67 66.47
CA HIS L 101 -33.60 26.48 67.43
C HIS L 101 -34.66 27.29 66.71
N HIS L 102 -35.18 28.31 67.39
CA HIS L 102 -36.21 29.18 66.84
C HIS L 102 -35.63 30.10 65.78
N VAL M 56 -30.75 -45.39 29.85
CA VAL M 56 -29.70 -44.57 29.25
C VAL M 56 -28.40 -45.36 29.25
N SER M 57 -28.43 -46.52 29.93
CA SER M 57 -27.23 -47.33 30.13
C SER M 57 -26.15 -46.50 30.83
N LYS M 58 -26.48 -46.09 32.05
CA LYS M 58 -25.72 -45.10 32.82
C LYS M 58 -24.22 -45.26 32.68
N ALA M 59 -23.73 -46.50 32.56
CA ALA M 59 -22.33 -46.71 32.26
C ALA M 59 -21.96 -46.10 30.91
N ALA M 60 -22.77 -46.38 29.88
CA ALA M 60 -22.47 -45.83 28.56
C ALA M 60 -22.59 -44.32 28.55
N GLU M 61 -23.49 -43.74 29.34
CA GLU M 61 -23.53 -42.28 29.43
C GLU M 61 -22.27 -41.74 30.09
N PHE M 62 -21.70 -42.47 31.05
CA PHE M 62 -20.44 -42.04 31.64
C PHE M 62 -19.30 -42.13 30.62
N VAL M 63 -19.28 -43.20 29.82
CA VAL M 63 -18.26 -43.32 28.78
C VAL M 63 -18.41 -42.20 27.76
N ILE M 64 -19.66 -41.84 27.43
CA ILE M 64 -19.90 -40.75 26.50
C ILE M 64 -19.41 -39.43 27.09
N SER M 65 -19.68 -39.21 28.36
CA SER M 65 -19.21 -37.99 29.01
C SER M 65 -17.69 -37.92 28.97
N LYS M 66 -17.02 -39.04 29.21
CA LYS M 66 -15.56 -39.02 29.17
C LYS M 66 -15.04 -38.79 27.76
N VAL M 67 -15.70 -39.37 26.76
CA VAL M 67 -15.28 -39.14 25.38
C VAL M 67 -15.44 -37.67 25.00
N ASP M 68 -16.57 -37.06 25.39
CA ASP M 68 -16.74 -35.64 25.15
C ASP M 68 -15.69 -34.83 25.88
N ASP M 69 -15.34 -35.22 27.10
CA ASP M 69 -14.30 -34.50 27.83
C ASP M 69 -12.97 -34.55 27.09
N LEU M 70 -12.58 -35.74 26.63
CA LEU M 70 -11.33 -35.86 25.89
C LEU M 70 -11.35 -35.04 24.62
N MET M 71 -12.43 -35.15 23.86
CA MET M 71 -12.54 -34.42 22.60
C MET M 71 -12.45 -32.91 22.83
N ASN M 72 -13.21 -32.40 23.81
CA ASN M 72 -13.20 -30.98 24.09
C ASN M 72 -11.84 -30.54 24.60
N TRP M 73 -11.18 -31.36 25.41
CA TRP M 73 -9.87 -31.00 25.92
C TRP M 73 -8.87 -30.86 24.79
N ALA M 74 -8.88 -31.81 23.86
CA ALA M 74 -7.98 -31.70 22.70
C ALA M 74 -8.29 -30.45 21.89
N ARG M 75 -9.55 -30.26 21.53
CA ARG M 75 -9.92 -29.13 20.67
C ARG M 75 -9.64 -27.80 21.35
N ARG M 76 -9.67 -27.76 22.68
CA ARG M 76 -9.39 -26.52 23.38
C ARG M 76 -7.91 -26.30 23.64
N GLY M 77 -7.14 -27.37 23.74
CA GLY M 77 -5.74 -27.23 24.02
C GLY M 77 -4.85 -27.20 22.82
N SER M 78 -5.40 -27.40 21.62
CA SER M 78 -4.60 -27.31 20.41
C SER M 78 -5.15 -26.26 19.45
N ILE M 79 -5.84 -25.26 19.97
CA ILE M 79 -6.56 -24.31 19.13
C ILE M 79 -5.57 -23.55 18.27
N TRP M 80 -5.94 -23.28 17.02
CA TRP M 80 -5.07 -22.61 16.05
C TRP M 80 -5.82 -21.42 15.45
N PRO M 81 -5.46 -20.21 15.78
CA PRO M 81 -6.22 -19.05 15.29
C PRO M 81 -5.90 -18.71 13.85
N MET M 82 -6.45 -17.60 13.38
CA MET M 82 -6.13 -17.09 12.05
C MET M 82 -6.33 -15.58 12.12
N THR M 83 -5.23 -14.84 12.03
CA THR M 83 -5.30 -13.40 12.24
C THR M 83 -5.96 -12.71 11.06
N PHE M 84 -6.68 -11.61 11.35
CA PHE M 84 -7.12 -10.68 10.33
C PHE M 84 -6.79 -9.30 10.89
N GLY M 85 -5.59 -8.83 10.58
CA GLY M 85 -5.03 -7.62 11.15
C GLY M 85 -5.33 -6.35 10.40
N LEU M 86 -6.55 -5.84 10.51
CA LEU M 86 -6.91 -4.64 9.77
C LEU M 86 -6.30 -3.39 10.40
N ALA M 87 -6.50 -3.17 11.70
CA ALA M 87 -6.18 -1.89 12.30
C ALA M 87 -5.38 -2.08 13.58
N CYS M 88 -5.29 -1.03 14.39
CA CYS M 88 -4.25 -0.99 15.41
C CYS M 88 -4.33 -2.16 16.38
N CYS M 89 -5.49 -2.79 16.52
CA CYS M 89 -5.57 -3.95 17.39
C CYS M 89 -4.59 -5.03 16.99
N ALA M 90 -4.33 -5.17 15.68
CA ALA M 90 -3.31 -6.11 15.24
C ALA M 90 -2.04 -5.91 16.04
N VAL M 91 -1.59 -4.66 16.16
CA VAL M 91 -0.42 -4.33 16.98
C VAL M 91 -0.57 -4.96 18.35
N GLU M 92 -1.65 -4.63 19.06
CA GLU M 92 -1.86 -5.19 20.39
C GLU M 92 -1.92 -6.71 20.34
N MET M 93 -2.57 -7.25 19.31
CA MET M 93 -2.60 -8.71 19.17
C MET M 93 -1.18 -9.26 19.09
N MET M 94 -0.31 -8.60 18.34
CA MET M 94 1.09 -8.99 18.32
C MET M 94 1.66 -8.95 19.73
N HIS M 95 1.37 -7.88 20.47
CA HIS M 95 1.80 -7.81 21.86
C HIS M 95 1.31 -8.99 22.67
N THR M 96 0.11 -9.48 22.36
CA THR M 96 -0.34 -10.71 22.99
C THR M 96 0.54 -11.87 22.57
N GLY M 97 0.74 -12.05 21.27
CA GLY M 97 1.65 -13.08 20.81
C GLY M 97 3.11 -12.82 21.13
N ALA M 98 3.41 -11.71 21.78
CA ALA M 98 4.79 -11.36 22.10
C ALA M 98 5.24 -12.16 23.31
N ALA M 99 6.36 -11.76 23.90
CA ALA M 99 6.94 -12.53 24.98
C ALA M 99 6.21 -12.37 26.31
N ARG M 100 5.52 -11.25 26.53
CA ARG M 100 5.00 -10.99 27.86
C ARG M 100 3.83 -11.90 28.20
N TYR M 101 2.71 -11.73 27.52
CA TYR M 101 1.54 -12.58 27.73
C TYR M 101 1.50 -13.68 26.68
N ASP M 102 2.48 -14.57 26.76
CA ASP M 102 2.73 -15.50 25.67
C ASP M 102 1.47 -16.26 25.28
N LEU M 103 1.30 -16.45 23.98
CA LEU M 103 0.17 -17.20 23.45
C LEU M 103 0.49 -18.65 23.17
N ASP M 104 1.68 -18.92 22.64
CA ASP M 104 2.06 -20.30 22.35
C ASP M 104 1.98 -21.17 23.60
N ARG M 105 2.14 -20.56 24.77
CA ARG M 105 2.05 -21.32 26.01
C ARG M 105 0.70 -22.03 26.14
N PHE M 106 -0.36 -21.43 25.63
CA PHE M 106 -1.68 -22.05 25.64
C PHE M 106 -1.92 -22.93 24.42
N GLY M 107 -0.87 -23.36 23.75
CA GLY M 107 -1.02 -24.14 22.53
C GLY M 107 -1.76 -23.38 21.46
N ILE M 108 -1.18 -22.29 20.97
CA ILE M 108 -1.84 -21.40 20.02
C ILE M 108 -0.80 -20.93 19.01
N ILE M 109 -1.01 -21.26 17.74
CA ILE M 109 -0.06 -20.98 16.68
C ILE M 109 -0.78 -20.23 15.58
N PHE M 110 -0.28 -19.05 15.23
CA PHE M 110 -0.91 -18.20 14.21
C PHE M 110 -0.65 -18.79 12.83
N ARG M 111 -1.47 -19.76 12.45
CA ARG M 111 -1.34 -20.41 11.16
C ARG M 111 -1.86 -19.50 10.06
N PRO M 112 -1.05 -19.13 9.07
CA PRO M 112 -1.52 -18.14 8.08
C PRO M 112 -2.52 -18.71 7.09
N SER M 113 -2.31 -19.91 6.58
CA SER M 113 -3.18 -20.46 5.56
C SER M 113 -4.55 -20.80 6.15
N PRO M 114 -5.65 -20.26 5.63
CA PRO M 114 -6.96 -20.50 6.24
C PRO M 114 -7.56 -21.86 5.93
N ARG M 115 -6.80 -22.79 5.39
CA ARG M 115 -7.32 -24.12 5.14
C ARG M 115 -7.07 -25.08 6.30
N GLN M 116 -6.35 -24.64 7.33
CA GLN M 116 -6.05 -25.52 8.46
C GLN M 116 -6.10 -24.79 9.79
N SER M 117 -6.87 -23.71 9.86
CA SER M 117 -7.02 -22.94 11.09
C SER M 117 -8.36 -23.23 11.75
N ASP M 118 -8.48 -22.83 13.00
CA ASP M 118 -9.70 -23.06 13.77
C ASP M 118 -10.46 -21.77 14.04
N CYS M 119 -9.83 -20.77 14.64
CA CYS M 119 -10.48 -19.50 14.91
C CYS M 119 -10.13 -18.49 13.84
N MET M 120 -10.92 -17.44 13.78
CA MET M 120 -10.57 -16.24 13.03
C MET M 120 -10.67 -15.06 13.99
N ILE M 121 -9.57 -14.34 14.15
CA ILE M 121 -9.51 -13.20 15.03
C ILE M 121 -9.62 -11.97 14.14
N VAL M 122 -10.81 -11.37 14.09
CA VAL M 122 -11.01 -10.14 13.33
C VAL M 122 -10.55 -9.00 14.22
N ALA M 123 -9.33 -8.51 14.00
CA ALA M 123 -8.76 -7.47 14.84
C ALA M 123 -8.60 -6.24 13.98
N GLY M 124 -9.46 -5.25 14.18
CA GLY M 124 -9.32 -4.00 13.45
C GLY M 124 -10.62 -3.33 13.10
N THR M 125 -10.81 -3.04 11.81
CA THR M 125 -11.97 -2.30 11.36
C THR M 125 -12.32 -2.76 9.95
N LEU M 126 -13.52 -3.32 9.79
CA LEU M 126 -13.97 -3.73 8.48
C LEU M 126 -14.13 -2.53 7.56
N THR M 127 -14.34 -2.82 6.29
CA THR M 127 -14.56 -1.79 5.29
C THR M 127 -15.40 -2.38 4.17
N ASN M 128 -16.30 -1.58 3.61
CA ASN M 128 -17.15 -2.07 2.53
C ASN M 128 -16.32 -2.67 1.40
N LYS M 129 -15.09 -2.18 1.21
CA LYS M 129 -14.22 -2.78 0.21
C LYS M 129 -13.64 -4.10 0.68
N MET M 130 -13.58 -4.33 1.99
CA MET M 130 -12.91 -5.49 2.55
C MET M 130 -13.86 -6.61 2.94
N ALA M 131 -15.16 -6.33 3.04
CA ALA M 131 -16.10 -7.36 3.47
C ALA M 131 -16.07 -8.61 2.59
N PRO M 132 -16.10 -8.51 1.26
CA PRO M 132 -16.09 -9.74 0.45
C PRO M 132 -14.86 -10.59 0.69
N ALA M 133 -13.69 -9.96 0.86
CA ALA M 133 -12.49 -10.74 1.11
C ALA M 133 -12.59 -11.49 2.44
N LEU M 134 -13.09 -10.82 3.47
CA LEU M 134 -13.24 -11.48 4.76
C LEU M 134 -14.22 -12.65 4.66
N ARG M 135 -15.34 -12.46 3.96
CA ARG M 135 -16.30 -13.55 3.83
C ARG M 135 -15.71 -14.71 3.06
N LYS M 136 -14.97 -14.43 1.98
CA LYS M 136 -14.35 -15.50 1.21
C LYS M 136 -13.29 -16.23 2.02
N VAL M 137 -12.60 -15.53 2.91
CA VAL M 137 -11.63 -16.21 3.77
C VAL M 137 -12.36 -17.08 4.79
N TYR M 138 -13.45 -16.57 5.36
CA TYR M 138 -14.19 -17.33 6.35
C TYR M 138 -14.76 -18.60 5.76
N ASP M 139 -15.30 -18.53 4.55
CA ASP M 139 -15.91 -19.72 3.94
C ASP M 139 -14.90 -20.85 3.77
N GLN M 140 -13.64 -20.53 3.54
CA GLN M 140 -12.63 -21.52 3.20
C GLN M 140 -12.07 -22.27 4.40
N MET M 141 -12.71 -22.21 5.55
CA MET M 141 -12.20 -22.90 6.71
C MET M 141 -12.89 -24.24 6.90
N PRO M 142 -12.31 -25.15 7.67
CA PRO M 142 -12.99 -26.42 7.94
C PRO M 142 -14.22 -26.24 8.81
N GLU M 143 -14.86 -27.33 9.23
CA GLU M 143 -16.17 -27.19 9.89
C GLU M 143 -16.05 -26.51 11.24
N PRO M 144 -15.38 -27.08 12.25
CA PRO M 144 -15.41 -26.42 13.57
C PRO M 144 -14.72 -25.07 13.52
N ARG M 145 -15.50 -24.01 13.66
CA ARG M 145 -14.99 -22.65 13.52
C ARG M 145 -15.43 -21.82 14.70
N TRP M 146 -14.66 -20.77 14.97
CA TRP M 146 -15.03 -19.77 15.95
C TRP M 146 -14.49 -18.43 15.49
N VAL M 147 -15.11 -17.36 15.96
CA VAL M 147 -14.72 -16.02 15.57
C VAL M 147 -14.61 -15.15 16.81
N ILE M 148 -13.48 -14.46 16.94
CA ILE M 148 -13.24 -13.54 18.04
C ILE M 148 -13.15 -12.15 17.45
N SER M 149 -14.00 -11.25 17.90
CA SER M 149 -14.03 -9.89 17.39
C SER M 149 -13.22 -8.99 18.32
N MET M 150 -11.96 -8.75 17.96
CA MET M 150 -11.15 -7.85 18.74
C MET M 150 -11.56 -6.42 18.49
N GLY M 151 -11.02 -5.51 19.28
CA GLY M 151 -11.29 -4.12 19.05
C GLY M 151 -12.73 -3.75 19.30
N SER M 152 -13.04 -2.49 18.99
CA SER M 152 -14.37 -1.96 19.20
C SER M 152 -15.10 -1.61 17.92
N CYS M 153 -14.45 -1.70 16.75
CA CYS M 153 -15.16 -1.52 15.49
C CYS M 153 -15.30 -2.80 14.70
N ALA M 154 -14.48 -3.82 14.98
CA ALA M 154 -14.77 -5.12 14.43
C ALA M 154 -16.08 -5.67 14.99
N ASN M 155 -16.57 -5.11 16.09
CA ASN M 155 -17.84 -5.50 16.67
C ASN M 155 -18.64 -4.24 16.98
N GLY M 156 -19.71 -4.02 16.24
CA GLY M 156 -20.57 -2.89 16.54
C GLY M 156 -20.16 -1.57 15.95
N GLY M 157 -19.40 -1.60 14.87
CA GLY M 157 -19.07 -0.37 14.18
C GLY M 157 -18.05 0.49 14.91
N GLY M 158 -18.26 0.69 16.20
CA GLY M 158 -17.31 1.44 17.00
C GLY M 158 -17.33 2.93 16.76
N TYR M 159 -16.18 3.48 16.38
CA TYR M 159 -16.05 4.92 16.18
C TYR M 159 -16.59 5.30 14.80
N TYR M 160 -15.90 4.84 13.77
CA TYR M 160 -16.28 5.11 12.40
C TYR M 160 -17.61 4.45 12.07
N HIS M 161 -18.22 3.82 13.07
CA HIS M 161 -19.61 3.39 13.00
C HIS M 161 -20.44 4.49 12.38
N TYR M 162 -20.22 5.74 12.80
CA TYR M 162 -21.02 6.79 12.19
C TYR M 162 -20.39 7.34 10.92
N SER M 163 -20.02 6.47 9.99
CA SER M 163 -19.38 6.92 8.77
C SER M 163 -19.64 5.95 7.65
N TYR M 164 -19.75 6.48 6.44
CA TYR M 164 -19.86 5.63 5.27
C TYR M 164 -18.59 4.81 5.11
N SER M 165 -18.64 3.87 4.17
CA SER M 165 -17.50 3.02 3.83
C SER M 165 -16.96 2.24 5.03
N VAL M 166 -17.83 1.93 6.00
CA VAL M 166 -17.45 1.09 7.13
C VAL M 166 -18.61 0.18 7.47
N VAL M 167 -18.34 -1.11 7.60
CA VAL M 167 -19.34 -2.08 8.03
C VAL M 167 -19.52 -1.94 9.53
N ARG M 168 -20.77 -1.74 9.96
CA ARG M 168 -21.04 -1.54 11.37
C ARG M 168 -20.86 -2.83 12.14
N GLY M 169 -19.62 -3.31 12.26
CA GLY M 169 -19.36 -4.51 13.02
C GLY M 169 -19.30 -5.75 12.17
N CYS M 170 -18.25 -6.56 12.36
CA CYS M 170 -18.10 -7.77 11.56
C CYS M 170 -19.18 -8.79 11.84
N ASP M 171 -20.07 -8.55 12.79
CA ASP M 171 -21.16 -9.48 13.02
C ASP M 171 -22.04 -9.63 11.79
N ARG M 172 -22.07 -8.62 10.92
CA ARG M 172 -22.95 -8.69 9.76
C ARG M 172 -22.43 -9.66 8.72
N ILE M 173 -21.14 -9.92 8.68
CA ILE M 173 -20.53 -10.73 7.63
C ILE M 173 -20.30 -12.16 8.09
N VAL M 174 -19.68 -12.33 9.25
CA VAL M 174 -19.48 -13.69 9.76
C VAL M 174 -20.14 -13.80 11.12
N PRO M 175 -20.66 -14.96 11.50
CA PRO M 175 -21.32 -15.08 12.80
C PRO M 175 -20.33 -15.11 13.94
N VAL M 176 -19.95 -13.91 14.40
CA VAL M 176 -19.04 -13.75 15.54
C VAL M 176 -19.44 -14.66 16.69
N ASP M 177 -18.44 -15.25 17.34
CA ASP M 177 -18.66 -16.12 18.48
C ASP M 177 -18.49 -15.38 19.81
N ILE M 178 -17.32 -14.81 20.07
CA ILE M 178 -17.14 -13.98 21.26
C ILE M 178 -16.42 -12.71 20.85
N TYR M 179 -16.86 -11.57 21.38
CA TYR M 179 -16.33 -10.43 20.64
C TYR M 179 -14.97 -9.98 21.16
N VAL M 180 -14.96 -8.93 21.97
CA VAL M 180 -14.08 -8.64 23.10
C VAL M 180 -14.39 -7.16 23.30
N PRO M 181 -14.15 -6.57 24.44
CA PRO M 181 -14.17 -5.10 24.48
C PRO M 181 -12.76 -4.57 24.34
N GLY M 182 -12.61 -3.30 24.01
CA GLY M 182 -11.28 -2.70 23.97
C GLY M 182 -11.20 -1.58 22.96
N CYS M 183 -10.16 -0.78 23.09
CA CYS M 183 -9.86 0.30 22.17
C CYS M 183 -8.41 0.75 22.33
N PRO M 184 -7.42 -0.09 22.04
CA PRO M 184 -7.48 -1.51 21.74
C PRO M 184 -7.53 -2.30 23.03
N PRO M 185 -8.13 -3.49 23.01
CA PRO M 185 -8.15 -4.31 24.21
C PRO M 185 -6.75 -4.55 24.72
N THR M 186 -6.54 -4.30 26.00
CA THR M 186 -5.28 -4.67 26.63
C THR M 186 -4.97 -6.13 26.32
N ALA M 187 -3.70 -6.42 26.09
CA ALA M 187 -3.32 -7.80 25.79
C ALA M 187 -3.90 -8.77 26.80
N GLU M 188 -3.98 -8.35 28.06
CA GLU M 188 -4.68 -9.14 29.05
C GLU M 188 -6.12 -9.40 28.64
N ALA M 189 -6.80 -8.38 28.11
CA ALA M 189 -8.20 -8.56 27.74
C ALA M 189 -8.34 -9.52 26.58
N LEU M 190 -7.45 -9.45 25.60
CA LEU M 190 -7.52 -10.40 24.48
C LEU M 190 -7.24 -11.81 24.95
N LEU M 191 -6.25 -11.98 25.81
CA LEU M 191 -5.95 -13.33 26.28
C LEU M 191 -7.11 -13.87 27.11
N TYR M 192 -7.75 -13.00 27.89
CA TYR M 192 -8.93 -13.43 28.63
C TYR M 192 -10.06 -13.77 27.69
N GLY M 193 -10.17 -13.07 26.56
CA GLY M 193 -11.16 -13.43 25.57
C GLY M 193 -10.92 -14.83 25.02
N LEU M 194 -9.67 -15.13 24.68
CA LEU M 194 -9.37 -16.48 24.20
C LEU M 194 -9.63 -17.53 25.27
N LEU M 195 -9.38 -17.21 26.53
CA LEU M 195 -9.73 -18.16 27.58
C LEU M 195 -11.23 -18.30 27.74
N GLN M 196 -12.00 -17.24 27.47
CA GLN M 196 -13.44 -17.39 27.41
C GLN M 196 -13.85 -18.29 26.27
N LEU M 197 -13.15 -18.21 25.14
CA LEU M 197 -13.41 -19.13 24.04
C LEU M 197 -13.13 -20.56 24.46
N GLN M 198 -12.06 -20.76 25.24
CA GLN M 198 -11.79 -22.08 25.79
C GLN M 198 -12.93 -22.53 26.68
N LYS M 199 -13.45 -21.63 27.51
CA LYS M 199 -14.57 -22.00 28.38
C LYS M 199 -15.83 -22.30 27.58
N LYS M 200 -15.96 -21.70 26.40
CA LYS M 200 -17.11 -22.01 25.56
C LYS M 200 -16.95 -23.37 24.90
N ILE M 201 -15.83 -23.60 24.23
CA ILE M 201 -15.56 -24.88 23.61
C ILE M 201 -15.48 -26.00 24.64
N ASN M 202 -15.37 -25.66 25.92
CA ASN M 202 -15.29 -26.70 26.94
C ASN M 202 -16.64 -27.30 27.26
N ARG M 203 -17.73 -26.54 27.08
CA ARG M 203 -19.08 -27.08 27.24
C ARG M 203 -19.64 -27.47 25.88
N ARG M 204 -18.94 -28.37 25.21
CA ARG M 204 -19.26 -28.74 23.85
C ARG M 204 -19.57 -30.22 23.74
N LYS M 205 -20.44 -30.74 24.60
CA LYS M 205 -20.83 -32.13 24.50
C LYS M 205 -21.30 -32.41 23.09
N ASP M 206 -20.53 -33.21 22.36
CA ASP M 206 -20.78 -33.44 20.94
C ASP M 206 -21.06 -34.89 20.65
N PHE M 207 -20.21 -35.80 21.13
CA PHE M 207 -20.46 -37.23 20.94
C PHE M 207 -21.80 -37.64 21.51
N LEU M 208 -22.22 -37.03 22.62
CA LEU M 208 -23.54 -37.32 23.16
C LEU M 208 -24.63 -36.92 22.19
N HIS M 209 -24.47 -35.78 21.53
CA HIS M 209 -25.47 -35.34 20.56
C HIS M 209 -25.61 -36.34 19.42
N TRP M 210 -24.48 -36.87 18.94
CA TRP M 210 -24.54 -37.86 17.88
C TRP M 210 -25.10 -39.17 18.37
N TRP M 211 -24.83 -39.54 19.61
CA TRP M 211 -25.39 -40.77 20.18
C TRP M 211 -26.88 -40.65 20.41
N THR M 212 -27.40 -39.43 20.56
CA THR M 212 -28.83 -39.23 20.74
C THR M 212 -29.53 -38.79 19.46
N LYS M 213 -28.79 -38.55 18.39
CA LYS M 213 -29.38 -38.16 17.12
C LYS M 213 -29.59 -39.38 16.22
N THR N 42 27.22 2.95 -15.94
CA THR N 42 27.72 2.14 -14.83
C THR N 42 29.24 2.05 -14.87
N LYS N 43 29.86 2.96 -15.63
CA LYS N 43 31.31 2.94 -15.72
C LYS N 43 31.97 3.30 -14.40
N LEU N 44 31.36 4.19 -13.63
CA LEU N 44 31.96 4.58 -12.35
C LEU N 44 32.02 3.42 -11.38
N GLU N 45 31.01 2.55 -11.39
CA GLU N 45 30.98 1.44 -10.45
C GLU N 45 32.20 0.55 -10.62
N ASP N 46 32.62 0.34 -11.87
CA ASP N 46 33.87 -0.39 -12.10
C ASP N 46 35.04 0.33 -11.46
N GLU N 47 35.08 1.67 -11.60
CA GLU N 47 36.15 2.44 -11.00
C GLU N 47 36.05 2.45 -9.47
N GLN N 48 34.84 2.53 -8.93
CA GLN N 48 34.69 2.54 -7.50
C GLN N 48 35.05 1.20 -6.88
N ARG N 49 34.67 0.10 -7.54
CA ARG N 49 34.96 -1.22 -6.99
C ARG N 49 36.45 -1.49 -6.97
N GLU N 50 37.22 -0.85 -7.85
CA GLU N 50 38.67 -1.04 -7.85
C GLU N 50 39.29 -0.36 -6.64
N GLN N 51 39.01 0.93 -6.45
CA GLN N 51 39.58 1.66 -5.32
C GLN N 51 39.17 1.02 -4.00
N LEU N 52 37.91 0.62 -3.86
CA LEU N 52 37.46 -0.02 -2.64
C LEU N 52 38.23 -1.30 -2.37
N ALA N 53 38.69 -1.97 -3.42
CA ALA N 53 39.55 -3.13 -3.23
C ALA N 53 41.00 -2.73 -3.03
N LYS N 54 41.44 -1.66 -3.71
CA LYS N 54 42.80 -1.16 -3.52
C LYS N 54 43.01 -0.53 -2.15
N GLU N 55 41.95 -0.28 -1.40
CA GLU N 55 42.05 0.39 -0.12
C GLU N 55 42.15 -0.60 1.04
N ILE N 56 41.25 -1.58 1.09
CA ILE N 56 41.27 -2.53 2.20
C ILE N 56 42.40 -3.54 2.04
N SER N 57 42.83 -3.82 0.82
CA SER N 57 43.89 -4.78 0.56
C SER N 57 45.26 -4.11 0.57
N LYS N 58 45.57 -3.39 1.65
CA LYS N 58 46.85 -2.70 1.73
C LYS N 58 47.99 -3.68 1.92
N ASP N 59 47.98 -4.42 3.02
CA ASP N 59 49.04 -5.36 3.36
C ASP N 59 48.52 -6.79 3.23
N TRP N 60 49.38 -7.74 3.58
CA TRP N 60 48.99 -9.14 3.54
C TRP N 60 48.23 -9.55 4.80
N SER N 61 48.58 -8.99 5.95
CA SER N 61 47.85 -9.31 7.17
C SER N 61 46.38 -8.96 7.04
N SER N 62 46.07 -7.83 6.40
CA SER N 62 44.68 -7.41 6.28
C SER N 62 43.88 -8.38 5.42
N VAL N 63 44.43 -8.76 4.25
CA VAL N 63 43.70 -9.68 3.38
C VAL N 63 43.53 -11.03 4.05
N PHE N 64 44.57 -11.51 4.73
CA PHE N 64 44.48 -12.80 5.39
C PHE N 64 43.43 -12.79 6.49
N GLU N 65 43.45 -11.74 7.31
CA GLU N 65 42.48 -11.63 8.39
C GLU N 65 41.06 -11.57 7.83
N ARG N 66 40.83 -10.71 6.84
CA ARG N 66 39.48 -10.60 6.30
C ARG N 66 39.03 -11.89 5.65
N SER N 67 39.96 -12.62 5.02
CA SER N 67 39.58 -13.85 4.34
C SER N 67 39.16 -14.92 5.33
N ILE N 68 39.98 -15.19 6.36
CA ILE N 68 39.55 -16.23 7.28
C ILE N 68 38.43 -15.74 8.18
N ASN N 69 38.25 -14.42 8.29
CA ASN N 69 37.05 -13.88 8.91
C ASN N 69 35.81 -14.29 8.15
N THR N 70 35.77 -14.04 6.84
CA THR N 70 34.60 -14.44 6.08
C THR N 70 34.56 -15.94 5.81
N LEU N 71 35.61 -16.68 6.18
CA LEU N 71 35.65 -18.10 5.91
C LEU N 71 35.41 -18.98 7.13
N PHE N 72 35.53 -18.45 8.34
CA PHE N 72 35.27 -19.25 9.53
C PHE N 72 34.05 -18.77 10.30
N LEU N 73 33.27 -17.85 9.74
CA LEU N 73 31.96 -17.47 10.27
C LEU N 73 32.03 -16.97 11.71
N THR N 74 32.93 -16.03 11.95
CA THR N 74 33.05 -15.51 13.30
C THR N 74 31.82 -14.70 13.72
N GLU N 75 31.21 -13.95 12.80
CA GLU N 75 29.99 -13.23 13.17
C GLU N 75 28.84 -14.19 13.42
N MET N 76 28.78 -15.27 12.64
CA MET N 76 27.81 -16.31 12.93
C MET N 76 28.00 -16.85 14.33
N VAL N 77 29.25 -17.15 14.70
CA VAL N 77 29.50 -17.70 16.04
C VAL N 77 29.11 -16.69 17.11
N ARG N 78 29.40 -15.41 16.88
CA ARG N 78 29.06 -14.40 17.89
C ARG N 78 27.56 -14.31 18.08
N GLY N 79 26.80 -14.29 16.97
CA GLY N 79 25.36 -14.31 17.08
C GLY N 79 24.85 -15.53 17.82
N LEU N 80 25.41 -16.70 17.52
CA LEU N 80 24.96 -17.91 18.17
C LEU N 80 25.23 -17.86 19.67
N MET N 81 26.39 -17.33 20.06
CA MET N 81 26.70 -17.27 21.49
C MET N 81 25.76 -16.31 22.21
N LEU N 82 25.46 -15.17 21.60
CA LEU N 82 24.48 -14.26 22.22
C LEU N 82 23.13 -14.95 22.40
N THR N 83 22.67 -15.62 21.35
CA THR N 83 21.41 -16.35 21.43
C THR N 83 21.42 -17.37 22.55
N LEU N 84 22.49 -18.14 22.67
CA LEU N 84 22.56 -19.17 23.70
C LEU N 84 22.55 -18.55 25.09
N LYS N 85 23.19 -17.39 25.25
CA LYS N 85 23.10 -16.70 26.52
C LYS N 85 21.65 -16.39 26.87
N TYR N 86 20.93 -15.79 25.93
CA TYR N 86 19.52 -15.48 26.20
C TYR N 86 18.73 -16.74 26.50
N PHE N 87 19.08 -17.86 25.85
CA PHE N 87 18.41 -19.12 26.14
C PHE N 87 18.59 -19.50 27.61
N PHE N 88 19.84 -19.51 28.08
CA PHE N 88 20.08 -19.88 29.48
C PHE N 88 19.44 -18.88 30.44
N GLU N 89 19.35 -17.61 30.05
CA GLU N 89 18.84 -16.57 30.93
C GLU N 89 17.37 -16.83 31.26
N THR N 90 16.85 -16.09 32.25
CA THR N 90 15.46 -16.23 32.66
C THR N 90 14.52 -15.67 31.59
N LYS N 91 13.23 -15.70 31.88
CA LYS N 91 12.21 -15.37 30.89
C LYS N 91 11.27 -14.28 31.38
N VAL N 92 10.22 -13.99 30.62
CA VAL N 92 9.24 -12.99 31.03
C VAL N 92 7.89 -13.65 31.27
N THR N 93 7.25 -14.14 30.21
CA THR N 93 6.17 -15.13 30.28
C THR N 93 5.26 -14.93 31.48
N ILE N 94 4.52 -13.83 31.52
CA ILE N 94 3.86 -13.38 32.73
C ILE N 94 2.91 -14.40 33.35
N ASN N 95 2.56 -15.48 32.64
CA ASN N 95 1.72 -16.55 33.19
C ASN N 95 0.37 -15.99 33.64
N TYR N 96 -0.38 -15.51 32.65
CA TYR N 96 -1.53 -14.63 32.83
C TYR N 96 -2.53 -15.04 33.90
N PRO N 97 -3.21 -16.19 33.77
CA PRO N 97 -4.41 -16.41 34.60
C PRO N 97 -4.13 -16.43 36.10
N PHE N 98 -2.87 -16.30 36.51
CA PHE N 98 -2.50 -16.35 37.93
C PHE N 98 -1.74 -15.14 38.41
N GLU N 99 -1.10 -14.37 37.53
CA GLU N 99 -0.39 -13.16 37.95
C GLU N 99 -0.47 -12.15 36.81
N LYS N 100 -1.47 -11.28 36.88
CA LYS N 100 -1.74 -10.37 35.79
C LYS N 100 -0.71 -9.24 35.76
N GLY N 101 -0.79 -8.42 34.71
CA GLY N 101 0.22 -7.43 34.46
C GLY N 101 0.00 -6.16 35.24
N PRO N 102 1.00 -5.28 35.21
CA PRO N 102 0.92 -4.03 35.98
C PRO N 102 0.04 -2.99 35.29
N LEU N 103 -0.66 -2.21 36.11
CA LEU N 103 -1.58 -1.18 35.64
C LEU N 103 -1.29 0.14 36.34
N SER N 104 -2.20 1.10 36.23
CA SER N 104 -2.04 2.40 36.86
C SER N 104 -3.40 2.95 37.22
N PRO N 105 -3.53 3.66 38.34
CA PRO N 105 -4.84 4.17 38.74
C PRO N 105 -5.51 5.02 37.68
N ARG N 106 -4.75 5.56 36.74
CA ARG N 106 -5.32 6.30 35.62
C ARG N 106 -5.68 5.36 34.48
N PHE N 107 -6.38 4.29 34.79
CA PHE N 107 -6.73 3.30 33.78
C PHE N 107 -8.15 3.54 33.29
N ARG N 108 -8.47 2.92 32.16
CA ARG N 108 -9.78 3.06 31.54
C ARG N 108 -10.30 1.66 31.21
N GLY N 109 -11.58 1.43 31.52
CA GLY N 109 -12.15 0.12 31.33
C GLY N 109 -13.66 0.08 31.50
N GLU N 110 -14.17 -0.98 32.14
CA GLU N 110 -15.60 -1.12 32.33
C GLU N 110 -16.14 0.05 33.14
N HIS N 111 -17.06 0.81 32.53
CA HIS N 111 -17.57 2.00 33.17
C HIS N 111 -18.37 1.66 34.43
N ALA N 112 -18.72 2.70 35.18
CA ALA N 112 -19.49 2.51 36.39
C ALA N 112 -20.13 3.85 36.77
N LEU N 113 -21.26 3.77 37.46
CA LEU N 113 -21.94 4.94 38.01
C LEU N 113 -21.89 4.84 39.52
N ARG N 114 -21.10 5.70 40.15
CA ARG N 114 -20.97 5.68 41.59
C ARG N 114 -22.22 6.28 42.23
N ARG N 115 -22.27 6.25 43.56
CA ARG N 115 -23.31 6.97 44.28
C ARG N 115 -22.79 7.38 45.65
N TYR N 116 -23.44 8.39 46.23
CA TYR N 116 -23.01 8.97 47.48
C TYR N 116 -22.98 7.92 48.59
N PRO N 117 -22.30 8.20 49.70
CA PRO N 117 -22.31 7.25 50.82
C PRO N 117 -23.70 7.01 51.37
N THR N 118 -24.63 7.93 51.20
CA THR N 118 -26.00 7.75 51.68
C THR N 118 -26.81 6.81 50.81
N GLY N 119 -26.19 6.20 49.80
CA GLY N 119 -26.93 5.40 48.85
C GLY N 119 -27.61 6.19 47.77
N GLU N 120 -27.58 7.51 47.84
CA GLU N 120 -28.23 8.35 46.84
C GLU N 120 -27.38 8.45 45.59
N GLU N 121 -28.03 8.29 44.44
CA GLU N 121 -27.34 8.30 43.17
C GLU N 121 -26.61 9.63 42.95
N ARG N 122 -25.54 9.58 42.15
CA ARG N 122 -24.76 10.78 41.87
C ARG N 122 -25.24 11.51 40.63
N CYS N 123 -25.49 10.77 39.54
CA CYS N 123 -25.86 11.38 38.27
C CYS N 123 -27.07 12.30 38.43
N ILE N 124 -27.05 13.42 37.70
CA ILE N 124 -28.07 14.44 37.82
C ILE N 124 -28.60 14.85 36.46
N ALA N 125 -28.18 14.14 35.42
CA ALA N 125 -28.60 14.41 34.05
C ALA N 125 -28.22 15.83 33.61
N CYS N 126 -26.91 16.09 33.58
CA CYS N 126 -26.44 17.33 32.98
C CYS N 126 -26.46 17.27 31.47
N LYS N 127 -26.35 16.07 30.91
CA LYS N 127 -26.12 15.79 29.49
C LYS N 127 -24.71 16.13 29.05
N LEU N 128 -23.80 16.40 29.99
CA LEU N 128 -22.44 16.77 29.61
C LEU N 128 -21.68 15.58 29.05
N CYS N 129 -21.82 14.40 29.65
CA CYS N 129 -21.13 13.24 29.12
C CYS N 129 -21.63 12.94 27.71
N GLU N 130 -22.93 12.99 27.50
CA GLU N 130 -23.48 12.76 26.17
C GLU N 130 -23.00 13.82 25.19
N ALA N 131 -22.85 15.06 25.64
CA ALA N 131 -22.44 16.12 24.73
C ALA N 131 -20.98 15.95 24.33
N ILE N 132 -20.12 15.58 25.27
CA ILE N 132 -18.69 15.48 24.95
C ILE N 132 -18.32 14.13 24.36
N CYS N 133 -19.20 13.14 24.41
CA CYS N 133 -18.92 11.86 23.79
C CYS N 133 -18.44 12.05 22.35
N PRO N 134 -17.19 11.71 22.04
CA PRO N 134 -16.73 11.84 20.66
C PRO N 134 -17.27 10.76 19.76
N ALA N 135 -17.80 9.69 20.30
CA ALA N 135 -18.38 8.61 19.51
C ALA N 135 -19.90 8.58 19.58
N GLN N 136 -20.51 9.51 20.31
CA GLN N 136 -21.96 9.55 20.49
C GLN N 136 -22.48 8.21 21.00
N ALA N 137 -21.69 7.56 21.84
CA ALA N 137 -22.02 6.23 22.32
C ALA N 137 -22.82 6.25 23.60
N ILE N 138 -23.44 7.37 23.95
CA ILE N 138 -24.23 7.49 25.16
C ILE N 138 -25.63 7.97 24.77
N THR N 139 -26.64 7.39 25.40
CA THR N 139 -28.00 7.88 25.28
C THR N 139 -28.56 8.08 26.67
N ILE N 140 -29.18 9.24 26.89
CA ILE N 140 -29.58 9.66 28.22
C ILE N 140 -30.87 10.47 28.11
N GLU N 141 -31.83 10.14 28.96
CA GLU N 141 -33.16 10.73 28.87
C GLU N 141 -33.73 10.82 30.29
N ALA N 142 -34.07 12.03 30.72
CA ALA N 142 -34.38 12.32 32.11
C ALA N 142 -35.80 12.82 32.27
N GLU N 143 -36.16 13.08 33.52
CA GLU N 143 -37.50 13.52 33.91
C GLU N 143 -37.46 13.89 35.39
N GLU N 144 -38.27 14.88 35.76
CA GLU N 144 -38.40 15.25 37.16
C GLU N 144 -39.01 14.11 37.96
N ARG N 145 -38.32 13.68 39.01
CA ARG N 145 -38.82 12.59 39.85
C ARG N 145 -40.03 13.06 40.65
N GLU N 146 -40.62 12.14 41.42
CA GLU N 146 -41.78 12.51 42.22
C GLU N 146 -41.38 13.35 43.42
N ASP N 147 -40.30 12.98 44.11
CA ASP N 147 -39.89 13.73 45.29
C ASP N 147 -39.38 15.12 44.95
N GLY N 148 -39.00 15.35 43.70
CA GLY N 148 -38.61 16.69 43.28
C GLY N 148 -37.28 16.74 42.55
N SER N 149 -36.31 15.95 43.00
CA SER N 149 -34.99 15.98 42.40
C SER N 149 -35.04 15.43 40.98
N ARG N 150 -34.04 15.78 40.19
CA ARG N 150 -33.93 15.32 38.82
C ARG N 150 -32.97 14.15 38.75
N ARG N 151 -33.36 13.12 38.00
CA ARG N 151 -32.51 11.95 37.80
C ARG N 151 -32.73 11.45 36.39
N THR N 152 -32.04 10.36 36.05
CA THR N 152 -32.06 9.83 34.70
C THR N 152 -33.04 8.67 34.59
N THR N 153 -33.97 8.77 33.64
CA THR N 153 -34.89 7.68 33.35
C THR N 153 -34.20 6.59 32.53
N ARG N 154 -33.40 6.97 31.55
CA ARG N 154 -32.63 5.99 30.79
C ARG N 154 -31.22 6.50 30.59
N TYR N 155 -30.24 5.63 30.81
CA TYR N 155 -28.83 5.97 30.63
C TYR N 155 -28.14 4.72 30.14
N ASP N 156 -27.64 4.73 28.91
CA ASP N 156 -26.98 3.54 28.39
C ASP N 156 -25.81 3.92 27.49
N ILE N 157 -24.82 3.02 27.47
CA ILE N 157 -23.57 3.21 26.73
C ILE N 157 -23.34 1.91 25.98
N ASP N 158 -23.60 1.90 24.67
CA ASP N 158 -23.35 0.67 23.91
C ASP N 158 -21.85 0.49 23.81
N MET N 159 -21.31 -0.31 24.73
CA MET N 159 -19.89 -0.27 25.06
C MET N 159 -19.01 -0.31 23.83
N THR N 160 -19.38 -1.07 22.80
CA THR N 160 -18.57 -1.12 21.60
C THR N 160 -18.38 0.29 21.04
N LYS N 161 -19.47 0.87 20.54
CA LYS N 161 -19.43 2.21 20.01
C LYS N 161 -18.73 3.16 20.97
N CYS N 162 -18.70 2.81 22.26
CA CYS N 162 -17.86 3.52 23.23
C CYS N 162 -16.47 2.92 23.18
N ILE N 163 -15.71 3.40 22.21
CA ILE N 163 -14.25 3.46 22.38
C ILE N 163 -13.95 4.00 23.77
N TYR N 164 -12.84 3.61 24.36
CA TYR N 164 -12.54 3.99 25.73
C TYR N 164 -11.53 5.13 25.71
N CYS N 165 -12.03 6.36 25.66
CA CYS N 165 -11.18 7.53 25.50
C CYS N 165 -10.92 8.25 26.82
N GLY N 166 -11.93 8.36 27.69
CA GLY N 166 -11.75 8.93 29.01
C GLY N 166 -12.57 10.17 29.28
N PHE N 167 -12.99 10.89 28.23
CA PHE N 167 -13.65 12.18 28.40
C PHE N 167 -14.82 12.12 29.37
N CYS N 168 -15.49 10.96 29.46
CA CYS N 168 -16.53 10.76 30.46
C CYS N 168 -16.09 11.30 31.81
N GLN N 169 -15.08 10.68 32.39
CA GLN N 169 -14.73 11.01 33.76
C GLN N 169 -14.15 12.39 33.90
N GLU N 170 -14.04 13.16 32.81
CA GLU N 170 -13.61 14.54 32.91
C GLU N 170 -14.75 15.52 32.75
N ALA N 171 -15.80 15.15 32.05
CA ALA N 171 -16.90 16.09 31.87
C ALA N 171 -17.84 16.12 33.07
N CYS N 172 -17.82 15.10 33.89
CA CYS N 172 -18.80 14.96 34.96
C CYS N 172 -18.51 15.93 36.10
N PRO N 173 -19.44 16.82 36.44
CA PRO N 173 -19.21 17.72 37.57
C PRO N 173 -19.49 17.09 38.93
N VAL N 174 -19.91 15.84 38.99
CA VAL N 174 -20.18 15.21 40.29
C VAL N 174 -19.52 13.84 40.36
N ASP N 175 -18.63 13.54 39.42
CA ASP N 175 -17.92 12.26 39.37
C ASP N 175 -18.90 11.10 39.30
N ALA N 176 -20.02 11.29 38.60
CA ALA N 176 -21.02 10.24 38.52
C ALA N 176 -20.47 9.03 37.77
N ILE N 177 -20.11 9.22 36.52
CA ILE N 177 -19.58 8.12 35.72
C ILE N 177 -18.08 8.09 35.86
N VAL N 178 -17.51 6.90 35.84
CA VAL N 178 -16.08 6.72 36.02
C VAL N 178 -15.68 5.42 35.34
N GLU N 179 -14.39 5.27 35.10
CA GLU N 179 -13.86 4.09 34.42
C GLU N 179 -13.05 3.29 35.43
N GLY N 180 -13.67 2.26 35.99
CA GLY N 180 -13.01 1.39 36.93
C GLY N 180 -12.00 0.52 36.23
N PRO N 181 -11.05 0.03 36.95
CA PRO N 181 -9.93 -0.69 36.36
C PRO N 181 -10.21 -2.15 36.07
N ASN N 182 -11.36 -2.43 35.47
CA ASN N 182 -11.74 -3.78 35.11
C ASN N 182 -11.80 -3.90 33.61
N PHE N 183 -11.02 -4.83 33.05
CA PHE N 183 -10.98 -5.04 31.62
C PHE N 183 -11.39 -6.45 31.20
N GLU N 184 -11.79 -7.29 32.14
CA GLU N 184 -12.23 -8.65 31.83
C GLU N 184 -13.74 -8.66 31.75
N PHE N 185 -14.27 -8.34 30.58
CA PHE N 185 -15.70 -8.53 30.33
C PHE N 185 -15.85 -8.83 28.84
N ALA N 186 -15.86 -10.12 28.52
CA ALA N 186 -15.71 -10.56 27.14
C ALA N 186 -16.87 -11.43 26.73
N THR N 187 -18.08 -10.93 26.90
CA THR N 187 -19.32 -11.65 26.64
C THR N 187 -19.38 -12.26 25.24
N GLU N 188 -20.30 -13.20 25.05
CA GLU N 188 -20.43 -13.92 23.79
C GLU N 188 -21.61 -13.46 22.94
N THR N 189 -22.23 -12.33 23.28
CA THR N 189 -23.37 -11.84 22.52
C THR N 189 -23.38 -10.31 22.55
N HIS N 190 -23.46 -9.71 21.35
CA HIS N 190 -23.34 -8.27 21.19
C HIS N 190 -24.20 -7.52 22.20
N GLU N 191 -25.41 -8.00 22.45
CA GLU N 191 -26.36 -7.27 23.29
C GLU N 191 -25.76 -6.91 24.64
N GLU N 192 -24.96 -7.80 25.22
CA GLU N 192 -24.37 -7.47 26.51
C GLU N 192 -23.53 -6.21 26.40
N LEU N 193 -22.59 -6.18 25.46
CA LEU N 193 -21.70 -5.05 25.28
C LEU N 193 -22.50 -3.80 24.92
N LEU N 194 -23.81 -3.95 24.81
CA LEU N 194 -24.70 -2.80 24.76
C LEU N 194 -25.25 -2.55 26.15
N TYR N 195 -24.33 -2.27 27.10
CA TYR N 195 -24.67 -2.14 28.51
C TYR N 195 -25.98 -1.41 28.73
N ASP N 196 -26.78 -1.97 29.64
CA ASP N 196 -28.21 -1.73 29.67
C ASP N 196 -28.51 -0.34 30.20
N LYS N 197 -29.81 -0.08 30.35
CA LYS N 197 -30.29 1.26 30.70
C LYS N 197 -29.97 1.51 32.17
N GLU N 198 -28.69 1.80 32.40
CA GLU N 198 -28.16 2.26 33.68
C GLU N 198 -28.13 1.15 34.71
N LYS N 199 -28.90 0.10 34.49
CA LYS N 199 -29.02 -0.94 35.50
C LYS N 199 -27.67 -1.60 35.74
N LEU N 200 -27.13 -2.26 34.73
CA LEU N 200 -25.80 -2.82 34.87
C LEU N 200 -24.79 -1.73 35.18
N LEU N 201 -24.99 -0.52 34.67
CA LEU N 201 -24.03 0.53 34.98
C LEU N 201 -24.05 0.83 36.47
N GLU N 202 -25.23 0.83 37.07
CA GLU N 202 -25.32 0.98 38.51
C GLU N 202 -24.54 -0.12 39.21
N ASN N 203 -24.58 -1.34 38.67
CA ASN N 203 -23.87 -2.44 39.30
C ASN N 203 -22.37 -2.27 39.24
N GLY N 204 -21.86 -1.27 38.52
CA GLY N 204 -20.47 -0.91 38.68
C GLY N 204 -20.10 -0.61 40.11
N ASP N 205 -21.08 -0.31 40.96
CA ASP N 205 -20.81 -0.09 42.38
C ASP N 205 -20.26 -1.33 43.08
N ARG N 206 -20.25 -2.50 42.42
CA ARG N 206 -19.58 -3.63 43.04
C ARG N 206 -18.08 -3.39 43.13
N TRP N 207 -17.54 -2.43 42.39
CA TRP N 207 -16.15 -2.01 42.52
C TRP N 207 -16.00 -0.78 43.39
N GLU N 208 -17.07 -0.30 44.01
CA GLU N 208 -17.07 1.04 44.60
C GLU N 208 -15.90 1.26 45.53
N THR N 209 -15.42 0.21 46.20
CA THR N 209 -14.21 0.37 47.00
C THR N 209 -13.00 0.61 46.12
N GLU N 210 -12.72 -0.31 45.20
CA GLU N 210 -11.54 -0.19 44.34
C GLU N 210 -11.51 1.15 43.63
N ILE N 211 -12.58 1.46 42.90
CA ILE N 211 -12.67 2.75 42.20
C ILE N 211 -12.33 3.88 43.16
N ALA N 212 -12.94 3.85 44.35
CA ALA N 212 -12.72 4.92 45.32
C ALA N 212 -11.24 5.17 45.52
N GLU N 213 -10.49 4.10 45.76
CA GLU N 213 -9.05 4.20 45.95
C GLU N 213 -8.42 5.04 44.84
N ASN N 214 -8.64 4.62 43.58
CA ASN N 214 -8.10 5.35 42.45
C ASN N 214 -8.40 6.84 42.58
N LEU N 215 -9.68 7.18 42.79
CA LEU N 215 -10.06 8.58 42.82
C LEU N 215 -9.26 9.35 43.85
N ARG N 216 -9.07 8.78 45.03
CA ARG N 216 -8.30 9.48 46.06
C ARG N 216 -6.92 9.81 45.51
N SER N 217 -6.24 8.81 44.95
CA SER N 217 -4.89 9.02 44.46
C SER N 217 -4.83 9.95 43.26
N GLU N 218 -5.98 10.31 42.69
CA GLU N 218 -6.00 11.28 41.60
C GLU N 218 -6.67 12.58 41.98
N SER N 219 -7.10 12.73 43.23
CA SER N 219 -7.61 14.02 43.65
C SER N 219 -6.52 15.08 43.64
N LEU N 220 -5.27 14.66 43.88
CA LEU N 220 -4.18 15.63 44.01
C LEU N 220 -3.89 16.30 42.68
N TYR N 221 -3.50 15.53 41.67
CA TYR N 221 -3.14 16.08 40.37
C TYR N 221 -4.13 15.58 39.32
N ARG N 222 -5.24 16.31 39.21
CA ARG N 222 -6.20 16.15 38.13
C ARG N 222 -7.12 17.34 38.11
N HIS O 59 -11.93 84.38 53.15
CA HIS O 59 -10.50 84.53 53.44
C HIS O 59 -10.10 83.46 54.46
N PHE O 60 -9.80 83.90 55.68
CA PHE O 60 -9.37 83.00 56.74
C PHE O 60 -10.58 82.56 57.56
N GLY O 61 -10.33 81.96 58.72
CA GLY O 61 -11.38 81.50 59.59
C GLY O 61 -11.70 82.50 60.70
N GLY O 62 -12.73 82.18 61.47
CA GLY O 62 -13.18 83.03 62.54
C GLY O 62 -14.29 83.94 62.05
N LEU O 63 -15.52 83.63 62.43
CA LEU O 63 -16.70 84.31 61.89
C LEU O 63 -17.35 85.11 63.00
N LYS O 64 -17.49 86.42 62.77
CA LYS O 64 -18.07 87.29 63.77
C LYS O 64 -19.54 86.93 64.03
N ASP O 65 -20.10 87.53 65.06
CA ASP O 65 -21.46 87.18 65.49
C ASP O 65 -22.53 87.80 64.60
N GLU O 66 -22.28 89.00 64.06
CA GLU O 66 -23.30 89.68 63.27
C GLU O 66 -23.45 89.06 61.89
N ASP O 67 -22.37 88.54 61.32
CA ASP O 67 -22.45 87.94 60.00
C ASP O 67 -23.12 86.57 60.02
N ARG O 68 -23.24 85.94 61.17
CA ARG O 68 -23.91 84.65 61.26
C ARG O 68 -25.35 84.78 60.81
N ILE O 69 -25.92 83.66 60.35
CA ILE O 69 -27.25 83.64 59.75
C ILE O 69 -28.24 82.85 60.62
N PHE O 70 -27.92 81.59 60.92
CA PHE O 70 -28.80 80.77 61.74
C PHE O 70 -28.65 81.21 63.19
N THR O 71 -29.34 82.29 63.54
CA THR O 71 -29.31 82.74 64.92
C THR O 71 -30.37 82.03 65.75
N ASN O 72 -30.45 80.71 65.58
CA ASN O 72 -31.39 79.92 66.36
C ASN O 72 -30.88 78.52 66.68
N LEU O 73 -29.63 78.20 66.36
CA LEU O 73 -29.16 76.82 66.32
C LEU O 73 -29.20 76.13 67.67
N TYR O 74 -29.59 76.84 68.72
CA TYR O 74 -29.67 76.26 70.06
C TYR O 74 -31.01 76.47 70.75
N GLY O 75 -31.79 77.48 70.37
CA GLY O 75 -33.19 77.56 70.74
C GLY O 75 -33.53 77.63 72.22
N LEU O 76 -33.19 78.75 72.87
CA LEU O 76 -33.55 78.96 74.27
C LEU O 76 -34.55 80.10 74.44
N HIS O 77 -34.22 81.29 73.97
CA HIS O 77 -35.10 82.45 74.04
C HIS O 77 -35.78 82.73 72.71
N ASP O 78 -36.09 81.70 71.96
CA ASP O 78 -36.38 81.87 70.55
C ASP O 78 -37.17 80.69 70.01
N PRO O 79 -38.50 80.76 70.02
CA PRO O 79 -39.31 79.62 69.58
C PRO O 79 -39.32 79.43 68.07
N PHE O 80 -40.16 78.50 67.62
CA PHE O 80 -40.32 78.22 66.20
C PHE O 80 -41.29 79.18 65.53
N LEU O 81 -42.41 79.46 66.20
CA LEU O 81 -43.55 80.13 65.57
C LEU O 81 -43.24 81.56 65.15
N LYS O 82 -42.26 82.20 65.79
CA LYS O 82 -41.78 83.54 65.44
C LYS O 82 -42.85 84.60 65.59
N GLY O 83 -44.04 84.22 66.03
CA GLY O 83 -44.98 85.19 66.54
C GLY O 83 -44.42 85.99 67.69
N ALA O 84 -43.43 85.43 68.39
CA ALA O 84 -42.62 86.16 69.33
C ALA O 84 -41.27 86.57 68.76
N MET O 85 -40.80 85.93 67.69
CA MET O 85 -39.50 86.25 67.11
C MET O 85 -39.60 86.37 65.59
N LYS O 86 -40.52 87.18 65.09
CA LYS O 86 -40.49 87.46 63.66
C LYS O 86 -39.34 88.37 63.26
N ARG O 87 -38.37 88.55 64.17
CA ARG O 87 -37.22 89.42 63.92
C ARG O 87 -36.60 89.17 62.57
N GLY O 88 -36.21 87.92 62.29
CA GLY O 88 -35.42 87.64 61.12
C GLY O 88 -36.15 87.57 59.79
N ASP O 89 -37.15 86.71 59.70
CA ASP O 89 -37.67 86.24 58.42
C ASP O 89 -38.99 86.92 58.05
N TRP O 90 -39.45 86.61 56.84
CA TRP O 90 -40.73 87.09 56.32
C TRP O 90 -40.82 88.60 56.31
N TYR O 91 -39.68 89.28 56.17
CA TYR O 91 -39.68 90.74 56.29
C TYR O 91 -40.39 91.40 55.12
N ARG O 92 -39.86 91.23 53.91
CA ARG O 92 -40.44 91.84 52.73
C ARG O 92 -40.38 90.88 51.54
N THR O 93 -40.79 89.63 51.77
CA THR O 93 -40.80 88.65 50.69
C THR O 93 -41.67 89.10 49.52
N LYS O 94 -42.66 89.96 49.77
CA LYS O 94 -43.50 90.46 48.69
C LYS O 94 -42.66 91.13 47.62
N ASP O 95 -41.75 92.02 48.02
CA ASP O 95 -40.88 92.67 47.05
C ASP O 95 -39.94 91.66 46.40
N LEU O 96 -39.44 90.71 47.20
CA LEU O 96 -38.48 89.75 46.68
C LEU O 96 -39.12 88.77 45.71
N VAL O 97 -40.45 88.71 45.64
CA VAL O 97 -41.09 87.82 44.67
C VAL O 97 -41.65 88.64 43.52
N ILE O 98 -42.03 89.89 43.76
CA ILE O 98 -42.46 90.75 42.66
C ILE O 98 -41.28 91.36 41.91
N LYS O 99 -40.06 91.11 42.35
CA LYS O 99 -38.89 91.52 41.58
C LYS O 99 -38.51 90.51 40.52
N GLY O 100 -39.43 89.63 40.14
CA GLY O 100 -39.21 88.74 39.01
C GLY O 100 -38.32 87.57 39.31
N THR O 101 -38.50 86.47 38.58
CA THR O 101 -37.71 85.27 38.80
C THR O 101 -36.34 85.37 38.18
N ASP O 102 -36.25 86.01 37.00
CA ASP O 102 -34.96 86.12 36.32
C ASP O 102 -33.97 86.91 37.16
N TRP O 103 -34.44 87.95 37.85
CA TRP O 103 -33.55 88.67 38.73
C TRP O 103 -33.04 87.79 39.86
N ILE O 104 -33.91 86.93 40.39
CA ILE O 104 -33.49 86.02 41.45
C ILE O 104 -32.41 85.07 40.95
N VAL O 105 -32.58 84.53 39.74
CA VAL O 105 -31.57 83.62 39.22
C VAL O 105 -30.27 84.35 38.96
N ASN O 106 -30.34 85.56 38.42
CA ASN O 106 -29.13 86.36 38.22
C ASN O 106 -28.42 86.59 39.55
N GLU O 107 -29.18 86.95 40.59
CA GLU O 107 -28.60 87.21 41.89
C GLU O 107 -27.90 85.98 42.45
N MET O 108 -28.57 84.83 42.37
CA MET O 108 -27.97 83.61 42.88
C MET O 108 -26.68 83.26 42.11
N LYS O 109 -26.72 83.37 40.78
CA LYS O 109 -25.50 83.11 40.02
C LYS O 109 -24.39 84.06 40.41
N LYS O 110 -24.74 85.31 40.74
CA LYS O 110 -23.71 86.27 41.12
C LYS O 110 -23.14 85.97 42.51
N SER O 111 -23.96 85.41 43.39
CA SER O 111 -23.51 85.21 44.77
C SER O 111 -22.39 84.17 44.84
N GLY O 112 -22.67 82.94 44.44
CA GLY O 112 -21.68 81.88 44.47
C GLY O 112 -22.09 80.75 45.38
N LEU O 113 -23.39 80.54 45.52
CA LEU O 113 -23.92 79.55 46.47
C LEU O 113 -23.71 78.16 45.91
N ARG O 114 -22.50 77.64 46.10
CA ARG O 114 -22.23 76.24 45.78
C ARG O 114 -23.14 75.35 46.62
N GLY O 115 -23.90 74.48 45.96
CA GLY O 115 -24.90 73.67 46.63
C GLY O 115 -24.38 72.86 47.79
N ARG O 116 -24.94 73.08 48.98
CA ARG O 116 -24.44 72.45 50.20
C ARG O 116 -25.14 71.13 50.50
N GLY O 117 -25.14 70.22 49.53
CA GLY O 117 -25.79 68.94 49.73
C GLY O 117 -24.82 67.79 49.73
N GLY O 118 -23.70 67.96 49.04
CA GLY O 118 -22.74 66.88 48.92
C GLY O 118 -22.21 66.78 47.50
N ALA O 119 -22.62 67.72 46.66
CA ALA O 119 -22.14 67.77 45.28
C ALA O 119 -21.32 69.03 45.01
N GLY O 120 -21.83 70.19 45.40
CA GLY O 120 -21.13 71.42 45.13
C GLY O 120 -21.45 72.07 43.80
N PHE O 121 -22.58 71.72 43.19
CA PHE O 121 -22.96 72.36 41.95
C PHE O 121 -23.29 73.83 42.20
N PRO O 122 -22.99 74.70 41.25
CA PRO O 122 -23.37 76.11 41.41
C PRO O 122 -24.88 76.26 41.33
N SER O 123 -25.51 76.52 42.48
CA SER O 123 -26.96 76.51 42.55
C SER O 123 -27.61 77.47 41.57
N GLY O 124 -26.90 78.52 41.17
CA GLY O 124 -27.46 79.41 40.16
C GLY O 124 -27.82 78.67 38.88
N LEU O 125 -26.87 77.91 38.33
CA LEU O 125 -27.16 77.10 37.15
C LEU O 125 -28.26 76.11 37.44
N LYS O 126 -28.24 75.48 38.62
CA LYS O 126 -29.22 74.46 38.93
C LYS O 126 -30.63 75.02 38.90
N TRP O 127 -30.81 76.26 39.35
CA TRP O 127 -32.13 76.87 39.27
C TRP O 127 -32.42 77.39 37.87
N SER O 128 -31.39 77.82 37.13
CA SER O 128 -31.61 78.31 35.77
C SER O 128 -31.96 77.19 34.81
N PHE O 129 -31.72 75.93 35.19
CA PHE O 129 -32.03 74.82 34.29
C PHE O 129 -33.52 74.62 34.09
N MET O 130 -34.36 75.17 34.97
CA MET O 130 -35.79 74.97 34.85
C MET O 130 -36.32 75.67 33.59
N PRO O 131 -37.43 75.18 33.04
CA PRO O 131 -37.94 75.76 31.79
C PRO O 131 -38.38 77.20 31.98
N LYS O 132 -37.80 78.08 31.16
CA LYS O 132 -38.11 79.51 31.26
C LYS O 132 -39.52 79.80 30.73
N VAL O 133 -39.75 79.52 29.46
CA VAL O 133 -41.08 79.74 28.89
C VAL O 133 -42.07 78.81 29.55
N SER O 134 -43.30 79.29 29.71
CA SER O 134 -44.32 78.51 30.39
C SER O 134 -44.66 77.26 29.58
N ASP O 135 -45.58 76.47 30.12
CA ASP O 135 -45.89 75.17 29.54
C ASP O 135 -47.29 74.79 30.03
N GLY O 136 -47.59 73.49 29.97
CA GLY O 136 -48.84 72.96 30.46
C GLY O 136 -48.63 72.49 31.89
N ARG O 137 -48.29 71.21 32.05
CA ARG O 137 -47.94 70.57 33.31
C ARG O 137 -47.18 71.49 34.25
N PRO O 138 -47.52 71.51 35.54
CA PRO O 138 -46.92 72.48 36.47
C PRO O 138 -45.49 72.14 36.83
N SER O 139 -44.91 72.87 37.78
CA SER O 139 -43.52 72.68 38.17
C SER O 139 -43.40 72.49 39.67
N TYR O 140 -42.43 71.67 40.07
CA TYR O 140 -42.28 71.31 41.47
C TYR O 140 -40.85 71.51 41.97
N LEU O 141 -40.75 72.15 43.12
CA LEU O 141 -39.53 72.17 43.91
C LEU O 141 -39.66 71.16 45.03
N VAL O 142 -38.58 70.47 45.34
CA VAL O 142 -38.59 69.51 46.43
C VAL O 142 -37.34 69.70 47.28
N VAL O 143 -37.55 69.88 48.58
CA VAL O 143 -36.47 70.08 49.53
C VAL O 143 -36.06 68.75 50.12
N ASN O 144 -34.77 68.49 50.10
CA ASN O 144 -34.19 67.19 50.44
C ASN O 144 -33.74 67.21 51.90
N ALA O 145 -34.71 67.22 52.78
CA ALA O 145 -34.43 67.29 54.21
C ALA O 145 -34.10 65.95 54.81
N ASP O 146 -33.63 65.01 54.00
CA ASP O 146 -33.44 63.61 54.40
C ASP O 146 -32.01 63.33 54.84
N GLU O 147 -31.37 64.28 55.51
CA GLU O 147 -30.00 64.09 55.94
C GLU O 147 -29.89 62.89 56.88
N SER O 148 -29.21 61.85 56.42
CA SER O 148 -28.95 60.71 57.27
C SER O 148 -27.55 60.16 57.06
N GLU O 149 -26.68 60.88 56.37
CA GLU O 149 -25.29 60.49 56.28
C GLU O 149 -24.70 60.47 57.69
N PRO O 150 -24.02 59.40 58.09
CA PRO O 150 -23.63 59.25 59.49
C PRO O 150 -22.68 60.34 59.93
N GLY O 151 -23.13 61.17 60.87
CA GLY O 151 -22.31 62.22 61.43
C GLY O 151 -22.83 63.63 61.19
N THR O 152 -24.00 63.82 60.59
CA THR O 152 -24.51 65.14 60.27
C THR O 152 -25.72 65.43 61.16
N CYS O 153 -25.64 66.48 61.97
CA CYS O 153 -26.72 66.85 62.88
C CYS O 153 -26.94 68.37 62.79
N LYS O 154 -27.06 68.87 61.57
CA LYS O 154 -27.36 70.29 61.36
C LYS O 154 -28.81 70.52 60.93
N ASP O 155 -29.26 69.83 59.89
CA ASP O 155 -30.61 70.05 59.40
C ASP O 155 -31.65 69.71 60.46
N ARG O 156 -31.34 68.76 61.33
CA ARG O 156 -32.24 68.47 62.44
C ARG O 156 -32.49 69.71 63.27
N GLU O 157 -31.42 70.45 63.59
CA GLU O 157 -31.59 71.65 64.39
C GLU O 157 -32.28 72.76 63.60
N ILE O 158 -31.92 72.91 62.32
CA ILE O 158 -32.61 73.90 61.49
C ILE O 158 -34.11 73.66 61.52
N MET O 159 -34.54 72.42 61.26
CA MET O 159 -35.96 72.13 61.19
C MET O 159 -36.62 72.24 62.56
N ARG O 160 -35.93 71.83 63.62
CA ARG O 160 -36.56 71.81 64.93
C ARG O 160 -36.71 73.21 65.51
N HIS O 161 -35.81 74.12 65.18
CA HIS O 161 -35.79 75.41 65.87
C HIS O 161 -36.10 76.60 65.00
N ASP O 162 -35.64 76.63 63.75
CA ASP O 162 -35.84 77.78 62.86
C ASP O 162 -36.52 77.30 61.59
N PRO O 163 -37.81 76.98 61.65
CA PRO O 163 -38.49 76.42 60.48
C PRO O 163 -38.91 77.47 59.46
N HIS O 164 -39.31 78.65 59.93
CA HIS O 164 -39.80 79.67 59.01
C HIS O 164 -38.72 80.09 58.04
N LYS O 165 -37.45 79.96 58.42
CA LYS O 165 -36.36 80.10 57.46
C LYS O 165 -36.58 79.18 56.27
N LEU O 166 -36.74 77.88 56.55
CA LEU O 166 -36.94 76.90 55.48
C LEU O 166 -38.19 77.22 54.67
N LEU O 167 -39.25 77.64 55.34
CA LEU O 167 -40.51 77.90 54.63
C LEU O 167 -40.36 79.08 53.67
N GLU O 168 -39.87 80.22 54.17
CA GLU O 168 -39.69 81.39 53.31
C GLU O 168 -38.71 81.09 52.19
N GLY O 169 -37.65 80.32 52.48
CA GLY O 169 -36.74 79.92 51.43
C GLY O 169 -37.43 79.07 50.39
N CYS O 170 -38.33 78.19 50.83
CA CYS O 170 -39.07 77.38 49.89
C CYS O 170 -39.91 78.24 48.97
N LEU O 171 -40.59 79.25 49.53
CA LEU O 171 -41.40 80.14 48.71
C LEU O 171 -40.53 80.89 47.70
N ILE O 172 -39.41 81.45 48.17
CA ILE O 172 -38.60 82.29 47.29
C ILE O 172 -37.93 81.45 46.22
N ALA O 173 -37.55 80.22 46.53
CA ALA O 173 -36.95 79.37 45.52
C ALA O 173 -37.99 78.86 44.54
N GLY O 174 -39.21 78.57 45.01
CA GLY O 174 -40.27 78.20 44.10
C GLY O 174 -40.59 79.30 43.12
N VAL O 175 -40.57 80.55 43.57
CA VAL O 175 -40.73 81.66 42.64
C VAL O 175 -39.55 81.72 41.68
N GLY O 176 -38.33 81.71 42.23
CA GLY O 176 -37.12 81.78 41.42
C GLY O 176 -36.95 80.64 40.45
N MET O 177 -37.74 79.58 40.56
CA MET O 177 -37.69 78.47 39.65
C MET O 177 -38.94 78.33 38.79
N ARG O 178 -39.84 79.31 38.85
CA ARG O 178 -41.15 79.22 38.18
C ARG O 178 -41.85 77.93 38.58
N ALA O 179 -41.73 77.58 39.86
CA ALA O 179 -42.33 76.36 40.38
C ALA O 179 -43.74 76.62 40.87
N THR O 180 -44.59 75.61 40.72
CA THR O 180 -45.99 75.70 41.13
C THR O 180 -46.22 75.16 42.53
N ALA O 181 -45.54 74.09 42.91
CA ALA O 181 -45.70 73.55 44.26
C ALA O 181 -44.36 73.03 44.75
N ALA O 182 -44.32 72.70 46.04
CA ALA O 182 -43.05 72.29 46.64
C ALA O 182 -43.28 71.34 47.81
N TYR O 183 -42.51 70.27 47.83
CA TYR O 183 -42.62 69.24 48.86
C TYR O 183 -41.32 69.15 49.65
N ILE O 184 -41.43 69.21 50.98
CA ILE O 184 -40.29 69.00 51.86
C ILE O 184 -40.33 67.57 52.35
N TYR O 185 -39.29 66.79 52.03
CA TYR O 185 -39.25 65.37 52.39
C TYR O 185 -38.52 65.23 53.71
N ILE O 186 -39.27 65.22 54.82
CA ILE O 186 -38.60 65.06 56.10
C ILE O 186 -38.11 63.62 56.25
N ARG O 187 -37.22 63.42 57.21
CA ARG O 187 -36.78 62.07 57.52
C ARG O 187 -37.80 61.38 58.43
N GLY O 188 -37.72 60.06 58.48
CA GLY O 188 -38.73 59.27 59.16
C GLY O 188 -38.78 59.43 60.66
N GLU O 189 -37.65 59.21 61.32
CA GLU O 189 -37.60 59.19 62.79
C GLU O 189 -37.39 60.57 63.36
N TYR O 190 -38.20 61.53 62.94
CA TYR O 190 -38.14 62.91 63.40
C TYR O 190 -39.49 63.37 63.90
N VAL O 191 -40.19 62.49 64.62
CA VAL O 191 -41.60 62.73 64.96
C VAL O 191 -41.77 64.07 65.66
N ASN O 192 -40.89 64.40 66.60
CA ASN O 192 -41.04 65.65 67.32
C ASN O 192 -40.64 66.84 66.45
N GLU O 193 -39.51 66.73 65.75
CA GLU O 193 -39.15 67.76 64.79
C GLU O 193 -40.22 67.94 63.72
N ARG O 194 -40.80 66.83 63.26
CA ARG O 194 -41.87 66.95 62.27
C ARG O 194 -43.09 67.62 62.86
N LYS O 195 -43.40 67.33 64.13
CA LYS O 195 -44.51 68.02 64.78
C LYS O 195 -44.28 69.53 64.80
N ASN O 196 -43.07 69.94 65.17
CA ASN O 196 -42.76 71.37 65.23
C ASN O 196 -42.85 72.01 63.85
N LEU O 197 -42.27 71.36 62.84
CA LEU O 197 -42.32 71.91 61.49
C LEU O 197 -43.74 72.02 60.97
N GLU O 198 -44.57 71.02 61.26
CA GLU O 198 -45.94 71.05 60.77
C GLU O 198 -46.74 72.13 61.50
N LYS O 199 -46.50 72.30 62.80
CA LYS O 199 -47.11 73.42 63.51
C LYS O 199 -46.74 74.74 62.85
N ALA O 200 -45.46 74.89 62.51
CA ALA O 200 -45.02 76.13 61.85
C ALA O 200 -45.70 76.33 60.51
N ARG O 201 -45.83 75.26 59.73
CA ARG O 201 -46.44 75.39 58.41
C ARG O 201 -47.92 75.73 58.53
N GLN O 202 -48.62 75.12 59.49
CA GLN O 202 -50.01 75.48 59.70
C GLN O 202 -50.13 76.95 60.10
N GLU O 203 -49.22 77.43 60.94
CA GLU O 203 -49.27 78.84 61.31
C GLU O 203 -48.96 79.75 60.13
N ALA O 204 -48.11 79.28 59.21
CA ALA O 204 -47.81 80.08 58.02
C ALA O 204 -49.03 80.17 57.11
N TYR O 205 -49.73 79.05 56.90
CA TYR O 205 -50.98 79.11 56.16
C TYR O 205 -52.01 80.01 56.86
N ALA O 206 -52.11 79.88 58.19
CA ALA O 206 -53.09 80.68 58.91
C ALA O 206 -52.81 82.17 58.79
N ALA O 207 -51.53 82.55 58.80
CA ALA O 207 -51.18 83.95 58.64
C ALA O 207 -51.33 84.45 57.22
N GLY O 208 -51.74 83.59 56.28
CA GLY O 208 -51.88 84.00 54.90
C GLY O 208 -50.59 84.30 54.18
N LEU O 209 -49.45 83.92 54.75
CA LEU O 209 -48.15 84.22 54.16
C LEU O 209 -47.67 83.15 53.19
N LEU O 210 -48.48 82.12 52.93
CA LEU O 210 -48.05 81.04 52.05
C LEU O 210 -49.29 80.33 51.52
N GLY O 211 -49.59 80.54 50.24
CA GLY O 211 -50.81 79.98 49.68
C GLY O 211 -51.17 80.52 48.31
N LYS O 212 -52.41 80.95 48.14
CA LYS O 212 -52.85 81.45 46.83
C LYS O 212 -52.20 82.79 46.50
N ASN O 213 -52.49 83.81 47.29
CA ASN O 213 -51.81 85.09 47.18
C ASN O 213 -50.70 85.07 48.22
N ALA O 214 -49.50 84.69 47.79
CA ALA O 214 -48.44 84.27 48.70
C ALA O 214 -48.23 85.25 49.85
N CYS O 215 -47.77 86.46 49.55
CA CYS O 215 -47.78 87.52 50.55
C CYS O 215 -48.56 88.73 50.06
N GLY O 216 -48.16 89.31 48.92
CA GLY O 216 -48.92 90.33 48.25
C GLY O 216 -48.87 90.11 46.75
N SER O 217 -48.10 89.11 46.35
CA SER O 217 -47.96 88.77 44.94
C SER O 217 -49.11 87.88 44.49
N GLY O 218 -49.37 87.89 43.18
CA GLY O 218 -50.40 87.04 42.64
C GLY O 218 -49.94 85.60 42.51
N TYR O 219 -48.73 85.32 43.00
CA TYR O 219 -48.12 84.01 42.80
C TYR O 219 -48.77 82.96 43.69
N ASP O 220 -49.36 81.94 43.06
CA ASP O 220 -49.93 80.81 43.78
C ASP O 220 -48.83 79.82 44.16
N PHE O 221 -48.90 79.28 45.36
CA PHE O 221 -47.85 78.38 45.84
C PHE O 221 -48.37 77.50 46.97
N ASP O 222 -48.23 76.19 46.79
CA ASP O 222 -48.61 75.20 47.80
C ASP O 222 -47.35 74.44 48.22
N VAL O 223 -47.12 74.36 49.53
CA VAL O 223 -46.02 73.58 50.08
C VAL O 223 -46.60 72.46 50.92
N HIS O 224 -45.92 71.32 50.94
CA HIS O 224 -46.43 70.15 51.63
C HIS O 224 -45.30 69.36 52.27
N ILE O 225 -45.51 68.93 53.50
CA ILE O 225 -44.56 68.08 54.20
C ILE O 225 -44.81 66.63 53.79
N HIS O 226 -43.77 65.81 53.88
CA HIS O 226 -43.96 64.38 53.65
C HIS O 226 -43.12 63.59 54.63
N PHE O 227 -43.76 62.63 55.30
CA PHE O 227 -43.07 61.80 56.27
C PHE O 227 -41.90 61.09 55.61
N GLY O 228 -40.92 60.77 56.40
CA GLY O 228 -39.84 59.94 55.93
C GLY O 228 -40.13 58.47 56.12
N ALA O 229 -39.24 57.65 55.58
CA ALA O 229 -39.42 56.21 55.61
C ALA O 229 -38.59 55.57 56.72
N GLY O 230 -37.29 55.76 56.68
CA GLY O 230 -36.37 55.11 57.60
C GLY O 230 -35.10 54.71 56.90
N ALA O 231 -35.13 54.70 55.58
CA ALA O 231 -33.96 54.33 54.79
C ALA O 231 -33.06 55.54 54.59
N TYR O 232 -31.93 55.32 53.93
CA TYR O 232 -30.96 56.36 53.66
C TYR O 232 -30.79 56.68 52.18
N ILE O 233 -31.03 55.70 51.30
CA ILE O 233 -30.94 55.95 49.87
C ILE O 233 -31.96 56.99 49.43
N CYS O 234 -33.01 57.20 50.23
CA CYS O 234 -33.96 58.25 49.91
C CYS O 234 -33.32 59.64 49.88
N GLY O 235 -32.10 59.78 50.38
CA GLY O 235 -31.43 61.07 50.33
C GLY O 235 -31.08 61.49 48.91
N GLU O 236 -30.86 60.53 48.02
CA GLU O 236 -30.49 60.84 46.64
C GLU O 236 -31.63 61.55 45.93
N GLU O 237 -31.26 62.35 44.91
CA GLU O 237 -32.23 63.16 44.17
C GLU O 237 -33.35 62.34 43.57
N THR O 238 -32.99 61.47 42.63
CA THR O 238 -34.01 60.76 41.87
C THR O 238 -34.73 59.75 42.75
N ALA O 239 -34.01 59.09 43.65
CA ALA O 239 -34.68 58.18 44.57
C ALA O 239 -35.62 58.93 45.49
N LEU O 240 -35.28 60.17 45.83
CA LEU O 240 -36.21 61.00 46.60
C LEU O 240 -37.48 61.25 45.81
N LEU O 241 -37.34 61.67 44.55
CA LEU O 241 -38.53 61.86 43.73
C LEU O 241 -39.35 60.58 43.67
N GLU O 242 -38.68 59.44 43.51
CA GLU O 242 -39.38 58.16 43.41
C GLU O 242 -40.17 57.88 44.69
N SER O 243 -39.48 57.85 45.83
CA SER O 243 -40.15 57.57 47.08
C SER O 243 -41.21 58.61 47.43
N LEU O 244 -41.15 59.80 46.82
CA LEU O 244 -42.23 60.75 47.03
C LEU O 244 -43.42 60.44 46.14
N GLU O 245 -43.19 59.88 44.95
CA GLU O 245 -44.29 59.36 44.15
C GLU O 245 -45.14 58.40 44.96
N GLY O 246 -44.48 57.46 45.63
CA GLY O 246 -45.17 56.47 46.45
C GLY O 246 -44.54 55.10 46.34
N LYS O 247 -43.77 54.86 45.29
CA LYS O 247 -43.16 53.57 45.06
C LYS O 247 -41.98 53.39 46.01
N GLN O 248 -41.22 52.31 45.82
CA GLN O 248 -40.05 52.07 46.64
C GLN O 248 -39.01 53.16 46.42
N GLY O 249 -38.12 53.31 47.39
CA GLY O 249 -37.11 54.34 47.32
C GLY O 249 -35.92 53.95 46.49
N LYS O 250 -36.06 53.97 45.17
CA LYS O 250 -34.97 53.61 44.28
C LYS O 250 -34.68 54.75 43.32
N PRO O 251 -33.43 54.92 42.90
CA PRO O 251 -33.07 56.05 42.06
C PRO O 251 -33.43 55.81 40.60
N ARG O 252 -33.30 56.88 39.81
CA ARG O 252 -33.63 56.88 38.40
C ARG O 252 -32.35 56.95 37.56
N LEU O 253 -32.54 57.04 36.26
CA LEU O 253 -31.44 57.27 35.33
C LEU O 253 -31.36 58.74 34.98
N LYS O 254 -30.16 59.27 34.92
CA LYS O 254 -29.94 60.70 34.83
C LYS O 254 -30.26 61.35 33.47
N PRO O 255 -30.08 60.69 32.33
CA PRO O 255 -30.31 61.36 31.04
C PRO O 255 -31.65 62.08 30.98
N PRO O 256 -32.70 61.57 31.61
CA PRO O 256 -33.84 62.47 31.89
C PRO O 256 -33.60 63.24 33.18
N PHE O 257 -32.83 64.32 33.06
CA PHE O 257 -32.46 65.08 34.24
C PHE O 257 -33.69 65.67 34.91
N PRO O 258 -33.74 65.71 36.24
CA PRO O 258 -34.92 66.25 36.91
C PRO O 258 -35.04 67.74 36.72
N ALA O 259 -35.09 68.15 35.46
CA ALA O 259 -35.50 69.49 35.10
C ALA O 259 -36.51 69.48 33.97
N ASN O 260 -36.65 68.36 33.28
CA ASN O 260 -37.69 68.17 32.29
C ASN O 260 -38.51 66.91 32.52
N ALA O 261 -38.08 66.02 33.42
CA ALA O 261 -38.87 64.85 33.79
C ALA O 261 -38.54 64.52 35.24
N GLY O 262 -39.34 65.03 36.17
CA GLY O 262 -39.00 64.93 37.57
C GLY O 262 -39.98 64.19 38.45
N LEU O 263 -40.66 64.93 39.34
CA LEU O 263 -41.48 64.30 40.38
C LEU O 263 -42.60 63.48 39.78
N TYR O 264 -43.54 64.13 39.10
CA TYR O 264 -44.63 63.43 38.43
C TYR O 264 -44.44 63.40 36.93
N GLY O 265 -43.19 63.52 36.46
CA GLY O 265 -42.93 63.83 35.08
C GLY O 265 -42.90 65.30 34.79
N CYS O 266 -43.32 66.14 35.73
CA CYS O 266 -43.23 67.56 35.58
C CYS O 266 -41.79 68.02 35.76
N PRO O 267 -41.46 69.24 35.33
CA PRO O 267 -40.15 69.81 35.68
C PRO O 267 -40.06 70.08 37.17
N THR O 268 -39.18 69.34 37.85
CA THR O 268 -39.09 69.39 39.30
C THR O 268 -37.63 69.28 39.70
N THR O 269 -37.14 70.24 40.47
CA THR O 269 -35.76 70.16 40.95
C THR O 269 -35.71 69.92 42.45
N VAL O 270 -34.65 69.24 42.87
CA VAL O 270 -34.42 68.88 44.26
C VAL O 270 -33.25 69.69 44.78
N THR O 271 -33.45 70.36 45.90
CA THR O 271 -32.38 71.15 46.52
C THR O 271 -32.30 70.78 47.98
N ASN O 272 -31.07 70.77 48.51
CA ASN O 272 -30.91 70.44 49.92
C ASN O 272 -31.52 71.53 50.79
N VAL O 273 -31.82 71.17 52.04
CA VAL O 273 -32.42 72.14 52.95
C VAL O 273 -31.44 73.26 53.24
N GLU O 274 -30.15 72.99 53.13
CA GLU O 274 -29.15 74.02 53.40
C GLU O 274 -29.33 75.22 52.47
N THR O 275 -29.27 74.97 51.15
CA THR O 275 -29.29 76.07 50.21
C THR O 275 -30.64 76.78 50.20
N VAL O 276 -31.73 76.01 50.16
CA VAL O 276 -33.03 76.65 50.12
C VAL O 276 -33.34 77.37 51.43
N ALA O 277 -32.70 76.97 52.54
CA ALA O 277 -32.91 77.68 53.78
C ALA O 277 -32.03 78.92 53.89
N VAL O 278 -30.88 78.92 53.23
CA VAL O 278 -30.03 80.10 53.25
C VAL O 278 -30.46 81.11 52.19
N SER O 279 -31.30 80.69 51.24
CA SER O 279 -31.68 81.56 50.13
C SER O 279 -32.28 82.90 50.53
N PRO O 280 -33.21 83.01 51.49
CA PRO O 280 -33.79 84.33 51.76
C PRO O 280 -32.77 85.36 52.22
N THR O 281 -31.93 85.01 53.19
CA THR O 281 -31.02 86.02 53.73
C THR O 281 -29.92 86.36 52.74
N ILE O 282 -29.47 85.41 51.92
CA ILE O 282 -28.49 85.76 50.91
C ILE O 282 -29.12 86.63 49.84
N LEU O 283 -30.40 86.41 49.54
CA LEU O 283 -31.03 87.22 48.52
C LEU O 283 -31.41 88.60 49.04
N ARG O 284 -31.54 88.75 50.35
CA ARG O 284 -31.90 90.02 50.95
C ARG O 284 -30.67 90.88 51.27
N ARG O 285 -29.67 90.29 51.94
CA ARG O 285 -28.49 91.03 52.34
C ARG O 285 -27.49 91.23 51.21
N GLY O 286 -27.88 91.00 49.97
CA GLY O 286 -27.02 91.25 48.85
C GLY O 286 -25.97 90.18 48.69
N PRO O 287 -25.63 89.85 47.43
CA PRO O 287 -24.69 88.77 47.19
C PRO O 287 -23.25 89.14 47.48
N GLU O 288 -22.91 90.42 47.58
CA GLU O 288 -21.54 90.81 47.89
C GLU O 288 -21.20 90.47 49.34
N TRP O 289 -22.11 90.76 50.27
CA TRP O 289 -21.90 90.37 51.64
C TRP O 289 -21.66 88.87 51.76
N PHE O 290 -22.22 88.08 50.85
CA PHE O 290 -22.00 86.65 50.85
C PHE O 290 -20.64 86.32 50.25
N ALA O 291 -20.33 86.89 49.10
CA ALA O 291 -19.07 86.59 48.44
C ALA O 291 -17.86 87.07 49.22
N GLY O 292 -18.07 87.93 50.21
CA GLY O 292 -16.96 88.41 51.02
C GLY O 292 -16.48 87.41 52.05
N PHE O 293 -16.71 86.13 51.82
CA PHE O 293 -16.34 85.07 52.75
C PHE O 293 -15.61 83.96 52.00
N GLY O 294 -15.09 83.01 52.77
CA GLY O 294 -14.49 81.81 52.20
C GLY O 294 -13.24 82.05 51.39
N ARG O 295 -13.33 81.88 50.08
CA ARG O 295 -12.19 82.11 49.21
C ARG O 295 -12.75 82.57 47.86
N LYS O 296 -11.89 82.55 46.83
CA LYS O 296 -12.28 83.09 45.54
C LYS O 296 -13.44 82.32 44.94
N ASN O 297 -13.23 81.03 44.65
CA ASN O 297 -14.27 80.25 44.00
C ASN O 297 -15.19 79.54 44.97
N ASN O 298 -14.80 79.42 46.24
CA ASN O 298 -15.65 78.83 47.26
C ASN O 298 -15.98 79.90 48.29
N ALA O 299 -17.25 80.26 48.39
CA ALA O 299 -17.64 81.36 49.25
C ALA O 299 -18.95 81.03 49.94
N GLY O 300 -19.12 81.58 51.15
CA GLY O 300 -20.32 81.41 51.92
C GLY O 300 -20.02 80.97 53.33
N THR O 301 -21.08 80.89 54.12
CA THR O 301 -20.99 80.47 55.52
C THR O 301 -21.69 79.14 55.66
N LYS O 302 -20.96 78.12 56.11
CA LYS O 302 -21.50 76.78 56.27
C LYS O 302 -21.39 76.37 57.73
N LEU O 303 -22.37 75.61 58.21
CA LEU O 303 -22.36 75.12 59.58
C LEU O 303 -21.86 73.68 59.59
N PHE O 304 -20.72 73.48 60.25
CA PHE O 304 -20.13 72.16 60.45
C PHE O 304 -20.71 71.52 61.70
N CYS O 305 -20.69 70.19 61.70
CA CYS O 305 -21.14 69.38 62.83
C CYS O 305 -19.98 68.47 63.23
N VAL O 306 -19.13 68.97 64.13
CA VAL O 306 -17.94 68.26 64.54
C VAL O 306 -18.29 67.33 65.69
N SER O 307 -18.07 66.03 65.48
CA SER O 307 -18.34 65.05 66.52
C SER O 307 -17.47 63.83 66.28
N GLY O 308 -17.35 63.02 67.33
CA GLY O 308 -16.35 61.98 67.34
C GLY O 308 -15.56 62.01 68.64
N HIS O 309 -14.28 62.31 68.55
CA HIS O 309 -13.35 62.18 69.66
C HIS O 309 -12.82 63.53 70.13
N VAL O 310 -13.69 64.50 70.28
CA VAL O 310 -13.33 65.79 70.83
C VAL O 310 -13.81 65.86 72.28
N ASN O 311 -13.29 66.85 73.02
CA ASN O 311 -13.76 67.06 74.38
C ASN O 311 -15.18 67.58 74.40
N LYS O 312 -15.52 68.47 73.47
CA LYS O 312 -16.83 69.10 73.41
C LYS O 312 -17.43 68.87 72.03
N PRO O 313 -18.28 67.86 71.86
CA PRO O 313 -18.88 67.62 70.55
C PRO O 313 -19.88 68.72 70.21
N CYS O 314 -19.75 69.32 69.04
CA CYS O 314 -20.46 70.55 68.76
C CYS O 314 -20.93 70.61 67.32
N THR O 315 -21.73 71.64 67.04
CA THR O 315 -22.10 72.00 65.68
C THR O 315 -22.24 73.52 65.62
N VAL O 316 -21.41 74.15 64.77
CA VAL O 316 -21.32 75.60 64.72
C VAL O 316 -21.05 76.02 63.29
N GLU O 317 -21.40 77.26 62.97
CA GLU O 317 -21.30 77.78 61.60
C GLU O 317 -20.09 78.69 61.47
N GLU O 318 -19.27 78.41 60.47
CA GLU O 318 -18.08 79.19 60.17
C GLU O 318 -18.02 79.45 58.67
N GLU O 319 -17.05 80.25 58.25
CA GLU O 319 -16.88 80.52 56.83
C GLU O 319 -15.92 79.51 56.22
N MET O 320 -16.14 79.21 54.95
CA MET O 320 -15.35 78.22 54.26
C MET O 320 -13.87 78.61 54.27
N SER O 321 -13.02 77.65 53.95
CA SER O 321 -11.56 77.85 53.96
C SER O 321 -11.08 78.27 55.34
N ILE O 322 -11.46 77.50 56.34
CA ILE O 322 -11.04 77.69 57.72
C ILE O 322 -10.11 76.55 58.09
N PRO O 323 -8.92 76.81 58.63
CA PRO O 323 -8.01 75.71 58.96
C PRO O 323 -8.62 74.81 60.02
N LEU O 324 -8.57 73.50 59.76
CA LEU O 324 -9.13 72.53 60.70
C LEU O 324 -8.62 72.76 62.11
N LYS O 325 -7.33 73.04 62.24
CA LYS O 325 -6.77 73.42 63.53
C LYS O 325 -7.56 74.57 64.14
N GLU O 326 -7.79 75.63 63.37
CA GLU O 326 -8.48 76.79 63.90
C GLU O 326 -9.88 76.42 64.35
N LEU O 327 -10.65 75.76 63.48
CA LEU O 327 -12.02 75.36 63.81
C LEU O 327 -12.06 74.55 65.10
N ILE O 328 -11.35 73.42 65.12
CA ILE O 328 -11.42 72.51 66.25
C ILE O 328 -10.94 73.20 67.52
N GLU O 329 -9.77 73.84 67.48
CA GLU O 329 -9.21 74.43 68.68
C GLU O 329 -9.98 75.66 69.15
N ARG O 330 -10.79 76.27 68.29
CA ARG O 330 -11.45 77.51 68.64
C ARG O 330 -12.90 77.31 69.08
N HIS O 331 -13.74 76.74 68.21
CA HIS O 331 -15.16 76.66 68.52
C HIS O 331 -15.49 75.38 69.27
N CYS O 332 -15.26 74.25 68.63
CA CYS O 332 -15.33 72.98 69.32
C CYS O 332 -14.26 72.93 70.41
N GLY O 333 -14.36 71.93 71.28
CA GLY O 333 -13.28 71.68 72.21
C GLY O 333 -12.06 71.17 71.48
N GLY O 334 -10.88 71.52 72.01
CA GLY O 334 -9.67 70.95 71.48
C GLY O 334 -9.67 69.44 71.63
N VAL O 335 -9.06 68.76 70.65
CA VAL O 335 -8.96 67.31 70.74
C VAL O 335 -8.22 66.95 72.02
N ARG O 336 -8.57 65.80 72.60
CA ARG O 336 -8.05 65.35 73.89
C ARG O 336 -6.54 65.61 74.00
N GLY O 337 -5.82 65.39 72.91
CA GLY O 337 -4.48 65.92 72.79
C GLY O 337 -4.33 66.68 71.48
N GLY O 338 -4.15 67.99 71.56
CA GLY O 338 -4.06 68.80 70.36
C GLY O 338 -2.91 68.37 69.46
N TRP O 339 -3.26 67.72 68.36
CA TRP O 339 -2.27 67.16 67.43
C TRP O 339 -1.23 66.31 68.14
N ASP O 340 -1.67 65.56 69.14
CA ASP O 340 -0.77 64.66 69.84
C ASP O 340 -1.21 63.21 69.73
N ASN O 341 -2.44 62.88 70.09
CA ASN O 341 -2.98 61.54 69.91
C ASN O 341 -4.08 61.50 68.87
N LEU O 342 -4.25 62.57 68.09
CA LEU O 342 -5.23 62.58 67.01
C LEU O 342 -4.68 61.78 65.84
N LEU O 343 -5.38 60.71 65.46
CA LEU O 343 -4.90 59.78 64.45
C LEU O 343 -5.48 60.08 63.08
N ALA O 344 -6.80 60.10 62.95
CA ALA O 344 -7.43 60.25 61.65
C ALA O 344 -8.52 61.30 61.69
N VAL O 345 -8.79 61.89 60.52
CA VAL O 345 -9.84 62.90 60.38
C VAL O 345 -10.60 62.60 59.10
N ILE O 346 -11.93 62.60 59.20
CA ILE O 346 -12.79 62.42 58.04
C ILE O 346 -13.50 63.75 57.80
N PRO O 347 -13.09 64.53 56.81
CA PRO O 347 -13.61 65.89 56.68
C PRO O 347 -15.08 65.94 56.33
N GLY O 348 -15.47 65.27 55.25
CA GLY O 348 -16.84 65.26 54.81
C GLY O 348 -17.67 64.29 55.63
N GLY O 349 -18.76 63.83 55.03
CA GLY O 349 -19.56 62.81 55.69
C GLY O 349 -18.82 61.50 55.75
N SER O 350 -19.55 60.42 56.02
CA SER O 350 -18.91 59.11 55.99
C SER O 350 -18.55 58.68 54.58
N SER O 351 -18.85 59.49 53.57
CA SER O 351 -18.59 59.18 52.17
C SER O 351 -17.38 59.90 51.63
N VAL O 352 -16.35 60.11 52.44
CA VAL O 352 -15.20 60.89 52.03
C VAL O 352 -13.92 60.23 52.52
N PRO O 353 -12.93 60.00 51.67
CA PRO O 353 -11.68 59.37 52.11
C PRO O 353 -11.06 60.12 53.29
N LEU O 354 -10.22 59.40 54.02
CA LEU O 354 -9.69 59.90 55.28
C LEU O 354 -8.77 61.10 55.05
N LEU O 355 -8.27 61.61 56.16
CA LEU O 355 -7.20 62.60 56.15
C LEU O 355 -6.29 62.29 57.33
N PRO O 356 -5.12 61.74 57.09
CA PRO O 356 -4.21 61.41 58.21
C PRO O 356 -3.76 62.64 58.97
N LYS O 357 -2.99 62.42 60.04
CA LYS O 357 -2.60 63.54 60.90
C LYS O 357 -1.69 64.52 60.17
N SER O 358 -0.73 64.01 59.41
CA SER O 358 0.25 64.89 58.78
C SER O 358 -0.38 65.81 57.75
N ILE O 359 -1.41 65.34 57.06
CA ILE O 359 -2.06 66.17 56.05
C ILE O 359 -2.87 67.27 56.70
N CYS O 360 -3.79 66.91 57.58
CA CYS O 360 -4.80 67.83 58.09
C CYS O 360 -4.25 68.86 59.06
N ASP O 361 -2.94 69.03 59.25
CA ASP O 361 -2.47 70.09 60.14
C ASP O 361 -2.73 71.47 59.55
N ASP O 362 -2.67 71.60 58.23
CA ASP O 362 -2.74 72.92 57.62
C ASP O 362 -3.59 72.92 56.35
N VAL O 363 -4.61 72.08 56.28
CA VAL O 363 -5.51 72.06 55.13
C VAL O 363 -6.65 73.04 55.39
N LEU O 364 -7.05 73.75 54.35
CA LEU O 364 -8.22 74.61 54.45
C LEU O 364 -9.48 73.75 54.39
N MET O 365 -10.60 74.34 54.79
CA MET O 365 -11.88 73.64 54.84
C MET O 365 -12.85 74.34 53.89
N ASP O 366 -12.84 73.91 52.64
CA ASP O 366 -13.71 74.49 51.62
C ASP O 366 -14.02 73.39 50.62
N TYR O 367 -14.54 73.78 49.46
CA TYR O 367 -14.85 72.81 48.42
C TYR O 367 -13.65 72.46 47.55
N ASP O 368 -12.51 73.10 47.74
CA ASP O 368 -11.41 72.85 46.80
C ASP O 368 -10.12 72.43 47.46
N ALA O 369 -9.75 73.01 48.61
CA ALA O 369 -8.46 72.70 49.21
C ALA O 369 -8.34 71.22 49.51
N LEU O 370 -9.19 70.71 50.41
CA LEU O 370 -9.19 69.28 50.65
C LEU O 370 -9.68 68.50 49.43
N LYS O 371 -10.48 69.12 48.57
CA LYS O 371 -10.80 68.48 47.31
C LYS O 371 -9.56 68.31 46.45
N ALA O 372 -8.62 69.24 46.55
CA ALA O 372 -7.35 69.07 45.88
C ALA O 372 -6.44 68.10 46.62
N VAL O 373 -6.63 67.93 47.93
CA VAL O 373 -5.72 67.07 48.67
C VAL O 373 -6.02 65.61 48.31
N GLN O 374 -7.13 65.06 48.78
CA GLN O 374 -7.74 63.94 48.08
C GLN O 374 -9.25 63.90 48.25
N SER O 375 -9.73 64.52 49.32
CA SER O 375 -11.05 64.24 49.86
C SER O 375 -12.10 65.14 49.21
N GLY O 376 -13.27 65.22 49.81
CA GLY O 376 -14.31 66.14 49.40
C GLY O 376 -15.07 66.66 50.59
N LEU O 377 -15.48 67.93 50.57
CA LEU O 377 -16.15 68.48 51.73
C LEU O 377 -17.50 67.84 51.95
N GLY O 378 -18.20 67.49 50.87
CA GLY O 378 -19.44 66.76 50.97
C GLY O 378 -20.49 67.46 51.81
N THR O 379 -20.77 66.91 52.99
CA THR O 379 -21.75 67.48 53.91
C THR O 379 -21.10 68.25 55.04
N ALA O 380 -19.77 68.23 55.12
CA ALA O 380 -19.01 68.97 56.13
C ALA O 380 -19.35 68.48 57.53
N ALA O 381 -19.29 67.17 57.71
CA ALA O 381 -19.44 66.54 59.02
C ALA O 381 -18.08 65.96 59.39
N VAL O 382 -17.22 66.81 59.96
CA VAL O 382 -15.87 66.36 60.28
C VAL O 382 -15.92 65.41 61.46
N ILE O 383 -15.18 64.31 61.34
CA ILE O 383 -15.03 63.32 62.41
C ILE O 383 -13.56 63.23 62.75
N VAL O 384 -13.26 63.09 64.03
CA VAL O 384 -11.88 62.93 64.48
C VAL O 384 -11.78 61.61 65.23
N MET O 385 -10.61 60.97 65.12
CA MET O 385 -10.39 59.67 65.72
C MET O 385 -9.00 59.65 66.36
N ASP O 386 -8.96 59.38 67.65
CA ASP O 386 -7.73 59.40 68.44
C ASP O 386 -6.82 58.25 68.05
N LYS O 387 -5.66 58.20 68.72
CA LYS O 387 -4.69 57.14 68.48
C LYS O 387 -5.08 55.83 69.15
N SER O 388 -6.14 55.82 69.97
CA SER O 388 -6.55 54.63 70.70
C SER O 388 -7.85 54.04 70.16
N THR O 389 -8.08 54.17 68.85
CA THR O 389 -9.29 53.67 68.21
C THR O 389 -8.91 52.99 66.90
N ASP O 390 -9.28 51.72 66.77
CA ASP O 390 -8.88 50.96 65.59
C ASP O 390 -9.49 51.56 64.35
N VAL O 391 -8.68 52.27 63.56
CA VAL O 391 -9.21 52.94 62.38
C VAL O 391 -9.80 51.93 61.40
N VAL O 392 -9.20 50.74 61.31
CA VAL O 392 -9.74 49.75 60.40
C VAL O 392 -11.09 49.25 60.90
N ASP O 393 -11.30 49.23 62.22
CA ASP O 393 -12.62 48.83 62.72
C ASP O 393 -13.66 49.88 62.40
N ALA O 394 -13.32 51.17 62.53
CA ALA O 394 -14.26 52.22 62.18
C ALA O 394 -14.61 52.16 60.70
N ILE O 395 -13.62 51.96 59.85
CA ILE O 395 -13.89 51.85 58.42
C ILE O 395 -14.75 50.63 58.12
N ALA O 396 -14.50 49.52 58.81
CA ALA O 396 -15.34 48.33 58.61
C ALA O 396 -16.77 48.60 59.01
N ARG O 397 -16.98 49.32 60.11
CA ARG O 397 -18.35 49.64 60.52
C ARG O 397 -19.04 50.54 59.49
N LEU O 398 -18.31 51.51 58.97
CA LEU O 398 -18.88 52.35 57.92
C LEU O 398 -19.28 51.53 56.71
N SER O 399 -18.41 50.60 56.30
CA SER O 399 -18.74 49.76 55.15
C SER O 399 -19.94 48.87 55.44
N TYR O 400 -20.09 48.41 56.69
CA TYR O 400 -21.29 47.65 57.04
C TYR O 400 -22.53 48.51 56.91
N PHE O 401 -22.44 49.78 57.32
CA PHE O 401 -23.56 50.69 57.12
C PHE O 401 -23.92 50.78 55.65
N TYR O 402 -22.91 51.00 54.80
CA TYR O 402 -23.19 51.11 53.37
C TYR O 402 -23.79 49.82 52.81
N LYS O 403 -23.39 48.66 53.33
CA LYS O 403 -24.06 47.44 52.94
C LYS O 403 -25.53 47.48 53.35
N HIS O 404 -25.79 47.93 54.57
CA HIS O 404 -27.15 47.95 55.11
C HIS O 404 -27.99 49.09 54.54
N GLU O 405 -27.46 49.90 53.64
CA GLU O 405 -28.28 50.96 53.07
C GLU O 405 -28.47 50.89 51.57
N SER O 406 -27.51 50.34 50.82
CA SER O 406 -27.66 50.28 49.37
C SER O 406 -28.88 49.47 48.99
N CYS O 407 -29.91 50.10 48.42
CA CYS O 407 -31.16 49.37 48.20
C CYS O 407 -30.96 48.24 47.21
N GLY O 408 -30.15 48.46 46.18
CA GLY O 408 -29.77 47.37 45.31
C GLY O 408 -30.49 47.33 43.98
N GLN O 409 -30.64 48.48 43.33
CA GLN O 409 -31.22 48.47 42.00
C GLN O 409 -30.30 47.80 41.00
N CYS O 410 -29.10 48.35 40.81
CA CYS O 410 -28.14 47.77 39.87
C CYS O 410 -27.04 47.06 40.63
N THR O 411 -26.49 46.03 40.00
CA THR O 411 -25.71 45.01 40.67
C THR O 411 -24.39 45.47 41.29
N PRO O 412 -23.60 46.36 40.64
CA PRO O 412 -22.28 46.69 41.19
C PRO O 412 -22.32 47.08 42.65
N CYS O 413 -23.12 48.09 42.99
CA CYS O 413 -23.17 48.55 44.37
C CYS O 413 -23.56 47.43 45.31
N ARG O 414 -24.65 46.73 45.00
CA ARG O 414 -25.17 45.70 45.90
C ARG O 414 -24.12 44.64 46.21
N GLU O 415 -23.68 43.93 45.17
CA GLU O 415 -22.73 42.85 45.38
C GLU O 415 -21.43 43.37 45.96
N GLY O 416 -20.86 44.40 45.34
CA GLY O 416 -19.58 44.90 45.80
C GLY O 416 -19.61 45.41 47.22
N THR O 417 -20.76 45.91 47.67
CA THR O 417 -20.81 46.44 49.03
C THR O 417 -20.85 45.33 50.04
N GLY O 418 -21.65 44.29 49.79
CA GLY O 418 -21.55 43.11 50.64
C GLY O 418 -20.13 42.59 50.70
N TRP O 419 -19.47 42.53 49.55
CA TRP O 419 -18.11 42.01 49.49
C TRP O 419 -17.14 42.89 50.26
N LEU O 420 -17.27 44.21 50.12
CA LEU O 420 -16.38 45.13 50.82
C LEU O 420 -16.52 44.98 52.32
N TRP O 421 -17.75 44.84 52.80
CA TRP O 421 -17.92 44.64 54.24
C TRP O 421 -17.22 43.37 54.69
N THR O 422 -17.40 42.29 53.94
CA THR O 422 -16.76 41.03 54.34
C THR O 422 -15.25 41.17 54.39
N ILE O 423 -14.67 41.76 53.34
CA ILE O 423 -13.21 41.90 53.28
C ILE O 423 -12.72 42.81 54.40
N MET O 424 -13.47 43.86 54.71
CA MET O 424 -13.04 44.77 55.76
C MET O 424 -13.08 44.11 57.13
N GLU O 425 -14.07 43.23 57.36
CA GLU O 425 -14.07 42.47 58.61
C GLU O 425 -12.84 41.58 58.69
N ARG O 426 -12.60 40.79 57.64
CA ARG O 426 -11.46 39.90 57.63
C ARG O 426 -10.16 40.65 57.80
N MET O 427 -10.08 41.89 57.31
CA MET O 427 -8.89 42.69 57.48
C MET O 427 -8.81 43.30 58.87
N LYS O 428 -9.96 43.56 59.49
CA LYS O 428 -9.97 44.06 60.85
C LYS O 428 -9.36 43.04 61.79
N VAL O 429 -9.81 41.78 61.70
CA VAL O 429 -9.22 40.76 62.56
C VAL O 429 -7.76 40.52 62.17
N GLY O 430 -7.46 40.62 60.88
CA GLY O 430 -6.13 40.36 60.37
C GLY O 430 -5.99 39.09 59.56
N ASN O 431 -7.09 38.56 59.03
CA ASN O 431 -7.13 37.23 58.43
C ASN O 431 -6.94 37.28 56.93
N ALA O 432 -6.08 38.16 56.43
CA ALA O 432 -5.90 38.28 54.99
C ALA O 432 -4.43 38.32 54.60
N LYS O 433 -4.14 38.62 53.33
CA LYS O 433 -2.79 38.81 52.83
C LYS O 433 -2.70 40.19 52.17
N LEU O 434 -1.57 40.46 51.51
CA LEU O 434 -1.38 41.79 50.92
C LEU O 434 -2.06 41.89 49.57
N GLU O 435 -1.93 40.86 48.74
CA GLU O 435 -2.67 40.83 47.48
C GLU O 435 -4.15 41.04 47.72
N GLU O 436 -4.64 40.70 48.92
CA GLU O 436 -6.03 40.98 49.22
C GLU O 436 -6.29 42.47 49.37
N ILE O 437 -5.32 43.24 49.89
CA ILE O 437 -5.56 44.68 49.95
C ILE O 437 -5.49 45.28 48.56
N ASP O 438 -4.65 44.73 47.69
CA ASP O 438 -4.66 45.21 46.31
C ASP O 438 -5.97 44.85 45.63
N MET O 439 -6.51 43.67 45.92
CA MET O 439 -7.83 43.32 45.41
C MET O 439 -8.89 44.27 45.95
N LEU O 440 -8.74 44.71 47.19
CA LEU O 440 -9.65 45.69 47.75
C LEU O 440 -9.62 46.98 46.93
N GLN O 441 -8.43 47.46 46.63
CA GLN O 441 -8.32 48.64 45.78
C GLN O 441 -9.00 48.43 44.42
N GLU O 442 -8.80 47.26 43.83
CA GLU O 442 -9.37 46.98 42.51
C GLU O 442 -10.90 47.00 42.57
N LEU O 443 -11.48 46.28 43.53
CA LEU O 443 -12.93 46.28 43.70
C LEU O 443 -13.44 47.70 43.90
N THR O 444 -12.75 48.48 44.73
CA THR O 444 -13.11 49.87 44.93
C THR O 444 -13.22 50.60 43.61
N LYS O 445 -12.21 50.43 42.75
CA LYS O 445 -12.23 51.15 41.48
C LYS O 445 -13.40 50.73 40.62
N GLN O 446 -13.68 49.42 40.56
CA GLN O 446 -14.79 48.96 39.72
C GLN O 446 -16.12 49.52 40.19
N ILE O 447 -16.40 49.41 41.49
CA ILE O 447 -17.65 49.94 42.01
C ILE O 447 -17.75 51.44 41.76
N GLU O 448 -16.68 52.17 42.08
CA GLU O 448 -16.71 53.63 41.92
C GLU O 448 -17.02 54.01 40.48
N GLY O 449 -16.45 53.27 39.53
CA GLY O 449 -16.70 53.60 38.14
C GLY O 449 -18.15 53.37 37.74
N HIS O 450 -18.69 52.18 38.02
CA HIS O 450 -19.75 51.73 37.13
C HIS O 450 -21.11 51.48 37.79
N THR O 451 -21.59 52.39 38.63
CA THR O 451 -22.89 52.24 39.27
C THR O 451 -23.89 53.23 38.68
N ILE O 452 -25.07 53.30 39.28
CA ILE O 452 -26.09 54.21 38.78
C ILE O 452 -25.83 55.64 39.25
N CYS O 453 -25.75 55.85 40.56
CA CYS O 453 -25.36 57.16 41.06
C CYS O 453 -24.58 57.00 42.35
N ALA O 454 -24.36 58.12 43.03
CA ALA O 454 -23.20 58.35 43.88
C ALA O 454 -23.11 57.44 45.11
N LEU O 455 -24.04 56.53 45.37
CA LEU O 455 -23.81 55.68 46.52
C LEU O 455 -22.75 54.62 46.22
N GLY O 456 -22.55 54.27 44.96
CA GLY O 456 -21.41 53.43 44.64
C GLY O 456 -20.09 54.10 44.99
N ASP O 457 -19.92 55.35 44.58
CA ASP O 457 -18.76 56.12 45.00
C ASP O 457 -18.70 56.22 46.52
N ALA O 458 -19.87 56.30 47.16
CA ALA O 458 -19.89 56.38 48.61
C ALA O 458 -19.31 55.12 49.23
N ALA O 459 -19.71 53.96 48.73
CA ALA O 459 -19.20 52.71 49.26
C ALA O 459 -17.74 52.49 48.92
N ALA O 460 -17.26 53.10 47.84
CA ALA O 460 -15.89 52.87 47.43
C ALA O 460 -14.89 53.82 48.08
N TRP O 461 -15.31 55.04 48.42
CA TRP O 461 -14.31 56.05 48.79
C TRP O 461 -13.62 55.77 50.12
N PRO O 462 -14.31 55.47 51.22
CA PRO O 462 -13.60 55.36 52.50
C PRO O 462 -12.53 54.28 52.51
N VAL O 463 -12.83 53.09 51.99
CA VAL O 463 -11.82 52.04 51.98
C VAL O 463 -10.67 52.41 51.07
N GLN O 464 -10.96 53.14 49.99
CA GLN O 464 -9.90 53.63 49.12
C GLN O 464 -8.96 54.55 49.88
N GLY O 465 -9.51 55.54 50.58
CA GLY O 465 -8.67 56.41 51.39
C GLY O 465 -7.93 55.66 52.47
N LEU O 466 -8.56 54.65 53.06
CA LEU O 466 -7.90 53.88 54.10
C LEU O 466 -6.66 53.18 53.56
N ILE O 467 -6.82 52.36 52.52
CA ILE O 467 -5.67 51.68 51.96
C ILE O 467 -4.77 52.62 51.19
N ARG O 468 -5.11 53.90 51.11
CA ARG O 468 -4.21 54.88 50.53
C ARG O 468 -3.30 55.51 51.59
N HIS O 469 -3.86 55.93 52.72
CA HIS O 469 -3.10 56.66 53.73
C HIS O 469 -2.75 55.81 54.95
N PHE O 470 -3.12 54.53 54.98
CA PHE O 470 -2.89 53.73 56.18
C PHE O 470 -2.40 52.33 55.86
N ARG O 471 -1.66 52.17 54.77
CA ARG O 471 -1.13 50.86 54.41
C ARG O 471 -0.21 50.26 55.46
N PRO O 472 0.70 51.00 56.10
CA PRO O 472 1.66 50.32 56.99
C PRO O 472 1.01 49.60 58.17
N GLU O 473 0.08 50.26 58.88
CA GLU O 473 -0.52 49.62 60.04
C GLU O 473 -1.33 48.40 59.63
N LEU O 474 -2.02 48.48 58.50
CA LEU O 474 -2.78 47.34 58.00
C LEU O 474 -1.86 46.16 57.69
N GLU O 475 -0.74 46.44 57.01
CA GLU O 475 0.22 45.39 56.75
C GLU O 475 0.78 44.81 58.06
N ARG O 476 0.94 45.66 59.06
CA ARG O 476 1.42 45.17 60.35
C ARG O 476 0.43 44.21 60.98
N ARG O 477 -0.86 44.57 60.96
CA ARG O 477 -1.88 43.67 61.46
C ARG O 477 -1.80 42.32 60.76
N ILE O 478 -1.70 42.34 59.43
CA ILE O 478 -1.65 41.09 58.67
C ILE O 478 -0.44 40.27 59.08
N ARG O 479 0.73 40.90 59.18
CA ARG O 479 1.94 40.18 59.52
C ARG O 479 1.85 39.57 60.91
N GLU O 480 1.30 40.32 61.86
CA GLU O 480 1.20 39.81 63.23
C GLU O 480 0.23 38.64 63.30
N ASN O 481 -0.89 38.71 62.57
CA ASN O 481 -1.78 37.57 62.56
C ASN O 481 -1.10 36.36 61.95
N ALA O 482 -0.34 36.55 60.87
CA ALA O 482 0.34 35.42 60.26
C ALA O 482 1.35 34.79 61.20
N GLU O 483 2.11 35.62 61.91
CA GLU O 483 3.09 35.09 62.85
C GLU O 483 2.41 34.35 64.00
N ARG O 484 1.33 34.92 64.55
CA ARG O 484 0.62 34.23 65.62
C ARG O 484 0.04 32.92 65.14
N GLU O 485 -0.49 32.90 63.91
CA GLU O 485 -1.04 31.67 63.35
C GLU O 485 0.05 30.61 63.21
N LEU O 486 1.22 31.00 62.73
CA LEU O 486 2.32 30.04 62.62
C LEU O 486 2.74 29.52 63.99
N LEU O 487 2.90 30.44 64.96
CA LEU O 487 3.33 30.03 66.30
C LEU O 487 2.33 29.08 66.93
N GLN O 488 1.03 29.32 66.71
CA GLN O 488 0.01 28.42 67.26
C GLN O 488 -0.02 27.10 66.53
N ALA O 489 0.18 27.12 65.20
CA ALA O 489 0.15 25.88 64.43
C ALA O 489 1.34 25.00 64.73
N THR O 490 2.46 25.58 65.16
CA THR O 490 3.61 24.77 65.54
C THR O 490 3.34 23.90 66.77
N GLY O 491 2.19 24.06 67.42
CA GLY O 491 1.84 23.24 68.57
C GLY O 491 0.55 22.48 68.37
N LEU P 28 -36.99 38.45 60.85
CA LEU P 28 -37.69 39.08 59.74
C LEU P 28 -37.76 38.15 58.52
N ASN P 29 -38.65 38.46 57.59
CA ASN P 29 -38.84 37.63 56.41
C ASN P 29 -39.53 38.45 55.34
N TYR P 30 -39.60 37.88 54.14
CA TYR P 30 -40.20 38.55 52.99
C TYR P 30 -41.39 37.77 52.45
N HIS P 31 -42.05 37.00 53.30
CA HIS P 31 -43.24 36.27 52.86
C HIS P 31 -44.09 35.95 54.08
N LEU P 32 -45.34 36.40 54.06
CA LEU P 32 -46.27 36.07 55.12
C LEU P 32 -46.46 34.56 55.20
N ASP P 33 -46.57 34.05 56.42
CA ASP P 33 -46.76 32.63 56.63
C ASP P 33 -48.14 32.28 57.22
N SER P 34 -49.03 33.26 57.33
CA SER P 34 -50.40 33.03 57.77
C SER P 34 -50.46 32.28 59.09
N PRO P 35 -50.15 32.92 60.21
CA PRO P 35 -50.17 32.22 61.50
C PRO P 35 -51.57 31.92 61.97
N ASP P 36 -51.68 31.43 63.21
CA ASP P 36 -52.94 30.91 63.73
C ASP P 36 -54.11 31.85 63.45
N ASN P 37 -54.01 33.09 63.91
CA ASN P 37 -55.10 34.05 63.78
C ASN P 37 -54.62 35.35 63.16
N ASN P 38 -53.79 35.25 62.14
CA ASN P 38 -53.51 36.42 61.31
C ASN P 38 -53.37 36.09 59.83
N PRO P 39 -54.22 35.24 59.22
CA PRO P 39 -54.13 35.11 57.76
C PRO P 39 -54.76 36.25 56.98
N ASN P 40 -56.09 36.35 57.04
CA ASN P 40 -56.83 37.41 56.35
C ASN P 40 -58.11 37.76 57.12
N LEU P 41 -58.00 37.91 58.43
CA LEU P 41 -59.16 38.33 59.21
C LEU P 41 -59.57 39.75 58.83
N PRO P 42 -60.84 40.10 58.96
CA PRO P 42 -61.29 41.43 58.54
C PRO P 42 -60.70 42.51 59.43
N TRP P 43 -60.18 43.56 58.80
CA TRP P 43 -59.46 44.62 59.49
C TRP P 43 -59.80 45.96 58.85
N GLU P 44 -59.96 46.98 59.68
CA GLU P 44 -60.37 48.29 59.22
C GLU P 44 -59.79 49.34 60.16
N PHE P 45 -60.33 50.55 60.10
CA PHE P 45 -59.99 51.62 61.03
C PHE P 45 -61.14 51.86 61.99
N THR P 46 -60.90 52.69 63.01
CA THR P 46 -61.97 53.19 63.85
C THR P 46 -62.66 54.35 63.14
N GLU P 47 -63.48 55.11 63.86
CA GLU P 47 -64.09 56.29 63.24
C GLU P 47 -63.15 57.49 63.26
N PRO P 48 -62.53 57.84 64.41
CA PRO P 48 -61.55 58.93 64.37
C PRO P 48 -60.39 58.65 63.44
N ASN P 49 -59.98 57.38 63.35
CA ASN P 49 -58.96 57.03 62.37
C ASN P 49 -59.47 57.23 60.95
N LYS P 50 -60.77 57.03 60.71
CA LYS P 50 -61.32 57.34 59.39
C LYS P 50 -61.19 58.83 59.09
N ALA P 51 -61.52 59.66 60.07
CA ALA P 51 -61.37 61.11 59.88
C ALA P 51 -59.92 61.46 59.56
N LYS P 52 -58.98 60.91 60.32
CA LYS P 52 -57.58 61.18 60.07
C LYS P 52 -57.15 60.67 58.70
N VAL P 53 -57.74 59.56 58.24
CA VAL P 53 -57.41 59.05 56.92
C VAL P 53 -57.83 60.04 55.84
N THR P 54 -59.04 60.59 55.96
CA THR P 54 -59.45 61.62 55.02
C THR P 54 -58.47 62.80 55.04
N GLU P 55 -58.13 63.26 56.24
CA GLU P 55 -57.22 64.40 56.36
C GLU P 55 -55.89 64.11 55.70
N ILE P 56 -55.34 62.91 55.89
CA ILE P 56 -54.07 62.56 55.27
C ILE P 56 -54.22 62.52 53.75
N LEU P 57 -55.29 61.91 53.26
CA LEU P 57 -55.49 61.77 51.83
C LEU P 57 -55.78 63.09 51.14
N SER P 58 -56.02 64.16 51.89
CA SER P 58 -56.33 65.46 51.30
C SER P 58 -55.10 66.34 51.05
N HIS P 59 -53.93 65.75 50.77
CA HIS P 59 -52.72 66.54 50.54
C HIS P 59 -52.03 66.21 49.22
N TYR P 60 -52.73 65.66 48.24
CA TYR P 60 -52.08 65.25 47.01
C TYR P 60 -53.07 65.40 45.86
N PRO P 61 -52.59 65.42 44.62
CA PRO P 61 -53.51 65.34 43.49
C PRO P 61 -54.23 64.00 43.49
N SER P 62 -55.54 64.06 43.22
CA SER P 62 -56.35 62.85 43.31
C SER P 62 -55.89 61.77 42.35
N ASN P 63 -55.25 62.15 41.25
CA ASN P 63 -54.74 61.15 40.32
C ASN P 63 -53.60 60.36 40.94
N TYR P 64 -52.75 61.02 41.70
CA TYR P 64 -51.62 60.38 42.37
C TYR P 64 -51.91 60.40 43.87
N LYS P 65 -52.63 59.40 44.34
CA LYS P 65 -52.79 59.22 45.78
C LYS P 65 -51.89 58.13 46.33
N GLN P 66 -51.18 57.41 45.45
CA GLN P 66 -50.31 56.34 45.90
C GLN P 66 -49.32 56.81 46.96
N SER P 67 -48.89 58.07 46.87
CA SER P 67 -47.95 58.61 47.84
C SER P 67 -48.43 58.39 49.27
N ALA P 68 -49.71 58.59 49.51
CA ALA P 68 -50.24 58.53 50.86
C ALA P 68 -50.01 57.17 51.49
N VAL P 69 -49.40 56.26 50.74
CA VAL P 69 -49.10 54.94 51.28
C VAL P 69 -48.12 55.03 52.44
N ILE P 70 -47.29 56.07 52.49
CA ILE P 70 -46.30 56.08 53.57
C ILE P 70 -46.90 56.52 54.89
N PRO P 71 -47.67 57.61 54.97
CA PRO P 71 -48.29 57.94 56.27
C PRO P 71 -49.37 56.95 56.67
N LEU P 72 -50.25 56.57 55.74
CA LEU P 72 -51.34 55.66 56.07
C LEU P 72 -50.83 54.39 56.72
N LEU P 73 -49.85 53.73 56.10
CA LEU P 73 -49.22 52.57 56.70
C LEU P 73 -48.89 52.82 58.16
N ASP P 74 -48.18 53.93 58.43
CA ASP P 74 -47.80 54.23 59.80
C ASP P 74 -49.01 54.27 60.72
N LEU P 75 -50.09 54.91 60.27
CA LEU P 75 -51.30 54.97 61.08
C LEU P 75 -51.76 53.58 61.49
N ALA P 76 -51.75 52.64 60.55
CA ALA P 76 -52.14 51.27 60.86
C ALA P 76 -51.34 50.74 62.04
N GLN P 77 -50.03 50.99 62.06
CA GLN P 77 -49.22 50.57 63.20
C GLN P 77 -49.81 51.09 64.49
N GLN P 78 -50.05 52.40 64.58
CA GLN P 78 -50.53 52.96 65.82
C GLN P 78 -51.93 52.49 66.19
N GLN P 79 -52.56 51.66 65.37
CA GLN P 79 -53.87 51.11 65.70
C GLN P 79 -53.80 49.66 66.14
N HIS P 80 -52.64 49.02 66.04
CA HIS P 80 -52.58 47.59 66.33
C HIS P 80 -51.36 47.22 67.16
N GLY P 81 -50.69 48.20 67.78
CA GLY P 81 -49.53 47.92 68.60
C GLY P 81 -48.30 47.56 67.81
N GLY P 82 -47.87 48.46 66.91
CA GLY P 82 -46.67 48.22 66.12
C GLY P 82 -46.68 46.95 65.32
N TRP P 83 -47.87 46.46 64.97
CA TRP P 83 -48.02 45.13 64.39
C TRP P 83 -47.94 45.16 62.86
N LEU P 84 -48.83 45.92 62.23
CA LEU P 84 -48.98 45.97 60.78
C LEU P 84 -49.33 44.60 60.23
N PRO P 85 -50.54 44.10 60.47
CA PRO P 85 -50.94 42.80 59.92
C PRO P 85 -51.28 42.91 58.45
N VAL P 86 -51.35 41.74 57.81
CA VAL P 86 -51.50 41.69 56.36
C VAL P 86 -52.87 42.24 55.94
N SER P 87 -53.90 41.97 56.73
CA SER P 87 -55.19 42.55 56.43
C SER P 87 -55.14 44.07 56.42
N ALA P 88 -54.28 44.66 57.26
CA ALA P 88 -54.14 46.11 57.24
C ALA P 88 -53.53 46.59 55.95
N MET P 89 -52.51 45.89 55.45
CA MET P 89 -51.94 46.23 54.16
C MET P 89 -53.00 46.14 53.06
N ASN P 90 -53.82 45.10 53.09
CA ASN P 90 -54.87 44.99 52.08
C ASN P 90 -55.87 46.12 52.22
N ALA P 91 -56.20 46.51 53.45
CA ALA P 91 -57.18 47.57 53.65
C ALA P 91 -56.67 48.90 53.13
N VAL P 92 -55.40 49.23 53.40
CA VAL P 92 -54.88 50.49 52.90
C VAL P 92 -54.73 50.45 51.39
N ALA P 93 -54.33 49.29 50.83
CA ALA P 93 -54.24 49.18 49.38
C ALA P 93 -55.61 49.39 48.74
N ASN P 94 -56.66 48.90 49.38
CA ASN P 94 -58.00 49.15 48.88
C ASN P 94 -58.39 50.62 49.05
N ILE P 95 -57.91 51.26 50.10
CA ILE P 95 -58.29 52.65 50.35
C ILE P 95 -57.58 53.62 49.42
N ILE P 96 -56.48 53.22 48.78
CA ILE P 96 -55.83 54.08 47.80
C ILE P 96 -55.92 53.52 46.39
N GLU P 97 -56.70 52.47 46.17
CA GLU P 97 -56.98 51.94 44.83
C GLU P 97 -55.70 51.53 44.11
N VAL P 98 -55.00 50.56 44.69
CA VAL P 98 -53.75 50.04 44.12
C VAL P 98 -53.74 48.54 44.31
N PRO P 99 -53.25 47.76 43.34
CA PRO P 99 -53.04 46.33 43.56
C PRO P 99 -52.15 46.09 44.76
N PRO P 100 -52.55 45.21 45.67
CA PRO P 100 -51.87 45.14 46.98
C PRO P 100 -50.39 44.89 46.92
N ILE P 101 -49.86 44.42 45.79
CA ILE P 101 -48.44 44.10 45.76
C ILE P 101 -47.59 45.36 45.90
N ARG P 102 -48.09 46.51 45.43
CA ARG P 102 -47.32 47.74 45.58
C ARG P 102 -47.25 48.16 47.04
N VAL P 103 -48.36 48.02 47.78
CA VAL P 103 -48.33 48.35 49.19
C VAL P 103 -47.45 47.37 49.94
N TYR P 104 -47.45 46.10 49.53
CA TYR P 104 -46.52 45.14 50.14
C TYR P 104 -45.08 45.60 49.93
N GLU P 105 -44.75 45.99 48.70
CA GLU P 105 -43.41 46.49 48.41
C GLU P 105 -43.04 47.65 49.32
N VAL P 106 -43.94 48.64 49.43
CA VAL P 106 -43.65 49.81 50.25
C VAL P 106 -43.44 49.40 51.70
N ALA P 107 -44.31 48.54 52.22
CA ALA P 107 -44.25 48.20 53.63
C ALA P 107 -43.08 47.30 53.97
N THR P 108 -42.50 46.63 52.97
CA THR P 108 -41.38 45.75 53.27
C THR P 108 -40.03 46.31 52.86
N PHE P 109 -39.99 47.38 52.06
CA PHE P 109 -38.69 47.91 51.68
C PHE P 109 -38.11 48.81 52.76
N TYR P 110 -38.93 49.66 53.35
CA TYR P 110 -38.45 50.57 54.38
C TYR P 110 -38.09 49.79 55.64
N SER P 111 -37.55 50.50 56.63
CA SER P 111 -37.04 49.85 57.83
C SER P 111 -37.80 50.20 59.09
N MET P 112 -38.52 51.31 59.11
CA MET P 112 -39.24 51.70 60.32
C MET P 112 -40.51 50.91 60.53
N PHE P 113 -40.98 50.18 59.53
CA PHE P 113 -42.16 49.34 59.65
C PHE P 113 -41.76 47.95 60.10
N ASN P 114 -42.37 47.46 61.18
CA ASN P 114 -42.16 46.12 61.66
C ASN P 114 -43.42 45.29 61.45
N ARG P 115 -43.24 43.99 61.33
CA ARG P 115 -44.32 43.06 61.05
C ARG P 115 -44.25 41.84 61.95
N ALA P 116 -43.85 42.05 63.21
CA ALA P 116 -43.57 40.92 64.09
C ALA P 116 -44.06 41.15 65.51
N LYS P 117 -45.14 41.88 65.67
CA LYS P 117 -45.82 42.10 66.96
C LYS P 117 -44.83 42.31 68.11
N VAL P 118 -44.07 43.40 68.00
CA VAL P 118 -43.21 43.79 69.11
C VAL P 118 -44.09 44.15 70.31
N GLY P 119 -43.49 44.09 71.49
CA GLY P 119 -44.21 44.26 72.73
C GLY P 119 -44.84 45.63 72.93
N LYS P 120 -45.38 45.87 74.11
CA LYS P 120 -46.03 47.16 74.37
C LYS P 120 -45.07 48.33 74.21
N TYR P 121 -43.78 48.10 74.46
CA TYR P 121 -42.79 49.15 74.36
C TYR P 121 -41.60 48.62 73.58
N HIS P 122 -41.17 49.38 72.57
CA HIS P 122 -40.05 49.02 71.71
C HIS P 122 -38.86 49.89 72.06
N LEU P 123 -37.71 49.27 72.30
CA LEU P 123 -36.50 49.97 72.68
C LEU P 123 -35.44 49.73 71.62
N LEU P 124 -35.10 50.78 70.86
CA LEU P 124 -34.14 50.66 69.77
C LEU P 124 -32.85 51.39 70.14
N VAL P 125 -31.73 50.72 69.93
CA VAL P 125 -30.41 51.28 70.20
C VAL P 125 -29.71 51.55 68.88
N CYS P 126 -29.03 52.69 68.78
CA CYS P 126 -28.34 53.07 67.56
C CYS P 126 -26.95 52.45 67.46
N GLY P 127 -26.52 52.19 66.23
CA GLY P 127 -25.14 51.82 66.00
C GLY P 127 -24.52 52.38 64.73
N THR P 128 -23.46 53.16 64.88
CA THR P 128 -22.63 53.66 63.78
C THR P 128 -21.42 54.34 64.41
N THR P 129 -20.35 54.48 63.63
CA THR P 129 -19.05 54.87 64.15
C THR P 129 -19.10 56.09 65.07
N PRO P 130 -19.64 57.24 64.65
CA PRO P 130 -19.62 58.40 65.54
C PRO P 130 -20.49 58.22 66.76
N CYS P 131 -21.38 57.23 66.74
CA CYS P 131 -22.18 56.88 67.90
C CYS P 131 -21.73 55.59 68.54
N MET P 132 -20.92 54.78 67.83
CA MET P 132 -20.29 53.61 68.43
C MET P 132 -19.17 54.02 69.37
N ILE P 133 -18.29 54.91 68.92
CA ILE P 133 -17.07 55.22 69.68
C ILE P 133 -17.35 56.07 70.90
N ARG P 134 -18.61 56.33 71.23
CA ARG P 134 -18.97 56.96 72.48
C ARG P 134 -19.44 55.96 73.52
N GLY P 135 -19.52 54.68 73.19
CA GLY P 135 -19.84 53.67 74.17
C GLY P 135 -21.26 53.15 74.13
N SER P 136 -21.77 52.86 72.94
CA SER P 136 -23.13 52.37 72.80
C SER P 136 -23.24 50.89 73.16
N ARG P 137 -22.23 50.11 72.78
CA ARG P 137 -22.27 48.67 73.01
C ARG P 137 -22.52 48.35 74.47
N GLY P 138 -22.03 49.19 75.37
CA GLY P 138 -22.32 48.99 76.78
C GLY P 138 -23.80 49.10 77.08
N ILE P 139 -24.44 50.14 76.56
CA ILE P 139 -25.88 50.29 76.74
C ILE P 139 -26.61 49.07 76.21
N GLU P 140 -26.23 48.64 75.01
CA GLU P 140 -26.87 47.48 74.40
C GLU P 140 -26.74 46.25 75.29
N GLU P 141 -25.50 45.93 75.70
CA GLU P 141 -25.27 44.72 76.47
C GLU P 141 -25.99 44.77 77.80
N ALA P 142 -25.98 45.91 78.48
CA ALA P 142 -26.61 46.00 79.79
C ALA P 142 -28.12 45.89 79.68
N LEU P 143 -28.72 46.60 78.72
CA LEU P 143 -30.17 46.51 78.55
C LEU P 143 -30.57 45.08 78.20
N LEU P 144 -29.75 44.38 77.42
CA LEU P 144 -30.09 43.01 77.07
C LEU P 144 -29.92 42.06 78.26
N LYS P 145 -28.92 42.31 79.10
CA LYS P 145 -28.70 41.42 80.24
C LYS P 145 -29.75 41.62 81.32
N HIS P 146 -30.23 42.85 81.51
CA HIS P 146 -31.25 43.08 82.52
C HIS P 146 -32.52 42.31 82.25
N LEU P 147 -32.75 41.90 81.02
CA LEU P 147 -33.90 41.08 80.65
C LEU P 147 -33.40 39.75 80.10
N GLY P 148 -34.31 38.94 79.60
CA GLY P 148 -33.98 37.67 78.98
C GLY P 148 -34.01 37.69 77.47
N VAL P 149 -34.11 38.86 76.86
CA VAL P 149 -34.27 39.00 75.41
C VAL P 149 -32.95 38.92 74.67
N LYS P 150 -33.02 38.87 73.35
CA LYS P 150 -31.89 38.59 72.48
C LYS P 150 -31.87 39.51 71.26
N ARG P 151 -31.97 40.83 71.48
CA ARG P 151 -31.68 41.78 70.40
C ARG P 151 -32.62 41.67 69.20
N ASN P 152 -33.79 42.31 69.27
CA ASN P 152 -34.97 42.08 68.46
C ASN P 152 -35.74 40.89 69.02
N GLU P 153 -35.94 40.93 70.33
CA GLU P 153 -36.70 39.90 71.03
C GLU P 153 -37.70 40.56 71.98
N VAL P 154 -38.68 39.77 72.42
CA VAL P 154 -39.83 40.24 73.18
C VAL P 154 -39.76 39.66 74.58
N THR P 155 -39.52 40.50 75.57
CA THR P 155 -39.69 40.14 76.97
C THR P 155 -41.17 39.91 77.21
N PRO P 156 -41.57 38.66 77.55
CA PRO P 156 -42.99 38.28 77.65
C PRO P 156 -43.66 38.88 78.87
N ASP P 157 -44.90 38.47 79.13
CA ASP P 157 -45.87 39.41 79.67
C ASP P 157 -45.75 40.68 78.82
N GLY P 158 -46.19 40.50 77.57
CA GLY P 158 -45.43 40.94 76.42
C GLY P 158 -45.16 42.41 76.37
N LEU P 159 -44.48 42.91 77.41
CA LEU P 159 -44.14 44.32 77.48
C LEU P 159 -43.01 44.66 76.52
N PHE P 160 -41.83 44.07 76.71
CA PHE P 160 -40.62 44.80 76.32
C PHE P 160 -39.89 44.19 75.13
N SER P 161 -40.08 44.76 73.95
CA SER P 161 -39.31 44.33 72.81
C SER P 161 -38.09 45.23 72.65
N VAL P 162 -36.96 44.63 72.33
CA VAL P 162 -35.72 45.39 72.14
C VAL P 162 -35.12 45.04 70.80
N GLY P 163 -34.50 46.04 70.17
CA GLY P 163 -33.91 45.94 68.84
C GLY P 163 -32.89 47.03 68.58
N GLU P 164 -32.29 46.96 67.39
CA GLU P 164 -31.17 47.79 67.01
C GLU P 164 -31.47 48.50 65.68
N MET P 165 -30.90 49.68 65.52
CA MET P 165 -31.13 50.49 64.32
C MET P 165 -29.85 51.23 63.95
N GLU P 166 -29.81 51.71 62.71
CA GLU P 166 -28.67 52.46 62.20
C GLU P 166 -28.74 53.89 62.70
N CYS P 167 -27.92 54.77 62.14
CA CYS P 167 -27.76 56.11 62.69
C CYS P 167 -29.05 56.90 62.56
N MET P 168 -29.55 57.39 63.69
CA MET P 168 -30.80 58.13 63.73
C MET P 168 -30.59 59.64 63.79
N GLY P 169 -29.52 60.13 63.17
CA GLY P 169 -29.19 61.53 63.34
C GLY P 169 -28.81 61.79 64.78
N CYS P 170 -28.68 63.08 65.10
CA CYS P 170 -28.35 63.55 66.44
C CYS P 170 -27.10 62.88 67.00
N CYS P 171 -26.25 62.33 66.15
CA CYS P 171 -25.02 61.71 66.62
C CYS P 171 -23.91 62.73 66.77
N VAL P 172 -24.22 63.78 67.52
CA VAL P 172 -23.25 64.76 68.01
C VAL P 172 -23.54 64.90 69.50
N ASN P 173 -24.67 64.34 69.93
CA ASN P 173 -25.07 64.47 71.32
C ASN P 173 -24.46 63.39 72.20
N ALA P 174 -24.77 62.12 71.92
CA ALA P 174 -24.42 61.06 72.85
C ALA P 174 -24.74 59.68 72.28
N PRO P 175 -24.33 58.61 72.96
CA PRO P 175 -24.98 57.31 72.74
C PRO P 175 -26.43 57.40 73.19
N MET P 176 -27.35 57.11 72.28
CA MET P 176 -28.76 57.34 72.51
C MET P 176 -29.53 56.04 72.60
N ILE P 177 -30.79 56.17 73.02
CA ILE P 177 -31.73 55.06 73.11
C ILE P 177 -33.12 55.61 72.82
N THR P 178 -33.75 55.12 71.75
CA THR P 178 -35.08 55.61 71.40
C THR P 178 -36.13 54.61 71.86
N VAL P 179 -37.26 55.13 72.31
CA VAL P 179 -38.34 54.29 72.82
C VAL P 179 -39.63 54.66 72.11
N ALA P 180 -40.30 53.65 71.56
CA ALA P 180 -41.59 53.79 70.94
C ALA P 180 -42.64 53.16 71.84
N ASP P 181 -43.68 53.91 72.16
CA ASP P 181 -44.69 53.51 73.12
C ASP P 181 -46.01 53.32 72.40
N TYR P 182 -46.46 52.06 72.34
CA TYR P 182 -47.74 51.64 71.82
C TYR P 182 -48.55 51.15 73.02
N SER P 183 -49.22 52.06 73.72
CA SER P 183 -50.00 51.69 74.90
C SER P 183 -51.50 51.92 74.69
N ASN P 184 -51.91 53.14 74.34
CA ASN P 184 -53.31 53.46 74.17
C ASN P 184 -53.72 53.48 72.71
N GLY P 185 -52.86 53.03 71.82
CA GLY P 185 -53.19 52.99 70.40
C GLY P 185 -52.84 54.29 69.70
N SER P 186 -53.77 54.81 68.91
CA SER P 186 -53.51 56.02 68.14
C SER P 186 -53.20 57.20 69.06
N GLU P 187 -53.93 57.32 70.16
CA GLU P 187 -53.56 58.27 71.19
C GLU P 187 -52.52 57.65 72.12
N GLY P 188 -51.74 58.51 72.76
CA GLY P 188 -50.73 58.07 73.68
C GLY P 188 -49.49 57.47 73.05
N TYR P 189 -49.56 57.01 71.80
CA TYR P 189 -48.37 56.53 71.11
C TYR P 189 -47.33 57.62 71.08
N THR P 190 -46.13 57.31 71.54
CA THR P 190 -45.10 58.35 71.59
C THR P 190 -43.74 57.78 71.27
N TYR P 191 -42.99 58.46 70.41
CA TYR P 191 -41.75 57.97 69.85
C TYR P 191 -40.65 58.96 70.24
N ASN P 192 -40.06 58.77 71.40
CA ASN P 192 -39.13 59.79 71.89
C ASN P 192 -37.75 59.21 72.16
N TYR P 193 -36.76 60.09 72.01
CA TYR P 193 -35.36 59.75 72.20
C TYR P 193 -35.02 59.70 73.69
N TYR P 194 -33.78 59.33 73.97
CA TYR P 194 -33.21 59.47 75.29
C TYR P 194 -31.70 59.53 75.09
N GLU P 195 -31.11 60.70 75.32
CA GLU P 195 -29.69 60.92 75.07
C GLU P 195 -28.95 61.05 76.39
N ASP P 196 -27.62 61.03 76.28
CA ASP P 196 -26.74 61.11 77.45
C ASP P 196 -27.09 60.02 78.46
N VAL P 197 -26.93 58.77 78.02
CA VAL P 197 -27.39 57.64 78.81
C VAL P 197 -26.19 56.84 79.31
N THR P 198 -26.45 56.08 80.37
CA THR P 198 -25.49 55.18 80.99
C THR P 198 -26.29 53.99 81.48
N PRO P 199 -25.74 52.77 81.43
CA PRO P 199 -26.55 51.58 81.71
C PRO P 199 -27.39 51.64 82.99
N GLU P 200 -26.91 52.29 84.04
CA GLU P 200 -27.74 52.41 85.24
C GLU P 200 -28.96 53.30 84.97
N LYS P 201 -28.76 54.43 84.27
CA LYS P 201 -29.90 55.25 83.88
C LYS P 201 -30.87 54.46 83.01
N VAL P 202 -30.34 53.59 82.15
CA VAL P 202 -31.21 52.84 81.25
C VAL P 202 -32.05 51.83 82.02
N VAL P 203 -31.42 51.08 82.94
CA VAL P 203 -32.21 50.12 83.71
C VAL P 203 -33.23 50.85 84.58
N GLU P 204 -32.85 52.01 85.12
CA GLU P 204 -33.82 52.81 85.87
C GLU P 204 -34.98 53.22 84.99
N ILE P 205 -34.70 53.66 83.76
CA ILE P 205 -35.75 54.12 82.86
C ILE P 205 -36.68 52.98 82.49
N VAL P 206 -36.13 51.79 82.23
CA VAL P 206 -37.00 50.71 81.77
C VAL P 206 -37.88 50.21 82.90
N GLU P 207 -37.33 50.13 84.12
CA GLU P 207 -38.20 49.73 85.22
C GLU P 207 -39.21 50.81 85.58
N LYS P 208 -38.83 52.08 85.40
CA LYS P 208 -39.79 53.16 85.58
C LYS P 208 -40.89 53.12 84.54
N LEU P 209 -40.56 52.65 83.33
CA LEU P 209 -41.59 52.44 82.33
C LEU P 209 -42.54 51.33 82.74
N ARG P 210 -42.00 50.24 83.28
CA ARG P 210 -42.87 49.15 83.73
C ARG P 210 -43.78 49.62 84.85
N LYS P 211 -43.22 50.00 85.99
CA LYS P 211 -44.04 50.37 87.13
C LYS P 211 -44.73 51.70 86.91
N GLY P 212 -43.96 52.77 86.77
CA GLY P 212 -44.51 54.09 86.50
C GLY P 212 -45.03 54.21 85.09
N GLU P 213 -45.28 55.44 84.63
CA GLU P 213 -45.91 55.64 83.34
C GLU P 213 -45.01 56.34 82.34
N LYS P 214 -44.51 57.54 82.65
CA LYS P 214 -43.78 58.32 81.66
C LYS P 214 -42.59 59.04 82.27
N PRO P 215 -41.38 58.72 81.82
CA PRO P 215 -40.20 59.48 82.26
C PRO P 215 -39.95 60.65 81.34
N PRO P 216 -39.70 61.84 81.89
CA PRO P 216 -39.48 63.03 81.04
C PRO P 216 -38.28 62.84 80.14
N HIS P 217 -38.55 62.81 78.84
CA HIS P 217 -37.47 62.59 77.87
C HIS P 217 -36.62 63.84 77.73
N GLY P 218 -35.52 63.70 77.00
CA GLY P 218 -34.58 64.80 76.85
C GLY P 218 -33.13 64.34 76.77
N THR P 219 -32.29 64.86 77.68
CA THR P 219 -30.87 64.53 77.65
C THR P 219 -30.29 64.25 79.03
N GLN P 220 -31.10 63.92 80.03
CA GLN P 220 -30.64 63.35 81.29
C GLN P 220 -29.65 64.29 82.00
N ASN P 221 -30.20 65.40 82.48
CA ASN P 221 -29.46 66.44 83.18
C ASN P 221 -28.38 67.03 82.28
N PRO P 222 -28.77 67.81 81.29
CA PRO P 222 -27.79 68.36 80.35
C PRO P 222 -26.98 69.50 80.93
N LEU P 223 -25.88 69.17 81.63
CA LEU P 223 -24.90 70.21 81.93
C LEU P 223 -24.36 70.85 80.67
N ARG P 224 -24.65 70.27 79.51
CA ARG P 224 -24.39 70.87 78.21
C ARG P 224 -25.69 71.45 77.63
N ILE P 225 -25.53 72.25 76.59
CA ILE P 225 -26.66 72.79 75.84
C ILE P 225 -26.91 71.90 74.65
N ARG P 226 -28.17 71.59 74.40
CA ARG P 226 -28.58 70.64 73.37
C ARG P 226 -27.91 70.96 72.04
N SER P 227 -27.23 69.95 71.49
CA SER P 227 -26.58 70.04 70.17
C SER P 227 -25.51 71.13 70.15
N GLY P 228 -24.60 71.08 71.12
CA GLY P 228 -23.51 72.03 71.19
C GLY P 228 -22.58 71.77 72.36
N PRO P 229 -22.01 72.84 72.90
CA PRO P 229 -21.04 72.71 73.98
C PRO P 229 -21.68 72.51 75.34
N GLU P 230 -20.86 72.53 76.38
CA GLU P 230 -21.30 72.45 77.76
C GLU P 230 -21.05 73.78 78.47
N GLY P 231 -22.05 74.23 79.23
CA GLY P 231 -21.94 75.48 79.95
C GLY P 231 -22.18 76.71 79.10
N GLY P 232 -21.14 77.51 78.90
CA GLY P 232 -21.26 78.72 78.11
C GLY P 232 -21.12 78.46 76.62
N ASN P 233 -22.22 78.58 75.90
CA ASN P 233 -22.21 78.32 74.46
C ASN P 233 -21.32 79.36 73.76
N THR P 234 -20.41 78.89 72.93
CA THR P 234 -19.43 79.77 72.28
C THR P 234 -19.93 80.29 70.93
N THR P 235 -21.18 80.76 70.90
CA THR P 235 -21.77 81.42 69.74
C THR P 235 -23.14 81.96 70.14
N LEU P 236 -23.55 83.10 69.57
CA LEU P 236 -24.84 83.71 69.85
C LEU P 236 -25.03 83.86 71.36
N LEU P 237 -24.16 84.68 71.95
CA LEU P 237 -24.04 84.73 73.40
C LEU P 237 -25.24 85.42 74.04
N GLY P 238 -25.48 86.68 73.68
CA GLY P 238 -26.45 87.48 74.41
C GLY P 238 -27.83 87.64 73.79
N GLU P 239 -27.89 87.99 72.51
CA GLU P 239 -29.17 88.37 71.92
C GLU P 239 -29.07 88.33 70.41
N PRO P 240 -30.12 87.90 69.70
CA PRO P 240 -30.14 88.03 68.24
C PRO P 240 -30.47 89.46 67.84
N LYS P 241 -30.44 89.70 66.53
CA LYS P 241 -30.65 91.03 65.97
C LYS P 241 -30.97 90.89 64.49
N PRO P 242 -32.08 91.43 64.01
CA PRO P 242 -32.38 91.36 62.58
C PRO P 242 -31.36 92.16 61.78
N PRO P 243 -30.74 91.55 60.77
CA PRO P 243 -29.78 92.28 59.95
C PRO P 243 -30.46 93.42 59.21
N TYR Q 2 10.94 -65.63 11.18
CA TYR Q 2 9.88 -65.29 10.24
C TYR Q 2 9.05 -64.12 10.74
N ILE Q 3 8.63 -64.20 12.01
CA ILE Q 3 7.81 -63.14 12.60
C ILE Q 3 8.63 -62.13 13.38
N ALA Q 4 9.91 -62.42 13.63
CA ALA Q 4 10.75 -61.46 14.33
C ALA Q 4 10.95 -60.19 13.51
N VAL Q 5 11.05 -60.33 12.20
CA VAL Q 5 11.35 -59.17 11.35
C VAL Q 5 10.23 -58.13 11.40
N PRO Q 6 8.94 -58.48 11.23
CA PRO Q 6 7.91 -57.46 11.40
C PRO Q 6 7.90 -56.84 12.78
N ALA Q 7 8.26 -57.61 13.82
CA ALA Q 7 8.35 -57.03 15.15
C ALA Q 7 9.43 -55.96 15.19
N GLU Q 8 10.60 -56.25 14.64
CA GLU Q 8 11.66 -55.24 14.59
C GLU Q 8 11.22 -54.02 13.80
N ILE Q 9 10.50 -54.23 12.69
CA ILE Q 9 10.10 -53.09 11.87
C ILE Q 9 9.12 -52.22 12.62
N LEU Q 10 8.17 -52.82 13.33
CA LEU Q 10 7.25 -52.02 14.13
C LEU Q 10 7.99 -51.25 15.22
N GLY Q 11 8.94 -51.92 15.88
CA GLY Q 11 9.73 -51.27 16.91
C GLY Q 11 10.64 -50.20 16.39
N ILE Q 12 10.91 -50.20 15.08
CA ILE Q 12 11.64 -49.09 14.49
C ILE Q 12 10.70 -47.96 14.09
N ILE Q 13 9.50 -48.28 13.63
CA ILE Q 13 8.62 -47.27 13.08
C ILE Q 13 7.97 -46.45 14.18
N LEU Q 14 7.26 -47.10 15.10
CA LEU Q 14 6.47 -46.35 16.07
C LEU Q 14 7.30 -45.40 16.91
N PRO Q 15 8.40 -45.82 17.55
CA PRO Q 15 9.17 -44.86 18.35
C PRO Q 15 9.66 -43.69 17.54
N LEU Q 16 9.89 -43.86 16.24
CA LEU Q 16 10.28 -42.72 15.42
C LEU Q 16 9.17 -41.69 15.35
N LEU Q 17 7.92 -42.14 15.25
CA LEU Q 17 6.81 -41.19 15.21
C LEU Q 17 6.64 -40.49 16.55
N LEU Q 18 6.73 -41.25 17.64
CA LEU Q 18 6.71 -40.59 18.95
C LEU Q 18 7.80 -39.53 19.05
N GLY Q 19 9.01 -39.90 18.65
CA GLY Q 19 10.13 -38.99 18.75
C GLY Q 19 9.98 -37.77 17.87
N VAL Q 20 9.37 -37.92 16.71
CA VAL Q 20 9.26 -36.76 15.83
C VAL Q 20 8.15 -35.82 16.29
N ALA Q 21 7.07 -36.36 16.86
CA ALA Q 21 6.10 -35.47 17.50
C ALA Q 21 6.74 -34.69 18.63
N PHE Q 22 7.44 -35.38 19.53
CA PHE Q 22 8.11 -34.65 20.59
C PHE Q 22 9.23 -33.78 20.04
N LEU Q 23 9.72 -34.06 18.84
CA LEU Q 23 10.71 -33.20 18.22
C LEU Q 23 10.11 -31.85 17.87
N VAL Q 24 8.96 -31.84 17.21
CA VAL Q 24 8.38 -30.53 16.88
C VAL Q 24 7.97 -29.80 18.16
N LEU Q 25 7.52 -30.55 19.17
CA LEU Q 25 7.22 -29.91 20.45
C LEU Q 25 8.47 -29.24 21.04
N ALA Q 26 9.56 -30.00 21.17
CA ALA Q 26 10.78 -29.44 21.72
C ALA Q 26 11.32 -28.32 20.85
N GLU Q 27 11.06 -28.37 19.56
CA GLU Q 27 11.45 -27.29 18.67
C GLU Q 27 10.79 -25.99 19.10
N ARG Q 28 9.46 -26.01 19.22
CA ARG Q 28 8.78 -24.81 19.68
C ARG Q 28 9.30 -24.38 21.04
N LYS Q 29 9.49 -25.34 21.96
CA LYS Q 29 9.91 -24.99 23.32
C LYS Q 29 11.26 -24.28 23.32
N VAL Q 30 12.24 -24.85 22.65
CA VAL Q 30 13.59 -24.31 22.76
C VAL Q 30 13.74 -23.03 21.95
N MET Q 31 13.05 -22.90 20.81
CA MET Q 31 13.06 -21.61 20.15
C MET Q 31 12.44 -20.54 21.04
N ALA Q 32 11.37 -20.91 21.76
CA ALA Q 32 10.78 -19.97 22.71
C ALA Q 32 11.79 -19.54 23.75
N PHE Q 33 12.44 -20.51 24.40
CA PHE Q 33 13.42 -20.16 25.42
C PHE Q 33 14.52 -19.27 24.87
N VAL Q 34 14.93 -19.51 23.62
CA VAL Q 34 15.87 -18.60 22.99
C VAL Q 34 15.32 -17.19 22.95
N GLN Q 35 14.04 -17.05 22.58
CA GLN Q 35 13.48 -15.73 22.36
C GLN Q 35 12.95 -15.10 23.63
N ARG Q 36 13.42 -15.54 24.80
CA ARG Q 36 12.99 -14.99 26.09
C ARG Q 36 11.48 -15.12 26.28
N ARG Q 37 11.03 -16.37 26.34
CA ARG Q 37 9.63 -16.71 26.55
C ARG Q 37 9.56 -18.21 26.74
N LYS Q 38 8.48 -18.66 27.38
CA LYS Q 38 8.26 -20.10 27.48
C LYS Q 38 7.43 -20.58 26.31
N GLY Q 39 7.57 -21.87 26.00
CA GLY Q 39 6.80 -22.48 24.94
C GLY Q 39 5.47 -22.98 25.43
N PRO Q 40 4.94 -24.03 24.79
CA PRO Q 40 3.68 -24.61 25.27
C PRO Q 40 3.86 -25.22 26.64
N ASP Q 41 3.09 -24.70 27.61
CA ASP Q 41 3.26 -25.12 28.99
C ASP Q 41 1.93 -25.26 29.72
N VAL Q 42 0.81 -25.32 29.01
CA VAL Q 42 -0.50 -25.41 29.65
C VAL Q 42 -1.05 -26.81 29.61
N VAL Q 43 -1.10 -27.42 28.44
CA VAL Q 43 -1.84 -28.68 28.28
C VAL Q 43 -1.22 -29.77 29.13
N GLY Q 44 0.06 -30.08 28.91
CA GLY Q 44 0.72 -31.10 29.69
C GLY Q 44 1.15 -30.57 31.04
N SER Q 45 1.86 -31.43 31.78
CA SER Q 45 2.47 -30.98 33.02
C SER Q 45 3.58 -29.98 32.73
N PHE Q 46 4.31 -30.20 31.64
CA PHE Q 46 5.32 -29.26 31.16
C PHE Q 46 5.12 -28.99 29.68
N GLY Q 47 3.87 -29.08 29.22
CA GLY Q 47 3.60 -29.08 27.80
C GLY Q 47 3.80 -30.41 27.14
N LEU Q 48 3.95 -31.48 27.91
CA LEU Q 48 4.22 -32.79 27.33
C LEU Q 48 3.02 -33.32 26.55
N LEU Q 49 1.81 -32.92 26.93
CA LEU Q 49 0.62 -33.37 26.24
C LEU Q 49 0.22 -32.46 25.09
N GLN Q 50 1.13 -31.59 24.64
CA GLN Q 50 0.79 -30.72 23.52
C GLN Q 50 0.75 -31.48 22.19
N PRO Q 51 1.74 -32.29 21.83
CA PRO Q 51 1.65 -32.96 20.52
C PRO Q 51 0.50 -33.92 20.43
N LEU Q 52 0.18 -34.63 21.52
CA LEU Q 52 -0.98 -35.51 21.52
C LEU Q 52 -2.26 -34.72 21.25
N ALA Q 53 -2.38 -33.56 21.89
CA ALA Q 53 -3.57 -32.74 21.67
C ALA Q 53 -3.65 -32.24 20.24
N ASP Q 54 -2.53 -31.79 19.68
CA ASP Q 54 -2.55 -31.34 18.28
C ASP Q 54 -2.91 -32.48 17.34
N GLY Q 55 -2.41 -33.68 17.62
CA GLY Q 55 -2.76 -34.81 16.79
C GLY Q 55 -4.25 -35.14 16.87
N LEU Q 56 -4.80 -35.12 18.08
CA LEU Q 56 -6.24 -35.40 18.20
C LEU Q 56 -7.06 -34.33 17.52
N LYS Q 57 -6.61 -33.08 17.57
CA LYS Q 57 -7.33 -32.02 16.88
C LYS Q 57 -7.31 -32.24 15.37
N LEU Q 58 -6.13 -32.50 14.81
CA LEU Q 58 -6.05 -32.74 13.38
C LEU Q 58 -6.77 -34.02 12.97
N ILE Q 59 -7.03 -34.92 13.90
CA ILE Q 59 -7.83 -36.10 13.58
C ILE Q 59 -9.30 -35.74 13.53
N LEU Q 60 -9.83 -35.14 14.60
CA LEU Q 60 -11.24 -34.79 14.63
C LEU Q 60 -11.60 -33.66 13.67
N LYS Q 61 -10.62 -32.99 13.09
CA LYS Q 61 -10.92 -31.89 12.18
C LYS Q 61 -11.62 -32.41 10.93
N GLU Q 62 -12.65 -31.68 10.52
CA GLU Q 62 -13.47 -32.09 9.38
C GLU Q 62 -12.64 -32.09 8.09
N PRO Q 63 -12.45 -33.23 7.45
CA PRO Q 63 -11.52 -33.30 6.32
C PRO Q 63 -12.09 -32.62 5.09
N ILE Q 64 -11.22 -32.42 4.10
CA ILE Q 64 -11.57 -31.82 2.83
C ILE Q 64 -10.75 -32.53 1.75
N SER Q 65 -11.41 -33.35 0.93
CA SER Q 65 -10.70 -34.07 -0.12
C SER Q 65 -10.39 -33.13 -1.28
N PRO Q 66 -9.19 -33.23 -1.86
CA PRO Q 66 -8.83 -32.33 -2.96
C PRO Q 66 -9.61 -32.64 -4.22
N SER Q 67 -9.38 -31.80 -5.24
CA SER Q 67 -10.07 -31.86 -6.52
C SER Q 67 -9.06 -31.87 -7.65
N SER Q 68 -8.04 -32.72 -7.54
CA SER Q 68 -6.96 -32.74 -8.52
C SER Q 68 -6.36 -34.15 -8.54
N ALA Q 69 -6.69 -34.92 -9.58
CA ALA Q 69 -6.24 -36.30 -9.71
C ALA Q 69 -6.47 -37.07 -8.41
N ASN Q 70 -7.75 -37.18 -8.06
CA ASN Q 70 -8.18 -37.51 -6.71
C ASN Q 70 -7.83 -38.93 -6.28
N PHE Q 71 -7.07 -39.67 -7.09
CA PHE Q 71 -6.65 -41.00 -6.67
C PHE Q 71 -5.39 -41.39 -7.42
N SER Q 72 -4.55 -42.17 -6.72
CA SER Q 72 -3.36 -42.82 -7.28
C SER Q 72 -2.31 -41.83 -7.76
N LEU Q 73 -2.58 -40.52 -7.66
CA LEU Q 73 -1.53 -39.53 -7.86
C LEU Q 73 -1.53 -38.42 -6.84
N PHE Q 74 -2.63 -38.17 -6.14
CA PHE Q 74 -2.65 -37.18 -5.06
C PHE Q 74 -2.64 -37.81 -3.69
N ARG Q 75 -3.34 -38.93 -3.50
CA ARG Q 75 -3.34 -39.64 -2.24
C ARG Q 75 -2.22 -40.68 -2.16
N MET Q 76 -1.14 -40.48 -2.91
CA MET Q 76 -0.02 -41.40 -2.92
C MET Q 76 1.32 -40.72 -2.62
N ALA Q 77 1.55 -39.54 -3.17
CA ALA Q 77 2.87 -38.92 -3.06
C ALA Q 77 3.30 -38.62 -1.62
N PRO Q 78 2.44 -38.09 -0.75
CA PRO Q 78 2.87 -37.98 0.66
C PRO Q 78 3.27 -39.32 1.24
N VAL Q 79 2.51 -40.38 0.94
CA VAL Q 79 2.89 -41.71 1.36
C VAL Q 79 4.23 -42.09 0.76
N ALA Q 80 4.50 -41.63 -0.46
CA ALA Q 80 5.77 -41.94 -1.10
C ALA Q 80 6.93 -41.33 -0.32
N THR Q 81 6.85 -40.03 -0.02
CA THR Q 81 7.96 -39.42 0.71
C THR Q 81 8.07 -39.99 2.11
N PHE Q 82 6.95 -40.36 2.73
CA PHE Q 82 6.99 -40.99 4.05
C PHE Q 82 7.74 -42.31 3.99
N MET Q 83 7.34 -43.18 3.06
CA MET Q 83 8.02 -44.46 2.90
C MET Q 83 9.49 -44.27 2.63
N LEU Q 84 9.85 -43.27 1.84
CA LEU Q 84 11.27 -43.06 1.53
C LEU Q 84 12.05 -42.68 2.78
N SER Q 85 11.52 -41.73 3.56
CA SER Q 85 12.20 -41.35 4.79
C SER Q 85 12.41 -42.56 5.71
N LEU Q 86 11.36 -43.35 5.89
CA LEU Q 86 11.48 -44.46 6.82
C LEU Q 86 12.44 -45.53 6.29
N VAL Q 87 12.33 -45.88 5.01
CA VAL Q 87 13.21 -46.91 4.47
C VAL Q 87 14.65 -46.44 4.50
N ALA Q 88 14.87 -45.13 4.52
CA ALA Q 88 16.20 -44.64 4.85
C ALA Q 88 16.54 -44.97 6.29
N TRP Q 89 15.59 -44.73 7.19
CA TRP Q 89 15.81 -45.05 8.60
C TRP Q 89 16.12 -46.52 8.82
N ALA Q 90 15.91 -47.38 7.83
CA ALA Q 90 16.19 -48.80 8.00
C ALA Q 90 17.60 -49.06 8.53
N VAL Q 91 18.63 -48.68 7.77
CA VAL Q 91 20.01 -49.05 8.08
C VAL Q 91 20.67 -47.87 8.80
N VAL Q 92 20.60 -47.89 10.12
CA VAL Q 92 21.34 -46.95 10.95
C VAL Q 92 21.77 -47.70 12.20
N PRO Q 93 23.02 -47.63 12.59
CA PRO Q 93 23.46 -48.38 13.77
C PRO Q 93 23.23 -47.63 15.06
N PHE Q 94 22.52 -48.24 16.00
CA PHE Q 94 22.32 -47.63 17.30
C PHE Q 94 23.26 -48.18 18.36
N ASP Q 95 23.96 -49.26 18.07
CA ASP Q 95 24.93 -49.88 18.98
C ASP Q 95 25.61 -50.99 18.21
N TYR Q 96 26.57 -51.66 18.86
CA TYR Q 96 27.23 -52.78 18.23
C TYR Q 96 26.21 -53.84 17.84
N GLY Q 97 26.00 -54.03 16.54
CA GLY Q 97 25.03 -54.98 16.06
C GLY Q 97 23.59 -54.58 16.21
N MET Q 98 23.30 -53.50 16.93
CA MET Q 98 21.93 -53.06 17.13
C MET Q 98 21.47 -52.30 15.89
N VAL Q 99 21.36 -53.02 14.79
CA VAL Q 99 20.88 -52.48 13.54
C VAL Q 99 19.69 -53.31 13.08
N LEU Q 100 19.13 -52.92 11.94
CA LEU Q 100 18.10 -53.71 11.29
C LEU Q 100 18.64 -54.55 10.14
N SER Q 101 19.50 -53.96 9.32
CA SER Q 101 20.08 -54.65 8.17
C SER Q 101 21.48 -54.13 7.96
N ASP Q 102 22.44 -55.04 7.85
CA ASP Q 102 23.84 -54.67 7.63
C ASP Q 102 24.14 -54.52 6.15
N SER Q 103 23.35 -53.72 5.44
CA SER Q 103 23.57 -53.55 4.02
C SER Q 103 24.97 -53.03 3.77
N ASN Q 104 25.82 -53.87 3.19
CA ASN Q 104 27.25 -53.63 3.14
C ASN Q 104 27.65 -52.45 2.28
N ILE Q 105 26.70 -51.70 1.72
CA ILE Q 105 27.01 -50.51 0.94
C ILE Q 105 26.18 -49.34 1.43
N GLY Q 106 25.89 -49.30 2.73
CA GLY Q 106 24.99 -48.33 3.33
C GLY Q 106 25.05 -46.90 2.80
N LEU Q 107 26.24 -46.39 2.53
CA LEU Q 107 26.35 -44.98 2.13
C LEU Q 107 25.64 -44.72 0.81
N LEU Q 108 25.95 -45.50 -0.22
CA LEU Q 108 25.24 -45.40 -1.48
C LEU Q 108 23.74 -45.47 -1.25
N TYR Q 109 23.33 -46.33 -0.33
CA TYR Q 109 21.91 -46.48 -0.02
C TYR Q 109 21.32 -45.17 0.47
N LEU Q 110 21.98 -44.52 1.43
CA LEU Q 110 21.46 -43.27 1.96
C LEU Q 110 21.39 -42.21 0.88
N PHE Q 111 22.41 -42.15 0.02
CA PHE Q 111 22.44 -41.15 -1.04
C PHE Q 111 21.30 -41.35 -2.03
N ALA Q 112 21.11 -42.60 -2.46
CA ALA Q 112 20.01 -42.92 -3.36
C ALA Q 112 18.67 -42.55 -2.73
N ILE Q 113 18.49 -42.84 -1.44
CA ILE Q 113 17.21 -42.56 -0.82
C ILE Q 113 16.94 -41.06 -0.76
N SER Q 114 18.00 -40.27 -0.54
CA SER Q 114 17.81 -38.82 -0.60
C SER Q 114 17.29 -38.40 -1.97
N SER Q 115 17.89 -38.93 -3.04
CA SER Q 115 17.40 -38.56 -4.37
C SER Q 115 15.94 -38.98 -4.57
N LEU Q 116 15.57 -40.14 -4.06
CA LEU Q 116 14.18 -40.56 -4.21
C LEU Q 116 13.24 -39.65 -3.42
N GLY Q 117 13.71 -39.11 -2.30
CA GLY Q 117 12.91 -38.10 -1.61
C GLY Q 117 12.68 -36.88 -2.48
N VAL Q 118 13.70 -36.50 -3.26
CA VAL Q 118 13.50 -35.43 -4.23
C VAL Q 118 12.35 -35.76 -5.17
N TYR Q 119 12.33 -36.99 -5.68
CA TYR Q 119 11.18 -37.43 -6.49
C TYR Q 119 9.87 -37.24 -5.75
N GLY Q 120 9.85 -37.63 -4.47
CA GLY Q 120 8.62 -37.48 -3.70
C GLY Q 120 8.12 -36.05 -3.67
N ILE Q 121 9.02 -35.11 -3.39
CA ILE Q 121 8.57 -33.73 -3.26
C ILE Q 121 8.12 -33.16 -4.60
N ILE Q 122 8.82 -33.52 -5.68
CA ILE Q 122 8.42 -32.93 -6.97
C ILE Q 122 7.06 -33.46 -7.41
N THR Q 123 6.82 -34.76 -7.24
CA THR Q 123 5.51 -35.26 -7.66
C THR Q 123 4.40 -34.77 -6.74
N ALA Q 124 4.69 -34.59 -5.44
CA ALA Q 124 3.68 -34.03 -4.57
C ALA Q 124 3.36 -32.59 -4.92
N GLY Q 125 4.37 -31.84 -5.37
CA GLY Q 125 4.11 -30.48 -5.80
C GLY Q 125 3.27 -30.43 -7.06
N TRP Q 126 3.63 -31.22 -8.06
CA TRP Q 126 2.91 -31.12 -9.33
C TRP Q 126 1.53 -31.75 -9.26
N SER Q 127 1.31 -32.70 -8.36
CA SER Q 127 0.02 -33.37 -8.30
C SER Q 127 -1.11 -32.41 -7.98
N SER Q 128 -0.81 -31.23 -7.46
CA SER Q 128 -1.83 -30.23 -7.16
C SER Q 128 -2.34 -29.62 -8.46
N ASN Q 129 -3.21 -28.62 -8.35
CA ASN Q 129 -3.79 -27.97 -9.52
C ASN Q 129 -3.08 -26.68 -9.89
N SER Q 130 -2.97 -25.74 -8.95
CA SER Q 130 -2.40 -24.44 -9.25
C SER Q 130 -0.94 -24.58 -9.66
N LYS Q 131 -0.45 -23.59 -10.41
CA LYS Q 131 0.88 -23.67 -11.00
C LYS Q 131 1.97 -23.04 -10.13
N TYR Q 132 1.61 -22.11 -9.24
CA TYR Q 132 2.63 -21.52 -8.38
C TYR Q 132 3.22 -22.56 -7.43
N ALA Q 133 2.39 -23.50 -6.97
CA ALA Q 133 2.91 -24.64 -6.24
C ALA Q 133 3.87 -25.45 -7.11
N PHE Q 134 3.61 -25.50 -8.42
CA PHE Q 134 4.51 -26.23 -9.30
C PHE Q 134 5.85 -25.54 -9.44
N LEU Q 135 5.85 -24.21 -9.57
CA LEU Q 135 7.10 -23.47 -9.59
C LEU Q 135 7.87 -23.64 -8.28
N GLY Q 136 7.17 -23.57 -7.16
CA GLY Q 136 7.82 -23.80 -5.88
C GLY Q 136 8.41 -25.20 -5.78
N ALA Q 137 7.71 -26.19 -6.33
CA ALA Q 137 8.23 -27.55 -6.33
C ALA Q 137 9.50 -27.63 -7.14
N LEU Q 138 9.53 -26.98 -8.31
CA LEU Q 138 10.74 -27.00 -9.11
C LEU Q 138 11.90 -26.34 -8.35
N ARG Q 139 11.63 -25.22 -7.69
CA ARG Q 139 12.67 -24.54 -6.93
C ARG Q 139 13.24 -25.45 -5.84
N SER Q 140 12.35 -26.07 -5.06
CA SER Q 140 12.80 -26.94 -4.00
C SER Q 140 13.58 -28.13 -4.55
N ALA Q 141 13.15 -28.66 -5.70
CA ALA Q 141 13.88 -29.78 -6.29
C ALA Q 141 15.30 -29.38 -6.66
N ALA Q 142 15.45 -28.23 -7.32
CA ALA Q 142 16.78 -27.78 -7.71
C ALA Q 142 17.68 -27.59 -6.50
N GLN Q 143 17.16 -26.93 -5.47
CA GLN Q 143 17.95 -26.72 -4.27
C GLN Q 143 18.38 -28.05 -3.65
N MET Q 144 17.41 -28.96 -3.49
CA MET Q 144 17.70 -30.25 -2.87
C MET Q 144 18.77 -31.00 -3.65
N VAL Q 145 18.69 -30.99 -4.97
CA VAL Q 145 19.61 -31.81 -5.72
C VAL Q 145 21.03 -31.22 -5.72
N SER Q 146 21.14 -29.88 -5.75
CA SER Q 146 22.47 -29.28 -5.64
C SER Q 146 23.12 -29.63 -4.32
N TYR Q 147 22.41 -29.41 -3.22
CA TYR Q 147 23.06 -29.74 -1.97
C TYR Q 147 23.23 -31.24 -1.80
N GLU Q 148 22.50 -32.07 -2.56
CA GLU Q 148 22.82 -33.49 -2.55
C GLU Q 148 24.16 -33.77 -3.21
N VAL Q 149 24.50 -33.08 -4.29
CA VAL Q 149 25.81 -33.39 -4.87
C VAL Q 149 26.91 -32.97 -3.91
N SER Q 150 26.69 -31.88 -3.17
CA SER Q 150 27.70 -31.49 -2.17
C SER Q 150 27.81 -32.56 -1.07
N ILE Q 151 26.67 -33.02 -0.57
CA ILE Q 151 26.68 -34.10 0.42
C ILE Q 151 27.41 -35.31 -0.11
N GLY Q 152 27.26 -35.60 -1.40
CA GLY Q 152 27.93 -36.74 -1.98
C GLY Q 152 29.44 -36.61 -1.89
N LEU Q 153 29.97 -35.45 -2.26
CA LEU Q 153 31.42 -35.29 -2.17
C LEU Q 153 31.90 -35.41 -0.72
N ILE Q 154 31.12 -34.88 0.23
CA ILE Q 154 31.53 -34.99 1.63
C ILE Q 154 31.57 -36.45 2.07
N LEU Q 155 30.56 -37.21 1.66
CA LEU Q 155 30.55 -38.64 1.94
C LEU Q 155 31.79 -39.30 1.37
N ILE Q 156 32.21 -38.87 0.17
CA ILE Q 156 33.40 -39.47 -0.44
C ILE Q 156 34.62 -39.20 0.43
N THR Q 157 34.70 -38.01 1.02
CA THR Q 157 35.81 -37.74 1.94
C THR Q 157 35.80 -38.71 3.11
N VAL Q 158 34.69 -38.75 3.84
CA VAL Q 158 34.65 -39.59 5.03
C VAL Q 158 34.87 -41.05 4.66
N LEU Q 159 34.51 -41.43 3.43
CA LEU Q 159 34.75 -42.79 2.98
C LEU Q 159 36.23 -43.02 2.71
N ILE Q 160 36.92 -42.04 2.12
CA ILE Q 160 38.35 -42.20 1.89
C ILE Q 160 39.06 -42.43 3.21
N CYS Q 161 38.63 -41.75 4.27
CA CYS Q 161 39.31 -41.92 5.55
C CYS Q 161 39.22 -43.34 6.09
N VAL Q 162 38.27 -44.15 5.64
CA VAL Q 162 38.10 -45.51 6.17
C VAL Q 162 37.56 -46.43 5.09
N GLY Q 163 38.23 -47.56 4.91
CA GLY Q 163 37.99 -48.45 3.78
C GLY Q 163 36.55 -48.81 3.45
N SER Q 164 35.88 -49.55 4.32
CA SER Q 164 34.61 -50.17 3.95
C SER Q 164 33.50 -49.11 3.93
N CYS Q 165 32.27 -49.56 3.76
CA CYS Q 165 31.13 -48.66 3.64
C CYS Q 165 30.05 -48.87 4.69
N ASN Q 166 29.82 -50.10 5.15
CA ASN Q 166 28.78 -50.32 6.15
C ASN Q 166 29.09 -49.52 7.40
N LEU Q 167 28.05 -48.96 8.02
CA LEU Q 167 28.25 -47.88 8.97
C LEU Q 167 28.96 -48.33 10.24
N SER Q 168 28.78 -49.59 10.64
CA SER Q 168 29.46 -50.07 11.85
C SER Q 168 30.97 -49.98 11.70
N GLU Q 169 31.49 -50.31 10.51
CA GLU Q 169 32.93 -50.19 10.30
C GLU Q 169 33.36 -48.74 10.42
N ILE Q 170 32.55 -47.81 9.91
CA ILE Q 170 32.87 -46.41 10.03
C ILE Q 170 32.94 -46.00 11.49
N VAL Q 171 31.98 -46.44 12.30
CA VAL Q 171 32.01 -46.01 13.69
C VAL Q 171 33.17 -46.66 14.43
N MET Q 172 33.68 -47.80 13.99
CA MET Q 172 34.92 -48.29 14.60
C MET Q 172 36.10 -47.38 14.23
N ALA Q 173 36.23 -47.07 12.94
CA ALA Q 173 37.26 -46.14 12.51
C ALA Q 173 37.24 -44.88 13.36
N GLN Q 174 36.04 -44.40 13.70
CA GLN Q 174 35.94 -43.25 14.59
C GLN Q 174 36.28 -43.65 16.03
N LYS Q 175 36.05 -44.91 16.39
CA LYS Q 175 36.41 -45.37 17.73
C LYS Q 175 37.87 -45.12 18.02
N GLN Q 176 38.71 -45.10 16.98
CA GLN Q 176 40.05 -44.59 17.24
C GLN Q 176 40.02 -43.12 17.64
N ILE Q 177 39.53 -42.27 16.74
CA ILE Q 177 39.48 -40.83 16.97
C ILE Q 177 38.39 -40.26 16.07
N TRP Q 178 37.55 -39.40 16.65
CA TRP Q 178 36.38 -38.92 15.93
C TRP Q 178 36.80 -38.13 14.69
N PHE Q 179 36.19 -38.48 13.55
CA PHE Q 179 36.49 -37.77 12.32
C PHE Q 179 36.06 -36.32 12.36
N GLY Q 180 35.18 -35.95 13.29
CA GLY Q 180 34.81 -34.55 13.42
C GLY Q 180 35.97 -33.69 13.84
N ILE Q 181 36.94 -34.26 14.54
CA ILE Q 181 38.08 -33.50 15.06
C ILE Q 181 38.97 -33.02 13.92
N PRO Q 182 39.54 -33.91 13.10
CA PRO Q 182 40.43 -33.40 12.06
C PRO Q 182 39.70 -32.68 10.95
N LEU Q 183 38.59 -33.25 10.49
CA LEU Q 183 37.83 -32.64 9.39
C LEU Q 183 36.72 -31.73 9.91
N PHE Q 184 37.06 -30.83 10.82
CA PHE Q 184 36.05 -29.93 11.36
C PHE Q 184 35.41 -29.06 10.29
N PRO Q 185 36.15 -28.42 9.39
CA PRO Q 185 35.48 -27.70 8.31
C PRO Q 185 34.61 -28.60 7.46
N VAL Q 186 35.02 -29.85 7.26
CA VAL Q 186 34.18 -30.78 6.53
C VAL Q 186 32.87 -31.00 7.27
N LEU Q 187 32.94 -31.10 8.60
CA LEU Q 187 31.71 -31.25 9.37
C LEU Q 187 30.82 -30.03 9.22
N VAL Q 188 31.41 -28.84 9.26
CA VAL Q 188 30.61 -27.63 9.11
C VAL Q 188 29.93 -27.61 7.76
N MET Q 189 30.66 -27.94 6.70
CA MET Q 189 30.07 -27.95 5.36
C MET Q 189 28.98 -29.01 5.26
N PHE Q 190 29.21 -30.18 5.83
CA PHE Q 190 28.20 -31.22 5.78
C PHE Q 190 26.95 -30.79 6.53
N PHE Q 191 27.12 -30.06 7.63
CA PHE Q 191 25.96 -29.61 8.38
C PHE Q 191 25.19 -28.54 7.63
N ILE Q 192 25.90 -27.61 6.99
CA ILE Q 192 25.21 -26.60 6.19
C ILE Q 192 24.46 -27.27 5.04
N SER Q 193 25.06 -28.29 4.44
CA SER Q 193 24.39 -28.98 3.35
C SER Q 193 23.19 -29.75 3.84
N CYS Q 194 23.26 -30.31 5.05
CA CYS Q 194 22.08 -30.96 5.61
C CYS Q 194 21.00 -29.94 5.93
N LEU Q 195 21.38 -28.73 6.31
CA LEU Q 195 20.40 -27.69 6.54
C LEU Q 195 19.70 -27.33 5.24
N ALA Q 196 20.46 -27.14 4.17
CA ALA Q 196 19.86 -26.81 2.88
C ALA Q 196 19.11 -27.98 2.28
N GLU Q 197 19.43 -29.20 2.70
CA GLU Q 197 18.83 -30.37 2.09
C GLU Q 197 17.37 -30.53 2.50
N THR Q 198 17.02 -30.09 3.70
CA THR Q 198 15.66 -30.15 4.19
C THR Q 198 15.04 -28.77 4.32
N ASN Q 199 15.72 -27.74 3.83
CA ASN Q 199 15.19 -26.37 3.75
C ASN Q 199 14.93 -25.77 5.13
N ARG Q 200 15.69 -26.14 6.15
CA ARG Q 200 15.25 -25.78 7.49
C ARG Q 200 15.63 -24.37 7.90
N ALA Q 201 16.90 -24.13 8.21
CA ALA Q 201 17.12 -22.91 8.98
C ALA Q 201 17.24 -21.63 8.14
N PRO Q 202 18.28 -21.45 7.32
CA PRO Q 202 18.41 -20.16 6.64
C PRO Q 202 17.89 -20.20 5.22
N PHE Q 203 17.56 -21.39 4.72
CA PHE Q 203 17.16 -21.59 3.34
C PHE Q 203 15.70 -22.02 3.38
N ASP Q 204 14.80 -21.06 3.24
CA ASP Q 204 13.37 -21.36 3.33
C ASP Q 204 12.54 -20.63 2.29
N LEU Q 205 13.15 -19.78 1.46
CA LEU Q 205 12.38 -18.97 0.52
C LEU Q 205 11.39 -19.75 -0.33
N PRO Q 206 11.65 -20.99 -0.76
CA PRO Q 206 10.58 -21.75 -1.42
C PRO Q 206 9.33 -21.86 -0.57
N GLU Q 207 9.48 -22.37 0.65
CA GLU Q 207 8.34 -22.50 1.55
C GLU Q 207 7.80 -21.15 1.96
N ALA Q 208 8.68 -20.17 2.19
CA ALA Q 208 8.22 -18.84 2.55
C ALA Q 208 7.34 -18.24 1.46
N GLU Q 209 7.71 -18.46 0.21
CA GLU Q 209 6.94 -17.93 -0.92
C GLU Q 209 5.63 -18.69 -1.08
N ALA Q 210 5.67 -20.02 -0.89
CA ALA Q 210 4.42 -20.77 -0.88
C ALA Q 210 3.47 -20.28 0.20
N GLU Q 211 4.02 -19.80 1.32
CA GLU Q 211 3.21 -19.18 2.35
C GLU Q 211 2.92 -17.72 2.07
N SER Q 212 3.57 -17.13 1.06
CA SER Q 212 3.27 -15.76 0.65
C SER Q 212 2.52 -15.68 -0.67
N VAL Q 213 2.62 -16.70 -1.53
CA VAL Q 213 1.91 -16.76 -2.79
C VAL Q 213 2.24 -15.55 -3.68
N TYR Q 220 -3.30 -30.23 0.16
CA TYR Q 220 -3.94 -29.25 1.01
C TYR Q 220 -4.80 -29.94 2.06
N SER Q 221 -4.94 -31.25 1.91
CA SER Q 221 -5.68 -32.03 2.89
C SER Q 221 -5.01 -31.92 4.25
N SER Q 222 -5.83 -31.90 5.31
CA SER Q 222 -5.28 -31.83 6.66
C SER Q 222 -4.31 -32.97 6.91
N MET Q 223 -4.77 -34.22 6.69
CA MET Q 223 -3.89 -35.36 6.91
C MET Q 223 -2.75 -35.39 5.90
N GLY Q 224 -2.98 -34.88 4.68
CA GLY Q 224 -1.89 -34.82 3.73
C GLY Q 224 -0.77 -33.89 4.17
N SER Q 225 -1.14 -32.69 4.63
CA SER Q 225 -0.15 -31.76 5.15
C SER Q 225 0.53 -32.33 6.39
N ALA Q 226 -0.24 -33.03 7.24
CA ALA Q 226 0.37 -33.66 8.40
C ALA Q 226 1.41 -34.69 7.99
N LEU Q 227 1.07 -35.52 7.00
CA LEU Q 227 2.02 -36.51 6.50
C LEU Q 227 3.26 -35.84 5.90
N PHE Q 228 3.06 -34.71 5.22
CA PHE Q 228 4.19 -34.04 4.57
C PHE Q 228 5.14 -33.45 5.61
N PHE Q 229 4.59 -32.73 6.59
CA PHE Q 229 5.44 -32.19 7.66
C PHE Q 229 6.10 -33.31 8.44
N LEU Q 230 5.39 -34.42 8.62
CA LEU Q 230 5.98 -35.56 9.29
C LEU Q 230 7.17 -36.10 8.52
N GLY Q 231 7.03 -36.20 7.20
CA GLY Q 231 8.15 -36.63 6.38
C GLY Q 231 9.33 -35.70 6.46
N GLU Q 232 9.06 -34.39 6.42
CA GLU Q 232 10.16 -33.42 6.50
C GLU Q 232 10.92 -33.56 7.81
N TYR Q 233 10.21 -33.58 8.94
CA TYR Q 233 10.91 -33.67 10.22
C TYR Q 233 11.56 -35.03 10.43
N ALA Q 234 10.98 -36.10 9.90
CA ALA Q 234 11.63 -37.39 9.99
C ALA Q 234 12.93 -37.40 9.20
N ASN Q 235 12.92 -36.83 8.00
CA ASN Q 235 14.15 -36.69 7.23
C ASN Q 235 15.16 -35.83 7.98
N MET Q 236 14.68 -34.85 8.73
CA MET Q 236 15.56 -34.04 9.56
C MET Q 236 16.29 -34.89 10.59
N ILE Q 237 15.53 -35.69 11.33
CA ILE Q 237 16.14 -36.56 12.33
C ILE Q 237 17.11 -37.53 11.68
N LEU Q 238 16.76 -38.03 10.48
CA LEU Q 238 17.65 -38.95 9.78
C LEU Q 238 18.98 -38.28 9.44
N MET Q 239 18.92 -37.07 8.89
CA MET Q 239 20.14 -36.37 8.52
C MET Q 239 21.00 -36.13 9.76
N SER Q 240 20.38 -35.68 10.85
CA SER Q 240 21.10 -35.55 12.10
C SER Q 240 21.75 -36.86 12.50
N GLY Q 241 21.01 -37.96 12.35
CA GLY Q 241 21.52 -39.25 12.79
C GLY Q 241 22.73 -39.69 12.00
N LEU Q 242 22.68 -39.54 10.67
CA LEU Q 242 23.84 -40.01 9.91
C LEU Q 242 25.01 -39.06 10.07
N CYS Q 243 24.73 -37.77 10.31
CA CYS Q 243 25.82 -36.84 10.60
C CYS Q 243 26.55 -37.23 11.85
N THR Q 244 25.82 -37.61 12.90
CA THR Q 244 26.50 -38.06 14.10
C THR Q 244 26.97 -39.50 14.02
N SER Q 245 26.53 -40.25 13.02
CA SER Q 245 27.00 -41.62 12.84
C SER Q 245 28.23 -41.71 11.96
N LEU Q 246 28.57 -40.66 11.22
CA LEU Q 246 29.79 -40.70 10.42
C LEU Q 246 30.66 -39.46 10.58
N SER Q 247 30.40 -38.60 11.56
CA SER Q 247 31.32 -37.52 11.86
C SER Q 247 31.49 -37.19 13.34
N LEU Q 248 30.88 -37.96 14.25
CA LEU Q 248 31.08 -37.69 15.68
C LEU Q 248 31.23 -38.93 16.55
N GLY Q 249 31.27 -40.13 16.01
CA GLY Q 249 31.61 -41.26 16.84
C GLY Q 249 30.61 -42.38 16.86
N GLY Q 250 29.31 -42.09 16.98
CA GLY Q 250 28.39 -43.20 16.86
C GLY Q 250 28.49 -44.21 17.99
N TRP Q 251 27.94 -43.89 19.16
CA TRP Q 251 27.91 -44.78 20.33
C TRP Q 251 29.32 -45.13 20.80
N LEU Q 252 30.12 -44.11 21.05
CA LEU Q 252 31.45 -44.32 21.58
C LEU Q 252 31.74 -43.29 22.67
N PRO Q 253 32.11 -43.73 23.86
CA PRO Q 253 32.39 -42.78 24.94
C PRO Q 253 33.62 -41.95 24.63
N ILE Q 254 33.67 -40.78 25.23
CA ILE Q 254 34.78 -39.85 25.04
C ILE Q 254 35.85 -40.14 26.07
N LEU Q 255 37.11 -39.93 25.66
CA LEU Q 255 38.28 -40.01 26.54
C LEU Q 255 38.58 -41.43 27.01
N ASP Q 256 37.71 -42.38 26.70
CA ASP Q 256 37.96 -43.81 26.89
C ASP Q 256 38.47 -44.11 28.30
N LEU Q 257 37.61 -43.86 29.29
CA LEU Q 257 37.94 -44.15 30.67
C LEU Q 257 36.90 -45.11 31.22
N PRO Q 258 37.31 -46.18 31.90
CA PRO Q 258 36.34 -47.20 32.31
C PRO Q 258 35.43 -46.77 33.45
N ILE Q 259 34.86 -45.56 33.34
CA ILE Q 259 33.68 -45.20 34.09
C ILE Q 259 32.61 -44.81 33.08
N PHE Q 260 33.05 -44.32 31.93
CA PHE Q 260 32.12 -44.06 30.84
C PHE Q 260 31.54 -45.36 30.30
N LYS Q 261 32.31 -46.45 30.37
CA LYS Q 261 31.87 -47.72 29.81
C LYS Q 261 30.71 -48.34 30.56
N ARG Q 262 30.18 -47.68 31.59
CA ARG Q 262 28.95 -48.16 32.21
C ARG Q 262 27.73 -47.64 31.47
N ILE Q 263 27.86 -46.51 30.79
CA ILE Q 263 26.77 -45.98 29.97
C ILE Q 263 26.49 -46.93 28.81
N PRO Q 264 25.23 -47.22 28.50
CA PRO Q 264 24.92 -48.34 27.59
C PRO Q 264 25.41 -48.16 26.16
N GLY Q 265 26.15 -47.10 25.84
CA GLY Q 265 26.53 -46.94 24.44
C GLY Q 265 25.44 -46.39 23.58
N SER Q 266 24.27 -47.05 23.57
CA SER Q 266 23.12 -46.49 22.87
C SER Q 266 22.79 -45.10 23.38
N ILE Q 267 23.01 -44.83 24.66
CA ILE Q 267 22.76 -43.51 25.22
C ILE Q 267 23.63 -42.47 24.53
N TRP Q 268 24.88 -42.83 24.23
CA TRP Q 268 25.78 -41.87 23.60
C TRP Q 268 25.24 -41.41 22.25
N PHE Q 269 24.74 -42.35 21.46
CA PHE Q 269 24.19 -41.99 20.15
C PHE Q 269 23.00 -41.06 20.31
N SER Q 270 22.13 -41.33 21.28
CA SER Q 270 20.98 -40.46 21.50
C SER Q 270 21.42 -39.08 21.95
N ILE Q 271 22.45 -39.00 22.79
CA ILE Q 271 22.93 -37.71 23.24
C ILE Q 271 23.50 -36.91 22.07
N LYS Q 272 24.26 -37.55 21.20
CA LYS Q 272 24.81 -36.82 20.08
C LYS Q 272 23.71 -36.34 19.12
N VAL Q 273 22.73 -37.21 18.84
CA VAL Q 273 21.69 -36.79 17.89
C VAL Q 273 20.79 -35.74 18.51
N ILE Q 274 20.56 -35.79 19.82
CA ILE Q 274 19.77 -34.73 20.43
C ILE Q 274 20.55 -33.42 20.42
N LEU Q 275 21.87 -33.48 20.58
CA LEU Q 275 22.65 -32.26 20.50
C LEU Q 275 22.54 -31.65 19.11
N PHE Q 276 22.65 -32.48 18.07
CA PHE Q 276 22.54 -31.94 16.72
C PHE Q 276 21.13 -31.41 16.43
N LEU Q 277 20.09 -32.05 16.96
CA LEU Q 277 18.75 -31.50 16.80
C LEU Q 277 18.66 -30.13 17.46
N PHE Q 278 19.20 -30.01 18.68
CA PHE Q 278 19.21 -28.72 19.34
C PHE Q 278 19.97 -27.69 18.53
N LEU Q 279 21.04 -28.10 17.85
CA LEU Q 279 21.77 -27.16 17.01
C LEU Q 279 20.94 -26.73 15.81
N TYR Q 280 20.24 -27.67 15.18
CA TYR Q 280 19.29 -27.30 14.14
C TYR Q 280 18.34 -26.20 14.60
N ILE Q 281 17.66 -26.47 15.71
CA ILE Q 281 16.64 -25.53 16.16
C ILE Q 281 17.28 -24.20 16.56
N TRP Q 282 18.49 -24.26 17.11
CA TRP Q 282 19.17 -23.06 17.55
C TRP Q 282 19.57 -22.19 16.36
N VAL Q 283 20.21 -22.78 15.36
CA VAL Q 283 20.61 -22.02 14.18
C VAL Q 283 19.39 -21.58 13.38
N ARG Q 284 18.23 -22.19 13.61
CA ARG Q 284 17.03 -21.68 12.97
C ARG Q 284 16.66 -20.30 13.53
N ALA Q 285 16.64 -20.16 14.85
CA ALA Q 285 16.21 -18.92 15.46
C ALA Q 285 17.37 -17.99 15.77
N ALA Q 286 18.25 -17.78 14.80
CA ALA Q 286 19.25 -16.73 14.95
C ALA Q 286 19.58 -15.97 13.68
N PHE Q 287 19.05 -16.36 12.52
CA PHE Q 287 19.54 -15.85 11.25
C PHE Q 287 18.39 -15.57 10.29
N PRO Q 288 18.49 -14.49 9.52
CA PRO Q 288 17.52 -14.26 8.45
C PRO Q 288 17.72 -15.25 7.31
N ARG Q 289 16.77 -15.26 6.39
CA ARG Q 289 16.78 -16.23 5.31
C ARG Q 289 17.47 -15.68 4.08
N TYR Q 290 18.14 -16.56 3.36
CA TYR Q 290 18.68 -16.20 2.06
C TYR Q 290 17.53 -16.00 1.07
N ARG Q 291 17.87 -15.45 -0.08
CA ARG Q 291 16.94 -15.44 -1.20
C ARG Q 291 17.04 -16.77 -1.92
N TYR Q 292 16.48 -16.86 -3.12
CA TYR Q 292 16.69 -18.05 -3.93
C TYR Q 292 17.94 -17.92 -4.78
N ASP Q 293 18.14 -16.75 -5.40
CA ASP Q 293 19.33 -16.52 -6.20
C ASP Q 293 20.59 -16.83 -5.41
N GLN Q 294 20.76 -16.14 -4.28
CA GLN Q 294 21.96 -16.34 -3.48
C GLN Q 294 22.04 -17.77 -2.96
N LEU Q 295 20.91 -18.39 -2.67
CA LEU Q 295 20.91 -19.77 -2.23
C LEU Q 295 21.57 -20.67 -3.26
N MET Q 296 21.02 -20.71 -4.48
CA MET Q 296 21.60 -21.58 -5.50
C MET Q 296 23.02 -21.16 -5.86
N GLY Q 297 23.30 -19.85 -5.80
CA GLY Q 297 24.66 -19.41 -6.07
C GLY Q 297 25.65 -19.98 -5.08
N LEU Q 298 25.32 -19.95 -3.79
CA LEU Q 298 26.18 -20.56 -2.79
C LEU Q 298 26.28 -22.06 -2.99
N GLY Q 299 25.18 -22.68 -3.39
CA GLY Q 299 25.22 -24.11 -3.63
C GLY Q 299 26.20 -24.48 -4.73
N TRP Q 300 26.22 -23.72 -5.80
CA TRP Q 300 27.02 -24.05 -6.98
C TRP Q 300 28.34 -23.32 -7.03
N LYS Q 301 28.68 -22.52 -6.03
CA LYS Q 301 29.91 -21.74 -6.11
C LYS Q 301 30.78 -21.90 -4.88
N VAL Q 302 30.19 -22.17 -3.72
CA VAL Q 302 30.87 -22.10 -2.45
C VAL Q 302 31.06 -23.47 -1.82
N PHE Q 303 30.09 -24.37 -1.98
CA PHE Q 303 30.17 -25.67 -1.34
C PHE Q 303 30.70 -26.76 -2.26
N LEU Q 304 30.34 -26.72 -3.54
CA LEU Q 304 30.94 -27.67 -4.47
C LEU Q 304 32.46 -27.52 -4.56
N PRO Q 305 33.03 -26.34 -4.82
CA PRO Q 305 34.49 -26.26 -4.89
C PRO Q 305 35.17 -26.58 -3.58
N LEU Q 306 34.62 -26.12 -2.46
CA LEU Q 306 35.22 -26.42 -1.17
C LEU Q 306 35.22 -27.92 -0.90
N SER Q 307 34.09 -28.57 -1.15
CA SER Q 307 34.02 -30.01 -0.91
C SER Q 307 34.99 -30.77 -1.80
N LEU Q 308 35.07 -30.38 -3.07
CA LEU Q 308 35.99 -31.04 -3.98
C LEU Q 308 37.43 -30.86 -3.54
N ALA Q 309 37.79 -29.63 -3.18
CA ALA Q 309 39.13 -29.37 -2.68
C ALA Q 309 39.41 -30.19 -1.43
N TRP Q 310 38.40 -30.39 -0.59
CA TRP Q 310 38.64 -31.15 0.62
C TRP Q 310 38.85 -32.62 0.31
N VAL Q 311 38.11 -33.17 -0.64
CA VAL Q 311 38.36 -34.53 -1.08
C VAL Q 311 39.81 -34.67 -1.54
N VAL Q 312 40.24 -33.75 -2.41
CA VAL Q 312 41.61 -33.81 -2.91
C VAL Q 312 42.61 -33.74 -1.76
N ALA Q 313 42.39 -32.82 -0.83
CA ALA Q 313 43.36 -32.59 0.24
C ALA Q 313 43.47 -33.79 1.17
N VAL Q 314 42.33 -34.36 1.57
CA VAL Q 314 42.40 -35.49 2.49
C VAL Q 314 43.00 -36.70 1.79
N SER Q 315 42.65 -36.93 0.52
CA SER Q 315 43.27 -38.03 -0.21
C SER Q 315 44.78 -37.85 -0.26
N GLY Q 316 45.22 -36.63 -0.56
CA GLY Q 316 46.63 -36.34 -0.59
C GLY Q 316 47.32 -36.64 0.72
N VAL Q 317 46.82 -36.04 1.81
CA VAL Q 317 47.50 -36.20 3.08
C VAL Q 317 47.50 -37.66 3.52
N SER Q 318 46.49 -38.42 3.14
CA SER Q 318 46.42 -39.80 3.60
C SER Q 318 47.01 -40.79 2.61
N VAL Q 319 47.56 -40.32 1.48
CA VAL Q 319 48.23 -41.23 0.56
C VAL Q 319 49.75 -41.11 0.60
N THR Q 320 50.29 -40.04 1.20
CA THR Q 320 51.75 -39.90 1.26
C THR Q 320 52.34 -40.69 2.40
N PHE Q 321 51.68 -40.74 3.49
CA PHE Q 321 52.17 -41.51 4.63
C PHE Q 321 51.44 -42.84 4.70
N PRO Q 322 52.04 -43.86 5.28
CA PRO Q 322 51.34 -45.14 5.40
C PRO Q 322 50.24 -45.11 6.44
N TRP Q 323 49.28 -44.19 6.28
CA TRP Q 323 48.18 -44.03 7.22
C TRP Q 323 46.86 -44.51 6.65
N LEU Q 324 46.86 -45.15 5.49
CA LEU Q 324 45.62 -45.40 4.77
C LEU Q 324 45.32 -46.88 4.75
N PRO Q 325 44.23 -47.34 5.39
CA PRO Q 325 43.87 -48.74 5.43
C PRO Q 325 43.11 -49.18 4.19
N MET R 1 57.13 -36.52 -20.56
CA MET R 1 56.83 -37.06 -19.24
C MET R 1 57.48 -38.44 -19.09
N PHE R 2 56.86 -39.29 -18.27
CA PHE R 2 57.31 -40.66 -18.10
C PHE R 2 57.42 -41.33 -19.46
N ASN R 3 58.51 -42.05 -19.67
CA ASN R 3 58.89 -42.48 -21.01
C ASN R 3 57.88 -43.44 -21.66
N LEU R 4 56.82 -43.80 -20.94
CA LEU R 4 55.78 -44.62 -21.55
C LEU R 4 54.83 -43.78 -22.38
N PHE R 5 54.42 -42.64 -21.84
CA PHE R 5 53.43 -41.81 -22.54
C PHE R 5 53.99 -41.27 -23.84
N LEU R 6 55.25 -41.58 -24.13
CA LEU R 6 55.80 -41.31 -25.45
C LEU R 6 55.00 -42.00 -26.54
N ALA R 7 54.14 -42.94 -26.20
CA ALA R 7 53.31 -43.59 -27.20
C ALA R 7 52.01 -42.86 -27.47
N VAL R 8 51.69 -41.83 -26.70
CA VAL R 8 50.43 -41.11 -26.90
C VAL R 8 50.65 -39.60 -26.97
N TYR R 9 51.86 -39.19 -27.36
CA TYR R 9 52.14 -37.75 -27.38
C TYR R 9 51.21 -36.95 -28.26
N PRO R 10 50.85 -37.37 -29.48
CA PRO R 10 49.90 -36.57 -30.24
C PRO R 10 48.57 -36.37 -29.54
N GLU R 11 48.04 -37.42 -28.92
CA GLU R 11 46.76 -37.29 -28.23
C GLU R 11 46.87 -36.38 -27.01
N ILE R 12 47.94 -36.54 -26.23
CA ILE R 12 48.13 -35.66 -25.08
C ILE R 12 48.20 -34.21 -25.53
N PHE R 13 48.97 -33.94 -26.58
CA PHE R 13 49.10 -32.56 -27.00
C PHE R 13 47.80 -32.01 -27.54
N ILE R 14 47.06 -32.80 -28.33
CA ILE R 14 45.85 -32.25 -28.91
C ILE R 14 44.80 -32.03 -27.82
N ILE R 15 44.79 -32.87 -26.78
CA ILE R 15 43.84 -32.63 -25.70
C ILE R 15 44.21 -31.39 -24.92
N ASN R 16 45.50 -31.20 -24.63
CA ASN R 16 45.90 -30.02 -23.89
C ASN R 16 45.63 -28.75 -24.69
N ALA R 17 45.85 -28.80 -26.01
CA ALA R 17 45.54 -27.65 -26.83
C ALA R 17 44.05 -27.37 -26.83
N THR R 18 43.23 -28.43 -26.90
CA THR R 18 41.79 -28.23 -26.82
C THR R 18 41.39 -27.54 -25.53
N PHE R 19 41.97 -27.97 -24.41
CA PHE R 19 41.59 -27.36 -23.13
C PHE R 19 42.03 -25.90 -23.05
N ILE R 20 43.28 -25.62 -23.44
CA ILE R 20 43.76 -24.24 -23.32
C ILE R 20 42.95 -23.33 -24.24
N LEU R 21 42.58 -23.83 -25.42
CA LEU R 21 41.77 -23.02 -26.32
C LEU R 21 40.38 -22.81 -25.74
N LEU R 22 39.79 -23.84 -25.12
CA LEU R 22 38.48 -23.68 -24.51
C LEU R 22 38.52 -22.59 -23.45
N ILE R 23 39.50 -22.64 -22.55
CA ILE R 23 39.57 -21.66 -21.46
C ILE R 23 39.80 -20.26 -22.02
N HIS R 24 40.78 -20.12 -22.93
CA HIS R 24 41.04 -18.84 -23.56
C HIS R 24 39.77 -18.27 -24.17
N GLY R 25 39.11 -19.08 -25.00
CA GLY R 25 37.91 -18.61 -25.67
C GLY R 25 36.86 -18.14 -24.69
N VAL R 26 36.61 -18.91 -23.64
CA VAL R 26 35.49 -18.55 -22.76
C VAL R 26 35.80 -17.29 -21.98
N VAL R 27 37.02 -17.16 -21.45
CA VAL R 27 37.30 -15.98 -20.63
C VAL R 27 37.34 -14.72 -21.49
N PHE R 28 38.08 -14.76 -22.59
CA PHE R 28 38.17 -13.55 -23.39
C PHE R 28 36.98 -13.37 -24.32
N SER R 29 36.01 -14.28 -24.30
CA SER R 29 34.72 -14.00 -24.90
C SER R 29 33.76 -13.40 -23.91
N THR R 30 33.86 -13.77 -22.63
CA THR R 30 33.19 -13.03 -21.58
C THR R 30 34.28 -12.39 -20.74
N SER R 31 34.84 -11.30 -21.26
CA SER R 31 35.57 -10.32 -20.47
C SER R 31 35.13 -8.93 -20.93
N LYS R 32 34.63 -8.13 -20.00
CA LYS R 32 34.08 -6.83 -20.33
C LYS R 32 35.15 -5.79 -20.65
N LYS R 33 36.41 -6.06 -20.33
CA LYS R 33 37.47 -5.10 -20.61
C LYS R 33 37.51 -4.76 -22.09
N TYR R 34 37.71 -5.77 -22.93
CA TYR R 34 37.51 -5.61 -24.35
C TYR R 34 36.01 -5.51 -24.63
N ASP R 35 35.64 -5.28 -25.89
CA ASP R 35 34.27 -4.88 -26.17
C ASP R 35 33.28 -5.95 -25.74
N TYR R 36 33.21 -7.05 -26.49
CA TYR R 36 32.71 -8.37 -26.15
C TYR R 36 33.12 -9.30 -27.27
N PRO R 37 34.41 -9.48 -27.50
CA PRO R 37 34.87 -10.10 -28.73
C PRO R 37 34.38 -11.53 -28.85
N PRO R 38 33.80 -11.90 -29.98
CA PRO R 38 33.55 -13.32 -30.27
C PRO R 38 34.78 -13.91 -30.92
N LEU R 39 35.39 -14.90 -30.27
CA LEU R 39 36.74 -15.32 -30.63
C LEU R 39 36.77 -16.46 -31.63
N VAL R 40 35.77 -16.58 -32.50
CA VAL R 40 35.74 -17.71 -33.42
C VAL R 40 36.99 -17.74 -34.28
N SER R 41 37.38 -16.59 -34.85
CA SER R 41 38.50 -16.58 -35.79
C SER R 41 39.82 -16.85 -35.09
N ASN R 42 40.06 -16.19 -33.96
CA ASN R 42 41.31 -16.37 -33.25
C ASN R 42 41.45 -17.79 -32.71
N VAL R 43 40.39 -18.29 -32.08
CA VAL R 43 40.43 -19.67 -31.60
C VAL R 43 40.63 -20.62 -32.76
N GLY R 44 40.06 -20.31 -33.92
CA GLY R 44 40.22 -21.18 -35.06
C GLY R 44 41.65 -21.22 -35.57
N TRP R 45 42.30 -20.07 -35.65
CA TRP R 45 43.68 -20.06 -36.13
C TRP R 45 44.61 -20.75 -35.13
N LEU R 46 44.38 -20.54 -33.84
CA LEU R 46 45.16 -21.28 -32.85
C LEU R 46 44.89 -22.77 -32.96
N GLY R 47 43.65 -23.15 -33.28
CA GLY R 47 43.35 -24.56 -33.45
C GLY R 47 44.05 -25.16 -34.65
N LEU R 48 44.10 -24.42 -35.75
CA LEU R 48 44.82 -24.89 -36.93
C LEU R 48 46.30 -25.06 -36.62
N LEU R 49 46.87 -24.10 -35.88
CA LEU R 49 48.26 -24.23 -35.46
C LEU R 49 48.47 -25.49 -34.61
N SER R 50 47.57 -25.73 -33.66
CA SER R 50 47.70 -26.91 -32.82
C SER R 50 47.59 -28.19 -33.63
N VAL R 51 46.69 -28.20 -34.62
CA VAL R 51 46.55 -29.40 -35.44
C VAL R 51 47.80 -29.65 -36.25
N LEU R 52 48.38 -28.60 -36.84
CA LEU R 52 49.64 -28.79 -37.56
C LEU R 52 50.73 -29.30 -36.63
N ILE R 53 50.78 -28.81 -35.39
CA ILE R 53 51.78 -29.29 -34.46
C ILE R 53 51.56 -30.77 -34.17
N THR R 54 50.30 -31.18 -33.97
CA THR R 54 50.01 -32.59 -33.77
C THR R 54 50.50 -33.42 -34.94
N LEU R 55 50.20 -32.96 -36.15
CA LEU R 55 50.68 -33.64 -37.35
C LEU R 55 52.19 -33.81 -37.30
N LEU R 56 52.90 -32.74 -36.95
CA LEU R 56 54.35 -32.81 -36.90
C LEU R 56 54.81 -33.84 -35.90
N LEU R 57 54.27 -33.79 -34.68
CA LEU R 57 54.68 -34.73 -33.63
C LEU R 57 54.46 -36.17 -34.08
N LEU R 58 53.23 -36.49 -34.47
CA LEU R 58 52.89 -37.85 -34.87
C LEU R 58 53.78 -38.33 -36.01
N ALA R 59 53.86 -37.55 -37.08
CA ALA R 59 54.62 -37.96 -38.25
C ALA R 59 56.07 -38.17 -37.91
N ALA R 60 56.73 -37.15 -37.38
CA ALA R 60 58.15 -37.29 -37.10
C ALA R 60 58.44 -38.24 -35.95
N GLY R 61 57.44 -38.77 -35.26
CA GLY R 61 57.76 -39.62 -34.15
C GLY R 61 57.30 -41.07 -34.18
N ALA R 62 56.54 -41.45 -35.21
CA ALA R 62 56.03 -42.83 -35.31
C ALA R 62 56.97 -43.93 -34.80
N PRO R 63 58.23 -44.03 -35.25
CA PRO R 63 59.05 -45.18 -34.84
C PRO R 63 59.27 -45.26 -33.35
N LEU R 64 59.08 -44.17 -32.61
CA LEU R 64 58.98 -44.25 -31.16
C LEU R 64 57.56 -44.06 -30.69
N LEU R 65 56.64 -43.68 -31.56
CA LEU R 65 55.23 -43.76 -31.21
C LEU R 65 54.77 -45.18 -30.98
N THR R 66 55.54 -46.18 -31.42
CA THR R 66 55.21 -47.57 -31.14
C THR R 66 55.93 -48.12 -29.90
N ILE R 67 56.07 -47.31 -28.83
CA ILE R 67 57.02 -47.61 -27.77
C ILE R 67 56.44 -48.37 -26.57
N ALA R 68 55.13 -48.48 -26.46
CA ALA R 68 54.55 -48.98 -25.21
C ALA R 68 53.81 -50.28 -25.48
N HIS R 69 54.49 -51.21 -26.15
CA HIS R 69 53.88 -52.32 -26.86
C HIS R 69 52.71 -52.95 -26.12
N LEU R 70 52.96 -53.55 -24.96
CA LEU R 70 51.93 -54.31 -24.27
C LEU R 70 51.10 -53.45 -23.31
N PHE R 71 51.77 -52.64 -22.50
CA PHE R 71 51.09 -51.75 -21.57
C PHE R 71 50.04 -50.92 -22.27
N ARG R 72 50.27 -50.59 -23.54
CA ARG R 72 49.24 -49.97 -24.33
C ARG R 72 48.39 -50.99 -25.07
N ASN R 73 48.93 -52.17 -25.36
CA ASN R 73 48.13 -53.19 -26.02
C ASN R 73 46.88 -53.53 -25.22
N ASN R 74 46.86 -53.21 -23.93
CA ASN R 74 45.62 -53.32 -23.19
C ASN R 74 44.45 -52.65 -23.91
N LEU R 75 44.70 -51.53 -24.60
CA LEU R 75 43.64 -50.87 -25.35
C LEU R 75 43.92 -50.79 -26.85
N PHE R 76 45.06 -50.26 -27.26
CA PHE R 76 45.29 -50.01 -28.69
C PHE R 76 46.65 -50.49 -29.12
N ARG R 77 46.76 -50.80 -30.41
CA ARG R 77 48.02 -51.15 -31.03
C ARG R 77 48.24 -50.22 -32.23
N ARG R 78 49.44 -49.69 -32.35
CA ARG R 78 49.79 -48.75 -33.42
C ARG R 78 50.79 -49.40 -34.35
N ASP R 79 50.42 -49.54 -35.61
CA ASP R 79 51.28 -50.06 -36.67
C ASP R 79 51.32 -49.03 -37.80
N ASN R 80 52.00 -49.39 -38.89
CA ASN R 80 52.12 -48.49 -40.02
C ASN R 80 50.75 -48.08 -40.53
N PHE R 81 49.80 -49.00 -40.51
CA PHE R 81 48.44 -48.69 -40.93
C PHE R 81 47.89 -47.49 -40.16
N THR R 82 47.94 -47.56 -38.83
CA THR R 82 47.41 -46.48 -38.02
C THR R 82 48.21 -45.19 -38.24
N TYR R 83 49.51 -45.32 -38.43
CA TYR R 83 50.34 -44.16 -38.73
C TYR R 83 49.79 -43.38 -39.92
N PHE R 84 49.67 -44.05 -41.06
CA PHE R 84 49.27 -43.33 -42.26
C PHE R 84 47.81 -42.89 -42.19
N CYS R 85 46.94 -43.70 -41.60
CA CYS R 85 45.55 -43.27 -41.49
C CYS R 85 45.43 -42.02 -40.63
N GLN R 86 46.15 -41.97 -39.51
CA GLN R 86 46.08 -40.79 -38.66
C GLN R 86 46.66 -39.57 -39.36
N ILE R 87 47.73 -39.75 -40.13
CA ILE R 87 48.26 -38.61 -40.87
C ILE R 87 47.20 -38.06 -41.82
N LEU R 88 46.55 -38.95 -42.56
CA LEU R 88 45.53 -38.48 -43.49
C LEU R 88 44.40 -37.78 -42.77
N LEU R 89 44.05 -38.28 -41.58
CA LEU R 89 42.97 -37.64 -40.83
C LEU R 89 43.35 -36.24 -40.38
N LEU R 90 44.57 -36.07 -39.85
CA LEU R 90 44.99 -34.74 -39.42
C LEU R 90 45.08 -33.78 -40.59
N LEU R 91 45.54 -34.27 -41.74
CA LEU R 91 45.54 -33.44 -42.95
C LEU R 91 44.13 -32.99 -43.29
N SER R 92 43.18 -33.92 -43.27
CA SER R 92 41.81 -33.57 -43.61
C SER R 92 41.23 -32.55 -42.64
N THR R 93 41.55 -32.67 -41.36
CA THR R 93 41.00 -31.73 -40.38
C THR R 93 41.61 -30.35 -40.54
N ALA R 94 42.93 -30.28 -40.73
CA ALA R 94 43.54 -28.99 -41.05
C ALA R 94 42.89 -28.37 -42.27
N GLY R 95 42.68 -29.18 -43.32
CA GLY R 95 42.08 -28.67 -44.53
C GLY R 95 40.68 -28.11 -44.29
N THR R 96 39.86 -28.86 -43.57
CA THR R 96 38.48 -28.39 -43.40
C THR R 96 38.40 -27.17 -42.50
N ILE R 97 39.26 -27.07 -41.49
CA ILE R 97 39.26 -25.84 -40.68
C ILE R 97 39.63 -24.64 -41.56
N SER R 98 40.73 -24.77 -42.30
CA SER R 98 41.17 -23.68 -43.15
C SER R 98 40.09 -23.31 -44.16
N MET R 99 39.39 -24.30 -44.70
CA MET R 99 38.34 -24.03 -45.66
C MET R 99 37.16 -23.33 -45.00
N CYS R 100 36.86 -23.65 -43.76
CA CYS R 100 35.68 -23.14 -43.10
C CYS R 100 35.92 -21.86 -42.32
N PHE R 101 37.13 -21.30 -42.34
CA PHE R 101 37.36 -20.03 -41.65
C PHE R 101 36.43 -18.94 -42.17
N ASP R 102 36.36 -18.77 -43.49
CA ASP R 102 35.59 -17.66 -44.03
C ASP R 102 34.10 -17.85 -43.87
N PHE R 103 33.62 -19.09 -43.70
CA PHE R 103 32.19 -19.27 -43.52
C PHE R 103 31.73 -18.71 -42.19
N PHE R 104 32.54 -18.84 -41.15
CA PHE R 104 32.15 -18.36 -39.83
C PHE R 104 31.79 -16.88 -39.87
N GLU R 105 32.70 -16.05 -40.37
CA GLU R 105 32.46 -14.62 -40.38
C GLU R 105 31.32 -14.26 -41.32
N GLN R 106 31.28 -14.86 -42.51
CA GLN R 106 30.23 -14.54 -43.48
C GLN R 106 28.85 -14.84 -42.91
N GLU R 107 28.61 -16.11 -42.57
CA GLU R 107 27.32 -16.50 -42.00
C GLU R 107 27.07 -15.81 -40.66
N ARG R 108 28.12 -15.31 -40.01
CA ARG R 108 27.99 -14.49 -38.82
C ARG R 108 27.25 -15.23 -37.71
N PHE R 109 27.89 -16.30 -37.23
CA PHE R 109 27.42 -16.97 -36.02
C PHE R 109 28.61 -17.13 -35.07
N ASP R 110 28.43 -16.71 -33.83
CA ASP R 110 29.52 -16.49 -32.89
C ASP R 110 29.47 -17.55 -31.80
N ALA R 111 30.28 -18.60 -31.97
CA ALA R 111 30.44 -19.57 -30.89
C ALA R 111 31.79 -20.28 -31.12
N PHE R 112 32.80 -19.85 -30.37
CA PHE R 112 34.11 -20.49 -30.50
C PHE R 112 34.06 -21.94 -30.06
N GLU R 113 33.02 -22.34 -29.33
CA GLU R 113 32.84 -23.77 -29.04
C GLU R 113 32.81 -24.60 -30.30
N PHE R 114 32.47 -24.00 -31.44
CA PHE R 114 32.47 -24.75 -32.69
C PHE R 114 33.86 -25.27 -33.03
N ILE R 115 34.90 -24.54 -32.64
CA ILE R 115 36.26 -24.93 -33.00
C ILE R 115 37.02 -25.53 -31.83
N VAL R 116 36.37 -25.71 -30.68
CA VAL R 116 36.94 -26.55 -29.63
C VAL R 116 36.40 -27.97 -29.71
N LEU R 117 35.35 -28.20 -30.51
CA LEU R 117 34.85 -29.55 -30.75
C LEU R 117 35.57 -30.21 -31.91
N ILE R 118 35.80 -29.47 -33.00
CA ILE R 118 36.52 -30.03 -34.15
C ILE R 118 37.81 -30.69 -33.70
N LEU R 119 38.51 -30.06 -32.76
CA LEU R 119 39.73 -30.67 -32.26
C LEU R 119 39.42 -31.89 -31.38
N LEU R 120 38.37 -31.80 -30.58
CA LEU R 120 38.07 -32.87 -29.65
C LEU R 120 37.62 -34.12 -30.38
N SER R 121 36.72 -33.97 -31.35
CA SER R 121 36.37 -35.11 -32.19
C SER R 121 37.56 -35.60 -32.98
N THR R 122 38.51 -34.71 -33.30
CA THR R 122 39.71 -35.15 -34.00
C THR R 122 40.53 -36.09 -33.13
N CYS R 123 40.72 -35.74 -31.86
CA CYS R 123 41.39 -36.65 -30.95
C CYS R 123 40.61 -37.94 -30.80
N SER R 124 39.29 -37.85 -30.75
CA SER R 124 38.47 -39.04 -30.66
C SER R 124 38.75 -39.97 -31.83
N MET R 125 38.77 -39.43 -33.04
CA MET R 125 39.01 -40.26 -34.20
C MET R 125 40.42 -40.81 -34.23
N LEU R 126 41.39 -40.02 -33.74
CA LEU R 126 42.74 -40.56 -33.62
C LEU R 126 42.78 -41.75 -32.67
N PHE R 127 41.95 -41.73 -31.64
CA PHE R 127 41.79 -42.91 -30.80
C PHE R 127 41.08 -44.04 -31.54
N MET R 128 40.14 -43.69 -32.41
CA MET R 128 39.31 -44.70 -33.07
C MET R 128 40.12 -45.49 -34.09
N ILE R 129 41.03 -44.83 -34.80
CA ILE R 129 41.86 -45.54 -35.78
C ILE R 129 42.72 -46.57 -35.08
N SER R 130 43.59 -46.10 -34.19
CA SER R 130 44.39 -46.99 -33.35
C SER R 130 43.53 -47.41 -32.18
N ALA R 131 42.66 -48.38 -32.43
CA ALA R 131 41.78 -48.93 -31.42
C ALA R 131 41.77 -50.44 -31.59
N TYR R 132 42.05 -51.15 -30.51
CA TYR R 132 42.31 -52.58 -30.61
C TYR R 132 41.49 -53.33 -29.58
N ASP R 133 40.23 -52.93 -29.44
CA ASP R 133 39.28 -53.55 -28.53
C ASP R 133 37.90 -53.07 -28.91
N SER R 134 36.91 -53.96 -28.81
CA SER R 134 35.57 -53.62 -29.25
C SER R 134 35.03 -52.42 -28.46
N ILE R 135 35.23 -52.43 -27.15
CA ILE R 135 34.66 -51.36 -26.34
C ILE R 135 35.45 -50.07 -26.46
N ALA R 136 36.77 -50.13 -26.62
CA ALA R 136 37.49 -48.91 -26.92
C ALA R 136 37.02 -48.31 -28.23
N MET R 137 36.81 -49.16 -29.24
CA MET R 137 36.23 -48.69 -30.49
C MET R 137 34.90 -48.00 -30.25
N TYR R 138 34.03 -48.64 -29.47
CA TYR R 138 32.71 -48.06 -29.26
C TYR R 138 32.79 -46.74 -28.52
N LEU R 139 33.66 -46.65 -27.52
CA LEU R 139 33.78 -45.40 -26.77
C LEU R 139 34.31 -44.28 -27.65
N ALA R 140 35.32 -44.57 -28.46
CA ALA R 140 35.81 -43.54 -29.37
C ALA R 140 34.72 -43.10 -30.34
N ILE R 141 33.95 -44.05 -30.85
CA ILE R 141 32.88 -43.70 -31.77
C ILE R 141 31.84 -42.84 -31.07
N GLU R 142 31.57 -43.11 -29.80
CA GLU R 142 30.58 -42.32 -29.09
C GLU R 142 31.08 -40.91 -28.82
N LEU R 143 32.34 -40.77 -28.45
CA LEU R 143 32.89 -39.43 -28.24
C LEU R 143 32.80 -38.62 -29.52
N GLN R 144 33.21 -39.21 -30.64
CA GLN R 144 33.14 -38.51 -31.91
C GLN R 144 31.70 -38.16 -32.25
N SER R 145 30.78 -39.10 -32.08
CA SER R 145 29.40 -38.86 -32.46
C SER R 145 28.75 -37.81 -31.57
N LEU R 146 29.14 -37.73 -30.30
CA LEU R 146 28.63 -36.67 -29.44
C LEU R 146 29.15 -35.31 -29.87
N CYS R 147 30.43 -35.22 -30.20
CA CYS R 147 30.94 -33.97 -30.74
C CYS R 147 30.15 -33.53 -31.95
N PHE R 148 29.83 -34.48 -32.84
CA PHE R 148 29.06 -34.11 -34.03
C PHE R 148 27.63 -33.72 -33.69
N TYR R 149 27.02 -34.39 -32.70
CA TYR R 149 25.70 -33.99 -32.25
C TYR R 149 25.70 -32.55 -31.81
N VAL R 150 26.70 -32.14 -31.03
CA VAL R 150 26.79 -30.74 -30.62
C VAL R 150 26.96 -29.86 -31.84
N MET R 151 27.79 -30.31 -32.79
CA MET R 151 28.16 -29.46 -33.91
C MET R 151 27.00 -29.22 -34.87
N ALA R 152 26.06 -30.16 -34.94
CA ALA R 152 25.01 -30.08 -35.96
C ALA R 152 24.10 -28.88 -35.75
N ALA R 153 23.44 -28.82 -34.60
CA ALA R 153 22.43 -27.78 -34.35
C ALA R 153 23.09 -26.50 -33.86
N SER R 154 23.74 -25.81 -34.80
CA SER R 154 24.48 -24.61 -34.43
C SER R 154 23.58 -23.39 -34.35
N LYS R 155 22.99 -22.98 -35.47
CA LYS R 155 22.22 -21.74 -35.54
C LYS R 155 20.77 -22.00 -35.15
N ARG R 156 20.34 -21.39 -34.06
CA ARG R 156 19.01 -21.70 -33.52
C ARG R 156 17.92 -20.90 -34.22
N LYS R 157 18.21 -19.65 -34.58
CA LYS R 157 17.20 -18.82 -35.25
C LYS R 157 16.86 -19.34 -36.63
N SER R 158 17.67 -20.24 -37.18
CA SER R 158 17.36 -20.85 -38.46
C SER R 158 16.25 -21.88 -38.29
N GLU R 159 15.91 -22.55 -39.39
CA GLU R 159 14.85 -23.54 -39.40
C GLU R 159 15.38 -24.96 -39.56
N PHE R 160 16.17 -25.21 -40.60
CA PHE R 160 16.63 -26.57 -40.89
C PHE R 160 17.66 -27.06 -39.88
N SER R 161 18.27 -26.17 -39.11
CA SER R 161 19.34 -26.57 -38.21
C SER R 161 18.84 -27.58 -37.18
N THR R 162 17.78 -27.21 -36.44
CA THR R 162 17.33 -28.06 -35.34
C THR R 162 16.79 -29.40 -35.85
N GLU R 163 16.00 -29.38 -36.92
CA GLU R 163 15.45 -30.63 -37.44
C GLU R 163 16.54 -31.54 -37.99
N ALA R 164 17.50 -30.97 -38.72
CA ALA R 164 18.60 -31.78 -39.23
C ALA R 164 19.43 -32.35 -38.08
N GLY R 165 19.71 -31.54 -37.07
CA GLY R 165 20.46 -32.03 -35.94
C GLY R 165 19.75 -33.14 -35.19
N LEU R 166 18.44 -32.99 -35.00
CA LEU R 166 17.68 -34.01 -34.29
C LEU R 166 17.64 -35.30 -35.09
N LYS R 167 17.43 -35.21 -36.40
CA LYS R 167 17.48 -36.39 -37.24
C LYS R 167 18.82 -37.09 -37.09
N TYR R 168 19.90 -36.32 -37.19
CA TYR R 168 21.22 -36.93 -37.10
C TYR R 168 21.46 -37.56 -35.74
N LEU R 169 20.97 -36.92 -34.68
CA LEU R 169 21.17 -37.47 -33.35
C LEU R 169 20.44 -38.80 -33.19
N ILE R 170 19.16 -38.83 -33.57
CA ILE R 170 18.41 -40.08 -33.44
C ILE R 170 19.06 -41.18 -34.27
N LEU R 171 19.44 -40.85 -35.51
CA LEU R 171 20.05 -41.86 -36.37
C LEU R 171 21.34 -42.41 -35.77
N GLY R 172 22.24 -41.52 -35.36
CA GLY R 172 23.50 -41.97 -34.81
C GLY R 172 23.34 -42.76 -33.54
N ALA R 173 22.46 -42.31 -32.63
CA ALA R 173 22.28 -43.02 -31.39
C ALA R 173 21.68 -44.40 -31.63
N PHE R 174 20.77 -44.51 -32.59
CA PHE R 174 20.23 -45.82 -32.94
C PHE R 174 21.33 -46.73 -33.46
N SER R 175 22.15 -46.20 -34.37
CA SER R 175 23.26 -46.99 -34.91
C SER R 175 24.15 -47.50 -33.80
N SER R 176 24.54 -46.61 -32.89
CA SER R 176 25.41 -47.02 -31.80
C SER R 176 24.73 -48.00 -30.86
N GLY R 177 23.41 -47.88 -30.68
CA GLY R 177 22.71 -48.87 -29.88
C GLY R 177 22.79 -50.24 -30.48
N ILE R 178 22.57 -50.33 -31.79
CA ILE R 178 22.69 -51.62 -32.48
C ILE R 178 24.10 -52.17 -32.33
N LEU R 179 25.09 -51.30 -32.51
CA LEU R 179 26.48 -51.74 -32.39
C LEU R 179 26.76 -52.25 -30.98
N LEU R 180 26.20 -51.59 -29.97
CA LEU R 180 26.40 -52.04 -28.60
C LEU R 180 25.82 -53.42 -28.38
N PHE R 181 24.59 -53.64 -28.84
CA PHE R 181 24.00 -54.95 -28.66
C PHE R 181 24.83 -56.01 -29.37
N GLY R 182 25.41 -55.65 -30.52
CA GLY R 182 26.25 -56.59 -31.22
C GLY R 182 27.47 -56.98 -30.42
N CYS R 183 28.21 -55.99 -29.93
CA CYS R 183 29.36 -56.29 -29.10
C CYS R 183 28.95 -57.07 -27.86
N SER R 184 27.77 -56.79 -27.31
CA SER R 184 27.29 -57.51 -26.14
C SER R 184 27.12 -58.98 -26.44
N MET R 185 26.47 -59.29 -27.56
CA MET R 185 26.26 -60.69 -27.91
C MET R 185 27.59 -61.40 -28.20
N ILE R 186 28.52 -60.71 -28.86
CA ILE R 186 29.82 -61.34 -29.11
C ILE R 186 30.51 -61.64 -27.79
N TYR R 187 30.49 -60.70 -26.86
CA TYR R 187 31.05 -60.95 -25.54
C TYR R 187 30.39 -62.15 -24.90
N GLY R 188 29.05 -62.19 -24.91
CA GLY R 188 28.35 -63.23 -24.20
C GLY R 188 28.65 -64.61 -24.75
N SER R 189 28.68 -64.75 -26.06
CA SER R 189 28.90 -66.06 -26.65
C SER R 189 30.35 -66.45 -26.74
N THR R 190 31.26 -65.48 -26.74
CA THR R 190 32.67 -65.73 -26.96
C THR R 190 33.48 -65.71 -25.69
N GLY R 191 33.28 -64.71 -24.85
CA GLY R 191 34.07 -64.58 -23.64
C GLY R 191 35.34 -63.81 -23.79
N ALA R 192 35.36 -62.78 -24.63
CA ALA R 192 36.53 -61.93 -24.81
C ALA R 192 36.11 -60.73 -25.65
N THR R 193 36.89 -59.66 -25.55
CA THR R 193 36.57 -58.47 -26.34
C THR R 193 37.81 -57.76 -26.87
N HIS R 194 38.96 -58.41 -26.86
CA HIS R 194 40.20 -57.83 -27.38
C HIS R 194 40.56 -58.55 -28.66
N PHE R 195 40.86 -57.78 -29.71
CA PHE R 195 40.89 -58.33 -31.06
C PHE R 195 41.83 -59.52 -31.19
N ASP R 196 42.94 -59.53 -30.45
CA ASP R 196 43.78 -60.71 -30.47
C ASP R 196 43.02 -61.92 -29.97
N GLN R 197 42.26 -61.77 -28.90
CA GLN R 197 41.53 -62.91 -28.35
C GLN R 197 40.42 -63.36 -29.29
N LEU R 198 39.69 -62.41 -29.87
CA LEU R 198 38.66 -62.77 -30.84
C LEU R 198 39.26 -63.52 -32.02
N ALA R 199 40.36 -63.01 -32.56
CA ALA R 199 41.04 -63.73 -33.64
C ALA R 199 41.40 -65.13 -33.21
N LYS R 200 42.12 -65.26 -32.10
CA LYS R 200 42.58 -66.58 -31.67
C LYS R 200 41.44 -67.52 -31.35
N ILE R 201 40.24 -67.01 -31.07
CA ILE R 201 39.17 -67.89 -30.64
C ILE R 201 38.26 -68.28 -31.79
N LEU R 202 38.16 -67.43 -32.81
CA LEU R 202 37.24 -67.73 -33.89
C LEU R 202 37.87 -67.55 -35.25
N THR R 203 39.12 -67.97 -35.40
CA THR R 203 39.75 -68.05 -36.71
C THR R 203 39.75 -69.50 -37.18
N GLY R 204 39.49 -69.69 -38.47
CA GLY R 204 39.59 -71.01 -39.06
C GLY R 204 38.48 -71.93 -38.58
N TYR R 205 38.35 -72.06 -37.27
CA TYR R 205 37.39 -72.96 -36.64
C TYR R 205 36.04 -72.28 -36.44
N GLU R 206 35.50 -71.70 -37.50
CA GLU R 206 34.14 -71.17 -37.49
C GLU R 206 33.09 -72.26 -37.68
N ILE R 207 33.49 -73.53 -37.58
CA ILE R 207 32.57 -74.63 -37.81
C ILE R 207 31.41 -74.57 -36.82
N THR R 208 30.20 -74.82 -37.31
CA THR R 208 29.01 -74.67 -36.51
C THR R 208 29.01 -75.63 -35.33
N GLY R 209 28.72 -75.11 -34.14
CA GLY R 209 28.67 -75.89 -32.94
C GLY R 209 27.40 -75.67 -32.14
N ALA R 210 27.38 -76.18 -30.90
CA ALA R 210 26.17 -76.09 -30.08
C ALA R 210 25.78 -74.64 -29.83
N ARG R 211 26.63 -73.91 -29.13
CA ARG R 211 26.42 -72.49 -28.88
C ARG R 211 27.23 -71.62 -29.83
N SER R 212 27.37 -72.04 -31.08
CA SER R 212 27.95 -71.18 -32.10
C SER R 212 26.92 -70.23 -32.71
N SER R 213 25.64 -70.44 -32.42
CA SER R 213 24.59 -69.60 -32.96
C SER R 213 24.56 -68.21 -32.34
N GLY R 214 25.37 -67.97 -31.32
CA GLY R 214 25.40 -66.68 -30.68
C GLY R 214 26.37 -65.71 -31.32
N ILE R 215 27.60 -66.17 -31.56
CA ILE R 215 28.62 -65.32 -32.17
C ILE R 215 28.09 -64.66 -33.43
N PHE R 216 27.37 -65.43 -34.24
CA PHE R 216 26.91 -64.93 -35.53
C PHE R 216 25.98 -63.75 -35.36
N MET R 217 25.08 -63.81 -34.39
CA MET R 217 24.17 -62.69 -34.16
C MET R 217 24.95 -61.44 -33.78
N GLY R 218 25.98 -61.61 -32.95
CA GLY R 218 26.79 -60.47 -32.55
C GLY R 218 27.48 -59.83 -33.73
N ILE R 219 28.11 -60.64 -34.58
CA ILE R 219 28.84 -60.04 -35.70
C ILE R 219 27.87 -59.46 -36.71
N LEU R 220 26.69 -60.04 -36.87
CA LEU R 220 25.70 -59.47 -37.76
C LEU R 220 25.26 -58.09 -37.28
N PHE R 221 24.97 -57.98 -35.98
CA PHE R 221 24.56 -56.69 -35.45
C PHE R 221 25.69 -55.67 -35.56
N ILE R 222 26.94 -56.09 -35.33
CA ILE R 222 28.06 -55.18 -35.50
C ILE R 222 28.12 -54.70 -36.95
N ALA R 223 27.86 -55.60 -37.90
CA ALA R 223 27.86 -55.21 -39.30
C ALA R 223 26.80 -54.16 -39.57
N VAL R 224 25.57 -54.40 -39.12
CA VAL R 224 24.51 -53.43 -39.31
C VAL R 224 24.90 -52.08 -38.71
N GLY R 225 25.41 -52.10 -37.49
CA GLY R 225 25.78 -50.89 -36.80
C GLY R 225 26.83 -50.09 -37.55
N SER R 226 28.01 -50.69 -37.73
CA SER R 226 29.06 -50.00 -38.47
C SER R 226 28.59 -49.58 -39.85
N LEU R 227 27.63 -50.31 -40.42
CA LEU R 227 27.10 -49.92 -41.72
C LEU R 227 26.36 -48.60 -41.62
N PHE R 228 25.44 -48.46 -40.67
CA PHE R 228 24.71 -47.22 -40.50
C PHE R 228 25.64 -46.01 -40.51
N LYS R 229 26.88 -46.17 -40.03
CA LYS R 229 27.84 -45.09 -39.97
C LYS R 229 28.69 -44.98 -41.23
N ILE R 230 28.46 -45.84 -42.22
CA ILE R 230 28.97 -45.65 -43.57
C ILE R 230 27.82 -45.28 -44.51
N THR R 231 26.72 -44.81 -43.92
CA THR R 231 25.50 -44.35 -44.59
C THR R 231 24.67 -45.48 -45.18
N ALA R 232 25.21 -46.70 -45.27
CA ALA R 232 24.42 -47.93 -45.31
C ALA R 232 23.20 -47.87 -46.23
N VAL R 233 23.40 -47.81 -47.54
CA VAL R 233 22.34 -47.39 -48.46
C VAL R 233 20.97 -48.06 -48.30
N PRO R 234 20.82 -49.30 -47.81
CA PRO R 234 19.48 -49.71 -47.38
C PRO R 234 19.02 -48.96 -46.14
N PHE R 235 19.94 -48.39 -45.38
CA PHE R 235 19.65 -47.71 -44.13
C PHE R 235 20.05 -46.23 -44.22
N HIS R 236 20.04 -45.67 -45.43
CA HIS R 236 20.51 -44.32 -45.68
C HIS R 236 19.48 -43.26 -45.33
N MET R 237 18.50 -43.60 -44.48
CA MET R 237 17.43 -42.68 -44.14
C MET R 237 17.97 -41.34 -43.68
N TRP R 238 17.43 -40.27 -44.24
CA TRP R 238 17.69 -38.88 -43.87
C TRP R 238 19.10 -38.40 -44.20
N ALA R 239 19.97 -39.26 -44.75
CA ALA R 239 21.33 -38.81 -45.03
C ALA R 239 21.38 -37.61 -45.96
N PRO R 240 20.71 -37.60 -47.12
CA PRO R 240 20.66 -36.35 -47.89
C PRO R 240 19.96 -35.24 -47.14
N ASP R 241 18.97 -35.56 -46.31
CA ASP R 241 18.26 -34.53 -45.57
C ASP R 241 19.19 -33.83 -44.58
N ILE R 242 19.99 -34.60 -43.83
CA ILE R 242 20.89 -33.99 -42.87
C ILE R 242 22.02 -33.26 -43.60
N TYR R 243 22.48 -33.82 -44.72
CA TYR R 243 23.48 -33.13 -45.51
C TYR R 243 22.99 -31.77 -45.96
N GLU R 244 21.72 -31.68 -46.34
CA GLU R 244 21.17 -30.40 -46.77
C GLU R 244 20.95 -29.47 -45.60
N GLY R 245 20.45 -30.00 -44.48
CA GLY R 245 20.09 -29.14 -43.37
C GLY R 245 21.30 -28.56 -42.66
N SER R 246 22.23 -29.42 -42.24
CA SER R 246 23.37 -28.95 -41.46
C SER R 246 24.23 -28.01 -42.29
N PRO R 247 24.92 -27.06 -41.65
CA PRO R 247 25.73 -26.10 -42.39
C PRO R 247 26.85 -26.78 -43.15
N THR R 248 27.48 -25.99 -44.03
CA THR R 248 28.42 -26.58 -44.99
C THR R 248 29.72 -27.05 -44.35
N PRO R 249 30.38 -26.30 -43.46
CA PRO R 249 31.56 -26.87 -42.80
C PRO R 249 31.27 -28.14 -42.03
N VAL R 250 30.14 -28.16 -41.31
CA VAL R 250 29.77 -29.34 -40.55
C VAL R 250 29.57 -30.53 -41.47
N THR R 251 28.82 -30.35 -42.56
CA THR R 251 28.57 -31.49 -43.43
C THR R 251 29.84 -31.92 -44.17
N ALA R 252 30.73 -30.97 -44.47
CA ALA R 252 32.01 -31.34 -45.07
C ALA R 252 32.81 -32.22 -44.11
N PHE R 253 32.98 -31.77 -42.88
CA PHE R 253 33.72 -32.57 -41.92
C PHE R 253 33.05 -33.91 -41.69
N LEU R 254 31.72 -33.93 -41.68
CA LEU R 254 31.01 -35.19 -41.48
C LEU R 254 31.22 -36.14 -42.65
N SER R 255 31.38 -35.61 -43.87
CA SER R 255 31.60 -36.48 -45.02
C SER R 255 33.02 -37.01 -45.06
N ILE R 256 34.01 -36.20 -44.72
CA ILE R 256 35.40 -36.57 -44.98
C ILE R 256 36.02 -37.32 -43.82
N ALA R 257 35.89 -36.80 -42.60
CA ALA R 257 36.67 -37.30 -41.48
C ALA R 257 36.14 -38.62 -40.90
N PRO R 258 34.86 -38.73 -40.52
CA PRO R 258 34.43 -39.98 -39.89
C PRO R 258 34.49 -41.17 -40.82
N LYS R 259 34.28 -40.96 -42.11
CA LYS R 259 34.19 -42.09 -43.03
C LYS R 259 35.51 -42.83 -43.14
N ILE R 260 36.62 -42.10 -43.28
CA ILE R 260 37.92 -42.76 -43.33
C ILE R 260 38.19 -43.50 -42.04
N SER R 261 37.85 -42.90 -40.90
CA SER R 261 38.07 -43.54 -39.62
C SER R 261 37.30 -44.86 -39.52
N ILE R 262 36.01 -44.81 -39.83
CA ILE R 262 35.19 -46.00 -39.69
C ILE R 262 35.58 -47.03 -40.73
N PHE R 263 36.11 -46.62 -41.88
CA PHE R 263 36.60 -47.59 -42.85
C PHE R 263 37.84 -48.30 -42.33
N ALA R 264 38.77 -47.54 -41.74
CA ALA R 264 39.94 -48.20 -41.16
C ALA R 264 39.51 -49.16 -40.06
N ASN R 265 38.53 -48.77 -39.26
CA ASN R 265 38.07 -49.67 -38.20
C ASN R 265 37.40 -50.91 -38.77
N ILE R 266 36.59 -50.74 -39.81
CA ILE R 266 35.96 -51.89 -40.47
C ILE R 266 37.01 -52.82 -41.02
N SER R 267 38.08 -52.27 -41.60
CA SER R 267 39.12 -53.14 -42.13
C SER R 267 39.81 -53.89 -41.00
N ARG R 268 40.12 -53.20 -39.91
CA ARG R 268 40.78 -53.85 -38.78
C ARG R 268 39.93 -54.95 -38.18
N VAL R 269 38.60 -54.80 -38.22
CA VAL R 269 37.77 -55.87 -37.65
C VAL R 269 37.57 -56.98 -38.67
N SER R 270 37.31 -56.64 -39.93
CA SER R 270 37.01 -57.64 -40.94
C SER R 270 38.21 -58.51 -41.26
N ILE R 271 39.43 -58.03 -41.03
CA ILE R 271 40.57 -58.93 -41.14
C ILE R 271 40.53 -59.97 -40.04
N TYR R 272 40.12 -59.58 -38.84
CA TYR R 272 40.25 -60.42 -37.65
C TYR R 272 39.00 -61.24 -37.35
N GLY R 273 37.89 -60.57 -37.06
CA GLY R 273 36.74 -61.24 -36.48
C GLY R 273 35.57 -61.50 -37.40
N SER R 274 35.85 -61.97 -38.62
CA SER R 274 34.82 -62.19 -39.62
C SER R 274 34.48 -63.67 -39.74
N TYR R 275 33.61 -63.98 -40.68
CA TYR R 275 33.30 -65.34 -41.10
C TYR R 275 33.62 -65.53 -42.58
N GLY R 276 33.52 -66.79 -43.02
CA GLY R 276 33.86 -67.11 -44.39
C GLY R 276 33.07 -66.30 -45.39
N ALA R 277 31.79 -66.05 -45.10
CA ALA R 277 30.96 -65.30 -46.02
C ALA R 277 30.05 -64.28 -45.35
N THR R 278 30.01 -64.21 -44.02
CA THR R 278 29.05 -63.33 -43.36
C THR R 278 29.28 -61.87 -43.73
N LEU R 279 30.44 -61.33 -43.35
CA LEU R 279 30.69 -59.91 -43.57
C LEU R 279 30.83 -59.60 -45.06
N GLN R 280 31.52 -60.46 -45.81
CA GLN R 280 31.65 -60.23 -47.25
C GLN R 280 30.31 -60.22 -47.94
N GLN R 281 29.36 -61.03 -47.48
CA GLN R 281 28.06 -61.06 -48.12
C GLN R 281 27.19 -59.90 -47.66
N ILE R 282 27.29 -59.51 -46.38
CA ILE R 282 26.53 -58.36 -45.92
C ILE R 282 27.07 -57.06 -46.50
N PHE R 283 28.26 -57.08 -47.09
CA PHE R 283 28.76 -55.92 -47.81
C PHE R 283 28.59 -56.03 -49.32
N CYS R 284 28.70 -57.24 -49.89
CA CYS R 284 28.49 -57.40 -51.32
C CYS R 284 27.12 -56.91 -51.74
N PHE R 285 26.12 -57.03 -50.87
CA PHE R 285 24.79 -56.54 -51.19
C PHE R 285 24.72 -55.02 -51.10
N CYS R 286 25.24 -54.45 -50.03
CA CYS R 286 25.17 -53.01 -49.86
C CYS R 286 25.96 -52.29 -50.94
N SER R 287 27.00 -52.91 -51.48
CA SER R 287 27.79 -52.27 -52.52
C SER R 287 26.96 -52.03 -53.78
N ILE R 288 26.32 -53.07 -54.28
CA ILE R 288 25.51 -52.94 -55.49
C ILE R 288 24.30 -52.07 -55.22
N ALA R 289 23.69 -52.21 -54.03
CA ALA R 289 22.60 -51.31 -53.68
C ALA R 289 23.05 -49.85 -53.71
N SER R 290 24.28 -49.59 -53.25
CA SER R 290 24.75 -48.22 -53.17
C SER R 290 25.02 -47.64 -54.54
N MET R 291 25.72 -48.39 -55.39
CA MET R 291 25.97 -47.91 -56.73
C MET R 291 24.66 -47.62 -57.47
N ILE R 292 23.72 -48.56 -57.39
CA ILE R 292 22.44 -48.38 -58.07
C ILE R 292 21.71 -47.16 -57.54
N LEU R 293 21.71 -46.97 -56.21
CA LEU R 293 20.98 -45.85 -55.63
C LEU R 293 21.63 -44.53 -56.01
N GLY R 294 22.96 -44.45 -55.90
CA GLY R 294 23.66 -43.25 -56.33
C GLY R 294 23.29 -42.86 -57.74
N ALA R 295 23.37 -43.81 -58.66
CA ALA R 295 22.98 -43.53 -60.03
C ALA R 295 21.54 -43.02 -60.11
N LEU R 296 20.59 -43.87 -59.75
CA LEU R 296 19.19 -43.60 -60.03
C LEU R 296 18.60 -42.51 -59.14
N ALA R 297 19.37 -41.94 -58.21
CA ALA R 297 18.93 -40.78 -57.46
C ALA R 297 19.64 -39.51 -57.90
N ALA R 298 20.98 -39.52 -57.98
CA ALA R 298 21.69 -38.35 -58.44
C ALA R 298 21.33 -37.99 -59.88
N MET R 299 20.77 -38.93 -60.64
CA MET R 299 20.28 -38.58 -61.97
C MET R 299 19.26 -37.45 -61.92
N ALA R 300 18.48 -37.36 -60.84
CA ALA R 300 17.40 -36.39 -60.76
C ALA R 300 17.45 -35.73 -59.39
N GLN R 301 18.09 -34.57 -59.31
CA GLN R 301 18.09 -33.76 -58.10
C GLN R 301 18.09 -32.30 -58.50
N THR R 302 17.59 -31.45 -57.61
CA THR R 302 17.43 -30.03 -57.89
C THR R 302 17.93 -29.20 -56.72
N LYS R 303 18.93 -29.70 -56.01
CA LYS R 303 19.56 -28.96 -54.92
C LYS R 303 21.02 -29.39 -54.84
N VAL R 304 21.92 -28.42 -54.99
CA VAL R 304 23.34 -28.70 -55.17
C VAL R 304 23.96 -29.38 -53.96
N LYS R 305 23.24 -29.47 -52.84
CA LYS R 305 23.77 -30.21 -51.69
C LYS R 305 23.38 -31.68 -51.72
N ARG R 306 22.10 -31.96 -51.98
CA ARG R 306 21.65 -33.35 -52.05
C ARG R 306 22.35 -34.10 -53.17
N LEU R 307 22.65 -33.42 -54.27
CA LEU R 307 23.47 -34.03 -55.31
C LEU R 307 24.81 -34.49 -54.74
N LEU R 308 25.44 -33.64 -53.93
CA LEU R 308 26.68 -34.02 -53.27
C LEU R 308 26.47 -35.21 -52.35
N ALA R 309 25.35 -35.23 -51.63
CA ALA R 309 25.08 -36.34 -50.71
C ALA R 309 24.99 -37.65 -51.48
N TYR R 310 24.25 -37.65 -52.58
CA TYR R 310 24.07 -38.91 -53.31
C TYR R 310 25.33 -39.30 -54.06
N SER R 311 26.14 -38.33 -54.48
CA SER R 311 27.43 -38.70 -55.06
C SER R 311 28.36 -39.28 -54.01
N SER R 312 28.29 -38.78 -52.77
CA SER R 312 29.07 -39.38 -51.69
C SER R 312 28.62 -40.80 -51.41
N ILE R 313 27.31 -41.02 -51.37
CA ILE R 313 26.79 -42.38 -51.22
C ILE R 313 27.32 -43.27 -52.34
N GLY R 314 27.33 -42.77 -53.57
CA GLY R 314 27.82 -43.56 -54.68
C GLY R 314 29.28 -43.93 -54.55
N HIS R 315 30.11 -42.98 -54.10
CA HIS R 315 31.53 -43.29 -54.01
C HIS R 315 31.84 -44.19 -52.82
N VAL R 316 31.12 -44.01 -51.71
CA VAL R 316 31.20 -44.98 -50.62
C VAL R 316 30.83 -46.36 -51.14
N GLY R 317 29.85 -46.42 -52.05
CA GLY R 317 29.49 -47.69 -52.64
C GLY R 317 30.64 -48.31 -53.43
N TYR R 318 31.24 -47.52 -54.32
CA TYR R 318 32.38 -48.04 -55.09
C TYR R 318 33.45 -48.59 -54.16
N ILE R 319 33.75 -47.84 -53.10
CA ILE R 319 34.73 -48.31 -52.11
C ILE R 319 34.31 -49.64 -51.51
N CYS R 320 33.03 -49.77 -51.15
CA CYS R 320 32.58 -51.02 -50.58
C CYS R 320 32.66 -52.16 -51.58
N THR R 321 32.46 -51.89 -52.87
CA THR R 321 32.71 -52.92 -53.88
C THR R 321 34.16 -53.36 -53.84
N GLY R 322 35.07 -52.40 -53.75
CA GLY R 322 36.45 -52.75 -53.54
C GLY R 322 36.66 -53.63 -52.32
N PHE R 323 35.82 -53.47 -51.31
CA PHE R 323 35.94 -54.28 -50.10
C PHE R 323 35.64 -55.76 -50.34
N SER R 324 35.01 -56.11 -51.47
CA SER R 324 34.34 -57.41 -51.61
C SER R 324 35.23 -58.58 -51.17
N CYS R 325 36.36 -58.76 -51.83
CA CYS R 325 37.21 -59.89 -51.51
C CYS R 325 38.27 -59.46 -50.48
N GLY R 326 39.19 -60.35 -50.16
CA GLY R 326 40.15 -60.07 -49.10
C GLY R 326 41.60 -60.31 -49.45
N THR R 327 41.99 -60.04 -50.68
CA THR R 327 43.36 -60.23 -51.09
C THR R 327 44.14 -58.92 -51.01
N ILE R 328 45.46 -59.03 -51.08
CA ILE R 328 46.32 -57.87 -50.87
C ILE R 328 46.07 -56.80 -51.93
N GLU R 329 46.05 -57.21 -53.19
CA GLU R 329 45.75 -56.24 -54.26
C GLU R 329 44.43 -55.55 -54.01
N GLY R 330 43.43 -56.29 -53.55
CA GLY R 330 42.12 -55.71 -53.34
C GLY R 330 42.13 -54.63 -52.28
N ILE R 331 42.69 -54.93 -51.11
CA ILE R 331 42.72 -53.95 -50.04
C ILE R 331 43.62 -52.77 -50.39
N GLN R 332 44.66 -53.03 -51.18
CA GLN R 332 45.48 -51.93 -51.70
C GLN R 332 44.62 -50.95 -52.49
N SER R 333 43.89 -51.47 -53.48
CA SER R 333 43.04 -50.59 -54.27
C SER R 333 41.97 -49.94 -53.41
N LEU R 334 41.50 -50.66 -52.38
CA LEU R 334 40.54 -50.10 -51.44
C LEU R 334 41.06 -48.82 -50.80
N LEU R 335 42.25 -48.90 -50.20
CA LEU R 335 42.79 -47.74 -49.52
C LEU R 335 43.07 -46.60 -50.51
N ILE R 336 43.55 -46.94 -51.70
CA ILE R 336 43.78 -45.90 -52.70
C ILE R 336 42.48 -45.16 -53.00
N GLY R 337 41.39 -45.92 -53.17
CA GLY R 337 40.11 -45.29 -53.42
C GLY R 337 39.67 -44.39 -52.28
N ILE R 338 39.88 -44.85 -51.04
CA ILE R 338 39.55 -44.01 -49.89
C ILE R 338 40.26 -42.67 -49.98
N PHE R 339 41.56 -42.69 -50.24
CA PHE R 339 42.34 -41.46 -50.27
C PHE R 339 41.85 -40.52 -51.37
N ILE R 340 41.70 -41.05 -52.59
CA ILE R 340 41.26 -40.22 -53.70
C ILE R 340 39.90 -39.61 -53.39
N TYR R 341 39.02 -40.38 -52.73
CA TYR R 341 37.71 -39.85 -52.38
C TYR R 341 37.81 -38.72 -51.37
N ALA R 342 38.69 -38.87 -50.38
CA ALA R 342 38.88 -37.79 -49.42
C ALA R 342 39.27 -36.51 -50.12
N LEU R 343 40.25 -36.58 -51.01
CA LEU R 343 40.68 -35.37 -51.72
C LEU R 343 39.53 -34.78 -52.54
N MET R 344 38.86 -35.63 -53.33
CA MET R 344 37.82 -35.11 -54.20
C MET R 344 36.71 -34.45 -53.41
N THR R 345 36.39 -34.98 -52.24
CA THR R 345 35.27 -34.39 -51.50
C THR R 345 35.67 -33.10 -50.79
N ILE R 346 36.90 -33.00 -50.27
CA ILE R 346 37.26 -31.69 -49.73
C ILE R 346 37.26 -30.66 -50.86
N ASP R 347 37.63 -31.08 -52.07
CA ASP R 347 37.60 -30.17 -53.21
C ASP R 347 36.18 -29.71 -53.51
N ALA R 348 35.26 -30.66 -53.65
CA ALA R 348 33.89 -30.33 -53.98
C ALA R 348 33.26 -29.45 -52.91
N PHE R 349 33.57 -29.70 -51.65
CA PHE R 349 33.00 -28.85 -50.61
C PHE R 349 33.65 -27.48 -50.62
N ALA R 350 34.93 -27.38 -50.94
CA ALA R 350 35.53 -26.06 -51.13
C ALA R 350 34.73 -25.25 -52.14
N ILE R 351 34.38 -25.88 -53.27
CA ILE R 351 33.63 -25.16 -54.30
C ILE R 351 32.25 -24.78 -53.79
N VAL R 352 31.48 -25.77 -53.33
CA VAL R 352 30.10 -25.49 -52.94
C VAL R 352 30.05 -24.55 -51.75
N LEU R 353 31.15 -24.38 -51.03
CA LEU R 353 31.19 -23.42 -49.94
C LEU R 353 31.56 -22.04 -50.45
N ALA R 354 32.43 -21.97 -51.45
CA ALA R 354 32.70 -20.69 -52.10
C ALA R 354 31.55 -20.22 -52.97
N LEU R 355 30.52 -21.02 -53.13
CA LEU R 355 29.33 -20.60 -53.87
C LEU R 355 28.10 -20.60 -52.96
N ARG R 356 28.22 -20.04 -51.76
CA ARG R 356 27.24 -20.33 -50.71
C ARG R 356 26.09 -19.31 -50.64
N GLN R 357 26.41 -18.06 -50.31
CA GLN R 357 25.39 -17.18 -49.73
C GLN R 357 24.33 -16.79 -50.76
N THR R 358 24.76 -16.20 -51.87
CA THR R 358 23.81 -15.76 -52.89
C THR R 358 23.01 -16.92 -53.47
N ARG R 359 23.41 -18.16 -53.17
CA ARG R 359 22.75 -19.34 -53.70
C ARG R 359 22.29 -20.22 -52.55
N VAL R 360 21.57 -19.65 -51.58
CA VAL R 360 21.21 -20.30 -50.32
C VAL R 360 20.87 -21.77 -50.56
N LYS R 361 20.00 -22.05 -51.53
CA LYS R 361 19.68 -23.43 -51.91
C LYS R 361 19.23 -23.41 -53.38
N TYR R 362 20.11 -23.81 -54.29
CA TYR R 362 19.77 -23.87 -55.71
C TYR R 362 20.79 -24.71 -56.46
N ILE R 363 20.39 -25.22 -57.62
CA ILE R 363 21.28 -25.92 -58.55
C ILE R 363 21.24 -25.23 -59.90
N ALA R 364 20.14 -24.55 -60.20
CA ALA R 364 20.08 -23.79 -61.43
C ALA R 364 21.00 -22.57 -61.39
N ASP R 365 21.55 -22.23 -60.23
CA ASP R 365 22.43 -21.09 -60.14
C ASP R 365 23.84 -21.46 -60.56
N LEU R 366 23.94 -22.13 -61.71
CA LEU R 366 25.17 -22.13 -62.50
C LEU R 366 25.04 -21.05 -63.57
N GLY R 367 24.81 -19.84 -63.08
CA GLY R 367 24.48 -18.71 -63.91
C GLY R 367 25.67 -18.21 -64.69
N ALA R 368 26.06 -18.99 -65.70
CA ALA R 368 27.16 -18.62 -66.59
C ALA R 368 28.46 -18.48 -65.82
N LEU R 369 28.71 -19.40 -64.88
CA LEU R 369 30.04 -19.46 -64.29
C LEU R 369 31.10 -19.65 -65.36
N ALA R 370 30.72 -20.16 -66.52
CA ALA R 370 31.64 -20.13 -67.65
C ALA R 370 31.92 -18.71 -68.10
N LYS R 371 31.01 -17.77 -67.84
CA LYS R 371 31.15 -16.40 -68.31
C LYS R 371 31.53 -15.43 -67.21
N THR R 372 30.96 -15.57 -66.00
CA THR R 372 31.27 -14.63 -64.93
C THR R 372 32.49 -15.03 -64.13
N ASN R 373 32.96 -16.26 -64.24
CA ASN R 373 34.13 -16.69 -63.48
C ASN R 373 34.73 -17.94 -64.09
N PRO R 374 35.29 -17.86 -65.30
CA PRO R 374 35.58 -19.08 -66.06
C PRO R 374 36.48 -20.07 -65.34
N ILE R 375 37.52 -19.62 -64.66
CA ILE R 375 38.44 -20.56 -64.02
C ILE R 375 37.71 -21.39 -62.98
N LEU R 376 36.78 -20.77 -62.25
CA LEU R 376 36.03 -21.52 -61.26
C LEU R 376 35.14 -22.57 -61.92
N ALA R 377 34.54 -22.22 -63.06
CA ALA R 377 33.71 -23.20 -63.75
C ALA R 377 34.54 -24.37 -64.25
N ILE R 378 35.73 -24.09 -64.80
CA ILE R 378 36.61 -25.17 -65.25
C ILE R 378 37.00 -26.04 -64.07
N THR R 379 37.26 -25.43 -62.92
CA THR R 379 37.63 -26.22 -61.74
C THR R 379 36.47 -27.09 -61.28
N PHE R 380 35.26 -26.56 -61.28
CA PHE R 380 34.10 -27.36 -60.91
C PHE R 380 33.92 -28.53 -61.86
N SER R 381 34.07 -28.28 -63.16
CA SER R 381 33.95 -29.37 -64.12
C SER R 381 35.01 -30.42 -63.88
N ILE R 382 36.25 -29.99 -63.60
CA ILE R 382 37.32 -30.94 -63.33
C ILE R 382 36.98 -31.80 -62.12
N THR R 383 36.59 -31.16 -61.02
CA THR R 383 36.28 -31.91 -59.81
C THR R 383 35.15 -32.90 -60.04
N MET R 384 34.09 -32.48 -60.73
CA MET R 384 32.95 -33.37 -60.93
C MET R 384 33.32 -34.54 -61.85
N PHE R 385 33.95 -34.24 -63.00
CA PHE R 385 34.35 -35.32 -63.88
C PHE R 385 35.27 -36.30 -63.17
N SER R 386 36.12 -35.80 -62.28
CA SER R 386 36.89 -36.72 -61.46
C SER R 386 35.99 -37.51 -60.53
N TYR R 387 34.94 -36.88 -60.02
CA TYR R 387 34.04 -37.55 -59.09
C TYR R 387 33.32 -38.71 -59.76
N VAL R 388 33.10 -38.61 -61.07
CA VAL R 388 32.31 -39.59 -61.82
C VAL R 388 33.20 -40.46 -62.71
N GLY R 389 33.91 -39.85 -63.64
CA GLY R 389 34.76 -40.61 -64.53
C GLY R 389 34.97 -39.97 -65.89
N ILE R 390 36.20 -40.05 -66.40
CA ILE R 390 36.58 -39.44 -67.67
C ILE R 390 38.02 -39.88 -67.95
N PRO R 391 38.55 -39.72 -69.15
CA PRO R 391 39.98 -39.98 -69.39
C PRO R 391 40.87 -39.28 -68.37
N PRO R 392 42.16 -39.65 -68.31
CA PRO R 392 42.87 -39.67 -67.01
C PRO R 392 42.59 -38.53 -66.06
N LEU R 393 42.04 -38.90 -64.91
CA LEU R 393 41.88 -38.04 -63.75
C LEU R 393 42.24 -38.88 -62.54
N ALA R 394 41.90 -38.38 -61.35
CA ALA R 394 42.15 -39.18 -60.15
C ALA R 394 41.03 -40.19 -59.92
N GLY R 395 39.78 -39.74 -59.98
CA GLY R 395 38.67 -40.64 -59.72
C GLY R 395 38.58 -41.78 -60.72
N PHE R 396 38.81 -41.47 -61.99
CA PHE R 396 38.82 -42.51 -63.02
C PHE R 396 39.93 -43.53 -62.76
N CYS R 397 41.13 -43.07 -62.43
CA CYS R 397 42.21 -44.00 -62.14
C CYS R 397 41.87 -44.87 -60.93
N SER R 398 41.27 -44.28 -59.91
CA SER R 398 40.91 -45.04 -58.72
C SER R 398 39.87 -46.12 -59.05
N LYS R 399 38.81 -45.75 -59.75
CA LYS R 399 37.80 -46.74 -60.13
C LYS R 399 38.39 -47.81 -61.01
N PHE R 400 39.30 -47.43 -61.91
CA PHE R 400 39.89 -48.42 -62.81
C PHE R 400 40.72 -49.43 -62.04
N TYR R 401 41.52 -48.98 -61.09
CA TYR R 401 42.29 -49.96 -60.32
C TYR R 401 41.38 -50.77 -59.40
N LEU R 402 40.27 -50.19 -58.93
CA LEU R 402 39.30 -50.95 -58.16
C LEU R 402 38.76 -52.13 -58.98
N PHE R 403 38.33 -51.85 -60.21
CA PHE R 403 37.74 -52.90 -61.02
C PHE R 403 38.78 -53.89 -61.52
N PHE R 404 40.00 -53.41 -61.78
CA PHE R 404 41.11 -54.32 -62.05
C PHE R 404 41.25 -55.35 -60.92
N ALA R 405 41.34 -54.86 -59.69
CA ALA R 405 41.50 -55.76 -58.55
C ALA R 405 40.30 -56.68 -58.42
N ALA R 406 39.09 -56.16 -58.61
CA ALA R 406 37.89 -56.99 -58.47
C ALA R 406 37.90 -58.13 -59.47
N LEU R 407 38.15 -57.83 -60.75
CA LEU R 407 38.23 -58.87 -61.77
C LEU R 407 39.30 -59.89 -61.41
N GLY R 408 40.50 -59.43 -61.10
CA GLY R 408 41.57 -60.36 -60.78
C GLY R 408 41.43 -61.09 -59.47
N CYS R 409 40.36 -60.82 -58.70
CA CYS R 409 40.19 -61.45 -57.40
C CYS R 409 39.10 -62.51 -57.40
N GLY R 410 38.34 -62.65 -58.48
CA GLY R 410 37.41 -63.75 -58.60
C GLY R 410 35.94 -63.35 -58.47
N ALA R 411 35.62 -62.12 -58.85
CA ALA R 411 34.24 -61.62 -58.80
C ALA R 411 33.93 -60.96 -60.13
N TYR R 412 33.30 -61.69 -61.04
CA TYR R 412 32.95 -61.19 -62.35
C TYR R 412 31.63 -60.43 -62.37
N PHE R 413 31.08 -60.10 -61.21
CA PHE R 413 29.75 -59.52 -61.14
C PHE R 413 29.71 -58.06 -60.73
N LEU R 414 30.65 -57.62 -59.90
CA LEU R 414 30.62 -56.22 -59.46
C LEU R 414 30.96 -55.28 -60.60
N ALA R 415 31.80 -55.72 -61.54
CA ALA R 415 32.19 -54.84 -62.64
C ALA R 415 31.00 -54.39 -63.49
N PRO R 416 30.13 -55.27 -63.99
CA PRO R 416 29.04 -54.78 -64.84
C PRO R 416 28.21 -53.69 -64.18
N VAL R 417 27.74 -53.92 -62.95
CA VAL R 417 26.95 -52.92 -62.27
C VAL R 417 27.78 -51.67 -61.98
N GLY R 418 29.05 -51.87 -61.62
CA GLY R 418 29.92 -50.71 -61.37
C GLY R 418 30.14 -49.88 -62.61
N VAL R 419 30.44 -50.53 -63.73
CA VAL R 419 30.68 -49.78 -64.95
C VAL R 419 29.41 -49.13 -65.46
N VAL R 420 28.25 -49.76 -65.28
CA VAL R 420 27.04 -49.16 -65.84
C VAL R 420 26.58 -47.98 -64.98
N THR R 421 26.70 -48.08 -63.66
CA THR R 421 26.42 -46.89 -62.86
C THR R 421 27.43 -45.79 -63.14
N SER R 422 28.69 -46.16 -63.40
CA SER R 422 29.67 -45.16 -63.80
C SER R 422 29.28 -44.48 -65.10
N VAL R 423 28.80 -45.25 -66.07
CA VAL R 423 28.53 -44.65 -67.37
C VAL R 423 27.26 -43.81 -67.33
N ILE R 424 26.27 -44.19 -66.52
CA ILE R 424 25.11 -43.32 -66.41
C ILE R 424 25.49 -42.03 -65.67
N GLY R 425 26.33 -42.13 -64.64
CA GLY R 425 26.84 -40.93 -64.01
C GLY R 425 27.59 -40.04 -64.99
N CYS R 426 28.39 -40.66 -65.85
CA CYS R 426 29.19 -39.89 -66.81
C CYS R 426 28.30 -39.20 -67.82
N PHE R 427 27.31 -39.92 -68.36
CA PHE R 427 26.37 -39.27 -69.28
C PHE R 427 25.71 -38.09 -68.61
N TYR R 428 25.21 -38.29 -67.38
CA TYR R 428 24.50 -37.19 -66.72
C TYR R 428 25.42 -35.99 -66.52
N TYR R 429 26.61 -36.20 -65.97
CA TYR R 429 27.48 -35.09 -65.65
C TYR R 429 27.98 -34.39 -66.92
N ILE R 430 28.44 -35.15 -67.91
CA ILE R 430 28.90 -34.55 -69.14
C ILE R 430 27.77 -33.92 -69.92
N ARG R 431 26.52 -34.25 -69.59
CA ARG R 431 25.41 -33.47 -70.12
C ARG R 431 25.24 -32.17 -69.35
N LEU R 432 25.49 -32.21 -68.05
CA LEU R 432 25.40 -30.99 -67.25
C LEU R 432 26.49 -30.00 -67.63
N ALA R 433 27.72 -30.47 -67.75
CA ALA R 433 28.82 -29.56 -68.08
C ALA R 433 28.62 -28.93 -69.45
N LYS R 434 28.31 -29.75 -70.45
CA LYS R 434 28.02 -29.20 -71.77
C LYS R 434 26.71 -28.42 -71.79
N ARG R 435 25.97 -28.39 -70.70
CA ARG R 435 24.82 -27.52 -70.54
C ARG R 435 25.21 -26.14 -70.01
N MET R 436 26.51 -25.87 -69.90
CA MET R 436 27.02 -24.62 -69.36
C MET R 436 27.42 -23.62 -70.44
N PHE R 437 27.12 -23.91 -71.71
CA PHE R 437 27.21 -22.86 -72.72
C PHE R 437 26.05 -22.96 -73.70
N PHE R 438 24.91 -23.47 -73.27
CA PHE R 438 23.69 -23.39 -74.07
C PHE R 438 23.02 -22.05 -73.89
N ASP R 439 22.60 -21.74 -72.67
CA ASP R 439 22.02 -20.44 -72.35
C ASP R 439 22.00 -20.34 -70.83
N THR R 440 21.56 -19.18 -70.32
CA THR R 440 21.59 -18.95 -68.88
C THR R 440 20.36 -18.20 -68.39
N PRO R 441 19.47 -18.86 -67.65
CA PRO R 441 18.27 -18.18 -67.13
C PRO R 441 18.56 -17.18 -66.03
N ARG R 442 19.28 -17.62 -65.01
CA ARG R 442 19.53 -16.81 -63.82
C ARG R 442 21.00 -16.42 -63.75
N THR R 443 21.27 -15.38 -62.96
CA THR R 443 22.61 -14.83 -62.86
C THR R 443 22.82 -14.32 -61.45
N TRP R 444 23.91 -14.75 -60.81
CA TRP R 444 24.14 -14.50 -59.40
C TRP R 444 25.56 -14.01 -59.15
N ILE R 445 26.00 -13.02 -59.92
CA ILE R 445 27.34 -12.44 -59.74
C ILE R 445 27.60 -12.23 -58.27
N LEU R 446 28.73 -12.75 -57.78
CA LEU R 446 28.88 -13.17 -56.40
C LEU R 446 29.93 -12.35 -55.67
N TYR R 447 29.57 -11.89 -54.47
CA TYR R 447 30.49 -11.24 -53.54
C TYR R 447 31.40 -12.22 -52.84
N GLU R 448 31.25 -13.51 -53.13
CA GLU R 448 31.86 -14.63 -52.43
C GLU R 448 33.37 -14.86 -52.62
N PRO R 449 34.03 -14.38 -53.69
CA PRO R 449 35.09 -15.20 -54.31
C PRO R 449 36.35 -15.46 -53.49
N MET R 450 36.28 -16.46 -52.60
CA MET R 450 37.43 -17.32 -52.28
C MET R 450 38.62 -16.51 -51.74
N ASP R 451 38.48 -16.05 -50.51
CA ASP R 451 39.40 -15.07 -49.94
C ASP R 451 40.89 -15.35 -50.19
N ARG R 452 41.49 -16.30 -49.48
CA ARG R 452 42.81 -16.78 -49.89
C ARG R 452 42.97 -18.27 -49.66
N ASP R 453 42.48 -18.75 -48.52
CA ASP R 453 42.83 -20.11 -48.09
C ASP R 453 41.98 -21.16 -48.78
N LYS R 454 40.69 -20.90 -48.95
CA LYS R 454 39.90 -21.77 -49.81
C LYS R 454 40.52 -21.86 -51.20
N SER R 455 41.00 -20.73 -51.72
CA SER R 455 41.60 -20.72 -53.05
C SER R 455 42.87 -21.56 -53.10
N LEU R 456 43.76 -21.38 -52.11
CA LEU R 456 44.98 -22.18 -52.09
C LEU R 456 44.67 -23.66 -51.99
N LEU R 457 43.80 -24.03 -51.04
CA LEU R 457 43.48 -25.44 -50.86
C LEU R 457 42.88 -26.04 -52.12
N LEU R 458 41.94 -25.32 -52.72
CA LEU R 458 41.37 -25.75 -53.99
C LEU R 458 42.45 -25.95 -55.03
N ALA R 459 43.16 -24.88 -55.39
CA ALA R 459 44.25 -24.95 -56.36
C ALA R 459 45.14 -26.16 -56.15
N MET R 460 45.57 -26.39 -54.91
CA MET R 460 46.41 -27.53 -54.62
C MET R 460 45.74 -28.84 -55.02
N THR R 461 44.53 -29.08 -54.50
CA THR R 461 43.88 -30.37 -54.77
C THR R 461 43.55 -30.53 -56.25
N SER R 462 43.11 -29.45 -56.90
CA SER R 462 42.74 -29.53 -58.30
C SER R 462 43.95 -29.78 -59.17
N SER R 463 45.09 -29.18 -58.84
CA SER R 463 46.31 -29.54 -59.55
C SER R 463 46.70 -30.98 -59.28
N PHE R 464 46.36 -31.50 -58.09
CA PHE R 464 46.67 -32.90 -57.81
C PHE R 464 45.83 -33.83 -58.67
N ILE R 465 44.53 -33.54 -58.83
CA ILE R 465 43.63 -34.48 -59.46
C ILE R 465 44.06 -34.78 -60.89
N THR R 466 44.20 -33.74 -61.72
CA THR R 466 44.61 -33.98 -63.09
C THR R 466 46.01 -34.56 -63.15
N LEU R 467 46.94 -34.01 -62.37
CA LEU R 467 48.34 -34.42 -62.41
C LEU R 467 48.63 -35.68 -61.62
N PHE R 468 47.63 -36.49 -61.29
CA PHE R 468 47.94 -37.69 -60.51
C PHE R 468 48.56 -38.77 -61.38
N PHE R 469 48.02 -39.01 -62.57
CA PHE R 469 48.50 -40.12 -63.38
C PHE R 469 49.95 -39.98 -63.85
N PRO R 470 50.52 -38.78 -64.05
CA PRO R 470 51.92 -38.73 -64.50
C PRO R 470 52.93 -39.34 -63.53
N TYR R 471 52.55 -39.63 -62.28
CA TYR R 471 53.51 -40.28 -61.40
C TYR R 471 52.88 -40.94 -60.17
N PRO R 472 52.01 -41.94 -60.35
CA PRO R 472 51.35 -42.60 -59.21
C PRO R 472 52.10 -43.81 -58.67
N SER R 473 53.41 -43.68 -58.52
CA SER R 473 54.16 -44.76 -57.90
C SER R 473 54.14 -44.71 -56.37
N PRO R 474 54.42 -43.56 -55.75
CA PRO R 474 54.55 -43.56 -54.28
C PRO R 474 53.27 -43.90 -53.58
N LEU R 475 52.12 -43.50 -54.12
CA LEU R 475 50.85 -43.86 -53.50
C LEU R 475 50.66 -45.37 -53.50
N PHE R 476 50.91 -46.02 -54.63
CA PHE R 476 50.83 -47.47 -54.68
C PHE R 476 51.78 -48.10 -53.68
N SER R 477 53.00 -47.58 -53.58
CA SER R 477 53.98 -48.17 -52.69
C SER R 477 53.54 -48.07 -51.23
N VAL R 478 53.11 -46.87 -50.81
CA VAL R 478 52.74 -46.69 -49.41
C VAL R 478 51.48 -47.47 -49.11
N THR R 479 50.54 -47.55 -50.05
CA THR R 479 49.36 -48.36 -49.81
C THR R 479 49.73 -49.83 -49.67
N HIS R 480 50.68 -50.29 -50.47
CA HIS R 480 51.13 -51.67 -50.34
C HIS R 480 51.74 -51.92 -48.98
N GLN R 481 52.62 -51.03 -48.54
CA GLN R 481 53.20 -51.13 -47.21
C GLN R 481 52.11 -51.24 -46.15
N MET R 482 51.13 -50.33 -46.23
CA MET R 482 50.07 -50.28 -45.23
C MET R 482 49.28 -51.58 -45.21
N ALA R 483 48.70 -51.94 -46.34
CA ALA R 483 47.84 -53.12 -46.39
C ALA R 483 48.62 -54.38 -46.02
N LEU R 484 49.89 -54.47 -46.44
CA LEU R 484 50.68 -55.65 -46.13
C LEU R 484 50.95 -55.74 -44.63
N SER R 485 51.23 -54.61 -43.99
CA SER R 485 51.48 -54.63 -42.56
C SER R 485 50.22 -54.48 -41.73
N LEU R 486 49.04 -54.55 -42.33
CA LEU R 486 47.82 -54.55 -41.54
C LEU R 486 47.72 -55.82 -40.71
N TYR R 487 48.04 -56.96 -41.27
CA TYR R 487 48.00 -58.18 -40.48
C TYR R 487 49.29 -58.98 -40.54
N LEU R 488 49.97 -59.01 -41.68
CA LEU R 488 51.14 -59.86 -41.84
C LEU R 488 52.36 -59.23 -41.16
N MET S 1 23.94 -61.09 0.37
CA MET S 1 22.67 -60.39 0.50
C MET S 1 21.95 -60.80 1.78
N SER S 2 20.71 -61.27 1.62
CA SER S 2 19.84 -61.66 2.73
C SER S 2 19.63 -60.52 3.74
N GLU S 3 19.93 -59.28 3.35
CA GLU S 3 19.59 -58.10 4.13
C GLU S 3 18.52 -57.26 3.45
N PHE S 4 18.50 -57.27 2.13
CA PHE S 4 17.42 -56.60 1.43
C PHE S 4 16.08 -57.29 1.66
N ALA S 5 16.07 -58.49 2.22
CA ALA S 5 14.78 -59.05 2.65
C ALA S 5 14.23 -58.28 3.85
N PRO S 6 15.00 -58.05 4.94
CA PRO S 6 14.52 -57.09 5.94
C PRO S 6 14.22 -55.74 5.36
N ILE S 7 15.00 -55.28 4.37
CA ILE S 7 14.71 -53.97 3.77
C ILE S 7 13.31 -53.95 3.15
N CYS S 8 12.99 -54.96 2.34
CA CYS S 8 11.71 -54.91 1.65
C CYS S 8 10.54 -55.17 2.59
N ILE S 9 10.74 -56.00 3.61
CA ILE S 9 9.69 -56.17 4.60
C ILE S 9 9.45 -54.85 5.32
N TYR S 10 10.52 -54.10 5.59
CA TYR S 10 10.37 -52.74 6.10
C TYR S 10 9.57 -51.90 5.13
N LEU S 11 9.83 -52.04 3.84
CA LEU S 11 9.12 -51.24 2.84
C LEU S 11 7.62 -51.48 2.92
N VAL S 12 7.21 -52.75 2.95
CA VAL S 12 5.78 -53.05 2.94
C VAL S 12 5.13 -52.66 4.27
N ILE S 13 5.84 -52.86 5.38
CA ILE S 13 5.26 -52.48 6.67
C ILE S 13 5.10 -50.96 6.75
N SER S 14 6.07 -50.22 6.24
CA SER S 14 5.94 -48.76 6.20
C SER S 14 4.77 -48.35 5.32
N LEU S 15 4.57 -49.05 4.21
CA LEU S 15 3.39 -48.80 3.40
C LEU S 15 2.11 -48.98 4.21
N LEU S 16 2.05 -50.07 4.97
CA LEU S 16 0.85 -50.34 5.76
C LEU S 16 0.61 -49.25 6.80
N VAL S 17 1.65 -48.87 7.54
CA VAL S 17 1.46 -47.89 8.58
C VAL S 17 1.11 -46.53 7.98
N SER S 18 1.67 -46.20 6.82
CA SER S 18 1.35 -44.92 6.20
C SER S 18 -0.10 -44.90 5.73
N LEU S 19 -0.57 -46.00 5.16
CA LEU S 19 -1.98 -46.04 4.77
C LEU S 19 -2.90 -45.95 5.98
N ILE S 20 -2.52 -46.62 7.07
CA ILE S 20 -3.30 -46.51 8.30
C ILE S 20 -3.40 -45.06 8.75
N LEU S 21 -2.26 -44.37 8.81
CA LEU S 21 -2.26 -42.96 9.19
C LEU S 21 -3.07 -42.12 8.22
N LEU S 22 -3.10 -42.50 6.94
CA LEU S 22 -3.85 -41.71 5.97
C LEU S 22 -5.35 -41.88 6.16
N GLY S 23 -5.79 -43.08 6.52
CA GLY S 23 -7.22 -43.35 6.59
C GLY S 23 -7.91 -42.93 7.86
N LEU S 24 -7.17 -42.45 8.87
CA LEU S 24 -7.78 -42.18 10.17
C LEU S 24 -8.83 -41.07 10.15
N PRO S 25 -8.63 -39.92 9.49
CA PRO S 25 -9.65 -38.86 9.59
C PRO S 25 -10.95 -39.19 8.88
N PHE S 26 -10.94 -40.12 7.93
CA PHE S 26 -12.16 -40.38 7.15
C PHE S 26 -13.33 -40.81 8.03
N ASP S 57 13.34 -21.15 -16.96
CA ASP S 57 13.36 -22.53 -17.39
C ASP S 57 14.79 -23.04 -17.59
N ILE S 58 15.52 -22.33 -18.46
CA ILE S 58 16.89 -22.75 -18.78
C ILE S 58 17.72 -22.88 -17.51
N ARG S 59 17.41 -22.08 -16.49
CA ARG S 59 18.10 -22.25 -15.21
C ARG S 59 17.88 -23.65 -14.67
N PHE S 60 16.62 -24.09 -14.60
CA PHE S 60 16.35 -25.44 -14.10
C PHE S 60 17.02 -26.49 -14.96
N TYR S 61 16.95 -26.32 -16.28
CA TYR S 61 17.51 -27.34 -17.15
C TYR S 61 19.02 -27.46 -16.98
N LEU S 62 19.72 -26.32 -16.93
CA LEU S 62 21.16 -26.36 -16.79
C LEU S 62 21.59 -26.85 -15.44
N VAL S 63 20.82 -26.55 -14.38
CA VAL S 63 21.13 -27.12 -13.08
C VAL S 63 21.00 -28.63 -13.13
N SER S 64 19.95 -29.13 -13.77
CA SER S 64 19.77 -30.57 -13.87
C SER S 64 20.90 -31.21 -14.66
N ILE S 65 21.35 -30.56 -15.73
CA ILE S 65 22.45 -31.11 -16.52
C ILE S 65 23.74 -31.13 -15.71
N LEU S 66 24.04 -30.04 -15.01
CA LEU S 66 25.23 -30.03 -14.18
C LEU S 66 25.17 -31.12 -13.12
N PHE S 67 23.97 -31.41 -12.62
CA PHE S 67 23.86 -32.49 -11.65
C PHE S 67 24.10 -33.85 -12.30
N ILE S 68 23.52 -34.08 -13.48
CA ILE S 68 23.76 -35.34 -14.18
C ILE S 68 25.24 -35.50 -14.50
N ILE S 69 25.97 -34.41 -14.63
CA ILE S 69 27.39 -34.52 -14.95
C ILE S 69 28.22 -34.74 -13.69
N PHE S 70 27.87 -34.08 -12.59
CA PHE S 70 28.65 -34.25 -11.37
C PHE S 70 28.21 -35.42 -10.53
N ASP S 71 27.15 -36.11 -10.92
CA ASP S 71 26.70 -37.24 -10.12
C ASP S 71 27.50 -38.50 -10.46
N PRO S 72 27.69 -38.85 -11.74
CA PRO S 72 28.70 -39.86 -12.06
C PRO S 72 30.08 -39.50 -11.52
N GLU S 73 30.35 -38.24 -11.23
CA GLU S 73 31.59 -37.94 -10.53
C GLU S 73 31.61 -38.61 -9.16
N VAL S 74 30.52 -38.53 -8.42
CA VAL S 74 30.45 -39.22 -7.14
C VAL S 74 30.43 -40.73 -7.35
N THR S 75 29.72 -41.19 -8.38
CA THR S 75 29.69 -42.61 -8.68
C THR S 75 31.09 -43.16 -8.91
N PHE S 76 31.92 -42.44 -9.64
CA PHE S 76 33.28 -42.89 -9.89
C PHE S 76 34.17 -42.68 -8.69
N SER S 77 33.88 -41.68 -7.84
CA SER S 77 34.68 -41.50 -6.65
C SER S 77 34.41 -42.58 -5.60
N PHE S 78 33.27 -43.25 -5.67
CA PHE S 78 33.00 -44.29 -4.68
C PHE S 78 33.95 -45.49 -4.77
N PRO S 79 34.14 -46.15 -5.92
CA PRO S 79 35.13 -47.23 -5.95
C PRO S 79 36.54 -46.73 -5.74
N TRP S 80 36.87 -45.55 -6.24
CA TRP S 80 38.20 -44.99 -6.01
C TRP S 80 38.45 -44.74 -4.55
N ALA S 81 37.40 -44.53 -3.77
CA ALA S 81 37.60 -44.25 -2.35
C ALA S 81 38.04 -45.49 -1.60
N VAL S 82 37.35 -46.60 -1.81
CA VAL S 82 37.57 -47.78 -0.98
C VAL S 82 38.95 -48.37 -1.23
N SER S 83 39.41 -48.33 -2.47
CA SER S 83 40.61 -49.07 -2.87
C SER S 83 41.83 -48.18 -3.05
N LEU S 84 42.06 -47.20 -2.17
CA LEU S 84 43.35 -46.51 -2.21
C LEU S 84 44.37 -47.14 -1.26
N ASN S 85 44.46 -48.46 -1.28
CA ASN S 85 45.61 -49.13 -0.67
C ASN S 85 46.16 -50.24 -1.53
N LYS S 86 45.39 -50.81 -2.44
CA LYS S 86 45.91 -51.70 -3.46
C LYS S 86 46.21 -50.97 -4.75
N ILE S 87 46.23 -49.64 -4.71
CA ILE S 87 46.73 -48.83 -5.84
C ILE S 87 47.67 -47.76 -5.28
N ASP S 88 48.85 -47.69 -5.86
CA ASP S 88 49.88 -46.74 -5.47
C ASP S 88 49.50 -45.37 -6.03
N PRO S 89 50.37 -44.34 -5.88
CA PRO S 89 50.04 -43.03 -6.45
C PRO S 89 49.54 -43.03 -7.88
N PHE S 90 49.68 -44.14 -8.61
CA PHE S 90 49.07 -44.20 -9.94
C PHE S 90 47.57 -43.99 -9.87
N GLY S 91 46.91 -44.62 -8.90
CA GLY S 91 45.47 -44.43 -8.77
C GLY S 91 45.11 -42.99 -8.43
N SER S 92 45.79 -42.43 -7.44
CA SER S 92 45.53 -41.04 -7.07
C SER S 92 45.71 -40.12 -8.27
N TRP S 93 46.74 -40.36 -9.07
CA TRP S 93 47.00 -39.45 -10.18
C TRP S 93 45.98 -39.61 -11.29
N SER S 94 45.60 -40.84 -11.62
CA SER S 94 44.56 -41.01 -12.62
C SER S 94 43.27 -40.33 -12.20
N MET S 95 42.90 -40.50 -10.93
CA MET S 95 41.67 -39.89 -10.46
C MET S 95 41.79 -38.36 -10.46
N MET S 96 42.97 -37.84 -10.13
CA MET S 96 43.14 -36.40 -10.19
C MET S 96 43.08 -35.87 -11.61
N ALA S 97 43.53 -36.65 -12.58
CA ALA S 97 43.41 -36.21 -13.97
C ALA S 97 41.95 -36.16 -14.40
N PHE S 98 41.18 -37.18 -14.03
CA PHE S 98 39.74 -37.13 -14.30
C PHE S 98 39.12 -35.90 -13.66
N LEU S 99 39.46 -35.64 -12.40
CA LEU S 99 38.92 -34.48 -11.71
C LEU S 99 39.32 -33.20 -12.41
N LEU S 100 40.54 -33.15 -12.97
CA LEU S 100 41.00 -31.94 -13.63
C LEU S 100 40.24 -31.69 -14.91
N ILE S 101 39.96 -32.75 -15.67
CA ILE S 101 39.17 -32.56 -16.88
C ILE S 101 37.78 -32.05 -16.53
N LEU S 102 37.12 -32.69 -15.56
CA LEU S 102 35.80 -32.20 -15.21
C LEU S 102 35.85 -30.84 -14.52
N THR S 103 36.97 -30.47 -13.91
CA THR S 103 37.08 -29.16 -13.28
C THR S 103 37.25 -28.08 -14.32
N ILE S 104 37.99 -28.35 -15.40
CA ILE S 104 38.01 -27.41 -16.51
C ILE S 104 36.62 -27.29 -17.12
N GLY S 105 35.89 -28.40 -17.13
CA GLY S 105 34.48 -28.31 -17.48
C GLY S 105 33.72 -27.35 -16.60
N SER S 106 33.93 -27.45 -15.29
CA SER S 106 33.23 -26.58 -14.34
C SER S 106 33.65 -25.13 -14.53
N LEU S 107 34.91 -24.89 -14.84
CA LEU S 107 35.38 -23.53 -15.04
C LEU S 107 34.75 -22.92 -16.27
N TYR S 108 34.69 -23.69 -17.37
CA TYR S 108 33.99 -23.20 -18.55
C TYR S 108 32.52 -22.94 -18.23
N GLU S 109 31.92 -23.80 -17.41
CA GLU S 109 30.55 -23.55 -16.98
C GLU S 109 30.44 -22.22 -16.25
N TRP S 110 31.39 -21.95 -15.35
CA TRP S 110 31.31 -20.77 -14.50
C TRP S 110 31.46 -19.50 -15.30
N LYS S 111 32.53 -19.39 -16.09
CA LYS S 111 32.77 -18.14 -16.79
C LYS S 111 31.66 -17.84 -17.78
N ARG S 112 30.98 -18.86 -18.28
CA ARG S 112 29.82 -18.62 -19.12
C ARG S 112 28.65 -18.11 -18.31
N GLY S 113 28.69 -18.25 -16.99
CA GLY S 113 27.62 -17.76 -16.15
C GLY S 113 26.35 -18.58 -16.17
N ALA S 114 26.44 -19.84 -16.58
CA ALA S 114 25.24 -20.67 -16.64
C ALA S 114 24.70 -20.99 -15.26
N LEU S 115 25.56 -20.97 -14.25
CA LEU S 115 25.15 -21.18 -12.86
C LEU S 115 25.00 -19.86 -12.11
N ASP S 116 24.58 -18.80 -12.81
CA ASP S 116 24.43 -17.49 -12.19
C ASP S 116 23.14 -17.39 -11.38
N TRP S 117 22.03 -17.84 -11.96
CA TRP S 117 20.70 -17.68 -11.35
C TRP S 117 20.39 -16.21 -11.11
N MET T 1 18.63 -72.16 -16.60
CA MET T 1 17.36 -71.55 -17.00
C MET T 1 17.34 -70.07 -16.67
N ASP T 2 18.01 -69.71 -15.58
CA ASP T 2 18.08 -68.30 -15.21
C ASP T 2 18.84 -67.44 -16.21
N PRO T 3 19.98 -67.85 -16.77
CA PRO T 3 20.57 -67.05 -17.85
C PRO T 3 19.62 -66.87 -19.01
N ILE T 4 18.87 -67.91 -19.34
CA ILE T 4 17.88 -67.81 -20.40
C ILE T 4 16.85 -66.76 -20.06
N LYS T 5 16.36 -66.76 -18.82
CA LYS T 5 15.33 -65.79 -18.46
C LYS T 5 15.87 -64.36 -18.47
N TYR T 6 17.06 -64.16 -17.91
CA TYR T 6 17.67 -62.84 -17.92
C TYR T 6 17.85 -62.34 -19.35
N PHE T 7 18.45 -63.17 -20.20
CA PHE T 7 18.74 -62.74 -21.55
C PHE T 7 17.48 -62.50 -22.35
N THR T 8 16.44 -63.31 -22.13
CA THR T 8 15.22 -63.09 -22.88
C THR T 8 14.52 -61.82 -22.40
N PHE T 9 14.63 -61.48 -21.11
CA PHE T 9 14.11 -60.21 -20.65
C PHE T 9 14.86 -59.05 -21.31
N SER T 10 16.18 -59.13 -21.34
CA SER T 10 16.95 -58.07 -21.98
C SER T 10 16.57 -57.93 -23.44
N MET T 11 16.45 -59.05 -24.14
CA MET T 11 16.13 -59.01 -25.55
C MET T 11 14.75 -58.42 -25.79
N ILE T 12 13.77 -58.78 -24.96
CA ILE T 12 12.43 -58.26 -25.20
C ILE T 12 12.37 -56.78 -24.88
N ILE T 13 13.14 -56.31 -23.90
CA ILE T 13 13.18 -54.88 -23.65
C ILE T 13 13.83 -54.15 -24.82
N PHE T 14 14.92 -54.70 -25.36
CA PHE T 14 15.54 -54.09 -26.53
C PHE T 14 14.56 -54.01 -27.70
N ILE T 15 13.85 -55.11 -27.97
CA ILE T 15 12.88 -55.13 -29.05
C ILE T 15 11.80 -54.08 -28.81
N LEU T 16 11.37 -53.94 -27.55
CA LEU T 16 10.34 -52.96 -27.24
C LEU T 16 10.84 -51.56 -27.50
N GLY T 17 12.07 -51.28 -27.12
CA GLY T 17 12.63 -49.96 -27.37
C GLY T 17 12.74 -49.64 -28.85
N ILE T 18 13.20 -50.61 -29.63
CA ILE T 18 13.37 -50.34 -31.06
C ILE T 18 12.00 -50.18 -31.73
N ARG T 19 11.01 -50.95 -31.28
CA ARG T 19 9.66 -50.77 -31.82
C ARG T 19 9.12 -49.40 -31.46
N GLY T 20 9.47 -48.90 -30.28
CA GLY T 20 9.06 -47.56 -29.91
C GLY T 20 9.72 -46.50 -30.78
N ILE T 21 11.03 -46.62 -31.00
CA ILE T 21 11.71 -45.61 -31.79
C ILE T 21 11.32 -45.68 -33.26
N LEU T 22 10.79 -46.82 -33.71
CA LEU T 22 10.38 -46.92 -35.11
C LEU T 22 8.94 -46.49 -35.33
N LEU T 23 8.00 -47.07 -34.59
CA LEU T 23 6.60 -46.75 -34.79
C LEU T 23 6.33 -45.28 -34.50
N ASN T 24 6.54 -44.86 -33.25
CA ASN T 24 6.36 -43.46 -32.91
C ASN T 24 7.47 -42.64 -33.53
N ARG T 25 7.11 -41.69 -34.38
CA ARG T 25 8.07 -40.93 -35.16
C ARG T 25 8.15 -39.47 -34.78
N ARG T 26 7.08 -38.88 -34.25
CA ARG T 26 7.03 -37.46 -33.99
C ARG T 26 7.37 -37.10 -32.55
N ASN T 27 6.82 -37.82 -31.58
CA ASN T 27 7.05 -37.50 -30.18
C ASN T 27 8.51 -37.73 -29.84
N ILE T 28 9.28 -36.65 -29.73
CA ILE T 28 10.70 -36.78 -29.48
C ILE T 28 10.94 -37.37 -28.09
N LEU T 29 10.07 -37.09 -27.13
CA LEU T 29 10.27 -37.59 -25.78
C LEU T 29 10.22 -39.10 -25.74
N ILE T 30 9.19 -39.69 -26.36
CA ILE T 30 9.11 -41.14 -26.44
C ILE T 30 10.30 -41.70 -27.19
N MET T 31 10.77 -40.98 -28.21
CA MET T 31 11.92 -41.44 -28.97
C MET T 31 13.16 -41.55 -28.08
N LEU T 32 13.45 -40.49 -27.32
CA LEU T 32 14.64 -40.50 -26.48
C LEU T 32 14.50 -41.48 -25.34
N MET T 33 13.29 -41.62 -24.78
CA MET T 33 13.10 -42.62 -23.75
C MET T 33 13.30 -44.03 -24.30
N SER T 34 12.92 -44.26 -25.56
CA SER T 34 13.16 -45.58 -26.14
C SER T 34 14.64 -45.83 -26.34
N ILE T 35 15.39 -44.79 -26.73
CA ILE T 35 16.84 -44.96 -26.83
C ILE T 35 17.42 -45.30 -25.47
N GLU T 36 16.94 -44.64 -24.42
CA GLU T 36 17.38 -44.97 -23.07
C GLU T 36 17.06 -46.41 -22.74
N LEU T 37 15.88 -46.89 -23.13
CA LEU T 37 15.52 -48.27 -22.86
C LEU T 37 16.45 -49.24 -23.58
N MET T 38 16.79 -48.93 -24.82
CA MET T 38 17.71 -49.79 -25.56
C MET T 38 19.05 -49.88 -24.83
N LEU T 39 19.60 -48.74 -24.41
CA LEU T 39 20.86 -48.77 -23.70
C LEU T 39 20.73 -49.48 -22.35
N LEU T 40 19.56 -49.38 -21.71
CA LEU T 40 19.35 -50.11 -20.46
C LEU T 40 19.39 -51.61 -20.68
N ALA T 41 18.72 -52.09 -21.73
CA ALA T 41 18.75 -53.53 -22.01
C ALA T 41 20.16 -53.99 -22.31
N VAL T 42 20.91 -53.20 -23.09
CA VAL T 42 22.30 -53.56 -23.35
C VAL T 42 23.08 -53.65 -22.05
N ASN T 43 22.90 -52.69 -21.16
CA ASN T 43 23.59 -52.71 -19.88
C ASN T 43 23.23 -53.97 -19.09
N SER T 44 21.96 -54.31 -19.04
CA SER T 44 21.53 -55.44 -18.23
C SER T 44 22.11 -56.74 -18.75
N ASN T 45 22.12 -56.94 -20.07
CA ASN T 45 22.67 -58.21 -20.54
C ASN T 45 24.19 -58.21 -20.44
N PHE T 46 24.84 -57.05 -20.52
CA PHE T 46 26.25 -56.97 -20.19
C PHE T 46 26.52 -57.51 -18.79
N LEU T 47 25.73 -57.07 -17.82
CA LEU T 47 25.95 -57.52 -16.45
C LEU T 47 25.68 -59.01 -16.30
N VAL T 48 24.57 -59.48 -16.87
CA VAL T 48 24.26 -60.91 -16.79
C VAL T 48 25.41 -61.72 -17.34
N PHE T 49 25.99 -61.30 -18.46
CA PHE T 49 27.11 -62.03 -19.02
C PHE T 49 28.33 -61.93 -18.12
N SER T 50 28.58 -60.76 -17.55
CA SER T 50 29.74 -60.62 -16.67
C SER T 50 29.66 -61.54 -15.48
N VAL T 51 28.45 -61.88 -15.04
CA VAL T 51 28.34 -62.78 -13.89
C VAL T 51 28.19 -64.24 -14.29
N SER T 52 27.70 -64.53 -15.49
CA SER T 52 27.51 -65.92 -15.88
C SER T 52 28.83 -66.59 -16.18
N LEU T 53 29.54 -66.11 -17.19
CA LEU T 53 30.94 -66.45 -17.36
C LEU T 53 31.73 -65.55 -16.43
N ASP T 54 32.52 -66.16 -15.55
CA ASP T 54 33.16 -65.41 -14.48
C ASP T 54 34.24 -64.53 -15.09
N ASP T 55 33.91 -63.27 -15.32
CA ASP T 55 34.82 -62.33 -15.95
C ASP T 55 34.33 -60.92 -15.64
N MET T 56 35.27 -60.00 -15.53
CA MET T 56 35.00 -58.69 -14.94
C MET T 56 34.71 -57.60 -15.96
N MET T 57 35.37 -57.62 -17.13
CA MET T 57 35.26 -56.49 -18.05
C MET T 57 33.82 -56.15 -18.40
N GLY T 58 32.89 -57.09 -18.23
CA GLY T 58 31.49 -56.76 -18.42
C GLY T 58 31.05 -55.59 -17.58
N GLN T 59 31.53 -55.52 -16.34
CA GLN T 59 31.05 -54.48 -15.45
C GLN T 59 31.73 -53.14 -15.72
N SER T 60 33.02 -53.15 -16.05
CA SER T 60 33.64 -51.91 -16.50
C SER T 60 32.92 -51.37 -17.73
N PHE T 61 32.62 -52.23 -18.69
CA PHE T 61 31.87 -51.79 -19.86
C PHE T 61 30.52 -51.24 -19.46
N ALA T 62 29.87 -51.87 -18.48
CA ALA T 62 28.56 -51.41 -18.03
C ALA T 62 28.63 -50.00 -17.48
N LEU T 63 29.64 -49.74 -16.65
CA LEU T 63 29.77 -48.42 -16.05
C LEU T 63 30.04 -47.36 -17.14
N LEU T 64 30.94 -47.67 -18.06
CA LEU T 64 31.25 -46.70 -19.10
C LEU T 64 30.05 -46.45 -20.02
N VAL T 65 29.29 -47.50 -20.35
CA VAL T 65 28.13 -47.26 -21.21
C VAL T 65 27.05 -46.51 -20.44
N LEU T 66 27.00 -46.67 -19.12
CA LEU T 66 26.12 -45.80 -18.33
C LEU T 66 26.51 -44.34 -18.53
N THR T 67 27.81 -44.05 -18.49
CA THR T 67 28.25 -42.68 -18.76
C THR T 67 27.80 -42.22 -20.13
N VAL T 68 27.98 -43.07 -21.14
CA VAL T 68 27.60 -42.71 -22.50
C VAL T 68 26.11 -42.42 -22.59
N ALA T 69 25.29 -43.24 -21.93
CA ALA T 69 23.85 -43.05 -21.99
C ALA T 69 23.44 -41.76 -21.32
N ALA T 70 24.04 -41.43 -20.18
CA ALA T 70 23.74 -40.16 -19.54
C ALA T 70 24.08 -38.99 -20.46
N ALA T 71 25.24 -39.06 -21.11
CA ALA T 71 25.63 -37.98 -22.01
C ALA T 71 24.64 -37.83 -23.16
N GLU T 72 24.32 -38.94 -23.83
CA GLU T 72 23.38 -38.85 -24.95
C GLU T 72 22.04 -38.30 -24.51
N SER T 73 21.53 -38.77 -23.37
CA SER T 73 20.23 -38.30 -22.92
C SER T 73 20.25 -36.80 -22.67
N ALA T 74 21.27 -36.32 -21.95
CA ALA T 74 21.35 -34.90 -21.66
C ALA T 74 21.40 -34.07 -22.94
N ILE T 75 22.31 -34.42 -23.84
CA ILE T 75 22.49 -33.59 -25.02
C ILE T 75 21.28 -33.67 -25.94
N GLY T 76 20.64 -34.83 -26.03
CA GLY T 76 19.48 -34.95 -26.89
C GLY T 76 18.31 -34.19 -26.35
N LEU T 77 18.13 -34.20 -25.04
CA LEU T 77 17.07 -33.39 -24.48
C LEU T 77 17.34 -31.92 -24.67
N ALA T 78 18.62 -31.52 -24.68
CA ALA T 78 18.95 -30.14 -25.03
C ALA T 78 18.50 -29.83 -26.46
N ILE T 79 18.81 -30.73 -27.39
CA ILE T 79 18.36 -30.56 -28.77
C ILE T 79 16.86 -30.36 -28.81
N PHE T 80 16.12 -31.17 -28.06
CA PHE T 80 14.66 -31.06 -28.08
C PHE T 80 14.21 -29.72 -27.52
N VAL T 81 14.72 -29.34 -26.34
CA VAL T 81 14.24 -28.14 -25.70
C VAL T 81 14.60 -26.90 -26.49
N ILE T 82 15.62 -26.96 -27.35
CA ILE T 82 15.80 -25.85 -28.26
C ILE T 82 14.91 -25.97 -29.49
N THR T 83 14.51 -27.19 -29.85
CA THR T 83 13.57 -27.33 -30.96
C THR T 83 12.20 -26.79 -30.60
N PHE T 84 11.82 -26.90 -29.32
CA PHE T 84 10.47 -26.53 -28.88
C PHE T 84 10.43 -25.16 -28.23
N ARG T 85 11.19 -24.21 -28.75
CA ARG T 85 11.10 -22.81 -28.32
C ARG T 85 10.32 -21.98 -29.31
N VAL T 86 10.71 -22.00 -30.58
CA VAL T 86 10.08 -21.29 -31.71
C VAL T 86 9.38 -19.99 -31.32
N MET U 1 10.57 -67.08 -8.10
CA MET U 1 9.27 -66.41 -8.04
C MET U 1 9.42 -64.91 -8.22
N ILE U 2 10.06 -64.29 -7.23
CA ILE U 2 10.18 -62.84 -7.22
C ILE U 2 10.90 -62.33 -8.46
N LEU U 3 11.84 -63.12 -9.00
CA LEU U 3 12.44 -62.81 -10.29
C LEU U 3 11.38 -62.63 -11.36
N SER U 4 10.43 -63.56 -11.42
CA SER U 4 9.37 -63.45 -12.42
C SER U 4 8.52 -62.21 -12.18
N VAL U 5 8.29 -61.88 -10.90
CA VAL U 5 7.50 -60.69 -10.60
C VAL U 5 8.17 -59.45 -11.16
N LEU U 6 9.46 -59.27 -10.87
CA LEU U 6 10.18 -58.10 -11.36
C LEU U 6 10.22 -58.07 -12.89
N SER U 7 10.44 -59.23 -13.51
CA SER U 7 10.49 -59.26 -14.97
C SER U 7 9.15 -58.86 -15.57
N SER U 8 8.05 -59.37 -15.03
CA SER U 8 6.74 -59.03 -15.54
C SER U 8 6.44 -57.55 -15.36
N LEU U 9 6.75 -57.01 -14.19
CA LEU U 9 6.53 -55.59 -13.96
C LEU U 9 7.32 -54.75 -14.95
N ALA U 10 8.60 -55.08 -15.16
CA ALA U 10 9.41 -54.33 -16.10
C ALA U 10 8.84 -54.40 -17.50
N LEU U 11 8.42 -55.59 -17.93
CA LEU U 11 7.83 -55.76 -19.26
C LEU U 11 6.62 -54.86 -19.44
N VAL U 12 5.62 -55.00 -18.57
CA VAL U 12 4.38 -54.25 -18.75
C VAL U 12 4.65 -52.76 -18.64
N SER U 13 5.59 -52.37 -17.78
CA SER U 13 5.86 -50.95 -17.63
C SER U 13 6.54 -50.37 -18.85
N GLY U 14 7.42 -51.14 -19.50
CA GLY U 14 7.98 -50.67 -20.76
C GLY U 14 6.92 -50.56 -21.83
N LEU U 15 6.01 -51.52 -21.89
CA LEU U 15 4.89 -51.42 -22.81
C LEU U 15 4.15 -50.11 -22.62
N MET U 16 3.83 -49.78 -21.37
CA MET U 16 3.14 -48.52 -21.10
C MET U 16 4.01 -47.32 -21.49
N VAL U 17 5.32 -47.42 -21.28
CA VAL U 17 6.22 -46.35 -21.71
C VAL U 17 6.02 -46.05 -23.18
N VAL U 18 5.97 -47.10 -23.99
CA VAL U 18 5.87 -46.86 -25.43
C VAL U 18 4.47 -46.47 -25.87
N ARG U 19 3.43 -47.03 -25.24
CA ARG U 19 2.07 -46.84 -25.74
C ARG U 19 1.29 -45.76 -25.01
N ALA U 20 1.33 -45.74 -23.68
CA ALA U 20 0.43 -44.87 -22.91
C ALA U 20 0.71 -43.40 -23.20
N LYS U 21 -0.36 -42.63 -23.33
CA LYS U 21 -0.27 -41.21 -23.65
C LYS U 21 -0.09 -40.41 -22.37
N ASN U 22 -0.27 -39.08 -22.45
CA ASN U 22 0.00 -38.18 -21.35
C ASN U 22 1.47 -38.37 -20.94
N PRO U 23 2.41 -37.87 -21.76
CA PRO U 23 3.82 -38.26 -21.63
C PRO U 23 4.37 -38.32 -20.21
N VAL U 24 3.74 -37.59 -19.29
CA VAL U 24 4.14 -37.71 -17.88
C VAL U 24 3.87 -39.11 -17.37
N HIS U 25 2.76 -39.71 -17.83
CA HIS U 25 2.53 -41.13 -17.53
C HIS U 25 3.66 -41.99 -18.08
N SER U 26 4.13 -41.68 -19.29
CA SER U 26 5.24 -42.44 -19.85
C SER U 26 6.49 -42.32 -19.00
N VAL U 27 6.79 -41.11 -18.52
CA VAL U 27 7.98 -40.92 -17.72
C VAL U 27 7.85 -41.64 -16.38
N LEU U 28 6.65 -41.65 -15.81
CA LEU U 28 6.46 -42.40 -14.57
C LEU U 28 6.69 -43.88 -14.81
N PHE U 29 6.13 -44.43 -15.88
CA PHE U 29 6.35 -45.85 -16.14
C PHE U 29 7.80 -46.14 -16.47
N PHE U 30 8.50 -45.16 -17.03
CA PHE U 30 9.93 -45.31 -17.31
C PHE U 30 10.74 -45.40 -16.02
N ILE U 31 10.47 -44.48 -15.08
CA ILE U 31 11.06 -44.56 -13.76
C ILE U 31 10.78 -45.93 -13.15
N LEU U 32 9.57 -46.43 -13.35
CA LEU U 32 9.21 -47.72 -12.75
C LEU U 32 10.00 -48.85 -13.41
N VAL U 33 10.18 -48.78 -14.72
CA VAL U 33 11.03 -49.76 -15.41
C VAL U 33 12.41 -49.79 -14.77
N PHE U 34 12.99 -48.61 -14.57
CA PHE U 34 14.35 -48.58 -14.05
C PHE U 34 14.41 -49.07 -12.61
N CYS U 35 13.37 -48.77 -11.82
CA CYS U 35 13.33 -49.25 -10.44
C CYS U 35 13.31 -50.77 -10.38
N ASP U 36 12.42 -51.38 -11.17
CA ASP U 36 12.36 -52.85 -11.14
C ASP U 36 13.61 -53.46 -11.76
N THR U 37 14.22 -52.82 -12.75
CA THR U 37 15.47 -53.34 -13.27
C THR U 37 16.56 -53.30 -12.22
N SER U 38 16.58 -52.25 -11.40
CA SER U 38 17.55 -52.18 -10.31
C SER U 38 17.31 -53.29 -9.30
N GLY U 39 16.05 -53.50 -8.93
CA GLY U 39 15.75 -54.63 -8.05
C GLY U 39 16.19 -55.95 -8.65
N LEU U 40 16.00 -56.11 -9.95
CA LEU U 40 16.43 -57.32 -10.65
C LEU U 40 17.94 -57.51 -10.51
N LEU U 41 18.70 -56.47 -10.84
CA LEU U 41 20.15 -56.53 -10.68
C LEU U 41 20.53 -56.90 -9.26
N LEU U 42 19.80 -56.36 -8.28
CA LEU U 42 20.05 -56.72 -6.89
C LEU U 42 19.85 -58.20 -6.68
N LEU U 43 18.81 -58.76 -7.30
CA LEU U 43 18.59 -60.20 -7.21
C LEU U 43 19.73 -60.97 -7.83
N LEU U 44 20.31 -60.44 -8.89
CA LEU U 44 21.40 -61.13 -9.57
C LEU U 44 22.62 -61.31 -8.67
N GLY U 45 22.76 -60.49 -7.64
CA GLY U 45 23.90 -60.58 -6.76
C GLY U 45 24.93 -59.48 -6.94
N LEU U 46 24.64 -58.46 -7.72
CA LEU U 46 25.52 -57.31 -7.88
C LEU U 46 24.84 -56.13 -7.21
N ASP U 47 25.32 -55.79 -6.01
CA ASP U 47 24.64 -54.75 -5.24
C ASP U 47 25.06 -53.35 -5.68
N PHE U 48 26.35 -53.14 -5.92
CA PHE U 48 26.82 -51.79 -6.26
C PHE U 48 26.08 -51.26 -7.48
N SER U 49 26.04 -52.04 -8.55
CA SER U 49 25.38 -51.58 -9.76
C SER U 49 23.90 -51.33 -9.53
N ALA U 50 23.28 -52.02 -8.57
CA ALA U 50 21.89 -51.74 -8.26
C ALA U 50 21.74 -50.33 -7.69
N MET U 51 22.52 -50.01 -6.66
CA MET U 51 22.46 -48.67 -6.10
C MET U 51 22.83 -47.62 -7.13
N ILE U 52 23.72 -47.96 -8.07
CA ILE U 52 24.07 -46.98 -9.09
C ILE U 52 22.90 -46.76 -10.03
N PHE U 53 22.24 -47.83 -10.47
CA PHE U 53 21.03 -47.67 -11.27
C PHE U 53 20.04 -46.79 -10.54
N LEU U 54 19.95 -46.92 -9.22
CA LEU U 54 19.07 -46.03 -8.47
C LEU U 54 19.54 -44.59 -8.56
N VAL U 55 20.83 -44.35 -8.37
CA VAL U 55 21.31 -42.99 -8.19
C VAL U 55 21.34 -42.23 -9.51
N VAL U 56 22.00 -42.76 -10.53
CA VAL U 56 22.25 -42.00 -11.75
C VAL U 56 21.17 -42.23 -12.80
N TYR U 57 20.67 -43.46 -12.94
CA TYR U 57 19.58 -43.70 -13.88
C TYR U 57 18.27 -43.10 -13.38
N ILE U 58 17.87 -43.41 -12.17
CA ILE U 58 16.59 -42.91 -11.66
C ILE U 58 16.74 -41.51 -11.10
N GLY U 59 17.61 -41.34 -10.11
CA GLY U 59 17.68 -40.08 -9.40
C GLY U 59 18.25 -38.93 -10.20
N ALA U 60 18.93 -39.20 -11.32
CA ALA U 60 19.62 -38.15 -12.05
C ALA U 60 19.07 -37.94 -13.46
N ILE U 61 18.96 -38.98 -14.27
CA ILE U 61 18.46 -38.79 -15.62
C ILE U 61 16.95 -38.62 -15.61
N ALA U 62 16.24 -39.51 -14.92
CA ALA U 62 14.80 -39.44 -14.96
C ALA U 62 14.28 -38.15 -14.34
N VAL U 63 15.02 -37.54 -13.40
CA VAL U 63 14.56 -36.26 -12.88
C VAL U 63 14.70 -35.17 -13.94
N LEU U 64 15.73 -35.26 -14.78
CA LEU U 64 15.86 -34.32 -15.88
C LEU U 64 14.69 -34.49 -16.85
N PHE U 65 14.40 -35.73 -17.23
CA PHE U 65 13.29 -35.97 -18.13
C PHE U 65 11.98 -35.46 -17.54
N LEU U 66 11.80 -35.67 -16.24
CA LEU U 66 10.58 -35.21 -15.58
C LEU U 66 10.50 -33.69 -15.58
N PHE U 67 11.62 -33.02 -15.26
CA PHE U 67 11.66 -31.56 -15.36
C PHE U 67 11.20 -31.09 -16.72
N VAL U 68 11.81 -31.62 -17.78
CA VAL U 68 11.53 -31.08 -19.11
C VAL U 68 10.09 -31.37 -19.53
N VAL U 69 9.64 -32.61 -19.35
CA VAL U 69 8.25 -32.90 -19.70
C VAL U 69 7.27 -32.17 -18.79
N MET U 70 7.73 -31.63 -17.67
CA MET U 70 6.86 -30.82 -16.83
C MET U 70 6.61 -29.45 -17.46
N MET U 71 7.68 -28.78 -17.87
CA MET U 71 7.54 -27.43 -18.41
C MET U 71 6.79 -27.40 -19.73
N PHE U 72 6.67 -28.53 -20.42
CA PHE U 72 5.94 -28.56 -21.68
C PHE U 72 4.78 -29.54 -21.58
N HIS U 73 4.03 -29.48 -20.47
CA HIS U 73 2.90 -30.38 -20.27
C HIS U 73 1.83 -30.19 -21.35
N ILE U 74 1.65 -28.94 -21.79
CA ILE U 74 0.65 -28.63 -22.81
C ILE U 74 1.12 -28.92 -24.22
N GLN U 75 2.27 -29.56 -24.38
CA GLN U 75 2.81 -29.84 -25.72
C GLN U 75 2.36 -31.19 -26.24
N ILE U 76 1.04 -31.43 -26.22
CA ILE U 76 0.45 -32.65 -26.76
C ILE U 76 0.02 -32.36 -28.19
N ALA U 77 0.99 -32.27 -29.08
CA ALA U 77 0.73 -31.99 -30.48
C ALA U 77 0.14 -33.22 -31.17
N LEU U 97 6.01 -63.58 -29.93
CA LEU U 97 7.24 -63.80 -29.20
C LEU U 97 7.25 -65.19 -28.59
N TRP U 98 6.06 -65.78 -28.43
CA TRP U 98 5.97 -67.13 -27.90
C TRP U 98 6.66 -68.14 -28.80
N TRP U 99 6.68 -67.88 -30.12
CA TRP U 99 7.40 -68.76 -31.03
C TRP U 99 8.90 -68.76 -30.73
N GLU U 100 9.48 -67.57 -30.56
CA GLU U 100 10.91 -67.50 -30.25
C GLU U 100 11.21 -68.06 -28.87
N MET U 101 10.32 -67.79 -27.90
CA MET U 101 10.50 -68.35 -26.57
C MET U 101 10.51 -69.88 -26.61
N PHE U 102 9.59 -70.47 -27.38
CA PHE U 102 9.58 -71.92 -27.52
C PHE U 102 10.82 -72.42 -28.26
N PHE U 103 11.28 -71.65 -29.26
CA PHE U 103 12.44 -72.08 -30.03
C PHE U 103 13.71 -72.05 -29.18
N ILE U 104 13.76 -71.19 -28.18
CA ILE U 104 14.90 -71.14 -27.28
C ILE U 104 14.69 -71.95 -26.01
N LEU U 105 13.47 -72.44 -25.76
CA LEU U 105 13.20 -73.32 -24.63
C LEU U 105 13.08 -74.78 -25.02
N ASP U 106 13.15 -75.10 -26.31
CA ASP U 106 13.13 -76.48 -26.78
C ASP U 106 14.48 -76.91 -27.34
N ASN U 107 15.58 -76.36 -26.81
CA ASN U 107 16.91 -76.62 -27.34
C ASN U 107 17.60 -77.81 -26.69
N GLU U 108 17.16 -78.23 -25.50
CA GLU U 108 17.80 -79.30 -24.74
C GLU U 108 19.28 -79.01 -24.50
N THR U 109 19.62 -77.73 -24.34
CA THR U 109 20.93 -77.31 -23.86
C THR U 109 20.86 -76.59 -22.53
N ILE U 110 19.65 -76.38 -22.00
CA ILE U 110 19.23 -75.85 -20.71
C ILE U 110 18.88 -77.01 -19.78
N PRO U 111 19.33 -76.98 -18.53
CA PRO U 111 19.12 -78.14 -17.65
C PRO U 111 17.66 -78.28 -17.26
N LEU U 112 17.12 -79.48 -17.49
CA LEU U 112 15.78 -79.78 -17.02
C LEU U 112 15.72 -79.67 -15.50
N LEU U 113 14.80 -78.84 -15.00
CA LEU U 113 14.73 -78.60 -13.56
C LEU U 113 14.73 -79.87 -12.72
N PRO U 114 14.14 -80.99 -13.14
CA PRO U 114 14.34 -82.23 -12.38
C PRO U 114 15.79 -82.57 -12.13
N THR U 115 16.68 -82.32 -13.10
CA THR U 115 18.09 -82.60 -12.88
C THR U 115 18.67 -81.73 -11.79
N GLN U 116 18.36 -80.44 -11.81
CA GLN U 116 18.93 -79.51 -10.85
C GLN U 116 18.54 -79.83 -9.41
N ILE U 117 17.58 -80.73 -9.20
CA ILE U 117 17.09 -81.00 -7.85
C ILE U 117 18.13 -81.76 -7.04
N ASN U 118 18.45 -82.99 -7.45
CA ASN U 118 19.41 -83.78 -6.70
C ASN U 118 20.80 -83.16 -6.75
N THR U 119 21.24 -82.75 -7.94
CA THR U 119 22.50 -82.02 -8.05
C THR U 119 22.51 -80.75 -7.22
N THR U 120 21.35 -80.28 -6.76
CA THR U 120 21.31 -79.15 -5.84
C THR U 120 22.22 -79.39 -4.64
N SER U 121 22.24 -80.63 -4.14
CA SER U 121 23.17 -80.97 -3.07
C SER U 121 24.45 -81.59 -3.62
N LEU U 122 25.06 -80.92 -4.59
CA LEU U 122 26.30 -81.41 -5.18
C LEU U 122 27.38 -80.35 -5.32
N ILE U 123 27.06 -79.07 -5.07
CA ILE U 123 28.03 -78.01 -5.26
C ILE U 123 29.19 -78.18 -4.28
N TYR U 124 30.37 -77.76 -4.69
CA TYR U 124 31.62 -77.99 -3.96
C TYR U 124 32.18 -76.65 -3.51
N THR U 125 31.85 -76.25 -2.28
CA THR U 125 32.42 -75.04 -1.73
C THR U 125 33.93 -75.19 -1.55
N VAL U 126 34.64 -74.07 -1.65
CA VAL U 126 36.09 -74.14 -1.68
C VAL U 126 36.69 -73.77 -0.33
N TYR U 127 36.01 -72.91 0.41
CA TYR U 127 36.45 -72.45 1.74
C TYR U 127 37.84 -71.84 1.72
N ALA U 128 38.43 -71.62 0.55
CA ALA U 128 39.78 -71.10 0.45
C ALA U 128 39.87 -69.84 -0.39
N GLY U 129 38.93 -69.62 -1.29
CA GLY U 129 38.84 -68.36 -2.00
C GLY U 129 37.95 -67.37 -1.31
N LYS U 130 37.35 -67.73 -0.18
CA LYS U 130 36.49 -66.84 0.57
C LYS U 130 36.99 -66.61 1.99
N VAL U 131 38.29 -66.76 2.22
CA VAL U 131 38.85 -66.40 3.52
C VAL U 131 38.75 -64.89 3.73
N ARG U 132 39.03 -64.13 2.69
CA ARG U 132 38.57 -62.76 2.57
C ARG U 132 37.42 -62.74 1.58
N SER U 133 36.96 -61.56 1.22
CA SER U 133 35.91 -61.47 0.19
C SER U 133 35.89 -60.04 -0.32
N TRP U 134 36.23 -59.84 -1.58
CA TRP U 134 36.07 -58.54 -2.19
C TRP U 134 34.62 -58.33 -2.54
N THR U 135 33.98 -57.32 -1.96
CA THR U 135 32.70 -56.89 -2.48
C THR U 135 32.93 -56.29 -3.86
N ASN U 136 31.91 -56.41 -4.72
CA ASN U 136 32.10 -56.04 -6.12
C ASN U 136 32.57 -54.60 -6.25
N LEU U 137 32.22 -53.75 -5.30
CA LEU U 137 32.69 -52.37 -5.33
C LEU U 137 34.21 -52.32 -5.27
N GLU U 138 34.80 -53.08 -4.35
CA GLU U 138 36.24 -53.01 -4.14
C GLU U 138 37.00 -53.54 -5.35
N THR U 139 36.64 -54.74 -5.81
CA THR U 139 37.33 -55.30 -6.97
C THR U 139 37.14 -54.42 -8.20
N LEU U 140 35.94 -53.86 -8.37
CA LEU U 140 35.73 -53.00 -9.53
C LEU U 140 36.62 -51.76 -9.45
N GLY U 141 36.76 -51.19 -8.26
CA GLY U 141 37.66 -50.05 -8.12
C GLY U 141 39.09 -50.41 -8.48
N ASN U 142 39.58 -51.50 -7.89
CA ASN U 142 40.90 -52.02 -8.22
C ASN U 142 41.11 -52.04 -9.73
N LEU U 143 40.30 -52.84 -10.41
CA LEU U 143 40.48 -53.03 -11.83
C LEU U 143 40.39 -51.72 -12.60
N LEU U 144 39.34 -50.94 -12.35
CA LEU U 144 39.05 -49.80 -13.20
C LEU U 144 40.09 -48.71 -13.06
N TYR U 145 40.66 -48.52 -11.88
CA TYR U 145 41.60 -47.41 -11.76
C TYR U 145 43.05 -47.81 -12.02
N THR U 146 43.49 -49.00 -11.60
CA THR U 146 44.88 -49.33 -11.85
C THR U 146 45.11 -49.61 -13.33
N TYR U 147 44.44 -50.62 -13.85
CA TYR U 147 44.46 -50.95 -15.26
C TYR U 147 43.28 -50.30 -15.96
N TYR U 148 43.26 -50.40 -17.28
CA TYR U 148 42.12 -49.92 -18.07
C TYR U 148 41.82 -48.45 -17.78
N PHE U 149 42.84 -47.66 -17.42
CA PHE U 149 42.56 -46.32 -16.96
C PHE U 149 42.16 -45.39 -18.10
N VAL U 150 42.73 -45.57 -19.28
CA VAL U 150 42.32 -44.74 -20.42
C VAL U 150 40.84 -44.96 -20.70
N TRP U 151 40.36 -46.18 -20.53
CA TRP U 151 38.93 -46.46 -20.56
C TRP U 151 38.17 -45.62 -19.56
N PHE U 152 38.85 -45.05 -18.58
CA PHE U 152 38.22 -44.20 -17.58
C PHE U 152 38.49 -42.73 -17.84
N LEU U 153 39.56 -42.40 -18.57
CA LEU U 153 39.76 -41.00 -18.95
C LEU U 153 38.79 -40.58 -20.05
N VAL U 154 38.55 -41.45 -21.03
CA VAL U 154 37.64 -41.10 -22.11
C VAL U 154 36.25 -40.69 -21.61
N PRO U 155 35.62 -41.40 -20.67
CA PRO U 155 34.32 -40.93 -20.19
C PRO U 155 34.37 -39.55 -19.59
N SER U 156 35.50 -39.15 -19.01
CA SER U 156 35.63 -37.75 -18.62
C SER U 156 35.42 -36.85 -19.81
N LEU U 157 36.03 -37.17 -20.95
CA LEU U 157 35.88 -36.33 -22.13
C LEU U 157 34.44 -36.35 -22.62
N ILE U 158 33.76 -37.50 -22.54
CA ILE U 158 32.41 -37.50 -23.08
C ILE U 158 31.47 -36.74 -22.15
N LEU U 159 31.73 -36.75 -20.84
CA LEU U 159 30.94 -35.92 -19.94
C LEU U 159 31.20 -34.43 -20.19
N LEU U 160 32.47 -34.07 -20.39
CA LEU U 160 32.79 -32.70 -20.73
C LEU U 160 32.09 -32.26 -22.00
N VAL U 161 32.08 -33.13 -23.01
CA VAL U 161 31.34 -32.84 -24.23
C VAL U 161 29.87 -32.61 -23.92
N ALA U 162 29.30 -33.46 -23.08
CA ALA U 162 27.89 -33.29 -22.72
C ALA U 162 27.63 -31.90 -22.16
N MET U 163 28.46 -31.46 -21.21
CA MET U 163 28.14 -30.21 -20.54
C MET U 163 28.38 -29.01 -21.45
N ILE U 164 29.50 -28.98 -22.18
CA ILE U 164 29.69 -27.83 -23.06
C ILE U 164 28.69 -27.84 -24.19
N GLY U 165 28.17 -29.02 -24.55
CA GLY U 165 27.14 -29.06 -25.56
C GLY U 165 25.83 -28.47 -25.06
N ALA U 166 25.42 -28.84 -23.85
CA ALA U 166 24.24 -28.22 -23.28
C ALA U 166 24.39 -26.70 -23.26
N ILE U 167 25.56 -26.22 -22.84
CA ILE U 167 25.78 -24.77 -22.78
C ILE U 167 25.64 -24.15 -24.16
N VAL U 168 26.44 -24.60 -25.13
CA VAL U 168 26.47 -23.95 -26.44
C VAL U 168 25.12 -24.07 -27.13
N LEU U 169 24.36 -25.11 -26.82
CA LEU U 169 23.06 -25.27 -27.47
C LEU U 169 22.04 -24.33 -26.88
N THR U 170 21.75 -24.44 -25.59
CA THR U 170 20.59 -23.75 -25.06
C THR U 170 20.89 -22.39 -24.45
N MET U 171 22.07 -22.19 -23.87
CA MET U 171 22.37 -20.96 -23.14
C MET U 171 22.62 -19.83 -24.12
N HIS U 172 21.68 -18.89 -24.20
CA HIS U 172 21.83 -17.73 -25.06
C HIS U 172 22.88 -16.78 -24.52
N ASN V 2 18.07 -23.25 40.49
CA ASN V 2 17.99 -22.72 39.14
C ASN V 2 18.21 -23.82 38.11
N LEU V 3 17.11 -24.27 37.49
CA LEU V 3 17.18 -25.29 36.46
C LEU V 3 16.16 -25.02 35.36
N ARG V 4 15.91 -23.74 35.07
CA ARG V 4 14.87 -23.41 34.11
C ARG V 4 15.17 -23.96 32.73
N TRP V 5 16.45 -24.10 32.38
CA TRP V 5 16.78 -24.63 31.06
C TRP V 5 16.30 -26.06 30.90
N MET V 6 16.24 -26.81 31.99
CA MET V 6 15.86 -28.22 31.89
C MET V 6 14.46 -28.41 31.36
N GLU V 7 13.64 -27.37 31.37
CA GLU V 7 12.30 -27.47 30.79
C GLU V 7 12.35 -27.64 29.27
N ALA V 8 13.44 -27.23 28.63
CA ALA V 8 13.52 -27.33 27.17
C ALA V 8 14.18 -28.61 26.70
N VAL V 9 15.24 -29.04 27.37
CA VAL V 9 15.88 -30.29 26.99
C VAL V 9 14.93 -31.46 27.20
N LEU V 10 14.10 -31.38 28.24
CA LEU V 10 13.21 -32.45 28.64
C LEU V 10 12.43 -33.01 27.46
N PRO V 11 11.67 -32.20 26.71
CA PRO V 11 11.02 -32.77 25.51
C PRO V 11 12.01 -33.39 24.57
N LEU V 12 13.06 -32.65 24.20
CA LEU V 12 14.14 -33.23 23.41
C LEU V 12 14.63 -34.52 24.03
N GLY V 13 14.79 -34.52 25.36
CA GLY V 13 15.31 -35.71 26.02
C GLY V 13 14.48 -36.94 25.73
N ILE V 14 13.16 -36.76 25.64
CA ILE V 14 12.29 -37.88 25.31
C ILE V 14 12.76 -38.56 24.03
N ILE V 15 13.06 -37.76 23.01
CA ILE V 15 13.60 -38.29 21.76
C ILE V 15 14.71 -39.29 22.05
N ALA V 16 15.71 -38.85 22.82
CA ALA V 16 16.80 -39.73 23.20
C ALA V 16 16.27 -41.08 23.62
N GLY V 17 15.44 -41.09 24.65
CA GLY V 17 14.81 -42.30 25.13
C GLY V 17 14.31 -43.13 23.97
N MET V 18 13.37 -42.56 23.21
CA MET V 18 12.79 -43.28 22.09
C MET V 18 13.87 -43.93 21.24
N LEU V 19 14.83 -43.13 20.77
CA LEU V 19 15.86 -43.66 19.91
C LEU V 19 16.54 -44.85 20.56
N CYS V 20 17.03 -44.66 21.78
CA CYS V 20 17.61 -45.78 22.51
C CYS V 20 16.67 -46.97 22.50
N VAL V 21 15.47 -46.77 23.05
CA VAL V 21 14.47 -47.83 23.05
C VAL V 21 14.39 -48.47 21.68
N MET V 22 14.18 -47.63 20.65
CA MET V 22 14.05 -48.12 19.29
C MET V 22 15.12 -49.16 19.01
N GLY V 23 16.38 -48.75 19.08
CA GLY V 23 17.47 -49.66 18.83
C GLY V 23 17.32 -50.89 19.68
N ASN V 24 17.36 -50.72 21.00
CA ASN V 24 17.37 -51.85 21.90
C ASN V 24 16.28 -52.85 21.52
N ALA V 25 15.11 -52.35 21.13
CA ALA V 25 14.01 -53.26 20.83
C ALA V 25 14.47 -54.34 19.88
N GLN V 26 14.85 -53.94 18.66
CA GLN V 26 15.19 -54.95 17.68
C GLN V 26 16.33 -55.83 18.17
N TYR V 27 17.31 -55.22 18.85
CA TYR V 27 18.43 -55.99 19.38
C TYR V 27 17.91 -57.16 20.18
N TYR V 28 17.15 -56.89 21.24
CA TYR V 28 16.72 -57.98 22.09
C TYR V 28 15.80 -58.92 21.33
N ILE V 29 14.99 -58.38 20.41
CA ILE V 29 14.16 -59.24 19.60
C ILE V 29 15.03 -60.27 18.89
N HIS V 30 16.05 -59.80 18.18
CA HIS V 30 16.93 -60.74 17.50
C HIS V 30 17.61 -61.66 18.50
N LYS V 31 17.94 -61.14 19.68
CA LYS V 31 18.62 -61.97 20.67
C LYS V 31 17.75 -63.14 21.08
N ALA V 32 16.43 -62.99 21.00
CA ALA V 32 15.54 -64.09 21.29
C ALA V 32 15.15 -64.88 20.05
N ALA V 33 15.39 -64.33 18.86
CA ALA V 33 15.02 -65.02 17.64
C ALA V 33 16.10 -65.94 17.11
N HIS V 34 17.33 -65.80 17.60
CA HIS V 34 18.41 -66.68 17.15
C HIS V 34 19.29 -67.20 18.28
N GLY V 35 19.23 -66.62 19.47
CA GLY V 35 20.02 -67.11 20.57
C GLY V 35 21.31 -66.38 20.83
N ARG V 36 21.66 -65.39 20.01
CA ARG V 36 22.86 -64.61 20.23
C ARG V 36 22.72 -63.31 19.45
N PRO V 37 23.40 -62.24 19.87
CA PRO V 37 23.21 -60.94 19.23
C PRO V 37 23.61 -60.97 17.77
N LYS V 38 23.18 -59.93 17.05
CA LYS V 38 23.51 -59.82 15.65
C LYS V 38 25.01 -59.72 15.45
N HIS V 39 25.44 -59.95 14.22
CA HIS V 39 26.85 -59.87 13.85
C HIS V 39 26.99 -58.91 12.69
N ILE V 40 27.84 -57.90 12.87
CA ILE V 40 28.02 -56.87 11.86
C ILE V 40 29.05 -57.33 10.84
N GLY V 41 28.65 -57.35 9.57
CA GLY V 41 29.57 -57.68 8.49
C GLY V 41 29.80 -59.16 8.31
N ASN V 42 28.75 -59.89 7.95
CA ASN V 42 28.85 -61.33 7.71
C ASN V 42 29.28 -61.55 6.28
N ASP V 43 30.56 -61.84 6.07
CA ASP V 43 30.98 -62.31 4.77
C ASP V 43 30.49 -63.74 4.55
N LEU V 44 30.71 -64.25 3.34
CA LEU V 44 30.24 -65.59 3.01
C LEU V 44 30.81 -66.62 3.96
N TRP V 45 32.05 -66.43 4.41
CA TRP V 45 32.68 -67.39 5.30
C TRP V 45 31.84 -67.62 6.55
N ASP V 46 31.36 -66.54 7.16
CA ASP V 46 30.62 -66.70 8.40
C ASP V 46 29.25 -67.31 8.17
N VAL V 47 28.63 -67.07 7.01
CA VAL V 47 27.35 -67.70 6.72
C VAL V 47 27.51 -69.19 6.54
N ALA V 48 28.54 -69.59 5.77
CA ALA V 48 28.83 -71.02 5.63
C ALA V 48 29.13 -71.64 6.99
N MET V 49 29.87 -70.93 7.83
CA MET V 49 30.19 -71.47 9.15
C MET V 49 28.93 -71.60 10.01
N GLU V 50 28.01 -70.64 9.90
CA GLU V 50 26.79 -70.73 10.68
C GLU V 50 25.97 -71.93 10.25
N ARG V 51 25.80 -72.12 8.94
CA ARG V 51 25.06 -73.29 8.46
C ARG V 51 25.69 -74.58 8.94
N ARG V 52 27.01 -74.70 8.78
CA ARG V 52 27.69 -75.93 9.16
C ARG V 52 27.60 -76.17 10.67
N ASP V 53 27.78 -75.13 11.47
CA ASP V 53 27.67 -75.29 12.92
C ASP V 53 26.27 -75.74 13.32
N LYS V 54 25.24 -75.13 12.71
CA LYS V 54 23.88 -75.50 13.05
C LYS V 54 23.62 -76.97 12.71
N LYS V 55 24.03 -77.40 11.52
CA LYS V 55 23.81 -78.79 11.14
C LYS V 55 24.57 -79.74 12.06
N LEU V 56 25.82 -79.39 12.39
CA LEU V 56 26.61 -80.25 13.26
C LEU V 56 25.99 -80.37 14.64
N HIS V 57 25.52 -79.25 15.19
CA HIS V 57 24.92 -79.29 16.52
C HIS V 57 23.63 -80.06 16.52
N GLU V 58 22.83 -79.95 15.46
CA GLU V 58 21.61 -80.75 15.40
C GLU V 58 21.94 -82.24 15.32
N GLN V 59 22.98 -82.59 14.55
CA GLN V 59 23.40 -84.00 14.50
C GLN V 59 23.83 -84.48 15.89
N ALA V 60 24.55 -83.64 16.63
CA ALA V 60 25.00 -84.04 17.96
C ALA V 60 23.82 -84.18 18.92
N ALA V 61 22.82 -83.31 18.79
CA ALA V 61 21.67 -83.35 19.68
C ALA V 61 20.79 -84.57 19.39
N SER V 62 20.62 -84.91 18.12
CA SER V 62 19.83 -86.08 17.78
C SER V 62 20.59 -87.36 18.12
N SER V 63 21.72 -87.58 17.47
CA SER V 63 22.58 -88.73 17.73
C SER V 63 21.81 -90.06 17.67
N ALA W 2 52.60 -5.00 -9.24
CA ALA W 2 51.38 -4.92 -10.04
C ALA W 2 50.61 -6.23 -9.98
N VAL W 3 51.31 -7.33 -10.28
CA VAL W 3 50.65 -8.63 -10.23
C VAL W 3 50.33 -9.01 -8.79
N MET W 4 51.17 -8.62 -7.83
CA MET W 4 50.83 -8.86 -6.43
C MET W 4 49.60 -8.07 -6.02
N GLU W 5 49.48 -6.84 -6.52
CA GLU W 5 48.29 -6.04 -6.22
C GLU W 5 47.04 -6.69 -6.83
N LYS W 6 47.14 -7.15 -8.08
CA LYS W 6 46.02 -7.82 -8.71
C LYS W 6 45.63 -9.08 -7.94
N LEU W 7 46.62 -9.83 -7.45
CA LEU W 7 46.31 -11.05 -6.74
C LEU W 7 45.67 -10.76 -5.39
N LYS W 8 46.16 -9.75 -4.67
CA LYS W 8 45.52 -9.36 -3.43
C LYS W 8 44.09 -8.91 -3.66
N MET W 9 43.87 -8.14 -4.72
CA MET W 9 42.52 -7.73 -5.09
C MET W 9 41.63 -8.96 -5.31
N PHE W 10 42.10 -9.90 -6.13
CA PHE W 10 41.30 -11.06 -6.45
C PHE W 10 41.01 -11.91 -5.22
N VAL W 11 41.96 -12.00 -4.29
CA VAL W 11 41.75 -12.81 -3.10
C VAL W 11 40.77 -12.13 -2.16
N VAL W 12 40.83 -10.81 -2.04
CA VAL W 12 39.82 -10.12 -1.23
C VAL W 12 38.45 -10.28 -1.86
N GLN W 13 38.37 -10.25 -3.19
CA GLN W 13 37.07 -10.30 -3.84
C GLN W 13 36.45 -11.68 -3.74
N GLU W 14 37.22 -12.74 -4.04
CA GLU W 14 36.72 -14.12 -4.07
C GLU W 14 37.48 -14.94 -3.03
N PRO W 15 37.09 -14.86 -1.76
CA PRO W 15 37.87 -15.57 -0.74
C PRO W 15 37.71 -17.06 -0.80
N VAL W 16 36.50 -17.56 -1.08
CA VAL W 16 36.25 -19.00 -0.99
C VAL W 16 36.88 -19.73 -2.16
N VAL W 17 36.92 -19.12 -3.35
CA VAL W 17 37.62 -19.76 -4.46
C VAL W 17 39.12 -19.78 -4.20
N ALA W 18 39.64 -18.72 -3.58
CA ALA W 18 41.05 -18.70 -3.21
C ALA W 18 41.36 -19.80 -2.20
N ALA W 19 40.50 -19.99 -1.20
CA ALA W 19 40.74 -21.02 -0.21
C ALA W 19 40.61 -22.41 -0.81
N SER W 20 39.63 -22.61 -1.69
CA SER W 20 39.50 -23.89 -2.37
C SER W 20 40.74 -24.19 -3.19
N CYS W 21 41.23 -23.21 -3.94
CA CYS W 21 42.42 -23.44 -4.75
C CYS W 21 43.63 -23.71 -3.88
N LEU W 22 43.75 -23.03 -2.73
CA LEU W 22 44.89 -23.29 -1.87
C LEU W 22 44.82 -24.69 -1.27
N ILE W 23 43.63 -25.14 -0.88
CA ILE W 23 43.51 -26.49 -0.34
C ILE W 23 43.83 -27.52 -1.41
N ALA W 24 43.34 -27.32 -2.63
CA ALA W 24 43.65 -28.25 -3.71
C ALA W 24 45.13 -28.23 -4.02
N GLY W 25 45.76 -27.06 -3.98
CA GLY W 25 47.19 -26.98 -4.20
C GLY W 25 47.96 -27.73 -3.14
N PHE W 26 47.57 -27.59 -1.89
CA PHE W 26 48.21 -28.33 -0.82
C PHE W 26 48.07 -29.83 -1.03
N GLY W 27 46.86 -30.26 -1.35
CA GLY W 27 46.60 -31.69 -1.52
C GLY W 27 47.26 -32.29 -2.74
N LEU W 28 47.56 -31.47 -3.75
CA LEU W 28 48.30 -31.96 -4.90
C LEU W 28 49.80 -31.80 -4.75
N PHE W 29 50.25 -30.86 -3.93
CA PHE W 29 51.67 -30.67 -3.70
C PHE W 29 52.23 -31.69 -2.74
N LEU W 30 51.42 -32.13 -1.76
CA LEU W 30 51.94 -33.09 -0.81
C LEU W 30 52.44 -34.37 -1.47
N PRO W 31 51.64 -35.10 -2.26
CA PRO W 31 52.15 -36.35 -2.84
C PRO W 31 53.32 -36.09 -3.78
N ALA W 32 53.07 -35.26 -4.80
CA ALA W 32 53.98 -35.13 -5.94
C ALA W 32 55.41 -34.83 -5.51
N VAL W 33 55.61 -34.08 -4.43
CA VAL W 33 56.94 -33.67 -4.03
C VAL W 33 57.37 -34.26 -2.70
N VAL W 34 56.46 -34.88 -1.94
CA VAL W 34 56.81 -35.42 -0.64
C VAL W 34 57.03 -36.92 -0.69
N ARG W 35 56.23 -37.64 -1.49
CA ARG W 35 56.39 -39.09 -1.55
C ARG W 35 57.80 -39.52 -1.95
N PRO W 36 58.47 -38.91 -2.93
CA PRO W 36 59.84 -39.35 -3.23
C PRO W 36 60.79 -39.13 -2.06
N ILE W 37 60.68 -37.98 -1.38
CA ILE W 37 61.54 -37.71 -0.25
C ILE W 37 61.34 -38.76 0.83
N LEU W 38 60.09 -39.12 1.10
CA LEU W 38 59.82 -40.11 2.15
C LEU W 38 60.32 -41.49 1.74
N ASP W 39 60.16 -41.85 0.47
CA ASP W 39 60.66 -43.15 0.03
C ASP W 39 62.18 -43.20 0.17
N SER W 40 62.86 -42.11 -0.14
CA SER W 40 64.31 -42.07 0.01
C SER W 40 64.72 -42.15 1.48
N TYR W 41 63.98 -41.47 2.35
CA TYR W 41 64.27 -41.55 3.79
C TYR W 41 64.08 -42.96 4.31
N GLN W 42 63.01 -43.62 3.90
CA GLN W 42 62.80 -45.00 4.32
C GLN W 42 63.87 -45.93 3.74
N ALA W 43 64.36 -45.64 2.54
CA ALA W 43 65.43 -46.44 1.96
C ALA W 43 66.72 -46.28 2.75
N THR W 44 67.01 -45.06 3.20
CA THR W 44 68.25 -44.84 3.94
C THR W 44 68.15 -45.24 5.41
N LYS W 45 66.94 -45.36 5.94
CA LYS W 45 66.77 -45.86 7.31
C LYS W 45 65.54 -46.75 7.42
N ALA X 2 26.94 -74.48 21.40
CA ALA X 2 27.72 -73.64 22.29
C ALA X 2 28.24 -74.43 23.49
N SER X 3 28.19 -75.76 23.39
CA SER X 3 28.61 -76.62 24.48
C SER X 3 30.04 -77.12 24.31
N ALA X 4 30.37 -77.62 23.11
CA ALA X 4 31.71 -78.06 22.74
C ALA X 4 32.16 -79.34 23.44
N VAL X 5 31.22 -80.16 23.93
CA VAL X 5 31.63 -81.39 24.62
C VAL X 5 30.94 -82.62 24.02
N ASP X 6 29.76 -82.43 23.42
CA ASP X 6 29.04 -83.51 22.74
C ASP X 6 28.60 -84.62 23.70
N ALA X 7 28.34 -84.28 24.96
CA ALA X 7 27.88 -85.22 25.98
C ALA X 7 28.82 -86.40 26.17
N SER X 8 30.02 -86.34 25.61
CA SER X 8 31.02 -87.38 25.69
C SER X 8 32.38 -86.71 25.59
N GLY X 9 33.41 -87.48 25.27
CA GLY X 9 34.70 -86.86 25.02
C GLY X 9 34.83 -86.17 23.69
N ASN X 10 33.90 -86.40 22.77
CA ASN X 10 34.03 -85.93 21.41
C ASN X 10 34.01 -84.41 21.35
N PRO X 11 35.07 -83.75 20.89
CA PRO X 11 35.14 -82.30 20.97
C PRO X 11 34.32 -81.53 19.94
N ILE X 12 33.55 -82.19 19.09
CA ILE X 12 32.51 -81.57 18.25
C ILE X 12 32.98 -80.27 17.61
N PRO X 13 33.69 -80.32 16.46
CA PRO X 13 34.37 -79.14 15.91
C PRO X 13 33.67 -77.79 16.09
N SER X 14 32.44 -77.64 15.63
CA SER X 14 31.59 -76.50 16.02
C SER X 14 32.33 -75.17 15.85
N SER X 15 32.45 -74.75 14.59
CA SER X 15 33.46 -73.83 14.10
C SER X 15 33.94 -72.78 15.10
N SER X 16 33.06 -72.29 15.98
CA SER X 16 33.52 -71.47 17.09
C SER X 16 34.71 -72.11 17.80
N VAL X 17 34.56 -73.38 18.19
CA VAL X 17 35.67 -74.09 18.82
C VAL X 17 36.85 -74.18 17.88
N LEU X 18 36.58 -74.35 16.59
CA LEU X 18 37.65 -74.45 15.62
C LEU X 18 38.50 -73.18 15.61
N MET X 19 37.86 -72.01 15.68
CA MET X 19 38.61 -70.76 15.73
C MET X 19 39.35 -70.62 17.06
N ALA X 20 38.62 -70.87 18.16
CA ALA X 20 39.20 -70.79 19.50
C ALA X 20 40.47 -71.62 19.60
N SER X 21 40.52 -72.75 18.90
CA SER X 21 41.75 -73.51 18.82
C SER X 21 42.66 -73.05 17.69
N SER X 22 42.12 -72.35 16.68
CA SER X 22 42.96 -71.87 15.59
C SER X 22 43.98 -70.88 16.09
N LYS X 23 43.63 -70.14 17.15
CA LYS X 23 44.68 -69.39 17.83
C LYS X 23 45.83 -70.30 18.23
N HIS X 24 45.55 -71.58 18.44
CA HIS X 24 46.48 -72.52 19.03
C HIS X 24 46.88 -73.66 18.11
N ILE X 25 46.01 -74.06 17.18
CA ILE X 25 46.30 -75.22 16.32
C ILE X 25 47.56 -75.00 15.52
N GLY X 26 47.75 -73.79 15.02
CA GLY X 26 48.79 -73.50 14.03
C GLY X 26 50.19 -73.95 14.35
N ILE X 27 50.41 -74.46 15.57
CA ILE X 27 51.75 -74.86 15.98
C ILE X 27 51.82 -76.34 16.37
N ARG X 28 50.80 -77.12 16.02
CA ARG X 28 50.84 -78.56 16.30
C ARG X 28 50.85 -79.40 15.03
N CYS X 29 49.86 -79.24 14.16
CA CYS X 29 49.79 -80.02 12.93
C CYS X 29 50.40 -79.28 11.74
N HIS X 30 50.91 -78.06 11.96
CA HIS X 30 51.25 -77.12 10.89
C HIS X 30 51.96 -77.77 9.72
N SER X 31 53.18 -78.27 9.94
CA SER X 31 53.93 -78.87 8.84
C SER X 31 53.12 -79.97 8.19
N GLU X 32 52.67 -80.93 9.00
CA GLU X 32 51.72 -81.93 8.52
C GLU X 32 50.59 -81.25 7.76
N ASN X 33 49.90 -80.32 8.43
CA ASN X 33 48.83 -79.57 7.79
C ASN X 33 49.26 -79.02 6.44
N LEU X 34 50.44 -78.39 6.39
CA LEU X 34 50.81 -77.68 5.17
C LEU X 34 50.88 -78.62 3.98
N ASP X 35 51.31 -79.87 4.21
CA ASP X 35 51.40 -80.80 3.08
C ASP X 35 50.07 -80.91 2.36
N PHE X 36 48.97 -80.91 3.12
CA PHE X 36 47.65 -80.95 2.52
C PHE X 36 47.53 -79.90 1.42
N LEU X 37 47.86 -78.65 1.74
CA LEU X 37 47.68 -77.58 0.77
C LEU X 37 48.44 -77.86 -0.52
N LYS X 38 49.64 -78.42 -0.41
CA LYS X 38 50.39 -78.71 -1.62
C LYS X 38 49.64 -79.69 -2.50
N CYS X 39 49.04 -80.71 -1.89
CA CYS X 39 48.14 -81.58 -2.63
C CYS X 39 47.12 -80.76 -3.40
N LYS X 40 46.40 -79.90 -2.68
CA LYS X 40 45.36 -79.10 -3.32
C LYS X 40 45.93 -78.13 -4.35
N LYS X 41 47.22 -77.81 -4.25
CA LYS X 41 47.80 -76.95 -5.27
C LYS X 41 48.08 -77.74 -6.54
N LYS X 42 48.41 -79.02 -6.43
CA LYS X 42 48.79 -79.79 -7.60
C LYS X 42 47.59 -80.10 -8.47
N ASP X 43 46.53 -80.61 -7.88
CA ASP X 43 45.34 -81.00 -8.62
C ASP X 43 44.11 -80.92 -7.72
N PRO X 44 43.27 -79.91 -7.88
CA PRO X 44 42.13 -79.76 -6.96
C PRO X 44 41.11 -80.86 -7.17
N ASN X 45 41.56 -82.11 -7.14
CA ASN X 45 40.67 -83.23 -7.39
C ASN X 45 40.25 -83.82 -6.05
N PRO X 46 39.00 -83.63 -5.63
CA PRO X 46 38.58 -84.12 -4.31
C PRO X 46 38.78 -85.62 -4.11
N GLU X 47 39.15 -86.36 -5.15
CA GLU X 47 39.49 -87.75 -4.96
C GLU X 47 40.94 -87.91 -4.50
N LYS X 48 41.88 -87.44 -5.30
CA LYS X 48 43.29 -87.70 -5.08
C LYS X 48 43.90 -86.90 -3.92
N CYS X 49 43.09 -86.16 -3.16
CA CYS X 49 43.60 -85.40 -2.03
C CYS X 49 42.78 -85.70 -0.78
N LEU X 50 42.52 -86.97 -0.54
CA LEU X 50 41.71 -87.38 0.61
C LEU X 50 42.55 -87.91 1.77
N ASP X 51 43.66 -88.58 1.47
CA ASP X 51 44.48 -89.15 2.54
C ASP X 51 45.04 -88.06 3.44
N LYS X 52 45.62 -87.02 2.85
CA LYS X 52 46.20 -85.94 3.62
C LYS X 52 45.14 -85.25 4.47
N GLY X 53 43.94 -85.09 3.91
CA GLY X 53 42.87 -84.46 4.68
C GLY X 53 42.43 -85.30 5.86
N ARG X 54 42.32 -86.62 5.66
CA ARG X 54 42.04 -87.49 6.78
C ARG X 54 43.12 -87.37 7.85
N ASP X 55 44.38 -87.28 7.43
CA ASP X 55 45.48 -87.14 8.37
C ASP X 55 45.34 -85.85 9.18
N VAL X 56 45.03 -84.75 8.51
CA VAL X 56 44.90 -83.46 9.19
C VAL X 56 43.73 -83.50 10.17
N THR X 57 42.61 -84.10 9.76
CA THR X 57 41.46 -84.16 10.66
C THR X 57 41.78 -85.01 11.88
N ARG X 58 42.50 -86.11 11.70
CA ARG X 58 42.88 -86.92 12.85
C ARG X 58 43.79 -86.14 13.80
N CYS X 59 44.80 -85.46 13.25
CA CYS X 59 45.70 -84.66 14.08
C CYS X 59 44.94 -83.60 14.84
N VAL X 60 43.97 -82.95 14.19
CA VAL X 60 43.26 -81.84 14.83
C VAL X 60 42.32 -82.34 15.89
N LEU X 61 41.61 -83.45 15.64
CA LEU X 61 40.75 -84.01 16.69
C LEU X 61 41.58 -84.49 17.86
N GLY X 62 42.77 -85.04 17.60
CA GLY X 62 43.64 -85.40 18.70
C GLY X 62 44.07 -84.18 19.51
N LEU X 63 44.38 -83.08 18.83
CA LEU X 63 44.69 -81.84 19.52
C LEU X 63 43.52 -81.41 20.39
N LEU X 64 42.31 -81.45 19.85
CA LEU X 64 41.15 -80.99 20.62
C LEU X 64 40.93 -81.86 21.84
N LYS X 65 41.10 -83.18 21.70
CA LYS X 65 40.98 -84.04 22.87
C LYS X 65 42.03 -83.69 23.91
N ASP X 66 43.29 -83.59 23.48
CA ASP X 66 44.37 -83.30 24.42
C ASP X 66 44.18 -81.95 25.10
N LEU X 67 43.58 -81.00 24.41
CA LEU X 67 43.50 -79.64 24.90
C LEU X 67 42.22 -79.34 25.66
N HIS X 68 41.17 -80.13 25.48
CA HIS X 68 39.96 -79.92 26.24
C HIS X 68 40.06 -80.47 27.66
N GLN X 69 40.97 -81.41 27.90
CA GLN X 69 41.10 -81.98 29.24
C GLN X 69 42.04 -81.17 30.13
N LYS X 70 43.10 -80.61 29.55
CA LYS X 70 44.07 -79.84 30.32
C LYS X 70 43.58 -78.47 30.72
N CYS X 71 42.47 -77.99 30.14
CA CYS X 71 42.07 -76.61 30.33
C CYS X 71 40.57 -76.48 30.58
N THR X 72 39.92 -77.59 30.95
CA THR X 72 38.49 -77.78 30.74
C THR X 72 37.65 -76.56 31.08
N LYS X 73 37.60 -76.20 32.36
CA LYS X 73 36.78 -75.07 32.80
C LYS X 73 37.04 -73.87 31.90
N GLU X 74 38.29 -73.41 31.87
CA GLU X 74 38.65 -72.26 31.05
C GLU X 74 38.12 -72.43 29.64
N MET X 75 38.50 -73.52 28.97
CA MET X 75 38.11 -73.70 27.58
C MET X 75 36.61 -73.60 27.44
N ASP X 76 35.87 -74.24 28.35
CA ASP X 76 34.42 -74.14 28.31
C ASP X 76 34.00 -72.69 28.19
N ASP X 77 34.35 -71.89 29.20
CA ASP X 77 33.93 -70.50 29.19
C ASP X 77 34.48 -69.77 27.98
N TYR X 78 35.67 -70.14 27.50
CA TYR X 78 36.18 -69.50 26.31
C TYR X 78 35.25 -69.73 25.13
N VAL X 79 34.87 -70.98 24.90
CA VAL X 79 33.89 -71.21 23.84
C VAL X 79 32.56 -70.61 24.25
N GLY X 80 32.29 -70.57 25.56
CA GLY X 80 31.11 -69.88 26.05
C GLY X 80 31.09 -68.42 25.68
N CYS X 81 32.25 -67.83 25.39
CA CYS X 81 32.33 -66.45 24.92
C CYS X 81 32.82 -66.38 23.49
N MET X 82 32.57 -67.43 22.70
CA MET X 82 32.81 -67.37 21.27
C MET X 82 31.54 -67.57 20.47
N TYR X 83 30.74 -68.57 20.81
CA TYR X 83 29.39 -68.67 20.25
C TYR X 83 28.67 -67.34 20.40
N TYR X 84 28.58 -66.84 21.63
CA TYR X 84 28.23 -65.45 21.85
C TYR X 84 29.33 -64.57 21.31
N HIS X 85 28.97 -63.42 20.73
CA HIS X 85 29.91 -62.58 19.98
C HIS X 85 30.50 -63.40 18.82
N THR X 86 29.63 -63.70 17.86
CA THR X 86 29.71 -64.89 17.02
C THR X 86 31.13 -65.38 16.75
N ASN X 87 32.01 -64.51 16.25
CA ASN X 87 33.41 -64.93 16.21
C ASN X 87 34.37 -63.78 16.45
N GLU X 88 33.92 -62.66 17.01
CA GLU X 88 34.77 -61.50 17.13
C GLU X 88 35.82 -61.73 18.21
N PHE X 89 37.09 -61.77 17.80
CA PHE X 89 38.17 -61.92 18.76
C PHE X 89 38.27 -60.72 19.68
N ASP X 90 37.99 -59.52 19.16
CA ASP X 90 38.17 -58.30 19.94
C ASP X 90 37.24 -58.24 21.15
N LEU X 91 36.22 -59.08 21.20
CA LEU X 91 35.27 -59.08 22.31
C LEU X 91 35.64 -60.14 23.33
N CYS X 92 35.45 -59.79 24.60
CA CYS X 92 35.84 -60.60 25.76
C CYS X 92 37.21 -61.24 25.54
N ARG X 93 38.19 -60.40 25.24
CA ARG X 93 39.58 -60.84 25.24
C ARG X 93 39.98 -61.43 26.59
N LYS X 94 39.27 -61.06 27.66
CA LYS X 94 39.59 -61.55 28.99
C LYS X 94 39.71 -63.08 29.01
N GLU X 95 38.68 -63.76 28.48
CA GLU X 95 38.73 -65.22 28.45
C GLU X 95 39.97 -65.71 27.73
N GLN X 96 40.31 -65.08 26.61
CA GLN X 96 41.54 -65.42 25.90
C GLN X 96 42.72 -65.38 26.85
N GLN X 97 42.82 -64.31 27.63
CA GLN X 97 43.89 -64.20 28.63
C GLN X 97 43.92 -65.45 29.51
N ALA X 98 42.76 -65.82 30.07
CA ALA X 98 42.72 -67.01 30.91
C ALA X 98 43.15 -68.24 30.12
N PHE X 99 42.73 -68.34 28.86
CA PHE X 99 43.09 -69.49 28.06
C PHE X 99 44.56 -69.54 27.72
N GLU X 100 45.37 -68.60 28.19
CA GLU X 100 46.81 -68.66 28.02
C GLU X 100 47.56 -68.78 29.34
N LYS X 101 46.84 -68.85 30.45
CA LYS X 101 47.49 -69.03 31.75
C LYS X 101 47.37 -70.47 32.24
N LYS X 102 46.16 -71.01 32.30
CA LYS X 102 45.99 -72.39 32.69
C LYS X 102 46.24 -73.34 31.53
N CYS X 103 45.81 -72.96 30.34
CA CYS X 103 45.81 -73.87 29.21
C CYS X 103 47.23 -74.05 28.67
N SER X 104 47.34 -74.86 27.62
CA SER X 104 48.63 -75.09 27.00
C SER X 104 49.00 -73.88 26.16
N LEU X 105 50.12 -73.23 26.50
CA LEU X 105 50.49 -72.00 25.83
C LEU X 105 50.99 -72.27 24.42
N GLU X 106 51.77 -73.33 24.25
CA GLU X 106 52.34 -73.65 22.95
C GLU X 106 51.70 -74.89 22.35
N THR Y 2 -9.62 32.03 44.15
CA THR Y 2 -10.01 30.62 44.18
C THR Y 2 -8.81 29.72 44.20
N GLU Y 3 -7.67 30.23 44.65
CA GLU Y 3 -6.44 29.47 44.57
C GLU Y 3 -5.66 29.45 45.88
N ALA Y 4 -5.82 30.48 46.71
CA ALA Y 4 -4.92 30.67 47.84
C ALA Y 4 -4.89 29.46 48.76
N TYR Y 5 -6.00 29.18 49.44
CA TYR Y 5 -5.99 28.12 50.43
C TYR Y 5 -5.98 26.74 49.80
N ILE Y 6 -6.65 26.60 48.65
CA ILE Y 6 -6.62 25.35 47.89
C ILE Y 6 -5.19 24.92 47.63
N ARG Y 7 -4.41 25.80 47.00
CA ARG Y 7 -3.01 25.50 46.74
C ARG Y 7 -2.27 25.25 48.05
N ASN Y 8 -2.28 26.23 48.95
CA ASN Y 8 -1.74 26.02 50.30
C ASN Y 8 -2.32 27.07 51.22
N LYS Y 9 -3.13 26.63 52.17
CA LYS Y 9 -3.66 27.46 53.25
C LYS Y 9 -2.69 27.84 54.38
N PRO Y 10 -1.68 26.99 54.75
CA PRO Y 10 -1.23 26.96 56.15
C PRO Y 10 -0.73 28.27 56.76
N GLY Y 11 0.33 28.88 56.22
CA GLY Y 11 0.95 29.98 56.96
C GLY Y 11 1.65 31.07 56.19
N MET Y 12 1.49 31.12 54.87
CA MET Y 12 2.20 32.13 54.10
C MET Y 12 1.59 33.51 54.31
N VAL Y 13 2.41 34.53 54.09
CA VAL Y 13 2.01 35.91 54.33
C VAL Y 13 1.60 36.56 53.01
N SER Y 14 2.12 36.05 51.89
CA SER Y 14 1.78 36.56 50.58
C SER Y 14 1.57 35.40 49.62
N VAL Y 15 1.10 35.73 48.41
CA VAL Y 15 0.77 34.69 47.44
C VAL Y 15 2.03 34.00 46.94
N LYS Y 16 3.17 34.70 46.93
CA LYS Y 16 4.42 34.06 46.58
C LYS Y 16 4.86 33.13 47.70
N ASP Y 17 5.73 32.18 47.35
CA ASP Y 17 6.24 31.17 48.27
C ASP Y 17 5.13 30.38 48.94
N MET Y 18 3.98 30.28 48.27
CA MET Y 18 2.81 29.59 48.79
C MET Y 18 2.88 28.08 48.66
N PRO Y 19 3.07 27.52 47.46
CA PRO Y 19 2.86 26.09 47.27
C PRO Y 19 4.12 25.27 47.48
N VAL Y 20 3.93 23.95 47.50
CA VAL Y 20 5.01 22.97 47.41
C VAL Y 20 4.63 22.00 46.30
N LEU Y 21 5.54 21.79 45.35
CA LEU Y 21 5.17 21.20 44.07
C LEU Y 21 5.50 19.71 43.99
N GLN Y 22 6.78 19.35 44.11
CA GLN Y 22 7.24 17.97 44.10
C GLN Y 22 6.84 17.25 42.81
N ASP Y 23 7.43 17.69 41.70
CA ASP Y 23 7.07 17.20 40.38
C ASP Y 23 8.19 16.44 39.68
N GLY Y 24 9.37 17.04 39.52
CA GLY Y 24 10.36 16.55 38.59
C GLY Y 24 11.47 15.70 39.15
N PRO Y 25 12.71 16.00 38.77
CA PRO Y 25 13.84 15.13 39.09
C PRO Y 25 14.55 15.56 40.37
N PRO Y 26 15.37 14.70 40.94
CA PRO Y 26 16.19 15.09 42.09
C PRO Y 26 17.41 15.88 41.63
N PRO Y 27 18.11 16.55 42.55
CA PRO Y 27 19.26 17.36 42.14
C PRO Y 27 20.43 16.54 41.64
N GLY Y 28 20.69 16.57 40.34
CA GLY Y 28 21.85 15.89 39.80
C GLY Y 28 21.67 15.24 38.45
N GLY Y 29 20.45 15.18 37.93
CA GLY Y 29 20.24 14.55 36.64
C GLY Y 29 20.36 13.05 36.63
N PHE Y 30 20.38 12.43 37.81
CA PHE Y 30 20.37 11.00 38.08
C PHE Y 30 21.66 10.30 37.68
N ALA Y 31 22.37 10.83 36.68
CA ALA Y 31 23.54 10.17 36.13
C ALA Y 31 24.03 10.91 34.89
N PRO Y 32 25.22 10.61 34.42
CA PRO Y 32 25.46 10.66 32.97
C PRO Y 32 25.18 9.29 32.37
N VAL Y 33 24.36 9.20 31.34
CA VAL Y 33 23.98 7.92 30.78
C VAL Y 33 24.83 7.61 29.56
N ARG Y 34 24.75 6.39 29.07
CA ARG Y 34 25.46 5.95 27.89
C ARG Y 34 24.50 5.85 26.72
N PHE Y 35 24.97 6.27 25.55
CA PHE Y 35 24.19 6.15 24.32
C PHE Y 35 24.98 5.59 23.15
N ALA Y 36 26.30 5.65 23.18
CA ALA Y 36 27.10 5.15 22.08
C ALA Y 36 27.26 3.65 22.17
N ARG Y 37 27.26 2.99 21.02
CA ARG Y 37 27.48 1.55 20.97
C ARG Y 37 28.89 1.22 21.43
N ARG Y 38 29.06 0.00 21.94
CA ARG Y 38 30.39 -0.48 22.30
C ARG Y 38 30.36 -2.01 22.32
N ILE Y 39 30.99 -2.61 21.33
CA ILE Y 39 31.06 -4.06 21.19
C ILE Y 39 32.53 -4.46 21.15
N PRO Y 40 33.06 -4.99 22.24
CA PRO Y 40 34.48 -5.35 22.25
C PRO Y 40 34.75 -6.57 21.38
N ASN Y 41 35.86 -6.52 20.67
CA ASN Y 41 36.29 -7.60 19.79
C ASN Y 41 37.53 -8.23 20.42
N LYS Y 42 37.32 -9.30 21.19
CA LYS Y 42 38.39 -9.92 21.97
C LYS Y 42 38.61 -11.40 21.63
N GLY Y 43 38.01 -11.89 20.56
CA GLY Y 43 38.21 -13.26 20.15
C GLY Y 43 39.52 -13.44 19.42
N PRO Y 44 40.03 -14.68 19.38
CA PRO Y 44 41.28 -14.95 18.64
C PRO Y 44 41.13 -14.55 17.19
N SER Y 45 42.01 -13.66 16.73
CA SER Y 45 41.69 -12.89 15.53
C SER Y 45 41.94 -13.67 14.24
N ALA Y 46 43.20 -13.88 13.88
CA ALA Y 46 43.45 -14.58 12.63
C ALA Y 46 44.38 -15.77 12.76
N VAL Y 47 45.60 -15.51 13.24
CA VAL Y 47 46.60 -16.55 13.19
C VAL Y 47 46.31 -17.60 14.24
N ALA Y 48 45.75 -17.21 15.38
CA ALA Y 48 45.39 -18.18 16.40
C ALA Y 48 44.44 -19.21 15.84
N ILE Y 49 43.33 -18.77 15.24
CA ILE Y 49 42.33 -19.69 14.75
C ILE Y 49 42.85 -20.50 13.57
N PHE Y 50 43.63 -19.88 12.69
CA PHE Y 50 44.13 -20.63 11.55
C PHE Y 50 45.11 -21.72 11.99
N LEU Y 51 46.04 -21.39 12.89
CA LEU Y 51 46.95 -22.40 13.39
C LEU Y 51 46.20 -23.48 14.15
N ALA Y 52 45.17 -23.11 14.90
CA ALA Y 52 44.37 -24.12 15.57
C ALA Y 52 43.80 -25.11 14.57
N ALA Y 53 43.15 -24.59 13.52
CA ALA Y 53 42.55 -25.47 12.52
C ALA Y 53 43.59 -26.37 11.88
N PHE Y 54 44.68 -25.78 11.39
CA PHE Y 54 45.67 -26.56 10.66
C PHE Y 54 46.35 -27.60 11.56
N GLY Y 55 46.73 -27.19 12.77
CA GLY Y 55 47.38 -28.12 13.67
C GLY Y 55 46.48 -29.26 14.08
N THR Y 56 45.23 -28.95 14.45
CA THR Y 56 44.33 -30.03 14.81
C THR Y 56 44.05 -30.93 13.63
N PHE Y 57 44.05 -30.40 12.40
CA PHE Y 57 43.85 -31.25 11.24
C PHE Y 57 45.01 -32.21 11.05
N SER Y 58 46.24 -31.69 11.09
CA SER Y 58 47.40 -32.56 10.95
C SER Y 58 47.43 -33.61 12.04
N TRP Y 59 47.17 -33.22 13.28
CA TRP Y 59 47.25 -34.18 14.37
C TRP Y 59 46.13 -35.20 14.28
N GLY Y 60 44.94 -34.78 13.87
CA GLY Y 60 43.86 -35.73 13.66
C GLY Y 60 44.19 -36.74 12.59
N MET Y 61 44.87 -36.28 11.53
CA MET Y 61 45.29 -37.22 10.50
C MET Y 61 46.31 -38.22 11.04
N TYR Y 62 47.25 -37.76 11.85
CA TYR Y 62 48.19 -38.69 12.46
C TYR Y 62 47.47 -39.72 13.32
N GLN Y 63 46.47 -39.26 14.08
CA GLN Y 63 45.72 -40.19 14.92
C GLN Y 63 44.95 -41.20 14.07
N VAL Y 64 44.35 -40.73 12.98
CA VAL Y 64 43.67 -41.64 12.07
C VAL Y 64 44.64 -42.70 11.55
N GLY Y 65 45.87 -42.28 11.26
CA GLY Y 65 46.87 -43.23 10.82
C GLY Y 65 47.14 -44.31 11.85
N GLN Y 66 47.41 -43.90 13.10
CA GLN Y 66 47.69 -44.88 14.13
C GLN Y 66 46.50 -45.81 14.33
N GLY Y 67 45.29 -45.26 14.28
CA GLY Y 67 44.12 -46.10 14.48
C GLY Y 67 43.91 -47.11 13.36
N ASN Y 68 44.14 -46.69 12.13
CA ASN Y 68 44.01 -47.63 11.03
C ASN Y 68 45.10 -48.69 11.08
N LYS Y 69 46.28 -48.34 11.59
CA LYS Y 69 47.29 -49.36 11.84
C LYS Y 69 46.76 -50.41 12.82
N ILE Y 70 46.20 -49.95 13.94
CA ILE Y 70 45.66 -50.89 14.93
C ILE Y 70 44.58 -51.77 14.30
N ARG Y 71 43.68 -51.15 13.53
CA ARG Y 71 42.56 -51.90 12.99
C ARG Y 71 43.02 -52.93 11.97
N ARG Y 72 43.99 -52.58 11.15
CA ARG Y 72 44.56 -53.56 10.23
C ARG Y 72 45.18 -54.70 11.02
N ALA Y 73 45.84 -54.40 12.14
CA ALA Y 73 46.39 -55.47 12.96
C ALA Y 73 45.29 -56.43 13.41
N LEU Y 74 44.14 -55.89 13.83
CA LEU Y 74 43.05 -56.75 14.28
C LEU Y 74 42.50 -57.61 13.14
N LYS Y 75 42.24 -56.98 11.99
CA LYS Y 75 41.76 -57.74 10.85
C LYS Y 75 42.74 -58.83 10.46
N GLU Y 76 44.03 -58.55 10.56
CA GLU Y 76 45.02 -59.55 10.20
C GLU Y 76 45.03 -60.70 11.18
N GLU Y 77 44.87 -60.41 12.48
CA GLU Y 77 44.71 -61.48 13.44
C GLU Y 77 43.56 -62.40 13.05
N LYS Y 78 42.41 -61.81 12.75
CA LYS Y 78 41.24 -62.61 12.41
C LYS Y 78 41.47 -63.45 11.16
N TYR Y 79 42.01 -62.83 10.12
CA TYR Y 79 42.23 -63.56 8.87
C TYR Y 79 43.26 -64.67 9.05
N ALA Y 80 44.30 -64.44 9.86
CA ALA Y 80 45.27 -65.50 10.10
C ALA Y 80 44.64 -66.67 10.83
N ALA Y 81 43.77 -66.39 11.80
CA ALA Y 81 43.05 -67.47 12.45
C ALA Y 81 42.24 -68.27 11.45
N ARG Y 82 41.50 -67.57 10.57
CA ARG Y 82 40.72 -68.28 9.56
C ARG Y 82 41.60 -69.12 8.67
N ARG Y 83 42.72 -68.57 8.21
CA ARG Y 83 43.62 -69.33 7.34
C ARG Y 83 44.10 -70.59 8.02
N SER Y 84 44.49 -70.49 9.30
CA SER Y 84 45.01 -71.67 9.98
C SER Y 84 43.93 -72.71 10.21
N ILE Y 85 42.67 -72.28 10.40
CA ILE Y 85 41.62 -73.27 10.58
C ILE Y 85 41.08 -73.82 9.27
N LEU Y 86 41.40 -73.19 8.14
CA LEU Y 86 40.89 -73.63 6.84
C LEU Y 86 40.96 -75.12 6.58
N PRO Y 87 42.12 -75.78 6.70
CA PRO Y 87 42.25 -77.13 6.14
C PRO Y 87 41.31 -78.16 6.73
N VAL Y 88 40.97 -78.07 8.01
CA VAL Y 88 40.01 -79.01 8.58
C VAL Y 88 38.67 -78.89 7.87
N LEU Y 89 38.16 -77.67 7.76
CA LEU Y 89 36.90 -77.43 7.07
C LEU Y 89 36.99 -77.91 5.63
N GLN Y 90 38.12 -77.63 4.97
CA GLN Y 90 38.27 -78.02 3.58
C GLN Y 90 38.20 -79.53 3.43
N ALA Y 91 38.93 -80.26 4.28
CA ALA Y 91 38.94 -81.71 4.17
C ALA Y 91 37.57 -82.30 4.48
N GLU Y 92 36.88 -81.76 5.49
CA GLU Y 92 35.57 -82.28 5.83
C GLU Y 92 34.59 -82.09 4.67
N GLU Y 93 34.56 -80.89 4.09
CA GLU Y 93 33.64 -80.66 2.98
C GLU Y 93 34.05 -81.45 1.75
N ASP Y 94 35.35 -81.68 1.56
CA ASP Y 94 35.80 -82.51 0.46
C ASP Y 94 35.29 -83.94 0.62
N GLU Y 95 35.37 -84.48 1.84
CA GLU Y 95 34.86 -85.83 2.08
C GLU Y 95 33.36 -85.88 1.84
N ARG Y 96 32.63 -84.86 2.28
CA ARG Y 96 31.20 -84.80 2.00
C ARG Y 96 30.94 -84.82 0.50
N PHE Y 97 31.73 -84.06 -0.26
CA PHE Y 97 31.52 -84.02 -1.70
C PHE Y 97 31.78 -85.39 -2.33
N VAL Y 98 32.84 -86.06 -1.88
CA VAL Y 98 33.11 -87.39 -2.43
C VAL Y 98 31.95 -88.33 -2.14
N ARG Y 99 31.39 -88.26 -0.92
CA ARG Y 99 30.25 -89.09 -0.59
C ARG Y 99 29.09 -88.84 -1.53
N GLU Y 100 28.74 -87.57 -1.72
CA GLU Y 100 27.57 -87.25 -2.55
C GLU Y 100 27.82 -87.61 -4.02
N TRP Y 101 29.04 -87.39 -4.50
CA TRP Y 101 29.31 -87.69 -5.90
C TRP Y 101 29.34 -89.19 -6.14
N HIS Y 102 29.83 -89.97 -5.18
CA HIS Y 102 29.73 -91.42 -5.30
C HIS Y 102 28.27 -91.87 -5.33
N LYS Y 103 27.44 -91.25 -4.49
CA LYS Y 103 26.02 -91.59 -4.54
C LYS Y 103 25.46 -91.35 -5.94
N TYR Y 104 25.70 -90.15 -6.48
CA TYR Y 104 25.17 -89.82 -7.80
C TYR Y 104 25.73 -90.73 -8.88
N LEU Y 105 27.00 -91.13 -8.74
CA LEU Y 105 27.62 -91.98 -9.74
C LEU Y 105 27.02 -93.39 -9.71
N ALA Y 106 26.81 -93.94 -8.53
CA ALA Y 106 26.13 -95.23 -8.42
C ALA Y 106 24.75 -95.16 -9.02
N TYR Y 107 24.04 -94.06 -8.77
CA TYR Y 107 22.72 -93.87 -9.37
C TYR Y 107 22.80 -93.91 -10.90
N GLU Y 108 23.71 -93.12 -11.47
CA GLU Y 108 23.87 -93.11 -12.92
C GLU Y 108 24.13 -94.50 -13.46
N ALA Y 109 25.16 -95.18 -12.93
CA ALA Y 109 25.49 -96.51 -13.40
C ALA Y 109 24.29 -97.44 -13.31
N GLU Y 110 23.49 -97.29 -12.25
CA GLU Y 110 22.33 -98.17 -12.11
C GLU Y 110 21.30 -97.91 -13.20
N VAL Y 111 21.16 -96.67 -13.65
CA VAL Y 111 20.15 -96.40 -14.67
C VAL Y 111 20.75 -96.40 -16.07
N MET Y 112 22.00 -96.84 -16.19
CA MET Y 112 22.70 -96.87 -17.48
C MET Y 112 23.42 -98.20 -17.67
N LYS Y 113 22.73 -99.30 -17.40
CA LYS Y 113 23.35 -100.61 -17.53
C LYS Y 113 23.22 -101.15 -18.97
N ASP Y 114 22.00 -101.31 -19.45
CA ASP Y 114 21.77 -101.91 -20.76
C ASP Y 114 22.07 -100.96 -21.91
N VAL Y 115 22.06 -99.66 -21.66
CA VAL Y 115 22.47 -98.70 -22.71
C VAL Y 115 23.91 -98.99 -23.10
N PRO Y 116 24.29 -98.88 -24.38
CA PRO Y 116 25.69 -99.12 -24.78
C PRO Y 116 26.67 -98.37 -23.90
N GLY Y 117 27.41 -99.10 -23.08
CA GLY Y 117 28.27 -98.54 -22.06
C GLY Y 117 29.21 -97.46 -22.55
N TRP Y 118 29.29 -96.35 -21.82
CA TRP Y 118 30.07 -95.20 -22.22
C TRP Y 118 30.92 -94.68 -21.07
N LYS Y 119 31.68 -95.57 -20.42
CA LYS Y 119 32.68 -95.17 -19.43
C LYS Y 119 32.02 -94.40 -18.28
N VAL Y 120 31.29 -95.17 -17.45
CA VAL Y 120 30.39 -94.65 -16.42
C VAL Y 120 30.94 -93.41 -15.73
N GLY Y 121 32.23 -93.42 -15.41
CA GLY Y 121 32.89 -92.23 -14.91
C GLY Y 121 32.61 -91.00 -15.76
N GLU Y 122 32.95 -91.08 -17.05
CA GLU Y 122 32.51 -90.10 -18.04
C GLU Y 122 32.95 -88.68 -17.68
N SER Y 123 34.26 -88.46 -17.70
CA SER Y 123 34.81 -87.12 -17.57
C SER Y 123 34.56 -86.40 -18.90
N VAL Y 124 33.35 -85.84 -19.03
CA VAL Y 124 32.96 -85.13 -20.24
C VAL Y 124 33.98 -84.09 -20.62
N TYR Y 125 34.69 -83.53 -19.65
CA TYR Y 125 35.71 -82.54 -19.91
C TYR Y 125 37.06 -83.24 -20.02
N ASN Y 126 37.56 -83.35 -21.24
CA ASN Y 126 38.82 -84.04 -21.45
C ASN Y 126 40.00 -83.15 -21.05
N SER Y 127 41.19 -83.76 -21.05
CA SER Y 127 42.44 -83.11 -20.64
C SER Y 127 42.45 -82.78 -19.15
N GLY Y 128 42.13 -83.77 -18.32
CA GLY Y 128 42.26 -83.64 -16.87
C GLY Y 128 41.48 -82.47 -16.32
N ARG Y 129 42.08 -81.79 -15.34
CA ARG Y 129 41.57 -80.52 -14.83
C ARG Y 129 40.13 -80.66 -14.31
N TRP Y 130 40.04 -81.36 -13.18
CA TRP Y 130 38.82 -81.98 -12.69
C TRP Y 130 37.53 -81.17 -12.79
N VAL Y 131 37.60 -79.83 -12.76
CA VAL Y 131 36.48 -78.93 -13.10
C VAL Y 131 35.17 -79.29 -12.40
N PRO Y 132 34.95 -78.80 -11.18
CA PRO Y 132 33.76 -79.20 -10.38
C PRO Y 132 32.47 -79.12 -11.17
N PRO Y 133 31.42 -79.82 -10.71
CA PRO Y 133 30.22 -79.99 -11.56
C PRO Y 133 29.56 -78.69 -11.98
N ALA Y 134 29.34 -77.75 -11.07
CA ALA Y 134 28.86 -76.41 -11.39
C ALA Y 134 27.50 -76.45 -12.09
N SER Y 135 26.49 -76.81 -11.31
CA SER Y 135 25.12 -76.77 -11.78
C SER Y 135 24.73 -75.34 -12.16
N GLY Y 136 23.55 -75.22 -12.78
CA GLY Y 136 23.04 -73.95 -13.26
C GLY Y 136 22.64 -73.02 -12.13
N GLU Y 137 21.72 -72.09 -12.39
CA GLU Y 137 21.26 -71.13 -11.39
C GLU Y 137 22.43 -70.27 -10.88
N LEU Y 138 22.90 -69.42 -11.79
CA LEU Y 138 24.08 -68.60 -11.55
C LEU Y 138 24.03 -67.92 -10.19
N ARG Y 139 25.22 -67.69 -9.62
CA ARG Y 139 25.43 -67.24 -8.26
C ARG Y 139 24.67 -68.12 -7.28
N PRO Y 140 25.07 -69.37 -7.10
CA PRO Y 140 24.35 -70.24 -6.18
C PRO Y 140 24.82 -70.08 -4.75
N ASP Y 141 26.04 -69.57 -4.58
CA ASP Y 141 26.65 -69.43 -3.26
C ASP Y 141 26.35 -68.11 -2.60
N ILE Y 142 25.21 -67.50 -2.92
CA ILE Y 142 24.80 -66.25 -2.30
C ILE Y 142 23.48 -66.45 -1.59
N TRP Y 143 22.43 -66.74 -2.35
CA TRP Y 143 21.11 -66.98 -1.78
C TRP Y 143 21.00 -68.42 -1.33
N UNK Z 1 48.84 -64.89 -22.78
CA UNK Z 1 49.44 -63.97 -23.73
C UNK Z 1 50.94 -63.85 -23.51
N UNK Z 2 51.45 -62.63 -23.67
CA UNK Z 2 52.87 -62.35 -23.48
C UNK Z 2 53.14 -61.44 -22.30
N UNK Z 3 52.25 -60.50 -22.00
CA UNK Z 3 52.40 -59.66 -20.82
C UNK Z 3 51.63 -60.19 -19.62
N UNK Z 4 50.59 -61.00 -19.84
CA UNK Z 4 49.85 -61.58 -18.73
C UNK Z 4 50.71 -62.55 -17.92
N UNK Z 5 51.84 -62.97 -18.45
CA UNK Z 5 52.79 -63.74 -17.67
C UNK Z 5 53.64 -62.88 -16.75
N UNK Z 6 53.50 -61.56 -16.83
CA UNK Z 6 54.18 -60.64 -15.92
C UNK Z 6 53.26 -60.10 -14.83
N UNK Z 7 51.98 -59.92 -15.13
CA UNK Z 7 50.99 -59.55 -14.13
C UNK Z 7 50.31 -60.78 -13.52
N UNK Z 8 50.93 -61.94 -13.62
CA UNK Z 8 50.35 -63.20 -13.15
C UNK Z 8 50.33 -63.33 -11.66
N UNK Z 9 50.64 -62.27 -10.91
CA UNK Z 9 50.56 -62.36 -9.46
C UNK Z 9 49.99 -61.08 -8.84
N UNK Z 10 49.26 -60.27 -9.60
CA UNK Z 10 48.73 -59.03 -9.09
C UNK Z 10 47.69 -59.31 -8.00
N UNK Z 11 47.12 -58.24 -7.46
CA UNK Z 11 46.23 -58.38 -6.31
C UNK Z 11 44.99 -59.20 -6.66
N UNK Z 12 44.34 -58.86 -7.77
CA UNK Z 12 43.06 -59.50 -8.09
C UNK Z 12 43.26 -60.87 -8.75
N UNK Z 13 43.92 -60.90 -9.90
CA UNK Z 13 44.11 -62.14 -10.64
C UNK Z 13 45.20 -62.98 -9.98
N UNK Z 14 44.91 -63.45 -8.78
CA UNK Z 14 45.79 -64.34 -8.05
C UNK Z 14 45.16 -65.71 -7.97
N UNK Z 15 46.00 -66.74 -7.85
CA UNK Z 15 45.49 -68.10 -7.72
C UNK Z 15 44.67 -68.23 -6.46
N UNK Z 16 43.54 -68.96 -6.56
CA UNK Z 16 42.59 -69.00 -5.46
C UNK Z 16 43.19 -69.61 -4.21
N UNK Z 17 44.20 -70.46 -4.36
CA UNK Z 17 44.83 -71.13 -3.23
C UNK Z 17 46.27 -70.74 -3.00
N UNK Z 18 46.90 -69.98 -3.89
CA UNK Z 18 48.26 -69.55 -3.68
C UNK Z 18 48.38 -68.45 -2.65
N UNK Z 19 47.27 -67.80 -2.29
CA UNK Z 19 47.31 -66.80 -1.23
C UNK Z 19 47.38 -67.45 0.14
N UNK Z 20 46.67 -68.57 0.33
CA UNK Z 20 46.73 -69.26 1.60
C UNK Z 20 48.05 -69.98 1.81
N UNK Z 21 48.69 -70.44 0.74
CA UNK Z 21 49.98 -71.12 0.82
C UNK Z 21 51.14 -70.17 0.58
N UNK Z 22 50.96 -68.88 0.87
CA UNK Z 22 52.04 -67.90 0.80
C UNK Z 22 52.45 -67.38 2.17
N UNK Z 23 51.49 -67.05 3.02
CA UNK Z 23 51.81 -66.59 4.37
C UNK Z 23 52.60 -67.64 5.13
N UNK Z 24 52.18 -68.91 5.05
CA UNK Z 24 52.90 -70.01 5.67
C UNK Z 24 54.06 -70.50 4.82
N UNK Z 25 54.50 -69.72 3.85
CA UNK Z 25 55.61 -70.12 3.01
C UNK Z 25 56.35 -68.91 2.46
N UNK AA 1 -8.08 -50.71 -16.52
CA UNK AA 1 -6.66 -50.58 -16.22
C UNK AA 1 -6.00 -51.95 -16.16
N UNK AA 2 -5.52 -52.42 -17.31
CA UNK AA 2 -4.84 -53.70 -17.39
C UNK AA 2 -3.36 -53.61 -17.01
N UNK AA 3 -2.90 -52.44 -16.52
CA UNK AA 3 -1.51 -52.29 -16.13
C UNK AA 3 -1.10 -53.20 -14.98
N UNK AA 4 -2.07 -53.85 -14.33
CA UNK AA 4 -1.80 -54.88 -13.33
C UNK AA 4 -2.30 -56.26 -13.75
N UNK AA 5 -3.38 -56.33 -14.53
CA UNK AA 5 -3.87 -57.63 -14.99
C UNK AA 5 -2.91 -58.25 -16.00
N UNK AA 6 -2.44 -57.45 -16.96
CA UNK AA 6 -1.50 -57.94 -17.95
C UNK AA 6 -0.17 -58.33 -17.33
N UNK AA 7 0.11 -57.91 -16.09
CA UNK AA 7 1.35 -58.30 -15.44
C UNK AA 7 1.31 -59.75 -14.99
N UNK AA 8 0.16 -60.21 -14.50
CA UNK AA 8 0.06 -61.58 -14.00
C UNK AA 8 0.38 -62.59 -15.09
N UNK AA 9 0.03 -62.28 -16.34
CA UNK AA 9 0.31 -63.19 -17.45
C UNK AA 9 1.78 -63.56 -17.49
N UNK AA 10 2.65 -62.55 -17.58
CA UNK AA 10 4.08 -62.81 -17.53
C UNK AA 10 4.47 -63.37 -16.16
N UNK AA 11 3.89 -62.83 -15.08
CA UNK AA 11 4.13 -63.39 -13.75
C UNK AA 11 3.74 -64.86 -13.70
N UNK AA 12 2.86 -65.31 -14.59
CA UNK AA 12 2.60 -66.73 -14.82
C UNK AA 12 3.54 -67.29 -15.87
N UNK AA 13 3.64 -66.61 -17.02
CA UNK AA 13 4.51 -67.08 -18.10
C UNK AA 13 5.94 -67.24 -17.63
N UNK AA 14 6.53 -66.16 -17.09
CA UNK AA 14 7.88 -66.24 -16.58
C UNK AA 14 8.03 -67.24 -15.46
N UNK AA 15 6.92 -67.61 -14.79
CA UNK AA 15 6.93 -68.71 -13.85
C UNK AA 15 6.50 -70.02 -14.50
N UNK AA 16 6.09 -70.00 -15.76
CA UNK AA 16 5.70 -71.22 -16.46
C UNK AA 16 6.78 -71.74 -17.39
N UNK AA 17 7.76 -70.91 -17.76
CA UNK AA 17 8.80 -71.37 -18.67
C UNK AA 17 9.61 -72.50 -18.07
N UNK AA 18 9.96 -72.39 -16.78
CA UNK AA 18 10.78 -73.42 -16.15
C UNK AA 18 10.00 -74.70 -15.88
N UNK AA 19 8.69 -74.71 -16.12
CA UNK AA 19 7.89 -75.91 -15.90
C UNK AA 19 8.30 -77.01 -16.87
N UNK AA 20 7.54 -74.79 -18.99
CA UNK AA 20 7.07 -75.85 -19.86
C UNK AA 20 8.21 -76.79 -20.24
N UNK AA 21 9.45 -76.35 -20.00
CA UNK AA 21 10.63 -77.07 -20.47
C UNK AA 21 10.81 -78.44 -19.82
N UNK AA 22 9.93 -78.85 -18.93
CA UNK AA 22 9.95 -80.22 -18.44
C UNK AA 22 9.13 -81.16 -19.31
N UNK AA 23 8.06 -80.64 -19.92
CA UNK AA 23 7.27 -81.40 -20.87
C UNK AA 23 7.54 -81.01 -22.32
N UNK AA 24 8.12 -79.84 -22.56
CA UNK AA 24 8.44 -79.39 -23.90
C UNK AA 24 9.65 -80.10 -24.48
N UNK AA 25 10.25 -81.03 -23.75
CA UNK AA 25 11.32 -81.86 -24.30
C UNK AA 25 11.02 -83.33 -24.02
N UNK AA 26 10.34 -83.60 -22.91
CA UNK AA 26 9.94 -84.98 -22.62
C UNK AA 26 9.06 -85.53 -23.72
N UNK AA 27 8.18 -84.69 -24.27
CA UNK AA 27 7.42 -85.11 -25.43
C UNK AA 27 8.32 -85.34 -26.63
N UNK AA 28 9.40 -84.56 -26.75
CA UNK AA 28 10.35 -84.79 -27.83
C UNK AA 28 11.13 -86.08 -27.63
N UNK AA 29 11.23 -86.58 -26.40
CA UNK AA 29 11.87 -87.87 -26.17
C UNK AA 29 10.89 -89.02 -26.41
N UNK AA 30 9.70 -88.93 -25.82
CA UNK AA 30 8.67 -89.93 -26.07
C UNK AA 30 8.42 -90.08 -27.57
N UNK AA 31 8.32 -88.95 -28.28
CA UNK AA 31 8.24 -89.02 -29.74
C UNK AA 31 9.49 -89.69 -30.30
N UNK AA 32 10.67 -89.25 -29.87
CA UNK AA 32 11.88 -89.92 -30.28
C UNK AA 32 11.96 -91.36 -29.77
N UNK AA 33 11.12 -91.72 -28.81
CA UNK AA 33 11.03 -93.12 -28.39
C UNK AA 33 10.09 -93.91 -29.28
N UNK AA 34 9.06 -93.27 -29.83
CA UNK AA 34 8.18 -93.94 -30.78
C UNK AA 34 8.94 -94.32 -32.04
N UNK AA 35 9.75 -93.39 -32.57
CA UNK AA 35 10.64 -93.70 -33.68
C UNK AA 35 11.85 -94.50 -33.26
N UNK AA 36 11.98 -94.83 -31.97
CA UNK AA 36 13.10 -95.64 -31.51
C UNK AA 36 12.81 -97.12 -31.68
N UNK AA 37 11.57 -97.55 -31.43
CA UNK AA 37 11.20 -98.94 -31.59
C UNK AA 37 10.84 -99.29 -33.03
N UNK AA 38 10.54 -98.29 -33.86
CA UNK AA 38 10.16 -98.53 -35.25
C UNK AA 38 11.31 -98.38 -36.23
N UNK AA 39 12.45 -97.82 -35.80
CA UNK AA 39 13.57 -97.65 -36.71
C UNK AA 39 14.29 -98.97 -36.97
N UNK AA 40 14.43 -99.81 -35.95
CA UNK AA 40 15.07 -101.11 -36.11
C UNK AA 40 14.09 -102.22 -36.48
N UNK AA 41 12.79 -102.00 -36.26
CA UNK AA 41 11.80 -103.02 -36.58
C UNK AA 41 11.54 -103.10 -38.08
N UNK AA 42 11.08 -102.00 -38.67
CA UNK AA 42 10.76 -101.98 -40.09
C UNK AA 42 12.01 -102.19 -40.94
N UNK AA 43 12.99 -101.29 -40.82
CA UNK AA 43 14.24 -101.41 -41.55
C UNK AA 43 15.36 -101.79 -40.61
N SER BA 4 66.74 -32.23 -61.97
CA SER BA 4 65.55 -31.80 -62.71
C SER BA 4 64.33 -31.81 -61.82
N ALA BA 5 64.40 -32.55 -60.72
CA ALA BA 5 63.27 -32.64 -59.79
C ALA BA 5 62.91 -31.25 -59.27
N THR BA 6 63.90 -30.49 -58.82
CA THR BA 6 63.63 -29.17 -58.27
C THR BA 6 62.99 -28.25 -59.30
N THR BA 7 63.32 -28.42 -60.59
CA THR BA 7 62.70 -27.58 -61.60
C THR BA 7 61.23 -27.91 -61.76
N ILE BA 8 60.89 -29.20 -61.78
CA ILE BA 8 59.48 -29.59 -61.85
C ILE BA 8 58.74 -29.06 -60.63
N GLY BA 9 59.36 -29.16 -59.46
CA GLY BA 9 58.73 -28.62 -58.25
C GLY BA 9 58.51 -27.12 -58.34
N ALA BA 10 59.49 -26.39 -58.85
CA ALA BA 10 59.36 -24.93 -58.94
C ALA BA 10 58.27 -24.56 -59.93
N LEU BA 11 58.23 -25.20 -61.09
CA LEU BA 11 57.16 -24.90 -62.04
C LEU BA 11 55.81 -25.26 -61.46
N LEU BA 12 55.73 -26.34 -60.68
CA LEU BA 12 54.48 -26.71 -60.05
C LEU BA 12 54.02 -25.65 -59.06
N GLY BA 13 54.94 -25.17 -58.24
CA GLY BA 13 54.59 -24.14 -57.28
C GLY BA 13 54.14 -22.87 -57.96
N LEU BA 14 54.85 -22.46 -59.01
CA LEU BA 14 54.46 -21.25 -59.72
C LEU BA 14 53.08 -21.40 -60.35
N GLY BA 15 52.81 -22.56 -60.96
CA GLY BA 15 51.51 -22.79 -61.54
C GLY BA 15 50.41 -22.76 -60.49
N THR BA 16 50.63 -23.40 -59.35
CA THR BA 16 49.61 -23.42 -58.31
C THR BA 16 49.37 -22.03 -57.75
N GLN BA 17 50.43 -21.21 -57.67
CA GLN BA 17 50.23 -19.86 -57.15
C GLN BA 17 49.47 -19.00 -58.15
N MET BA 18 49.81 -19.10 -59.43
CA MET BA 18 49.03 -18.39 -60.44
C MET BA 18 47.58 -18.83 -60.40
N TYR BA 19 47.36 -20.13 -60.15
CA TYR BA 19 46.00 -20.63 -60.03
C TYR BA 19 45.28 -19.95 -58.87
N SER BA 20 45.88 -19.98 -57.68
CA SER BA 20 45.24 -19.39 -56.51
C SER BA 20 45.02 -17.90 -56.69
N ASN BA 21 45.83 -17.25 -57.52
CA ASN BA 21 45.59 -15.86 -57.82
C ASN BA 21 44.56 -15.66 -58.91
N ALA BA 22 44.25 -16.69 -59.68
CA ALA BA 22 43.27 -16.56 -60.74
C ALA BA 22 41.86 -16.94 -60.31
N LEU BA 23 41.73 -17.79 -59.28
CA LEU BA 23 40.41 -18.15 -58.79
C LEU BA 23 39.65 -16.92 -58.34
N ARG BA 24 40.16 -16.23 -57.32
CA ARG BA 24 39.69 -14.89 -57.03
C ARG BA 24 40.15 -13.96 -58.14
N LYS BA 25 39.22 -13.16 -58.66
CA LYS BA 25 39.41 -12.60 -59.98
C LYS BA 25 40.58 -11.64 -60.10
N LEU BA 26 41.30 -11.34 -59.02
CA LEU BA 26 42.42 -10.43 -59.12
C LEU BA 26 43.46 -10.97 -60.10
N PRO BA 27 44.30 -10.10 -60.67
CA PRO BA 27 45.15 -10.52 -61.78
C PRO BA 27 46.12 -11.63 -61.39
N TYR BA 28 46.83 -12.13 -62.40
CA TYR BA 28 47.64 -13.33 -62.22
C TYR BA 28 48.77 -13.11 -61.23
N MET BA 29 49.63 -12.15 -61.51
CA MET BA 29 50.77 -11.87 -60.64
C MET BA 29 50.43 -10.69 -59.76
N ARG BA 30 49.58 -10.95 -58.76
CA ARG BA 30 49.16 -9.89 -57.86
C ARG BA 30 50.26 -9.54 -56.86
N HIS BA 31 50.77 -10.54 -56.16
CA HIS BA 31 51.89 -10.35 -55.23
C HIS BA 31 53.10 -11.05 -55.83
N PRO BA 32 53.87 -10.38 -56.65
CA PRO BA 32 54.97 -11.04 -57.35
C PRO BA 32 56.07 -11.52 -56.43
N TRP BA 33 55.92 -11.34 -55.12
CA TRP BA 33 56.86 -11.90 -54.17
C TRP BA 33 56.30 -13.13 -53.46
N GLU BA 34 55.07 -13.51 -53.75
CA GLU BA 34 54.61 -14.82 -53.31
C GLU BA 34 55.09 -15.90 -54.26
N HIS BA 35 55.11 -15.62 -55.57
CA HIS BA 35 55.46 -16.63 -56.55
C HIS BA 35 56.79 -17.30 -56.24
N VAL BA 36 57.75 -16.56 -55.69
CA VAL BA 36 59.01 -17.19 -55.32
C VAL BA 36 58.82 -18.16 -54.17
N VAL BA 37 57.96 -17.81 -53.20
CA VAL BA 37 57.66 -18.74 -52.12
C VAL BA 37 56.96 -19.97 -52.67
N GLY BA 38 56.07 -19.78 -53.64
CA GLY BA 38 55.40 -20.90 -54.25
C GLY BA 38 56.37 -21.83 -54.95
N MET BA 39 57.30 -21.26 -55.72
CA MET BA 39 58.33 -22.07 -56.37
C MET BA 39 59.16 -22.84 -55.35
N GLY BA 40 59.55 -22.17 -54.26
CA GLY BA 40 60.33 -22.84 -53.25
C GLY BA 40 59.58 -24.00 -52.62
N LEU BA 41 58.33 -23.77 -52.25
CA LEU BA 41 57.54 -24.84 -51.62
C LEU BA 41 57.33 -26.00 -52.57
N GLY BA 42 57.04 -25.71 -53.84
CA GLY BA 42 56.89 -26.79 -54.80
C GLY BA 42 58.16 -27.58 -54.99
N ALA BA 43 59.29 -26.89 -55.08
CA ALA BA 43 60.57 -27.59 -55.24
C ALA BA 43 60.83 -28.50 -54.05
N VAL BA 44 60.75 -27.96 -52.84
CA VAL BA 44 61.05 -28.77 -51.67
C VAL BA 44 60.06 -29.92 -51.55
N PHE BA 45 58.80 -29.69 -51.94
CA PHE BA 45 57.80 -30.76 -51.85
C PHE BA 45 58.16 -31.90 -52.79
N VAL BA 46 58.45 -31.59 -54.06
CA VAL BA 46 58.70 -32.66 -55.02
C VAL BA 46 59.98 -33.41 -54.65
N ASN BA 47 61.01 -32.67 -54.22
CA ASN BA 47 62.24 -33.33 -53.81
C ASN BA 47 62.00 -34.28 -52.65
N GLN BA 48 61.30 -33.82 -51.62
CA GLN BA 48 61.02 -34.68 -50.48
C GLN BA 48 60.12 -35.84 -50.87
N LEU BA 49 59.22 -35.63 -51.83
CA LEU BA 49 58.35 -36.71 -52.24
C LEU BA 49 59.14 -37.82 -52.90
N LEU BA 50 60.10 -37.46 -53.76
CA LEU BA 50 60.96 -38.49 -54.36
C LEU BA 50 61.76 -39.22 -53.28
N LYS BA 51 62.33 -38.46 -52.33
CA LYS BA 51 63.09 -39.10 -51.26
C LYS BA 51 62.23 -40.09 -50.49
N TRP BA 52 61.02 -39.68 -50.13
CA TRP BA 52 60.15 -40.53 -49.34
C TRP BA 52 59.67 -41.74 -50.13
N GLU BA 53 59.44 -41.58 -51.43
CA GLU BA 53 59.07 -42.73 -52.25
C GLU BA 53 60.19 -43.76 -52.28
N ALA BA 54 61.42 -43.31 -52.44
CA ALA BA 54 62.55 -44.24 -52.39
C ALA BA 54 62.59 -44.96 -51.05
N GLN BA 55 62.43 -44.20 -49.95
CA GLN BA 55 62.49 -44.82 -48.64
C GLN BA 55 61.39 -45.85 -48.44
N VAL BA 56 60.17 -45.53 -48.86
CA VAL BA 56 59.08 -46.47 -48.63
C VAL BA 56 59.21 -47.68 -49.54
N GLU BA 57 59.78 -47.52 -50.74
CA GLU BA 57 60.05 -48.70 -51.55
C GLU BA 57 61.05 -49.60 -50.85
N GLN BA 58 62.09 -49.02 -50.25
CA GLN BA 58 63.05 -49.84 -49.52
C GLN BA 58 62.37 -50.60 -48.38
N ASP BA 59 61.56 -49.91 -47.59
CA ASP BA 59 60.90 -50.56 -46.46
C ASP BA 59 59.93 -51.64 -46.93
N LEU BA 60 59.20 -51.39 -48.02
CA LEU BA 60 58.29 -52.39 -48.53
C LEU BA 60 59.04 -53.61 -49.02
N ASP BA 61 60.20 -53.41 -49.65
CA ASP BA 61 60.97 -54.56 -50.11
C ASP BA 61 61.51 -55.36 -48.93
N LYS BA 62 61.93 -54.68 -47.87
CA LYS BA 62 62.34 -55.40 -46.66
C LYS BA 62 61.17 -56.19 -46.07
N MET BA 63 59.98 -55.58 -46.03
CA MET BA 63 58.81 -56.27 -45.49
C MET BA 63 58.47 -57.49 -46.33
N LEU BA 64 58.59 -57.38 -47.65
CA LEU BA 64 58.33 -58.54 -48.50
C LEU BA 64 59.37 -59.63 -48.29
N GLU BA 65 60.64 -59.25 -48.12
CA GLU BA 65 61.67 -60.24 -47.82
C GLU BA 65 61.37 -60.97 -46.52
N LYS BA 66 60.87 -60.24 -45.52
CA LYS BA 66 60.51 -60.88 -44.26
C LYS BA 66 59.27 -61.75 -44.42
N ALA BA 67 58.33 -61.35 -45.28
CA ALA BA 67 57.17 -62.18 -45.57
C ALA BA 67 57.56 -63.44 -46.32
N LYS BA 68 58.69 -63.42 -47.02
CA LYS BA 68 59.19 -64.64 -47.64
C LYS BA 68 59.45 -65.73 -46.60
N ALA BA 69 60.03 -65.35 -45.46
CA ALA BA 69 60.30 -66.32 -44.40
C ALA BA 69 59.01 -66.83 -43.77
N ALA BA 70 57.98 -65.97 -43.67
CA ALA BA 70 56.72 -66.40 -43.10
C ALA BA 70 56.05 -67.48 -43.94
N ASN BA 71 56.32 -67.52 -45.24
CA ASN BA 71 55.82 -68.56 -46.12
C ASN BA 71 56.86 -69.62 -46.43
N GLU BA 72 58.14 -69.36 -46.15
CA GLU BA 72 59.16 -70.39 -46.36
C GLU BA 72 58.91 -71.59 -45.46
N ARG BA 73 58.63 -71.34 -44.17
CA ARG BA 73 58.29 -72.41 -43.24
C ARG BA 73 56.97 -73.08 -43.60
N ARG BA 74 56.17 -72.47 -44.47
CA ARG BA 74 54.92 -73.09 -44.91
C ARG BA 74 55.18 -74.21 -45.91
N TYR BA 75 55.80 -73.87 -47.04
CA TYR BA 75 56.16 -74.85 -48.08
C TYR BA 75 54.97 -75.69 -48.52
N GLU CA 77 61.62 11.14 -30.66
CA GLU CA 77 60.95 10.83 -31.92
C GLU CA 77 61.81 9.91 -32.78
N ARG CA 78 62.39 8.89 -32.15
CA ARG CA 78 63.20 7.91 -32.86
C ARG CA 78 62.97 6.52 -32.30
N VAL CA 79 61.70 6.16 -32.09
CA VAL CA 79 61.39 4.85 -31.55
C VAL CA 79 59.96 4.49 -31.90
N SER CA 80 59.64 3.20 -31.79
CA SER CA 80 58.30 2.69 -31.97
C SER CA 80 57.65 2.55 -30.59
N THR CA 81 56.42 3.03 -30.47
CA THR CA 81 55.77 3.17 -29.17
C THR CA 81 54.54 2.28 -29.05
N ASP CA 82 54.66 1.03 -29.49
CA ASP CA 82 53.58 0.05 -29.33
C ASP CA 82 54.20 -1.23 -28.79
N LYS CA 83 53.95 -1.53 -27.53
CA LYS CA 83 54.65 -2.63 -26.87
C LYS CA 83 54.30 -3.97 -27.50
N HIS CA 84 53.01 -4.23 -27.72
CA HIS CA 84 52.60 -5.53 -28.23
C HIS CA 84 53.22 -5.81 -29.58
N ARG CA 85 53.16 -4.84 -30.49
CA ARG CA 85 53.75 -5.03 -31.81
C ARG CA 85 55.25 -5.30 -31.71
N ASN CA 86 55.92 -4.64 -30.77
CA ASN CA 86 57.36 -4.84 -30.66
C ASN CA 86 57.69 -6.23 -30.14
N TYR CA 87 56.92 -6.71 -29.16
CA TYR CA 87 57.09 -8.09 -28.73
C TYR CA 87 56.85 -9.06 -29.89
N ALA CA 88 55.81 -8.80 -30.67
CA ALA CA 88 55.52 -9.69 -31.81
C ALA CA 88 56.64 -9.66 -32.83
N VAL CA 89 57.24 -8.49 -33.04
CA VAL CA 89 58.31 -8.40 -34.03
C VAL CA 89 59.55 -9.12 -33.55
N VAL CA 90 59.85 -8.99 -32.25
CA VAL CA 90 60.93 -9.79 -31.68
C VAL CA 90 60.67 -11.27 -31.91
N ALA CA 91 59.43 -11.71 -31.69
CA ALA CA 91 59.10 -13.11 -31.89
C ALA CA 91 59.29 -13.52 -33.35
N GLY CA 92 58.91 -12.65 -34.28
CA GLY CA 92 59.02 -12.98 -35.69
C GLY CA 92 60.46 -13.09 -36.14
N THR CA 93 61.31 -12.13 -35.75
CA THR CA 93 62.70 -12.23 -36.15
C THR CA 93 63.40 -13.40 -35.46
N ILE CA 94 63.03 -13.70 -34.21
CA ILE CA 94 63.53 -14.91 -33.58
C ILE CA 94 63.10 -16.13 -34.38
N THR CA 95 61.87 -16.15 -34.87
CA THR CA 95 61.38 -17.29 -35.63
C THR CA 95 62.20 -17.49 -36.88
N ILE CA 96 62.43 -16.41 -37.64
CA ILE CA 96 63.15 -16.55 -38.89
C ILE CA 96 64.59 -16.97 -38.64
N LEU CA 97 65.23 -16.40 -37.62
CA LEU CA 97 66.60 -16.80 -37.30
C LEU CA 97 66.66 -18.26 -36.89
N GLY CA 98 65.69 -18.71 -36.10
CA GLY CA 98 65.67 -20.10 -35.69
C GLY CA 98 65.48 -21.03 -36.88
N ALA CA 99 64.61 -20.67 -37.81
CA ALA CA 99 64.43 -21.50 -38.99
C ALA CA 99 65.70 -21.56 -39.82
N LEU CA 100 66.39 -20.43 -39.96
CA LEU CA 100 67.64 -20.43 -40.70
C LEU CA 100 68.67 -21.33 -40.04
N GLY CA 101 68.80 -21.25 -38.72
CA GLY CA 101 69.72 -22.12 -38.03
C GLY CA 101 69.36 -23.59 -38.17
N TRP CA 102 68.08 -23.90 -38.01
CA TRP CA 102 67.59 -25.27 -38.19
C TRP CA 102 67.98 -25.80 -39.56
N TYR CA 103 67.70 -25.03 -40.62
CA TYR CA 103 68.12 -25.43 -41.95
C TYR CA 103 69.63 -25.65 -42.00
N LEU CA 104 70.39 -24.73 -41.41
CA LEU CA 104 71.84 -24.88 -41.39
C LEU CA 104 72.25 -26.19 -40.72
N LYS CA 105 71.39 -26.74 -39.86
CA LYS CA 105 71.64 -28.03 -39.25
C LYS CA 105 70.86 -29.15 -39.93
N GLY CA 106 70.66 -29.06 -41.24
CA GLY CA 106 69.97 -30.10 -41.98
C GLY CA 106 70.77 -31.37 -42.07
N ALA DA 2 38.28 -64.84 -22.12
CA ALA DA 2 38.19 -64.28 -20.79
C ALA DA 2 39.57 -63.86 -20.30
N SER DA 3 39.63 -62.68 -19.70
CA SER DA 3 40.81 -62.26 -18.97
C SER DA 3 40.77 -62.90 -17.58
N GLY DA 4 41.65 -62.47 -16.69
CA GLY DA 4 41.79 -63.16 -15.44
C GLY DA 4 40.85 -62.72 -14.32
N TRP DA 5 40.37 -61.49 -14.39
CA TRP DA 5 39.77 -60.88 -13.20
C TRP DA 5 38.43 -61.49 -12.83
N GLY DA 6 38.47 -62.59 -12.09
CA GLY DA 6 37.23 -63.20 -11.62
C GLY DA 6 36.42 -62.25 -10.76
N ILE DA 7 35.11 -62.47 -10.76
CA ILE DA 7 34.18 -61.54 -10.15
C ILE DA 7 34.46 -61.32 -8.67
N THR DA 8 35.21 -62.21 -8.03
CA THR DA 8 35.71 -61.96 -6.68
C THR DA 8 37.21 -62.24 -6.68
N GLY DA 9 37.98 -61.26 -7.13
CA GLY DA 9 39.42 -61.19 -6.92
C GLY DA 9 40.20 -62.48 -6.91
N ASN DA 10 39.89 -63.40 -7.82
CA ASN DA 10 40.67 -64.61 -7.98
C ASN DA 10 40.72 -64.96 -9.45
N LYS DA 11 41.69 -65.81 -9.80
CA LYS DA 11 41.76 -66.31 -11.16
C LYS DA 11 40.40 -66.86 -11.57
N GLY DA 12 39.81 -66.27 -12.60
CA GLY DA 12 38.47 -66.58 -13.02
C GLY DA 12 38.19 -68.07 -13.18
N ARG DA 13 36.93 -68.45 -13.06
CA ARG DA 13 36.57 -69.86 -13.13
C ARG DA 13 37.09 -70.53 -14.38
N CYS DA 14 37.11 -69.81 -15.50
CA CYS DA 14 37.46 -70.42 -16.77
C CYS DA 14 38.70 -69.78 -17.35
N TYR DA 15 39.74 -69.63 -16.54
CA TYR DA 15 40.97 -69.03 -17.04
C TYR DA 15 41.96 -70.08 -17.55
N ASP DA 16 42.38 -70.99 -16.67
CA ASP DA 16 43.41 -71.97 -16.99
C ASP DA 16 43.21 -72.58 -18.37
N PHE DA 17 41.96 -72.92 -18.69
CA PHE DA 17 41.67 -73.45 -20.02
C PHE DA 17 42.03 -72.44 -21.09
N TRP DA 18 41.69 -71.18 -20.88
CA TRP DA 18 42.06 -70.17 -21.86
C TRP DA 18 43.56 -70.01 -21.95
N MET DA 19 44.26 -70.14 -20.83
CA MET DA 19 45.71 -69.99 -20.87
C MET DA 19 46.33 -71.11 -21.69
N ASP DA 20 45.86 -72.34 -21.50
CA ASP DA 20 46.38 -73.44 -22.31
C ASP DA 20 46.02 -73.26 -23.78
N PHE DA 21 44.76 -72.91 -24.06
CA PHE DA 21 44.35 -72.63 -25.42
C PHE DA 21 45.25 -71.60 -26.06
N SER DA 22 45.57 -70.52 -25.34
CA SER DA 22 46.35 -69.45 -25.93
C SER DA 22 47.79 -69.85 -26.16
N GLU DA 23 48.41 -70.46 -25.16
CA GLU DA 23 49.80 -70.86 -25.33
C GLU DA 23 49.94 -71.86 -26.47
N CYS DA 24 48.94 -72.73 -26.66
CA CYS DA 24 49.04 -73.69 -27.75
C CYS DA 24 48.73 -73.06 -29.10
N MET DA 25 47.80 -72.12 -29.16
CA MET DA 25 47.46 -71.50 -30.43
C MET DA 25 48.53 -70.54 -30.90
N SER DA 26 49.29 -69.95 -29.98
CA SER DA 26 50.32 -68.99 -30.36
C SER DA 26 51.72 -69.56 -30.34
N ARG DA 27 51.95 -70.67 -29.64
CA ARG DA 27 53.29 -71.26 -29.60
C ARG DA 27 53.53 -72.14 -30.81
N CYS DA 28 52.74 -73.20 -30.95
CA CYS DA 28 52.85 -74.11 -32.09
C CYS DA 28 51.75 -73.74 -33.09
N ARG DA 29 52.11 -72.89 -34.03
CA ARG DA 29 51.17 -72.37 -35.01
C ARG DA 29 50.76 -73.40 -36.03
N GLU DA 30 51.07 -74.69 -35.89
CA GLU DA 30 50.58 -75.69 -36.81
C GLU DA 30 49.06 -75.55 -36.94
N PRO DA 31 48.49 -75.84 -38.11
CA PRO DA 31 47.10 -75.44 -38.35
C PRO DA 31 46.07 -76.25 -37.57
N LYS DA 32 45.50 -75.62 -36.54
CA LYS DA 32 44.36 -76.16 -35.81
C LYS DA 32 44.63 -77.58 -35.30
N ASP DA 33 45.89 -77.89 -35.03
CA ASP DA 33 46.19 -79.16 -34.38
C ASP DA 33 45.66 -79.17 -32.96
N CYS DA 34 45.60 -78.00 -32.33
CA CYS DA 34 44.97 -77.90 -31.02
C CYS DA 34 43.81 -76.93 -31.04
N GLY DA 35 42.95 -77.04 -32.04
CA GLY DA 35 41.58 -76.61 -31.87
C GLY DA 35 40.78 -77.50 -30.96
N LEU DA 36 41.39 -78.59 -30.48
CA LEU DA 36 40.76 -79.46 -29.50
C LEU DA 36 40.49 -78.74 -28.19
N LEU DA 37 41.28 -77.71 -27.88
CA LEU DA 37 41.09 -76.97 -26.64
C LEU DA 37 39.99 -75.93 -26.73
N ARG DA 38 39.61 -75.52 -27.95
CA ARG DA 38 38.53 -74.55 -28.08
C ARG DA 38 37.22 -75.13 -27.56
N GLU DA 39 36.92 -76.39 -27.90
CA GLU DA 39 35.73 -77.02 -27.34
C GLU DA 39 35.77 -76.98 -25.82
N ASP DA 40 36.93 -77.26 -25.24
CA ASP DA 40 37.05 -77.29 -23.78
C ASP DA 40 36.77 -75.92 -23.19
N TYR DA 41 37.43 -74.89 -23.72
CA TYR DA 41 37.25 -73.55 -23.18
C TYR DA 41 35.81 -73.08 -23.32
N LEU DA 42 35.21 -73.27 -24.50
CA LEU DA 42 33.84 -72.83 -24.67
C LEU DA 42 32.88 -73.66 -23.82
N GLU DA 43 33.22 -74.92 -23.55
CA GLU DA 43 32.44 -75.70 -22.61
C GLU DA 43 32.49 -75.07 -21.24
N CYS DA 44 33.69 -74.73 -20.77
CA CYS DA 44 33.80 -74.04 -19.48
C CYS DA 44 32.94 -72.79 -19.46
N LEU DA 45 32.90 -72.07 -20.58
CA LEU DA 45 32.09 -70.86 -20.61
C LEU DA 45 30.61 -71.16 -20.55
N HIS DA 46 30.17 -72.30 -21.09
CA HIS DA 46 28.73 -72.55 -21.20
C HIS DA 46 28.24 -73.89 -20.71
N HIS DA 47 29.13 -74.82 -20.35
CA HIS DA 47 28.76 -76.12 -19.82
C HIS DA 47 27.86 -76.91 -20.76
N SER DA 48 27.84 -76.54 -22.05
CA SER DA 48 26.88 -77.13 -22.98
C SER DA 48 26.91 -78.65 -22.95
N LYS DA 49 28.09 -79.24 -23.13
CA LYS DA 49 28.19 -80.70 -23.11
C LYS DA 49 27.71 -81.26 -21.79
N GLU DA 50 28.02 -80.58 -20.69
CA GLU DA 50 27.65 -81.08 -19.38
C GLU DA 50 26.13 -81.11 -19.20
N PHE DA 51 25.47 -79.99 -19.48
CA PHE DA 51 24.01 -79.96 -19.38
C PHE DA 51 23.38 -80.98 -20.31
N GLN DA 52 23.91 -81.11 -21.53
CA GLN DA 52 23.37 -82.07 -22.47
C GLN DA 52 23.45 -83.48 -21.91
N ARG DA 53 24.60 -83.85 -21.35
CA ARG DA 53 24.76 -85.18 -20.81
C ARG DA 53 23.79 -85.42 -19.65
N ARG DA 54 23.69 -84.45 -18.74
CA ARG DA 54 22.80 -84.65 -17.59
C ARG DA 54 21.34 -84.74 -18.03
N ASN DA 55 20.96 -83.91 -19.00
CA ASN DA 55 19.62 -83.98 -19.55
C ASN DA 55 19.34 -85.34 -20.14
N ARG DA 56 20.30 -85.91 -20.87
CA ARG DA 56 20.06 -87.22 -21.48
C ARG DA 56 19.98 -88.32 -20.43
N ILE DA 57 20.80 -88.21 -19.38
CA ILE DA 57 20.71 -89.19 -18.30
C ILE DA 57 19.32 -89.18 -17.70
N TYR DA 58 18.80 -87.98 -17.42
CA TYR DA 58 17.44 -87.90 -16.91
C TYR DA 58 16.43 -88.40 -17.94
N LYS DA 59 16.68 -88.14 -19.22
CA LYS DA 59 15.74 -88.59 -20.26
C LYS DA 59 15.61 -90.10 -20.22
N GLU DA 60 16.72 -90.81 -20.19
CA GLU DA 60 16.65 -92.27 -20.17
C GLU DA 60 16.08 -92.78 -18.85
N GLU DA 61 16.43 -92.13 -17.74
CA GLU DA 61 15.82 -92.50 -16.46
C GLU DA 61 14.31 -92.40 -16.55
N GLN DA 62 13.80 -91.34 -17.19
CA GLN DA 62 12.37 -91.18 -17.32
C GLN DA 62 11.79 -92.22 -18.27
N ARG DA 63 12.49 -92.50 -19.37
CA ARG DA 63 11.97 -93.45 -20.35
C ARG DA 63 11.83 -94.83 -19.74
N LYS DA 64 12.74 -95.20 -18.85
CA LYS DA 64 12.57 -96.50 -18.20
C LYS DA 64 11.47 -96.51 -17.15
N ILE DA 65 10.82 -95.37 -16.90
CA ILE DA 65 9.72 -95.36 -15.93
C ILE DA 65 8.44 -95.88 -16.56
N ARG DA 66 8.24 -95.65 -17.86
CA ARG DA 66 7.02 -96.11 -18.52
C ARG DA 66 6.87 -97.62 -18.42
N ALA DA 67 7.98 -98.34 -18.30
CA ALA DA 67 7.94 -99.79 -18.16
C ALA DA 67 7.47 -100.19 -16.77
N MET EA 1 52.73 -54.81 -12.50
CA MET EA 1 52.32 -53.65 -13.28
C MET EA 1 53.19 -53.52 -14.52
N ASN EA 2 52.55 -53.57 -15.68
CA ASN EA 2 53.24 -53.51 -16.97
C ASN EA 2 53.83 -52.12 -17.15
N THR EA 3 55.01 -51.92 -16.57
CA THR EA 3 55.74 -50.66 -16.70
C THR EA 3 57.06 -50.88 -17.41
N ASP EA 4 57.03 -51.66 -18.49
CA ASP EA 4 58.23 -51.97 -19.25
C ASP EA 4 58.19 -51.31 -20.60
N ILE EA 5 59.35 -50.92 -21.10
CA ILE EA 5 59.48 -50.26 -22.39
C ILE EA 5 60.08 -51.28 -23.34
N THR EA 6 59.23 -51.89 -24.15
CA THR EA 6 59.65 -52.60 -25.34
C THR EA 6 58.76 -52.11 -26.48
N ALA EA 7 59.31 -52.06 -27.68
CA ALA EA 7 58.60 -51.51 -28.81
C ALA EA 7 58.35 -52.58 -29.85
N SER EA 8 57.22 -52.47 -30.55
CA SER EA 8 56.92 -53.39 -31.64
C SER EA 8 58.01 -53.34 -32.70
N THR EA 9 58.48 -52.13 -33.01
CA THR EA 9 59.63 -51.98 -33.90
C THR EA 9 60.90 -52.12 -33.07
N LYS EA 10 62.05 -52.04 -33.73
CA LYS EA 10 63.29 -52.27 -33.03
C LYS EA 10 64.22 -51.07 -33.16
N PRO EA 11 65.07 -50.84 -32.19
CA PRO EA 11 66.00 -49.72 -32.26
C PRO EA 11 67.11 -49.97 -33.27
N GLU EA 12 66.86 -49.63 -34.54
CA GLU EA 12 67.82 -49.93 -35.60
C GLU EA 12 69.19 -49.35 -35.34
N TYR EA 13 69.30 -48.31 -34.53
CA TYR EA 13 70.57 -47.70 -34.17
C TYR EA 13 71.03 -48.23 -32.82
N PRO EA 14 72.25 -47.88 -32.39
CA PRO EA 14 72.70 -48.31 -31.05
C PRO EA 14 71.74 -47.92 -29.93
N VAL EA 15 71.91 -48.52 -28.76
CA VAL EA 15 70.88 -48.57 -27.73
C VAL EA 15 71.38 -47.92 -26.44
N VAL EA 16 72.12 -46.82 -26.59
CA VAL EA 16 72.88 -46.18 -25.51
C VAL EA 16 72.16 -46.21 -24.16
N ASP EA 17 70.86 -45.96 -24.14
CA ASP EA 17 70.12 -46.14 -22.90
C ASP EA 17 68.67 -46.53 -23.20
N ARG EA 18 68.15 -47.48 -22.42
CA ARG EA 18 66.84 -48.04 -22.69
C ARG EA 18 65.72 -47.14 -22.20
N ASN EA 19 65.69 -46.87 -20.89
CA ASN EA 19 64.63 -46.07 -20.27
C ASN EA 19 65.28 -44.95 -19.48
N PRO EA 20 65.68 -43.88 -20.14
CA PRO EA 20 66.37 -42.79 -19.44
C PRO EA 20 65.40 -41.99 -18.59
N PRO EA 21 65.81 -41.62 -17.38
CA PRO EA 21 64.95 -40.77 -16.54
C PRO EA 21 64.75 -39.40 -17.16
N PHE EA 22 63.80 -38.65 -16.60
CA PHE EA 22 63.40 -37.39 -17.19
C PHE EA 22 64.56 -36.40 -17.25
N THR EA 23 65.16 -36.11 -16.10
CA THR EA 23 66.20 -35.08 -16.06
C THR EA 23 67.34 -35.40 -17.00
N LYS EA 24 67.68 -36.68 -17.15
CA LYS EA 24 68.75 -37.05 -18.07
C LYS EA 24 68.42 -36.60 -19.48
N VAL EA 25 67.21 -36.90 -19.95
CA VAL EA 25 66.83 -36.52 -21.30
C VAL EA 25 66.80 -35.00 -21.42
N VAL EA 26 66.08 -34.33 -20.53
CA VAL EA 26 65.88 -32.90 -20.70
C VAL EA 26 67.18 -32.13 -20.53
N GLY EA 27 68.20 -32.73 -19.94
CA GLY EA 27 69.50 -32.08 -19.90
C GLY EA 27 70.39 -32.57 -21.01
N ASN EA 28 69.93 -33.60 -21.74
CA ASN EA 28 70.69 -34.14 -22.85
C ASN EA 28 70.41 -33.42 -24.17
N PHE EA 29 69.70 -32.30 -24.13
CA PHE EA 29 69.31 -31.63 -25.37
C PHE EA 29 70.53 -31.21 -26.18
N SER EA 30 70.31 -31.03 -27.47
CA SER EA 30 71.32 -30.58 -28.41
C SER EA 30 70.88 -29.26 -29.04
N THR EA 31 71.82 -28.60 -29.72
CA THR EA 31 71.53 -27.29 -30.29
C THR EA 31 70.34 -27.35 -31.23
N LEU EA 32 70.26 -28.41 -32.06
CA LEU EA 32 69.13 -28.55 -32.95
C LEU EA 32 67.82 -28.62 -32.17
N ASP EA 33 67.85 -29.23 -30.98
CA ASP EA 33 66.64 -29.35 -30.20
C ASP EA 33 66.15 -27.99 -29.74
N TYR EA 34 67.06 -27.17 -29.21
CA TYR EA 34 66.69 -25.83 -28.79
C TYR EA 34 66.22 -25.01 -29.97
N LEU EA 35 66.83 -25.22 -31.14
CA LEU EA 35 66.36 -24.52 -32.33
C LEU EA 35 64.93 -24.91 -32.67
N ARG EA 36 64.62 -26.20 -32.61
CA ARG EA 36 63.25 -26.65 -32.87
C ARG EA 36 62.29 -26.01 -31.88
N PHE EA 37 62.65 -26.02 -30.61
CA PHE EA 37 61.80 -25.45 -29.57
C PHE EA 37 61.54 -23.97 -29.83
N VAL EA 38 62.61 -23.23 -30.12
CA VAL EA 38 62.48 -21.79 -30.35
C VAL EA 38 61.64 -21.52 -31.58
N THR EA 39 61.83 -22.29 -32.65
CA THR EA 39 61.08 -22.06 -33.87
C THR EA 39 59.59 -22.29 -33.64
N ILE EA 40 59.24 -23.38 -32.94
CA ILE EA 40 57.82 -23.64 -32.68
C ILE EA 40 57.23 -22.53 -31.84
N THR EA 41 57.91 -22.14 -30.76
CA THR EA 41 57.39 -21.07 -29.93
C THR EA 41 57.20 -19.79 -30.73
N GLY EA 42 58.16 -19.47 -31.59
CA GLY EA 42 58.08 -18.23 -32.33
C GLY EA 42 56.91 -18.20 -33.30
N VAL EA 43 56.76 -19.27 -34.09
CA VAL EA 43 55.66 -19.28 -35.04
C VAL EA 43 54.33 -19.23 -34.30
N SER EA 44 54.24 -19.91 -33.17
CA SER EA 44 53.00 -19.89 -32.40
C SER EA 44 52.70 -18.48 -31.91
N VAL EA 45 53.70 -17.80 -31.37
CA VAL EA 45 53.47 -16.46 -30.83
C VAL EA 45 53.05 -15.51 -31.95
N THR EA 46 53.67 -15.63 -33.12
CA THR EA 46 53.32 -14.72 -34.20
C THR EA 46 51.90 -14.94 -34.70
N VAL EA 47 51.51 -16.21 -34.90
CA VAL EA 47 50.16 -16.45 -35.38
C VAL EA 47 49.14 -16.02 -34.34
N GLY EA 48 49.47 -16.22 -33.06
CA GLY EA 48 48.63 -15.68 -32.02
C GLY EA 48 48.50 -14.17 -32.12
N TYR EA 49 49.62 -13.50 -32.39
CA TYR EA 49 49.59 -12.04 -32.46
C TYR EA 49 48.64 -11.56 -33.53
N LEU EA 50 48.77 -12.12 -34.74
CA LEU EA 50 47.92 -11.63 -35.84
C LEU EA 50 46.46 -11.99 -35.60
N SER EA 51 46.19 -13.27 -35.33
CA SER EA 51 44.83 -13.67 -35.02
C SER EA 51 44.26 -12.89 -33.84
N GLY EA 52 45.11 -12.20 -33.08
CA GLY EA 52 44.63 -11.30 -32.06
C GLY EA 52 44.44 -9.88 -32.54
N ILE EA 53 45.21 -9.45 -33.55
CA ILE EA 53 44.96 -8.12 -34.08
C ILE EA 53 43.56 -8.06 -34.64
N LYS EA 54 43.03 -9.20 -35.08
CA LYS EA 54 41.67 -9.17 -35.65
C LYS EA 54 40.63 -8.70 -34.64
N PRO EA 55 40.47 -9.32 -33.47
CA PRO EA 55 39.43 -8.87 -32.53
C PRO EA 55 39.88 -7.90 -31.44
N GLY EA 56 41.13 -7.47 -31.44
CA GLY EA 56 41.58 -6.44 -30.53
C GLY EA 56 42.22 -6.92 -29.24
N ILE EA 57 42.73 -8.15 -29.21
CA ILE EA 57 43.33 -8.69 -28.00
C ILE EA 57 44.77 -9.12 -28.28
N ARG EA 58 45.47 -8.35 -29.11
CA ARG EA 58 46.84 -8.66 -29.51
C ARG EA 58 47.69 -9.22 -28.38
N GLY EA 59 47.48 -8.75 -27.16
CA GLY EA 59 48.22 -9.24 -26.03
C GLY EA 59 47.86 -10.65 -25.62
N PRO EA 60 46.63 -10.83 -25.12
CA PRO EA 60 46.24 -12.15 -24.62
C PRO EA 60 46.36 -13.26 -25.64
N SER EA 61 46.04 -12.99 -26.90
CA SER EA 61 46.24 -14.01 -27.91
C SER EA 61 47.72 -14.34 -28.05
N MET EA 62 48.59 -13.36 -27.90
CA MET EA 62 50.02 -13.64 -27.91
C MET EA 62 50.39 -14.54 -26.76
N VAL EA 63 49.82 -14.30 -25.58
CA VAL EA 63 50.16 -15.15 -24.44
C VAL EA 63 49.69 -16.58 -24.67
N THR EA 64 48.46 -16.75 -25.16
CA THR EA 64 47.95 -18.10 -25.38
C THR EA 64 48.74 -18.82 -26.45
N GLY EA 65 49.06 -18.12 -27.54
CA GLY EA 65 49.93 -18.70 -28.55
C GLY EA 65 51.27 -19.10 -27.97
N GLY EA 66 51.79 -18.30 -27.04
CA GLY EA 66 53.05 -18.65 -26.41
C GLY EA 66 52.93 -19.90 -25.57
N LEU EA 67 51.83 -20.05 -24.84
CA LEU EA 67 51.64 -21.26 -24.05
C LEU EA 67 51.62 -22.49 -24.96
N ILE EA 68 50.79 -22.46 -26.00
CA ILE EA 68 50.74 -23.60 -26.90
C ILE EA 68 52.09 -23.84 -27.55
N GLY EA 69 52.82 -22.77 -27.84
CA GLY EA 69 54.10 -22.92 -28.49
C GLY EA 69 55.12 -23.58 -27.58
N VAL EA 70 55.22 -23.12 -26.34
CA VAL EA 70 56.15 -23.73 -25.41
C VAL EA 70 55.79 -25.19 -25.19
N MET EA 71 54.50 -25.48 -25.03
CA MET EA 71 54.09 -26.87 -24.84
C MET EA 71 54.55 -27.72 -26.02
N GLY EA 72 54.15 -27.34 -27.23
CA GLY EA 72 54.49 -28.14 -28.39
C GLY EA 72 55.98 -28.26 -28.60
N GLY EA 73 56.71 -27.15 -28.44
CA GLY EA 73 58.13 -27.16 -28.70
C GLY EA 73 58.88 -28.02 -27.71
N PHE EA 74 58.56 -27.88 -26.42
CA PHE EA 74 59.22 -28.74 -25.46
C PHE EA 74 58.88 -30.20 -25.67
N MET EA 75 57.63 -30.49 -26.05
CA MET EA 75 57.29 -31.89 -26.29
C MET EA 75 58.06 -32.43 -27.48
N TYR EA 76 58.18 -31.65 -28.54
CA TYR EA 76 58.92 -32.09 -29.71
C TYR EA 76 60.40 -32.28 -29.39
N ALA EA 77 60.97 -31.36 -28.63
CA ALA EA 77 62.38 -31.49 -28.29
C ALA EA 77 62.63 -32.69 -27.38
N TYR EA 78 61.75 -32.90 -26.39
CA TYR EA 78 61.91 -34.06 -25.53
C TYR EA 78 61.74 -35.34 -26.32
N GLN EA 79 60.83 -35.36 -27.29
CA GLN EA 79 60.64 -36.54 -28.11
C GLN EA 79 61.89 -36.83 -28.93
N ASN EA 80 62.47 -35.81 -29.55
CA ASN EA 80 63.69 -36.01 -30.34
C ASN EA 80 64.82 -36.52 -29.46
N SER EA 81 65.00 -35.91 -28.28
CA SER EA 81 66.11 -36.33 -27.45
C SER EA 81 65.89 -37.72 -26.89
N ALA EA 82 64.66 -38.06 -26.51
CA ALA EA 82 64.38 -39.40 -26.05
C ALA EA 82 64.66 -40.42 -27.14
N GLY EA 83 64.22 -40.13 -28.36
CA GLY EA 83 64.54 -41.02 -29.47
C GLY EA 83 66.03 -41.23 -29.61
N ARG EA 84 66.79 -40.13 -29.63
CA ARG EA 84 68.24 -40.26 -29.75
C ARG EA 84 68.85 -40.96 -28.55
N LEU EA 85 68.15 -41.03 -27.43
CA LEU EA 85 68.68 -41.75 -26.29
C LEU EA 85 68.38 -43.23 -26.32
N MET EA 86 67.42 -43.67 -27.15
CA MET EA 86 67.01 -45.06 -27.16
C MET EA 86 67.55 -45.83 -28.35
N GLY EA 87 67.50 -45.26 -29.54
CA GLY EA 87 68.00 -45.93 -30.71
C GLY EA 87 67.09 -45.76 -31.90
N PHE EA 88 65.91 -45.20 -31.67
CA PHE EA 88 64.96 -44.97 -32.74
C PHE EA 88 65.33 -43.77 -33.59
N PHE EA 89 66.54 -43.26 -33.45
CA PHE EA 89 66.98 -42.08 -34.18
C PHE EA 89 68.48 -42.13 -34.29
N PRO EA 90 69.08 -41.34 -35.19
CA PRO EA 90 70.54 -41.39 -35.34
C PRO EA 90 71.25 -40.94 -34.07
N ASN EA 91 72.17 -41.78 -33.60
CA ASN EA 91 72.98 -41.49 -32.42
C ASN EA 91 74.44 -41.49 -32.81
N ASP EA 92 75.06 -40.32 -32.83
CA ASP EA 92 76.50 -40.24 -32.98
C ASP EA 92 77.16 -39.63 -31.76
N ASP EA 93 76.76 -38.43 -31.36
CA ASP EA 93 77.39 -37.79 -30.20
C ASP EA 93 76.94 -38.42 -28.89
N GLU EA 94 75.72 -38.95 -28.83
CA GLU EA 94 75.32 -39.69 -27.65
C GLU EA 94 76.19 -40.93 -27.46
N VAL EA 95 76.48 -41.63 -28.55
CA VAL EA 95 77.39 -42.77 -28.45
C VAL EA 95 78.79 -42.29 -28.08
N ALA EA 96 79.20 -41.15 -28.64
CA ALA EA 96 80.50 -40.58 -28.29
C ALA EA 96 80.62 -40.37 -26.78
N ARG EA 97 79.64 -39.70 -26.20
CA ARG EA 97 79.63 -39.49 -24.74
C ARG EA 97 79.63 -40.81 -24.01
N HIS EA 98 78.58 -41.62 -24.22
CA HIS EA 98 78.40 -42.86 -23.47
C HIS EA 98 79.57 -43.82 -23.63
N ASN EA 99 80.41 -43.63 -24.64
CA ASN EA 99 81.61 -44.43 -24.80
C ASN EA 99 82.52 -44.31 -23.58
N THR FA 3 58.17 -7.73 -78.71
CA THR FA 3 57.48 -7.42 -77.46
C THR FA 3 58.43 -7.53 -76.28
N LEU FA 4 59.73 -7.58 -76.58
CA LEU FA 4 60.73 -7.58 -75.50
C LEU FA 4 60.58 -6.34 -74.63
N GLY FA 5 60.19 -5.21 -75.23
CA GLY FA 5 59.85 -4.06 -74.44
C GLY FA 5 58.74 -4.33 -73.45
N ARG FA 6 57.69 -5.02 -73.90
CA ARG FA 6 56.57 -5.31 -72.99
C ARG FA 6 56.99 -6.30 -71.92
N ALA FA 7 57.90 -7.22 -72.23
CA ALA FA 7 58.43 -8.09 -71.19
C ALA FA 7 59.21 -7.30 -70.16
N PHE FA 8 60.02 -6.35 -70.62
CA PHE FA 8 60.73 -5.47 -69.68
C PHE FA 8 59.75 -4.69 -68.83
N TYR FA 9 58.66 -4.20 -69.44
CA TYR FA 9 57.67 -3.46 -68.68
C TYR FA 9 57.04 -4.32 -67.60
N ALA FA 10 56.71 -5.57 -67.94
CA ALA FA 10 56.08 -6.45 -66.98
C ALA FA 10 57.01 -6.79 -65.82
N VAL FA 11 58.27 -7.09 -66.12
CA VAL FA 11 59.18 -7.40 -65.02
C VAL FA 11 59.46 -6.14 -64.21
N GLY FA 12 59.39 -4.98 -64.84
CA GLY FA 12 59.49 -3.74 -64.08
C GLY FA 12 58.35 -3.59 -63.11
N PHE FA 13 57.13 -3.93 -63.54
CA PHE FA 13 56.01 -3.91 -62.60
C PHE FA 13 56.23 -4.88 -61.46
N TRP FA 14 56.68 -6.09 -61.74
CA TRP FA 14 56.94 -7.03 -60.64
C TRP FA 14 57.93 -6.45 -59.64
N ILE FA 15 59.05 -5.93 -60.15
CA ILE FA 15 60.10 -5.43 -59.27
C ILE FA 15 59.60 -4.25 -58.46
N ARG FA 16 58.99 -3.27 -59.12
CA ARG FA 16 58.53 -2.11 -58.38
C ARG FA 16 57.43 -2.47 -57.39
N GLU FA 17 56.65 -3.52 -57.69
CA GLU FA 17 55.60 -3.92 -56.77
C GLU FA 17 56.20 -4.55 -55.53
N THR FA 18 57.21 -5.40 -55.71
CA THR FA 18 57.95 -5.88 -54.54
C THR FA 18 58.55 -4.71 -53.78
N GLY FA 19 58.97 -3.67 -54.48
CA GLY FA 19 59.51 -2.51 -53.80
C GLY FA 19 58.48 -1.83 -52.92
N GLN FA 20 57.29 -1.59 -53.47
CA GLN FA 20 56.23 -1.00 -52.68
C GLN FA 20 55.91 -1.86 -51.47
N ALA FA 21 55.87 -3.19 -51.65
CA ALA FA 21 55.50 -4.07 -50.54
C ALA FA 21 56.57 -4.03 -49.45
N ILE FA 22 57.85 -4.08 -49.82
CA ILE FA 22 58.86 -4.06 -48.78
C ILE FA 22 58.92 -2.70 -48.10
N ASP FA 23 58.65 -1.63 -48.84
CA ASP FA 23 58.56 -0.32 -48.21
C ASP FA 23 57.44 -0.29 -47.18
N ARG FA 24 56.30 -0.88 -47.52
CA ARG FA 24 55.19 -0.86 -46.57
C ARG FA 24 55.51 -1.71 -45.35
N LEU FA 25 56.22 -2.82 -45.53
CA LEU FA 25 56.67 -3.57 -44.37
C LEU FA 25 57.56 -2.71 -43.49
N GLY FA 26 58.47 -1.96 -44.10
CA GLY FA 26 59.30 -1.05 -43.34
C GLY FA 26 58.49 -0.03 -42.58
N SER FA 27 57.44 0.49 -43.20
CA SER FA 27 56.63 1.51 -42.52
C SER FA 27 55.86 0.91 -41.36
N ARG FA 28 55.28 -0.27 -41.55
CA ARG FA 28 54.57 -0.93 -40.44
C ARG FA 28 55.52 -1.22 -39.30
N LEU FA 29 56.76 -1.58 -39.62
CA LEU FA 29 57.74 -1.77 -38.56
C LEU FA 29 58.03 -0.46 -37.84
N GLN FA 30 58.24 0.59 -38.61
CA GLN FA 30 58.53 1.90 -38.04
C GLN FA 30 57.36 2.48 -37.28
N GLY FA 31 56.17 1.91 -37.43
CA GLY FA 31 55.02 2.42 -36.71
C GLY FA 31 54.53 3.72 -37.29
N ASN FA 32 54.23 3.72 -38.58
CA ASN FA 32 53.70 4.90 -39.25
C ASN FA 32 52.83 4.43 -40.41
N TYR FA 33 51.51 4.56 -40.25
CA TYR FA 33 50.55 4.08 -41.24
C TYR FA 33 50.13 5.18 -42.21
N LEU FA 34 51.00 6.14 -42.48
CA LEU FA 34 50.66 7.22 -43.38
C LEU FA 34 50.44 6.72 -44.80
N PHE FA 35 50.90 5.52 -45.14
CA PHE FA 35 50.72 5.03 -46.50
C PHE FA 35 49.33 4.45 -46.66
N GLN FA 36 48.33 5.19 -46.21
CA GLN FA 36 46.94 4.86 -46.48
C GLN FA 36 46.14 6.12 -46.78
N GLU FA 37 46.77 7.28 -46.84
CA GLU FA 37 46.07 8.55 -47.03
C GLU FA 37 45.60 8.58 -48.47
N GLN FA 38 44.44 7.98 -48.70
CA GLN FA 38 43.90 7.85 -50.05
C GLN FA 38 43.89 9.20 -50.75
N LEU FA 39 44.54 9.27 -51.90
CA LEU FA 39 44.59 10.51 -52.65
C LEU FA 39 44.62 10.19 -54.13
N SER FA 40 43.77 10.87 -54.89
CA SER FA 40 43.57 10.52 -56.29
C SER FA 40 44.86 10.67 -57.07
N ARG FA 41 45.20 9.65 -57.84
CA ARG FA 41 46.41 9.70 -58.65
C ARG FA 41 46.28 10.81 -59.69
N HIS FA 42 45.38 10.64 -60.64
CA HIS FA 42 45.08 11.64 -61.66
C HIS FA 42 46.34 12.31 -62.19
N ARG FA 43 47.19 11.51 -62.79
CA ARG FA 43 48.30 12.10 -63.52
C ARG FA 43 47.75 12.75 -64.78
N PRO FA 44 47.90 14.06 -64.96
CA PRO FA 44 47.27 14.72 -66.12
C PRO FA 44 47.76 14.20 -67.44
N LEU FA 45 48.96 13.64 -67.50
CA LEU FA 45 49.50 13.03 -68.70
C LEU FA 45 49.87 11.59 -68.39
N MET FA 46 49.36 10.66 -69.19
CA MET FA 46 49.47 9.25 -68.85
C MET FA 46 49.72 8.42 -70.10
N ASN FA 47 50.46 7.33 -69.94
CA ASN FA 47 50.77 6.39 -71.00
C ASN FA 47 50.04 5.07 -70.75
N LEU FA 48 50.11 4.16 -71.74
CA LEU FA 48 49.60 2.82 -71.55
C LEU FA 48 50.71 1.76 -71.59
N PHE FA 49 51.43 1.62 -72.70
CA PHE FA 49 52.69 0.88 -72.70
C PHE FA 49 53.84 1.71 -73.24
N ASP FA 50 53.71 2.23 -74.45
CA ASP FA 50 54.71 3.12 -75.02
C ASP FA 50 54.03 4.26 -75.78
N LYS FA 51 52.73 4.45 -75.57
CA LYS FA 51 51.94 5.43 -76.28
C LYS FA 51 51.85 6.75 -75.52
N TYR FA 52 52.89 7.10 -74.79
CA TYR FA 52 52.94 8.32 -73.99
C TYR FA 52 52.50 9.52 -74.81
N PRO FA 53 51.90 10.52 -74.18
CA PRO FA 53 51.64 11.77 -74.89
C PRO FA 53 52.94 12.52 -75.14
N SER FA 54 52.84 13.55 -75.97
CA SER FA 54 53.96 14.44 -76.21
C SER FA 54 53.39 15.83 -76.40
N VAL FA 55 53.44 16.63 -75.35
CA VAL FA 55 53.07 18.04 -75.42
C VAL FA 55 54.34 18.84 -75.61
N HIS FA 56 54.31 19.79 -76.54
CA HIS FA 56 55.47 20.65 -76.69
C HIS FA 56 55.59 21.58 -75.48
N LYS FA 57 56.82 21.96 -75.16
CA LYS FA 57 57.02 23.00 -74.17
C LYS FA 57 56.27 24.26 -74.59
N ASP FA 58 55.90 25.06 -73.60
CA ASP FA 58 55.09 26.26 -73.84
C ASP FA 58 53.79 25.89 -74.55
N ALA FA 59 53.04 25.00 -73.90
CA ALA FA 59 51.73 24.61 -74.38
C ALA FA 59 50.91 24.28 -73.14
N PHE FA 60 49.98 25.14 -72.78
CA PHE FA 60 49.37 25.04 -71.47
C PHE FA 60 48.41 23.86 -71.41
N VAL FA 61 48.58 23.02 -70.39
CA VAL FA 61 47.66 21.93 -70.10
C VAL FA 61 47.22 22.06 -68.65
N ALA FA 62 45.93 22.28 -68.43
CA ALA FA 62 45.45 22.51 -67.08
C ALA FA 62 45.74 21.29 -66.22
N PRO FA 63 46.10 21.48 -64.95
CA PRO FA 63 46.45 20.34 -64.09
C PRO FA 63 45.29 19.41 -63.83
N SER FA 64 44.05 19.80 -64.13
CA SER FA 64 42.91 18.94 -63.95
C SER FA 64 42.51 18.23 -65.24
N ALA FA 65 43.27 18.41 -66.31
CA ALA FA 65 42.96 17.73 -67.56
C ALA FA 65 43.22 16.24 -67.42
N SER FA 66 43.05 15.53 -68.52
CA SER FA 66 43.35 14.09 -68.54
C SER FA 66 43.67 13.72 -69.99
N LEU FA 67 44.94 13.68 -70.34
CA LEU FA 67 45.35 13.24 -71.65
C LEU FA 67 46.19 11.97 -71.49
N LEU FA 68 45.70 10.89 -72.07
CA LEU FA 68 46.32 9.60 -71.91
C LEU FA 68 46.16 8.81 -73.19
N GLY FA 69 47.13 7.98 -73.48
CA GLY FA 69 47.22 7.38 -74.79
C GLY FA 69 48.08 8.19 -75.72
N ASP FA 70 48.15 7.75 -76.97
CA ASP FA 70 49.02 8.41 -77.95
C ASP FA 70 48.38 9.71 -78.38
N VAL FA 71 48.67 10.78 -77.64
CA VAL FA 71 48.18 12.11 -77.97
C VAL FA 71 49.38 13.06 -78.04
N HIS FA 72 49.51 13.76 -79.16
CA HIS FA 72 50.62 14.66 -79.40
C HIS FA 72 50.06 16.04 -79.72
N VAL FA 73 50.64 17.07 -79.12
CA VAL FA 73 50.11 18.43 -79.26
C VAL FA 73 51.26 19.43 -79.32
N GLY FA 74 51.11 20.41 -80.22
CA GLY FA 74 52.16 21.34 -80.55
C GLY FA 74 52.07 22.65 -79.79
N PRO FA 75 52.89 23.62 -80.19
CA PRO FA 75 53.06 24.83 -79.38
C PRO FA 75 51.82 25.70 -79.42
N ALA FA 76 51.84 26.73 -78.57
CA ALA FA 76 50.78 27.74 -78.50
C ALA FA 76 49.41 27.13 -78.27
N SER FA 77 49.36 25.91 -77.74
CA SER FA 77 48.11 25.20 -77.56
C SER FA 77 47.63 25.30 -76.13
N SER FA 78 46.34 25.05 -75.95
CA SER FA 78 45.74 25.13 -74.63
C SER FA 78 44.76 23.99 -74.44
N ILE FA 79 44.88 23.31 -73.30
CA ILE FA 79 44.00 22.21 -72.92
C ILE FA 79 43.34 22.62 -71.60
N TRP FA 80 42.18 23.26 -71.70
CA TRP FA 80 41.59 23.98 -70.57
C TRP FA 80 40.75 23.08 -69.69
N TYR FA 81 40.78 23.38 -68.39
CA TYR FA 81 40.37 22.49 -67.29
C TYR FA 81 39.23 21.56 -67.62
N GLY FA 82 39.45 20.26 -67.53
CA GLY FA 82 38.37 19.35 -67.84
C GLY FA 82 38.35 18.90 -69.29
N CYS FA 83 39.47 18.38 -69.77
CA CYS FA 83 39.51 17.72 -71.05
C CYS FA 83 39.88 16.26 -70.87
N VAL FA 84 39.44 15.45 -71.81
CA VAL FA 84 39.81 14.05 -71.89
C VAL FA 84 40.33 13.83 -73.29
N LEU FA 85 41.65 13.72 -73.42
CA LEU FA 85 42.28 13.51 -74.71
C LEU FA 85 42.75 12.06 -74.72
N ARG FA 86 42.02 11.19 -75.40
CA ARG FA 86 42.37 9.78 -75.37
C ARG FA 86 43.04 9.37 -76.68
N GLY FA 87 44.11 8.61 -76.56
CA GLY FA 87 44.90 8.16 -77.70
C GLY FA 87 45.30 6.70 -77.58
N ASP FA 88 44.43 5.90 -76.98
CA ASP FA 88 44.76 4.50 -76.71
C ASP FA 88 44.90 3.69 -77.99
N VAL FA 89 43.86 3.67 -78.82
CA VAL FA 89 43.82 2.82 -79.99
C VAL FA 89 44.43 3.53 -81.20
N ASN FA 90 43.85 4.67 -81.57
CA ASN FA 90 44.37 5.50 -82.65
C ASN FA 90 44.77 6.85 -82.09
N GLY FA 91 45.87 7.40 -82.59
CA GLY FA 91 46.44 8.58 -81.98
C GLY FA 91 45.64 9.83 -82.25
N ILE FA 92 45.89 10.84 -81.41
CA ILE FA 92 45.37 12.18 -81.59
C ILE FA 92 46.54 13.09 -81.90
N VAL FA 93 46.41 13.92 -82.93
CA VAL FA 93 47.42 14.92 -83.22
C VAL FA 93 46.76 16.29 -83.24
N ILE FA 94 47.39 17.24 -82.57
CA ILE FA 94 46.84 18.58 -82.40
C ILE FA 94 47.97 19.57 -82.66
N GLY FA 95 47.75 20.48 -83.60
CA GLY FA 95 48.79 21.37 -84.05
C GLY FA 95 48.99 22.58 -83.16
N SER FA 96 49.52 23.64 -83.77
CA SER FA 96 49.84 24.85 -83.04
C SER FA 96 48.58 25.64 -82.71
N GLY FA 97 48.78 26.72 -81.95
CA GLY FA 97 47.79 27.76 -81.74
C GLY FA 97 46.35 27.33 -81.66
N THR FA 98 46.05 26.36 -80.80
CA THR FA 98 44.73 25.74 -80.76
C THR FA 98 44.15 25.81 -79.35
N ASN FA 99 42.83 25.81 -79.28
CA ASN FA 99 42.10 25.84 -78.02
C ASN FA 99 41.22 24.61 -77.93
N ILE FA 100 41.43 23.79 -76.90
CA ILE FA 100 40.51 22.73 -76.55
C ILE FA 100 39.95 23.11 -75.18
N GLN FA 101 38.78 23.71 -75.16
CA GLN FA 101 38.33 24.35 -73.95
C GLN FA 101 37.87 23.34 -72.91
N ASP FA 102 37.85 23.81 -71.66
CA ASP FA 102 37.23 23.13 -70.53
C ASP FA 102 35.95 22.41 -70.90
N ASN FA 103 35.78 21.21 -70.34
CA ASN FA 103 34.67 20.32 -70.63
C ASN FA 103 34.66 19.95 -72.12
N SER FA 104 35.71 19.24 -72.48
CA SER FA 104 35.81 18.72 -73.83
C SER FA 104 36.61 17.44 -73.83
N LEU FA 105 36.20 16.50 -74.67
CA LEU FA 105 37.00 15.32 -74.89
C LEU FA 105 37.26 15.17 -76.38
N VAL FA 106 38.51 14.89 -76.71
CA VAL FA 106 38.88 14.42 -78.02
C VAL FA 106 39.09 12.92 -77.86
N HIS FA 107 38.07 12.18 -78.24
CA HIS FA 107 37.93 10.77 -77.91
C HIS FA 107 38.33 9.95 -79.14
N VAL FA 108 38.52 8.66 -78.92
CA VAL FA 108 38.73 7.72 -80.02
C VAL FA 108 37.82 6.53 -79.77
N ALA FA 109 37.07 6.14 -80.79
CA ALA FA 109 36.07 5.09 -80.65
C ALA FA 109 36.65 3.85 -80.00
N LYS FA 110 35.96 3.34 -78.99
CA LYS FA 110 36.33 2.05 -78.42
C LYS FA 110 36.38 1.01 -79.53
N SER FA 111 37.22 0.00 -79.33
CA SER FA 111 37.66 -0.86 -80.42
C SER FA 111 36.49 -1.42 -81.22
N ASN FA 112 36.36 -1.00 -82.46
CA ASN FA 112 35.48 -1.69 -83.40
C ASN FA 112 36.26 -2.82 -84.04
N LEU FA 113 35.52 -3.74 -84.66
CA LEU FA 113 36.11 -5.01 -85.09
C LEU FA 113 37.27 -4.78 -86.04
N THR FA 114 37.01 -4.18 -87.20
CA THR FA 114 38.03 -3.97 -88.21
C THR FA 114 38.95 -2.82 -87.79
N GLY FA 115 39.86 -2.42 -88.68
CA GLY FA 115 40.68 -1.26 -88.44
C GLY FA 115 39.94 0.02 -88.76
N LYS FA 116 38.68 0.08 -88.34
CA LYS FA 116 37.80 1.22 -88.57
C LYS FA 116 38.03 2.35 -87.57
N VAL FA 117 39.06 2.24 -86.73
CA VAL FA 117 39.32 3.26 -85.72
C VAL FA 117 40.10 4.41 -86.35
N LEU FA 118 39.36 5.38 -86.90
CA LEU FA 118 40.00 6.51 -87.55
C LEU FA 118 40.82 7.31 -86.55
N PRO FA 119 41.84 8.02 -87.00
CA PRO FA 119 42.57 8.92 -86.13
C PRO FA 119 41.76 10.19 -85.91
N THR FA 120 42.36 11.14 -85.19
CA THR FA 120 41.79 12.47 -85.06
C THR FA 120 42.89 13.50 -85.22
N ILE FA 121 42.67 14.43 -86.14
CA ILE FA 121 43.64 15.45 -86.44
C ILE FA 121 42.98 16.80 -86.22
N ILE FA 122 43.66 17.68 -85.49
CA ILE FA 122 43.15 19.01 -85.17
C ILE FA 122 44.25 19.99 -85.57
N GLY FA 123 44.20 20.47 -86.81
CA GLY FA 123 45.28 21.27 -87.36
C GLY FA 123 45.13 22.76 -87.06
N ASP FA 124 46.26 23.37 -86.71
CA ASP FA 124 46.40 24.62 -85.96
C ASP FA 124 45.48 25.76 -86.36
N ASN FA 125 45.26 26.69 -85.43
CA ASN FA 125 44.27 27.76 -85.53
C ASN FA 125 42.86 27.20 -85.56
N VAL FA 126 42.51 26.56 -84.46
CA VAL FA 126 41.20 25.92 -84.29
C VAL FA 126 40.72 26.16 -82.87
N THR FA 127 39.50 26.64 -82.75
CA THR FA 127 38.83 26.80 -81.47
C THR FA 127 37.83 25.66 -81.31
N VAL FA 128 37.86 25.00 -80.15
CA VAL FA 128 36.94 23.92 -79.85
C VAL FA 128 36.33 24.25 -78.49
N GLY FA 129 35.17 24.90 -78.49
CA GLY FA 129 34.63 25.52 -77.31
C GLY FA 129 34.24 24.52 -76.23
N HIS FA 130 33.65 25.06 -75.17
CA HIS FA 130 33.26 24.27 -74.02
C HIS FA 130 32.31 23.15 -74.44
N SER FA 131 32.26 22.11 -73.62
CA SER FA 131 31.39 20.96 -73.83
C SER FA 131 31.43 20.50 -75.29
N ALA FA 132 32.60 20.02 -75.67
CA ALA FA 132 32.83 19.60 -77.04
C ALA FA 132 33.33 18.17 -77.05
N VAL FA 133 32.61 17.28 -77.72
CA VAL FA 133 33.04 15.91 -77.94
C VAL FA 133 33.43 15.76 -79.40
N LEU FA 134 34.68 15.37 -79.63
CA LEU FA 134 35.19 15.14 -80.97
C LEU FA 134 35.64 13.70 -81.02
N GLN FA 135 34.86 12.82 -81.60
CA GLN FA 135 35.22 11.40 -81.62
C GLN FA 135 35.60 11.05 -83.05
N GLY FA 136 36.90 10.90 -83.30
CA GLY FA 136 37.37 10.47 -84.60
C GLY FA 136 37.05 11.41 -85.73
N CYS FA 137 37.71 12.57 -85.78
CA CYS FA 137 37.40 13.58 -86.78
C CYS FA 137 38.67 14.20 -87.33
N THR FA 138 38.49 14.97 -88.40
CA THR FA 138 39.58 15.69 -89.06
C THR FA 138 39.17 17.14 -89.19
N VAL FA 139 39.62 17.97 -88.26
CA VAL FA 139 39.35 19.40 -88.25
C VAL FA 139 40.63 20.12 -88.61
N GLU FA 140 40.52 21.13 -89.46
CA GLU FA 140 41.70 21.76 -90.03
C GLU FA 140 41.79 23.22 -89.65
N ASP FA 141 42.94 23.80 -90.01
CA ASP FA 141 43.30 25.20 -89.83
C ASP FA 141 42.11 26.15 -90.00
N GLU FA 142 42.04 27.13 -89.09
CA GLU FA 142 41.01 28.16 -89.10
C GLU FA 142 39.62 27.54 -88.99
N ALA FA 143 39.43 26.86 -87.87
CA ALA FA 143 38.17 26.18 -87.61
C ALA FA 143 37.55 26.70 -86.33
N PHE FA 144 36.22 26.76 -86.32
CA PHE FA 144 35.46 27.17 -85.14
C PHE FA 144 34.44 26.10 -84.83
N ILE FA 145 34.49 25.54 -83.64
CA ILE FA 145 33.55 24.52 -83.21
C ILE FA 145 32.86 25.07 -81.96
N GLY FA 146 31.75 25.78 -82.17
CA GLY FA 146 31.13 26.53 -81.10
C GLY FA 146 30.27 25.66 -80.22
N MET FA 147 30.38 25.92 -78.91
CA MET FA 147 30.18 25.00 -77.80
C MET FA 147 28.90 24.19 -77.83
N GLY FA 148 28.88 23.10 -77.08
CA GLY FA 148 27.81 22.14 -77.19
C GLY FA 148 27.94 21.32 -78.45
N ALA FA 149 29.14 20.85 -78.76
CA ALA FA 149 29.42 20.33 -80.07
C ALA FA 149 29.67 18.83 -80.03
N THR FA 150 29.20 18.13 -81.05
CA THR FA 150 29.43 16.70 -81.18
C THR FA 150 29.87 16.42 -82.61
N LEU FA 151 31.03 15.81 -82.77
CA LEU FA 151 31.55 15.46 -84.08
C LEU FA 151 31.75 13.95 -84.09
N LEU FA 152 30.75 13.20 -84.57
CA LEU FA 152 30.90 11.76 -84.55
C LEU FA 152 31.93 11.32 -85.57
N ASP FA 153 32.43 10.09 -85.38
CA ASP FA 153 33.41 9.48 -86.27
C ASP FA 153 33.10 9.73 -87.73
N GLY FA 154 34.14 9.97 -88.51
CA GLY FA 154 33.96 10.24 -89.92
C GLY FA 154 33.36 11.61 -90.19
N VAL FA 155 34.14 12.66 -89.97
CA VAL FA 155 33.73 13.99 -90.35
C VAL FA 155 34.97 14.82 -90.62
N TYR FA 156 34.87 15.73 -91.58
CA TYR FA 156 36.02 16.47 -92.10
C TYR FA 156 35.61 17.92 -92.25
N VAL FA 157 36.11 18.78 -91.37
CA VAL FA 157 35.81 20.21 -91.41
C VAL FA 157 37.10 20.96 -91.68
N GLU FA 158 37.06 21.97 -92.55
CA GLU FA 158 38.33 22.49 -93.05
C GLU FA 158 38.27 23.97 -93.36
N LYS FA 159 39.40 24.65 -93.12
CA LYS FA 159 39.78 25.90 -93.79
C LYS FA 159 38.73 27.00 -93.58
N HIS FA 160 38.72 27.53 -92.36
CA HIS FA 160 37.87 28.66 -91.99
C HIS FA 160 36.41 28.23 -92.00
N ALA FA 161 36.10 27.17 -91.27
CA ALA FA 161 34.74 26.63 -91.27
C ALA FA 161 34.21 26.57 -89.85
N MET FA 162 32.90 26.81 -89.70
CA MET FA 162 32.30 26.91 -88.38
C MET FA 162 31.16 25.93 -88.23
N VAL FA 163 31.10 25.26 -87.09
CA VAL FA 163 29.97 24.44 -86.71
C VAL FA 163 29.42 24.97 -85.39
N ALA FA 164 28.16 25.39 -85.41
CA ALA FA 164 27.65 26.44 -84.54
C ALA FA 164 27.73 26.21 -83.03
N ALA FA 165 26.98 25.25 -82.53
CA ALA FA 165 26.56 25.18 -81.15
C ALA FA 165 25.63 23.98 -80.96
N GLY FA 166 25.70 23.32 -79.80
CA GLY FA 166 24.73 22.32 -79.40
C GLY FA 166 24.28 21.39 -80.51
N ALA FA 167 25.18 21.16 -81.46
CA ALA FA 167 24.85 20.43 -82.67
C ALA FA 167 25.80 19.27 -82.88
N LEU FA 168 25.29 18.22 -83.51
CA LEU FA 168 26.06 17.01 -83.79
C LEU FA 168 26.15 16.79 -85.29
N VAL FA 169 27.28 16.26 -85.71
CA VAL FA 169 27.54 15.94 -87.11
C VAL FA 169 27.73 14.44 -87.21
N ARG FA 170 26.89 13.79 -88.01
CA ARG FA 170 26.87 12.35 -88.15
C ARG FA 170 28.11 11.87 -88.91
N GLN FA 171 28.18 10.57 -89.11
CA GLN FA 171 29.33 9.97 -89.77
C GLN FA 171 29.40 10.42 -91.24
N ASN FA 172 30.63 10.55 -91.73
CA ASN FA 172 30.90 10.80 -93.15
C ASN FA 172 30.21 12.06 -93.65
N THR FA 173 30.64 13.19 -93.09
CA THR FA 173 30.13 14.50 -93.49
C THR FA 173 31.30 15.46 -93.59
N ARG FA 174 31.24 16.36 -94.58
CA ARG FA 174 32.34 17.28 -94.84
C ARG FA 174 31.83 18.71 -94.87
N ILE FA 175 32.49 19.58 -94.11
CA ILE FA 175 32.20 21.00 -94.05
C ILE FA 175 33.41 21.77 -94.58
N PRO FA 176 33.43 22.10 -95.86
CA PRO FA 176 34.56 22.85 -96.42
C PRO FA 176 34.42 24.34 -96.17
N TYR FA 177 35.32 25.12 -96.76
CA TYR FA 177 35.43 26.55 -96.46
C TYR FA 177 34.08 27.24 -96.47
N GLY FA 178 33.92 28.21 -95.58
CA GLY FA 178 32.78 29.09 -95.57
C GLY FA 178 31.46 28.39 -95.40
N GLU FA 179 31.35 27.56 -94.37
CA GLU FA 179 30.11 26.85 -94.09
C GLU FA 179 29.83 26.83 -92.60
N VAL FA 180 28.55 27.01 -92.26
CA VAL FA 180 28.04 26.80 -90.91
C VAL FA 180 26.90 25.78 -90.99
N TRP FA 181 26.97 24.78 -90.13
CA TRP FA 181 25.93 23.76 -90.01
C TRP FA 181 25.47 23.73 -88.56
N GLY FA 182 24.22 23.34 -88.37
CA GLY FA 182 23.64 23.39 -87.02
C GLY FA 182 22.43 22.47 -86.95
N GLY FA 183 21.99 22.23 -85.71
CA GLY FA 183 20.80 21.46 -85.47
C GLY FA 183 21.06 19.97 -85.43
N ASN FA 184 19.97 19.24 -85.15
CA ASN FA 184 20.02 17.77 -85.10
C ASN FA 184 19.16 17.20 -86.22
N PRO FA 185 19.75 16.66 -87.29
CA PRO FA 185 21.20 16.59 -87.48
C PRO FA 185 21.75 17.91 -88.01
N ALA FA 186 23.07 18.00 -88.16
CA ALA FA 186 23.69 19.26 -88.57
C ALA FA 186 23.40 19.51 -90.04
N LYS FA 187 22.59 20.52 -90.33
CA LYS FA 187 22.27 20.93 -91.68
C LYS FA 187 22.83 22.31 -91.95
N PHE FA 188 23.03 22.61 -93.23
CA PHE FA 188 23.68 23.85 -93.64
C PHE FA 188 22.74 25.02 -93.43
N LEU FA 189 23.25 26.11 -92.84
CA LEU FA 189 22.44 27.30 -92.62
C LEU FA 189 22.73 28.43 -93.61
N ARG FA 190 23.97 28.89 -93.67
CA ARG FA 190 24.29 30.11 -94.39
C ARG FA 190 25.79 30.18 -94.59
N LYS FA 191 26.27 31.34 -95.03
CA LYS FA 191 27.68 31.57 -95.30
C LYS FA 191 28.31 32.38 -94.17
N LEU FA 192 29.61 32.60 -94.28
CA LEU FA 192 30.39 33.26 -93.24
C LEU FA 192 30.72 34.70 -93.65
N THR FA 193 31.59 35.35 -92.88
CA THR FA 193 32.04 36.70 -93.20
C THR FA 193 33.52 36.84 -92.88
N GLU FA 194 34.21 37.63 -93.71
CA GLU FA 194 35.67 37.73 -93.62
C GLU FA 194 36.11 38.28 -92.27
N ASP FA 195 35.35 39.25 -91.75
CA ASP FA 195 35.64 39.72 -90.40
C ASP FA 195 35.44 38.62 -89.38
N GLU FA 196 34.49 37.71 -89.62
CA GLU FA 196 34.32 36.58 -88.73
C GLU FA 196 35.51 35.63 -88.80
N MET FA 197 36.13 35.50 -89.97
CA MET FA 197 37.31 34.64 -90.07
C MET FA 197 38.51 35.26 -89.35
N ALA FA 198 38.74 36.54 -89.60
CA ALA FA 198 39.77 37.25 -88.83
C ALA FA 198 39.49 37.16 -87.34
N PHE FA 199 38.20 37.15 -86.95
CA PHE FA 199 37.86 37.00 -85.55
C PHE FA 199 38.21 35.61 -85.03
N PHE FA 200 38.01 34.58 -85.87
CA PHE FA 200 38.51 33.26 -85.52
C PHE FA 200 39.98 33.33 -85.12
N SER FA 201 40.78 33.94 -86.00
CA SER FA 201 42.21 34.01 -85.74
C SER FA 201 42.51 34.80 -84.47
N GLN FA 202 41.80 35.91 -84.27
CA GLN FA 202 42.06 36.73 -83.10
C GLN FA 202 41.68 36.02 -81.82
N SER FA 203 40.60 35.24 -81.83
CA SER FA 203 40.26 34.47 -80.65
C SER FA 203 41.31 33.41 -80.37
N ALA FA 204 41.84 32.79 -81.43
CA ALA FA 204 42.93 31.84 -81.25
C ALA FA 204 44.10 32.50 -80.53
N LEU FA 205 44.52 33.67 -81.00
CA LEU FA 205 45.64 34.36 -80.37
C LEU FA 205 45.31 34.76 -78.93
N ASN FA 206 44.11 35.28 -78.71
CA ASN FA 206 43.74 35.73 -77.38
C ASN FA 206 43.75 34.57 -76.39
N TYR FA 207 43.26 33.40 -76.80
CA TYR FA 207 43.31 32.28 -75.88
C TYR FA 207 44.73 31.75 -75.71
N SER FA 208 45.59 31.87 -76.72
CA SER FA 208 46.99 31.54 -76.50
C SER FA 208 47.56 32.38 -75.35
N ASN FA 209 47.26 33.68 -75.37
CA ASN FA 209 47.75 34.55 -74.30
C ASN FA 209 47.12 34.20 -72.95
N LEU FA 210 45.80 33.96 -72.94
CA LEU FA 210 45.14 33.50 -71.73
C LEU FA 210 45.82 32.27 -71.15
N ALA FA 211 46.20 31.34 -72.02
CA ALA FA 211 46.83 30.11 -71.57
C ALA FA 211 48.19 30.37 -70.97
N GLN FA 212 48.98 31.24 -71.61
CA GLN FA 212 50.25 31.63 -71.02
C GLN FA 212 50.04 32.14 -69.61
N ALA FA 213 49.06 33.02 -69.42
CA ALA FA 213 48.82 33.60 -68.09
C ALA FA 213 48.44 32.52 -67.10
N HIS FA 214 47.47 31.68 -67.47
CA HIS FA 214 47.00 30.63 -66.56
C HIS FA 214 48.12 29.69 -66.14
N ALA FA 215 48.99 29.32 -67.08
CA ALA FA 215 50.07 28.39 -66.73
C ALA FA 215 51.10 29.06 -65.83
N ALA FA 216 51.51 30.28 -66.18
CA ALA FA 216 52.44 31.01 -65.32
C ALA FA 216 51.88 31.17 -63.92
N GLU FA 217 50.56 31.23 -63.79
CA GLU FA 217 49.98 31.29 -62.45
C GLU FA 217 49.94 29.91 -61.79
N ASN FA 218 49.71 28.86 -62.58
CA ASN FA 218 49.69 27.50 -62.04
C ASN FA 218 51.07 27.03 -61.61
N ALA FA 219 52.13 27.75 -61.96
CA ALA FA 219 53.49 27.40 -61.55
C ALA FA 219 53.96 28.19 -60.34
N LYS FA 220 53.09 28.44 -59.37
CA LYS FA 220 53.34 29.42 -58.32
C LYS FA 220 53.61 28.81 -56.95
N GLU FA 221 54.38 27.73 -56.91
CA GLU FA 221 55.08 27.24 -55.72
C GLU FA 221 54.19 26.56 -54.69
N LEU FA 222 52.93 26.30 -55.00
CA LEU FA 222 52.03 25.38 -54.28
C LEU FA 222 51.47 25.89 -52.95
N GLU FA 223 51.86 27.07 -52.45
CA GLU FA 223 51.20 27.69 -51.30
C GLU FA 223 51.25 26.80 -50.07
N GLU FA 224 52.46 26.62 -49.56
CA GLU FA 224 52.68 25.76 -48.39
C GLU FA 224 51.75 26.09 -47.22
N THR FA 225 51.31 27.33 -47.10
CA THR FA 225 50.56 27.73 -45.91
C THR FA 225 49.28 26.92 -45.77
N GLU FA 226 48.57 26.69 -46.88
CA GLU FA 226 47.35 25.90 -46.81
C GLU FA 226 47.66 24.45 -46.52
N PHE FA 227 48.80 23.95 -46.97
CA PHE FA 227 49.19 22.57 -46.68
C PHE FA 227 49.41 22.39 -45.19
N VAL FA 228 50.21 23.27 -44.57
CA VAL FA 228 50.42 23.12 -43.14
C VAL FA 228 49.11 23.37 -42.40
N LYS FA 229 48.22 24.18 -42.97
CA LYS FA 229 46.91 24.37 -42.35
C LYS FA 229 46.13 23.06 -42.33
N VAL FA 230 46.08 22.37 -43.47
CA VAL FA 230 45.25 21.17 -43.55
C VAL FA 230 45.88 20.04 -42.75
N LEU FA 231 47.20 20.07 -42.55
CA LEU FA 231 47.79 19.10 -41.62
C LEU FA 231 47.55 19.47 -40.16
N HIS FA 232 47.47 20.76 -39.84
CA HIS FA 232 47.06 21.17 -38.51
C HIS FA 232 45.65 20.66 -38.22
N LYS FA 233 44.70 21.04 -39.05
CA LYS FA 233 43.33 20.53 -38.96
C LYS FA 233 42.56 20.84 -40.24
N GLY GA 2 60.75 1.93 -25.83
CA GLY GA 2 61.98 1.64 -25.13
C GLY GA 2 63.16 1.48 -26.05
N THR GA 3 64.28 0.99 -25.51
CA THR GA 3 65.47 0.77 -26.34
C THR GA 3 65.19 -0.24 -27.44
N LEU GA 4 64.36 -1.25 -27.14
CA LEU GA 4 63.91 -2.16 -28.19
C LEU GA 4 63.18 -1.39 -29.27
N GLY GA 5 62.32 -0.45 -28.88
CA GLY GA 5 61.64 0.37 -29.86
C GLY GA 5 62.61 1.15 -30.71
N ARG GA 6 63.64 1.72 -30.09
CA ARG GA 6 64.65 2.46 -30.85
C ARG GA 6 65.33 1.56 -31.86
N ALA GA 7 65.70 0.36 -31.43
CA ALA GA 7 66.39 -0.57 -32.33
C ALA GA 7 65.52 -0.91 -33.53
N ILE GA 8 64.26 -1.28 -33.28
CA ILE GA 8 63.42 -1.68 -34.41
C ILE GA 8 63.05 -0.49 -35.26
N TYR GA 9 63.06 0.71 -34.67
CA TYR GA 9 62.87 1.92 -35.49
C TYR GA 9 64.02 2.06 -36.47
N SER GA 10 65.25 1.87 -36.00
CA SER GA 10 66.39 1.92 -36.91
C SER GA 10 66.29 0.86 -37.99
N VAL GA 11 65.88 -0.35 -37.61
CA VAL GA 11 65.78 -1.45 -38.57
C VAL GA 11 64.71 -1.14 -39.62
N GLY GA 12 63.57 -0.60 -39.18
CA GLY GA 12 62.53 -0.24 -40.11
C GLY GA 12 62.97 0.84 -41.07
N PHE GA 13 63.71 1.83 -40.58
CA PHE GA 13 64.23 2.85 -41.47
C PHE GA 13 65.17 2.23 -42.50
N TRP GA 14 66.03 1.32 -42.07
CA TRP GA 14 66.93 0.67 -43.02
C TRP GA 14 66.16 -0.06 -44.11
N ILE GA 15 65.21 -0.90 -43.72
CA ILE GA 15 64.53 -1.68 -44.75
C ILE GA 15 63.63 -0.80 -45.59
N ARG GA 16 63.16 0.33 -45.06
CA ARG GA 16 62.43 1.27 -45.89
C ARG GA 16 63.33 1.87 -46.95
N GLU GA 17 64.57 2.20 -46.58
CA GLU GA 17 65.53 2.67 -47.58
C GLU GA 17 65.76 1.62 -48.64
N THR GA 18 65.88 0.35 -48.22
CA THR GA 18 66.01 -0.73 -49.18
C THR GA 18 64.83 -0.77 -50.14
N GLY GA 19 63.63 -0.55 -49.62
CA GLY GA 19 62.46 -0.52 -50.48
C GLY GA 19 62.51 0.60 -51.50
N GLN GA 20 62.88 1.80 -51.07
CA GLN GA 20 63.02 2.90 -52.01
C GLN GA 20 64.01 2.56 -53.10
N ALA GA 21 65.13 1.94 -52.73
CA ALA GA 21 66.14 1.58 -53.72
C ALA GA 21 65.58 0.57 -54.71
N ILE GA 22 64.84 -0.42 -54.22
CA ILE GA 22 64.25 -1.40 -55.12
C ILE GA 22 63.29 -0.72 -56.09
N ASP GA 23 62.52 0.25 -55.59
CA ASP GA 23 61.56 0.94 -56.46
C ASP GA 23 62.27 1.71 -57.56
N ARG GA 24 63.35 2.42 -57.22
CA ARG GA 24 64.08 3.14 -58.25
C ARG GA 24 64.68 2.16 -59.25
N LEU GA 25 65.18 1.03 -58.77
CA LEU GA 25 65.71 0.01 -59.68
C LEU GA 25 64.63 -0.47 -60.63
N GLY GA 26 63.42 -0.64 -60.14
CA GLY GA 26 62.34 -1.08 -61.00
C GLY GA 26 61.95 -0.04 -62.04
N SER GA 27 61.88 1.23 -61.63
CA SER GA 27 61.57 2.28 -62.60
C SER GA 27 62.64 2.36 -63.68
N ARG GA 28 63.90 2.13 -63.30
CA ARG GA 28 65.00 2.20 -64.26
C ARG GA 28 65.08 0.97 -65.15
N LEU GA 29 64.60 -0.18 -64.66
CA LEU GA 29 64.38 -1.32 -65.56
C LEU GA 29 63.25 -1.01 -66.53
N GLN GA 30 62.22 -0.35 -66.06
CA GLN GA 30 61.31 0.41 -66.91
C GLN GA 30 62.02 1.69 -67.27
N GLY GA 31 61.29 2.71 -67.68
CA GLY GA 31 61.91 3.97 -68.04
C GLY GA 31 61.44 4.51 -69.37
N GLY GA 32 61.39 5.84 -69.46
CA GLY GA 32 60.95 6.50 -70.67
C GLY GA 32 59.46 6.52 -70.82
N TYR GA 33 58.78 5.51 -70.28
CA TYR GA 33 57.35 5.35 -70.47
C TYR GA 33 56.53 5.73 -69.24
N PHE GA 34 56.97 5.36 -68.04
CA PHE GA 34 56.14 5.53 -66.87
C PHE GA 34 56.23 6.95 -66.36
N PHE GA 35 55.09 7.61 -66.25
CA PHE GA 35 55.00 8.96 -65.70
C PHE GA 35 54.65 8.84 -64.22
N GLN GA 36 55.69 8.72 -63.39
CA GLN GA 36 55.50 8.48 -61.97
C GLN GA 36 54.65 9.57 -61.33
N GLU GA 37 53.98 9.21 -60.24
CA GLU GA 37 52.92 10.05 -59.71
C GLU GA 37 53.49 11.29 -59.04
N GLN GA 38 52.70 12.36 -59.08
CA GLN GA 38 53.04 13.64 -58.48
C GLN GA 38 52.02 13.95 -57.40
N LEU GA 39 52.18 15.10 -56.75
CA LEU GA 39 51.21 15.52 -55.75
C LEU GA 39 50.00 16.07 -56.50
N SER GA 40 49.02 16.63 -55.78
CA SER GA 40 47.78 17.04 -56.43
C SER GA 40 48.04 18.15 -57.45
N ARG GA 41 48.67 19.23 -57.02
CA ARG GA 41 49.00 20.36 -57.90
C ARG GA 41 47.78 20.86 -58.66
N HIS GA 42 46.62 20.82 -58.00
CA HIS GA 42 45.38 21.32 -58.57
C HIS GA 42 44.76 22.32 -57.62
N ARG GA 43 44.29 23.44 -58.15
CA ARG GA 43 43.74 24.51 -57.34
C ARG GA 43 42.22 24.43 -57.31
N THR GA 44 41.66 24.40 -56.10
CA THR GA 44 40.23 24.52 -55.97
C THR GA 44 39.78 25.97 -56.07
N LEU GA 45 40.65 26.91 -55.73
CA LEU GA 45 40.37 28.33 -55.81
C LEU GA 45 41.62 29.03 -56.31
N MET GA 46 41.48 29.92 -57.28
CA MET GA 46 42.65 30.70 -57.66
C MET GA 46 42.25 32.03 -58.27
N ASN GA 47 43.22 32.93 -58.35
CA ASN GA 47 43.09 34.25 -58.93
C ASN GA 47 43.74 34.27 -60.31
N ILE GA 48 43.64 35.40 -61.00
CA ILE GA 48 44.17 35.49 -62.35
C ILE GA 48 45.20 36.62 -62.49
N PHE GA 49 44.75 37.85 -62.33
CA PHE GA 49 45.65 39.00 -62.36
C PHE GA 49 45.74 39.63 -60.98
N ASP GA 50 44.60 40.03 -60.42
CA ASP GA 50 44.47 40.29 -59.00
C ASP GA 50 43.19 39.76 -58.40
N LYS GA 51 42.19 39.43 -59.20
CA LYS GA 51 40.85 39.15 -58.70
C LYS GA 51 40.86 37.84 -57.93
N ALA GA 52 40.81 37.94 -56.65
CA ALA GA 52 40.66 36.69 -55.92
C ALA GA 52 39.19 36.32 -55.82
N PRO GA 53 38.87 35.03 -55.70
CA PRO GA 53 37.47 34.65 -55.54
C PRO GA 53 36.98 35.02 -54.15
N VAL GA 54 35.70 35.38 -54.08
CA VAL GA 54 35.07 35.72 -52.81
C VAL GA 54 33.96 34.71 -52.61
N VAL GA 55 34.16 33.80 -51.66
CA VAL GA 55 33.31 32.64 -51.47
C VAL GA 55 32.73 32.68 -50.07
N ASP GA 56 31.41 32.53 -49.97
CA ASP GA 56 30.77 32.52 -48.68
C ASP GA 56 31.34 31.42 -47.79
N LYS GA 57 31.15 31.57 -46.49
CA LYS GA 57 31.61 30.57 -45.53
C LYS GA 57 30.69 29.37 -45.49
N ASP GA 58 29.39 29.57 -45.65
CA ASP GA 58 28.40 28.51 -45.50
C ASP GA 58 28.13 27.78 -46.81
N VAL GA 59 28.96 27.99 -47.82
CA VAL GA 59 28.80 27.38 -49.14
C VAL GA 59 29.37 25.97 -49.11
N PHE GA 60 29.09 25.18 -50.15
CA PHE GA 60 29.83 23.95 -50.43
C PHE GA 60 30.60 24.14 -51.72
N VAL GA 61 31.87 23.72 -51.73
CA VAL GA 61 32.68 23.72 -52.94
C VAL GA 61 33.37 22.38 -53.01
N ALA GA 62 32.99 21.55 -53.98
CA ALA GA 62 33.62 20.26 -54.12
C ALA GA 62 35.07 20.45 -54.56
N PRO GA 63 36.02 19.76 -53.94
CA PRO GA 63 37.44 20.00 -54.26
C PRO GA 63 37.81 19.63 -55.69
N SER GA 64 36.84 19.25 -56.51
CA SER GA 64 37.03 19.07 -57.95
C SER GA 64 36.22 20.11 -58.70
N ALA GA 65 36.29 21.35 -58.25
CA ALA GA 65 35.59 22.46 -58.89
C ALA GA 65 36.52 23.65 -58.88
N SER GA 66 36.99 24.03 -60.06
CA SER GA 66 37.93 25.14 -60.18
C SER GA 66 37.14 26.43 -60.30
N VAL GA 67 37.26 27.31 -59.30
CA VAL GA 67 36.76 28.66 -59.39
C VAL GA 67 37.94 29.60 -59.61
N ILE GA 68 37.88 30.32 -60.73
CA ILE GA 68 38.98 31.17 -61.17
C ILE GA 68 38.39 32.52 -61.58
N GLY GA 69 39.13 33.58 -61.33
CA GLY GA 69 38.69 34.91 -61.72
C GLY GA 69 38.04 35.64 -60.56
N ASP GA 70 37.05 36.46 -60.85
CA ASP GA 70 36.32 37.17 -59.81
C ASP GA 70 34.94 36.54 -59.71
N VAL GA 71 34.84 35.46 -58.95
CA VAL GA 71 33.57 34.80 -58.70
C VAL GA 71 33.12 35.20 -57.30
N GLN GA 72 31.93 35.75 -57.22
CA GLN GA 72 31.33 36.22 -55.99
C GLN GA 72 30.18 35.26 -55.71
N VAL GA 73 30.41 34.30 -54.83
CA VAL GA 73 29.41 33.27 -54.56
C VAL GA 73 28.88 33.45 -53.15
N GLY GA 74 27.56 33.59 -53.04
CA GLY GA 74 26.90 33.95 -51.81
C GLY GA 74 26.53 32.75 -50.95
N ARG GA 75 25.59 32.98 -50.04
CA ARG GA 75 25.33 32.05 -48.96
C ARG GA 75 24.43 30.89 -49.42
N GLY GA 76 24.53 29.79 -48.70
CA GLY GA 76 23.65 28.64 -48.89
C GLY GA 76 23.67 28.05 -50.28
N SER GA 77 24.81 28.07 -50.94
CA SER GA 77 24.92 27.58 -52.30
C SER GA 77 25.97 26.47 -52.39
N SER GA 78 26.18 25.96 -53.59
CA SER GA 78 27.05 24.81 -53.76
C SER GA 78 27.58 24.76 -55.18
N ILE GA 79 28.86 24.40 -55.29
CA ILE GA 79 29.55 24.24 -56.57
C ILE GA 79 30.00 22.80 -56.60
N TRP GA 80 29.23 21.92 -57.25
CA TRP GA 80 29.42 20.50 -57.07
C TRP GA 80 30.58 19.98 -57.89
N TYR GA 81 30.71 18.65 -57.98
CA TYR GA 81 31.93 18.01 -58.42
C TYR GA 81 32.28 18.38 -59.86
N GLY GA 82 33.58 18.39 -60.15
CA GLY GA 82 34.06 18.63 -61.49
C GLY GA 82 33.64 19.95 -62.08
N CYS GA 83 33.22 20.91 -61.26
CA CYS GA 83 32.67 22.13 -61.83
C CYS GA 83 33.77 23.08 -62.26
N VAL GA 84 33.45 23.97 -63.19
CA VAL GA 84 34.40 24.99 -63.62
C VAL GA 84 33.74 26.36 -63.71
N LEU GA 85 33.99 27.20 -62.72
CA LEU GA 85 33.48 28.57 -62.70
C LEU GA 85 34.63 29.48 -63.09
N ARG GA 86 34.80 29.70 -64.38
CA ARG GA 86 35.95 30.40 -64.91
C ARG GA 86 35.49 31.78 -65.39
N GLY GA 87 35.71 32.80 -64.57
CA GLY GA 87 35.39 34.16 -64.94
C GLY GA 87 36.63 35.01 -65.05
N ASP GA 88 37.68 34.48 -65.68
CA ASP GA 88 38.95 35.18 -65.72
C ASP GA 88 38.89 36.50 -66.48
N VAL GA 89 37.93 36.66 -67.38
CA VAL GA 89 37.85 37.84 -68.22
C VAL GA 89 36.85 38.85 -67.69
N ASN GA 90 35.67 38.41 -67.28
CA ASN GA 90 34.64 39.30 -66.78
C ASN GA 90 34.12 38.80 -65.45
N SER GA 91 33.20 39.56 -64.87
CA SER GA 91 32.73 39.29 -63.52
C SER GA 91 31.72 38.15 -63.50
N ILE GA 92 31.80 37.34 -62.45
CA ILE GA 92 30.80 36.32 -62.15
C ILE GA 92 30.27 36.62 -60.76
N ARG GA 93 28.96 36.80 -60.64
CA ARG GA 93 28.31 36.89 -59.34
C ARG GA 93 27.13 35.94 -59.35
N VAL GA 94 27.12 34.99 -58.42
CA VAL GA 94 25.99 34.08 -58.30
C VAL GA 94 25.25 34.41 -57.02
N GLY GA 95 23.94 34.23 -57.06
CA GLY GA 95 23.11 34.58 -55.92
C GLY GA 95 23.36 33.68 -54.73
N SER GA 96 22.62 33.95 -53.67
CA SER GA 96 22.68 33.14 -52.46
C SER GA 96 21.60 32.08 -52.50
N GLY GA 97 21.98 30.85 -52.14
CA GLY GA 97 21.05 29.76 -52.14
C GLY GA 97 20.92 29.01 -53.45
N THR GA 98 21.91 29.13 -54.34
CA THR GA 98 21.84 28.47 -55.64
C THR GA 98 22.54 27.12 -55.56
N ASN GA 99 22.70 26.46 -56.70
CA ASN GA 99 23.44 25.20 -56.75
C ASN GA 99 23.80 24.88 -58.20
N ILE GA 100 25.08 24.64 -58.43
CA ILE GA 100 25.59 24.18 -59.71
C ILE GA 100 25.85 22.69 -59.58
N GLN GA 101 24.87 21.89 -60.00
CA GLN GA 101 24.93 20.45 -59.92
C GLN GA 101 25.96 19.89 -60.89
N ASP GA 102 26.74 18.94 -60.39
CA ASP GA 102 28.10 18.62 -60.81
C ASP GA 102 28.39 18.60 -62.30
N ASN GA 103 29.64 18.93 -62.63
CA ASN GA 103 30.20 18.83 -63.97
C ASN GA 103 29.65 19.89 -64.92
N SER GA 104 29.51 21.11 -64.43
CA SER GA 104 29.03 22.23 -65.21
C SER GA 104 30.14 23.25 -65.46
N LEU GA 105 29.81 24.29 -66.22
CA LEU GA 105 30.81 25.27 -66.63
C LEU GA 105 30.16 26.63 -66.80
N VAL GA 106 30.90 27.67 -66.41
CA VAL GA 106 30.46 29.04 -66.62
C VAL GA 106 31.66 29.86 -67.09
N HIS GA 107 31.51 30.54 -68.23
CA HIS GA 107 32.57 31.36 -68.79
C HIS GA 107 31.97 32.65 -69.35
N VAL GA 108 32.79 33.69 -69.44
CA VAL GA 108 32.40 34.97 -70.03
C VAL GA 108 33.51 35.41 -70.98
N ALA GA 109 33.13 36.22 -71.98
CA ALA GA 109 34.03 36.47 -73.10
C ALA GA 109 34.45 37.93 -73.28
N LYS GA 110 33.51 38.86 -73.48
CA LYS GA 110 33.77 40.07 -74.26
C LYS GA 110 34.00 41.31 -73.42
N SER GA 111 34.75 41.22 -72.33
CA SER GA 111 34.89 42.32 -71.40
C SER GA 111 35.28 43.65 -72.04
N ASN GA 112 34.36 44.61 -72.00
CA ASN GA 112 34.61 46.02 -72.34
C ASN GA 112 35.31 46.17 -73.69
N LEU GA 113 34.59 45.79 -74.73
CA LEU GA 113 35.04 45.98 -76.11
C LEU GA 113 34.01 46.84 -76.84
N SER GA 114 34.46 47.97 -77.38
CA SER GA 114 33.61 48.90 -78.13
C SER GA 114 32.47 49.45 -77.30
N GLY GA 115 32.68 49.56 -75.99
CA GLY GA 115 31.68 50.12 -75.09
C GLY GA 115 30.73 49.12 -74.48
N LYS GA 116 30.14 48.26 -75.30
CA LYS GA 116 29.21 47.25 -74.80
C LYS GA 116 29.96 46.17 -74.04
N VAL GA 117 29.49 45.88 -72.82
CA VAL GA 117 30.10 44.87 -71.97
C VAL GA 117 29.05 43.82 -71.66
N LEU GA 118 29.49 42.67 -71.19
CA LEU GA 118 28.60 41.56 -70.83
C LEU GA 118 29.09 40.91 -69.54
N PRO GA 119 28.47 41.22 -68.41
CA PRO GA 119 28.74 40.49 -67.18
C PRO GA 119 27.97 39.18 -67.15
N THR GA 120 27.99 38.47 -66.03
CA THR GA 120 27.20 37.27 -65.89
C THR GA 120 26.71 37.16 -64.45
N VAL GA 121 25.41 36.98 -64.29
CA VAL GA 121 24.81 36.99 -62.97
C VAL GA 121 23.83 35.83 -62.88
N ILE GA 122 23.81 35.17 -61.73
CA ILE GA 122 22.89 34.09 -61.45
C ILE GA 122 22.09 34.47 -60.21
N GLY GA 123 20.78 34.52 -60.34
CA GLY GA 123 19.94 34.94 -59.24
C GLY GA 123 19.95 33.96 -58.08
N ASP GA 124 19.12 34.27 -57.09
CA ASP GA 124 19.00 33.46 -55.89
C ASP GA 124 18.20 32.20 -56.18
N ASN GA 125 18.57 31.12 -55.48
CA ASN GA 125 17.84 29.85 -55.54
C ASN GA 125 17.76 29.30 -56.95
N VAL GA 126 18.76 29.60 -57.78
CA VAL GA 126 18.83 29.01 -59.11
C VAL GA 126 19.49 27.65 -59.00
N THR GA 127 18.90 26.65 -59.65
CA THR GA 127 19.44 25.30 -59.64
C THR GA 127 19.84 24.95 -61.07
N VAL GA 128 21.10 25.19 -61.41
CA VAL GA 128 21.61 24.76 -62.71
C VAL GA 128 22.18 23.37 -62.55
N GLY GA 129 21.89 22.50 -63.51
CA GLY GA 129 22.18 21.09 -63.36
C GLY GA 129 23.43 20.63 -64.08
N HIS GA 130 23.70 19.33 -63.95
CA HIS GA 130 24.74 18.59 -64.64
C HIS GA 130 25.00 19.10 -66.05
N SER GA 131 26.29 19.31 -66.36
CA SER GA 131 26.74 19.62 -67.71
C SER GA 131 26.11 20.89 -68.25
N ALA GA 132 25.61 21.75 -67.39
CA ALA GA 132 25.09 23.02 -67.85
C ALA GA 132 26.25 23.91 -68.26
N VAL GA 133 26.16 24.46 -69.47
CA VAL GA 133 27.12 25.42 -69.97
C VAL GA 133 26.47 26.79 -69.92
N LEU GA 134 27.10 27.72 -69.22
CA LEU GA 134 26.57 29.07 -69.09
C LEU GA 134 27.65 30.04 -69.60
N HIS GA 135 27.39 30.67 -70.72
CA HIS GA 135 28.39 31.44 -71.43
C HIS GA 135 27.89 32.88 -71.52
N GLY GA 136 28.07 33.65 -70.46
CA GLY GA 136 27.67 35.04 -70.45
C GLY GA 136 26.18 35.27 -70.40
N CYS GA 137 25.55 34.96 -69.26
CA CYS GA 137 24.11 35.06 -69.14
C CYS GA 137 23.69 35.75 -67.84
N THR GA 138 22.42 36.14 -67.79
CA THR GA 138 21.84 36.75 -66.60
C THR GA 138 20.58 35.97 -66.27
N VAL GA 139 20.67 35.09 -65.28
CA VAL GA 139 19.55 34.24 -64.87
C VAL GA 139 18.97 34.84 -63.60
N GLU GA 140 17.77 35.42 -63.70
CA GLU GA 140 17.16 36.02 -62.53
C GLU GA 140 16.84 34.97 -61.48
N ASP GA 141 16.61 35.44 -60.26
CA ASP GA 141 16.45 34.55 -59.12
C ASP GA 141 15.30 33.58 -59.31
N GLU GA 142 15.48 32.37 -58.78
CA GLU GA 142 14.50 31.29 -58.83
C GLU GA 142 14.13 30.96 -60.28
N ALA GA 143 15.12 30.42 -61.00
CA ALA GA 143 14.92 29.93 -62.36
C ALA GA 143 15.58 28.57 -62.50
N PHE GA 144 14.99 27.71 -63.33
CA PHE GA 144 15.40 26.32 -63.40
C PHE GA 144 16.05 26.04 -64.75
N VAL GA 145 17.31 25.61 -64.72
CA VAL GA 145 18.03 25.20 -65.91
C VAL GA 145 18.78 23.93 -65.54
N GLY GA 146 18.64 22.87 -66.32
CA GLY GA 146 19.26 21.64 -65.87
C GLY GA 146 19.34 20.57 -66.93
N MET GA 147 20.18 19.60 -66.63
CA MET GA 147 20.38 18.40 -67.45
C MET GA 147 20.79 18.76 -68.87
N GLY GA 148 21.99 19.33 -68.98
CA GLY GA 148 22.65 19.46 -70.25
C GLY GA 148 22.29 20.69 -71.06
N ALA GA 149 21.52 21.61 -70.51
CA ALA GA 149 21.17 22.81 -71.26
C ALA GA 149 22.44 23.61 -71.57
N VAL GA 150 22.30 24.57 -72.48
CA VAL GA 150 23.41 25.44 -72.82
C VAL GA 150 22.89 26.77 -73.36
N LEU GA 151 23.37 27.86 -72.79
CA LEU GA 151 22.92 29.20 -73.12
C LEU GA 151 24.09 29.98 -73.70
N LEU GA 152 23.93 30.50 -74.91
CA LEU GA 152 25.05 30.81 -75.79
C LEU GA 152 25.60 32.21 -75.62
N ASP GA 153 24.79 33.18 -75.26
CA ASP GA 153 25.12 34.58 -75.49
C ASP GA 153 24.33 35.40 -74.48
N GLY GA 154 24.13 36.68 -74.78
CA GLY GA 154 23.47 37.54 -73.83
C GLY GA 154 22.01 37.18 -73.64
N VAL GA 155 21.79 35.92 -73.28
CA VAL GA 155 20.47 35.41 -72.91
C VAL GA 155 20.14 35.89 -71.51
N VAL GA 156 18.85 36.13 -71.26
CA VAL GA 156 18.38 36.40 -69.91
C VAL GA 156 17.13 35.60 -69.67
N VAL GA 157 17.22 34.62 -68.79
CA VAL GA 157 16.09 33.87 -68.29
C VAL GA 157 15.48 34.70 -67.17
N GLU GA 158 14.19 34.50 -66.88
CA GLU GA 158 13.52 35.38 -65.95
C GLU GA 158 12.51 34.63 -65.10
N LYS GA 159 12.62 34.78 -63.78
CA LYS GA 159 11.51 34.66 -62.84
C LYS GA 159 10.70 33.37 -63.04
N ASN GA 160 11.33 32.26 -62.69
CA ASN GA 160 10.78 30.92 -62.61
C ASN GA 160 10.77 30.20 -63.95
N ALA GA 161 11.24 30.83 -65.02
CA ALA GA 161 11.35 30.12 -66.29
C ALA GA 161 12.33 28.95 -66.14
N MET GA 162 12.22 28.00 -67.06
CA MET GA 162 13.09 26.84 -67.05
C MET GA 162 13.42 26.44 -68.47
N VAL GA 163 14.62 25.92 -68.65
CA VAL GA 163 15.01 25.28 -69.90
C VAL GA 163 15.58 23.91 -69.57
N ALA GA 164 15.07 22.88 -70.25
CA ALA GA 164 15.17 21.51 -69.76
C ALA GA 164 15.74 20.58 -70.83
N ALA GA 165 16.85 19.93 -70.50
CA ALA GA 165 17.28 18.69 -71.16
C ALA GA 165 17.47 18.88 -72.66
N GLY GA 166 18.50 19.65 -72.99
CA GLY GA 166 18.90 19.84 -74.37
C GLY GA 166 18.62 21.22 -74.90
N ALA GA 167 18.08 22.12 -74.08
CA ALA GA 167 17.79 23.46 -74.55
C ALA GA 167 19.07 24.16 -74.98
N LEU GA 168 19.23 24.35 -76.27
CA LEU GA 168 20.32 25.17 -76.82
C LEU GA 168 19.74 26.54 -77.09
N VAL GA 169 19.89 27.45 -76.16
CA VAL GA 169 19.30 28.77 -76.28
C VAL GA 169 20.36 29.71 -76.80
N ARG GA 170 20.00 30.56 -77.76
CA ARG GA 170 21.02 31.26 -78.55
C ARG GA 170 20.71 32.74 -78.68
N GLN GA 171 21.78 33.54 -78.59
CA GLN GA 171 21.82 34.89 -79.17
C GLN GA 171 20.71 35.80 -78.61
N ASN GA 172 20.85 36.13 -77.33
CA ASN GA 172 20.06 37.19 -76.70
C ASN GA 172 18.56 36.87 -76.75
N THR GA 173 18.19 35.81 -76.05
CA THR GA 173 16.81 35.46 -75.86
C THR GA 173 16.33 35.99 -74.52
N ARG GA 174 15.23 36.74 -74.55
CA ARG GA 174 14.55 37.21 -73.36
C ARG GA 174 13.49 36.18 -73.01
N ILE GA 175 13.81 35.27 -72.10
CA ILE GA 175 12.84 34.21 -71.79
C ILE GA 175 11.65 34.82 -71.05
N PRO GA 176 10.42 34.50 -71.45
CA PRO GA 176 9.25 35.10 -70.78
C PRO GA 176 9.14 34.66 -69.33
N SER GA 177 8.48 35.50 -68.55
CA SER GA 177 8.40 35.30 -67.11
C SER GA 177 7.46 34.17 -66.76
N GLY GA 178 7.97 32.95 -66.76
CA GLY GA 178 7.19 31.79 -66.39
C GLY GA 178 6.74 31.02 -67.62
N GLU GA 179 7.48 29.98 -67.96
CA GLU GA 179 7.29 29.18 -69.16
C GLU GA 179 8.14 27.94 -68.98
N VAL GA 180 8.27 27.15 -70.04
CA VAL GA 180 9.30 26.14 -70.16
C VAL GA 180 9.80 26.24 -71.59
N TRP GA 181 11.08 25.93 -71.82
CA TRP GA 181 11.58 25.94 -73.18
C TRP GA 181 12.41 24.68 -73.42
N ALA GA 182 12.54 24.33 -74.70
CA ALA GA 182 13.32 23.17 -75.10
C ALA GA 182 13.67 23.32 -76.58
N GLY GA 183 14.11 22.23 -77.19
CA GLY GA 183 13.95 22.11 -78.64
C GLY GA 183 15.16 22.01 -79.54
N ASN GA 184 16.22 22.80 -79.30
CA ASN GA 184 17.35 22.86 -80.24
C ASN GA 184 16.87 23.31 -81.61
N PRO GA 185 16.58 24.60 -81.81
CA PRO GA 185 16.71 25.71 -80.87
C PRO GA 185 15.57 25.75 -79.88
N ALA GA 186 15.47 26.82 -79.09
CA ALA GA 186 14.52 26.85 -77.99
C ALA GA 186 13.18 27.39 -78.44
N LYS GA 187 12.11 26.66 -78.12
CA LYS GA 187 10.74 27.12 -78.21
C LYS GA 187 10.02 26.60 -76.97
N PHE GA 188 8.87 27.21 -76.68
CA PHE GA 188 8.11 26.85 -75.49
C PHE GA 188 7.02 25.86 -75.83
N LEU GA 189 6.65 25.04 -74.86
CA LEU GA 189 5.65 24.02 -75.11
C LEU GA 189 4.69 23.78 -73.96
N ARG GA 190 4.76 24.52 -72.85
CA ARG GA 190 3.87 24.29 -71.72
C ARG GA 190 3.64 25.62 -71.03
N LYS GA 191 3.14 25.58 -69.79
CA LYS GA 191 2.76 26.78 -69.07
C LYS GA 191 3.27 26.81 -67.62
N LEU GA 192 4.05 25.83 -67.20
CA LEU GA 192 4.81 25.92 -65.95
C LEU GA 192 3.88 26.11 -64.74
N SER GA 193 3.19 25.03 -64.41
CA SER GA 193 2.20 25.06 -63.33
C SER GA 193 2.80 25.54 -62.00
N ASN GA 194 1.89 25.99 -61.12
CA ASN GA 194 2.29 26.63 -59.88
C ASN GA 194 2.90 25.63 -58.91
N GLU GA 195 2.32 24.43 -58.82
CA GLU GA 195 2.96 23.42 -58.00
C GLU GA 195 4.36 23.13 -58.51
N GLU GA 196 4.60 23.30 -59.81
CA GLU GA 196 5.95 23.10 -60.33
C GLU GA 196 6.88 24.24 -59.90
N ILE GA 197 6.36 25.46 -59.82
CA ILE GA 197 7.15 26.55 -59.22
C ILE GA 197 7.56 26.16 -57.81
N THR GA 198 6.61 25.64 -57.03
CA THR GA 198 6.96 25.19 -55.69
C THR GA 198 7.96 24.04 -55.74
N PHE GA 199 7.90 23.22 -56.79
CA PHE GA 199 8.91 22.17 -56.96
C PHE GA 199 10.30 22.76 -57.07
N ILE GA 200 10.46 23.81 -57.87
CA ILE GA 200 11.81 24.37 -58.03
C ILE GA 200 12.29 25.01 -56.73
N SER GA 201 11.37 25.64 -55.99
CA SER GA 201 11.76 26.21 -54.70
C SER GA 201 12.21 25.11 -53.73
N GLN GA 202 11.37 24.08 -53.57
CA GLN GA 202 11.74 22.97 -52.70
C GLN GA 202 13.03 22.31 -53.17
N SER GA 203 13.28 22.29 -54.47
CA SER GA 203 14.52 21.76 -55.00
C SER GA 203 15.71 22.54 -54.47
N ALA GA 204 15.68 23.86 -54.63
CA ALA GA 204 16.76 24.68 -54.10
C ALA GA 204 16.99 24.39 -52.62
N ILE GA 205 15.91 24.28 -51.86
CA ILE GA 205 16.04 24.14 -50.41
C ILE GA 205 16.67 22.79 -50.05
N ASN GA 206 16.04 21.69 -50.46
CA ASN GA 206 16.58 20.40 -50.06
C ASN GA 206 17.95 20.14 -50.69
N TYR GA 207 18.26 20.79 -51.81
CA TYR GA 207 19.58 20.61 -52.37
C TYR GA 207 20.64 21.36 -51.56
N THR GA 208 20.30 22.53 -51.03
CA THR GA 208 21.19 23.15 -50.05
C THR GA 208 21.45 22.22 -48.88
N ASN GA 209 20.40 21.55 -48.40
CA ASN GA 209 20.57 20.59 -47.31
C ASN GA 209 21.59 19.51 -47.69
N LEU GA 210 21.36 18.87 -48.83
CA LEU GA 210 22.26 17.80 -49.27
C LEU GA 210 23.69 18.32 -49.43
N ALA GA 211 23.84 19.54 -49.93
CA ALA GA 211 25.16 20.12 -50.09
C ALA GA 211 25.85 20.28 -48.75
N GLN GA 212 25.10 20.68 -47.72
CA GLN GA 212 25.71 20.77 -46.39
C GLN GA 212 26.20 19.42 -45.90
N VAL GA 213 25.42 18.37 -46.16
CA VAL GA 213 25.86 17.02 -45.79
C VAL GA 213 27.17 16.68 -46.49
N HIS GA 214 27.21 16.85 -47.80
CA HIS GA 214 28.42 16.55 -48.56
C HIS GA 214 29.60 17.38 -48.10
N ALA GA 215 29.38 18.63 -47.67
CA ALA GA 215 30.48 19.43 -47.15
C ALA GA 215 31.04 18.81 -45.89
N ALA GA 216 30.15 18.59 -44.90
CA ALA GA 216 30.59 17.99 -43.65
C ALA GA 216 31.38 16.72 -43.89
N GLU GA 217 31.02 15.96 -44.93
CA GLU GA 217 31.79 14.76 -45.23
C GLU GA 217 33.13 15.10 -45.88
N ASN GA 218 33.09 15.81 -47.00
CA ASN GA 218 34.26 15.99 -47.84
C ASN GA 218 35.34 16.85 -47.20
N SER GA 219 35.06 17.53 -46.09
CA SER GA 219 36.06 18.40 -45.50
C SER GA 219 36.74 17.78 -44.29
N LYS GA 220 37.03 16.49 -44.32
CA LYS GA 220 37.63 15.79 -43.18
C LYS GA 220 39.13 15.59 -43.40
N SER GA 221 39.82 15.29 -42.30
CA SER GA 221 41.25 15.02 -42.32
C SER GA 221 41.50 13.52 -42.26
N TYR GA 222 42.77 13.13 -42.38
CA TYR GA 222 43.10 11.73 -42.55
C TYR GA 222 42.75 10.92 -41.30
N ASP GA 223 43.13 11.41 -40.13
CA ASP GA 223 42.87 10.67 -38.91
C ASP GA 223 41.37 10.50 -38.68
N GLU GA 224 40.61 11.59 -38.89
CA GLU GA 224 39.17 11.50 -38.72
C GLU GA 224 38.55 10.53 -39.72
N ILE GA 225 39.06 10.52 -40.95
CA ILE GA 225 38.53 9.61 -41.96
C ILE GA 225 38.81 8.17 -41.57
N GLU GA 226 40.03 7.89 -41.10
CA GLU GA 226 40.36 6.53 -40.69
C GLU GA 226 39.51 6.11 -39.51
N PHE GA 227 39.24 7.03 -38.58
CA PHE GA 227 38.35 6.72 -37.47
C PHE GA 227 36.95 6.39 -37.96
N GLU GA 228 36.41 7.23 -38.85
CA GLU GA 228 35.08 6.98 -39.40
C GLU GA 228 35.02 5.61 -40.07
N LYS GA 229 36.08 5.26 -40.81
CA LYS GA 229 36.06 4.00 -41.54
C LYS GA 229 36.11 2.81 -40.60
N VAL GA 230 37.02 2.84 -39.62
CA VAL GA 230 37.10 1.72 -38.68
C VAL GA 230 35.81 1.58 -37.90
N LEU GA 231 35.22 2.71 -37.51
CA LEU GA 231 33.96 2.66 -36.78
C LEU GA 231 32.85 2.06 -37.64
N ARG GA 232 32.78 2.46 -38.91
CA ARG GA 232 31.77 1.91 -39.81
C ARG GA 232 31.94 0.42 -39.96
N LYS GA 233 33.18 -0.04 -40.12
CA LYS GA 233 33.42 -1.47 -40.28
C LYS GA 233 33.00 -2.24 -39.02
N LYS GA 234 33.50 -1.79 -37.86
CA LYS GA 234 33.18 -2.48 -36.61
C LYS GA 234 31.69 -2.48 -36.32
N TYR GA 235 30.98 -1.41 -36.70
CA TYR GA 235 29.55 -1.40 -36.47
C TYR GA 235 28.83 -2.33 -37.43
N ALA GA 236 29.15 -2.27 -38.72
CA ALA GA 236 28.53 -3.18 -39.67
C ALA GA 236 28.85 -4.63 -39.35
N ARG GA 237 29.91 -4.89 -38.60
CA ARG GA 237 30.25 -6.25 -38.19
C ARG GA 237 29.09 -6.94 -37.48
N SER HA 44 26.70 39.60 -47.16
CA SER HA 44 26.86 38.38 -46.37
C SER HA 44 27.75 37.38 -47.10
N ILE HA 45 28.99 37.78 -47.35
CA ILE HA 45 29.89 36.99 -48.18
C ILE HA 45 31.20 36.73 -47.42
N THR HA 46 31.13 36.65 -46.11
CA THR HA 46 32.33 36.48 -45.30
C THR HA 46 33.04 35.17 -45.65
N PRO HA 47 34.26 35.22 -46.14
CA PRO HA 47 35.00 33.96 -46.38
C PRO HA 47 35.78 33.51 -45.16
N SER HA 48 35.52 32.30 -44.70
CA SER HA 48 36.29 31.77 -43.58
C SER HA 48 37.70 31.50 -44.05
N PRO HA 49 38.71 32.21 -43.55
CA PRO HA 49 40.08 31.96 -44.02
C PRO HA 49 40.52 30.53 -43.83
N ASP HA 50 39.85 29.76 -42.98
CA ASP HA 50 40.14 28.35 -42.80
C ASP HA 50 39.56 27.48 -43.91
N ARG HA 51 39.17 28.08 -45.03
CA ARG HA 51 38.75 27.32 -46.20
C ARG HA 51 39.98 27.01 -47.03
N VAL HA 52 40.12 25.75 -47.42
CA VAL HA 52 41.28 25.31 -48.17
C VAL HA 52 41.14 25.72 -49.62
N LYS HA 53 42.26 26.10 -50.22
CA LYS HA 53 42.33 26.36 -51.65
C LYS HA 53 43.34 25.46 -52.35
N TRP HA 54 43.95 24.53 -51.62
CA TRP HA 54 44.76 23.49 -52.26
C TRP HA 54 44.78 22.29 -51.32
N ASP HA 55 43.92 21.31 -51.61
CA ASP HA 55 43.69 20.19 -50.71
C ASP HA 55 44.87 19.23 -50.61
N TYR HA 56 45.87 19.37 -51.47
CA TYR HA 56 47.08 18.55 -51.57
C TYR HA 56 46.75 17.07 -51.72
N ARG HA 57 45.47 16.73 -51.85
CA ARG HA 57 45.03 15.37 -52.10
C ARG HA 57 43.71 15.52 -52.84
N GLY HA 58 43.69 15.16 -54.11
CA GLY HA 58 42.57 15.48 -54.98
C GLY HA 58 41.25 14.93 -54.48
N GLN HA 59 40.18 15.22 -55.22
CA GLN HA 59 38.89 14.67 -54.84
C GLN HA 59 39.00 13.16 -54.72
N ARG HA 60 38.85 12.64 -53.50
CA ARG HA 60 39.04 11.23 -53.27
C ARG HA 60 38.08 10.41 -54.12
N LYS HA 61 38.56 9.27 -54.60
CA LYS HA 61 37.74 8.47 -55.50
C LYS HA 61 36.46 8.02 -54.83
N ILE HA 62 36.59 7.25 -53.75
CA ILE HA 62 35.44 6.62 -53.10
C ILE HA 62 35.02 7.52 -51.94
N ILE HA 63 33.86 8.17 -52.08
CA ILE HA 63 33.34 9.08 -51.06
C ILE HA 63 32.23 8.39 -50.29
N PRO HA 64 32.50 7.89 -49.09
CA PRO HA 64 31.42 7.43 -48.23
C PRO HA 64 30.55 8.60 -47.84
N LEU HA 65 29.29 8.31 -47.61
CA LEU HA 65 28.31 9.33 -47.25
C LEU HA 65 27.57 8.83 -46.02
N GLY HA 66 28.17 9.00 -44.86
CA GLY HA 66 27.53 8.56 -43.64
C GLY HA 66 27.13 7.10 -43.64
N GLN HA 67 28.10 6.19 -43.56
CA GLN HA 67 27.83 4.77 -43.44
C GLN HA 67 27.12 4.23 -44.67
N TRP HA 68 27.57 4.66 -45.85
CA TRP HA 68 27.06 4.21 -47.14
C TRP HA 68 28.19 3.97 -48.11
N LEU HA 69 29.26 3.31 -47.65
CA LEU HA 69 30.50 3.16 -48.37
C LEU HA 69 30.27 2.56 -49.76
N PRO HA 70 30.47 3.33 -50.82
CA PRO HA 70 30.30 2.80 -52.17
C PRO HA 70 31.32 1.72 -52.47
N LYS HA 71 30.91 0.76 -53.30
CA LYS HA 71 31.64 -0.50 -53.38
C LYS HA 71 31.91 -0.87 -54.83
N VAL HA 72 33.19 -1.10 -55.15
CA VAL HA 72 33.59 -1.61 -56.45
C VAL HA 72 34.05 -3.04 -56.27
N ALA HA 73 33.83 -3.86 -57.29
CA ALA HA 73 34.33 -5.22 -57.22
C ALA HA 73 35.77 -5.29 -57.67
N VAL HA 74 36.51 -6.26 -57.14
CA VAL HA 74 37.94 -6.36 -57.34
C VAL HA 74 38.31 -6.55 -58.81
N ASP HA 75 37.34 -6.87 -59.66
CA ASP HA 75 37.59 -7.01 -61.08
C ASP HA 75 37.26 -5.75 -61.86
N ALA HA 76 36.41 -4.88 -61.32
CA ALA HA 76 35.96 -3.70 -62.05
C ALA HA 76 37.11 -2.73 -62.25
N TYR HA 77 36.85 -1.70 -63.06
CA TYR HA 77 37.84 -0.66 -63.29
C TYR HA 77 37.18 0.69 -63.28
N VAL HA 78 37.47 1.49 -62.26
CA VAL HA 78 37.09 2.89 -62.22
C VAL HA 78 38.34 3.72 -62.47
N ALA HA 79 38.19 4.82 -63.18
CA ALA HA 79 39.34 5.68 -63.45
C ALA HA 79 39.83 6.31 -62.16
N PRO HA 80 40.89 7.09 -62.17
CA PRO HA 80 41.25 7.81 -60.95
C PRO HA 80 40.54 9.14 -60.80
N ASN HA 81 40.13 9.74 -61.92
CA ASN HA 81 39.41 11.00 -61.84
C ASN HA 81 37.99 10.82 -61.33
N VAL HA 82 37.39 9.66 -61.60
CA VAL HA 82 35.97 9.48 -61.35
C VAL HA 82 35.66 9.63 -59.87
N VAL HA 83 34.43 10.04 -59.56
CA VAL HA 83 34.02 10.28 -58.18
C VAL HA 83 32.80 9.43 -57.85
N LEU HA 84 32.97 8.46 -56.97
CA LEU HA 84 31.92 7.50 -56.61
C LEU HA 84 31.44 7.86 -55.21
N ALA HA 85 30.34 8.60 -55.12
CA ALA HA 85 29.86 9.13 -53.85
C ALA HA 85 28.57 8.44 -53.46
N GLY HA 86 28.55 7.82 -52.29
CA GLY HA 86 27.31 7.36 -51.70
C GLY HA 86 26.97 5.92 -52.06
N GLN HA 87 25.75 5.69 -52.56
CA GLN HA 87 25.23 4.35 -52.78
C GLN HA 87 25.46 3.89 -54.21
N VAL HA 88 26.72 3.80 -54.61
CA VAL HA 88 27.09 3.30 -55.92
C VAL HA 88 27.78 1.96 -55.76
N THR HA 89 27.41 1.03 -56.63
CA THR HA 89 28.00 -0.30 -56.65
C THR HA 89 28.42 -0.62 -58.08
N VAL HA 90 29.64 -1.08 -58.24
CA VAL HA 90 30.18 -1.44 -59.55
C VAL HA 90 30.44 -2.93 -59.54
N TRP HA 91 29.65 -3.68 -60.31
CA TRP HA 91 29.50 -5.12 -60.12
C TRP HA 91 30.37 -5.89 -61.10
N ASP HA 92 31.58 -6.21 -60.67
CA ASP HA 92 32.30 -7.38 -61.16
C ASP HA 92 32.45 -7.37 -62.69
N GLY HA 93 33.18 -6.38 -63.18
CA GLY HA 93 33.56 -6.40 -64.57
C GLY HA 93 33.23 -5.12 -65.30
N ALA HA 94 32.62 -4.17 -64.61
CA ALA HA 94 32.23 -2.93 -65.25
C ALA HA 94 33.40 -1.98 -65.32
N SER HA 95 33.21 -0.89 -66.06
CA SER HA 95 34.26 0.10 -66.23
C SER HA 95 33.66 1.50 -66.28
N VAL HA 96 34.14 2.38 -65.41
CA VAL HA 96 33.71 3.77 -65.34
C VAL HA 96 34.89 4.64 -65.72
N TRP HA 97 34.84 5.19 -66.92
CA TRP HA 97 36.03 5.73 -67.58
C TRP HA 97 36.33 7.15 -67.10
N PRO HA 98 37.48 7.71 -67.48
CA PRO HA 98 37.93 8.97 -66.86
C PRO HA 98 36.94 10.11 -66.98
N GLY HA 99 36.94 10.95 -65.95
CA GLY HA 99 36.14 12.15 -65.95
C GLY HA 99 34.65 11.94 -65.74
N CYS HA 100 34.28 11.05 -64.83
CA CYS HA 100 32.88 10.70 -64.63
C CYS HA 100 32.49 10.86 -63.17
N VAL HA 101 31.19 10.99 -62.93
CA VAL HA 101 30.71 11.19 -61.57
C VAL HA 101 29.44 10.38 -61.34
N LEU HA 102 29.41 9.65 -60.23
CA LEU HA 102 28.25 8.85 -59.84
C LEU HA 102 28.00 9.17 -58.38
N ARG HA 103 27.01 9.99 -58.09
CA ARG HA 103 26.70 10.33 -56.71
C ARG HA 103 25.29 9.81 -56.42
N GLY HA 104 25.22 8.55 -56.01
CA GLY HA 104 23.97 7.98 -55.55
C GLY HA 104 23.74 8.32 -54.10
N ASP HA 105 23.37 9.57 -53.84
CA ASP HA 105 23.10 10.03 -52.48
C ASP HA 105 21.61 10.07 -52.16
N LEU HA 106 20.74 10.03 -53.16
CA LEU HA 106 19.32 9.91 -52.92
C LEU HA 106 18.84 8.47 -52.97
N ASN HA 107 19.36 7.68 -53.90
CA ASN HA 107 18.94 6.30 -54.09
C ASN HA 107 20.17 5.49 -54.48
N LYS HA 108 19.94 4.30 -55.01
CA LYS HA 108 21.01 3.40 -55.39
C LYS HA 108 21.32 3.53 -56.87
N ILE HA 109 22.60 3.34 -57.19
CA ILE HA 109 23.03 3.25 -58.58
C ILE HA 109 23.96 2.04 -58.70
N SER HA 110 23.64 1.15 -59.63
CA SER HA 110 24.30 -0.15 -59.66
C SER HA 110 24.65 -0.51 -61.09
N ILE HA 111 25.94 -0.61 -61.39
CA ILE HA 111 26.42 -0.99 -62.71
C ILE HA 111 26.63 -2.50 -62.73
N GLY HA 112 26.10 -3.15 -63.77
CA GLY HA 112 26.01 -4.60 -63.82
C GLY HA 112 27.29 -5.28 -64.19
N PHE HA 113 27.16 -6.41 -64.90
CA PHE HA 113 28.25 -7.36 -65.03
C PHE HA 113 29.47 -6.77 -65.72
N CYS HA 114 29.36 -6.44 -67.01
CA CYS HA 114 30.49 -5.86 -67.71
C CYS HA 114 30.08 -4.58 -68.43
N SER HA 115 29.12 -3.87 -67.86
CA SER HA 115 28.69 -2.62 -68.46
C SER HA 115 29.80 -1.58 -68.39
N ASN HA 116 29.68 -0.59 -69.27
CA ASN HA 116 30.66 0.49 -69.29
C ASN HA 116 29.96 1.83 -69.33
N VAL HA 117 30.50 2.77 -68.56
CA VAL HA 117 30.01 4.13 -68.50
C VAL HA 117 31.17 5.02 -68.95
N GLN HA 118 31.00 5.66 -70.09
CA GLN HA 118 32.09 6.33 -70.78
C GLN HA 118 32.42 7.64 -70.08
N GLU HA 119 33.17 8.50 -70.78
CA GLU HA 119 34.03 9.49 -70.14
C GLU HA 119 33.35 10.45 -69.18
N ARG HA 120 32.51 11.35 -69.69
CA ARG HA 120 32.00 12.43 -68.86
C ARG HA 120 30.60 12.17 -68.35
N SER HA 121 30.24 10.91 -68.17
CA SER HA 121 28.89 10.59 -67.72
C SER HA 121 28.66 11.09 -66.30
N VAL HA 122 27.40 11.41 -66.04
CA VAL HA 122 26.95 11.82 -64.72
C VAL HA 122 25.69 11.05 -64.37
N LEU HA 123 25.76 10.26 -63.32
CA LEU HA 123 24.63 9.46 -62.86
C LEU HA 123 24.24 9.95 -61.48
N HIS HA 124 23.02 10.45 -61.35
CA HIS HA 124 22.59 11.08 -60.10
C HIS HA 124 21.15 10.72 -59.79
N ALA HA 125 20.95 9.83 -58.83
CA ALA HA 125 19.61 9.40 -58.45
C ALA HA 125 18.70 10.58 -58.15
N ALA HA 126 17.49 10.53 -58.69
CA ALA HA 126 16.55 11.65 -58.60
C ALA HA 126 15.90 11.67 -57.22
N TRP HA 127 14.85 12.47 -57.07
CA TRP HA 127 14.31 12.74 -55.74
C TRP HA 127 13.57 11.53 -55.19
N THR HA 128 12.98 11.72 -54.01
CA THR HA 128 12.52 10.62 -53.17
C THR HA 128 11.49 9.76 -53.89
N SER HA 129 11.28 8.57 -53.34
CA SER HA 129 10.38 7.59 -53.91
C SER HA 129 9.85 6.64 -52.85
N PRO HA 134 10.44 3.03 -54.88
CA PRO HA 134 11.87 3.20 -55.08
C PRO HA 134 12.22 3.58 -56.51
N ALA HA 135 12.92 4.70 -56.68
CA ALA HA 135 13.37 5.19 -57.98
C ALA HA 135 14.88 5.34 -57.92
N ASP HA 136 15.59 4.50 -58.69
CA ASP HA 136 17.04 4.41 -58.61
C ASP HA 136 17.58 4.32 -60.03
N THR HA 137 18.85 3.94 -60.16
CA THR HA 137 19.47 3.78 -61.47
C THR HA 137 20.12 2.41 -61.54
N SER HA 138 19.59 1.56 -62.40
CA SER HA 138 20.10 0.22 -62.60
C SER HA 138 20.64 0.10 -64.01
N ILE HA 139 21.89 -0.30 -64.14
CA ILE HA 139 22.51 -0.59 -65.42
C ILE HA 139 22.75 -2.10 -65.44
N GLU HA 140 22.17 -2.80 -66.40
CA GLU HA 140 22.13 -4.25 -66.33
C GLU HA 140 23.36 -4.87 -66.99
N ARG HA 141 23.29 -6.18 -67.22
CA ARG HA 141 24.44 -7.03 -67.55
C ARG HA 141 25.38 -6.43 -68.57
N TYR HA 142 24.93 -6.23 -69.80
CA TYR HA 142 25.80 -5.75 -70.88
C TYR HA 142 25.23 -4.44 -71.41
N VAL HA 143 25.55 -3.33 -70.78
CA VAL HA 143 25.08 -2.04 -71.25
C VAL HA 143 26.28 -1.19 -71.63
N THR HA 144 26.16 -0.48 -72.74
CA THR HA 144 27.23 0.38 -73.22
C THR HA 144 26.72 1.81 -73.26
N ILE HA 145 27.09 2.61 -72.27
CA ILE HA 145 26.56 3.97 -72.17
C ILE HA 145 27.45 4.87 -73.02
N GLY HA 146 27.01 6.09 -73.28
CA GLY HA 146 27.71 6.97 -74.19
C GLY HA 146 28.68 7.91 -73.47
N ALA HA 147 29.27 8.82 -74.25
CA ALA HA 147 30.31 9.69 -73.73
C ALA HA 147 29.75 10.71 -72.76
N TYR HA 148 28.86 11.59 -73.22
CA TYR HA 148 28.19 12.54 -72.34
C TYR HA 148 26.79 12.01 -72.02
N SER HA 149 26.74 11.05 -71.13
CA SER HA 149 25.48 10.49 -70.69
C SER HA 149 25.05 11.18 -69.40
N LEU HA 150 23.77 11.50 -69.32
CA LEU HA 150 23.20 12.18 -68.15
C LEU HA 150 22.01 11.36 -67.70
N LEU HA 151 22.16 10.63 -66.60
CA LEU HA 151 21.12 9.72 -66.13
C LEU HA 151 20.69 10.15 -64.75
N ARG HA 152 19.46 10.61 -64.61
CA ARG HA 152 18.97 10.94 -63.27
C ARG HA 152 18.48 9.70 -62.55
N SER HA 153 17.44 9.05 -63.07
CA SER HA 153 17.01 7.78 -62.52
C SER HA 153 16.38 6.99 -63.64
N CYS HA 154 16.71 5.71 -63.74
CA CYS HA 154 16.23 4.91 -64.87
C CYS HA 154 16.67 3.47 -64.69
N THR HA 155 16.17 2.61 -65.57
CA THR HA 155 16.58 1.23 -65.62
C THR HA 155 16.91 0.86 -67.05
N ILE HA 156 18.08 0.26 -67.23
CA ILE HA 156 18.57 -0.10 -68.56
C ILE HA 156 18.68 -1.60 -68.60
N GLU HA 157 17.60 -2.29 -69.00
CA GLU HA 157 17.58 -3.73 -68.94
C GLU HA 157 18.61 -4.30 -69.92
N PRO HA 158 19.06 -5.54 -69.71
CA PRO HA 158 20.34 -5.97 -70.31
C PRO HA 158 20.43 -5.79 -71.82
N GLU HA 159 21.67 -5.60 -72.27
CA GLU HA 159 22.05 -5.62 -73.68
C GLU HA 159 21.60 -4.36 -74.43
N CYS HA 160 21.65 -3.20 -73.77
CA CYS HA 160 21.29 -1.95 -74.44
C CYS HA 160 22.53 -1.11 -74.74
N ILE HA 161 22.40 -0.27 -75.76
CA ILE HA 161 23.48 0.63 -76.16
C ILE HA 161 22.91 2.03 -76.26
N ILE HA 162 23.62 3.01 -75.68
CA ILE HA 162 23.19 4.39 -75.68
C ILE HA 162 24.30 5.24 -76.24
N GLY HA 163 24.02 5.96 -77.31
CA GLY HA 163 25.04 6.77 -77.95
C GLY HA 163 25.47 7.94 -77.09
N GLN HA 164 26.28 8.79 -77.71
CA GLN HA 164 26.84 9.94 -77.02
C GLN HA 164 25.79 11.03 -76.85
N HIS HA 165 26.06 11.94 -75.92
CA HIS HA 165 25.14 13.04 -75.60
C HIS HA 165 23.73 12.51 -75.35
N SER HA 166 23.62 11.52 -74.50
CA SER HA 166 22.35 10.92 -74.15
C SER HA 166 21.84 11.49 -72.83
N ILE HA 167 20.52 11.64 -72.73
CA ILE HA 167 19.90 12.13 -71.50
C ILE HA 167 18.69 11.26 -71.20
N LEU HA 168 18.54 10.86 -69.95
CA LEU HA 168 17.40 10.05 -69.52
C LEU HA 168 16.75 10.75 -68.33
N MET HA 169 15.53 11.26 -68.52
CA MET HA 169 15.09 12.37 -67.68
C MET HA 169 14.78 12.05 -66.21
N GLU HA 170 13.75 11.25 -65.92
CA GLU HA 170 13.30 11.22 -64.54
C GLU HA 170 12.85 9.84 -64.06
N GLY HA 171 13.27 8.77 -64.72
CA GLY HA 171 12.70 7.47 -64.43
C GLY HA 171 12.04 6.93 -65.67
N SER HA 172 12.71 5.97 -66.30
CA SER HA 172 12.27 5.43 -67.57
C SER HA 172 12.96 4.10 -67.78
N LEU HA 173 12.33 3.27 -68.60
CA LEU HA 173 12.85 1.94 -68.88
C LEU HA 173 13.35 1.90 -70.32
N VAL HA 174 14.51 1.28 -70.53
CA VAL HA 174 14.91 0.90 -71.88
C VAL HA 174 15.30 -0.57 -71.82
N GLU HA 175 14.51 -1.42 -72.46
CA GLU HA 175 14.53 -2.84 -72.09
C GLU HA 175 14.95 -3.73 -73.25
N THR HA 176 15.84 -4.69 -72.95
CA THR HA 176 16.06 -5.88 -73.77
C THR HA 176 16.46 -5.51 -75.20
N GLN HA 177 17.70 -5.04 -75.31
CA GLN HA 177 18.35 -4.82 -76.60
C GLN HA 177 17.75 -3.63 -77.35
N SER HA 178 17.71 -2.49 -76.69
CA SER HA 178 17.37 -1.24 -77.31
C SER HA 178 18.63 -0.43 -77.59
N ILE HA 179 18.58 0.39 -78.63
CA ILE HA 179 19.74 1.17 -79.06
C ILE HA 179 19.29 2.59 -79.29
N LEU HA 180 19.75 3.51 -78.45
CA LEU HA 180 19.53 4.91 -78.73
C LEU HA 180 20.60 5.41 -79.69
N GLU HA 181 20.38 6.59 -80.25
CA GLU HA 181 21.35 7.21 -81.12
C GLU HA 181 21.99 8.39 -80.42
N ALA HA 182 22.96 9.00 -81.07
CA ALA HA 182 23.57 10.20 -80.53
C ALA HA 182 22.52 11.28 -80.35
N GLY HA 183 22.66 12.05 -79.27
CA GLY HA 183 21.71 13.10 -79.01
C GLY HA 183 20.34 12.62 -78.63
N SER HA 184 20.23 11.42 -78.06
CA SER HA 184 18.96 10.92 -77.62
C SER HA 184 18.55 11.57 -76.30
N VAL HA 185 17.26 11.83 -76.15
CA VAL HA 185 16.71 12.35 -74.92
C VAL HA 185 15.42 11.59 -74.62
N VAL HA 186 15.38 10.89 -73.50
CA VAL HA 186 14.23 10.08 -73.13
C VAL HA 186 13.41 10.85 -72.12
N PRO HA 187 12.22 11.34 -72.48
CA PRO HA 187 11.39 12.12 -71.56
C PRO HA 187 11.01 11.30 -70.34
N PRO HA 188 10.50 11.93 -69.28
CA PRO HA 188 10.17 11.18 -68.07
C PRO HA 188 9.04 10.20 -68.30
N GLY HA 189 9.13 9.07 -67.62
CA GLY HA 189 8.11 8.05 -67.73
C GLY HA 189 7.92 7.51 -69.13
N ARG HA 190 9.02 7.14 -69.78
CA ARG HA 190 8.97 6.51 -71.09
C ARG HA 190 9.51 5.10 -71.02
N ARG HA 191 9.09 4.29 -71.97
CA ARG HA 191 9.52 2.91 -72.08
C ARG HA 191 9.97 2.67 -73.51
N ILE HA 192 11.17 2.13 -73.67
CA ILE HA 192 11.70 1.80 -74.98
C ILE HA 192 11.69 0.28 -75.11
N PRO HA 193 10.86 -0.27 -75.98
CA PRO HA 193 10.59 -1.71 -75.95
C PRO HA 193 11.72 -2.52 -76.55
N SER HA 194 11.50 -3.83 -76.66
CA SER HA 194 12.56 -4.74 -77.09
C SER HA 194 12.98 -4.45 -78.52
N GLY HA 195 14.28 -4.54 -78.77
CA GLY HA 195 14.82 -4.45 -80.11
C GLY HA 195 14.37 -3.25 -80.93
N GLU HA 196 14.60 -2.04 -80.43
CA GLU HA 196 14.23 -0.85 -81.16
C GLU HA 196 15.36 0.16 -81.12
N LEU HA 197 15.53 0.90 -82.21
CA LEU HA 197 16.53 1.94 -82.34
C LEU HA 197 15.82 3.28 -82.33
N TRP HA 198 16.12 4.12 -81.34
CA TRP HA 198 15.46 5.41 -81.19
C TRP HA 198 16.46 6.54 -81.39
N ALA HA 199 15.93 7.72 -81.69
CA ALA HA 199 16.77 8.88 -81.95
C ALA HA 199 15.91 10.14 -81.80
N GLY HA 200 16.55 11.28 -82.00
CA GLY HA 200 15.87 12.56 -81.89
C GLY HA 200 15.53 12.94 -80.47
N ASN HA 201 15.38 14.24 -80.21
CA ASN HA 201 14.96 14.72 -78.89
C ASN HA 201 13.66 15.50 -79.02
N PRO HA 202 12.54 15.01 -78.48
CA PRO HA 202 12.44 13.76 -77.72
C PRO HA 202 12.60 12.54 -78.60
N ALA HA 203 12.73 11.37 -77.99
CA ALA HA 203 13.01 10.16 -78.74
C ALA HA 203 11.86 9.80 -79.67
N ARG HA 204 12.19 9.10 -80.76
CA ARG HA 204 11.22 8.67 -81.73
C ARG HA 204 11.57 7.27 -82.20
N PHE HA 205 10.68 6.68 -82.98
CA PHE HA 205 10.96 5.41 -83.62
C PHE HA 205 11.76 5.62 -84.89
N VAL HA 206 12.67 4.71 -85.18
CA VAL HA 206 13.43 4.77 -86.42
C VAL HA 206 13.20 3.51 -87.23
N ARG HA 207 13.54 2.37 -86.65
CA ARG HA 207 13.42 1.10 -87.35
C ARG HA 207 13.37 -0.01 -86.31
N THR HA 208 13.50 -1.25 -86.76
CA THR HA 208 13.67 -2.40 -85.91
C THR HA 208 15.07 -2.97 -86.12
N LEU HA 209 15.62 -3.58 -85.08
CA LEU HA 209 16.98 -4.07 -85.15
C LEU HA 209 17.07 -5.38 -85.93
N THR HA 210 18.20 -5.58 -86.58
CA THR HA 210 18.54 -6.86 -87.20
C THR HA 210 19.31 -7.71 -86.22
N HIS HA 211 19.08 -9.02 -86.29
CA HIS HA 211 19.69 -9.94 -85.34
C HIS HA 211 21.21 -9.93 -85.41
N GLU HA 212 21.78 -9.46 -86.53
CA GLU HA 212 23.21 -9.23 -86.57
C GLU HA 212 23.64 -8.23 -85.51
N GLU HA 213 22.94 -7.10 -85.43
CA GLU HA 213 23.32 -6.06 -84.46
C GLU HA 213 22.96 -6.48 -83.05
N ILE HA 214 21.81 -7.13 -82.87
CA ILE HA 214 21.41 -7.60 -81.54
C ILE HA 214 22.40 -8.62 -81.03
N LEU HA 215 22.98 -9.42 -81.92
CA LEU HA 215 24.03 -10.33 -81.51
C LEU HA 215 25.38 -9.66 -81.38
N GLU HA 216 25.58 -8.51 -82.01
CA GLU HA 216 26.86 -7.83 -81.93
C GLU HA 216 27.00 -6.94 -80.71
N ILE HA 217 25.89 -6.56 -80.07
CA ILE HA 217 25.98 -5.68 -78.90
C ILE HA 217 26.91 -6.23 -77.81
N PRO HA 218 26.71 -7.45 -77.30
CA PRO HA 218 27.64 -7.95 -76.27
C PRO HA 218 29.09 -7.99 -76.74
N LYS HA 219 29.32 -8.14 -78.03
CA LYS HA 219 30.69 -8.10 -78.52
C LYS HA 219 31.31 -6.73 -78.27
N LEU HA 220 30.57 -5.66 -78.56
CA LEU HA 220 31.06 -4.33 -78.25
C LEU HA 220 31.28 -4.17 -76.75
N ALA HA 221 30.37 -4.72 -75.95
CA ALA HA 221 30.54 -4.62 -74.49
C ALA HA 221 31.84 -5.27 -74.06
N VAL HA 222 32.12 -6.47 -74.53
CA VAL HA 222 33.32 -7.17 -74.07
C VAL HA 222 34.58 -6.53 -74.66
N ALA HA 223 34.47 -5.90 -75.83
CA ALA HA 223 35.63 -5.19 -76.35
C ALA HA 223 36.00 -4.02 -75.44
N ILE HA 224 34.99 -3.24 -75.05
CA ILE HA 224 35.26 -2.17 -74.10
C ILE HA 224 35.83 -2.76 -72.80
N ASN HA 225 35.32 -3.92 -72.40
CA ASN HA 225 35.84 -4.51 -71.17
C ASN HA 225 37.30 -4.91 -71.30
N ASP HA 226 37.73 -5.32 -72.49
CA ASP HA 226 39.14 -5.66 -72.66
C ASP HA 226 40.01 -4.41 -72.62
N LEU HA 227 39.57 -3.34 -73.25
CA LEU HA 227 40.31 -2.08 -73.13
C LEU HA 227 40.44 -1.68 -71.66
N SER HA 228 39.35 -1.83 -70.92
CA SER HA 228 39.39 -1.57 -69.49
C SER HA 228 40.41 -2.46 -68.80
N ARG HA 229 40.48 -3.72 -69.20
CA ARG HA 229 41.48 -4.61 -68.62
C ARG HA 229 42.88 -4.07 -68.84
N ASP HA 230 43.11 -3.46 -70.00
CA ASP HA 230 44.42 -2.89 -70.26
C ASP HA 230 44.74 -1.78 -69.27
N HIS HA 231 43.85 -0.79 -69.16
CA HIS HA 231 44.12 0.29 -68.22
C HIS HA 231 44.29 -0.23 -66.78
N TYR HA 232 43.43 -1.17 -66.37
CA TYR HA 232 43.49 -1.69 -65.02
C TYR HA 232 44.81 -2.40 -64.77
N SER HA 233 45.28 -3.19 -65.73
CA SER HA 233 46.60 -3.77 -65.60
C SER HA 233 47.67 -2.71 -65.48
N GLU HA 234 47.39 -1.51 -66.02
CA GLU HA 234 48.40 -0.46 -65.90
C GLU HA 234 48.42 0.20 -64.53
N PHE HA 235 47.32 0.21 -63.77
CA PHE HA 235 47.28 1.20 -62.68
C PHE HA 235 48.06 0.85 -61.41
N LEU HA 236 48.25 -0.43 -61.04
CA LEU HA 236 49.19 -0.75 -59.95
C LEU HA 236 48.91 -0.11 -58.58
N PRO HA 237 48.11 -0.74 -57.70
CA PRO HA 237 47.66 -0.10 -56.46
C PRO HA 237 48.73 0.53 -55.57
N TYR HA 238 48.28 1.44 -54.69
CA TYR HA 238 48.97 2.18 -53.65
C TYR HA 238 49.82 3.36 -54.15
N SER HA 239 50.00 3.54 -55.45
CA SER HA 239 50.23 4.87 -56.02
C SER HA 239 51.51 5.58 -55.59
N THR HA 240 52.24 5.05 -54.61
CA THR HA 240 53.48 5.63 -54.09
C THR HA 240 53.55 7.16 -54.07
N VAL HA 241 52.52 7.84 -53.54
CA VAL HA 241 52.59 9.28 -53.37
C VAL HA 241 52.89 9.68 -51.93
N TYR HA 242 52.70 8.77 -50.97
CA TYR HA 242 53.07 9.09 -49.60
C TYR HA 242 54.53 9.47 -49.48
N LEU HA 243 55.39 8.95 -50.36
CA LEU HA 243 56.77 9.42 -50.40
C LEU HA 243 56.84 10.90 -50.74
N GLU HA 244 56.02 11.34 -51.70
CA GLU HA 244 56.02 12.75 -52.07
C GLU HA 244 55.56 13.61 -50.91
N VAL HA 245 54.43 13.23 -50.29
CA VAL HA 245 53.97 14.04 -49.16
C VAL HA 245 54.97 14.00 -48.03
N GLU HA 246 55.70 12.89 -47.89
CA GLU HA 246 56.68 12.78 -46.83
C GLU HA 246 57.84 13.74 -47.05
N LYS HA 247 58.41 13.74 -48.25
CA LYS HA 247 59.53 14.64 -48.49
C LYS HA 247 59.08 16.09 -48.43
N PHE HA 248 57.86 16.38 -48.88
CA PHE HA 248 57.32 17.72 -48.75
C PHE HA 248 57.27 18.14 -47.29
N LYS HA 249 56.68 17.28 -46.45
CA LYS HA 249 56.56 17.59 -45.04
C LYS HA 249 57.92 17.72 -44.37
N LYS HA 250 58.89 16.91 -44.80
CA LYS HA 250 60.21 16.96 -44.18
C LYS HA 250 60.92 18.25 -44.52
N SER HA 251 60.97 18.61 -45.81
CA SER HA 251 61.67 19.83 -46.18
C SER HA 251 60.96 21.07 -45.66
N LEU HA 252 59.63 21.05 -45.57
CA LEU HA 252 58.92 22.24 -45.10
C LEU HA 252 58.90 22.32 -43.58
N GLY HA 253 58.23 21.37 -42.94
CA GLY HA 253 58.14 21.32 -41.50
C GLY HA 253 58.37 19.91 -41.00
N ILE HA 254 57.40 19.37 -40.27
CA ILE HA 254 57.44 17.98 -39.84
C ILE HA 254 56.04 17.53 -39.42
#